data_8V22
#
_entry.id   8V22
#
_cell.length_a   1.00
_cell.length_b   1.00
_cell.length_c   1.00
_cell.angle_alpha   90.00
_cell.angle_beta   90.00
_cell.angle_gamma   90.00
#
_symmetry.space_group_name_H-M   'P 1'
#
loop_
_entity.id
_entity.type
_entity.pdbx_description
1 polymer 'Glutamine synthetase'
2 non-polymer 'MANGANESE (II) ION'
#
_entity_poly.entity_id   1
_entity_poly.type   'polypeptide(L)'
_entity_poly.pdbx_seq_one_letter_code
;SEFELMSAEHVLTMLNEHEVKFVDLRFTDTKGKEQHVTIPAHQVNAEFFEEGKMFDGSSIGGWKGINESDMVLMPDASTA
VIDPFFADSTLIIRCDILEPGTLQGYDRDPRSIAKRAEDYLRSTGIADTVLFGPEPEFFLFDDIRFGSSISGSHVAIDDI
EGAWNSSTQYEGGNKGHRPAVKGGYFPVPPVDSAQDIRSEMCLVMEQMGLVVEAHHHEVATAGQNEVATRFNTMTKKADE
IQIYKYVVHNVAHRFGKTATFMPKPMFGDNGSGMHCHMSLSKNGVNLFAGDKYAGLSEQALYYIGGVIKHAKAINALANP
TTNSYKRLVPGYEAPVMLAYSARNRSASIRIPVVSSPKARRIEVRFPDPAANPYLCFAALLMAGLDGIKNKIHPGEAMDK
NLYDLPPEEAKEIPQVAGSLEEALNELDLDREFLKAGGVFTDEAIDAYIALRREEDDRVRMTPHPVEFELYYSV
;
_entity_poly.pdbx_strand_id   C,D,F,H,I,J,L,A,B,G,E,K
#
loop_
_chem_comp.id
_chem_comp.type
_chem_comp.name
_chem_comp.formula
MN non-polymer 'MANGANESE (II) ION' 'Mn 2'
#
# COMPACT_ATOMS: atom_id res chain seq x y z
N MET A 6 55.18 -33.49 1.27
CA MET A 6 54.01 -34.05 2.00
C MET A 6 53.52 -35.31 1.30
N SER A 7 53.23 -36.35 2.06
CA SER A 7 52.83 -37.64 1.50
C SER A 7 51.59 -38.21 2.18
N ALA A 8 51.27 -39.46 1.88
CA ALA A 8 50.10 -40.09 2.46
C ALA A 8 50.22 -40.20 3.96
N GLU A 9 51.41 -40.52 4.47
CA GLU A 9 51.61 -40.59 5.91
C GLU A 9 51.33 -39.24 6.56
N HIS A 10 51.80 -38.15 5.94
CA HIS A 10 51.53 -36.84 6.48
C HIS A 10 50.04 -36.49 6.42
N VAL A 11 49.34 -36.91 5.37
CA VAL A 11 47.90 -36.66 5.32
C VAL A 11 47.20 -37.42 6.44
N LEU A 12 47.56 -38.68 6.65
CA LEU A 12 46.95 -39.46 7.73
C LEU A 12 47.27 -38.86 9.09
N THR A 13 48.45 -38.25 9.23
CA THR A 13 48.77 -37.56 10.47
C THR A 13 47.92 -36.30 10.63
N MET A 14 47.74 -35.54 9.56
CA MET A 14 46.91 -34.34 9.61
C MET A 14 45.50 -34.69 10.03
N LEU A 15 44.99 -35.84 9.57
CA LEU A 15 43.62 -36.21 9.90
C LEU A 15 43.42 -36.26 11.41
N ASN A 16 44.37 -36.82 12.15
CA ASN A 16 44.28 -36.83 13.61
C ASN A 16 44.64 -35.48 14.21
N GLU A 17 45.60 -34.76 13.60
CA GLU A 17 46.06 -33.51 14.17
C GLU A 17 44.95 -32.47 14.20
N HIS A 18 44.18 -32.38 13.13
CA HIS A 18 43.12 -31.38 13.03
C HIS A 18 41.73 -31.95 13.31
N GLU A 19 41.65 -33.20 13.77
CA GLU A 19 40.36 -33.84 14.04
C GLU A 19 39.45 -33.76 12.83
N VAL A 20 40.02 -34.09 11.66
CA VAL A 20 39.30 -33.96 10.41
C VAL A 20 38.13 -34.93 10.37
N LYS A 21 36.95 -34.43 10.02
CA LYS A 21 35.77 -35.27 9.85
C LYS A 21 35.53 -35.68 8.42
N PHE A 22 35.96 -34.88 7.45
CA PHE A 22 35.67 -35.12 6.05
C PHE A 22 36.90 -34.80 5.20
N VAL A 23 36.95 -35.42 4.02
CA VAL A 23 37.99 -35.16 3.04
C VAL A 23 37.30 -34.88 1.72
N ASP A 24 37.58 -33.73 1.13
CA ASP A 24 36.90 -33.26 -0.07
C ASP A 24 37.85 -33.41 -1.25
N LEU A 25 37.56 -34.37 -2.12
CA LEU A 25 38.37 -34.63 -3.30
C LEU A 25 37.95 -33.67 -4.40
N ARG A 26 38.91 -32.92 -4.94
CA ARG A 26 38.64 -31.84 -5.88
C ARG A 26 39.38 -32.07 -7.19
N PHE A 27 38.73 -31.71 -8.29
CA PHE A 27 39.34 -31.81 -9.62
C PHE A 27 38.72 -30.76 -10.50
N THR A 28 39.31 -30.53 -11.67
CA THR A 28 38.88 -29.48 -12.57
C THR A 28 38.38 -30.10 -13.87
N ASP A 29 37.23 -29.61 -14.35
CA ASP A 29 36.67 -30.07 -15.61
C ASP A 29 37.26 -29.26 -16.76
N THR A 30 36.79 -29.56 -17.97
CA THR A 30 37.34 -28.88 -19.15
C THR A 30 37.12 -27.38 -19.10
N LYS A 31 35.92 -26.96 -18.70
CA LYS A 31 35.62 -25.53 -18.64
C LYS A 31 36.45 -24.80 -17.60
N GLY A 32 36.96 -25.50 -16.60
CA GLY A 32 37.78 -24.90 -15.57
C GLY A 32 37.11 -24.75 -14.22
N LYS A 33 35.99 -25.41 -13.98
CA LYS A 33 35.25 -25.30 -12.73
C LYS A 33 35.62 -26.44 -11.81
N GLU A 34 35.85 -26.13 -10.53
CA GLU A 34 36.19 -27.15 -9.55
C GLU A 34 34.97 -28.02 -9.26
N GLN A 35 35.17 -29.32 -9.28
CA GLN A 35 34.17 -30.31 -8.91
C GLN A 35 34.70 -31.06 -7.70
N HIS A 36 33.86 -31.22 -6.67
CA HIS A 36 34.30 -31.79 -5.41
C HIS A 36 33.34 -32.89 -4.97
N VAL A 37 33.90 -33.99 -4.48
CA VAL A 37 33.14 -35.07 -3.86
C VAL A 37 33.72 -35.33 -2.48
N THR A 38 32.87 -35.40 -1.47
CA THR A 38 33.30 -35.50 -0.10
C THR A 38 33.14 -36.93 0.41
N ILE A 39 34.12 -37.39 1.18
CA ILE A 39 34.06 -38.71 1.81
C ILE A 39 34.41 -38.55 3.29
N PRO A 40 33.84 -39.35 4.20
CA PRO A 40 34.23 -39.24 5.60
C PRO A 40 35.70 -39.59 5.81
N ALA A 41 36.28 -39.00 6.85
CA ALA A 41 37.71 -39.17 7.08
C ALA A 41 38.09 -40.64 7.27
N HIS A 42 37.21 -41.42 7.91
CA HIS A 42 37.52 -42.82 8.16
C HIS A 42 37.57 -43.65 6.89
N GLN A 43 37.14 -43.10 5.76
CA GLN A 43 37.28 -43.77 4.48
C GLN A 43 38.64 -43.56 3.85
N VAL A 44 39.51 -42.75 4.45
CA VAL A 44 40.81 -42.43 3.91
C VAL A 44 41.85 -43.28 4.64
N ASN A 45 42.54 -44.14 3.89
CA ASN A 45 43.54 -45.03 4.45
C ASN A 45 44.67 -45.16 3.45
N ALA A 46 45.61 -46.08 3.71
CA ALA A 46 46.73 -46.26 2.80
C ALA A 46 46.25 -46.75 1.44
N GLU A 47 45.30 -47.69 1.42
CA GLU A 47 44.79 -48.19 0.15
C GLU A 47 44.10 -47.10 -0.65
N PHE A 48 43.61 -46.06 0.03
CA PHE A 48 42.92 -44.98 -0.66
C PHE A 48 43.87 -44.23 -1.59
N PHE A 49 45.11 -44.02 -1.16
CA PHE A 49 46.08 -43.27 -1.95
C PHE A 49 46.72 -44.11 -3.05
N GLU A 50 46.51 -45.42 -3.04
CA GLU A 50 47.01 -46.28 -4.10
C GLU A 50 45.95 -46.69 -5.11
N GLU A 51 44.68 -46.75 -4.70
CA GLU A 51 43.61 -47.18 -5.60
C GLU A 51 42.62 -46.07 -5.98
N GLY A 52 42.63 -44.95 -5.28
CA GLY A 52 41.72 -43.87 -5.64
C GLY A 52 40.28 -44.20 -5.31
N LYS A 53 39.39 -43.40 -5.88
CA LYS A 53 37.95 -43.57 -5.71
C LYS A 53 37.28 -43.56 -7.07
N MET A 54 36.50 -44.60 -7.35
CA MET A 54 35.73 -44.65 -8.58
C MET A 54 34.60 -43.63 -8.54
N PHE A 55 34.40 -42.95 -9.67
CA PHE A 55 33.28 -42.03 -9.80
C PHE A 55 32.81 -42.03 -11.24
N ASP A 56 31.55 -41.66 -11.45
CA ASP A 56 30.93 -41.62 -12.77
C ASP A 56 31.09 -40.23 -13.35
N GLY A 57 31.96 -40.09 -14.34
CA GLY A 57 32.21 -38.83 -14.98
C GLY A 57 31.37 -38.54 -16.20
N SER A 58 30.41 -39.40 -16.53
CA SER A 58 29.62 -39.20 -17.74
C SER A 58 28.83 -37.90 -17.69
N SER A 59 28.44 -37.46 -16.49
CA SER A 59 27.68 -36.24 -16.33
C SER A 59 28.56 -34.99 -16.27
N ILE A 60 29.88 -35.14 -16.30
CA ILE A 60 30.75 -33.98 -16.40
C ILE A 60 30.69 -33.44 -17.83
N GLY A 61 31.01 -32.16 -17.96
CA GLY A 61 30.76 -31.43 -19.20
C GLY A 61 31.19 -32.12 -20.47
N GLY A 62 32.49 -32.27 -20.67
CA GLY A 62 33.00 -32.80 -21.93
C GLY A 62 33.59 -34.19 -21.82
N TRP A 63 33.18 -34.94 -20.80
CA TRP A 63 33.73 -36.26 -20.54
C TRP A 63 32.79 -37.40 -20.92
N LYS A 64 31.69 -37.10 -21.61
CA LYS A 64 30.75 -38.14 -21.99
C LYS A 64 31.43 -39.16 -22.90
N GLY A 65 31.21 -40.43 -22.60
CA GLY A 65 31.80 -41.51 -23.37
C GLY A 65 31.02 -41.82 -24.63
N ASP A 70 33.15 -43.94 -15.64
CA ASP A 70 33.83 -44.95 -14.83
C ASP A 70 35.33 -44.65 -14.76
N MET A 71 35.69 -43.62 -14.01
CA MET A 71 37.08 -43.19 -13.89
C MET A 71 37.47 -43.13 -12.42
N VAL A 72 38.76 -42.94 -12.18
CA VAL A 72 39.34 -43.01 -10.85
C VAL A 72 39.76 -41.61 -10.42
N LEU A 73 39.40 -41.25 -9.19
CA LEU A 73 39.93 -40.07 -8.54
C LEU A 73 41.17 -40.48 -7.75
N MET A 74 42.33 -39.99 -8.17
CA MET A 74 43.59 -40.32 -7.52
C MET A 74 44.07 -39.13 -6.70
N PRO A 75 44.02 -39.19 -5.37
CA PRO A 75 44.46 -38.03 -4.57
C PRO A 75 45.94 -37.74 -4.77
N ASP A 76 46.27 -36.45 -4.74
CA ASP A 76 47.64 -35.97 -4.75
C ASP A 76 47.89 -35.41 -3.36
N ALA A 77 48.53 -36.22 -2.50
CA ALA A 77 48.69 -35.84 -1.11
C ALA A 77 49.41 -34.52 -0.93
N SER A 78 50.30 -34.16 -1.86
CA SER A 78 51.05 -32.92 -1.75
C SER A 78 50.16 -31.70 -1.80
N THR A 79 48.91 -31.86 -2.24
CA THR A 79 47.95 -30.78 -2.31
C THR A 79 47.05 -30.68 -1.09
N ALA A 80 47.27 -31.53 -0.08
CA ALA A 80 46.37 -31.55 1.07
C ALA A 80 46.36 -30.20 1.77
N VAL A 81 45.16 -29.72 2.09
CA VAL A 81 44.99 -28.44 2.75
C VAL A 81 43.62 -28.42 3.43
N ILE A 82 43.56 -27.76 4.59
CA ILE A 82 42.33 -27.72 5.37
C ILE A 82 41.40 -26.65 4.80
N ASP A 83 40.13 -27.01 4.63
CA ASP A 83 39.14 -26.06 4.13
C ASP A 83 38.83 -25.03 5.20
N PRO A 84 38.95 -23.73 4.92
CA PRO A 84 38.67 -22.71 5.94
C PRO A 84 37.23 -22.25 6.02
N PHE A 85 36.32 -22.83 5.24
CA PHE A 85 34.95 -22.35 5.15
C PHE A 85 33.91 -23.35 5.65
N PHE A 86 34.15 -24.65 5.51
CA PHE A 86 33.15 -25.64 5.88
C PHE A 86 32.99 -25.67 7.40
N ALA A 87 31.74 -25.85 7.85
CA ALA A 87 31.47 -25.89 9.27
C ALA A 87 32.17 -27.08 9.94
N ASP A 88 32.15 -28.24 9.29
CA ASP A 88 32.83 -29.42 9.81
C ASP A 88 34.25 -29.46 9.30
N SER A 89 35.16 -29.88 10.16
CA SER A 89 36.58 -29.92 9.81
C SER A 89 36.78 -30.79 8.58
N THR A 90 37.17 -30.17 7.46
CA THR A 90 37.32 -30.84 6.19
C THR A 90 38.73 -30.63 5.65
N LEU A 91 39.23 -31.64 4.96
CA LEU A 91 40.55 -31.59 4.34
C LEU A 91 40.39 -31.67 2.83
N ILE A 92 40.98 -30.72 2.12
CA ILE A 92 40.89 -30.66 0.66
C ILE A 92 42.10 -31.37 0.08
N ILE A 93 41.86 -32.36 -0.76
CA ILE A 93 42.91 -33.03 -1.53
C ILE A 93 42.55 -32.91 -3.00
N ARG A 94 43.49 -32.39 -3.79
CA ARG A 94 43.31 -32.31 -5.23
C ARG A 94 43.63 -33.64 -5.87
N CYS A 95 42.84 -34.03 -6.86
CA CYS A 95 42.93 -35.34 -7.45
C CYS A 95 43.04 -35.25 -8.97
N ASP A 96 43.78 -36.19 -9.54
CA ASP A 96 43.81 -36.39 -10.98
C ASP A 96 42.79 -37.45 -11.37
N ILE A 97 42.37 -37.40 -12.63
CA ILE A 97 41.42 -38.35 -13.18
C ILE A 97 42.19 -39.36 -14.02
N LEU A 98 42.18 -40.62 -13.61
CA LEU A 98 42.92 -41.67 -14.28
C LEU A 98 41.97 -42.70 -14.87
N GLU A 99 42.40 -43.31 -15.96
CA GLU A 99 41.63 -44.40 -16.54
C GLU A 99 41.62 -45.59 -15.59
N PRO A 100 40.47 -46.26 -15.41
CA PRO A 100 40.39 -47.29 -14.36
C PRO A 100 41.39 -48.41 -14.52
N GLY A 101 41.66 -48.84 -15.75
CA GLY A 101 42.51 -49.99 -15.97
C GLY A 101 43.99 -49.70 -15.83
N THR A 102 44.51 -48.86 -16.72
CA THR A 102 45.94 -48.57 -16.75
C THR A 102 46.38 -47.56 -15.70
N LEU A 103 45.43 -46.90 -15.04
CA LEU A 103 45.75 -45.86 -14.05
C LEU A 103 46.61 -44.76 -14.66
N GLN A 104 46.41 -44.48 -15.94
CA GLN A 104 47.07 -43.38 -16.62
C GLN A 104 46.14 -42.19 -16.72
N GLY A 105 46.73 -41.00 -16.86
CA GLY A 105 45.94 -39.79 -16.86
C GLY A 105 44.90 -39.79 -17.98
N TYR A 106 43.69 -39.40 -17.64
CA TYR A 106 42.64 -39.26 -18.63
C TYR A 106 43.02 -38.20 -19.65
N ASP A 107 42.78 -38.49 -20.92
CA ASP A 107 43.22 -37.59 -21.98
C ASP A 107 42.56 -36.23 -21.89
N ARG A 108 41.37 -36.15 -21.30
CA ARG A 108 40.61 -34.92 -21.21
C ARG A 108 40.69 -34.27 -19.83
N ASP A 109 41.56 -34.75 -18.96
CA ASP A 109 41.73 -34.14 -17.65
C ASP A 109 42.70 -32.96 -17.75
N PRO A 110 42.26 -31.73 -17.46
CA PRO A 110 43.19 -30.59 -17.60
C PRO A 110 44.44 -30.71 -16.76
N ARG A 111 44.33 -31.23 -15.53
CA ARG A 111 45.51 -31.38 -14.69
C ARG A 111 46.48 -32.38 -15.31
N SER A 112 45.95 -33.48 -15.85
CA SER A 112 46.81 -34.44 -16.54
C SER A 112 47.47 -33.82 -17.75
N ILE A 113 46.73 -32.99 -18.50
CA ILE A 113 47.30 -32.33 -19.67
C ILE A 113 48.44 -31.41 -19.25
N ALA A 114 48.26 -30.67 -18.17
CA ALA A 114 49.32 -29.77 -17.68
C ALA A 114 50.52 -30.57 -17.23
N LYS A 115 50.31 -31.67 -16.51
CA LYS A 115 51.42 -32.51 -16.08
C LYS A 115 52.18 -33.07 -17.28
N ARG A 116 51.45 -33.49 -18.31
CA ARG A 116 52.11 -34.00 -19.52
C ARG A 116 52.86 -32.89 -20.24
N ALA A 117 52.34 -31.67 -20.22
CA ALA A 117 53.08 -30.55 -20.80
C ALA A 117 54.40 -30.32 -20.08
N GLU A 118 54.38 -30.35 -18.75
CA GLU A 118 55.61 -30.22 -17.99
C GLU A 118 56.57 -31.36 -18.31
N ASP A 119 56.06 -32.58 -18.40
CA ASP A 119 56.91 -33.73 -18.71
C ASP A 119 57.53 -33.59 -20.09
N TYR A 120 56.76 -33.10 -21.07
CA TYR A 120 57.30 -32.87 -22.40
C TYR A 120 58.38 -31.79 -22.37
N LEU A 121 58.16 -30.73 -21.59
CA LEU A 121 59.19 -29.72 -21.44
C LEU A 121 60.48 -30.33 -20.92
N ARG A 122 60.37 -31.20 -19.91
CA ARG A 122 61.56 -31.85 -19.38
C ARG A 122 62.21 -32.76 -20.42
N SER A 123 61.39 -33.49 -21.18
CA SER A 123 61.94 -34.47 -22.12
C SER A 123 62.67 -33.79 -23.27
N THR A 124 62.15 -32.68 -23.78
CA THR A 124 62.80 -32.02 -24.92
C THR A 124 64.19 -31.52 -24.55
N GLY A 125 64.49 -31.36 -23.26
CA GLY A 125 65.79 -30.88 -22.84
C GLY A 125 65.96 -29.38 -22.89
N ILE A 126 64.91 -28.64 -23.24
CA ILE A 126 65.03 -27.18 -23.32
C ILE A 126 65.17 -26.59 -21.92
N ALA A 127 64.40 -27.08 -20.96
CA ALA A 127 64.45 -26.55 -19.60
C ALA A 127 63.93 -27.61 -18.66
N ASP A 128 64.18 -27.40 -17.37
CA ASP A 128 63.72 -28.30 -16.32
C ASP A 128 62.38 -27.86 -15.73
N THR A 129 62.21 -26.56 -15.52
CA THR A 129 61.01 -26.02 -14.89
C THR A 129 60.51 -24.82 -15.68
N VAL A 130 59.20 -24.60 -15.61
CA VAL A 130 58.55 -23.43 -16.20
C VAL A 130 57.84 -22.69 -15.07
N LEU A 131 58.08 -21.40 -14.98
CA LEU A 131 57.51 -20.56 -13.93
C LEU A 131 56.41 -19.69 -14.52
N PHE A 132 55.27 -19.65 -13.84
CA PHE A 132 54.09 -18.91 -14.28
C PHE A 132 53.67 -17.98 -13.16
N GLY A 133 53.61 -16.68 -13.47
CA GLY A 133 52.91 -15.74 -12.63
C GLY A 133 51.68 -15.18 -13.31
N PRO A 134 50.51 -15.70 -12.94
CA PRO A 134 49.26 -15.07 -13.38
C PRO A 134 48.77 -14.01 -12.41
N GLU A 135 48.07 -13.02 -12.96
CA GLU A 135 47.59 -11.87 -12.19
C GLU A 135 46.11 -11.69 -12.46
N PRO A 136 45.27 -12.61 -11.99
CA PRO A 136 43.83 -12.48 -12.20
C PRO A 136 43.24 -11.31 -11.43
N GLU A 137 42.17 -10.75 -11.99
CA GLU A 137 41.36 -9.73 -11.36
C GLU A 137 39.93 -10.25 -11.26
N PHE A 138 39.12 -9.57 -10.45
CA PHE A 138 37.75 -10.01 -10.25
C PHE A 138 36.88 -8.81 -9.91
N PHE A 139 35.57 -9.01 -10.01
CA PHE A 139 34.59 -8.00 -9.64
C PHE A 139 33.81 -8.47 -8.42
N LEU A 140 33.52 -7.55 -7.51
CA LEU A 140 32.70 -7.79 -6.34
C LEU A 140 31.41 -6.99 -6.49
N PHE A 141 30.27 -7.67 -6.36
CA PHE A 141 28.97 -7.05 -6.53
C PHE A 141 28.11 -7.34 -5.31
N ASP A 142 27.12 -6.49 -5.08
CA ASP A 142 26.14 -6.77 -4.04
C ASP A 142 24.96 -7.57 -4.56
N ASP A 143 24.57 -7.37 -5.80
CA ASP A 143 23.44 -8.08 -6.39
C ASP A 143 23.67 -8.25 -7.88
N ILE A 144 23.37 -9.45 -8.38
CA ILE A 144 23.40 -9.75 -9.80
C ILE A 144 22.12 -10.48 -10.15
N ARG A 145 21.40 -9.98 -11.15
CA ARG A 145 20.19 -10.63 -11.63
C ARG A 145 20.29 -10.77 -13.14
N PHE A 146 20.05 -11.98 -13.65
CA PHE A 146 20.07 -12.17 -15.09
C PHE A 146 19.12 -13.29 -15.45
N GLY A 147 18.58 -13.21 -16.66
CA GLY A 147 17.63 -14.20 -17.12
C GLY A 147 17.35 -14.03 -18.60
N SER A 148 16.77 -15.08 -19.18
CA SER A 148 16.38 -15.06 -20.58
C SER A 148 15.18 -15.96 -20.76
N SER A 149 14.35 -15.61 -21.75
CA SER A 149 13.17 -16.40 -22.07
C SER A 149 12.75 -16.03 -23.50
N ILE A 150 11.59 -16.52 -23.92
CA ILE A 150 11.07 -16.16 -25.22
C ILE A 150 10.69 -14.68 -25.24
N SER A 151 10.24 -14.13 -24.12
CA SER A 151 9.74 -12.77 -24.06
C SER A 151 10.85 -11.72 -23.99
N GLY A 152 12.08 -12.12 -23.73
CA GLY A 152 13.16 -11.18 -23.63
C GLY A 152 14.31 -11.72 -22.80
N SER A 153 15.19 -10.81 -22.42
CA SER A 153 16.38 -11.18 -21.64
C SER A 153 16.87 -9.95 -20.90
N HIS A 154 17.45 -10.16 -19.72
CA HIS A 154 17.94 -9.04 -18.93
C HIS A 154 19.15 -9.43 -18.11
N VAL A 155 19.99 -8.44 -17.84
CA VAL A 155 21.05 -8.49 -16.85
C VAL A 155 21.06 -7.15 -16.11
N ALA A 156 21.20 -7.22 -14.79
CA ALA A 156 21.21 -6.06 -13.91
C ALA A 156 22.25 -6.29 -12.82
N ILE A 157 23.29 -5.46 -12.82
CA ILE A 157 24.36 -5.50 -11.83
C ILE A 157 24.15 -4.35 -10.86
N ASP A 158 24.25 -4.64 -9.56
CA ASP A 158 24.15 -3.60 -8.54
C ASP A 158 25.27 -3.79 -7.52
N ASP A 159 26.00 -2.72 -7.24
CA ASP A 159 26.99 -2.69 -6.17
C ASP A 159 26.97 -1.33 -5.51
N ILE A 160 27.28 -1.32 -4.20
CA ILE A 160 27.26 -0.07 -3.47
C ILE A 160 28.34 0.87 -3.99
N GLU A 161 29.44 0.33 -4.52
CA GLU A 161 30.51 1.16 -5.08
C GLU A 161 30.19 1.66 -6.48
N GLY A 162 29.17 1.13 -7.13
CA GLY A 162 28.82 1.56 -8.47
C GLY A 162 28.51 3.04 -8.56
N ALA A 163 29.14 3.74 -9.50
CA ALA A 163 28.92 5.18 -9.62
C ALA A 163 27.45 5.50 -9.86
N TRP A 164 26.73 4.61 -10.55
CA TRP A 164 25.32 4.85 -10.82
C TRP A 164 24.48 4.90 -9.56
N ASN A 165 25.00 4.43 -8.44
CA ASN A 165 24.31 4.51 -7.16
C ASN A 165 24.52 5.85 -6.46
N SER A 166 25.09 6.84 -7.15
CA SER A 166 25.23 8.17 -6.56
C SER A 166 23.87 8.80 -6.28
N SER A 167 22.82 8.35 -6.96
CA SER A 167 21.48 8.87 -6.77
C SER A 167 20.56 7.91 -6.02
N THR A 168 21.00 6.69 -5.74
CA THR A 168 20.14 5.72 -5.10
C THR A 168 19.82 6.13 -3.67
N GLN A 169 18.60 5.82 -3.24
CA GLN A 169 18.19 6.04 -1.86
C GLN A 169 18.42 4.75 -1.06
N TYR A 170 19.17 4.88 0.02
CA TYR A 170 19.48 3.76 0.89
C TYR A 170 18.88 3.97 2.27
N GLU A 171 18.48 2.87 2.90
CA GLU A 171 18.06 2.94 4.29
C GLU A 171 19.26 3.29 5.16
N GLY A 172 19.10 4.28 6.02
CA GLY A 172 20.21 4.82 6.78
C GLY A 172 20.98 5.90 6.09
N GLY A 173 20.63 6.24 4.86
CA GLY A 173 21.28 7.32 4.14
C GLY A 173 22.28 6.81 3.12
N ASN A 174 22.49 7.62 2.08
CA ASN A 174 23.46 7.31 1.03
C ASN A 174 24.74 8.07 1.32
N LYS A 175 25.83 7.33 1.53
CA LYS A 175 27.15 7.91 1.69
C LYS A 175 27.80 8.00 0.31
N GLY A 176 28.15 9.21 -0.11
CA GLY A 176 28.43 9.47 -1.51
C GLY A 176 29.86 9.21 -1.96
N HIS A 177 30.63 8.49 -1.17
CA HIS A 177 32.02 8.19 -1.51
C HIS A 177 32.05 6.92 -2.32
N ARG A 178 32.08 7.06 -3.64
CA ARG A 178 32.12 5.95 -4.57
C ARG A 178 33.21 6.18 -5.61
N PRO A 179 33.83 5.11 -6.12
CA PRO A 179 34.72 5.29 -7.26
C PRO A 179 33.96 5.80 -8.47
N ALA A 180 34.61 6.67 -9.24
CA ALA A 180 34.07 7.07 -10.53
C ALA A 180 34.36 6.00 -11.57
N VAL A 181 33.70 6.12 -12.72
CA VAL A 181 33.96 5.17 -13.80
C VAL A 181 35.42 5.29 -14.21
N LYS A 182 36.14 4.17 -14.19
CA LYS A 182 37.56 4.14 -14.48
C LYS A 182 38.35 5.00 -13.49
N GLY A 183 37.91 5.01 -12.24
CA GLY A 183 38.56 5.82 -11.22
C GLY A 183 38.71 5.10 -9.89
N GLY A 184 38.80 3.77 -9.93
CA GLY A 184 38.94 2.99 -8.72
C GLY A 184 40.35 2.52 -8.46
N TYR A 185 41.33 3.14 -9.10
CA TYR A 185 42.73 2.73 -9.03
C TYR A 185 43.56 3.92 -8.56
N PHE A 186 43.78 4.05 -7.25
CA PHE A 186 43.20 3.24 -6.17
C PHE A 186 43.06 4.08 -4.89
N PRO A 187 42.01 4.89 -4.80
CA PRO A 187 41.87 5.79 -3.67
C PRO A 187 41.59 5.05 -2.37
N VAL A 188 41.89 5.72 -1.27
CA VAL A 188 41.77 5.15 0.08
C VAL A 188 40.30 5.09 0.49
N PRO A 189 39.95 4.33 1.52
CA PRO A 189 38.57 4.33 2.00
C PRO A 189 38.17 5.70 2.50
N PRO A 190 36.87 5.98 2.58
CA PRO A 190 35.74 5.09 2.34
C PRO A 190 35.37 4.95 0.87
N VAL A 191 36.12 5.58 -0.04
CA VAL A 191 35.87 5.37 -1.47
C VAL A 191 36.13 3.91 -1.83
N ASP A 192 37.22 3.35 -1.31
CA ASP A 192 37.51 1.92 -1.45
C ASP A 192 36.85 1.20 -0.28
N SER A 193 35.83 0.39 -0.58
CA SER A 193 35.04 -0.28 0.44
C SER A 193 35.38 -1.76 0.58
N ALA A 194 36.46 -2.22 -0.04
CA ALA A 194 36.81 -3.64 -0.06
C ALA A 194 38.15 -3.92 0.61
N GLN A 195 38.64 -3.01 1.44
CA GLN A 195 39.91 -3.23 2.12
C GLN A 195 39.84 -4.44 3.03
N ASP A 196 38.82 -4.51 3.88
CA ASP A 196 38.70 -5.64 4.79
C ASP A 196 38.47 -6.94 4.03
N ILE A 197 37.66 -6.90 2.98
CA ILE A 197 37.39 -8.10 2.20
C ILE A 197 38.67 -8.62 1.57
N ARG A 198 39.46 -7.72 0.98
CA ARG A 198 40.71 -8.13 0.36
C ARG A 198 41.71 -8.66 1.39
N SER A 199 41.77 -8.01 2.56
CA SER A 199 42.67 -8.49 3.60
C SER A 199 42.28 -9.89 4.07
N GLU A 200 40.97 -10.13 4.24
CA GLU A 200 40.51 -11.46 4.61
C GLU A 200 40.84 -12.48 3.52
N MET A 201 40.66 -12.09 2.26
CA MET A 201 41.02 -12.98 1.16
C MET A 201 42.50 -13.34 1.22
N CYS A 202 43.35 -12.34 1.46
CA CYS A 202 44.79 -12.60 1.51
C CYS A 202 45.14 -13.53 2.66
N LEU A 203 44.56 -13.28 3.84
CA LEU A 203 44.86 -14.13 5.00
C LEU A 203 44.40 -15.56 4.75
N VAL A 204 43.20 -15.75 4.20
CA VAL A 204 42.71 -17.09 3.92
C VAL A 204 43.58 -17.77 2.87
N MET A 205 43.98 -17.02 1.84
CA MET A 205 44.84 -17.59 0.81
C MET A 205 46.17 -18.06 1.41
N GLU A 206 46.76 -17.25 2.30
CA GLU A 206 47.98 -17.67 2.97
C GLU A 206 47.73 -18.89 3.84
N GLN A 207 46.56 -19.00 4.46
CA GLN A 207 46.22 -20.21 5.18
C GLN A 207 46.20 -21.42 4.24
N MET A 208 45.69 -21.24 3.03
CA MET A 208 45.53 -22.33 2.08
C MET A 208 46.78 -22.57 1.24
N GLY A 209 47.90 -21.95 1.60
CA GLY A 209 49.17 -22.27 0.98
C GLY A 209 49.66 -21.33 -0.09
N LEU A 210 48.98 -20.22 -0.32
CA LEU A 210 49.42 -19.25 -1.31
C LEU A 210 50.31 -18.20 -0.67
N VAL A 211 51.23 -17.65 -1.46
CA VAL A 211 52.08 -16.55 -1.05
C VAL A 211 51.55 -15.29 -1.72
N VAL A 212 51.06 -14.37 -0.91
CA VAL A 212 50.47 -13.14 -1.41
C VAL A 212 51.53 -12.06 -1.46
N GLU A 213 51.45 -11.22 -2.49
CA GLU A 213 52.39 -10.11 -2.70
C GLU A 213 51.77 -8.75 -2.46
N ALA A 214 50.50 -8.57 -2.84
CA ALA A 214 49.81 -7.30 -2.67
C ALA A 214 48.34 -7.52 -2.96
N HIS A 215 47.52 -6.52 -2.61
CA HIS A 215 46.13 -6.52 -3.00
C HIS A 215 45.65 -5.08 -3.12
N HIS A 216 44.81 -4.82 -4.11
CA HIS A 216 44.34 -3.44 -4.29
C HIS A 216 43.07 -3.42 -5.12
N HIS A 217 42.46 -2.24 -5.11
CA HIS A 217 41.32 -1.92 -5.95
C HIS A 217 41.80 -1.65 -7.38
N GLU A 218 40.96 -2.01 -8.35
CA GLU A 218 41.30 -1.91 -9.76
C GLU A 218 40.54 -0.75 -10.40
N VAL A 219 40.77 -0.58 -11.70
CA VAL A 219 40.33 0.64 -12.39
C VAL A 219 38.80 0.76 -12.36
N ALA A 220 38.10 -0.34 -12.57
CA ALA A 220 36.65 -0.26 -12.73
C ALA A 220 35.99 0.18 -11.42
N THR A 221 34.73 0.57 -11.54
CA THR A 221 34.01 1.23 -10.45
C THR A 221 33.26 0.25 -9.55
N ALA A 222 32.62 -0.76 -10.12
CA ALA A 222 31.75 -1.66 -9.36
C ALA A 222 32.57 -2.74 -8.66
N GLY A 223 33.48 -2.30 -7.81
CA GLY A 223 34.22 -3.20 -6.94
C GLY A 223 35.15 -4.16 -7.66
N GLN A 224 35.91 -3.66 -8.64
CA GLN A 224 36.94 -4.46 -9.25
C GLN A 224 38.19 -4.46 -8.37
N ASN A 225 38.70 -5.65 -8.08
CA ASN A 225 39.81 -5.82 -7.15
C ASN A 225 40.75 -6.88 -7.70
N GLU A 226 42.00 -6.82 -7.27
CA GLU A 226 42.95 -7.90 -7.57
C GLU A 226 43.86 -8.15 -6.38
N VAL A 227 44.10 -9.43 -6.12
CA VAL A 227 45.06 -9.90 -5.14
C VAL A 227 46.16 -10.61 -5.91
N ALA A 228 47.38 -10.11 -5.80
CA ALA A 228 48.53 -10.66 -6.51
C ALA A 228 49.17 -11.76 -5.66
N THR A 229 49.51 -12.87 -6.31
CA THR A 229 50.12 -14.01 -5.67
C THR A 229 51.47 -14.30 -6.33
N ARG A 230 52.36 -14.93 -5.58
CA ARG A 230 53.69 -15.21 -6.09
C ARG A 230 53.63 -16.27 -7.18
N PHE A 231 54.55 -16.15 -8.14
CA PHE A 231 54.64 -17.10 -9.23
C PHE A 231 54.94 -18.50 -8.69
N ASN A 232 54.80 -19.50 -9.56
CA ASN A 232 55.09 -20.87 -9.18
C ASN A 232 55.17 -21.72 -10.43
N THR A 233 55.53 -22.98 -10.26
CA THR A 233 55.58 -23.88 -11.40
C THR A 233 54.18 -24.04 -12.00
N MET A 234 54.12 -24.59 -13.22
CA MET A 234 52.91 -24.53 -14.01
C MET A 234 51.73 -25.20 -13.31
N THR A 235 51.84 -26.51 -13.06
CA THR A 235 50.72 -27.22 -12.44
C THR A 235 50.45 -26.71 -11.02
N LYS A 236 51.51 -26.42 -10.27
CA LYS A 236 51.33 -25.86 -8.94
C LYS A 236 50.58 -24.54 -9.01
N LYS A 237 50.95 -23.68 -9.96
CA LYS A 237 50.28 -22.38 -10.05
C LYS A 237 48.86 -22.50 -10.58
N ALA A 238 48.57 -23.52 -11.38
CA ALA A 238 47.19 -23.77 -11.78
C ALA A 238 46.35 -24.19 -10.58
N ASP A 239 46.87 -25.09 -9.76
CA ASP A 239 46.18 -25.43 -8.53
C ASP A 239 46.01 -24.20 -7.65
N GLU A 240 47.03 -23.35 -7.61
CA GLU A 240 46.96 -22.13 -6.82
C GLU A 240 45.88 -21.20 -7.35
N ILE A 241 45.72 -21.12 -8.67
CA ILE A 241 44.67 -20.29 -9.24
C ILE A 241 43.29 -20.85 -8.90
N GLN A 242 43.15 -22.17 -8.91
CA GLN A 242 41.88 -22.76 -8.49
C GLN A 242 41.57 -22.42 -7.04
N ILE A 243 42.58 -22.55 -6.16
CA ILE A 243 42.39 -22.18 -4.76
C ILE A 243 42.07 -20.70 -4.65
N TYR A 244 42.70 -19.87 -5.48
CA TYR A 244 42.47 -18.43 -5.47
C TYR A 244 41.02 -18.12 -5.79
N LYS A 245 40.50 -18.72 -6.86
CA LYS A 245 39.11 -18.48 -7.23
C LYS A 245 38.16 -18.99 -6.15
N TYR A 246 38.45 -20.16 -5.59
CA TYR A 246 37.62 -20.70 -4.52
C TYR A 246 37.58 -19.73 -3.33
N VAL A 247 38.75 -19.27 -2.90
CA VAL A 247 38.83 -18.38 -1.74
C VAL A 247 38.09 -17.08 -2.02
N VAL A 248 38.30 -16.49 -3.20
CA VAL A 248 37.63 -15.24 -3.51
C VAL A 248 36.11 -15.41 -3.47
N HIS A 249 35.62 -16.45 -4.14
CA HIS A 249 34.17 -16.68 -4.17
C HIS A 249 33.62 -16.85 -2.76
N ASN A 250 34.27 -17.69 -1.95
CA ASN A 250 33.70 -18.01 -0.65
C ASN A 250 33.79 -16.83 0.32
N VAL A 251 34.90 -16.08 0.28
CA VAL A 251 35.02 -14.91 1.14
C VAL A 251 33.98 -13.85 0.74
N ALA A 252 33.81 -13.63 -0.56
CA ALA A 252 32.80 -12.68 -1.00
C ALA A 252 31.41 -13.12 -0.56
N HIS A 253 31.12 -14.41 -0.65
CA HIS A 253 29.83 -14.92 -0.19
C HIS A 253 29.67 -14.69 1.31
N ARG A 254 30.72 -14.93 2.09
CA ARG A 254 30.64 -14.74 3.54
C ARG A 254 30.53 -13.29 3.94
N PHE A 255 30.96 -12.36 3.09
CA PHE A 255 30.80 -10.93 3.36
C PHE A 255 29.53 -10.36 2.77
N GLY A 256 28.67 -11.20 2.20
CA GLY A 256 27.46 -10.72 1.55
C GLY A 256 27.67 -10.20 0.15
N LYS A 257 28.86 -10.37 -0.42
CA LYS A 257 29.16 -9.92 -1.77
C LYS A 257 29.01 -11.08 -2.74
N THR A 258 29.48 -10.87 -3.97
CA THR A 258 29.41 -11.87 -5.02
C THR A 258 30.56 -11.61 -5.97
N ALA A 259 31.48 -12.57 -6.08
CA ALA A 259 32.65 -12.40 -6.91
C ALA A 259 32.41 -13.01 -8.28
N THR A 260 32.98 -12.37 -9.30
CA THR A 260 32.92 -12.89 -10.65
C THR A 260 34.24 -12.65 -11.35
N PHE A 261 34.69 -13.67 -12.10
CA PHE A 261 35.90 -13.59 -12.90
C PHE A 261 35.59 -13.43 -14.38
N MET A 262 34.41 -12.89 -14.70
CA MET A 262 34.06 -12.68 -16.09
C MET A 262 35.02 -11.66 -16.71
N PRO A 263 35.43 -11.84 -17.97
CA PRO A 263 36.32 -10.83 -18.59
C PRO A 263 35.70 -9.45 -18.66
N LYS A 264 34.40 -9.34 -18.91
CA LYS A 264 33.76 -8.06 -19.18
C LYS A 264 32.32 -8.09 -18.69
N PRO A 265 32.09 -7.82 -17.41
CA PRO A 265 30.72 -7.78 -16.90
C PRO A 265 29.98 -6.51 -17.30
N MET A 266 30.69 -5.39 -17.41
CA MET A 266 30.08 -4.09 -17.67
C MET A 266 30.68 -3.47 -18.92
N PHE A 267 29.85 -2.77 -19.68
CA PHE A 267 30.32 -1.99 -20.81
C PHE A 267 30.63 -0.57 -20.37
N GLY A 268 31.66 0.00 -20.97
CA GLY A 268 32.10 1.33 -20.60
C GLY A 268 33.03 1.38 -19.41
N ASP A 269 33.34 0.24 -18.80
CA ASP A 269 34.27 0.16 -17.70
C ASP A 269 35.28 -0.94 -17.99
N ASN A 270 36.44 -0.83 -17.35
CA ASN A 270 37.53 -1.77 -17.63
C ASN A 270 37.12 -3.20 -17.32
N GLY A 271 37.58 -4.13 -18.15
CA GLY A 271 37.34 -5.53 -17.92
C GLY A 271 38.39 -6.16 -17.02
N SER A 272 38.25 -7.46 -16.81
CA SER A 272 39.15 -8.23 -15.97
C SER A 272 40.03 -9.12 -16.84
N GLY A 273 41.33 -9.07 -16.60
CA GLY A 273 42.28 -9.88 -17.33
C GLY A 273 43.21 -10.63 -16.39
N MET A 274 43.93 -11.59 -16.97
CA MET A 274 44.89 -12.41 -16.24
C MET A 274 46.21 -12.39 -17.00
N HIS A 275 47.03 -11.38 -16.75
CA HIS A 275 48.35 -11.34 -17.35
C HIS A 275 49.18 -12.52 -16.85
N CYS A 276 49.83 -13.22 -17.77
CA CYS A 276 50.57 -14.44 -17.47
C CYS A 276 52.06 -14.18 -17.69
N HIS A 277 52.81 -14.07 -16.60
CA HIS A 277 54.25 -13.98 -16.67
C HIS A 277 54.84 -15.38 -16.82
N MET A 278 55.86 -15.51 -17.66
CA MET A 278 56.45 -16.80 -17.95
C MET A 278 57.98 -16.68 -17.96
N SER A 279 58.63 -17.76 -17.54
CA SER A 279 60.07 -17.88 -17.63
C SER A 279 60.42 -19.35 -17.59
N LEU A 280 61.62 -19.67 -18.09
CA LEU A 280 62.12 -21.04 -18.11
C LEU A 280 63.45 -21.09 -17.37
N SER A 281 63.63 -22.15 -16.57
CA SER A 281 64.84 -22.35 -15.79
C SER A 281 65.36 -23.76 -16.02
N LYS A 282 66.68 -23.88 -16.14
CA LYS A 282 67.35 -25.16 -16.26
C LYS A 282 68.57 -25.16 -15.35
N ASN A 283 68.62 -26.11 -14.42
CA ASN A 283 69.72 -26.19 -13.46
C ASN A 283 69.83 -24.93 -12.62
N GLY A 284 68.70 -24.27 -12.38
CA GLY A 284 68.65 -23.12 -11.51
C GLY A 284 69.02 -21.79 -12.14
N VAL A 285 69.29 -21.75 -13.44
CA VAL A 285 69.62 -20.52 -14.14
C VAL A 285 68.48 -20.17 -15.08
N ASN A 286 68.02 -18.92 -15.03
CA ASN A 286 66.96 -18.45 -15.91
C ASN A 286 67.45 -18.47 -17.36
N LEU A 287 66.72 -19.17 -18.22
CA LEU A 287 67.07 -19.26 -19.63
C LEU A 287 66.54 -18.09 -20.45
N PHE A 288 65.68 -17.26 -19.88
CA PHE A 288 65.16 -16.09 -20.56
C PHE A 288 66.03 -14.86 -20.36
N ALA A 289 67.15 -14.98 -19.65
CA ALA A 289 68.05 -13.87 -19.39
C ALA A 289 69.21 -13.90 -20.36
N GLY A 290 69.49 -12.77 -21.00
CA GLY A 290 70.55 -12.72 -21.98
C GLY A 290 70.86 -11.30 -22.37
N ASP A 291 71.64 -11.16 -23.43
CA ASP A 291 72.12 -9.86 -23.89
C ASP A 291 71.28 -9.29 -25.02
N LYS A 292 70.20 -9.96 -25.42
CA LYS A 292 69.35 -9.46 -26.49
C LYS A 292 68.40 -8.41 -25.95
N TYR A 293 67.38 -8.07 -26.75
CA TYR A 293 66.49 -6.96 -26.41
C TYR A 293 65.93 -7.09 -25.01
N ALA A 294 66.02 -5.99 -24.26
CA ALA A 294 65.48 -5.92 -22.90
C ALA A 294 66.06 -7.00 -22.00
N GLY A 295 67.31 -7.39 -22.26
CA GLY A 295 67.95 -8.41 -21.45
C GLY A 295 67.47 -9.82 -21.74
N LEU A 296 66.72 -10.03 -22.81
CA LEU A 296 66.22 -11.35 -23.15
C LEU A 296 67.31 -12.17 -23.82
N SER A 297 67.06 -13.47 -23.93
CA SER A 297 67.92 -14.38 -24.65
C SER A 297 67.27 -14.79 -25.96
N GLU A 298 68.05 -15.51 -26.79
CA GLU A 298 67.52 -15.99 -28.05
C GLU A 298 66.41 -17.00 -27.82
N GLN A 299 66.51 -17.82 -26.78
CA GLN A 299 65.40 -18.72 -26.45
C GLN A 299 64.17 -17.93 -26.05
N ALA A 300 64.34 -16.83 -25.32
CA ALA A 300 63.20 -15.98 -24.98
C ALA A 300 62.55 -15.41 -26.23
N LEU A 301 63.36 -14.95 -27.18
CA LEU A 301 62.80 -14.42 -28.42
C LEU A 301 62.06 -15.51 -29.20
N TYR A 302 62.61 -16.71 -29.23
CA TYR A 302 61.94 -17.81 -29.92
C TYR A 302 60.62 -18.16 -29.23
N TYR A 303 60.61 -18.14 -27.90
CA TYR A 303 59.37 -18.36 -27.16
C TYR A 303 58.31 -17.31 -27.51
N ILE A 304 58.73 -16.05 -27.57
CA ILE A 304 57.81 -14.98 -27.95
C ILE A 304 57.29 -15.21 -29.36
N GLY A 305 58.18 -15.62 -30.27
CA GLY A 305 57.77 -15.87 -31.64
C GLY A 305 56.76 -16.98 -31.75
N GLY A 306 56.98 -18.07 -31.00
CA GLY A 306 56.00 -19.15 -31.00
C GLY A 306 54.65 -18.71 -30.45
N VAL A 307 54.67 -17.95 -29.35
CA VAL A 307 53.42 -17.47 -28.78
C VAL A 307 52.70 -16.57 -29.77
N ILE A 308 53.44 -15.72 -30.48
CA ILE A 308 52.82 -14.83 -31.46
C ILE A 308 52.25 -15.65 -32.61
N LYS A 309 52.98 -16.65 -33.09
CA LYS A 309 52.50 -17.44 -34.22
C LYS A 309 51.23 -18.19 -33.87
N HIS A 310 51.18 -18.80 -32.69
CA HIS A 310 50.03 -19.59 -32.27
C HIS A 310 49.09 -18.81 -31.35
N ALA A 311 49.09 -17.48 -31.44
CA ALA A 311 48.28 -16.68 -30.53
C ALA A 311 46.80 -16.92 -30.74
N LYS A 312 46.35 -17.01 -31.99
CA LYS A 312 44.93 -17.22 -32.25
C LYS A 312 44.48 -18.58 -31.72
N ALA A 313 45.28 -19.62 -31.93
CA ALA A 313 44.94 -20.93 -31.37
C ALA A 313 44.93 -20.88 -29.85
N ILE A 314 45.89 -20.17 -29.25
CA ILE A 314 45.92 -20.04 -27.80
C ILE A 314 44.65 -19.37 -27.31
N ASN A 315 44.16 -18.37 -28.05
CA ASN A 315 42.98 -17.63 -27.61
C ASN A 315 41.80 -18.56 -27.33
N ALA A 316 41.69 -19.67 -28.04
CA ALA A 316 40.60 -20.59 -27.78
C ALA A 316 40.65 -21.15 -26.37
N LEU A 317 41.82 -21.14 -25.73
CA LEU A 317 41.98 -21.69 -24.38
C LEU A 317 42.23 -20.62 -23.33
N ALA A 318 42.89 -19.53 -23.69
CA ALA A 318 43.16 -18.43 -22.78
C ALA A 318 42.01 -17.43 -22.71
N ASN A 319 41.18 -17.37 -23.75
CA ASN A 319 40.00 -16.51 -23.79
C ASN A 319 38.84 -17.34 -24.30
N PRO A 320 38.39 -18.32 -23.50
CA PRO A 320 37.44 -19.33 -24.00
C PRO A 320 35.97 -18.93 -23.93
N THR A 321 35.67 -17.65 -23.71
CA THR A 321 34.29 -17.19 -23.57
C THR A 321 34.04 -16.07 -24.56
N THR A 322 32.78 -16.00 -25.03
CA THR A 322 32.42 -14.91 -25.91
C THR A 322 32.65 -13.57 -25.22
N ASN A 323 32.30 -13.50 -23.93
CA ASN A 323 32.51 -12.28 -23.17
C ASN A 323 33.98 -11.85 -23.21
N SER A 324 34.90 -12.79 -23.35
CA SER A 324 36.32 -12.44 -23.40
C SER A 324 36.59 -11.46 -24.52
N TYR A 325 35.97 -11.67 -25.68
CA TYR A 325 36.26 -10.82 -26.82
C TYR A 325 35.50 -9.52 -26.77
N LYS A 326 34.86 -9.23 -25.63
CA LYS A 326 34.36 -7.90 -25.34
C LYS A 326 35.35 -7.07 -24.53
N ARG A 327 36.45 -7.67 -24.07
CA ARG A 327 37.58 -6.88 -23.58
C ARG A 327 38.74 -6.86 -24.55
N LEU A 328 38.84 -7.83 -25.45
CA LEU A 328 39.87 -7.84 -26.48
C LEU A 328 39.44 -7.06 -27.71
N VAL A 329 39.03 -5.81 -27.51
CA VAL A 329 38.58 -4.95 -28.60
C VAL A 329 39.57 -3.80 -28.72
N PRO A 330 39.84 -3.29 -29.94
CA PRO A 330 40.73 -2.14 -30.06
C PRO A 330 40.22 -0.96 -29.26
N GLY A 331 41.16 -0.24 -28.63
CA GLY A 331 40.83 0.90 -27.81
C GLY A 331 40.27 0.49 -26.46
N ALA A 334 44.67 -0.91 -27.00
CA ALA A 334 44.19 -2.13 -26.39
C ALA A 334 45.24 -3.23 -26.47
N PRO A 335 45.15 -4.25 -25.61
CA PRO A 335 46.12 -5.35 -25.63
C PRO A 335 45.77 -6.42 -26.64
N VAL A 336 45.67 -6.01 -27.91
CA VAL A 336 45.26 -6.90 -28.99
C VAL A 336 46.35 -7.08 -30.04
N MET A 337 47.39 -6.26 -30.05
CA MET A 337 48.44 -6.38 -31.05
C MET A 337 49.43 -7.45 -30.63
N LEU A 338 49.73 -8.38 -31.54
CA LEU A 338 50.66 -9.46 -31.26
C LEU A 338 52.07 -8.97 -31.58
N ALA A 339 52.63 -8.23 -30.64
CA ALA A 339 54.00 -7.75 -30.73
C ALA A 339 54.57 -7.68 -29.32
N TYR A 340 55.89 -7.61 -29.23
CA TYR A 340 56.58 -7.57 -27.95
C TYR A 340 57.36 -6.27 -27.83
N SER A 341 57.22 -5.62 -26.68
CA SER A 341 57.94 -4.39 -26.39
C SER A 341 57.99 -4.20 -24.89
N ALA A 342 59.04 -3.52 -24.43
CA ALA A 342 59.21 -3.25 -23.01
C ALA A 342 58.56 -1.94 -22.56
N ARG A 343 58.06 -1.14 -23.50
CA ARG A 343 57.52 0.17 -23.17
C ARG A 343 56.11 0.37 -23.70
N ASN A 344 55.81 -0.19 -24.87
CA ASN A 344 54.52 0.04 -25.50
C ASN A 344 53.40 -0.59 -24.69
N ARG A 345 52.36 0.19 -24.42
CA ARG A 345 51.15 -0.35 -23.81
C ARG A 345 50.23 -1.01 -24.81
N SER A 346 50.50 -0.88 -26.11
CA SER A 346 49.69 -1.50 -27.13
C SER A 346 50.14 -2.91 -27.48
N ALA A 347 51.27 -3.37 -26.94
CA ALA A 347 51.80 -4.68 -27.23
C ALA A 347 51.21 -5.71 -26.26
N SER A 348 50.75 -6.84 -26.80
CA SER A 348 50.19 -7.90 -25.97
C SER A 348 51.25 -8.65 -25.20
N ILE A 349 52.51 -8.55 -25.60
CA ILE A 349 53.62 -9.20 -24.91
C ILE A 349 54.55 -8.10 -24.41
N ARG A 350 54.80 -8.10 -23.11
CA ARG A 350 55.64 -7.12 -22.46
C ARG A 350 56.86 -7.79 -21.85
N ILE A 351 57.94 -7.03 -21.73
CA ILE A 351 59.15 -7.50 -21.06
C ILE A 351 59.33 -6.64 -19.81
N PRO A 352 58.88 -7.10 -18.63
CA PRO A 352 58.96 -6.26 -17.44
C PRO A 352 60.41 -5.87 -17.13
N VAL A 353 60.58 -4.66 -16.63
CA VAL A 353 61.90 -4.15 -16.26
C VAL A 353 62.21 -4.66 -14.86
N VAL A 354 63.12 -5.63 -14.77
CA VAL A 354 63.52 -6.22 -13.50
C VAL A 354 65.03 -6.14 -13.40
N SER A 355 65.52 -5.67 -12.25
CA SER A 355 66.95 -5.49 -12.07
C SER A 355 67.69 -6.82 -12.10
N SER A 356 67.17 -7.82 -11.40
CA SER A 356 67.86 -9.10 -11.28
C SER A 356 67.62 -9.94 -12.53
N PRO A 357 68.67 -10.42 -13.20
CA PRO A 357 68.45 -11.30 -14.37
C PRO A 357 67.65 -12.54 -14.03
N LYS A 358 67.77 -13.05 -12.79
CA LYS A 358 67.02 -14.22 -12.38
C LYS A 358 65.51 -13.99 -12.50
N ALA A 359 65.08 -12.74 -12.51
CA ALA A 359 63.66 -12.40 -12.61
C ALA A 359 63.22 -12.09 -14.04
N ARG A 360 64.10 -12.29 -15.02
CA ARG A 360 63.73 -12.00 -16.40
C ARG A 360 62.57 -12.89 -16.84
N ARG A 361 61.61 -12.30 -17.54
CA ARG A 361 60.39 -13.00 -17.87
C ARG A 361 59.66 -12.25 -18.98
N ILE A 362 58.68 -12.93 -19.57
CA ILE A 362 57.80 -12.34 -20.57
C ILE A 362 56.37 -12.38 -20.02
N GLU A 363 55.66 -11.27 -20.20
CA GLU A 363 54.29 -11.11 -19.72
C GLU A 363 53.35 -11.13 -20.91
N VAL A 364 52.53 -12.16 -21.01
CA VAL A 364 51.51 -12.26 -22.05
C VAL A 364 50.22 -11.68 -21.49
N ARG A 365 49.65 -10.68 -22.18
CA ARG A 365 48.62 -9.85 -21.59
C ARG A 365 47.20 -10.24 -22.00
N PHE A 366 47.01 -10.94 -23.11
CA PHE A 366 45.66 -11.14 -23.62
C PHE A 366 44.80 -12.10 -22.79
N PRO A 367 45.37 -13.09 -22.10
CA PRO A 367 44.52 -14.05 -21.37
C PRO A 367 43.57 -13.35 -20.39
N ASP A 368 42.55 -14.09 -19.97
CA ASP A 368 41.53 -13.62 -19.05
C ASP A 368 41.32 -14.64 -17.95
N PRO A 369 40.77 -14.23 -16.81
CA PRO A 369 40.63 -15.16 -15.68
C PRO A 369 39.55 -16.22 -15.88
N ALA A 370 38.72 -16.09 -16.92
CA ALA A 370 37.75 -17.13 -17.22
C ALA A 370 38.39 -18.37 -17.83
N ALA A 371 39.67 -18.30 -18.18
CA ALA A 371 40.34 -19.43 -18.81
C ALA A 371 40.56 -20.56 -17.82
N ASN A 372 40.54 -21.78 -18.34
CA ASN A 372 40.97 -22.93 -17.56
C ASN A 372 42.46 -22.78 -17.30
N PRO A 373 42.91 -22.74 -16.04
CA PRO A 373 44.34 -22.46 -15.80
C PRO A 373 45.24 -23.52 -16.43
N TYR A 374 44.93 -24.79 -16.20
CA TYR A 374 45.77 -25.86 -16.73
C TYR A 374 45.90 -25.78 -18.24
N LEU A 375 44.76 -25.69 -18.94
CA LEU A 375 44.78 -25.69 -20.39
C LEU A 375 45.45 -24.44 -20.93
N CYS A 376 45.17 -23.27 -20.35
CA CYS A 376 45.78 -22.04 -20.82
C CYS A 376 47.30 -22.10 -20.67
N PHE A 377 47.78 -22.49 -19.49
CA PHE A 377 49.21 -22.55 -19.26
C PHE A 377 49.86 -23.57 -20.17
N ALA A 378 49.22 -24.74 -20.37
CA ALA A 378 49.77 -25.74 -21.26
C ALA A 378 49.86 -25.23 -22.68
N ALA A 379 48.82 -24.53 -23.15
CA ALA A 379 48.84 -23.99 -24.50
C ALA A 379 49.97 -22.98 -24.67
N LEU A 380 50.12 -22.08 -23.70
CA LEU A 380 51.19 -21.09 -23.79
C LEU A 380 52.56 -21.77 -23.81
N LEU A 381 52.77 -22.74 -22.92
CA LEU A 381 54.04 -23.43 -22.87
C LEU A 381 54.32 -24.18 -24.15
N MET A 382 53.31 -24.84 -24.72
CA MET A 382 53.53 -25.63 -25.92
C MET A 382 53.80 -24.73 -27.12
N ALA A 383 53.12 -23.57 -27.20
CA ALA A 383 53.43 -22.63 -28.26
C ALA A 383 54.86 -22.11 -28.12
N GLY A 384 55.28 -21.79 -26.90
CA GLY A 384 56.65 -21.34 -26.69
C GLY A 384 57.66 -22.41 -27.06
N LEU A 385 57.39 -23.66 -26.71
CA LEU A 385 58.32 -24.74 -27.03
C LEU A 385 58.37 -24.99 -28.52
N ASP A 386 57.25 -24.87 -29.22
CA ASP A 386 57.26 -24.95 -30.67
C ASP A 386 58.11 -23.84 -31.26
N GLY A 387 57.98 -22.62 -30.72
CA GLY A 387 58.81 -21.52 -31.18
C GLY A 387 60.27 -21.79 -30.96
N ILE A 388 60.63 -22.36 -29.80
CA ILE A 388 62.03 -22.66 -29.52
C ILE A 388 62.55 -23.73 -30.47
N LYS A 389 61.78 -24.80 -30.66
CA LYS A 389 62.25 -25.91 -31.49
C LYS A 389 62.40 -25.49 -32.94
N ASN A 390 61.44 -24.73 -33.47
CA ASN A 390 61.49 -24.31 -34.87
C ASN A 390 62.21 -22.98 -35.08
N LYS A 391 62.74 -22.38 -34.02
CA LYS A 391 63.52 -21.15 -34.11
C LYS A 391 62.73 -20.07 -34.85
N ILE A 392 61.56 -19.75 -34.30
CA ILE A 392 60.68 -18.74 -34.86
C ILE A 392 61.09 -17.39 -34.28
N HIS A 393 61.62 -16.52 -35.13
CA HIS A 393 62.04 -15.20 -34.67
C HIS A 393 60.85 -14.24 -34.69
N PRO A 394 60.55 -13.57 -33.58
CA PRO A 394 59.37 -12.69 -33.54
C PRO A 394 59.55 -11.35 -34.24
N GLY A 395 60.67 -11.14 -34.92
CA GLY A 395 60.92 -9.85 -35.53
C GLY A 395 61.42 -8.84 -34.51
N GLU A 396 61.32 -7.57 -34.89
CA GLU A 396 61.77 -6.47 -34.04
C GLU A 396 60.69 -6.09 -33.04
N ALA A 397 61.13 -5.51 -31.93
CA ALA A 397 60.21 -5.06 -30.90
C ALA A 397 59.36 -3.91 -31.42
N MET A 398 58.11 -3.85 -30.97
CA MET A 398 57.18 -2.80 -31.38
C MET A 398 57.40 -1.60 -30.47
N ASP A 399 58.46 -0.86 -30.77
CA ASP A 399 58.80 0.35 -30.01
C ASP A 399 58.42 1.60 -30.80
N ALA A 410 51.04 -0.56 -39.94
CA ALA A 410 50.45 -1.04 -38.69
C ALA A 410 49.44 -2.15 -38.97
N LYS A 411 48.82 -2.09 -40.15
CA LYS A 411 47.84 -3.10 -40.52
C LYS A 411 48.47 -4.47 -40.71
N GLU A 412 49.79 -4.54 -40.85
CA GLU A 412 50.48 -5.81 -41.01
C GLU A 412 50.75 -6.51 -39.69
N ILE A 413 50.55 -5.84 -38.56
CA ILE A 413 50.78 -6.44 -37.24
C ILE A 413 49.67 -7.43 -36.95
N PRO A 414 49.98 -8.69 -36.66
CA PRO A 414 48.92 -9.65 -36.32
C PRO A 414 48.25 -9.29 -35.01
N GLN A 415 46.99 -9.68 -34.89
CA GLN A 415 46.18 -9.39 -33.71
C GLN A 415 45.56 -10.68 -33.19
N VAL A 416 45.15 -10.64 -31.92
CA VAL A 416 44.47 -11.78 -31.33
C VAL A 416 43.15 -12.02 -32.04
N ALA A 417 42.60 -13.22 -31.83
CA ALA A 417 41.33 -13.55 -32.46
C ALA A 417 40.24 -12.58 -32.04
N GLY A 418 39.45 -12.13 -33.01
CA GLY A 418 38.39 -11.19 -32.76
C GLY A 418 37.09 -11.80 -32.29
N SER A 419 37.00 -13.13 -32.26
CA SER A 419 35.80 -13.80 -31.79
C SER A 419 36.15 -15.21 -31.35
N LEU A 420 35.25 -15.78 -30.54
CA LEU A 420 35.45 -17.15 -30.08
C LEU A 420 35.35 -18.13 -31.23
N GLU A 421 34.49 -17.85 -32.22
CA GLU A 421 34.44 -18.70 -33.40
C GLU A 421 35.77 -18.70 -34.14
N GLU A 422 36.37 -17.52 -34.31
CA GLU A 422 37.68 -17.45 -34.96
C GLU A 422 38.73 -18.21 -34.16
N ALA A 423 38.71 -18.03 -32.83
CA ALA A 423 39.68 -18.73 -31.99
C ALA A 423 39.53 -20.24 -32.11
N LEU A 424 38.29 -20.72 -32.11
CA LEU A 424 38.06 -22.17 -32.18
C LEU A 424 38.43 -22.71 -33.56
N ASN A 425 38.14 -21.96 -34.63
CA ASN A 425 38.55 -22.40 -35.95
C ASN A 425 40.07 -22.48 -36.05
N GLU A 426 40.77 -21.48 -35.49
CA GLU A 426 42.22 -21.51 -35.52
C GLU A 426 42.78 -22.65 -34.69
N LEU A 427 42.14 -22.95 -33.55
CA LEU A 427 42.56 -24.12 -32.78
C LEU A 427 42.35 -25.40 -33.57
N ASP A 428 41.23 -25.50 -34.29
CA ASP A 428 40.97 -26.68 -35.09
C ASP A 428 42.03 -26.84 -36.17
N LEU A 429 42.46 -25.74 -36.79
CA LEU A 429 43.42 -25.79 -37.87
C LEU A 429 44.87 -25.75 -37.42
N ASP A 430 45.14 -25.59 -36.12
CA ASP A 430 46.48 -25.37 -35.61
C ASP A 430 46.74 -26.24 -34.38
N ARG A 431 46.47 -27.54 -34.51
CA ARG A 431 46.56 -28.45 -33.37
C ARG A 431 47.95 -29.02 -33.14
N GLU A 432 48.85 -28.95 -34.12
CA GLU A 432 50.09 -29.71 -34.04
C GLU A 432 50.94 -29.30 -32.84
N PHE A 433 51.08 -28.00 -32.61
CA PHE A 433 51.90 -27.55 -31.49
C PHE A 433 51.33 -27.97 -30.15
N LEU A 434 50.06 -28.33 -30.09
CA LEU A 434 49.47 -28.87 -28.87
C LEU A 434 49.57 -30.39 -28.82
N LYS A 435 49.56 -31.05 -29.98
CA LYS A 435 49.68 -32.50 -30.02
C LYS A 435 51.11 -32.98 -29.97
N ALA A 436 52.09 -32.06 -29.98
CA ALA A 436 53.47 -32.47 -29.83
C ALA A 436 53.67 -33.17 -28.50
N GLY A 437 54.27 -34.36 -28.54
CA GLY A 437 54.57 -35.09 -27.33
C GLY A 437 53.40 -35.76 -26.66
N GLY A 438 52.24 -35.79 -27.30
CA GLY A 438 51.07 -36.41 -26.71
C GLY A 438 50.43 -35.63 -25.60
N VAL A 439 50.76 -34.34 -25.47
CA VAL A 439 50.16 -33.52 -24.41
C VAL A 439 48.66 -33.41 -24.63
N PHE A 440 48.27 -32.83 -25.76
CA PHE A 440 46.87 -32.77 -26.17
C PHE A 440 46.58 -33.87 -27.17
N THR A 441 45.39 -34.43 -27.08
CA THR A 441 44.93 -35.47 -28.00
C THR A 441 43.81 -34.90 -28.85
N ASP A 442 43.75 -35.39 -30.10
CA ASP A 442 42.74 -34.89 -31.04
C ASP A 442 41.34 -35.00 -30.44
N GLU A 443 41.05 -36.09 -29.74
CA GLU A 443 39.75 -36.24 -29.10
C GLU A 443 39.51 -35.15 -28.08
N ALA A 444 40.52 -34.85 -27.25
CA ALA A 444 40.36 -33.79 -26.26
C ALA A 444 40.12 -32.45 -26.91
N ILE A 445 40.88 -32.14 -27.97
CA ILE A 445 40.70 -30.86 -28.65
C ILE A 445 39.31 -30.76 -29.25
N ASP A 446 38.83 -31.85 -29.88
CA ASP A 446 37.50 -31.83 -30.46
C ASP A 446 36.43 -31.65 -29.39
N ALA A 447 36.57 -32.35 -28.27
CA ALA A 447 35.60 -32.21 -27.19
C ALA A 447 35.55 -30.78 -26.68
N TYR A 448 36.74 -30.18 -26.47
CA TYR A 448 36.79 -28.79 -26.03
C TYR A 448 36.13 -27.86 -27.04
N ILE A 449 36.41 -28.07 -28.32
CA ILE A 449 35.87 -27.19 -29.35
C ILE A 449 34.36 -27.28 -29.39
N ALA A 450 33.81 -28.49 -29.33
CA ALA A 450 32.36 -28.63 -29.33
C ALA A 450 31.73 -28.02 -28.08
N LEU A 451 32.35 -28.25 -26.93
CA LEU A 451 31.80 -27.75 -25.68
C LEU A 451 31.74 -26.23 -25.69
N ARG A 452 32.75 -25.59 -26.28
CA ARG A 452 32.72 -24.13 -26.39
C ARG A 452 31.79 -23.65 -27.50
N ARG A 453 31.67 -24.41 -28.58
CA ARG A 453 30.79 -24.01 -29.68
C ARG A 453 29.33 -24.02 -29.26
N GLU A 454 28.96 -24.89 -28.32
CA GLU A 454 27.58 -24.84 -27.81
C GLU A 454 27.27 -23.48 -27.19
N GLU A 455 28.16 -23.00 -26.32
CA GLU A 455 27.97 -21.70 -25.69
C GLU A 455 27.99 -20.58 -26.72
N ASP A 456 28.92 -20.66 -27.67
CA ASP A 456 28.98 -19.66 -28.73
C ASP A 456 27.67 -19.62 -29.51
N ASP A 457 27.09 -20.78 -29.80
CA ASP A 457 25.83 -20.83 -30.52
C ASP A 457 24.71 -20.19 -29.70
N ARG A 458 24.67 -20.47 -28.40
CA ARG A 458 23.65 -19.84 -27.57
C ARG A 458 23.74 -18.32 -27.66
N VAL A 459 24.96 -17.78 -27.49
CA VAL A 459 25.10 -16.33 -27.50
C VAL A 459 24.85 -15.76 -28.89
N ARG A 460 25.16 -16.52 -29.94
CA ARG A 460 24.95 -16.06 -31.29
C ARG A 460 23.49 -16.04 -31.69
N MET A 461 22.69 -16.98 -31.18
CA MET A 461 21.29 -17.07 -31.53
C MET A 461 20.38 -16.32 -30.58
N THR A 462 20.86 -15.84 -29.42
CA THR A 462 19.92 -15.08 -28.59
C THR A 462 19.95 -13.60 -28.96
N PRO A 463 18.79 -12.97 -29.21
CA PRO A 463 18.78 -11.55 -29.57
C PRO A 463 19.32 -10.65 -28.47
N HIS A 464 19.73 -9.44 -28.85
CA HIS A 464 20.41 -8.52 -27.97
C HIS A 464 19.58 -7.28 -27.67
N PRO A 465 19.52 -6.82 -26.41
CA PRO A 465 18.85 -5.55 -26.13
C PRO A 465 19.41 -4.37 -26.92
N VAL A 466 20.73 -4.35 -27.16
CA VAL A 466 21.29 -3.33 -28.03
C VAL A 466 20.75 -3.49 -29.44
N GLU A 467 20.53 -4.72 -29.88
CA GLU A 467 19.90 -4.92 -31.18
C GLU A 467 18.50 -4.34 -31.22
N PHE A 468 17.73 -4.47 -30.14
CA PHE A 468 16.44 -3.79 -30.13
C PHE A 468 16.61 -2.28 -30.18
N GLU A 469 17.52 -1.74 -29.36
CA GLU A 469 17.74 -0.29 -29.34
C GLU A 469 18.10 0.23 -30.72
N LEU A 470 18.78 -0.59 -31.53
CA LEU A 470 19.27 -0.13 -32.82
C LEU A 470 18.26 -0.37 -33.94
N TYR A 471 17.54 -1.48 -33.91
CA TYR A 471 16.79 -1.94 -35.07
C TYR A 471 15.29 -2.07 -34.83
N TYR A 472 14.77 -1.72 -33.66
CA TYR A 472 13.33 -1.92 -33.44
C TYR A 472 12.50 -1.11 -34.42
N SER A 473 12.91 0.12 -34.69
CA SER A 473 12.18 0.99 -35.60
C SER A 473 12.61 0.84 -37.06
N VAL A 474 13.56 -0.04 -37.34
CA VAL A 474 14.04 -0.24 -38.70
C VAL A 474 14.18 -1.73 -38.97
N MET B 6 62.45 8.04 13.40
CA MET B 6 62.05 6.65 13.06
C MET B 6 62.70 6.23 11.75
N SER B 7 63.22 5.01 11.71
CA SER B 7 63.93 4.49 10.56
C SER B 7 63.36 3.12 10.16
N ALA B 8 64.03 2.48 9.20
CA ALA B 8 63.60 1.16 8.75
C ALA B 8 63.70 0.14 9.88
N GLU B 9 64.75 0.23 10.69
CA GLU B 9 64.86 -0.68 11.83
C GLU B 9 63.69 -0.50 12.79
N HIS B 10 63.29 0.75 13.03
CA HIS B 10 62.14 0.99 13.90
C HIS B 10 60.85 0.47 13.29
N VAL B 11 60.69 0.57 11.97
CA VAL B 11 59.50 0.03 11.33
C VAL B 11 59.47 -1.49 11.46
N LEU B 12 60.60 -2.15 11.22
CA LEU B 12 60.66 -3.59 11.37
C LEU B 12 60.40 -4.01 12.81
N THR B 13 60.84 -3.21 13.78
CA THR B 13 60.50 -3.49 15.17
C THR B 13 59.00 -3.33 15.41
N MET B 14 58.40 -2.29 14.84
CA MET B 14 56.97 -2.07 15.00
C MET B 14 56.17 -3.25 14.47
N LEU B 15 56.63 -3.84 13.36
CA LEU B 15 55.90 -4.95 12.77
C LEU B 15 55.75 -6.09 13.77
N ASN B 16 56.80 -6.40 14.52
CA ASN B 16 56.68 -7.43 15.56
C ASN B 16 55.96 -6.92 16.79
N GLU B 17 56.15 -5.64 17.14
CA GLU B 17 55.56 -5.11 18.36
C GLU B 17 54.03 -5.12 18.30
N HIS B 18 53.46 -4.75 17.15
CA HIS B 18 52.02 -4.64 17.00
C HIS B 18 51.41 -5.83 16.28
N GLU B 19 52.18 -6.86 15.98
CA GLU B 19 51.70 -8.03 15.26
C GLU B 19 51.00 -7.62 13.96
N VAL B 20 51.75 -6.89 13.14
CA VAL B 20 51.20 -6.27 11.95
C VAL B 20 51.09 -7.31 10.85
N LYS B 21 49.89 -7.44 10.27
CA LYS B 21 49.67 -8.37 9.17
C LYS B 21 49.88 -7.73 7.81
N PHE B 22 49.60 -6.44 7.67
CA PHE B 22 49.66 -5.77 6.37
C PHE B 22 50.34 -4.43 6.52
N VAL B 23 50.90 -3.94 5.42
CA VAL B 23 51.49 -2.61 5.34
C VAL B 23 50.85 -1.89 4.17
N ASP B 24 50.34 -0.70 4.43
CA ASP B 24 49.57 0.08 3.48
C ASP B 24 50.45 1.23 2.98
N LEU B 25 50.90 1.12 1.73
CA LEU B 25 51.72 2.15 1.11
C LEU B 25 50.81 3.21 0.50
N ARG B 26 50.98 4.46 0.95
CA ARG B 26 50.10 5.55 0.57
C ARG B 26 50.86 6.65 -0.15
N PHE B 27 50.18 7.32 -1.07
CA PHE B 27 50.74 8.45 -1.78
C PHE B 27 49.60 9.32 -2.28
N THR B 28 49.94 10.50 -2.76
CA THR B 28 48.95 11.48 -3.19
C THR B 28 49.11 11.76 -4.68
N ASP B 29 48.00 11.73 -5.41
CA ASP B 29 48.00 12.05 -6.83
C ASP B 29 47.91 13.56 -7.03
N THR B 30 47.82 13.98 -8.29
CA THR B 30 47.83 15.41 -8.59
C THR B 30 46.62 16.11 -7.99
N LYS B 31 45.45 15.48 -8.06
CA LYS B 31 44.23 16.10 -7.57
C LYS B 31 44.17 16.20 -6.06
N GLY B 32 45.08 15.55 -5.35
CA GLY B 32 45.12 15.60 -3.90
C GLY B 32 44.50 14.42 -3.20
N LYS B 33 43.98 13.44 -3.95
CA LYS B 33 43.39 12.26 -3.34
C LYS B 33 44.47 11.26 -2.96
N GLU B 34 44.27 10.57 -1.85
CA GLU B 34 45.23 9.60 -1.36
C GLU B 34 44.94 8.23 -1.97
N GLN B 35 45.95 7.67 -2.62
CA GLN B 35 45.90 6.33 -3.18
C GLN B 35 46.74 5.41 -2.31
N HIS B 36 46.33 4.14 -2.22
CA HIS B 36 47.05 3.20 -1.37
C HIS B 36 47.06 1.81 -1.99
N VAL B 37 48.19 1.12 -1.83
CA VAL B 37 48.33 -0.28 -2.21
C VAL B 37 48.85 -1.03 -0.99
N THR B 38 48.25 -2.19 -0.71
CA THR B 38 48.59 -2.96 0.47
C THR B 38 49.48 -4.14 0.12
N ILE B 39 50.43 -4.44 1.00
CA ILE B 39 51.27 -5.62 0.85
C ILE B 39 51.29 -6.39 2.16
N PRO B 40 51.46 -7.71 2.15
CA PRO B 40 51.57 -8.43 3.42
C PRO B 40 52.81 -8.02 4.19
N ALA B 41 52.72 -8.12 5.52
CA ALA B 41 53.80 -7.64 6.37
C ALA B 41 55.10 -8.37 6.09
N HIS B 42 55.04 -9.64 5.68
CA HIS B 42 56.25 -10.39 5.42
C HIS B 42 56.95 -9.99 4.13
N GLN B 43 56.35 -9.11 3.33
CA GLN B 43 57.02 -8.56 2.16
C GLN B 43 57.85 -7.33 2.49
N VAL B 44 57.80 -6.85 3.73
CA VAL B 44 58.56 -5.67 4.14
C VAL B 44 59.85 -6.15 4.77
N ASN B 45 60.98 -5.84 4.13
CA ASN B 45 62.29 -6.23 4.60
C ASN B 45 63.25 -5.06 4.40
N ALA B 46 64.52 -5.28 4.72
CA ALA B 46 65.51 -4.22 4.57
C ALA B 46 65.62 -3.78 3.12
N GLU B 47 65.62 -4.74 2.18
CA GLU B 47 65.69 -4.40 0.77
C GLU B 47 64.48 -3.62 0.30
N PHE B 48 63.34 -3.78 0.97
CA PHE B 48 62.13 -3.06 0.57
C PHE B 48 62.31 -1.55 0.74
N PHE B 49 62.98 -1.12 1.79
CA PHE B 49 63.18 0.30 2.05
C PHE B 49 64.25 0.92 1.18
N GLU B 50 65.04 0.11 0.47
CA GLU B 50 66.06 0.62 -0.44
C GLU B 50 65.67 0.53 -1.90
N GLU B 51 64.81 -0.42 -2.27
CA GLU B 51 64.40 -0.58 -3.66
C GLU B 51 62.96 -0.17 -3.94
N GLY B 52 62.08 -0.19 -2.95
CA GLY B 52 60.71 0.20 -3.17
C GLY B 52 59.90 -0.87 -3.86
N LYS B 53 58.67 -0.49 -4.22
CA LYS B 53 57.74 -1.37 -4.92
C LYS B 53 57.36 -0.72 -6.25
N MET B 54 57.51 -1.49 -7.33
CA MET B 54 57.12 -1.01 -8.65
C MET B 54 55.61 -1.12 -8.82
N PHE B 55 55.01 -0.13 -9.46
CA PHE B 55 53.58 -0.13 -9.70
C PHE B 55 53.32 0.55 -11.03
N ASP B 56 52.13 0.31 -11.57
CA ASP B 56 51.71 0.91 -12.84
C ASP B 56 50.89 2.16 -12.51
N GLY B 57 51.50 3.33 -12.69
CA GLY B 57 50.83 4.58 -12.43
C GLY B 57 50.15 5.19 -13.63
N SER B 58 50.13 4.51 -14.78
CA SER B 58 49.52 5.08 -15.98
C SER B 58 48.03 5.32 -15.80
N SER B 59 47.38 4.60 -14.89
CA SER B 59 45.96 4.79 -14.63
C SER B 59 45.69 5.86 -13.57
N ILE B 60 46.73 6.46 -13.00
CA ILE B 60 46.52 7.62 -12.13
C ILE B 60 46.22 8.83 -12.98
N GLY B 61 45.53 9.80 -12.39
CA GLY B 61 44.93 10.89 -13.13
C GLY B 61 45.81 11.57 -14.15
N GLY B 62 46.84 12.28 -13.68
CA GLY B 62 47.66 13.07 -14.58
C GLY B 62 49.03 12.49 -14.84
N TRP B 63 49.18 11.19 -14.62
CA TRP B 63 50.47 10.52 -14.71
C TRP B 63 50.62 9.69 -15.98
N LYS B 64 49.65 9.76 -16.89
CA LYS B 64 49.73 8.99 -18.13
C LYS B 64 50.96 9.42 -18.92
N GLY B 65 51.71 8.42 -19.41
CA GLY B 65 52.91 8.68 -20.18
C GLY B 65 52.62 8.85 -21.66
N ASP B 70 55.64 2.91 -15.39
CA ASP B 70 56.39 2.07 -14.46
C ASP B 70 57.21 2.93 -13.50
N MET B 71 56.73 3.07 -12.28
CA MET B 71 57.37 3.91 -11.28
C MET B 71 57.53 3.12 -9.98
N VAL B 72 58.23 3.73 -9.02
CA VAL B 72 58.64 3.07 -7.79
C VAL B 72 57.98 3.77 -6.61
N LEU B 73 57.34 2.99 -5.75
CA LEU B 73 56.92 3.48 -4.44
C LEU B 73 58.08 3.34 -3.48
N MET B 74 58.60 4.47 -3.00
CA MET B 74 59.69 4.46 -2.04
C MET B 74 59.16 4.81 -0.66
N PRO B 75 59.09 3.86 0.27
CA PRO B 75 58.55 4.17 1.58
C PRO B 75 59.40 5.19 2.32
N ASP B 76 58.73 6.07 3.06
CA ASP B 76 59.37 7.01 3.97
C ASP B 76 59.10 6.51 5.38
N ALA B 77 60.10 5.85 5.97
CA ALA B 77 59.88 5.16 7.24
C ALA B 77 59.44 6.11 8.34
N SER B 78 59.84 7.38 8.28
CA SER B 78 59.49 8.34 9.31
C SER B 78 57.99 8.60 9.39
N THR B 79 57.22 8.11 8.42
CA THR B 79 55.78 8.26 8.40
C THR B 79 55.04 7.03 8.90
N ALA B 80 55.75 6.01 9.38
CA ALA B 80 55.08 4.79 9.81
C ALA B 80 54.06 5.08 10.91
N VAL B 81 52.85 4.55 10.75
CA VAL B 81 51.78 4.74 11.72
C VAL B 81 50.77 3.63 11.53
N ILE B 82 50.15 3.21 12.62
CA ILE B 82 49.16 2.13 12.59
C ILE B 82 47.82 2.68 12.15
N ASP B 83 47.10 1.92 11.33
CA ASP B 83 45.77 2.31 10.88
C ASP B 83 44.74 1.99 11.95
N PRO B 84 43.94 2.96 12.42
CA PRO B 84 42.98 2.67 13.49
C PRO B 84 41.69 2.02 13.02
N PHE B 85 41.47 1.90 11.72
CA PHE B 85 40.17 1.50 11.19
C PHE B 85 40.14 0.11 10.56
N PHE B 86 41.24 -0.34 9.98
CA PHE B 86 41.25 -1.63 9.31
C PHE B 86 41.09 -2.76 10.33
N ALA B 87 40.29 -3.76 9.97
CA ALA B 87 40.05 -4.87 10.87
C ALA B 87 41.34 -5.61 11.20
N ASP B 88 42.18 -5.85 10.19
CA ASP B 88 43.48 -6.48 10.41
C ASP B 88 44.52 -5.43 10.74
N SER B 89 45.48 -5.82 11.58
CA SER B 89 46.54 -4.91 12.00
C SER B 89 47.34 -4.46 10.80
N THR B 90 47.23 -3.17 10.46
CA THR B 90 47.87 -2.62 9.28
C THR B 90 48.72 -1.42 9.67
N LEU B 91 49.84 -1.27 8.98
CA LEU B 91 50.77 -0.17 9.19
C LEU B 91 50.80 0.70 7.95
N ILE B 92 50.63 2.01 8.13
CA ILE B 92 50.61 2.97 7.03
C ILE B 92 52.00 3.57 6.90
N ILE B 93 52.59 3.42 5.72
CA ILE B 93 53.85 4.07 5.37
C ILE B 93 53.59 4.95 4.15
N ARG B 94 53.82 6.25 4.30
CA ARG B 94 53.73 7.15 3.18
C ARG B 94 54.91 6.95 2.25
N CYS B 95 54.68 7.16 0.95
CA CYS B 95 55.68 6.85 -0.06
C CYS B 95 55.82 8.02 -1.02
N ASP B 96 56.99 8.07 -1.66
CA ASP B 96 57.28 9.02 -2.72
C ASP B 96 57.43 8.26 -4.04
N ILE B 97 56.89 8.82 -5.10
CA ILE B 97 56.97 8.19 -6.41
C ILE B 97 58.30 8.59 -7.05
N LEU B 98 59.12 7.60 -7.37
CA LEU B 98 60.45 7.82 -7.92
C LEU B 98 60.54 7.26 -9.34
N GLU B 99 61.35 7.91 -10.15
CA GLU B 99 61.63 7.39 -11.49
C GLU B 99 62.51 6.15 -11.36
N PRO B 100 62.13 5.02 -11.96
CA PRO B 100 62.86 3.78 -11.68
C PRO B 100 64.33 3.83 -12.06
N GLY B 101 64.68 4.51 -13.16
CA GLY B 101 66.06 4.48 -13.61
C GLY B 101 67.02 5.13 -12.63
N THR B 102 66.67 6.31 -12.14
CA THR B 102 67.55 7.11 -11.29
C THR B 102 67.09 7.22 -9.85
N LEU B 103 65.90 6.71 -9.51
CA LEU B 103 65.36 6.80 -8.17
C LEU B 103 65.30 8.26 -7.71
N GLN B 104 65.03 9.16 -8.64
CA GLN B 104 64.79 10.57 -8.35
C GLN B 104 63.30 10.85 -8.33
N GLY B 105 62.94 11.94 -7.65
CA GLY B 105 61.55 12.31 -7.50
C GLY B 105 60.84 12.50 -8.82
N TYR B 106 59.68 11.86 -8.98
CA TYR B 106 58.89 12.05 -10.18
C TYR B 106 58.43 13.50 -10.27
N ASP B 107 58.46 14.05 -11.49
CA ASP B 107 58.19 15.47 -11.66
C ASP B 107 56.77 15.83 -11.25
N ARG B 108 55.82 14.92 -11.45
CA ARG B 108 54.41 15.18 -11.16
C ARG B 108 53.98 14.65 -9.80
N ASP B 109 54.91 14.20 -8.98
CA ASP B 109 54.57 13.76 -7.63
C ASP B 109 54.42 14.96 -6.71
N PRO B 110 53.23 15.21 -6.15
CA PRO B 110 53.09 16.39 -5.27
C PRO B 110 54.04 16.37 -4.08
N ARG B 111 54.28 15.22 -3.48
CA ARG B 111 55.20 15.16 -2.34
C ARG B 111 56.61 15.51 -2.78
N SER B 112 57.02 15.03 -3.95
CA SER B 112 58.33 15.39 -4.48
C SER B 112 58.42 16.89 -4.74
N ILE B 113 57.35 17.48 -5.28
CA ILE B 113 57.36 18.92 -5.54
C ILE B 113 57.49 19.70 -4.23
N ALA B 114 56.77 19.27 -3.18
CA ALA B 114 56.86 19.94 -1.90
C ALA B 114 58.27 19.81 -1.31
N LYS B 115 58.85 18.61 -1.40
CA LYS B 115 60.21 18.42 -0.90
C LYS B 115 61.20 19.31 -1.65
N ARG B 116 61.04 19.41 -2.98
CA ARG B 116 61.91 20.27 -3.76
C ARG B 116 61.71 21.73 -3.42
N ALA B 117 60.49 22.14 -3.11
CA ALA B 117 60.25 23.52 -2.68
C ALA B 117 60.97 23.81 -1.37
N GLU B 118 60.91 22.88 -0.42
CA GLU B 118 61.66 23.05 0.82
C GLU B 118 63.16 23.13 0.56
N ASP B 119 63.65 22.27 -0.34
CA ASP B 119 65.08 22.29 -0.67
C ASP B 119 65.47 23.61 -1.31
N TYR B 120 64.61 24.15 -2.16
CA TYR B 120 64.86 25.46 -2.75
C TYR B 120 64.90 26.55 -1.68
N LEU B 121 63.96 26.49 -0.73
CA LEU B 121 63.97 27.45 0.37
C LEU B 121 65.30 27.39 1.11
N ARG B 122 65.79 26.18 1.37
CA ARG B 122 67.07 26.04 2.07
C ARG B 122 68.23 26.57 1.22
N SER B 123 68.21 26.28 -0.08
CA SER B 123 69.33 26.65 -0.94
C SER B 123 69.42 28.16 -1.11
N THR B 124 68.28 28.83 -1.22
CA THR B 124 68.28 30.28 -1.43
C THR B 124 68.94 31.02 -0.28
N GLY B 125 68.98 30.42 0.91
CA GLY B 125 69.55 31.08 2.08
C GLY B 125 68.60 32.03 2.77
N ILE B 126 67.38 32.20 2.27
CA ILE B 126 66.44 33.10 2.91
C ILE B 126 66.07 32.59 4.30
N ALA B 127 65.81 31.29 4.42
CA ALA B 127 65.44 30.69 5.69
C ALA B 127 65.77 29.21 5.64
N ASP B 128 65.71 28.57 6.80
CA ASP B 128 66.00 27.16 6.94
C ASP B 128 64.75 26.29 6.96
N THR B 129 63.67 26.77 7.57
CA THR B 129 62.42 26.02 7.66
C THR B 129 61.25 26.95 7.42
N VAL B 130 60.14 26.38 6.97
CA VAL B 130 58.89 27.09 6.77
C VAL B 130 57.80 26.33 7.53
N LEU B 131 57.00 27.06 8.31
CA LEU B 131 55.96 26.48 9.12
C LEU B 131 54.60 26.81 8.53
N PHE B 132 53.75 25.80 8.39
CA PHE B 132 52.40 25.94 7.88
C PHE B 132 51.43 25.48 8.94
N GLY B 133 50.49 26.35 9.31
CA GLY B 133 49.30 25.94 10.01
C GLY B 133 48.07 26.13 9.14
N PRO B 134 47.58 25.05 8.54
CA PRO B 134 46.27 25.11 7.88
C PRO B 134 45.13 24.84 8.84
N GLU B 135 43.97 25.41 8.52
CA GLU B 135 42.77 25.32 9.35
C GLU B 135 41.60 24.85 8.50
N PRO B 136 41.61 23.61 8.06
CA PRO B 136 40.50 23.10 7.24
C PRO B 136 39.22 22.94 8.05
N GLU B 137 38.10 23.06 7.33
CA GLU B 137 36.77 22.81 7.85
C GLU B 137 36.10 21.75 6.99
N PHE B 138 35.03 21.15 7.50
CA PHE B 138 34.35 20.12 6.73
C PHE B 138 32.88 20.08 7.11
N PHE B 139 32.09 19.40 6.29
CA PHE B 139 30.67 19.21 6.51
C PHE B 139 30.37 17.75 6.82
N LEU B 140 29.49 17.54 7.79
CA LEU B 140 28.99 16.22 8.16
C LEU B 140 27.51 16.15 7.76
N PHE B 141 27.19 15.16 6.93
CA PHE B 141 25.83 14.97 6.43
C PHE B 141 25.37 13.56 6.80
N ASP B 142 24.06 13.37 6.84
CA ASP B 142 23.53 12.02 7.02
C ASP B 142 23.35 11.32 5.68
N ASP B 143 22.88 12.03 4.66
CA ASP B 143 22.63 11.46 3.34
C ASP B 143 23.01 12.46 2.28
N ILE B 144 23.68 11.98 1.24
CA ILE B 144 23.99 12.78 0.06
C ILE B 144 23.58 11.98 -1.16
N ARG B 145 22.79 12.59 -2.04
CA ARG B 145 22.39 11.95 -3.28
C ARG B 145 22.64 12.93 -4.42
N PHE B 146 23.29 12.47 -5.48
CA PHE B 146 23.49 13.33 -6.63
C PHE B 146 23.59 12.48 -7.88
N GLY B 147 23.34 13.13 -9.01
CA GLY B 147 23.38 12.44 -10.28
C GLY B 147 23.16 13.39 -11.43
N SER B 148 23.50 12.91 -12.62
CA SER B 148 23.34 13.66 -13.84
C SER B 148 23.01 12.69 -14.96
N SER B 149 22.28 13.18 -15.95
CA SER B 149 21.90 12.37 -17.10
C SER B 149 21.45 13.31 -18.21
N ILE B 150 21.03 12.73 -19.33
CA ILE B 150 20.46 13.53 -20.40
C ILE B 150 19.14 14.14 -19.96
N SER B 151 18.38 13.43 -19.13
CA SER B 151 17.07 13.90 -18.69
C SER B 151 17.14 14.99 -17.64
N GLY B 152 18.29 15.20 -17.02
CA GLY B 152 18.39 16.22 -15.99
C GLY B 152 19.55 15.94 -15.05
N SER B 153 19.47 16.57 -13.88
CA SER B 153 20.51 16.48 -12.87
C SER B 153 19.88 16.75 -11.51
N HIS B 154 20.59 16.36 -10.45
CA HIS B 154 20.08 16.65 -9.12
C HIS B 154 21.16 16.45 -8.07
N VAL B 155 21.04 17.24 -7.00
CA VAL B 155 21.78 17.07 -5.75
C VAL B 155 20.81 17.30 -4.61
N ALA B 156 20.89 16.44 -3.59
CA ALA B 156 20.04 16.52 -2.41
C ALA B 156 20.88 16.17 -1.20
N ILE B 157 21.03 17.14 -0.29
CA ILE B 157 21.78 16.99 0.95
C ILE B 157 20.78 16.88 2.09
N ASP B 158 20.98 15.89 2.95
CA ASP B 158 20.13 15.71 4.13
C ASP B 158 21.00 15.49 5.35
N ASP B 159 20.66 16.17 6.44
CA ASP B 159 21.32 15.96 7.72
C ASP B 159 20.31 16.21 8.83
N ILE B 160 20.41 15.44 9.91
CA ILE B 160 19.52 15.63 11.04
C ILE B 160 19.65 17.03 11.60
N GLU B 161 20.83 17.64 11.45
CA GLU B 161 21.12 18.96 12.00
C GLU B 161 20.68 20.10 11.09
N GLY B 162 20.30 19.80 9.85
CA GLY B 162 19.93 20.87 8.92
C GLY B 162 18.63 21.54 9.34
N ALA B 163 18.63 22.88 9.27
CA ALA B 163 17.47 23.64 9.70
C ALA B 163 16.22 23.28 8.91
N TRP B 164 16.39 22.94 7.63
CA TRP B 164 15.24 22.61 6.80
C TRP B 164 14.54 21.36 7.29
N ASN B 165 15.14 20.59 8.19
CA ASN B 165 14.52 19.40 8.73
C ASN B 165 13.60 19.71 9.92
N SER B 166 13.41 20.99 10.24
CA SER B 166 12.56 21.32 11.39
C SER B 166 11.14 20.82 11.21
N SER B 167 10.71 20.58 9.97
CA SER B 167 9.38 20.07 9.68
C SER B 167 9.38 18.59 9.32
N THR B 168 10.53 17.94 9.31
CA THR B 168 10.60 16.54 8.91
C THR B 168 10.00 15.63 9.98
N GLN B 169 9.32 14.59 9.55
CA GLN B 169 8.74 13.59 10.43
C GLN B 169 9.71 12.43 10.54
N TYR B 170 10.26 12.22 11.74
CA TYR B 170 11.20 11.15 12.00
C TYR B 170 10.53 10.03 12.79
N GLU B 171 11.01 8.82 12.59
CA GLU B 171 10.60 7.71 13.44
C GLU B 171 11.15 7.92 14.84
N GLY B 172 10.28 7.84 15.84
CA GLY B 172 10.63 8.19 17.20
C GLY B 172 10.42 9.65 17.55
N GLY B 173 10.10 10.49 16.57
CA GLY B 173 9.78 11.87 16.81
C GLY B 173 10.90 12.80 16.40
N ASN B 174 10.53 14.03 16.06
CA ASN B 174 11.49 15.09 15.78
C ASN B 174 11.77 15.84 17.07
N LYS B 175 13.05 15.99 17.40
CA LYS B 175 13.46 16.55 18.67
C LYS B 175 13.83 18.02 18.58
N GLY B 176 13.64 18.65 17.44
CA GLY B 176 14.00 20.05 17.32
C GLY B 176 15.49 20.24 17.59
N HIS B 177 15.81 21.37 18.20
CA HIS B 177 17.18 21.67 18.62
C HIS B 177 18.15 21.52 17.45
N ARG B 178 17.95 22.35 16.44
CA ARG B 178 18.82 22.40 15.28
C ARG B 178 19.42 23.79 15.15
N PRO B 179 20.68 23.90 14.74
CA PRO B 179 21.25 25.23 14.49
C PRO B 179 20.57 25.88 13.29
N ALA B 180 20.21 27.15 13.45
CA ALA B 180 19.65 27.90 12.34
C ALA B 180 20.73 28.17 11.29
N VAL B 181 20.29 28.58 10.10
CA VAL B 181 21.24 28.91 9.05
C VAL B 181 22.18 29.98 9.57
N LYS B 182 23.48 29.74 9.42
CA LYS B 182 24.51 30.64 9.95
C LYS B 182 24.37 30.80 11.46
N GLY B 183 24.05 29.70 12.15
CA GLY B 183 23.84 29.76 13.59
C GLY B 183 24.39 28.55 14.32
N GLY B 184 25.40 27.90 13.76
CA GLY B 184 25.99 26.73 14.37
C GLY B 184 27.32 27.01 15.05
N TYR B 185 27.62 28.28 15.31
CA TYR B 185 28.90 28.71 15.87
C TYR B 185 28.62 29.46 17.18
N PHE B 186 28.61 28.74 18.31
CA PHE B 186 28.71 27.29 18.44
C PHE B 186 27.96 26.82 19.68
N PRO B 187 26.64 26.65 19.56
CA PRO B 187 25.83 26.32 20.73
C PRO B 187 26.15 24.94 21.30
N VAL B 188 25.80 24.76 22.56
CA VAL B 188 26.00 23.49 23.27
C VAL B 188 25.00 22.46 22.76
N PRO B 189 25.25 21.17 22.96
CA PRO B 189 24.25 20.16 22.62
C PRO B 189 23.00 20.36 23.46
N PRO B 190 21.86 19.80 23.02
CA PRO B 190 21.68 18.91 21.86
C PRO B 190 21.59 19.67 20.54
N VAL B 191 21.73 21.00 20.55
CA VAL B 191 21.77 21.75 19.29
C VAL B 191 23.00 21.33 18.48
N ASP B 192 24.14 21.21 19.15
CA ASP B 192 25.36 20.69 18.52
C ASP B 192 25.37 19.18 18.71
N SER B 193 25.21 18.43 17.62
CA SER B 193 25.06 16.98 17.68
C SER B 193 26.32 16.23 17.29
N ALA B 194 27.48 16.91 17.21
CA ALA B 194 28.71 16.31 16.73
C ALA B 194 29.83 16.40 17.75
N GLN B 195 29.49 16.56 19.02
CA GLN B 195 30.52 16.63 20.06
C GLN B 195 31.28 15.31 20.16
N ASP B 196 30.55 14.20 20.27
CA ASP B 196 31.21 12.90 20.42
C ASP B 196 32.01 12.54 19.18
N ILE B 197 31.45 12.79 18.00
CA ILE B 197 32.16 12.45 16.76
C ILE B 197 33.42 13.30 16.62
N ARG B 198 33.33 14.59 16.95
CA ARG B 198 34.54 15.43 16.89
C ARG B 198 35.59 14.97 17.89
N SER B 199 35.16 14.59 19.10
CA SER B 199 36.12 14.11 20.09
C SER B 199 36.77 12.81 19.62
N GLU B 200 36.00 11.92 19.00
CA GLU B 200 36.58 10.70 18.47
C GLU B 200 37.58 11.01 17.37
N MET B 201 37.25 11.96 16.49
CA MET B 201 38.21 12.37 15.47
C MET B 201 39.50 12.89 16.10
N CYS B 202 39.38 13.70 17.15
CA CYS B 202 40.57 14.25 17.79
C CYS B 202 41.42 13.14 18.40
N LEU B 203 40.78 12.19 19.09
CA LEU B 203 41.54 11.10 19.70
C LEU B 203 42.23 10.26 18.65
N VAL B 204 41.54 9.93 17.56
CA VAL B 204 42.14 9.13 16.51
C VAL B 204 43.29 9.88 15.85
N MET B 205 43.12 11.18 15.61
CA MET B 205 44.18 11.97 15.02
C MET B 205 45.42 11.97 15.92
N GLU B 206 45.21 12.12 17.24
CA GLU B 206 46.34 12.07 18.15
C GLU B 206 46.99 10.70 18.15
N GLN B 207 46.20 9.64 17.98
CA GLN B 207 46.79 8.31 17.80
C GLN B 207 47.65 8.26 16.56
N MET B 208 47.24 8.95 15.50
CA MET B 208 47.92 8.89 14.21
C MET B 208 49.04 9.91 14.08
N GLY B 209 49.35 10.65 15.14
CA GLY B 209 50.51 11.51 15.18
C GLY B 209 50.24 13.00 15.13
N LEU B 210 49.00 13.41 14.95
CA LEU B 210 48.69 14.84 14.92
C LEU B 210 48.56 15.39 16.34
N VAL B 211 48.92 16.66 16.49
CA VAL B 211 48.71 17.38 17.73
C VAL B 211 47.47 18.26 17.54
N VAL B 212 46.45 17.97 18.31
CA VAL B 212 45.18 18.69 18.19
C VAL B 212 45.18 19.86 19.15
N GLU B 213 44.68 20.99 18.69
CA GLU B 213 44.55 22.21 19.48
C GLU B 213 43.12 22.44 19.94
N ALA B 214 42.14 22.17 19.07
CA ALA B 214 40.75 22.42 19.43
C ALA B 214 39.84 21.71 18.45
N HIS B 215 38.55 21.68 18.78
CA HIS B 215 37.54 21.25 17.84
C HIS B 215 36.21 21.90 18.19
N HIS B 216 35.44 22.29 17.17
CA HIS B 216 34.16 22.92 17.45
C HIS B 216 33.26 22.88 16.21
N HIS B 217 32.01 23.26 16.44
CA HIS B 217 31.02 23.39 15.38
C HIS B 217 31.18 24.75 14.69
N GLU B 218 30.94 24.76 13.39
CA GLU B 218 31.16 25.95 12.58
C GLU B 218 29.84 26.65 12.26
N VAL B 219 29.93 27.71 11.45
CA VAL B 219 28.80 28.62 11.26
C VAL B 219 27.63 27.91 10.61
N ALA B 220 27.90 27.09 9.57
CA ALA B 220 26.82 26.53 8.78
C ALA B 220 25.99 25.54 9.61
N THR B 221 24.77 25.29 9.13
CA THR B 221 23.79 24.52 9.88
C THR B 221 23.93 23.01 9.67
N ALA B 222 24.18 22.57 8.45
CA ALA B 222 24.17 21.14 8.12
C ALA B 222 25.49 20.48 8.55
N GLY B 223 25.75 20.54 9.85
CA GLY B 223 26.87 19.82 10.42
C GLY B 223 28.23 20.25 9.94
N GLN B 224 28.48 21.56 9.89
CA GLN B 224 29.82 22.06 9.62
C GLN B 224 30.64 22.03 10.90
N ASN B 225 31.86 21.52 10.81
CA ASN B 225 32.72 21.32 11.96
C ASN B 225 34.17 21.57 11.56
N GLU B 226 34.99 21.87 12.56
CA GLU B 226 36.42 21.96 12.32
C GLU B 226 37.18 21.41 13.51
N VAL B 227 38.30 20.74 13.23
CA VAL B 227 39.25 20.30 14.23
C VAL B 227 40.55 21.04 13.93
N ALA B 228 40.93 21.96 14.81
CA ALA B 228 42.14 22.75 14.65
C ALA B 228 43.32 22.02 15.24
N THR B 229 44.37 21.88 14.43
CA THR B 229 45.57 21.11 14.76
C THR B 229 46.77 22.04 14.74
N ARG B 230 47.85 21.58 15.35
CA ARG B 230 49.05 22.40 15.46
C ARG B 230 49.78 22.48 14.14
N PHE B 231 50.48 23.59 13.93
CA PHE B 231 51.26 23.81 12.72
C PHE B 231 52.40 22.81 12.63
N ASN B 232 53.11 22.83 11.51
CA ASN B 232 54.28 21.96 11.34
C ASN B 232 54.99 22.38 10.05
N THR B 233 56.15 21.77 9.80
CA THR B 233 56.86 22.05 8.57
C THR B 233 55.98 21.73 7.37
N MET B 234 56.40 22.20 6.20
CA MET B 234 55.51 22.21 5.04
C MET B 234 55.09 20.80 4.63
N THR B 235 56.07 19.97 4.25
CA THR B 235 55.74 18.63 3.80
C THR B 235 55.15 17.78 4.93
N LYS B 236 55.71 17.94 6.13
CA LYS B 236 55.14 17.25 7.29
C LYS B 236 53.68 17.64 7.48
N LYS B 237 53.37 18.93 7.34
CA LYS B 237 51.99 19.35 7.56
C LYS B 237 51.09 18.95 6.39
N ALA B 238 51.63 18.80 5.20
CA ALA B 238 50.84 18.24 4.10
C ALA B 238 50.46 16.80 4.38
N ASP B 239 51.42 16.01 4.86
CA ASP B 239 51.11 14.65 5.29
C ASP B 239 50.07 14.67 6.41
N GLU B 240 50.22 15.61 7.34
CA GLU B 240 49.27 15.73 8.43
C GLU B 240 47.87 16.05 7.92
N ILE B 241 47.77 16.90 6.90
CA ILE B 241 46.47 17.22 6.31
C ILE B 241 45.87 15.99 5.65
N GLN B 242 46.70 15.21 4.96
CA GLN B 242 46.18 13.98 4.36
C GLN B 242 45.65 13.03 5.43
N ILE B 243 46.40 12.87 6.52
CA ILE B 243 45.94 12.03 7.63
C ILE B 243 44.66 12.61 8.23
N TYR B 244 44.59 13.93 8.33
CA TYR B 244 43.41 14.58 8.88
C TYR B 244 42.17 14.27 8.06
N LYS B 245 42.27 14.42 6.74
CA LYS B 245 41.13 14.13 5.88
C LYS B 245 40.76 12.66 5.94
N TYR B 246 41.77 11.77 5.95
CA TYR B 246 41.49 10.35 6.06
C TYR B 246 40.74 10.03 7.34
N VAL B 247 41.21 10.56 8.47
CA VAL B 247 40.58 10.29 9.76
C VAL B 247 39.17 10.83 9.78
N VAL B 248 38.97 12.04 9.26
CA VAL B 248 37.63 12.63 9.27
C VAL B 248 36.67 11.76 8.47
N HIS B 249 37.08 11.39 7.25
CA HIS B 249 36.22 10.56 6.40
C HIS B 249 35.88 9.26 7.11
N ASN B 250 36.88 8.57 7.64
CA ASN B 250 36.63 7.24 8.19
C ASN B 250 35.81 7.29 9.47
N VAL B 251 36.08 8.27 10.34
CA VAL B 251 35.29 8.40 11.56
C VAL B 251 33.84 8.73 11.22
N ALA B 252 33.63 9.64 10.25
CA ALA B 252 32.27 9.96 9.86
C ALA B 252 31.56 8.74 9.29
N HIS B 253 32.27 7.93 8.51
CA HIS B 253 31.68 6.70 7.99
C HIS B 253 31.33 5.75 9.12
N ARG B 254 32.20 5.66 10.13
CA ARG B 254 31.95 4.74 11.24
C ARG B 254 30.82 5.22 12.15
N PHE B 255 30.53 6.51 12.17
CA PHE B 255 29.41 7.03 12.95
C PHE B 255 28.12 7.07 12.15
N GLY B 256 28.11 6.53 10.94
CA GLY B 256 26.94 6.60 10.09
C GLY B 256 26.80 7.90 9.33
N LYS B 257 27.78 8.78 9.43
CA LYS B 257 27.73 10.07 8.76
C LYS B 257 28.55 10.01 7.47
N THR B 258 28.59 11.15 6.78
CA THR B 258 29.35 11.30 5.55
C THR B 258 30.05 12.65 5.61
N ALA B 259 31.36 12.66 5.44
CA ALA B 259 32.14 13.88 5.56
C ALA B 259 32.57 14.36 4.19
N THR B 260 32.52 15.67 4.00
CA THR B 260 32.97 16.28 2.75
C THR B 260 33.77 17.54 3.04
N PHE B 261 34.84 17.72 2.27
CA PHE B 261 35.67 18.91 2.31
C PHE B 261 35.39 19.85 1.13
N MET B 262 34.22 19.74 0.53
CA MET B 262 33.87 20.59 -0.59
C MET B 262 33.81 22.05 -0.13
N PRO B 263 34.33 22.99 -0.92
CA PRO B 263 34.30 24.40 -0.48
C PRO B 263 32.90 24.94 -0.22
N LYS B 264 31.91 24.54 -1.02
CA LYS B 264 30.57 25.13 -0.94
C LYS B 264 29.56 24.09 -1.38
N PRO B 265 29.11 23.23 -0.46
CA PRO B 265 28.05 22.27 -0.80
C PRO B 265 26.65 22.86 -0.76
N MET B 266 26.43 23.94 -0.03
CA MET B 266 25.09 24.53 0.10
C MET B 266 25.15 26.02 -0.21
N PHE B 267 24.12 26.51 -0.88
CA PHE B 267 23.99 27.93 -1.14
C PHE B 267 23.20 28.59 -0.02
N GLY B 268 23.58 29.82 0.32
CA GLY B 268 22.96 30.53 1.40
C GLY B 268 23.53 30.22 2.76
N ASP B 269 24.49 29.30 2.86
CA ASP B 269 25.14 28.97 4.11
C ASP B 269 26.64 29.06 3.91
N ASN B 270 27.35 29.26 5.02
CA ASN B 270 28.79 29.46 4.95
C ASN B 270 29.48 28.26 4.34
N GLY B 271 30.51 28.53 3.53
CA GLY B 271 31.31 27.47 2.94
C GLY B 271 32.50 27.11 3.81
N SER B 272 33.25 26.12 3.35
CA SER B 272 34.40 25.61 4.06
C SER B 272 35.68 26.18 3.44
N GLY B 273 36.56 26.71 4.30
CA GLY B 273 37.82 27.24 3.85
C GLY B 273 38.97 26.69 4.67
N MET B 274 40.18 26.89 4.15
CA MET B 274 41.41 26.40 4.76
C MET B 274 42.40 27.56 4.86
N HIS B 275 42.33 28.32 5.94
CA HIS B 275 43.28 29.40 6.16
C HIS B 275 44.67 28.81 6.44
N CYS B 276 45.67 29.34 5.75
CA CYS B 276 47.03 28.81 5.81
C CYS B 276 47.93 29.85 6.47
N HIS B 277 48.27 29.61 7.73
CA HIS B 277 49.26 30.44 8.41
C HIS B 277 50.66 30.04 7.96
N MET B 278 51.53 31.03 7.79
CA MET B 278 52.88 30.78 7.29
C MET B 278 53.89 31.56 8.12
N SER B 279 55.07 30.98 8.26
CA SER B 279 56.21 31.63 8.90
C SER B 279 57.48 31.03 8.32
N LEU B 280 58.57 31.80 8.42
CA LEU B 280 59.89 31.35 8.03
C LEU B 280 60.83 31.48 9.23
N SER B 281 61.62 30.45 9.47
CA SER B 281 62.55 30.42 10.59
C SER B 281 63.95 30.10 10.09
N LYS B 282 64.95 30.79 10.63
CA LYS B 282 66.35 30.54 10.33
C LYS B 282 67.12 30.49 11.63
N ASN B 283 67.79 29.37 11.88
CA ASN B 283 68.56 29.17 13.10
C ASN B 283 67.68 29.37 14.34
N GLY B 284 66.44 28.89 14.25
CA GLY B 284 65.52 29.02 15.36
C GLY B 284 64.97 30.40 15.58
N VAL B 285 65.19 31.32 14.64
CA VAL B 285 64.75 32.70 14.76
C VAL B 285 63.65 32.94 13.73
N ASN B 286 62.52 33.47 14.19
CA ASN B 286 61.40 33.77 13.29
C ASN B 286 61.74 34.99 12.45
N LEU B 287 61.85 34.80 11.13
CA LEU B 287 62.22 35.87 10.23
C LEU B 287 61.05 36.80 9.91
N PHE B 288 59.84 36.46 10.33
CA PHE B 288 58.69 37.32 10.11
C PHE B 288 58.47 38.34 11.22
N ALA B 289 59.23 38.26 12.30
CA ALA B 289 59.11 39.19 13.41
C ALA B 289 60.00 40.41 13.18
N GLY B 290 59.45 41.59 13.43
CA GLY B 290 60.18 42.81 13.20
C GLY B 290 59.43 44.01 13.71
N ASP B 291 59.95 45.19 13.38
CA ASP B 291 59.41 46.45 13.86
C ASP B 291 58.44 47.09 12.88
N LYS B 292 58.14 46.44 11.76
CA LYS B 292 57.24 47.00 10.77
C LYS B 292 55.79 46.78 11.19
N TYR B 293 54.87 47.00 10.26
CA TYR B 293 53.44 46.95 10.54
C TYR B 293 53.07 45.65 11.25
N ALA B 294 52.33 45.79 12.35
CA ALA B 294 51.82 44.65 13.11
C ALA B 294 52.96 43.72 13.54
N GLY B 295 54.13 44.31 13.82
CA GLY B 295 55.25 43.52 14.26
C GLY B 295 55.89 42.68 13.19
N LEU B 296 55.57 42.92 11.92
CA LEU B 296 56.15 42.17 10.83
C LEU B 296 57.55 42.69 10.51
N SER B 297 58.26 41.92 9.70
CA SER B 297 59.57 42.30 9.20
C SER B 297 59.50 42.60 7.71
N GLU B 298 60.59 43.15 7.19
CA GLU B 298 60.65 43.47 5.77
C GLU B 298 60.54 42.21 4.92
N GLN B 299 61.14 41.11 5.38
CA GLN B 299 60.96 39.84 4.69
C GLN B 299 59.49 39.41 4.69
N ALA B 300 58.80 39.62 5.82
CA ALA B 300 57.38 39.28 5.86
C ALA B 300 56.58 40.10 4.87
N LEU B 301 56.87 41.40 4.79
CA LEU B 301 56.15 42.24 3.84
C LEU B 301 56.43 41.82 2.40
N TYR B 302 57.69 41.46 2.09
CA TYR B 302 57.98 40.99 0.74
C TYR B 302 57.28 39.67 0.44
N TYR B 303 57.19 38.78 1.44
CA TYR B 303 56.44 37.54 1.26
C TYR B 303 54.97 37.83 0.95
N ILE B 304 54.38 38.77 1.69
CA ILE B 304 53.00 39.16 1.43
C ILE B 304 52.88 39.72 0.02
N GLY B 305 53.84 40.53 -0.39
CA GLY B 305 53.80 41.11 -1.73
C GLY B 305 53.86 40.05 -2.81
N GLY B 306 54.71 39.05 -2.64
CA GLY B 306 54.77 37.95 -3.60
C GLY B 306 53.46 37.18 -3.66
N VAL B 307 52.89 36.87 -2.49
CA VAL B 307 51.62 36.16 -2.47
C VAL B 307 50.54 36.97 -3.18
N ILE B 308 50.52 38.29 -2.94
CA ILE B 308 49.52 39.14 -3.59
C ILE B 308 49.73 39.17 -5.10
N LYS B 309 50.98 39.30 -5.54
CA LYS B 309 51.27 39.39 -6.96
C LYS B 309 50.86 38.11 -7.69
N HIS B 310 51.19 36.94 -7.12
CA HIS B 310 50.90 35.67 -7.75
C HIS B 310 49.64 35.02 -7.20
N ALA B 311 48.69 35.81 -6.70
CA ALA B 311 47.50 35.25 -6.07
C ALA B 311 46.66 34.48 -7.07
N LYS B 312 46.46 35.03 -8.27
CA LYS B 312 45.62 34.35 -9.24
C LYS B 312 46.24 33.03 -9.69
N ALA B 313 47.55 33.00 -9.90
CA ALA B 313 48.22 31.76 -10.24
C ALA B 313 48.12 30.77 -9.08
N ILE B 314 48.27 31.25 -7.85
CA ILE B 314 48.13 30.38 -6.68
C ILE B 314 46.74 29.78 -6.65
N ASN B 315 45.72 30.56 -7.02
CA ASN B 315 44.35 30.08 -6.94
C ASN B 315 44.15 28.79 -7.74
N ALA B 316 44.91 28.60 -8.82
CA ALA B 316 44.78 27.37 -9.58
C ALA B 316 45.16 26.14 -8.77
N LEU B 317 45.90 26.31 -7.67
CA LEU B 317 46.34 25.21 -6.83
C LEU B 317 45.71 25.22 -5.45
N ALA B 318 45.35 26.40 -4.94
CA ALA B 318 44.72 26.53 -3.63
C ALA B 318 43.20 26.48 -3.71
N ASN B 319 42.62 26.79 -4.86
CA ASN B 319 41.19 26.68 -5.10
C ASN B 319 40.99 25.98 -6.44
N PRO B 320 41.34 24.70 -6.51
CA PRO B 320 41.38 24.01 -7.81
C PRO B 320 40.05 23.44 -8.30
N THR B 321 38.94 23.80 -7.67
CA THR B 321 37.63 23.30 -8.04
C THR B 321 36.72 24.47 -8.39
N THR B 322 35.85 24.24 -9.37
CA THR B 322 34.88 25.28 -9.70
C THR B 322 34.04 25.65 -8.49
N ASN B 323 33.66 24.65 -7.70
CA ASN B 323 32.89 24.90 -6.49
C ASN B 323 33.61 25.87 -5.56
N SER B 324 34.95 25.89 -5.60
CA SER B 324 35.69 26.80 -4.74
C SER B 324 35.30 28.24 -5.01
N TYR B 325 35.13 28.59 -6.28
CA TYR B 325 34.81 29.96 -6.62
C TYR B 325 33.35 30.29 -6.39
N LYS B 326 32.61 29.39 -5.73
CA LYS B 326 31.29 29.70 -5.21
C LYS B 326 31.33 30.14 -3.75
N ARG B 327 32.49 30.02 -3.08
CA ARG B 327 32.68 30.69 -1.80
C ARG B 327 33.55 31.92 -1.91
N LEU B 328 34.36 32.03 -2.96
CA LEU B 328 35.15 33.23 -3.20
C LEU B 328 34.33 34.25 -4.00
N VAL B 329 33.23 34.67 -3.39
CA VAL B 329 32.32 35.65 -3.99
C VAL B 329 32.19 36.83 -3.04
N PRO B 330 32.07 38.05 -3.54
CA PRO B 330 31.88 39.19 -2.63
C PRO B 330 30.65 39.00 -1.77
N GLY B 331 30.77 39.35 -0.49
CA GLY B 331 29.68 39.19 0.45
C GLY B 331 29.67 37.82 1.09
N ALA B 334 33.81 34.56 2.41
CA ALA B 334 35.26 34.53 2.40
C ALA B 334 35.80 35.84 1.83
N PRO B 335 37.04 36.19 2.16
CA PRO B 335 37.64 37.42 1.64
C PRO B 335 38.26 37.22 0.28
N VAL B 336 38.02 38.19 -0.60
CA VAL B 336 38.51 38.14 -1.97
C VAL B 336 39.47 39.27 -2.30
N MET B 337 39.63 40.25 -1.43
CA MET B 337 40.50 41.38 -1.70
C MET B 337 41.94 41.02 -1.35
N LEU B 338 42.86 41.29 -2.27
CA LEU B 338 44.27 40.95 -2.09
C LEU B 338 44.98 42.12 -1.40
N ALA B 339 44.87 42.13 -0.08
CA ALA B 339 45.57 43.11 0.74
C ALA B 339 45.74 42.52 2.13
N TYR B 340 46.66 43.11 2.90
CA TYR B 340 46.97 42.63 4.23
C TYR B 340 46.53 43.63 5.28
N SER B 341 45.97 43.12 6.36
CA SER B 341 45.56 43.95 7.49
C SER B 341 45.46 43.08 8.73
N ALA B 342 45.55 43.74 9.89
CA ALA B 342 45.43 43.05 11.17
C ALA B 342 44.04 43.16 11.77
N ARG B 343 43.14 43.94 11.17
CA ARG B 343 41.81 44.16 11.73
C ARG B 343 40.69 44.09 10.71
N ASN B 344 40.97 44.12 9.41
CA ASN B 344 39.94 44.17 8.39
C ASN B 344 39.53 42.75 7.99
N ARG B 345 38.25 42.43 8.15
CA ARG B 345 37.74 41.13 7.73
C ARG B 345 37.64 41.01 6.21
N SER B 346 37.81 42.11 5.48
CA SER B 346 37.74 42.08 4.03
C SER B 346 39.08 41.77 3.37
N ALA B 347 40.14 41.64 4.15
CA ALA B 347 41.47 41.36 3.62
C ALA B 347 41.71 39.86 3.61
N SER B 348 42.16 39.34 2.46
CA SER B 348 42.45 37.92 2.34
C SER B 348 43.75 37.53 3.02
N ILE B 349 44.60 38.49 3.37
CA ILE B 349 45.82 38.25 4.14
C ILE B 349 45.67 38.96 5.47
N ARG B 350 45.80 38.21 6.56
CA ARG B 350 45.64 38.72 7.91
C ARG B 350 46.93 38.52 8.70
N ILE B 351 47.18 39.44 9.62
CA ILE B 351 48.32 39.32 10.52
C ILE B 351 47.78 39.09 11.93
N PRO B 352 47.74 37.84 12.40
CA PRO B 352 47.17 37.59 13.72
C PRO B 352 47.91 38.33 14.82
N VAL B 353 47.16 38.81 15.80
CA VAL B 353 47.74 39.51 16.94
C VAL B 353 48.21 38.44 17.94
N VAL B 354 49.53 38.27 18.04
CA VAL B 354 50.13 37.24 18.87
C VAL B 354 51.13 37.90 19.80
N SER B 355 51.07 37.57 21.09
CA SER B 355 51.94 38.20 22.07
C SER B 355 53.41 37.86 21.81
N SER B 356 53.70 36.59 21.58
CA SER B 356 55.09 36.15 21.46
C SER B 356 55.60 36.40 20.05
N PRO B 357 56.68 37.16 19.88
CA PRO B 357 57.22 37.36 18.52
C PRO B 357 57.58 36.07 17.83
N LYS B 358 57.95 35.03 18.59
CA LYS B 358 58.32 33.76 18.00
C LYS B 358 57.17 33.15 17.22
N ALA B 359 55.94 33.62 17.45
CA ALA B 359 54.76 33.11 16.75
C ALA B 359 54.21 34.10 15.74
N ARG B 360 55.00 35.08 15.33
CA ARG B 360 54.53 36.01 14.30
C ARG B 360 54.38 35.29 12.97
N ARG B 361 53.27 35.56 12.28
CA ARG B 361 52.95 34.82 11.07
C ARG B 361 51.99 35.62 10.22
N ILE B 362 51.86 35.21 8.97
CA ILE B 362 50.84 35.73 8.06
C ILE B 362 49.84 34.62 7.78
N GLU B 363 48.61 35.00 7.46
CA GLU B 363 47.51 34.06 7.26
C GLU B 363 46.80 34.40 5.96
N VAL B 364 46.94 33.53 4.96
CA VAL B 364 46.20 33.66 3.71
C VAL B 364 44.87 32.92 3.86
N ARG B 365 43.79 33.59 3.50
CA ARG B 365 42.44 33.11 3.81
C ARG B 365 41.71 32.50 2.63
N PHE B 366 42.18 32.71 1.39
CA PHE B 366 41.42 32.25 0.25
C PHE B 366 41.50 30.73 0.04
N PRO B 367 42.58 30.04 0.40
CA PRO B 367 42.64 28.60 0.12
C PRO B 367 41.49 27.85 0.77
N ASP B 368 41.01 26.81 0.08
CA ASP B 368 39.94 25.96 0.54
C ASP B 368 40.43 24.53 0.69
N PRO B 369 39.75 23.70 1.49
CA PRO B 369 40.30 22.38 1.82
C PRO B 369 40.26 21.37 0.69
N ALA B 370 39.70 21.71 -0.46
CA ALA B 370 39.73 20.83 -1.63
C ALA B 370 41.08 20.89 -2.35
N ALA B 371 41.97 21.79 -1.94
CA ALA B 371 43.26 21.92 -2.58
C ALA B 371 44.17 20.75 -2.25
N ASN B 372 45.05 20.43 -3.18
CA ASN B 372 46.13 19.48 -2.90
C ASN B 372 47.07 20.14 -1.91
N PRO B 373 47.28 19.57 -0.71
CA PRO B 373 48.09 20.29 0.28
C PRO B 373 49.50 20.56 -0.19
N TYR B 374 50.15 19.57 -0.80
CA TYR B 374 51.54 19.74 -1.22
C TYR B 374 51.67 20.85 -2.24
N LEU B 375 50.85 20.81 -3.30
CA LEU B 375 50.96 21.81 -4.35
C LEU B 375 50.56 23.19 -3.85
N CYS B 376 49.50 23.27 -3.02
CA CYS B 376 49.08 24.57 -2.51
C CYS B 376 50.17 25.20 -1.66
N PHE B 377 50.73 24.44 -0.72
CA PHE B 377 51.78 24.97 0.14
C PHE B 377 53.00 25.33 -0.68
N ALA B 378 53.37 24.50 -1.66
CA ALA B 378 54.52 24.80 -2.49
C ALA B 378 54.31 26.08 -3.28
N ALA B 379 53.12 26.29 -3.83
CA ALA B 379 52.84 27.51 -4.57
C ALA B 379 52.92 28.73 -3.66
N LEU B 380 52.35 28.64 -2.47
CA LEU B 380 52.41 29.77 -1.55
C LEU B 380 53.84 30.10 -1.18
N LEU B 381 54.64 29.06 -0.87
CA LEU B 381 56.03 29.29 -0.50
C LEU B 381 56.83 29.87 -1.66
N MET B 382 56.59 29.37 -2.88
CA MET B 382 57.34 29.88 -4.02
C MET B 382 56.97 31.32 -4.33
N ALA B 383 55.69 31.67 -4.20
CA ALA B 383 55.30 33.06 -4.39
C ALA B 383 55.95 33.96 -3.35
N GLY B 384 55.96 33.52 -2.09
CA GLY B 384 56.62 34.31 -1.05
C GLY B 384 58.11 34.47 -1.30
N LEU B 385 58.77 33.40 -1.74
CA LEU B 385 60.20 33.47 -2.03
C LEU B 385 60.48 34.39 -3.22
N ASP B 386 59.62 34.35 -4.23
CA ASP B 386 59.77 35.28 -5.34
C ASP B 386 59.62 36.72 -4.86
N GLY B 387 58.65 36.97 -3.98
CA GLY B 387 58.50 38.30 -3.42
C GLY B 387 59.72 38.74 -2.64
N ILE B 388 60.29 37.85 -1.84
CA ILE B 388 61.48 38.18 -1.07
C ILE B 388 62.65 38.48 -2.00
N LYS B 389 62.84 37.65 -3.04
CA LYS B 389 63.98 37.83 -3.92
C LYS B 389 63.87 39.10 -4.75
N ASN B 390 62.66 39.44 -5.21
CA ASN B 390 62.46 40.60 -6.05
C ASN B 390 62.03 41.84 -5.28
N LYS B 391 62.02 41.76 -3.95
CA LYS B 391 61.72 42.92 -3.11
C LYS B 391 60.37 43.53 -3.45
N ILE B 392 59.38 42.67 -3.69
CA ILE B 392 58.04 43.12 -4.05
C ILE B 392 57.34 43.66 -2.81
N HIS B 393 57.25 44.98 -2.72
CA HIS B 393 56.57 45.60 -1.59
C HIS B 393 55.06 45.48 -1.76
N PRO B 394 54.32 45.14 -0.72
CA PRO B 394 52.87 44.97 -0.84
C PRO B 394 52.06 46.25 -0.69
N GLY B 395 52.69 47.40 -0.55
CA GLY B 395 51.98 48.63 -0.29
C GLY B 395 51.65 48.78 1.19
N GLU B 396 50.59 49.54 1.46
CA GLU B 396 50.13 49.78 2.81
C GLU B 396 48.97 48.85 3.15
N ALA B 397 48.75 48.68 4.45
CA ALA B 397 47.69 47.81 4.92
C ALA B 397 46.32 48.38 4.59
N MET B 398 45.35 47.49 4.40
CA MET B 398 43.97 47.88 4.20
C MET B 398 43.30 48.15 5.54
N ASP B 399 43.79 49.14 6.28
CA ASP B 399 43.18 49.51 7.55
C ASP B 399 42.06 50.52 7.34
N ALA B 410 38.49 51.66 -4.75
CA ALA B 410 38.41 50.27 -4.31
C ALA B 410 38.62 49.33 -5.49
N LYS B 411 38.22 49.78 -6.69
CA LYS B 411 38.40 48.95 -7.88
C LYS B 411 39.86 48.72 -8.20
N GLU B 412 40.76 49.57 -7.70
CA GLU B 412 42.18 49.39 -7.92
C GLU B 412 42.77 48.26 -7.10
N ILE B 413 42.04 47.77 -6.10
CA ILE B 413 42.54 46.74 -5.19
C ILE B 413 42.42 45.38 -5.88
N PRO B 414 43.53 44.65 -6.08
CA PRO B 414 43.43 43.37 -6.77
C PRO B 414 42.61 42.35 -5.98
N GLN B 415 41.97 41.45 -6.71
CA GLN B 415 41.14 40.42 -6.11
C GLN B 415 41.58 39.05 -6.64
N VAL B 416 41.21 38.02 -5.88
CA VAL B 416 41.51 36.66 -6.31
C VAL B 416 40.75 36.35 -7.59
N ALA B 417 41.17 35.28 -8.26
CA ALA B 417 40.52 34.88 -9.50
C ALA B 417 39.04 34.59 -9.25
N GLY B 418 38.20 35.03 -10.19
CA GLY B 418 36.78 34.84 -10.09
C GLY B 418 36.26 33.55 -10.67
N SER B 419 37.13 32.75 -11.29
CA SER B 419 36.72 31.47 -11.85
C SER B 419 37.94 30.58 -12.00
N LEU B 420 37.67 29.29 -12.12
CA LEU B 420 38.76 28.33 -12.31
C LEU B 420 39.42 28.52 -13.67
N GLU B 421 38.66 28.94 -14.69
CA GLU B 421 39.27 29.25 -15.97
C GLU B 421 40.26 30.39 -15.84
N GLU B 422 39.89 31.46 -15.13
CA GLU B 422 40.81 32.56 -14.92
C GLU B 422 42.04 32.12 -14.14
N ALA B 423 41.83 31.31 -13.10
CA ALA B 423 42.96 30.85 -12.30
C ALA B 423 43.91 30.01 -13.16
N LEU B 424 43.36 29.13 -13.99
CA LEU B 424 44.21 28.28 -14.81
C LEU B 424 44.93 29.07 -15.89
N ASN B 425 44.28 30.07 -16.48
CA ASN B 425 44.96 30.92 -17.45
C ASN B 425 46.09 31.68 -16.79
N GLU B 426 45.86 32.21 -15.59
CA GLU B 426 46.92 32.93 -14.90
C GLU B 426 48.07 32.01 -14.53
N LEU B 427 47.76 30.78 -14.12
CA LEU B 427 48.82 29.81 -13.85
C LEU B 427 49.61 29.50 -15.12
N ASP B 428 48.93 29.39 -16.25
CA ASP B 428 49.61 29.15 -17.52
C ASP B 428 50.55 30.29 -17.86
N LEU B 429 50.11 31.53 -17.63
CA LEU B 429 50.90 32.69 -18.00
C LEU B 429 51.90 33.13 -16.93
N ASP B 430 51.87 32.53 -15.74
CA ASP B 430 52.66 32.96 -14.60
C ASP B 430 53.40 31.78 -13.98
N ARG B 431 54.11 31.01 -14.81
CA ARG B 431 54.73 29.79 -14.36
C ARG B 431 56.10 30.00 -13.70
N GLU B 432 56.75 31.13 -13.97
CA GLU B 432 58.17 31.25 -13.64
C GLU B 432 58.43 31.11 -12.15
N PHE B 433 57.61 31.74 -11.31
CA PHE B 433 57.85 31.66 -9.88
C PHE B 433 57.68 30.24 -9.36
N LEU B 434 56.88 29.42 -10.04
CA LEU B 434 56.80 28.00 -9.68
C LEU B 434 57.97 27.21 -10.25
N LYS B 435 58.48 27.62 -11.41
CA LYS B 435 59.58 26.90 -12.04
C LYS B 435 60.94 27.30 -11.47
N ALA B 436 61.01 28.28 -10.59
CA ALA B 436 62.27 28.66 -9.98
C ALA B 436 62.86 27.46 -9.25
N GLY B 437 64.13 27.17 -9.52
CA GLY B 437 64.83 26.11 -8.84
C GLY B 437 64.43 24.71 -9.24
N GLY B 438 63.69 24.55 -10.33
CA GLY B 438 63.27 23.23 -10.75
C GLY B 438 62.18 22.61 -9.92
N VAL B 439 61.54 23.38 -9.04
CA VAL B 439 60.49 22.83 -8.20
C VAL B 439 59.34 22.29 -9.05
N PHE B 440 58.71 23.17 -9.81
CA PHE B 440 57.67 22.79 -10.77
C PHE B 440 58.26 22.72 -12.16
N THR B 441 57.79 21.76 -12.94
CA THR B 441 58.20 21.60 -14.33
C THR B 441 57.04 21.97 -15.25
N ASP B 442 57.40 22.36 -16.48
CA ASP B 442 56.39 22.73 -17.45
C ASP B 442 55.45 21.58 -17.72
N GLU B 443 55.97 20.36 -17.82
CA GLU B 443 55.12 19.20 -18.05
C GLU B 443 54.14 19.01 -16.90
N ALA B 444 54.61 19.15 -15.65
CA ALA B 444 53.73 18.98 -14.50
C ALA B 444 52.63 20.05 -14.50
N ILE B 445 52.98 21.30 -14.76
CA ILE B 445 51.99 22.36 -14.78
C ILE B 445 50.98 22.11 -15.89
N ASP B 446 51.45 21.67 -17.06
CA ASP B 446 50.54 21.41 -18.17
C ASP B 446 49.58 20.28 -17.82
N ALA B 447 50.08 19.21 -17.21
CA ALA B 447 49.20 18.10 -16.84
C ALA B 447 48.15 18.54 -15.82
N TYR B 448 48.57 19.33 -14.83
CA TYR B 448 47.62 19.85 -13.85
C TYR B 448 46.55 20.68 -14.53
N ILE B 449 46.97 21.57 -15.43
CA ILE B 449 46.01 22.43 -16.12
C ILE B 449 45.06 21.60 -16.96
N ALA B 450 45.57 20.54 -17.60
CA ALA B 450 44.71 19.69 -18.41
C ALA B 450 43.63 19.02 -17.57
N LEU B 451 44.03 18.46 -16.42
CA LEU B 451 43.05 17.81 -15.55
C LEU B 451 41.98 18.80 -15.09
N ARG B 452 42.43 19.95 -14.58
CA ARG B 452 41.48 20.91 -14.05
C ARG B 452 40.60 21.48 -15.16
N ARG B 453 41.13 21.61 -16.37
CA ARG B 453 40.32 22.09 -17.48
C ARG B 453 39.29 21.07 -17.91
N GLU B 454 39.62 19.78 -17.82
CA GLU B 454 38.61 18.75 -18.09
C GLU B 454 37.45 18.87 -17.09
N GLU B 455 37.78 19.01 -15.81
CA GLU B 455 36.73 19.16 -14.81
C GLU B 455 35.92 20.43 -15.06
N ASP B 456 36.60 21.53 -15.36
CA ASP B 456 35.92 22.79 -15.61
C ASP B 456 34.99 22.70 -16.81
N ASP B 457 35.43 22.04 -17.88
CA ASP B 457 34.59 21.87 -19.05
C ASP B 457 33.36 21.05 -18.72
N ARG B 458 33.52 19.98 -17.93
CA ARG B 458 32.35 19.19 -17.55
C ARG B 458 31.35 20.05 -16.79
N VAL B 459 31.85 20.88 -15.86
CA VAL B 459 30.92 21.74 -15.12
C VAL B 459 30.29 22.80 -16.03
N ARG B 460 31.05 23.30 -17.00
CA ARG B 460 30.60 24.42 -17.82
C ARG B 460 29.60 24.00 -18.88
N MET B 461 29.66 22.76 -19.36
CA MET B 461 28.79 22.33 -20.44
C MET B 461 27.48 21.75 -19.97
N THR B 462 27.29 21.55 -18.67
CA THR B 462 26.07 20.88 -18.19
C THR B 462 25.02 21.90 -17.77
N PRO B 463 23.80 21.80 -18.29
CA PRO B 463 22.75 22.76 -17.90
C PRO B 463 22.46 22.71 -16.41
N HIS B 464 22.05 23.86 -15.87
CA HIS B 464 21.95 24.07 -14.43
C HIS B 464 20.50 24.34 -13.98
N PRO B 465 20.07 23.74 -12.86
CA PRO B 465 18.67 23.94 -12.42
C PRO B 465 18.27 25.39 -12.23
N VAL B 466 19.14 26.24 -11.69
CA VAL B 466 18.79 27.65 -11.59
C VAL B 466 18.65 28.25 -12.98
N GLU B 467 19.44 27.76 -13.94
CA GLU B 467 19.23 28.20 -15.32
C GLU B 467 17.84 27.84 -15.81
N PHE B 468 17.33 26.67 -15.43
CA PHE B 468 15.94 26.38 -15.76
C PHE B 468 14.98 27.33 -15.05
N GLU B 469 15.20 27.56 -13.75
CA GLU B 469 14.34 28.45 -12.99
C GLU B 469 14.27 29.82 -13.63
N LEU B 470 15.37 30.26 -14.25
CA LEU B 470 15.46 31.60 -14.81
C LEU B 470 14.97 31.68 -16.25
N TYR B 471 15.21 30.65 -17.06
CA TYR B 471 15.06 30.76 -18.49
C TYR B 471 14.07 29.77 -19.12
N TYR B 472 13.38 28.94 -18.33
CA TYR B 472 12.49 27.98 -18.97
C TYR B 472 11.39 28.68 -19.74
N SER B 473 10.80 29.73 -19.16
CA SER B 473 9.75 30.48 -19.80
C SER B 473 10.26 31.57 -20.74
N VAL B 474 11.58 31.74 -20.84
CA VAL B 474 12.16 32.73 -21.73
C VAL B 474 13.34 32.13 -22.47
N MET C 6 6.00 3.65 64.58
CA MET C 6 7.07 4.14 63.67
C MET C 6 7.10 5.65 63.69
N SER C 7 8.31 6.23 63.75
CA SER C 7 8.44 7.68 63.93
C SER C 7 9.49 8.29 63.00
N ALA C 8 9.78 9.57 63.24
CA ALA C 8 10.76 10.27 62.41
C ALA C 8 12.14 9.63 62.52
N GLU C 9 12.50 9.16 63.71
CA GLU C 9 13.80 8.50 63.87
C GLU C 9 13.87 7.26 63.00
N HIS C 10 12.80 6.47 62.95
CA HIS C 10 12.79 5.29 62.10
C HIS C 10 12.80 5.67 60.63
N VAL C 11 12.16 6.77 60.23
CA VAL C 11 12.23 7.19 58.84
C VAL C 11 13.66 7.59 58.48
N LEU C 12 14.32 8.33 59.36
CA LEU C 12 15.70 8.72 59.11
C LEU C 12 16.63 7.51 59.09
N THR C 13 16.31 6.47 59.86
CA THR C 13 17.08 5.25 59.79
C THR C 13 16.85 4.53 58.47
N MET C 14 15.60 4.49 58.00
CA MET C 14 15.32 3.90 56.69
C MET C 14 16.08 4.59 55.59
N LEU C 15 16.19 5.91 55.66
CA LEU C 15 16.86 6.66 54.61
C LEU C 15 18.29 6.16 54.39
N ASN C 16 18.94 5.67 55.44
CA ASN C 16 20.27 5.09 55.30
C ASN C 16 20.23 3.59 55.05
N GLU C 17 19.25 2.89 55.63
CA GLU C 17 19.17 1.45 55.43
C GLU C 17 18.95 1.10 53.97
N HIS C 18 18.07 1.83 53.29
CA HIS C 18 17.74 1.54 51.90
C HIS C 18 18.45 2.47 50.92
N GLU C 19 19.36 3.31 51.39
CA GLU C 19 20.08 4.24 50.52
C GLU C 19 19.10 5.07 49.70
N VAL C 20 18.14 5.69 50.39
CA VAL C 20 17.08 6.41 49.73
C VAL C 20 17.63 7.68 49.11
N LYS C 21 17.32 7.90 47.84
CA LYS C 21 17.71 9.13 47.16
C LYS C 21 16.61 10.19 47.18
N PHE C 22 15.36 9.78 47.21
CA PHE C 22 14.24 10.72 47.12
C PHE C 22 13.16 10.31 48.11
N VAL C 23 12.34 11.29 48.48
CA VAL C 23 11.18 11.08 49.34
C VAL C 23 9.98 11.72 48.65
N ASP C 24 8.92 10.94 48.48
CA ASP C 24 7.74 11.37 47.74
C ASP C 24 6.62 11.65 48.74
N LEU C 25 6.28 12.93 48.89
CA LEU C 25 5.22 13.37 49.78
C LEU C 25 3.89 13.27 49.04
N ARG C 26 2.96 12.48 49.57
CA ARG C 26 1.72 12.15 48.90
C ARG C 26 0.52 12.60 49.71
N PHE C 27 -0.53 13.00 49.01
CA PHE C 27 -1.77 13.40 49.64
C PHE C 27 -2.91 13.19 48.64
N THR C 28 -4.14 13.33 49.11
CA THR C 28 -5.32 13.07 48.31
C THR C 28 -6.13 14.36 48.16
N ASP C 29 -6.55 14.66 46.93
CA ASP C 29 -7.41 15.80 46.67
C ASP C 29 -8.87 15.42 46.94
N THR C 30 -9.77 16.38 46.72
CA THR C 30 -11.18 16.13 46.99
C THR C 30 -11.73 15.01 46.11
N LYS C 31 -11.35 15.00 44.83
CA LYS C 31 -11.86 13.98 43.92
C LYS C 31 -11.32 12.59 44.22
N GLY C 32 -10.31 12.48 45.07
CA GLY C 32 -9.77 11.19 45.45
C GLY C 32 -8.51 10.78 44.74
N LYS C 33 -7.94 11.64 43.90
CA LYS C 33 -6.71 11.32 43.18
C LYS C 33 -5.50 11.66 44.03
N GLU C 34 -4.46 10.84 43.91
CA GLU C 34 -3.26 10.99 44.72
C GLU C 34 -2.31 11.95 44.03
N GLN C 35 -1.88 12.97 44.75
CA GLN C 35 -0.93 13.97 44.29
C GLN C 35 0.38 13.78 45.05
N HIS C 36 1.50 13.86 44.35
CA HIS C 36 2.80 13.61 44.96
C HIS C 36 3.79 14.69 44.54
N VAL C 37 4.61 15.11 45.49
CA VAL C 37 5.72 16.03 45.24
C VAL C 37 6.98 15.41 45.83
N THR C 38 8.06 15.39 45.06
CA THR C 38 9.27 14.68 45.44
C THR C 38 10.34 15.67 45.90
N ILE C 39 11.04 15.30 46.96
CA ILE C 39 12.17 16.09 47.45
C ILE C 39 13.37 15.16 47.65
N PRO C 40 14.60 15.64 47.44
CA PRO C 40 15.76 14.77 47.67
C PRO C 40 15.87 14.37 49.13
N ALA C 41 16.42 13.17 49.36
CA ALA C 41 16.47 12.62 50.70
C ALA C 41 17.22 13.52 51.67
N HIS C 42 18.22 14.25 51.18
CA HIS C 42 19.00 15.12 52.07
C HIS C 42 18.22 16.33 52.55
N GLN C 43 17.02 16.57 52.00
CA GLN C 43 16.15 17.62 52.49
C GLN C 43 15.25 17.16 53.64
N VAL C 44 15.33 15.89 54.02
CA VAL C 44 14.52 15.34 55.09
C VAL C 44 15.36 15.29 56.35
N ASN C 45 14.93 16.04 57.37
CA ASN C 45 15.63 16.11 58.64
C ASN C 45 14.60 16.17 59.75
N ALA C 46 15.07 16.35 60.99
CA ALA C 46 14.16 16.41 62.12
C ALA C 46 13.21 17.59 61.99
N GLU C 47 13.70 18.73 61.50
CA GLU C 47 12.86 19.91 61.35
C GLU C 47 11.80 19.68 60.27
N PHE C 48 12.07 18.80 59.32
CA PHE C 48 11.10 18.52 58.27
C PHE C 48 9.82 17.93 58.83
N PHE C 49 9.93 17.04 59.82
CA PHE C 49 8.77 16.40 60.40
C PHE C 49 8.01 17.29 61.38
N GLU C 50 8.57 18.44 61.75
CA GLU C 50 7.91 19.38 62.64
C GLU C 50 7.35 20.59 61.91
N GLU C 51 7.92 20.96 60.76
CA GLU C 51 7.48 22.14 60.03
C GLU C 51 6.86 21.83 58.68
N GLY C 52 7.02 20.63 58.14
CA GLY C 52 6.40 20.30 56.88
C GLY C 52 7.05 21.03 55.71
N LYS C 53 6.35 20.99 54.59
CA LYS C 53 6.77 21.65 53.37
C LYS C 53 5.65 22.55 52.87
N MET C 54 5.99 23.80 52.56
CA MET C 54 5.03 24.73 51.99
C MET C 54 4.85 24.46 50.51
N PHE C 55 3.59 24.38 50.07
CA PHE C 55 3.28 24.19 48.66
C PHE C 55 2.04 25.01 48.32
N ASP C 56 1.91 25.34 47.04
CA ASP C 56 0.79 26.13 46.55
C ASP C 56 -0.32 25.19 46.12
N GLY C 57 -1.39 25.14 46.90
CA GLY C 57 -2.52 24.28 46.61
C GLY C 57 -3.61 24.90 45.77
N SER C 58 -3.43 26.13 45.30
CA SER C 58 -4.47 26.78 44.51
C SER C 58 -4.76 26.01 43.23
N SER C 59 -3.76 25.32 42.67
CA SER C 59 -3.94 24.57 41.45
C SER C 59 -4.67 23.25 41.66
N ILE C 60 -4.86 22.82 42.91
CA ILE C 60 -5.63 21.61 43.17
C ILE C 60 -7.10 21.90 42.95
N GLY C 61 -7.85 20.84 42.61
CA GLY C 61 -9.21 20.97 42.13
C GLY C 61 -10.11 21.86 42.96
N GLY C 62 -10.44 21.44 44.18
CA GLY C 62 -11.39 22.13 45.01
C GLY C 62 -10.78 23.00 46.10
N TRP C 63 -9.49 23.26 46.05
CA TRP C 63 -8.81 24.04 47.08
C TRP C 63 -8.55 25.49 46.65
N LYS C 64 -9.09 25.90 45.52
CA LYS C 64 -8.90 27.27 45.04
C LYS C 64 -9.42 28.28 46.04
N GLY C 65 -8.53 29.05 46.65
CA GLY C 65 -8.91 30.04 47.63
C GLY C 65 -9.30 31.37 47.02
N ASP C 70 -1.16 29.46 50.50
CA ASP C 70 -0.12 28.46 50.72
C ASP C 70 -0.47 27.57 51.90
N MET C 71 -0.17 26.28 51.77
CA MET C 71 -0.50 25.29 52.79
C MET C 71 0.73 24.43 53.06
N VAL C 72 0.67 23.70 54.17
CA VAL C 72 1.80 22.91 54.66
C VAL C 72 1.50 21.44 54.41
N LEU C 73 2.47 20.74 53.83
CA LEU C 73 2.45 19.28 53.76
C LEU C 73 3.15 18.74 55.00
N MET C 74 2.38 18.10 55.88
CA MET C 74 2.94 17.56 57.12
C MET C 74 3.11 16.05 56.98
N PRO C 75 4.32 15.53 56.91
CA PRO C 75 4.48 14.09 56.77
C PRO C 75 3.95 13.33 57.97
N ASP C 76 3.41 12.15 57.70
CA ASP C 76 2.99 11.20 58.73
C ASP C 76 3.98 10.04 58.64
N ALA C 77 4.95 10.03 59.55
CA ALA C 77 6.05 9.07 59.46
C ALA C 77 5.56 7.63 59.52
N SER C 78 4.43 7.38 60.19
CA SER C 78 3.91 6.03 60.31
C SER C 78 3.50 5.43 58.97
N THR C 79 3.41 6.26 57.93
CA THR C 79 3.05 5.81 56.60
C THR C 79 4.26 5.60 55.71
N ALA C 80 5.47 5.70 56.25
CA ALA C 80 6.66 5.58 55.41
C ALA C 80 6.73 4.19 54.77
N VAL C 81 7.02 4.17 53.47
CA VAL C 81 7.10 2.92 52.72
C VAL C 81 7.89 3.18 51.45
N ILE C 82 8.69 2.19 51.06
CA ILE C 82 9.55 2.31 49.88
C ILE C 82 8.72 2.11 48.62
N ASP C 83 8.97 2.95 47.62
CA ASP C 83 8.29 2.83 46.34
C ASP C 83 8.89 1.67 45.54
N PRO C 84 8.11 0.71 45.10
CA PRO C 84 8.65 -0.43 44.33
C PRO C 84 8.72 -0.21 42.83
N PHE C 85 8.39 0.97 42.33
CA PHE C 85 8.33 1.22 40.90
C PHE C 85 9.34 2.23 40.39
N PHE C 86 9.69 3.24 41.19
CA PHE C 86 10.61 4.27 40.73
C PHE C 86 12.00 3.69 40.53
N ALA C 87 12.67 4.12 39.46
CA ALA C 87 14.00 3.61 39.17
C ALA C 87 14.99 3.98 40.28
N ASP C 88 14.91 5.22 40.78
CA ASP C 88 15.75 5.65 41.87
C ASP C 88 15.08 5.34 43.20
N SER C 89 15.88 4.91 44.18
CA SER C 89 15.35 4.52 45.48
C SER C 89 14.56 5.67 46.09
N THR C 90 13.25 5.51 46.23
CA THR C 90 12.37 6.54 46.73
C THR C 90 11.57 6.01 47.91
N LEU C 91 11.29 6.89 48.85
CA LEU C 91 10.49 6.58 50.03
C LEU C 91 9.21 7.38 49.98
N ILE C 92 8.07 6.70 50.15
CA ILE C 92 6.76 7.33 50.11
C ILE C 92 6.33 7.65 51.53
N ILE C 93 6.05 8.93 51.79
CA ILE C 93 5.47 9.36 53.05
C ILE C 93 4.16 10.06 52.74
N ARG C 94 3.08 9.60 53.35
CA ARG C 94 1.78 10.25 53.21
C ARG C 94 1.72 11.47 54.12
N CYS C 95 1.06 12.51 53.64
CA CYS C 95 1.07 13.80 54.33
C CYS C 95 -0.35 14.34 54.46
N ASP C 96 -0.56 15.11 55.52
CA ASP C 96 -1.78 15.87 55.72
C ASP C 96 -1.55 17.33 55.35
N ILE C 97 -2.60 17.98 54.87
CA ILE C 97 -2.53 19.39 54.50
C ILE C 97 -3.02 20.20 55.68
N LEU C 98 -2.14 21.05 56.21
CA LEU C 98 -2.44 21.85 57.39
C LEU C 98 -2.40 23.33 57.03
N GLU C 99 -3.19 24.11 57.74
CA GLU C 99 -3.16 25.55 57.53
C GLU C 99 -1.79 26.10 57.95
N PRO C 100 -1.25 27.07 57.21
CA PRO C 100 0.14 27.48 57.47
C PRO C 100 0.38 28.01 58.87
N GLY C 101 -0.59 28.72 59.45
CA GLY C 101 -0.38 29.37 60.72
C GLY C 101 -0.63 28.48 61.93
N THR C 102 -1.85 27.98 62.04
CA THR C 102 -2.24 27.18 63.20
C THR C 102 -1.79 25.73 63.10
N LEU C 103 -1.32 25.29 61.92
CA LEU C 103 -0.93 23.89 61.72
C LEU C 103 -2.06 22.94 62.08
N GLN C 104 -3.29 23.38 61.86
CA GLN C 104 -4.48 22.56 62.04
C GLN C 104 -4.94 22.01 60.70
N GLY C 105 -5.71 20.93 60.78
CA GLY C 105 -6.18 20.27 59.58
C GLY C 105 -6.94 21.19 58.65
N TYR C 106 -6.58 21.17 57.37
CA TYR C 106 -7.31 21.96 56.38
C TYR C 106 -8.73 21.43 56.25
N ASP C 107 -9.68 22.36 56.14
CA ASP C 107 -11.10 21.97 56.16
C ASP C 107 -11.45 21.06 55.00
N ARG C 108 -10.79 21.23 53.86
CA ARG C 108 -11.11 20.48 52.65
C ARG C 108 -10.16 19.32 52.41
N ASP C 109 -9.31 18.98 53.37
CA ASP C 109 -8.40 17.85 53.21
C ASP C 109 -9.14 16.56 53.54
N PRO C 110 -9.29 15.63 52.59
CA PRO C 110 -10.04 14.39 52.92
C PRO C 110 -9.43 13.60 54.06
N ARG C 111 -8.10 13.52 54.13
CA ARG C 111 -7.49 12.77 55.23
C ARG C 111 -7.78 13.44 56.57
N SER C 112 -7.71 14.77 56.61
CA SER C 112 -8.06 15.47 57.84
C SER C 112 -9.53 15.24 58.19
N ILE C 113 -10.41 15.21 57.20
CA ILE C 113 -11.82 14.96 57.47
C ILE C 113 -12.01 13.57 58.05
N ALA C 114 -11.33 12.57 57.51
CA ALA C 114 -11.45 11.22 58.04
C ALA C 114 -10.90 11.13 59.46
N LYS C 115 -9.77 11.77 59.72
CA LYS C 115 -9.22 11.77 61.06
C LYS C 115 -10.16 12.46 62.05
N ARG C 116 -10.77 13.56 61.63
CA ARG C 116 -11.74 14.23 62.49
C ARG C 116 -12.98 13.37 62.72
N ALA C 117 -13.39 12.60 61.72
CA ALA C 117 -14.51 11.68 61.90
C ALA C 117 -14.17 10.63 62.96
N GLU C 118 -12.97 10.06 62.89
CA GLU C 118 -12.56 9.10 63.91
C GLU C 118 -12.52 9.76 65.29
N ASP C 119 -12.00 10.99 65.35
CA ASP C 119 -11.94 11.69 66.64
C ASP C 119 -13.33 11.95 67.20
N TYR C 120 -14.28 12.30 66.33
CA TYR C 120 -15.66 12.49 66.76
C TYR C 120 -16.25 11.19 67.26
N LEU C 121 -15.97 10.08 66.57
CA LEU C 121 -16.42 8.78 67.04
C LEU C 121 -15.90 8.52 68.45
N ARG C 122 -14.62 8.80 68.69
CA ARG C 122 -14.06 8.60 70.03
C ARG C 122 -14.72 9.53 71.04
N SER C 123 -14.94 10.79 70.68
CA SER C 123 -15.49 11.77 71.61
C SER C 123 -16.91 11.41 72.02
N THR C 124 -17.73 10.95 71.08
CA THR C 124 -19.12 10.64 71.40
C THR C 124 -19.24 9.53 72.43
N GLY C 125 -18.22 8.68 72.58
CA GLY C 125 -18.27 7.59 73.52
C GLY C 125 -18.98 6.36 73.02
N ILE C 126 -19.52 6.38 71.80
CA ILE C 126 -20.24 5.22 71.27
C ILE C 126 -19.28 4.04 71.12
N ALA C 127 -18.10 4.28 70.56
CA ALA C 127 -17.12 3.23 70.33
C ALA C 127 -15.74 3.86 70.29
N ASP C 128 -14.73 3.00 70.36
CA ASP C 128 -13.33 3.42 70.35
C ASP C 128 -12.70 3.35 68.97
N THR C 129 -13.01 2.31 68.20
CA THR C 129 -12.45 2.14 66.87
C THR C 129 -13.54 1.71 65.91
N VAL C 130 -13.35 2.05 64.64
CA VAL C 130 -14.24 1.64 63.56
C VAL C 130 -13.41 0.88 62.53
N LEU C 131 -13.89 -0.30 62.15
CA LEU C 131 -13.18 -1.17 61.22
C LEU C 131 -13.89 -1.14 59.88
N PHE C 132 -13.12 -0.90 58.82
CA PHE C 132 -13.63 -0.84 57.46
C PHE C 132 -12.92 -1.91 56.64
N GLY C 133 -13.72 -2.70 55.91
CA GLY C 133 -13.19 -3.53 54.86
C GLY C 133 -13.89 -3.24 53.55
N PRO C 134 -13.19 -2.57 52.63
CA PRO C 134 -13.68 -2.42 51.27
C PRO C 134 -13.18 -3.53 50.35
N GLU C 135 -13.95 -3.77 49.30
CA GLU C 135 -13.65 -4.82 48.32
C GLU C 135 -13.71 -4.23 46.92
N PRO C 136 -12.79 -3.34 46.59
CA PRO C 136 -12.78 -2.74 45.26
C PRO C 136 -12.47 -3.75 44.17
N GLU C 137 -13.01 -3.49 42.99
CA GLU C 137 -12.74 -4.26 41.79
C GLU C 137 -12.21 -3.31 40.73
N PHE C 138 -11.61 -3.87 39.68
CA PHE C 138 -11.04 -3.04 38.63
C PHE C 138 -11.08 -3.79 37.31
N PHE C 139 -10.89 -3.05 36.23
CA PHE C 139 -10.80 -3.61 34.88
C PHE C 139 -9.39 -3.45 34.35
N LEU C 140 -8.91 -4.48 33.65
CA LEU C 140 -7.63 -4.45 32.97
C LEU C 140 -7.88 -4.50 31.48
N PHE C 141 -7.32 -3.53 30.74
CA PHE C 141 -7.53 -3.42 29.31
C PHE C 141 -6.18 -3.38 28.61
N ASP C 142 -6.18 -3.78 27.34
CA ASP C 142 -4.97 -3.64 26.53
C ASP C 142 -4.92 -2.29 25.83
N ASP C 143 -6.07 -1.70 25.51
CA ASP C 143 -6.11 -0.44 24.81
C ASP C 143 -7.40 0.29 25.16
N ILE C 144 -7.30 1.60 25.35
CA ILE C 144 -8.46 2.45 25.60
C ILE C 144 -8.25 3.73 24.79
N ARG C 145 -9.23 4.07 23.96
CA ARG C 145 -9.19 5.30 23.20
C ARG C 145 -10.51 6.04 23.40
N PHE C 146 -10.44 7.31 23.76
CA PHE C 146 -11.66 8.09 23.90
C PHE C 146 -11.37 9.53 23.54
N GLY C 147 -12.41 10.22 23.10
CA GLY C 147 -12.28 11.61 22.69
C GLY C 147 -13.64 12.23 22.45
N SER C 148 -13.64 13.56 22.44
CA SER C 148 -14.84 14.33 22.14
C SER C 148 -14.43 15.60 21.42
N SER C 149 -15.34 16.10 20.60
CA SER C 149 -15.16 17.36 19.90
C SER C 149 -16.50 17.74 19.27
N ILE C 150 -16.53 18.89 18.61
CA ILE C 150 -17.76 19.39 18.03
C ILE C 150 -18.30 18.41 17.00
N SER C 151 -17.42 17.63 16.37
CA SER C 151 -17.84 16.70 15.33
C SER C 151 -18.36 15.38 15.89
N GLY C 152 -18.28 15.15 17.18
CA GLY C 152 -18.78 13.91 17.72
C GLY C 152 -18.00 13.51 18.96
N SER C 153 -18.04 12.21 19.26
CA SER C 153 -17.34 11.66 20.40
C SER C 153 -17.14 10.16 20.16
N HIS C 154 -16.24 9.57 20.93
CA HIS C 154 -16.03 8.12 20.80
C HIS C 154 -15.34 7.57 22.04
N VAL C 155 -15.63 6.30 22.30
CA VAL C 155 -14.89 5.47 23.25
C VAL C 155 -14.76 4.08 22.64
N ALA C 156 -13.56 3.51 22.73
CA ALA C 156 -13.25 2.19 22.20
C ALA C 156 -12.36 1.47 23.19
N ILE C 157 -12.87 0.39 23.76
CA ILE C 157 -12.15 -0.46 24.70
C ILE C 157 -11.70 -1.71 23.97
N ASP C 158 -10.45 -2.10 24.16
CA ASP C 158 -9.94 -3.34 23.59
C ASP C 158 -9.15 -4.10 24.64
N ASP C 159 -9.40 -5.41 24.72
CA ASP C 159 -8.65 -6.30 25.59
C ASP C 159 -8.62 -7.67 24.95
N ILE C 160 -7.51 -8.37 25.16
CA ILE C 160 -7.37 -9.71 24.59
C ILE C 160 -8.41 -10.66 25.18
N GLU C 161 -8.83 -10.42 26.42
CA GLU C 161 -9.85 -11.26 27.05
C GLU C 161 -11.26 -10.91 26.61
N GLY C 162 -11.46 -9.79 25.94
CA GLY C 162 -12.78 -9.39 25.50
C GLY C 162 -13.41 -10.39 24.56
N ALA C 163 -14.65 -10.81 24.85
CA ALA C 163 -15.31 -11.82 24.04
C ALA C 163 -15.45 -11.35 22.59
N TRP C 164 -15.60 -10.05 22.37
CA TRP C 164 -15.74 -9.53 21.03
C TRP C 164 -14.50 -9.75 20.18
N ASN C 165 -13.37 -10.09 20.78
CA ASN C 165 -12.16 -10.40 20.05
C ASN C 165 -12.13 -11.84 19.55
N SER C 166 -13.20 -12.61 19.75
CA SER C 166 -13.20 -13.99 19.28
C SER C 166 -13.03 -14.08 17.78
N SER C 167 -13.31 -13.00 17.05
CA SER C 167 -13.11 -12.96 15.60
C SER C 167 -11.91 -12.13 15.18
N THR C 168 -11.21 -11.50 16.12
CA THR C 168 -10.10 -10.64 15.75
C THR C 168 -8.93 -11.45 15.22
N GLN C 169 -8.25 -10.91 14.21
CA GLN C 169 -7.04 -11.51 13.67
C GLN C 169 -5.84 -10.94 14.42
N TYR C 170 -5.03 -11.82 14.98
CA TYR C 170 -3.85 -11.43 15.75
C TYR C 170 -2.59 -11.95 15.05
N GLU C 171 -1.51 -11.18 15.17
CA GLU C 171 -0.21 -11.66 14.74
C GLU C 171 0.22 -12.81 15.64
N GLY C 172 0.56 -13.94 15.04
CA GLY C 172 0.80 -15.16 15.78
C GLY C 172 -0.43 -16.02 16.00
N GLY C 173 -1.60 -15.54 15.59
CA GLY C 173 -2.83 -16.31 15.66
C GLY C 173 -3.67 -15.97 16.88
N ASN C 174 -4.97 -16.15 16.74
CA ASN C 174 -5.91 -15.99 17.83
C ASN C 174 -6.04 -17.31 18.57
N LYS C 175 -5.98 -17.25 19.90
CA LYS C 175 -5.94 -18.45 20.72
C LYS C 175 -7.29 -18.80 21.33
N GLY C 176 -8.34 -18.08 20.98
CA GLY C 176 -9.69 -18.53 21.30
C GLY C 176 -10.15 -18.45 22.73
N HIS C 177 -9.35 -18.94 23.66
CA HIS C 177 -9.78 -19.08 25.06
C HIS C 177 -10.00 -17.70 25.65
N ARG C 178 -11.26 -17.30 25.77
CA ARG C 178 -11.64 -16.02 26.33
C ARG C 178 -12.85 -16.23 27.24
N PRO C 179 -12.99 -15.41 28.28
CA PRO C 179 -14.21 -15.49 29.11
C PRO C 179 -15.40 -14.88 28.38
N ALA C 180 -16.52 -15.59 28.39
CA ALA C 180 -17.73 -15.07 27.78
C ALA C 180 -18.27 -13.92 28.62
N VAL C 181 -19.25 -13.20 28.04
CA VAL C 181 -19.86 -12.10 28.76
C VAL C 181 -20.53 -12.63 30.02
N LYS C 182 -20.18 -12.03 31.16
CA LYS C 182 -20.68 -12.49 32.47
C LYS C 182 -20.28 -13.95 32.72
N GLY C 183 -19.06 -14.30 32.31
CA GLY C 183 -18.59 -15.66 32.46
C GLY C 183 -17.13 -15.74 32.86
N GLY C 184 -16.62 -14.70 33.51
CA GLY C 184 -15.23 -14.66 33.93
C GLY C 184 -15.03 -14.93 35.41
N TYR C 185 -16.04 -15.49 36.07
CA TYR C 185 -16.02 -15.76 37.50
C TYR C 185 -16.23 -17.25 37.72
N PHE C 186 -15.14 -18.01 37.79
CA PHE C 186 -13.75 -17.60 37.57
C PHE C 186 -12.94 -18.78 36.99
N PRO C 187 -12.97 -18.92 35.67
CA PRO C 187 -12.33 -20.09 35.06
C PRO C 187 -10.81 -20.06 35.22
N VAL C 188 -10.22 -21.25 35.07
CA VAL C 188 -8.78 -21.46 35.19
C VAL C 188 -8.11 -21.01 33.89
N PRO C 189 -6.84 -20.62 33.91
CA PRO C 189 -6.16 -20.26 32.66
C PRO C 189 -6.19 -21.42 31.68
N PRO C 190 -6.00 -21.14 30.38
CA PRO C 190 -5.65 -19.85 29.77
C PRO C 190 -6.85 -18.95 29.53
N VAL C 191 -8.06 -19.35 29.94
CA VAL C 191 -9.20 -18.45 29.85
C VAL C 191 -8.98 -17.23 30.72
N ASP C 192 -8.47 -17.44 31.93
CA ASP C 192 -8.07 -16.35 32.82
C ASP C 192 -6.62 -16.01 32.51
N SER C 193 -6.40 -14.84 31.93
CA SER C 193 -5.08 -14.43 31.47
C SER C 193 -4.40 -13.44 32.42
N ALA C 194 -4.92 -13.27 33.64
CA ALA C 194 -4.42 -12.28 34.57
C ALA C 194 -3.90 -12.89 35.86
N GLN C 195 -3.57 -14.18 35.86
CA GLN C 195 -3.08 -14.82 37.08
C GLN C 195 -1.76 -14.23 37.52
N ASP C 196 -0.79 -14.13 36.60
CA ASP C 196 0.52 -13.61 36.96
C ASP C 196 0.45 -12.15 37.38
N ILE C 197 -0.33 -11.36 36.66
CA ILE C 197 -0.43 -9.94 36.99
C ILE C 197 -1.09 -9.76 38.35
N ARG C 198 -2.15 -10.53 38.64
CA ARG C 198 -2.78 -10.44 39.94
C ARG C 198 -1.83 -10.87 41.05
N SER C 199 -1.07 -11.94 40.84
CA SER C 199 -0.13 -12.38 41.86
C SER C 199 0.94 -11.33 42.11
N GLU C 200 1.45 -10.70 41.05
CA GLU C 200 2.48 -9.69 41.22
C GLU C 200 1.91 -8.47 41.94
N MET C 201 0.66 -8.12 41.63
CA MET C 201 -0.02 -7.05 42.37
C MET C 201 -0.08 -7.40 43.85
N CYS C 202 -0.45 -8.64 44.16
CA CYS C 202 -0.56 -9.04 45.56
C CYS C 202 0.79 -8.95 46.26
N LEU C 203 1.85 -9.41 45.60
CA LEU C 203 3.18 -9.36 46.20
C LEU C 203 3.62 -7.92 46.45
N VAL C 204 3.37 -7.04 45.48
CA VAL C 204 3.75 -5.63 45.65
C VAL C 204 2.93 -5.00 46.77
N MET C 205 1.66 -5.34 46.87
CA MET C 205 0.84 -4.81 47.96
C MET C 205 1.38 -5.27 49.31
N GLU C 206 1.77 -6.55 49.40
CA GLU C 206 2.36 -7.04 50.64
C GLU C 206 3.65 -6.28 50.96
N GLN C 207 4.45 -5.99 49.93
CA GLN C 207 5.64 -5.17 50.16
C GLN C 207 5.28 -3.79 50.69
N MET C 208 4.25 -3.18 50.11
CA MET C 208 3.83 -1.83 50.49
C MET C 208 3.08 -1.80 51.82
N GLY C 209 2.75 -2.94 52.39
CA GLY C 209 2.22 -3.00 53.73
C GLY C 209 0.78 -3.44 53.85
N LEU C 210 0.16 -3.90 52.77
CA LEU C 210 -1.19 -4.42 52.83
C LEU C 210 -1.15 -5.90 53.16
N VAL C 211 -2.22 -6.38 53.80
CA VAL C 211 -2.42 -7.80 54.03
C VAL C 211 -3.44 -8.28 52.99
N VAL C 212 -3.01 -9.14 52.09
CA VAL C 212 -3.87 -9.64 51.03
C VAL C 212 -4.54 -10.91 51.52
N GLU C 213 -5.86 -10.98 51.32
CA GLU C 213 -6.65 -12.15 51.64
C GLU C 213 -6.84 -13.06 50.42
N ALA C 214 -7.05 -12.49 49.24
CA ALA C 214 -7.26 -13.30 48.06
C ALA C 214 -7.14 -12.43 46.81
N HIS C 215 -7.15 -13.07 45.65
CA HIS C 215 -7.28 -12.38 44.38
C HIS C 215 -7.93 -13.32 43.37
N HIS C 216 -8.78 -12.77 42.50
CA HIS C 216 -9.43 -13.61 41.51
C HIS C 216 -10.00 -12.76 40.38
N HIS C 217 -10.39 -13.46 39.32
CA HIS C 217 -11.10 -12.87 38.19
C HIS C 217 -12.55 -12.60 38.59
N GLU C 218 -13.15 -11.62 37.93
CA GLU C 218 -14.51 -11.19 38.24
C GLU C 218 -15.44 -11.53 37.08
N VAL C 219 -16.71 -11.18 37.26
CA VAL C 219 -17.76 -11.66 36.36
C VAL C 219 -17.54 -11.15 34.94
N ALA C 220 -17.17 -9.88 34.79
CA ALA C 220 -17.11 -9.29 33.47
C ALA C 220 -16.02 -9.95 32.62
N THR C 221 -16.07 -9.68 31.32
CA THR C 221 -15.25 -10.39 30.35
C THR C 221 -13.92 -9.70 30.08
N ALA C 222 -13.91 -8.37 29.97
CA ALA C 222 -12.72 -7.64 29.56
C ALA C 222 -11.79 -7.40 30.74
N GLY C 223 -11.32 -8.51 31.31
CA GLY C 223 -10.30 -8.46 32.34
C GLY C 223 -10.71 -7.76 33.62
N GLN C 224 -11.89 -8.09 34.14
CA GLN C 224 -12.29 -7.60 35.45
C GLN C 224 -11.70 -8.49 36.53
N ASN C 225 -11.03 -7.88 37.50
CA ASN C 225 -10.29 -8.59 38.52
C ASN C 225 -10.52 -7.89 39.86
N GLU C 226 -10.30 -8.63 40.93
CA GLU C 226 -10.28 -8.03 42.26
C GLU C 226 -9.23 -8.69 43.13
N VAL C 227 -8.58 -7.89 43.95
CA VAL C 227 -7.67 -8.36 44.99
C VAL C 227 -8.28 -7.95 46.32
N ALA C 228 -8.68 -8.94 47.11
CA ALA C 228 -9.32 -8.71 48.41
C ALA C 228 -8.25 -8.64 49.48
N THR C 229 -8.22 -7.52 50.19
CA THR C 229 -7.26 -7.23 51.24
C THR C 229 -7.96 -7.22 52.60
N ARG C 230 -7.17 -7.34 53.66
CA ARG C 230 -7.73 -7.42 55.00
C ARG C 230 -8.26 -6.06 55.44
N PHE C 231 -9.24 -6.08 56.32
CA PHE C 231 -9.85 -4.87 56.84
C PHE C 231 -8.84 -4.10 57.70
N ASN C 232 -9.22 -2.90 58.09
CA ASN C 232 -8.36 -2.09 58.96
C ASN C 232 -9.17 -0.89 59.44
N THR C 233 -8.57 -0.10 60.33
CA THR C 233 -9.24 1.09 60.81
C THR C 233 -9.47 2.06 59.65
N MET C 234 -10.30 3.08 59.91
CA MET C 234 -10.86 3.87 58.84
C MET C 234 -9.78 4.60 58.04
N THR C 235 -9.06 5.51 58.68
CA THR C 235 -8.05 6.29 57.96
C THR C 235 -6.93 5.39 57.44
N LYS C 236 -6.53 4.40 58.24
CA LYS C 236 -5.52 3.46 57.79
C LYS C 236 -6.00 2.72 56.55
N LYS C 237 -7.26 2.30 56.53
CA LYS C 237 -7.75 1.57 55.37
C LYS C 237 -7.95 2.49 54.17
N ALA C 238 -8.21 3.77 54.38
CA ALA C 238 -8.26 4.70 53.26
C ALA C 238 -6.88 4.88 52.64
N ASP C 239 -5.85 5.01 53.47
CA ASP C 239 -4.49 5.03 52.94
C ASP C 239 -4.18 3.72 52.22
N GLU C 240 -4.66 2.60 52.76
CA GLU C 240 -4.44 1.31 52.12
C GLU C 240 -5.13 1.25 50.77
N ILE C 241 -6.31 1.84 50.65
CA ILE C 241 -7.00 1.88 49.36
C ILE C 241 -6.23 2.73 48.35
N GLN C 242 -5.68 3.86 48.82
CA GLN C 242 -4.86 4.67 47.92
C GLN C 242 -3.66 3.88 47.43
N ILE C 243 -2.99 3.17 48.35
CA ILE C 243 -1.86 2.32 47.96
C ILE C 243 -2.33 1.22 47.01
N TYR C 244 -3.51 0.67 47.26
CA TYR C 244 -4.05 -0.39 46.42
C TYR C 244 -4.23 0.09 44.99
N LYS C 245 -4.86 1.25 44.83
CA LYS C 245 -5.07 1.80 43.49
C LYS C 245 -3.75 2.13 42.81
N TYR C 246 -2.82 2.72 43.56
CA TYR C 246 -1.50 3.02 43.00
C TYR C 246 -0.82 1.76 42.49
N VAL C 247 -0.82 0.70 43.31
CA VAL C 247 -0.16 -0.54 42.93
C VAL C 247 -0.82 -1.15 41.71
N VAL C 248 -2.16 -1.18 41.69
CA VAL C 248 -2.85 -1.76 40.55
C VAL C 248 -2.51 -1.01 39.27
N HIS C 249 -2.57 0.32 39.32
CA HIS C 249 -2.28 1.10 38.12
C HIS C 249 -0.86 0.85 37.64
N ASN C 250 0.11 0.88 38.55
CA ASN C 250 1.50 0.78 38.13
C ASN C 250 1.84 -0.62 37.63
N VAL C 251 1.30 -1.65 38.28
CA VAL C 251 1.53 -3.01 37.79
C VAL C 251 0.90 -3.20 36.42
N ALA C 252 -0.32 -2.71 36.22
CA ALA C 252 -0.94 -2.83 34.92
C ALA C 252 -0.12 -2.11 33.86
N HIS C 253 0.40 -0.94 34.19
CA HIS C 253 1.26 -0.22 33.25
C HIS C 253 2.52 -1.02 32.93
N ARG C 254 3.13 -1.62 33.96
CA ARG C 254 4.36 -2.36 33.75
C ARG C 254 4.16 -3.67 33.01
N PHE C 255 2.94 -4.20 33.00
CA PHE C 255 2.62 -5.40 32.22
C PHE C 255 2.08 -5.08 30.84
N GLY C 256 2.06 -3.81 30.44
CA GLY C 256 1.48 -3.44 29.18
C GLY C 256 -0.03 -3.30 29.20
N LYS C 257 -0.64 -3.31 30.37
CA LYS C 257 -2.08 -3.19 30.50
C LYS C 257 -2.45 -1.78 30.95
N THR C 258 -3.74 -1.59 31.22
CA THR C 258 -4.27 -0.32 31.69
C THR C 258 -5.39 -0.65 32.68
N ALA C 259 -5.22 -0.23 33.92
CA ALA C 259 -6.23 -0.48 34.94
C ALA C 259 -7.18 0.70 35.04
N THR C 260 -8.44 0.39 35.36
CA THR C 260 -9.43 1.43 35.56
C THR C 260 -10.38 1.01 36.67
N PHE C 261 -10.72 1.96 37.53
CA PHE C 261 -11.67 1.77 38.60
C PHE C 261 -13.02 2.43 38.31
N MET C 262 -13.32 2.65 37.03
CA MET C 262 -14.62 3.20 36.67
C MET C 262 -15.72 2.25 37.12
N PRO C 263 -16.83 2.75 37.66
CA PRO C 263 -17.91 1.84 38.06
C PRO C 263 -18.48 1.03 36.91
N LYS C 264 -18.56 1.61 35.71
CA LYS C 264 -19.23 0.97 34.58
C LYS C 264 -18.56 1.39 33.29
N PRO C 265 -17.48 0.71 32.89
CA PRO C 265 -16.84 1.04 31.62
C PRO C 265 -17.56 0.44 30.41
N MET C 266 -18.29 -0.66 30.60
CA MET C 266 -18.97 -1.32 29.50
C MET C 266 -20.43 -1.52 29.84
N PHE C 267 -21.26 -1.50 28.81
CA PHE C 267 -22.68 -1.79 28.93
C PHE C 267 -22.92 -3.25 28.56
N GLY C 268 -23.89 -3.87 29.23
CA GLY C 268 -24.17 -5.27 29.04
C GLY C 268 -23.26 -6.21 29.79
N ASP C 269 -22.31 -5.68 30.56
CA ASP C 269 -21.43 -6.49 31.38
C ASP C 269 -21.38 -5.90 32.78
N ASN C 270 -21.02 -6.74 33.74
CA ASN C 270 -21.05 -6.34 35.14
C ASN C 270 -20.11 -5.15 35.38
N GLY C 271 -20.54 -4.27 36.27
CA GLY C 271 -19.73 -3.12 36.66
C GLY C 271 -18.84 -3.44 37.85
N SER C 272 -18.08 -2.43 38.25
CA SER C 272 -17.13 -2.53 39.35
C SER C 272 -17.70 -1.83 40.57
N GLY C 273 -17.74 -2.54 41.70
CA GLY C 273 -18.24 -1.99 42.94
C GLY C 273 -17.24 -2.17 44.06
N MET C 274 -17.47 -1.44 45.15
CA MET C 274 -16.62 -1.48 46.34
C MET C 274 -17.52 -1.68 47.55
N HIS C 275 -17.82 -2.94 47.86
CA HIS C 275 -18.60 -3.24 49.06
C HIS C 275 -17.79 -2.89 50.29
N CYS C 276 -18.39 -2.15 51.22
CA CYS C 276 -17.71 -1.65 52.40
C CYS C 276 -18.26 -2.36 53.63
N HIS C 277 -17.45 -3.24 54.21
CA HIS C 277 -17.80 -3.86 55.49
C HIS C 277 -17.46 -2.91 56.62
N MET C 278 -18.34 -2.84 57.61
CA MET C 278 -18.17 -1.93 58.73
C MET C 278 -18.43 -2.64 60.04
N SER C 279 -17.71 -2.22 61.07
CA SER C 279 -17.90 -2.71 62.42
C SER C 279 -17.38 -1.68 63.39
N LEU C 280 -17.85 -1.74 64.63
CA LEU C 280 -17.43 -0.84 65.69
C LEU C 280 -16.98 -1.67 66.87
N SER C 281 -15.90 -1.23 67.52
CA SER C 281 -15.34 -1.93 68.67
C SER C 281 -15.04 -0.93 69.78
N LYS C 282 -15.25 -1.36 71.02
CA LYS C 282 -14.91 -0.56 72.20
C LYS C 282 -14.28 -1.49 73.22
N ASN C 283 -13.07 -1.16 73.65
CA ASN C 283 -12.33 -1.99 74.60
C ASN C 283 -12.16 -3.41 74.07
N GLY C 284 -11.94 -3.54 72.77
CA GLY C 284 -11.72 -4.83 72.17
C GLY C 284 -12.96 -5.67 72.01
N VAL C 285 -14.15 -5.11 72.21
CA VAL C 285 -15.41 -5.81 72.11
C VAL C 285 -16.16 -5.30 70.90
N ASN C 286 -16.59 -6.21 70.03
CA ASN C 286 -17.37 -5.83 68.86
C ASN C 286 -18.76 -5.39 69.30
N LEU C 287 -19.12 -4.15 68.97
CA LEU C 287 -20.41 -3.60 69.35
C LEU C 287 -21.53 -4.00 68.40
N PHE C 288 -21.21 -4.57 67.24
CA PHE C 288 -22.21 -5.00 66.28
C PHE C 288 -22.66 -6.43 66.51
N ALA C 289 -22.19 -7.07 67.58
CA ALA C 289 -22.55 -8.44 67.90
C ALA C 289 -23.59 -8.46 69.01
N GLY C 290 -24.66 -9.22 68.81
CA GLY C 290 -25.72 -9.26 69.79
C GLY C 290 -26.71 -10.35 69.46
N ASP C 291 -27.85 -10.30 70.14
CA ASP C 291 -28.89 -11.32 70.01
C ASP C 291 -30.00 -10.93 69.04
N LYS C 292 -29.89 -9.79 68.38
CA LYS C 292 -30.91 -9.35 67.44
C LYS C 292 -30.73 -10.06 66.10
N TYR C 293 -31.42 -9.57 65.07
CA TYR C 293 -31.44 -10.23 63.78
C TYR C 293 -30.03 -10.52 63.28
N ALA C 294 -29.81 -11.76 62.84
CA ALA C 294 -28.55 -12.19 62.26
C ALA C 294 -27.40 -11.98 63.23
N GLY C 295 -27.68 -12.04 64.53
CA GLY C 295 -26.65 -11.85 65.53
C GLY C 295 -26.22 -10.41 65.71
N LEU C 296 -26.96 -9.45 65.15
CA LEU C 296 -26.61 -8.05 65.30
C LEU C 296 -27.05 -7.54 66.66
N SER C 297 -26.60 -6.33 66.99
CA SER C 297 -26.96 -5.65 68.21
C SER C 297 -27.84 -4.45 67.90
N GLU C 298 -28.40 -3.87 68.96
CA GLU C 298 -29.22 -2.67 68.80
C GLU C 298 -28.41 -1.54 68.18
N GLN C 299 -27.16 -1.40 68.59
CA GLN C 299 -26.28 -0.41 67.96
C GLN C 299 -26.12 -0.69 66.48
N ALA C 300 -25.97 -1.96 66.10
CA ALA C 300 -25.83 -2.30 64.69
C ALA C 300 -27.10 -1.94 63.92
N LEU C 301 -28.27 -2.22 64.48
CA LEU C 301 -29.51 -1.87 63.81
C LEU C 301 -29.64 -0.36 63.66
N TYR C 302 -29.26 0.40 64.69
CA TYR C 302 -29.33 1.85 64.60
C TYR C 302 -28.36 2.37 63.54
N TYR C 303 -27.17 1.78 63.45
CA TYR C 303 -26.21 2.14 62.41
C TYR C 303 -26.80 1.89 61.03
N ILE C 304 -27.44 0.73 60.84
CA ILE C 304 -28.09 0.43 59.57
C ILE C 304 -29.17 1.44 59.28
N GLY C 305 -29.94 1.81 60.29
CA GLY C 305 -31.01 2.79 60.08
C GLY C 305 -30.48 4.15 59.68
N GLY C 306 -29.39 4.59 60.31
CA GLY C 306 -28.79 5.85 59.90
C GLY C 306 -28.26 5.81 58.48
N VAL C 307 -27.61 4.71 58.11
CA VAL C 307 -27.10 4.59 56.76
C VAL C 307 -28.25 4.61 55.75
N ILE C 308 -29.36 3.94 56.09
CA ILE C 308 -30.51 3.93 55.20
C ILE C 308 -31.12 5.33 55.09
N LYS C 309 -31.25 6.03 56.20
CA LYS C 309 -31.84 7.36 56.17
C LYS C 309 -31.02 8.33 55.34
N HIS C 310 -29.69 8.31 55.51
CA HIS C 310 -28.81 9.23 54.81
C HIS C 310 -28.16 8.61 53.59
N ALA C 311 -28.79 7.59 53.00
CA ALA C 311 -28.17 6.88 51.89
C ALA C 311 -28.00 7.78 50.67
N LYS C 312 -29.01 8.58 50.35
CA LYS C 312 -28.90 9.45 49.17
C LYS C 312 -27.81 10.49 49.34
N ALA C 313 -27.70 11.08 50.54
CA ALA C 313 -26.62 12.01 50.80
C ALA C 313 -25.27 11.32 50.72
N ILE C 314 -25.18 10.09 51.24
CA ILE C 314 -23.94 9.33 51.15
C ILE C 314 -23.57 9.10 49.69
N ASN C 315 -24.58 8.86 48.84
CA ASN C 315 -24.31 8.56 47.44
C ASN C 315 -23.48 9.65 46.78
N ALA C 316 -23.63 10.90 47.20
CA ALA C 316 -22.84 11.96 46.60
C ALA C 316 -21.34 11.77 46.83
N LEU C 317 -20.96 11.00 47.86
CA LEU C 317 -19.56 10.76 48.18
C LEU C 317 -19.10 9.35 47.90
N ALA C 318 -20.00 8.38 48.00
CA ALA C 318 -19.68 6.98 47.72
C ALA C 318 -19.86 6.61 46.27
N ASN C 319 -20.69 7.35 45.53
CA ASN C 319 -20.88 7.16 44.09
C ASN C 319 -20.81 8.53 43.44
N PRO C 320 -19.62 9.14 43.43
CA PRO C 320 -19.51 10.56 43.05
C PRO C 320 -19.39 10.81 41.55
N THR C 321 -19.65 9.83 40.72
CA THR C 321 -19.50 9.97 39.28
C THR C 321 -20.81 9.62 38.59
N THR C 322 -21.06 10.27 37.47
CA THR C 322 -22.23 9.94 36.67
C THR C 322 -22.20 8.48 36.24
N ASN C 323 -21.00 7.93 36.03
CA ASN C 323 -20.88 6.55 35.59
C ASN C 323 -21.35 5.58 36.65
N SER C 324 -21.28 5.97 37.93
CA SER C 324 -21.70 5.08 39.00
C SER C 324 -23.17 4.70 38.89
N TYR C 325 -23.99 5.62 38.40
CA TYR C 325 -25.42 5.38 38.29
C TYR C 325 -25.75 4.64 37.00
N LYS C 326 -24.74 4.30 36.21
CA LYS C 326 -24.89 3.31 35.16
C LYS C 326 -24.93 1.90 35.73
N ARG C 327 -24.22 1.65 36.83
CA ARG C 327 -24.30 0.36 37.51
C ARG C 327 -25.33 0.33 38.63
N LEU C 328 -25.61 1.48 39.25
CA LEU C 328 -26.69 1.57 40.23
C LEU C 328 -28.03 1.72 39.51
N VAL C 329 -28.39 0.69 38.77
CA VAL C 329 -29.66 0.62 38.06
C VAL C 329 -30.37 -0.67 38.43
N PRO C 330 -31.71 -0.70 38.47
CA PRO C 330 -32.39 -1.96 38.74
C PRO C 330 -32.03 -3.03 37.72
N GLY C 331 -31.90 -4.27 38.21
CA GLY C 331 -31.57 -5.39 37.35
C GLY C 331 -30.09 -5.48 37.06
N ALA C 334 -25.39 -5.36 41.71
CA ALA C 334 -25.65 -3.95 41.92
C ALA C 334 -27.01 -3.75 42.57
N PRO C 335 -27.06 -3.77 43.91
CA PRO C 335 -28.33 -3.56 44.61
C PRO C 335 -28.64 -2.10 44.83
N VAL C 336 -29.92 -1.75 44.70
CA VAL C 336 -30.39 -0.38 44.84
C VAL C 336 -31.38 -0.20 45.97
N MET C 337 -31.93 -1.29 46.52
CA MET C 337 -32.91 -1.18 47.59
C MET C 337 -32.22 -0.89 48.91
N LEU C 338 -32.77 0.07 49.66
CA LEU C 338 -32.22 0.44 50.96
C LEU C 338 -32.92 -0.39 52.03
N ALA C 339 -32.45 -1.62 52.18
CA ALA C 339 -32.95 -2.53 53.20
C ALA C 339 -31.81 -3.44 53.62
N TYR C 340 -31.98 -4.11 54.75
CA TYR C 340 -30.96 -5.00 55.28
C TYR C 340 -31.51 -6.42 55.38
N SER C 341 -30.71 -7.37 54.91
CA SER C 341 -31.08 -8.78 54.95
C SER C 341 -29.82 -9.62 54.86
N ALA C 342 -29.83 -10.74 55.57
CA ALA C 342 -28.69 -11.66 55.58
C ALA C 342 -28.71 -12.65 54.42
N ARG C 343 -29.81 -12.74 53.70
CA ARG C 343 -29.94 -13.70 52.60
C ARG C 343 -30.36 -13.06 51.29
N ASN C 344 -31.23 -12.04 51.34
CA ASN C 344 -31.72 -11.42 50.12
C ASN C 344 -30.60 -10.70 49.41
N ARG C 345 -30.46 -10.95 48.11
CA ARG C 345 -29.43 -10.32 47.31
C ARG C 345 -29.90 -9.05 46.62
N SER C 346 -31.14 -8.63 46.86
CA SER C 346 -31.64 -7.35 46.37
C SER C 346 -31.46 -6.23 47.38
N ALA C 347 -30.89 -6.53 48.55
CA ALA C 347 -30.70 -5.53 49.59
C ALA C 347 -29.33 -4.90 49.47
N SER C 348 -29.29 -3.56 49.53
CA SER C 348 -28.01 -2.87 49.47
C SER C 348 -27.16 -3.14 50.71
N ILE C 349 -27.80 -3.34 51.86
CA ILE C 349 -27.12 -3.66 53.10
C ILE C 349 -27.32 -5.15 53.38
N ARG C 350 -26.22 -5.86 53.61
CA ARG C 350 -26.27 -7.28 53.92
C ARG C 350 -25.51 -7.54 55.21
N ILE C 351 -25.88 -8.63 55.88
CA ILE C 351 -25.23 -9.02 57.12
C ILE C 351 -24.52 -10.35 56.87
N PRO C 352 -23.21 -10.35 56.64
CA PRO C 352 -22.53 -11.61 56.30
C PRO C 352 -22.67 -12.65 57.40
N VAL C 353 -22.81 -13.91 56.99
CA VAL C 353 -22.85 -15.02 57.92
C VAL C 353 -21.43 -15.34 58.37
N VAL C 354 -21.13 -15.10 59.65
CA VAL C 354 -19.78 -15.22 60.17
C VAL C 354 -19.83 -16.10 61.42
N SER C 355 -18.81 -16.95 61.57
CA SER C 355 -18.79 -17.88 62.69
C SER C 355 -18.65 -17.17 64.03
N SER C 356 -17.67 -16.27 64.13
CA SER C 356 -17.36 -15.71 65.44
C SER C 356 -17.98 -14.33 65.63
N PRO C 357 -18.57 -14.05 66.80
CA PRO C 357 -19.17 -12.72 67.00
C PRO C 357 -18.17 -11.60 66.83
N LYS C 358 -16.90 -11.84 67.13
CA LYS C 358 -15.88 -10.80 66.99
C LYS C 358 -15.80 -10.29 65.55
N ALA C 359 -16.27 -11.06 64.59
CA ALA C 359 -16.23 -10.64 63.18
C ALA C 359 -17.60 -10.24 62.65
N ARG C 360 -18.55 -9.94 63.54
CA ARG C 360 -19.85 -9.46 63.10
C ARG C 360 -19.72 -8.07 62.47
N ARG C 361 -20.40 -7.87 61.35
CA ARG C 361 -20.25 -6.64 60.59
C ARG C 361 -21.43 -6.46 59.66
N ILE C 362 -21.57 -5.25 59.12
CA ILE C 362 -22.56 -4.92 58.11
C ILE C 362 -21.84 -4.55 56.83
N GLU C 363 -22.32 -5.08 55.70
CA GLU C 363 -21.74 -4.82 54.39
C GLU C 363 -22.68 -3.90 53.62
N VAL C 364 -22.19 -2.72 53.27
CA VAL C 364 -22.92 -1.76 52.46
C VAL C 364 -22.40 -1.88 51.03
N ARG C 365 -23.31 -2.17 50.09
CA ARG C 365 -22.91 -2.65 48.77
C ARG C 365 -22.98 -1.61 47.67
N PHE C 366 -23.67 -0.49 47.89
CA PHE C 366 -23.82 0.47 46.80
C PHE C 366 -22.54 1.22 46.44
N PRO C 367 -21.60 1.46 47.37
CA PRO C 367 -20.41 2.23 47.01
C PRO C 367 -19.62 1.58 45.88
N ASP C 368 -18.98 2.42 45.08
CA ASP C 368 -18.15 2.01 43.96
C ASP C 368 -16.73 2.54 44.14
N PRO C 369 -15.73 1.92 43.48
CA PRO C 369 -14.34 2.26 43.77
C PRO C 369 -13.90 3.63 43.25
N ALA C 370 -14.73 4.32 42.48
CA ALA C 370 -14.40 5.68 42.07
C ALA C 370 -14.53 6.67 43.21
N ALA C 371 -15.07 6.26 44.35
CA ALA C 371 -15.28 7.16 45.48
C ALA C 371 -13.96 7.54 46.12
N ASN C 372 -13.92 8.74 46.68
CA ASN C 372 -12.80 9.14 47.52
C ASN C 372 -12.86 8.31 48.80
N PRO C 373 -11.83 7.52 49.12
CA PRO C 373 -11.97 6.62 50.28
C PRO C 373 -12.22 7.36 51.58
N TYR C 374 -11.46 8.42 51.84
CA TYR C 374 -11.61 9.14 53.09
C TYR C 374 -13.02 9.69 53.24
N LEU C 375 -13.49 10.41 52.21
CA LEU C 375 -14.80 11.04 52.30
C LEU C 375 -15.91 10.00 52.37
N CYS C 376 -15.81 8.93 51.58
CA CYS C 376 -16.85 7.90 51.59
C CYS C 376 -16.94 7.25 52.97
N PHE C 377 -15.79 6.84 53.53
CA PHE C 377 -15.80 6.20 54.83
C PHE C 377 -16.29 7.15 55.91
N ALA C 378 -15.88 8.42 55.84
CA ALA C 378 -16.34 9.40 56.82
C ALA C 378 -17.84 9.58 56.74
N ALA C 379 -18.40 9.65 55.53
CA ALA C 379 -19.84 9.81 55.37
C ALA C 379 -20.58 8.62 55.94
N LEU C 380 -20.11 7.40 55.63
CA LEU C 380 -20.77 6.22 56.16
C LEU C 380 -20.72 6.19 57.68
N LEU C 381 -19.55 6.49 58.25
CA LEU C 381 -19.43 6.49 59.71
C LEU C 381 -20.31 7.55 60.34
N MET C 382 -20.37 8.74 59.75
CA MET C 382 -21.18 9.81 60.33
C MET C 382 -22.67 9.48 60.24
N ALA C 383 -23.11 8.90 59.13
CA ALA C 383 -24.51 8.49 59.04
C ALA C 383 -24.82 7.43 60.09
N GLY C 384 -23.93 6.45 60.26
CA GLY C 384 -24.15 5.44 61.28
C GLY C 384 -24.21 6.02 62.68
N LEU C 385 -23.32 6.98 62.97
CA LEU C 385 -23.32 7.59 64.29
C LEU C 385 -24.58 8.42 64.52
N ASP C 386 -25.06 9.11 63.49
CA ASP C 386 -26.34 9.81 63.61
C ASP C 386 -27.47 8.83 63.89
N GLY C 387 -27.46 7.69 63.20
CA GLY C 387 -28.45 6.66 63.47
C GLY C 387 -28.39 6.17 64.91
N ILE C 388 -27.18 5.96 65.43
CA ILE C 388 -27.03 5.49 66.80
C ILE C 388 -27.52 6.55 67.78
N LYS C 389 -27.14 7.81 67.57
CA LYS C 389 -27.49 8.87 68.51
C LYS C 389 -28.99 9.12 68.53
N ASN C 390 -29.62 9.18 67.37
CA ASN C 390 -31.05 9.45 67.29
C ASN C 390 -31.89 8.18 67.36
N LYS C 391 -31.28 7.00 67.50
CA LYS C 391 -31.98 5.74 67.66
C LYS C 391 -32.96 5.53 66.49
N ILE C 392 -32.40 5.53 65.29
CA ILE C 392 -33.16 5.33 64.06
C ILE C 392 -33.26 3.83 63.81
N HIS C 393 -34.43 3.26 64.07
CA HIS C 393 -34.64 1.84 63.83
C HIS C 393 -34.87 1.60 62.35
N PRO C 394 -34.13 0.69 61.72
CA PRO C 394 -34.27 0.49 60.27
C PRO C 394 -35.49 -0.30 59.86
N GLY C 395 -36.31 -0.76 60.81
CA GLY C 395 -37.45 -1.60 60.48
C GLY C 395 -37.07 -3.07 60.46
N GLU C 396 -37.89 -3.85 59.76
CA GLU C 396 -37.69 -5.28 59.66
C GLU C 396 -36.81 -5.61 58.46
N ALA C 397 -36.14 -6.76 58.55
CA ALA C 397 -35.26 -7.20 57.49
C ALA C 397 -36.06 -7.55 56.24
N MET C 398 -35.46 -7.27 55.09
CA MET C 398 -36.10 -7.56 53.80
C MET C 398 -35.75 -9.00 53.39
N ASP C 399 -36.37 -9.93 54.12
CA ASP C 399 -36.19 -11.36 53.86
C ASP C 399 -37.20 -11.92 52.87
N LYS C 400 -38.17 -11.12 52.44
CA LYS C 400 -39.19 -11.60 51.51
C LYS C 400 -38.56 -11.93 50.16
N ALA C 410 -44.06 -2.82 46.13
CA ALA C 410 -42.83 -2.67 46.89
C ALA C 410 -42.20 -1.30 46.66
N LYS C 411 -43.02 -0.34 46.22
CA LYS C 411 -42.54 1.01 45.98
C LYS C 411 -42.28 1.78 47.27
N GLU C 412 -42.69 1.23 48.42
CA GLU C 412 -42.44 1.90 49.69
C GLU C 412 -41.00 1.76 50.15
N ILE C 413 -40.24 0.83 49.58
CA ILE C 413 -38.84 0.62 49.97
C ILE C 413 -37.99 1.73 49.38
N PRO C 414 -37.25 2.49 50.19
CA PRO C 414 -36.40 3.53 49.62
C PRO C 414 -35.25 2.94 48.81
N GLN C 415 -34.78 3.73 47.85
CA GLN C 415 -33.72 3.32 46.94
C GLN C 415 -32.62 4.37 46.92
N VAL C 416 -31.44 3.93 46.49
CA VAL C 416 -30.33 4.86 46.35
C VAL C 416 -30.65 5.90 45.29
N ALA C 417 -29.88 6.99 45.30
CA ALA C 417 -30.10 8.06 44.34
C ALA C 417 -29.96 7.53 42.92
N GLY C 418 -30.88 7.94 42.06
CA GLY C 418 -30.87 7.53 40.67
C GLY C 418 -29.98 8.35 39.77
N SER C 419 -29.40 9.43 40.28
CA SER C 419 -28.51 10.25 39.48
C SER C 419 -27.57 11.02 40.40
N LEU C 420 -26.45 11.46 39.84
CA LEU C 420 -25.50 12.25 40.60
C LEU C 420 -26.09 13.60 40.98
N GLU C 421 -26.94 14.17 40.13
CA GLU C 421 -27.62 15.41 40.48
C GLU C 421 -28.53 15.21 41.69
N GLU C 422 -29.28 14.11 41.71
CA GLU C 422 -30.12 13.83 42.86
C GLU C 422 -29.27 13.62 44.11
N ALA C 423 -28.17 12.90 43.99
CA ALA C 423 -27.30 12.68 45.14
C ALA C 423 -26.75 14.00 45.67
N LEU C 424 -26.33 14.88 44.77
CA LEU C 424 -25.77 16.16 45.19
C LEU C 424 -26.84 17.05 45.83
N ASN C 425 -28.05 17.05 45.28
CA ASN C 425 -29.13 17.81 45.90
C ASN C 425 -29.44 17.30 47.30
N GLU C 426 -29.48 15.97 47.46
CA GLU C 426 -29.75 15.41 48.78
C GLU C 426 -28.62 15.73 49.75
N LEU C 427 -27.38 15.72 49.28
CA LEU C 427 -26.27 16.12 50.13
C LEU C 427 -26.40 17.59 50.54
N ASP C 428 -26.80 18.45 49.60
CA ASP C 428 -27.00 19.85 49.91
C ASP C 428 -28.06 20.03 50.99
N LEU C 429 -29.14 19.26 50.90
CA LEU C 429 -30.25 19.41 51.84
C LEU C 429 -30.08 18.57 53.11
N ASP C 430 -29.04 17.75 53.22
CA ASP C 430 -28.88 16.80 54.31
C ASP C 430 -27.46 16.84 54.88
N ARG C 431 -26.99 18.04 55.22
CA ARG C 431 -25.61 18.23 55.63
C ARG C 431 -25.38 18.03 57.12
N GLU C 432 -26.43 18.00 57.94
CA GLU C 432 -26.24 18.07 59.39
C GLU C 432 -25.47 16.87 59.91
N PHE C 433 -25.80 15.67 59.46
CA PHE C 433 -25.13 14.48 59.96
C PHE C 433 -23.66 14.46 59.60
N LEU C 434 -23.26 15.21 58.57
CA LEU C 434 -21.84 15.36 58.24
C LEU C 434 -21.20 16.50 59.00
N LYS C 435 -21.96 17.54 59.32
CA LYS C 435 -21.44 18.68 60.08
C LYS C 435 -21.42 18.42 61.58
N ALA C 436 -21.93 17.29 62.04
CA ALA C 436 -21.89 16.98 63.46
C ALA C 436 -20.44 16.88 63.93
N GLY C 437 -20.10 17.66 64.95
CA GLY C 437 -18.77 17.61 65.51
C GLY C 437 -17.69 18.29 64.71
N GLY C 438 -18.05 19.05 63.68
CA GLY C 438 -17.07 19.74 62.87
C GLY C 438 -16.32 18.87 61.89
N VAL C 439 -16.78 17.64 61.66
CA VAL C 439 -16.09 16.75 60.72
C VAL C 439 -16.12 17.36 59.33
N PHE C 440 -17.28 17.79 58.87
CA PHE C 440 -17.45 18.46 57.59
C PHE C 440 -17.85 19.91 57.83
N THR C 441 -17.33 20.81 57.02
CA THR C 441 -17.70 22.22 57.06
C THR C 441 -18.56 22.54 55.85
N ASP C 442 -19.42 23.55 56.01
CA ASP C 442 -20.28 23.97 54.90
C ASP C 442 -19.44 24.35 53.69
N GLU C 443 -18.30 25.01 53.90
CA GLU C 443 -17.44 25.39 52.79
C GLU C 443 -16.92 24.15 52.06
N ALA C 444 -16.50 23.13 52.81
CA ALA C 444 -16.01 21.91 52.17
C ALA C 444 -17.12 21.22 51.38
N ILE C 445 -18.32 21.14 51.96
CA ILE C 445 -19.43 20.49 51.27
C ILE C 445 -19.78 21.25 49.99
N ASP C 446 -19.81 22.58 50.07
CA ASP C 446 -20.12 23.38 48.88
C ASP C 446 -19.06 23.21 47.81
N ALA C 447 -17.78 23.21 48.20
CA ALA C 447 -16.72 23.02 47.22
C ALA C 447 -16.85 21.66 46.54
N TYR C 448 -17.10 20.61 47.32
CA TYR C 448 -17.28 19.29 46.75
C TYR C 448 -18.45 19.25 45.78
N ILE C 449 -19.57 19.86 46.17
CA ILE C 449 -20.77 19.83 45.34
C ILE C 449 -20.52 20.55 44.03
N ALA C 450 -19.88 21.72 44.08
CA ALA C 450 -19.59 22.44 42.85
C ALA C 450 -18.63 21.65 41.96
N LEU C 451 -17.60 21.06 42.56
CA LEU C 451 -16.61 20.31 41.80
C LEU C 451 -17.26 19.15 41.07
N ARG C 452 -18.21 18.47 41.71
CA ARG C 452 -18.90 17.37 41.06
C ARG C 452 -19.95 17.86 40.06
N ARG C 453 -20.57 19.00 40.34
CA ARG C 453 -21.59 19.53 39.44
C ARG C 453 -20.97 19.95 38.11
N GLU C 454 -19.71 20.40 38.11
CA GLU C 454 -19.07 20.72 36.84
C GLU C 454 -19.02 19.49 35.93
N GLU C 455 -18.57 18.35 36.46
CA GLU C 455 -18.50 17.13 35.68
C GLU C 455 -19.89 16.68 35.26
N ASP C 456 -20.86 16.76 36.18
CA ASP C 456 -22.22 16.39 35.85
C ASP C 456 -22.76 17.23 34.71
N ASP C 457 -22.49 18.53 34.74
CA ASP C 457 -22.95 19.42 33.67
C ASP C 457 -22.30 19.05 32.34
N ARG C 458 -21.00 18.77 32.34
CA ARG C 458 -20.36 18.37 31.09
C ARG C 458 -21.02 17.12 30.51
N VAL C 459 -21.24 16.11 31.34
CA VAL C 459 -21.84 14.87 30.84
C VAL C 459 -23.27 15.12 30.38
N ARG C 460 -24.00 15.97 31.10
CA ARG C 460 -25.38 16.27 30.73
C ARG C 460 -25.45 16.99 29.38
N MET C 461 -24.53 17.92 29.14
CA MET C 461 -24.59 18.73 27.94
C MET C 461 -23.92 18.09 26.73
N THR C 462 -23.12 17.03 26.91
CA THR C 462 -22.54 16.46 25.70
C THR C 462 -23.48 15.41 25.09
N PRO C 463 -23.82 15.51 23.79
CA PRO C 463 -24.69 14.51 23.16
C PRO C 463 -24.20 13.08 23.33
N HIS C 464 -25.02 12.11 22.91
CA HIS C 464 -24.74 10.71 23.15
C HIS C 464 -24.91 9.90 21.88
N PRO C 465 -23.98 9.01 21.54
CA PRO C 465 -24.17 8.16 20.36
C PRO C 465 -25.46 7.35 20.41
N VAL C 466 -25.87 6.88 21.58
CA VAL C 466 -27.16 6.21 21.69
C VAL C 466 -28.27 7.17 21.34
N GLU C 467 -28.13 8.45 21.72
CA GLU C 467 -29.12 9.43 21.30
C GLU C 467 -29.17 9.55 19.79
N PHE C 468 -28.03 9.48 19.11
CA PHE C 468 -28.09 9.47 17.64
C PHE C 468 -28.79 8.22 17.14
N GLU C 469 -28.42 7.05 17.67
CA GLU C 469 -29.03 5.81 17.22
C GLU C 469 -30.55 5.87 17.37
N LEU C 470 -31.04 6.58 18.38
CA LEU C 470 -32.47 6.60 18.66
C LEU C 470 -33.20 7.70 17.91
N TYR C 471 -32.60 8.90 17.79
CA TYR C 471 -33.32 10.09 17.38
C TYR C 471 -32.82 10.70 16.08
N TYR C 472 -31.82 10.12 15.41
CA TYR C 472 -31.30 10.78 14.22
C TYR C 472 -32.38 10.88 13.15
N SER C 473 -33.14 9.81 12.93
CA SER C 473 -34.17 9.80 11.90
C SER C 473 -35.49 10.38 12.38
N VAL C 474 -35.59 10.79 13.64
CA VAL C 474 -36.81 11.38 14.16
C VAL C 474 -36.57 12.83 14.51
N MET D 6 -61.43 19.58 -1.72
CA MET D 6 -61.13 18.34 -2.46
C MET D 6 -61.83 17.14 -1.81
N SER D 7 -62.35 16.24 -2.62
CA SER D 7 -63.09 15.09 -2.12
C SER D 7 -62.69 13.85 -2.93
N ALA D 8 -63.44 12.77 -2.73
CA ALA D 8 -63.12 11.52 -3.39
C ALA D 8 -63.25 11.64 -4.90
N GLU D 9 -64.25 12.36 -5.38
CA GLU D 9 -64.40 12.54 -6.82
C GLU D 9 -63.18 13.24 -7.40
N HIS D 10 -62.70 14.29 -6.72
CA HIS D 10 -61.50 14.98 -7.20
C HIS D 10 -60.27 14.08 -7.14
N VAL D 11 -60.16 13.23 -6.12
CA VAL D 11 -59.03 12.31 -6.09
C VAL D 11 -59.09 11.33 -7.25
N LEU D 12 -60.27 10.80 -7.54
CA LEU D 12 -60.43 9.89 -8.68
C LEU D 12 -60.13 10.59 -9.99
N THR D 13 -60.49 11.86 -10.12
CA THR D 13 -60.14 12.61 -11.31
C THR D 13 -58.64 12.84 -11.40
N MET D 14 -57.99 13.06 -10.25
CA MET D 14 -56.54 13.24 -10.23
C MET D 14 -55.84 11.98 -10.73
N LEU D 15 -56.32 10.82 -10.29
CA LEU D 15 -55.70 9.57 -10.71
C LEU D 15 -55.62 9.46 -12.22
N ASN D 16 -56.60 10.01 -12.94
CA ASN D 16 -56.59 9.98 -14.40
C ASN D 16 -55.81 11.15 -14.99
N GLU D 17 -55.92 12.34 -14.42
CA GLU D 17 -55.28 13.51 -15.00
C GLU D 17 -53.78 13.54 -14.74
N HIS D 18 -53.27 12.68 -13.87
CA HIS D 18 -51.84 12.57 -13.64
C HIS D 18 -51.28 11.21 -14.02
N GLU D 19 -52.10 10.29 -14.53
CA GLU D 19 -51.66 8.95 -14.86
C GLU D 19 -51.01 8.27 -13.66
N VAL D 20 -51.70 8.38 -12.52
CA VAL D 20 -51.16 7.86 -11.27
C VAL D 20 -51.14 6.33 -11.31
N LYS D 21 -50.01 5.76 -10.95
CA LYS D 21 -49.86 4.31 -10.88
C LYS D 21 -50.02 3.76 -9.47
N PHE D 22 -49.69 4.55 -8.45
CA PHE D 22 -49.77 4.09 -7.06
C PHE D 22 -50.37 5.18 -6.19
N VAL D 23 -50.97 4.75 -5.08
CA VAL D 23 -51.48 5.65 -4.05
C VAL D 23 -50.81 5.25 -2.75
N ASP D 24 -50.17 6.21 -2.09
CA ASP D 24 -49.37 5.96 -0.90
C ASP D 24 -50.11 6.47 0.32
N LEU D 25 -50.68 5.57 1.11
CA LEU D 25 -51.44 5.90 2.30
C LEU D 25 -50.48 6.14 3.46
N ARG D 26 -50.49 7.34 4.01
CA ARG D 26 -49.55 7.76 5.04
C ARG D 26 -50.28 8.08 6.34
N PHE D 27 -49.58 7.84 7.46
CA PHE D 27 -50.09 8.17 8.78
C PHE D 27 -48.90 8.36 9.71
N THR D 28 -49.15 8.90 10.89
CA THR D 28 -48.11 9.19 11.86
C THR D 28 -48.29 8.31 13.09
N ASP D 29 -47.17 7.83 13.62
CA ASP D 29 -47.17 7.00 14.82
C ASP D 29 -46.93 7.88 16.05
N THR D 30 -46.91 7.23 17.22
CA THR D 30 -46.74 7.98 18.46
C THR D 30 -45.41 8.72 18.49
N LYS D 31 -44.34 8.08 18.02
CA LYS D 31 -43.03 8.73 18.00
C LYS D 31 -43.03 9.98 17.13
N GLY D 32 -43.96 10.10 16.20
CA GLY D 32 -43.98 11.20 15.26
C GLY D 32 -43.43 10.86 13.89
N LYS D 33 -43.01 9.61 13.66
CA LYS D 33 -42.49 9.21 12.37
C LYS D 33 -43.62 8.84 11.44
N GLU D 34 -43.42 9.13 10.15
CA GLU D 34 -44.44 8.91 9.14
C GLU D 34 -44.29 7.51 8.55
N GLN D 35 -45.36 6.74 8.60
CA GLN D 35 -45.42 5.38 8.08
C GLN D 35 -46.33 5.39 6.86
N HIS D 36 -45.98 4.59 5.86
CA HIS D 36 -46.70 4.60 4.60
C HIS D 36 -46.84 3.20 4.04
N VAL D 37 -48.02 2.91 3.47
CA VAL D 37 -48.29 1.68 2.76
C VAL D 37 -48.79 2.03 1.37
N THR D 38 -48.25 1.39 0.35
CA THR D 38 -48.58 1.71 -1.03
C THR D 38 -49.54 0.69 -1.62
N ILE D 39 -50.50 1.17 -2.40
CA ILE D 39 -51.45 0.30 -3.11
C ILE D 39 -51.49 0.74 -4.56
N PRO D 40 -51.80 -0.15 -5.51
CA PRO D 40 -51.96 0.29 -6.89
C PRO D 40 -53.16 1.22 -7.05
N ALA D 41 -53.09 2.10 -8.05
CA ALA D 41 -54.15 3.08 -8.25
C ALA D 41 -55.48 2.41 -8.55
N HIS D 42 -55.47 1.27 -9.22
CA HIS D 42 -56.72 0.60 -9.55
C HIS D 42 -57.41 0.02 -8.33
N GLN D 43 -56.75 -0.01 -7.17
CA GLN D 43 -57.41 -0.42 -5.94
C GLN D 43 -58.20 0.70 -5.28
N VAL D 44 -58.11 1.92 -5.81
CA VAL D 44 -58.79 3.08 -5.25
C VAL D 44 -60.09 3.27 -6.00
N ASN D 45 -61.21 3.17 -5.29
CA ASN D 45 -62.53 3.34 -5.87
C ASN D 45 -63.38 4.11 -4.87
N ALA D 46 -64.67 4.21 -5.14
CA ALA D 46 -65.57 4.90 -4.22
C ALA D 46 -65.63 4.17 -2.87
N GLU D 47 -65.70 2.84 -2.90
CA GLU D 47 -65.77 2.08 -1.66
C GLU D 47 -64.49 2.24 -0.84
N PHE D 48 -63.38 2.58 -1.49
CA PHE D 48 -62.14 2.75 -0.76
C PHE D 48 -62.23 3.86 0.26
N PHE D 49 -62.91 4.96 -0.08
CA PHE D 49 -62.97 6.13 0.78
C PHE D 49 -64.05 6.03 1.85
N GLU D 50 -64.91 5.01 1.79
CA GLU D 50 -65.91 4.77 2.83
C GLU D 50 -65.60 3.56 3.70
N GLU D 51 -64.76 2.63 3.22
CA GLU D 51 -64.43 1.44 3.98
C GLU D 51 -62.97 1.40 4.45
N GLY D 52 -62.07 2.12 3.79
CA GLY D 52 -60.69 2.14 4.20
C GLY D 52 -59.96 0.85 3.86
N LYS D 53 -58.72 0.77 4.35
CA LYS D 53 -57.88 -0.41 4.18
C LYS D 53 -57.53 -0.96 5.55
N MET D 54 -57.74 -2.27 5.73
CA MET D 54 -57.39 -2.94 6.97
C MET D 54 -55.91 -3.26 6.99
N PHE D 55 -55.27 -2.99 8.13
CA PHE D 55 -53.85 -3.25 8.30
C PHE D 55 -53.59 -3.65 9.74
N ASP D 56 -52.45 -4.30 9.96
CA ASP D 56 -52.06 -4.78 11.29
C ASP D 56 -51.13 -3.75 11.92
N GLY D 57 -51.64 -3.04 12.93
CA GLY D 57 -50.87 -2.03 13.63
C GLY D 57 -50.11 -2.52 14.83
N SER D 58 -50.13 -3.82 15.10
CA SER D 58 -49.43 -4.34 16.28
C SER D 58 -47.93 -4.12 16.19
N SER D 59 -47.38 -4.09 14.98
CA SER D 59 -45.96 -3.86 14.81
C SER D 59 -45.56 -2.40 14.96
N ILE D 60 -46.54 -1.48 14.98
CA ILE D 60 -46.22 -0.08 15.23
C ILE D 60 -45.83 0.10 16.69
N GLY D 61 -45.06 1.16 16.95
CA GLY D 61 -44.41 1.35 18.23
C GLY D 61 -45.28 1.17 19.45
N GLY D 62 -46.22 2.09 19.67
CA GLY D 62 -47.02 2.07 20.88
C GLY D 62 -48.43 1.54 20.69
N TRP D 63 -48.69 0.88 19.57
CA TRP D 63 -50.03 0.42 19.23
C TRP D 63 -50.24 -1.06 19.51
N LYS D 64 -49.26 -1.74 20.12
CA LYS D 64 -49.42 -3.16 20.41
C LYS D 64 -50.58 -3.38 21.36
N GLY D 65 -51.42 -4.35 21.04
CA GLY D 65 -52.58 -4.66 21.86
C GLY D 65 -52.28 -5.66 22.95
N ASP D 70 -56.63 -5.58 14.45
CA ASP D 70 -56.57 -4.91 13.15
C ASP D 70 -57.19 -3.53 13.23
N MET D 71 -56.73 -2.62 12.37
CA MET D 71 -57.21 -1.25 12.33
C MET D 71 -57.37 -0.82 10.88
N VAL D 72 -58.12 0.26 10.69
CA VAL D 72 -58.51 0.72 9.36
C VAL D 72 -57.76 2.01 9.04
N LEU D 73 -57.21 2.08 7.84
CA LEU D 73 -56.68 3.31 7.29
C LEU D 73 -57.81 4.00 6.52
N MET D 74 -58.26 5.14 7.03
CA MET D 74 -59.31 5.89 6.36
C MET D 74 -58.69 7.07 5.63
N PRO D 75 -58.65 7.06 4.30
CA PRO D 75 -58.04 8.17 3.58
C PRO D 75 -58.79 9.47 3.80
N ASP D 76 -58.04 10.56 3.85
CA ASP D 76 -58.58 11.92 3.89
C ASP D 76 -58.30 12.54 2.53
N ALA D 77 -59.33 12.59 1.68
CA ALA D 77 -59.14 13.04 0.31
C ALA D 77 -58.59 14.46 0.23
N SER D 78 -58.89 15.30 1.22
CA SER D 78 -58.43 16.68 1.19
C SER D 78 -56.91 16.78 1.26
N THR D 79 -56.23 15.71 1.62
CA THR D 79 -54.78 15.69 1.71
C THR D 79 -54.11 15.09 0.48
N ALA D 80 -54.88 14.77 -0.55
CA ALA D 80 -54.28 14.18 -1.74
C ALA D 80 -53.24 15.10 -2.35
N VAL D 81 -52.06 14.56 -2.65
CA VAL D 81 -50.99 15.34 -3.27
C VAL D 81 -50.02 14.36 -3.94
N ILE D 82 -49.50 14.78 -5.09
CA ILE D 82 -48.60 13.95 -5.88
C ILE D 82 -47.22 13.93 -5.25
N ASP D 83 -46.63 12.76 -5.17
CA ASP D 83 -45.28 12.61 -4.62
C ASP D 83 -44.25 13.09 -5.63
N PRO D 84 -43.36 14.01 -5.27
CA PRO D 84 -42.37 14.51 -6.25
C PRO D 84 -41.06 13.74 -6.30
N PHE D 85 -40.94 12.61 -5.61
CA PHE D 85 -39.68 11.89 -5.52
C PHE D 85 -39.73 10.48 -6.10
N PHE D 86 -40.86 9.79 -6.02
CA PHE D 86 -40.95 8.43 -6.51
C PHE D 86 -40.86 8.40 -8.04
N ALA D 87 -40.20 7.37 -8.55
CA ALA D 87 -40.04 7.25 -10.00
C ALA D 87 -41.38 7.06 -10.70
N ASP D 88 -42.25 6.22 -10.12
CA ASP D 88 -43.57 5.99 -10.68
C ASP D 88 -44.56 6.99 -10.11
N SER D 89 -45.46 7.48 -10.96
CA SER D 89 -46.44 8.45 -10.53
C SER D 89 -47.22 7.93 -9.33
N THR D 90 -47.07 8.58 -8.19
CA THR D 90 -47.71 8.17 -6.96
C THR D 90 -48.49 9.33 -6.37
N LEU D 91 -49.62 9.02 -5.74
CA LEU D 91 -50.45 10.01 -5.08
C LEU D 91 -50.44 9.73 -3.58
N ILE D 92 -50.13 10.75 -2.79
CA ILE D 92 -50.05 10.64 -1.34
C ILE D 92 -51.40 11.04 -0.75
N ILE D 93 -51.99 10.16 0.04
CA ILE D 93 -53.22 10.44 0.77
C ILE D 93 -52.94 10.17 2.24
N ARG D 94 -53.08 11.20 3.07
CA ARG D 94 -52.97 11.01 4.50
C ARG D 94 -54.20 10.31 5.03
N CYS D 95 -54.00 9.51 6.08
CA CYS D 95 -55.04 8.64 6.61
C CYS D 95 -55.13 8.77 8.12
N ASP D 96 -56.32 8.49 8.64
CA ASP D 96 -56.56 8.37 10.07
C ASP D 96 -56.76 6.91 10.42
N ILE D 97 -56.39 6.54 11.63
CA ILE D 97 -56.54 5.18 12.12
C ILE D 97 -57.86 5.08 12.87
N LEU D 98 -58.75 4.20 12.41
CA LEU D 98 -60.06 4.02 13.01
C LEU D 98 -60.20 2.61 13.56
N GLU D 99 -60.98 2.47 14.61
CA GLU D 99 -61.31 1.16 15.14
C GLU D 99 -62.28 0.47 14.18
N PRO D 100 -62.03 -0.80 13.81
CA PRO D 100 -62.90 -1.43 12.80
C PRO D 100 -64.37 -1.48 13.20
N GLY D 101 -64.68 -1.70 14.47
CA GLY D 101 -66.07 -1.90 14.85
C GLY D 101 -66.93 -0.67 14.63
N THR D 102 -66.44 0.49 15.07
CA THR D 102 -67.24 1.71 15.06
C THR D 102 -66.72 2.78 14.12
N LEU D 103 -65.57 2.57 13.48
CA LEU D 103 -64.98 3.55 12.59
C LEU D 103 -64.76 4.89 13.32
N GLN D 104 -64.44 4.80 14.60
CA GLN D 104 -64.09 5.97 15.40
C GLN D 104 -62.58 6.06 15.54
N GLY D 105 -62.10 7.28 15.78
CA GLY D 105 -60.68 7.52 15.88
C GLY D 105 -60.00 6.67 16.93
N TYR D 106 -58.90 6.04 16.55
CA TYR D 106 -58.11 5.26 17.49
C TYR D 106 -57.55 6.17 18.58
N ASP D 107 -57.63 5.71 19.83
CA ASP D 107 -57.25 6.55 20.95
C ASP D 107 -55.77 6.93 20.93
N ARG D 108 -54.94 6.16 20.23
CA ARG D 108 -53.51 6.41 20.19
C ARG D 108 -53.04 6.95 18.85
N ASP D 109 -53.96 7.40 18.00
CA ASP D 109 -53.59 7.99 16.72
C ASP D 109 -53.35 9.49 16.91
N PRO D 110 -52.14 10.00 16.69
CA PRO D 110 -51.90 11.44 16.92
C PRO D 110 -52.82 12.34 16.11
N ARG D 111 -53.11 11.98 14.87
CA ARG D 111 -53.99 12.83 14.06
C ARG D 111 -55.40 12.85 14.65
N SER D 112 -55.88 11.69 15.11
CA SER D 112 -57.18 11.65 15.77
C SER D 112 -57.18 12.48 17.04
N ILE D 113 -56.08 12.45 17.80
CA ILE D 113 -56.00 13.24 19.02
C ILE D 113 -56.05 14.73 18.68
N ALA D 114 -55.34 15.14 17.62
CA ALA D 114 -55.36 16.53 17.21
C ALA D 114 -56.76 16.97 16.77
N LYS D 115 -57.44 16.11 15.99
CA LYS D 115 -58.79 16.45 15.56
C LYS D 115 -59.73 16.54 16.76
N ARG D 116 -59.57 15.65 17.73
CA ARG D 116 -60.40 15.71 18.92
C ARG D 116 -60.12 16.97 19.72
N ALA D 117 -58.86 17.40 19.77
CA ALA D 117 -58.54 18.65 20.45
C ALA D 117 -59.21 19.85 19.77
N GLU D 118 -59.19 19.86 18.43
CA GLU D 118 -59.89 20.94 17.72
C GLU D 118 -61.38 20.90 17.99
N ASP D 119 -61.97 19.70 18.00
CA ASP D 119 -63.39 19.58 18.30
C ASP D 119 -63.71 20.06 19.71
N TYR D 120 -62.85 19.74 20.67
CA TYR D 120 -63.05 20.23 22.04
C TYR D 120 -62.95 21.74 22.09
N LEU D 121 -62.00 22.31 21.34
CA LEU D 121 -61.89 23.77 21.28
C LEU D 121 -63.18 24.37 20.77
N ARG D 122 -63.75 23.79 19.72
CA ARG D 122 -65.01 24.30 19.18
C ARG D 122 -66.16 24.14 20.18
N SER D 123 -66.21 22.99 20.86
CA SER D 123 -67.31 22.74 21.80
C SER D 123 -67.26 23.69 22.99
N THR D 124 -66.05 23.98 23.49
CA THR D 124 -65.93 24.86 24.65
C THR D 124 -66.49 26.25 24.37
N GLY D 125 -66.57 26.66 23.12
CA GLY D 125 -67.07 27.97 22.76
C GLY D 125 -66.06 29.09 22.91
N ILE D 126 -64.83 28.77 23.32
CA ILE D 126 -63.82 29.82 23.49
C ILE D 126 -63.42 30.40 22.14
N ALA D 127 -63.26 29.54 21.14
CA ALA D 127 -62.86 30.00 19.82
C ALA D 127 -63.33 28.97 18.79
N ASP D 128 -63.31 29.38 17.52
CA ASP D 128 -63.72 28.51 16.43
C ASP D 128 -62.53 27.80 15.79
N THR D 129 -61.40 28.50 15.65
CA THR D 129 -60.21 27.94 15.03
C THR D 129 -58.99 28.34 15.83
N VAL D 130 -57.96 27.50 15.75
CA VAL D 130 -56.66 27.78 16.37
C VAL D 130 -55.61 27.74 15.27
N LEU D 131 -54.76 28.75 15.24
CA LEU D 131 -53.72 28.89 14.22
C LEU D 131 -52.38 28.58 14.84
N PHE D 132 -51.60 27.72 14.18
CA PHE D 132 -50.29 27.32 14.64
C PHE D 132 -49.26 27.64 13.57
N GLY D 133 -48.23 28.38 13.94
CA GLY D 133 -47.08 28.54 13.09
C GLY D 133 -45.81 28.07 13.78
N PRO D 134 -45.29 26.93 13.35
CA PRO D 134 -44.00 26.46 13.83
C PRO D 134 -42.85 26.85 12.89
N GLU D 135 -41.66 26.90 13.47
CA GLU D 135 -40.45 27.31 12.76
C GLU D 135 -39.36 26.27 12.97
N PRO D 136 -39.53 25.08 12.41
CA PRO D 136 -38.52 24.04 12.58
C PRO D 136 -37.22 24.37 11.88
N GLU D 137 -36.12 23.88 12.46
CA GLU D 137 -34.79 23.98 11.88
C GLU D 137 -34.20 22.58 11.71
N PHE D 138 -33.17 22.48 10.88
CA PHE D 138 -32.57 21.19 10.60
C PHE D 138 -31.10 21.39 10.24
N PHE D 139 -30.35 20.29 10.32
CA PHE D 139 -28.95 20.26 9.93
C PHE D 139 -28.79 19.45 8.66
N LEU D 140 -27.89 19.89 7.79
CA LEU D 140 -27.56 19.18 6.56
C LEU D 140 -26.12 18.71 6.66
N PHE D 141 -25.92 17.40 6.77
CA PHE D 141 -24.60 16.81 6.86
C PHE D 141 -24.27 16.04 5.58
N ASP D 142 -22.99 15.74 5.42
CA ASP D 142 -22.52 14.90 4.32
C ASP D 142 -22.34 13.45 4.75
N ASP D 143 -21.85 13.22 5.96
CA ASP D 143 -21.66 11.88 6.49
C ASP D 143 -22.01 11.86 7.96
N ILE D 144 -22.76 10.85 8.37
CA ILE D 144 -23.06 10.61 9.77
C ILE D 144 -22.77 9.14 10.05
N ARG D 145 -21.91 8.88 11.03
CA ARG D 145 -21.60 7.52 11.44
C ARG D 145 -21.82 7.41 12.93
N PHE D 146 -22.48 6.35 13.38
CA PHE D 146 -22.62 6.15 14.81
C PHE D 146 -22.84 4.68 15.10
N GLY D 147 -22.52 4.31 16.33
CA GLY D 147 -22.67 2.92 16.75
C GLY D 147 -22.40 2.77 18.22
N SER D 148 -22.77 1.60 18.74
CA SER D 148 -22.57 1.28 20.14
C SER D 148 -22.52 -0.23 20.28
N SER D 149 -21.59 -0.71 21.12
CA SER D 149 -21.48 -2.11 21.43
C SER D 149 -20.80 -2.24 22.80
N ILE D 150 -20.61 -3.47 23.24
CA ILE D 150 -20.01 -3.71 24.54
C ILE D 150 -18.61 -3.10 24.60
N SER D 151 -17.95 -2.98 23.46
CA SER D 151 -16.59 -2.46 23.42
C SER D 151 -16.52 -0.94 23.43
N GLY D 152 -17.65 -0.25 23.27
CA GLY D 152 -17.59 1.20 23.26
C GLY D 152 -18.79 1.79 22.53
N SER D 153 -18.60 3.03 22.06
CA SER D 153 -19.69 3.75 21.41
C SER D 153 -19.11 5.01 20.77
N HIS D 154 -19.64 5.36 19.60
CA HIS D 154 -19.10 6.49 18.87
C HIS D 154 -20.16 7.16 18.02
N VAL D 155 -19.96 8.47 17.80
CA VAL D 155 -20.68 9.26 16.81
C VAL D 155 -19.69 10.20 16.15
N ALA D 156 -19.80 10.33 14.83
CA ALA D 156 -18.92 11.17 14.01
C ALA D 156 -19.75 11.86 12.94
N ILE D 157 -19.76 13.19 12.99
CA ILE D 157 -20.48 14.03 12.03
C ILE D 157 -19.45 14.66 11.10
N ASP D 158 -19.72 14.65 9.80
CA ASP D 158 -18.87 15.29 8.82
C ASP D 158 -19.72 16.07 7.82
N ASP D 159 -19.36 17.33 7.61
CA ASP D 159 -20.01 18.16 6.61
C ASP D 159 -18.97 19.08 5.99
N ILE D 160 -19.16 19.39 4.71
CA ILE D 160 -18.22 20.27 4.02
C ILE D 160 -18.18 21.64 4.68
N GLU D 161 -19.32 22.09 5.21
CA GLU D 161 -19.38 23.40 5.85
C GLU D 161 -18.81 23.41 7.26
N GLY D 162 -18.61 22.24 7.87
CA GLY D 162 -18.10 22.19 9.23
C GLY D 162 -16.76 22.88 9.38
N ALA D 163 -16.64 23.77 10.36
CA ALA D 163 -15.42 24.54 10.54
C ALA D 163 -14.21 23.63 10.79
N TRP D 164 -14.43 22.46 11.40
CA TRP D 164 -13.32 21.56 11.69
C TRP D 164 -12.70 21.01 10.42
N ASN D 165 -13.34 21.18 9.26
CA ASN D 165 -12.80 20.75 7.99
C ASN D 165 -11.86 21.77 7.38
N SER D 166 -11.59 22.88 8.07
CA SER D 166 -10.68 23.88 7.52
C SER D 166 -9.30 23.32 7.26
N SER D 167 -8.94 22.21 7.91
CA SER D 167 -7.66 21.56 7.70
C SER D 167 -7.78 20.27 6.90
N THR D 168 -8.98 19.85 6.55
CA THR D 168 -9.15 18.59 5.83
C THR D 168 -8.59 18.69 4.42
N GLN D 169 -8.04 17.57 3.95
CA GLN D 169 -7.52 17.45 2.60
C GLN D 169 -8.60 16.84 1.71
N TYR D 170 -8.97 17.56 0.65
CA TYR D 170 -10.01 17.12 -0.26
C TYR D 170 -9.42 16.86 -1.64
N GLU D 171 -10.00 15.89 -2.35
CA GLU D 171 -9.68 15.72 -3.76
C GLU D 171 -10.17 16.92 -4.53
N GLY D 172 -9.26 17.54 -5.29
CA GLY D 172 -9.56 18.80 -5.95
C GLY D 172 -9.23 20.02 -5.14
N GLY D 173 -8.85 19.86 -3.88
CA GLY D 173 -8.41 20.97 -3.05
C GLY D 173 -9.48 21.41 -2.06
N ASN D 174 -9.03 21.98 -0.95
CA ASN D 174 -9.91 22.60 0.03
C ASN D 174 -10.12 24.05 -0.34
N LYS D 175 -11.38 24.46 -0.43
CA LYS D 175 -11.73 25.79 -0.91
C LYS D 175 -12.04 26.77 0.21
N GLY D 176 -11.80 26.40 1.45
CA GLY D 176 -12.07 27.31 2.55
C GLY D 176 -13.53 27.74 2.54
N HIS D 177 -13.76 28.98 2.99
CA HIS D 177 -15.09 29.59 2.96
C HIS D 177 -16.12 28.69 3.65
N ARG D 178 -15.90 28.53 4.96
CA ARG D 178 -16.80 27.78 5.80
C ARG D 178 -17.33 28.67 6.90
N PRO D 179 -18.59 28.50 7.31
CA PRO D 179 -19.11 29.29 8.44
C PRO D 179 -18.43 28.90 9.73
N ALA D 180 -17.91 29.90 10.43
CA ALA D 180 -17.30 29.65 11.73
C ALA D 180 -18.38 29.16 12.71
N VAL D 181 -17.93 28.61 13.84
CA VAL D 181 -18.86 28.13 14.84
C VAL D 181 -19.73 29.29 15.30
N LYS D 182 -21.04 29.09 15.27
CA LYS D 182 -22.00 30.15 15.60
C LYS D 182 -21.84 31.35 14.66
N GLY D 183 -21.53 31.07 13.40
CA GLY D 183 -21.29 32.13 12.43
C GLY D 183 -21.86 31.87 11.07
N GLY D 184 -22.90 31.04 10.99
CA GLY D 184 -23.53 30.72 9.72
C GLY D 184 -24.83 31.48 9.47
N TYR D 185 -25.04 32.56 10.21
CA TYR D 185 -26.28 33.34 10.14
C TYR D 185 -25.93 34.77 9.74
N PHE D 186 -25.95 35.06 8.44
CA PHE D 186 -26.15 34.15 7.32
C PHE D 186 -25.38 34.64 6.09
N PRO D 187 -24.08 34.37 6.04
CA PRO D 187 -23.23 34.96 5.00
C PRO D 187 -23.58 34.45 3.61
N VAL D 188 -23.25 35.29 2.62
CA VAL D 188 -23.52 35.01 1.22
C VAL D 188 -22.63 33.86 0.75
N PRO D 189 -23.02 33.09 -0.27
CA PRO D 189 -22.14 32.04 -0.78
C PRO D 189 -20.82 32.62 -1.27
N PRO D 190 -19.77 31.80 -1.38
CA PRO D 190 -19.74 30.34 -1.23
C PRO D 190 -19.65 29.89 0.22
N VAL D 191 -19.74 30.80 1.19
CA VAL D 191 -19.74 30.38 2.59
C VAL D 191 -21.00 29.58 2.91
N ASP D 192 -22.14 30.01 2.37
CA ASP D 192 -23.41 29.35 2.63
C ASP D 192 -23.41 27.92 2.11
N SER D 193 -23.33 27.75 0.79
CA SER D 193 -23.22 26.47 0.10
C SER D 193 -24.51 25.66 0.12
N ALA D 194 -25.62 26.20 0.62
CA ALA D 194 -26.89 25.47 0.65
C ALA D 194 -28.02 26.30 0.06
N GLN D 195 -27.68 27.30 -0.76
CA GLN D 195 -28.72 28.11 -1.37
C GLN D 195 -29.55 27.30 -2.36
N ASP D 196 -28.87 26.54 -3.22
CA ASP D 196 -29.60 25.75 -4.21
C ASP D 196 -30.46 24.69 -3.54
N ILE D 197 -29.93 24.01 -2.51
CA ILE D 197 -30.70 22.96 -1.85
C ILE D 197 -31.90 23.56 -1.12
N ARG D 198 -31.71 24.70 -0.46
CA ARG D 198 -32.83 25.33 0.22
C ARG D 198 -33.89 25.78 -0.78
N SER D 199 -33.47 26.33 -1.92
CA SER D 199 -34.43 26.76 -2.93
C SER D 199 -35.19 25.57 -3.50
N GLU D 200 -34.50 24.45 -3.72
CA GLU D 200 -35.18 23.25 -4.22
C GLU D 200 -36.19 22.74 -3.20
N MET D 201 -35.81 22.74 -1.92
CA MET D 201 -36.76 22.35 -0.88
C MET D 201 -37.98 23.25 -0.90
N CYS D 202 -37.76 24.56 -1.05
CA CYS D 202 -38.87 25.51 -1.08
C CYS D 202 -39.79 25.22 -2.25
N LEU D 203 -39.22 25.00 -3.43
CA LEU D 203 -40.04 24.74 -4.61
C LEU D 203 -40.84 23.45 -4.47
N VAL D 204 -40.22 22.40 -3.95
CA VAL D 204 -40.93 21.13 -3.77
C VAL D 204 -42.03 21.29 -2.73
N MET D 205 -41.77 22.03 -1.65
CA MET D 205 -42.80 22.28 -0.65
C MET D 205 -43.97 23.03 -1.26
N GLU D 206 -43.68 24.04 -2.10
CA GLU D 206 -44.75 24.73 -2.79
C GLU D 206 -45.55 23.78 -3.68
N GLN D 207 -44.86 22.84 -4.32
CA GLN D 207 -45.56 21.84 -5.11
C GLN D 207 -46.49 21.00 -4.24
N MET D 208 -46.04 20.62 -3.05
CA MET D 208 -46.80 19.73 -2.18
C MET D 208 -47.81 20.46 -1.31
N GLY D 209 -48.12 21.72 -1.61
CA GLY D 209 -49.21 22.42 -0.98
C GLY D 209 -48.84 23.33 0.16
N LEU D 210 -47.55 23.57 0.41
CA LEU D 210 -47.12 24.46 1.47
C LEU D 210 -46.87 25.86 0.92
N VAL D 211 -47.06 26.86 1.78
CA VAL D 211 -46.76 28.24 1.45
C VAL D 211 -45.48 28.61 2.19
N VAL D 212 -44.43 28.87 1.43
CA VAL D 212 -43.12 29.18 1.98
C VAL D 212 -42.99 30.68 2.12
N GLU D 213 -42.43 31.12 3.24
CA GLU D 213 -42.24 32.54 3.51
C GLU D 213 -40.80 33.01 3.38
N ALA D 214 -39.83 32.16 3.71
CA ALA D 214 -38.42 32.52 3.58
C ALA D 214 -37.59 31.28 3.87
N HIS D 215 -36.30 31.37 3.52
CA HIS D 215 -35.34 30.33 3.88
C HIS D 215 -33.96 30.96 3.96
N HIS D 216 -33.14 30.43 4.86
CA HIS D 216 -31.82 31.00 5.11
C HIS D 216 -30.99 30.01 5.90
N HIS D 217 -29.69 30.25 5.94
CA HIS D 217 -28.77 29.51 6.78
C HIS D 217 -28.94 29.93 8.24
N GLU D 218 -28.60 29.02 9.14
CA GLU D 218 -28.78 29.23 10.57
C GLU D 218 -27.43 29.46 11.25
N VAL D 219 -27.50 29.66 12.57
CA VAL D 219 -26.33 30.06 13.34
C VAL D 219 -25.24 28.99 13.27
N ALA D 220 -25.62 27.73 13.37
CA ALA D 220 -24.64 26.67 13.49
C ALA D 220 -23.82 26.52 12.22
N THR D 221 -22.69 25.84 12.35
CA THR D 221 -21.69 25.78 11.28
C THR D 221 -21.92 24.60 10.33
N ALA D 222 -22.29 23.44 10.86
CA ALA D 222 -22.40 22.24 10.04
C ALA D 222 -23.74 22.20 9.28
N GLY D 223 -23.97 23.24 8.50
CA GLY D 223 -25.10 23.28 7.60
C GLY D 223 -26.46 23.25 8.27
N GLN D 224 -26.65 24.05 9.30
CA GLN D 224 -27.98 24.25 9.86
C GLN D 224 -28.75 25.23 9.00
N ASN D 225 -29.97 24.87 8.65
CA ASN D 225 -30.78 25.64 7.72
C ASN D 225 -32.20 25.72 8.22
N GLU D 226 -32.93 26.74 7.75
CA GLU D 226 -34.34 26.90 8.08
C GLU D 226 -35.12 27.27 6.82
N VAL D 227 -36.29 26.66 6.68
CA VAL D 227 -37.27 27.05 5.67
C VAL D 227 -38.54 27.45 6.42
N ALA D 228 -38.97 28.68 6.24
CA ALA D 228 -40.11 29.22 6.96
C ALA D 228 -41.37 29.05 6.12
N THR D 229 -42.41 28.49 6.74
CA THR D 229 -43.68 28.26 6.08
C THR D 229 -44.77 29.05 6.79
N ARG D 230 -45.83 29.36 6.04
CA ARG D 230 -46.92 30.13 6.60
C ARG D 230 -47.72 29.29 7.59
N PHE D 231 -48.38 29.99 8.52
CA PHE D 231 -49.16 29.33 9.54
C PHE D 231 -50.37 28.64 8.91
N ASN D 232 -51.12 27.93 9.74
CA ASN D 232 -52.33 27.24 9.32
C ASN D 232 -53.03 26.70 10.56
N THR D 233 -54.18 26.07 10.37
CA THR D 233 -54.88 25.46 11.48
C THR D 233 -54.05 24.31 12.06
N MET D 234 -54.48 23.84 13.24
CA MET D 234 -53.64 22.94 14.02
C MET D 234 -53.34 21.66 13.27
N THR D 235 -54.37 20.87 12.96
CA THR D 235 -54.17 19.59 12.30
C THR D 235 -53.59 19.78 10.91
N LYS D 236 -54.08 20.78 10.19
CA LYS D 236 -53.53 21.05 8.86
C LYS D 236 -52.05 21.41 8.95
N LYS D 237 -51.67 22.21 9.95
CA LYS D 237 -50.26 22.56 10.09
C LYS D 237 -49.43 21.37 10.53
N ALA D 238 -50.00 20.45 11.30
CA ALA D 238 -49.27 19.23 11.65
C ALA D 238 -49.00 18.39 10.41
N ASP D 239 -50.00 18.23 9.55
CA ASP D 239 -49.77 17.54 8.29
C ASP D 239 -48.72 18.28 7.46
N GLU D 240 -48.77 19.62 7.47
CA GLU D 240 -47.78 20.41 6.75
C GLU D 240 -46.38 20.16 7.29
N ILE D 241 -46.25 20.04 8.61
CA ILE D 241 -44.95 19.74 9.21
C ILE D 241 -44.47 18.36 8.79
N GLN D 242 -45.37 17.38 8.72
CA GLN D 242 -44.96 16.06 8.25
C GLN D 242 -44.45 16.14 6.81
N ILE D 243 -45.18 16.86 5.95
CA ILE D 243 -44.75 17.03 4.57
C ILE D 243 -43.41 17.77 4.52
N TYR D 244 -43.23 18.75 5.41
CA TYR D 244 -42.00 19.51 5.47
C TYR D 244 -40.82 18.60 5.78
N LYS D 245 -40.95 17.78 6.81
CA LYS D 245 -39.87 16.87 7.18
C LYS D 245 -39.59 15.89 6.06
N TYR D 246 -40.64 15.34 5.44
CA TYR D 246 -40.45 14.41 4.33
C TYR D 246 -39.68 15.08 3.19
N VAL D 247 -40.09 16.29 2.81
CA VAL D 247 -39.45 16.98 1.69
C VAL D 247 -38.00 17.29 2.02
N VAL D 248 -37.73 17.75 3.24
CA VAL D 248 -36.36 18.08 3.60
C VAL D 248 -35.48 16.83 3.51
N HIS D 249 -35.94 15.73 4.11
CA HIS D 249 -35.15 14.50 4.09
C HIS D 249 -34.88 14.07 2.66
N ASN D 250 -35.92 14.06 1.82
CA ASN D 250 -35.76 13.49 0.49
C ASN D 250 -34.93 14.39 -0.41
N VAL D 251 -35.09 15.70 -0.31
CA VAL D 251 -34.28 16.61 -1.10
C VAL D 251 -32.81 16.52 -0.68
N ALA D 252 -32.56 16.46 0.63
CA ALA D 252 -31.19 16.29 1.09
C ALA D 252 -30.59 14.98 0.57
N HIS D 253 -31.39 13.91 0.56
CA HIS D 253 -30.92 12.65 0.02
C HIS D 253 -30.61 12.78 -1.47
N ARG D 254 -31.46 13.49 -2.21
CA ARG D 254 -31.25 13.67 -3.64
C ARG D 254 -30.00 14.48 -3.93
N PHE D 255 -29.65 15.42 -3.05
CA PHE D 255 -28.45 16.23 -3.25
C PHE D 255 -27.19 15.60 -2.68
N GLY D 256 -27.28 14.39 -2.14
CA GLY D 256 -26.14 13.73 -1.55
C GLY D 256 -25.90 14.05 -0.09
N LYS D 257 -26.74 14.90 0.51
CA LYS D 257 -26.63 15.26 1.91
C LYS D 257 -27.48 14.31 2.75
N THR D 258 -27.47 14.53 4.05
CA THR D 258 -28.38 13.85 4.97
C THR D 258 -28.89 14.86 5.98
N ALA D 259 -30.19 14.91 6.16
CA ALA D 259 -30.84 15.89 7.02
C ALA D 259 -31.24 15.25 8.34
N THR D 260 -31.28 16.06 9.39
CA THR D 260 -31.69 15.60 10.71
C THR D 260 -32.41 16.73 11.43
N PHE D 261 -33.45 16.35 12.18
CA PHE D 261 -34.19 17.27 13.04
C PHE D 261 -33.87 17.04 14.51
N MET D 262 -32.72 16.47 14.80
CA MET D 262 -32.29 16.30 16.18
C MET D 262 -32.18 17.66 16.85
N PRO D 263 -32.63 17.81 18.09
CA PRO D 263 -32.49 19.11 18.77
C PRO D 263 -31.05 19.56 18.93
N LYS D 264 -30.11 18.63 19.12
CA LYS D 264 -28.74 18.98 19.48
C LYS D 264 -27.79 17.90 18.96
N PRO D 265 -27.40 17.97 17.70
CA PRO D 265 -26.45 16.98 17.18
C PRO D 265 -25.01 17.28 17.58
N MET D 266 -24.69 18.55 17.81
CA MET D 266 -23.33 18.96 18.10
C MET D 266 -23.29 19.73 19.41
N PHE D 267 -22.23 19.53 20.18
CA PHE D 267 -21.99 20.30 21.38
C PHE D 267 -21.10 21.50 21.06
N GLY D 268 -21.37 22.61 21.73
CA GLY D 268 -20.63 23.83 21.50
C GLY D 268 -21.18 24.69 20.38
N ASP D 269 -22.18 24.20 19.66
CA ASP D 269 -22.81 24.96 18.59
C ASP D 269 -24.32 24.94 18.79
N ASN D 270 -25.00 25.89 18.15
CA ASN D 270 -26.41 26.08 18.38
C ASN D 270 -27.21 24.85 17.98
N GLY D 271 -28.30 24.60 18.71
CA GLY D 271 -29.16 23.47 18.43
C GLY D 271 -30.39 23.89 17.62
N SER D 272 -31.16 22.88 17.23
CA SER D 272 -32.35 23.09 16.40
C SER D 272 -33.59 23.16 17.29
N GLY D 273 -34.42 24.17 17.06
CA GLY D 273 -35.64 24.34 17.80
C GLY D 273 -36.82 24.58 16.88
N MET D 274 -38.02 24.50 17.46
CA MET D 274 -39.27 24.69 16.72
C MET D 274 -40.14 25.65 17.53
N HIS D 275 -40.00 26.95 17.26
CA HIS D 275 -40.83 27.94 17.92
C HIS D 275 -42.24 27.88 17.36
N CYS D 276 -43.22 27.75 18.25
CA CYS D 276 -44.62 27.56 17.87
C CYS D 276 -45.39 28.85 18.15
N HIS D 277 -45.83 29.51 17.09
CA HIS D 277 -46.72 30.66 17.22
C HIS D 277 -48.16 30.18 17.28
N MET D 278 -48.94 30.78 18.18
CA MET D 278 -50.31 30.35 18.43
C MET D 278 -51.23 31.56 18.47
N SER D 279 -52.47 31.35 18.02
CA SER D 279 -53.51 32.37 18.12
C SER D 279 -54.85 31.69 17.96
N LEU D 280 -55.86 32.23 18.64
CA LEU D 280 -57.23 31.74 18.57
C LEU D 280 -58.10 32.77 17.87
N SER D 281 -59.01 32.29 17.03
CA SER D 281 -59.90 33.15 16.28
C SER D 281 -61.33 32.63 16.40
N LYS D 282 -62.27 33.56 16.49
CA LYS D 282 -63.69 33.26 16.57
C LYS D 282 -64.44 34.21 15.65
N ASN D 283 -65.18 33.65 14.69
CA ASN D 283 -65.91 34.45 13.71
C ASN D 283 -64.98 35.41 12.98
N GLY D 284 -63.78 34.93 12.65
CA GLY D 284 -62.82 35.74 11.94
C GLY D 284 -62.18 36.83 12.77
N VAL D 285 -62.35 36.81 14.08
CA VAL D 285 -61.81 37.84 14.97
C VAL D 285 -60.70 37.20 15.80
N ASN D 286 -59.53 37.83 15.80
CA ASN D 286 -58.42 37.35 16.60
C ASN D 286 -58.72 37.61 18.07
N LEU D 287 -58.82 36.55 18.86
CA LEU D 287 -59.14 36.68 20.27
C LEU D 287 -57.94 37.02 21.13
N PHE D 288 -56.73 37.03 20.55
CA PHE D 288 -55.52 37.37 21.28
C PHE D 288 -55.17 38.85 21.18
N ALA D 289 -55.98 39.65 20.50
CA ALA D 289 -55.74 41.07 20.35
C ALA D 289 -56.54 41.83 21.41
N GLY D 290 -55.88 42.76 22.08
CA GLY D 290 -56.54 43.50 23.14
C GLY D 290 -55.70 44.67 23.58
N ASP D 291 -56.10 45.27 24.70
CA ASP D 291 -55.45 46.44 25.26
C ASP D 291 -54.47 46.09 26.38
N LYS D 292 -54.27 44.80 26.65
CA LYS D 292 -53.37 44.38 27.71
C LYS D 292 -51.93 44.43 27.21
N TYR D 293 -51.02 43.82 27.98
CA TYR D 293 -49.59 43.90 27.69
C TYR D 293 -49.30 43.51 26.24
N ALA D 294 -48.51 44.33 25.58
CA ALA D 294 -48.08 44.06 24.20
C ALA D 294 -49.26 43.83 23.27
N GLY D 295 -50.39 44.50 23.56
CA GLY D 295 -51.54 44.35 22.71
C GLY D 295 -52.27 43.04 22.86
N LEU D 296 -52.04 42.32 23.95
CA LEU D 296 -52.71 41.06 24.18
C LEU D 296 -54.05 41.28 24.86
N SER D 297 -54.83 40.21 24.95
CA SER D 297 -56.12 40.22 25.61
C SER D 297 -56.09 39.36 26.86
N GLU D 298 -57.17 39.44 27.63
CA GLU D 298 -57.27 38.63 28.85
C GLU D 298 -57.23 37.15 28.50
N GLN D 299 -57.88 36.76 27.40
CA GLN D 299 -57.80 35.38 26.95
C GLN D 299 -56.37 34.98 26.60
N ALA D 300 -55.63 35.88 25.95
CA ALA D 300 -54.24 35.57 25.63
C ALA D 300 -53.41 35.38 26.88
N LEU D 301 -53.59 36.26 27.88
CA LEU D 301 -52.85 36.11 29.13
C LEU D 301 -53.23 34.83 29.84
N TYR D 302 -54.50 34.45 29.84
CA TYR D 302 -54.90 33.20 30.46
C TYR D 302 -54.29 32.00 29.73
N TYR D 303 -54.23 32.07 28.41
CA TYR D 303 -53.58 31.03 27.63
C TYR D 303 -52.11 30.90 28.01
N ILE D 304 -51.42 32.04 28.13
CA ILE D 304 -50.02 32.03 28.53
C ILE D 304 -49.89 31.41 29.92
N GLY D 305 -50.80 31.76 30.83
CA GLY D 305 -50.74 31.21 32.17
C GLY D 305 -50.92 29.71 32.19
N GLY D 306 -51.86 29.21 31.40
CA GLY D 306 -52.03 27.76 31.30
C GLY D 306 -50.80 27.06 30.75
N VAL D 307 -50.21 27.63 29.70
CA VAL D 307 -49.00 27.05 29.13
C VAL D 307 -47.89 27.03 30.16
N ILE D 308 -47.74 28.12 30.92
CA ILE D 308 -46.71 28.18 31.96
C ILE D 308 -46.98 27.13 33.03
N LYS D 309 -48.23 27.00 33.45
CA LYS D 309 -48.56 26.07 34.53
C LYS D 309 -48.29 24.63 34.12
N HIS D 310 -48.66 24.26 32.89
CA HIS D 310 -48.49 22.88 32.43
C HIS D 310 -47.25 22.73 31.54
N ALA D 311 -46.25 23.61 31.70
CA ALA D 311 -45.11 23.58 30.80
C ALA D 311 -44.32 22.28 30.94
N LYS D 312 -44.12 21.80 32.17
CA LYS D 312 -43.36 20.57 32.35
C LYS D 312 -44.07 19.37 31.74
N ALA D 313 -45.39 19.30 31.91
CA ALA D 313 -46.15 18.23 31.26
C ALA D 313 -46.09 18.35 29.75
N ILE D 314 -46.17 19.57 29.22
CA ILE D 314 -46.05 19.78 27.78
C ILE D 314 -44.70 19.28 27.30
N ASN D 315 -43.64 19.53 28.08
CA ASN D 315 -42.30 19.16 27.65
C ASN D 315 -42.21 17.68 27.30
N ALA D 316 -42.99 16.83 27.96
CA ALA D 316 -42.94 15.41 27.63
C ALA D 316 -43.34 15.13 26.19
N LEU D 317 -44.05 16.06 25.55
CA LEU D 317 -44.51 15.90 24.17
C LEU D 317 -43.82 16.85 23.21
N ALA D 318 -43.55 18.08 23.64
CA ALA D 318 -42.87 19.07 22.82
C ALA D 318 -41.36 18.82 22.75
N ASN D 319 -40.80 18.18 23.76
CA ASN D 319 -39.37 17.84 23.82
C ASN D 319 -39.25 16.39 24.24
N PRO D 320 -39.67 15.47 23.38
CA PRO D 320 -39.81 14.06 23.79
C PRO D 320 -38.53 13.22 23.69
N THR D 321 -37.38 13.84 23.54
CA THR D 321 -36.12 13.12 23.40
C THR D 321 -35.13 13.62 24.44
N THR D 322 -34.27 12.72 24.90
CA THR D 322 -33.22 13.13 25.83
C THR D 322 -32.35 14.20 25.21
N ASN D 323 -32.04 14.07 23.92
CA ASN D 323 -31.24 15.08 23.23
C ASN D 323 -31.89 16.45 23.37
N SER D 324 -33.22 16.50 23.45
CA SER D 324 -33.89 17.79 23.54
C SER D 324 -33.38 18.60 24.72
N TYR D 325 -33.08 17.93 25.83
CA TYR D 325 -32.69 18.63 27.04
C TYR D 325 -31.20 18.92 27.08
N LYS D 326 -30.46 18.57 26.04
CA LYS D 326 -29.16 19.15 25.79
C LYS D 326 -29.24 20.46 25.04
N ARG D 327 -30.41 20.79 24.50
CA ARG D 327 -30.65 22.13 23.96
C ARG D 327 -31.26 23.05 25.01
N LEU D 328 -32.13 22.50 25.85
CA LEU D 328 -32.78 23.27 26.90
C LEU D 328 -31.90 23.30 28.16
N VAL D 329 -30.76 23.95 28.02
CA VAL D 329 -29.81 24.10 29.12
C VAL D 329 -29.57 25.59 29.35
N PRO D 330 -29.43 26.05 30.59
CA PRO D 330 -29.14 27.47 30.80
C PRO D 330 -27.86 27.89 30.09
N GLY D 331 -27.90 29.08 29.50
CA GLY D 331 -26.77 29.58 28.74
C GLY D 331 -26.77 29.07 27.31
N ALA D 334 -31.77 32.64 28.02
CA ALA D 334 -31.98 31.27 27.56
C ALA D 334 -33.46 30.97 27.39
N PRO D 335 -33.79 29.95 26.59
CA PRO D 335 -35.20 29.65 26.33
C PRO D 335 -35.85 28.80 27.43
N VAL D 336 -35.22 28.73 28.60
CA VAL D 336 -35.66 27.80 29.64
C VAL D 336 -36.57 28.45 30.69
N MET D 337 -36.63 29.77 30.76
CA MET D 337 -37.40 30.46 31.79
C MET D 337 -38.86 30.56 31.35
N LEU D 338 -39.76 30.09 32.22
CA LEU D 338 -41.20 30.10 31.92
C LEU D 338 -41.79 31.44 32.33
N ALA D 339 -41.61 32.42 31.45
CA ALA D 339 -42.19 33.74 31.63
C ALA D 339 -42.41 34.34 30.25
N TYR D 340 -43.26 35.36 30.19
CA TYR D 340 -43.61 35.99 28.92
C TYR D 340 -43.12 37.43 28.90
N SER D 341 -42.55 37.83 27.77
CA SER D 341 -42.09 39.19 27.55
C SER D 341 -41.97 39.43 26.07
N ALA D 342 -42.10 40.70 25.67
CA ALA D 342 -41.98 41.08 24.27
C ALA D 342 -40.55 41.46 23.87
N ARG D 343 -39.63 41.57 24.83
CA ARG D 343 -38.27 42.01 24.53
C ARG D 343 -37.23 41.05 25.07
N ASN D 344 -37.50 40.45 26.24
CA ASN D 344 -36.52 39.62 26.89
C ASN D 344 -36.23 38.37 26.07
N ARG D 345 -34.95 38.14 25.76
CA ARG D 345 -34.55 36.92 25.07
C ARG D 345 -34.53 35.70 25.98
N SER D 346 -34.51 35.91 27.30
CA SER D 346 -34.54 34.80 28.25
C SER D 346 -35.94 34.24 28.47
N ALA D 347 -36.97 34.94 28.02
CA ALA D 347 -38.34 34.46 28.18
C ALA D 347 -38.63 33.34 27.20
N SER D 348 -39.17 32.23 27.71
CA SER D 348 -39.53 31.11 26.83
C SER D 348 -40.77 31.42 26.01
N ILE D 349 -41.65 32.27 26.53
CA ILE D 349 -42.84 32.74 25.81
C ILE D 349 -42.58 34.18 25.39
N ARG D 350 -42.80 34.47 24.11
CA ARG D 350 -42.51 35.78 23.55
C ARG D 350 -43.76 36.30 22.85
N ILE D 351 -43.91 37.62 22.83
CA ILE D 351 -45.03 38.25 22.15
C ILE D 351 -44.48 39.04 20.97
N PRO D 352 -44.53 38.52 19.74
CA PRO D 352 -43.96 39.25 18.61
C PRO D 352 -44.62 40.61 18.42
N VAL D 353 -43.81 41.59 18.05
CA VAL D 353 -44.31 42.94 17.79
C VAL D 353 -44.82 42.96 16.35
N VAL D 354 -46.15 43.07 16.20
CA VAL D 354 -46.80 43.02 14.89
C VAL D 354 -47.74 44.20 14.79
N SER D 355 -47.72 44.87 13.63
CA SER D 355 -48.54 46.06 13.45
C SER D 355 -50.03 45.73 13.47
N SER D 356 -50.42 44.73 12.70
CA SER D 356 -51.85 44.43 12.53
C SER D 356 -52.36 43.62 13.71
N PRO D 357 -53.41 44.08 14.41
CA PRO D 357 -53.94 43.28 15.52
C PRO D 357 -54.39 41.91 15.09
N LYS D 358 -54.84 41.76 13.84
CA LYS D 358 -55.30 40.46 13.36
C LYS D 358 -54.19 39.42 13.41
N ALA D 359 -52.93 39.85 13.48
CA ALA D 359 -51.80 38.94 13.52
C ALA D 359 -51.20 38.80 14.92
N ARG D 360 -51.91 39.25 15.96
CA ARG D 360 -51.41 39.10 17.32
C ARG D 360 -51.35 37.63 17.68
N ARG D 361 -50.27 37.23 18.35
CA ARG D 361 -50.04 35.82 18.64
C ARG D 361 -49.02 35.71 19.78
N ILE D 362 -48.88 34.49 20.28
CA ILE D 362 -47.87 34.16 21.28
C ILE D 362 -46.95 33.09 20.71
N GLU D 363 -45.65 33.26 20.92
CA GLU D 363 -44.62 32.35 20.41
C GLU D 363 -44.02 31.58 21.59
N VAL D 364 -44.22 30.26 21.60
CA VAL D 364 -43.66 29.40 22.62
C VAL D 364 -42.38 28.79 22.07
N ARG D 365 -41.26 29.05 22.73
CA ARG D 365 -39.94 28.87 22.13
C ARG D 365 -39.25 27.57 22.52
N PHE D 366 -39.71 26.86 23.55
CA PHE D 366 -38.99 25.68 24.00
C PHE D 366 -39.16 24.46 23.09
N PRO D 367 -40.30 24.27 22.42
CA PRO D 367 -40.49 23.03 21.64
C PRO D 367 -39.40 22.86 20.59
N ASP D 368 -39.04 21.60 20.36
CA ASP D 368 -38.02 21.21 19.40
C ASP D 368 -38.62 20.43 18.24
N PRO D 369 -37.92 20.35 17.10
CA PRO D 369 -38.52 19.72 15.92
C PRO D 369 -38.60 18.21 15.97
N ALA D 370 -38.05 17.57 17.01
CA ALA D 370 -38.21 16.13 17.17
C ALA D 370 -39.58 15.76 17.71
N ALA D 371 -40.39 16.74 18.11
CA ALA D 371 -41.69 16.46 18.68
C ALA D 371 -42.65 15.95 17.63
N ASN D 372 -43.60 15.13 18.07
CA ASN D 372 -44.71 14.75 17.22
C ASN D 372 -45.60 15.98 17.05
N PRO D 373 -45.78 16.48 15.82
CA PRO D 373 -46.52 17.75 15.68
C PRO D 373 -47.93 17.68 16.24
N TYR D 374 -48.64 16.59 15.97
CA TYR D 374 -50.03 16.47 16.42
C TYR D 374 -50.10 16.54 17.94
N LEU D 375 -49.32 15.70 18.62
CA LEU D 375 -49.39 15.63 20.07
C LEU D 375 -48.89 16.91 20.72
N CYS D 376 -47.82 17.50 20.17
CA CYS D 376 -47.28 18.73 20.74
C CYS D 376 -48.30 19.87 20.63
N PHE D 377 -48.88 20.05 19.44
CA PHE D 377 -49.86 21.11 19.26
C PHE D 377 -51.09 20.85 20.11
N ALA D 378 -51.53 19.60 20.21
CA ALA D 378 -52.68 19.29 21.04
C ALA D 378 -52.40 19.62 22.50
N ALA D 379 -51.19 19.28 22.98
CA ALA D 379 -50.84 19.59 24.37
C ALA D 379 -50.82 21.10 24.61
N LEU D 380 -50.22 21.86 23.70
CA LEU D 380 -50.18 23.30 23.86
C LEU D 380 -51.59 23.89 23.89
N LEU D 381 -52.44 23.44 22.96
CA LEU D 381 -53.81 23.94 22.91
C LEU D 381 -54.58 23.57 24.16
N MET D 382 -54.43 22.34 24.66
CA MET D 382 -55.16 21.92 25.83
C MET D 382 -54.71 22.69 27.07
N ALA D 383 -53.40 22.93 27.19
CA ALA D 383 -52.91 23.73 28.30
C ALA D 383 -53.47 25.15 28.23
N GLY D 384 -53.47 25.75 27.04
CA GLY D 384 -54.04 27.08 26.90
C GLY D 384 -55.51 27.12 27.23
N LEU D 385 -56.26 26.09 26.82
CA LEU D 385 -57.68 26.05 27.11
C LEU D 385 -57.94 25.86 28.60
N ASP D 386 -57.11 25.06 29.27
CA ASP D 386 -57.23 24.93 30.71
C ASP D 386 -56.96 26.27 31.39
N GLY D 387 -55.95 27.00 30.91
CA GLY D 387 -55.68 28.32 31.45
C GLY D 387 -56.84 29.27 31.26
N ILE D 388 -57.46 29.24 30.07
CA ILE D 388 -58.61 30.11 29.82
C ILE D 388 -59.78 29.72 30.71
N LYS D 389 -60.05 28.41 30.82
CA LYS D 389 -61.22 27.95 31.56
C LYS D 389 -61.09 28.25 33.04
N ASN D 390 -59.89 28.07 33.61
CA ASN D 390 -59.67 28.30 35.03
C ASN D 390 -59.16 29.70 35.34
N LYS D 391 -59.01 30.56 34.33
CA LYS D 391 -58.56 31.94 34.52
C LYS D 391 -57.25 31.96 35.30
N ILE D 392 -56.23 31.35 34.70
CA ILE D 392 -54.90 31.27 35.30
C ILE D 392 -54.11 32.49 34.82
N HIS D 393 -54.00 33.49 35.68
CA HIS D 393 -53.24 34.69 35.33
C HIS D 393 -51.76 34.37 35.35
N PRO D 394 -51.00 34.75 34.32
CA PRO D 394 -49.56 34.42 34.30
C PRO D 394 -48.68 35.35 35.10
N GLY D 395 -49.24 36.36 35.74
CA GLY D 395 -48.43 37.32 36.47
C GLY D 395 -47.89 38.40 35.54
N GLU D 396 -46.99 39.20 36.11
CA GLU D 396 -46.40 40.30 35.37
C GLU D 396 -45.40 39.77 34.35
N ALA D 397 -45.22 40.53 33.27
CA ALA D 397 -44.26 40.16 32.25
C ALA D 397 -42.84 40.25 32.79
N MET D 398 -41.95 39.45 32.20
CA MET D 398 -40.55 39.41 32.61
C MET D 398 -39.72 40.45 31.85
N ASP D 399 -40.12 41.72 31.98
CA ASP D 399 -39.38 42.81 31.37
C ASP D 399 -38.27 43.35 32.25
N LYS D 400 -38.18 42.90 33.50
CA LYS D 400 -37.17 43.39 34.44
C LYS D 400 -35.80 42.83 34.07
N ALA D 410 -34.12 35.25 41.40
CA ALA D 410 -34.62 34.77 40.12
C ALA D 410 -34.97 33.29 40.17
N LYS D 411 -34.63 32.64 41.29
CA LYS D 411 -34.95 31.23 41.46
C LYS D 411 -36.44 30.97 41.58
N GLU D 412 -37.24 32.01 41.78
CA GLU D 412 -38.69 31.84 41.88
C GLU D 412 -39.35 31.64 40.52
N ILE D 413 -38.67 32.01 39.44
CA ILE D 413 -39.24 31.87 38.10
C ILE D 413 -39.24 30.39 37.72
N PRO D 414 -40.37 29.80 37.38
CA PRO D 414 -40.36 28.39 36.99
C PRO D 414 -39.63 28.18 35.67
N GLN D 415 -39.10 26.98 35.51
CA GLN D 415 -38.31 26.61 34.35
C GLN D 415 -38.87 25.34 33.72
N VAL D 416 -38.56 25.15 32.44
CA VAL D 416 -38.96 23.93 31.76
C VAL D 416 -38.27 22.74 32.40
N ALA D 417 -38.79 21.55 32.12
CA ALA D 417 -38.22 20.33 32.67
C ALA D 417 -36.75 20.22 32.28
N GLY D 418 -35.92 19.83 33.25
CA GLY D 418 -34.50 19.67 33.02
C GLY D 418 -34.09 18.34 32.47
N SER D 419 -35.02 17.39 32.35
CA SER D 419 -34.71 16.08 31.79
C SER D 419 -35.99 15.43 31.31
N LEU D 420 -35.82 14.46 30.41
CA LEU D 420 -36.97 13.74 29.89
C LEU D 420 -37.66 12.93 30.99
N GLU D 421 -36.89 12.42 31.95
CA GLU D 421 -37.51 11.73 33.09
C GLU D 421 -38.41 12.67 33.88
N GLU D 422 -37.94 13.88 34.14
CA GLU D 422 -38.76 14.86 34.83
C GLU D 422 -40.01 15.20 34.01
N ALA D 423 -39.83 15.38 32.70
CA ALA D 423 -40.98 15.69 31.86
C ALA D 423 -42.01 14.57 31.88
N LEU D 424 -41.55 13.33 31.81
CA LEU D 424 -42.48 12.19 31.81
C LEU D 424 -43.17 12.05 33.15
N ASN D 425 -42.45 12.28 34.25
CA ASN D 425 -43.09 12.23 35.57
C ASN D 425 -44.16 13.30 35.69
N GLU D 426 -43.86 14.52 35.21
CA GLU D 426 -44.83 15.59 35.29
C GLU D 426 -46.04 15.31 34.41
N LEU D 427 -45.81 14.71 33.24
CA LEU D 427 -46.93 14.30 32.38
C LEU D 427 -47.78 13.25 33.07
N ASP D 428 -47.14 12.29 33.75
CA ASP D 428 -47.88 11.27 34.47
C ASP D 428 -48.74 11.90 35.56
N LEU D 429 -48.21 12.87 36.29
CA LEU D 429 -48.93 13.47 37.40
C LEU D 429 -49.89 14.58 36.99
N ASP D 430 -49.81 15.07 35.75
CA ASP D 430 -50.60 16.21 35.31
C ASP D 430 -51.47 15.87 34.10
N ARG D 431 -52.18 14.74 34.18
CA ARG D 431 -52.93 14.24 33.03
C ARG D 431 -54.22 14.98 32.78
N GLU D 432 -54.77 15.68 33.78
CA GLU D 432 -56.15 16.12 33.71
C GLU D 432 -56.40 17.06 32.54
N PHE D 433 -55.52 18.02 32.32
CA PHE D 433 -55.74 19.00 31.26
C PHE D 433 -55.67 18.38 29.88
N LEU D 434 -54.96 17.26 29.74
CA LEU D 434 -54.95 16.53 28.47
C LEU D 434 -56.16 15.63 28.34
N LYS D 435 -56.64 15.08 29.45
CA LYS D 435 -57.82 14.23 29.42
C LYS D 435 -59.12 15.02 29.34
N ALA D 436 -59.06 16.34 29.47
CA ALA D 436 -60.27 17.14 29.36
C ALA D 436 -60.92 16.92 28.00
N GLY D 437 -62.22 16.65 28.01
CA GLY D 437 -62.95 16.46 26.78
C GLY D 437 -62.68 15.18 26.05
N GLY D 438 -61.98 14.23 26.68
CA GLY D 438 -61.67 12.97 26.04
C GLY D 438 -60.59 13.03 24.98
N VAL D 439 -59.88 14.16 24.88
CA VAL D 439 -58.87 14.31 23.84
C VAL D 439 -57.78 13.26 24.02
N PHE D 440 -57.12 13.27 25.17
CA PHE D 440 -56.15 12.25 25.52
C PHE D 440 -56.80 11.24 26.46
N THR D 441 -56.41 9.98 26.31
CA THR D 441 -56.91 8.91 27.14
C THR D 441 -55.77 8.40 28.03
N ASP D 442 -56.14 7.91 29.21
CA ASP D 442 -55.14 7.40 30.14
C ASP D 442 -54.28 6.34 29.48
N GLU D 443 -54.89 5.45 28.70
CA GLU D 443 -54.15 4.41 28.01
C GLU D 443 -53.15 5.02 27.04
N ALA D 444 -53.56 6.04 26.27
CA ALA D 444 -52.65 6.67 25.32
C ALA D 444 -51.49 7.32 26.05
N ILE D 445 -51.75 8.02 27.15
CA ILE D 445 -50.68 8.68 27.88
C ILE D 445 -49.72 7.65 28.46
N ASP D 446 -50.25 6.55 29.00
CA ASP D 446 -49.39 5.50 29.53
C ASP D 446 -48.53 4.89 28.44
N ALA D 447 -49.11 4.62 27.27
CA ALA D 447 -48.32 4.05 26.19
C ALA D 447 -47.21 5.01 25.76
N TYR D 448 -47.53 6.30 25.64
CA TYR D 448 -46.51 7.28 25.31
C TYR D 448 -45.40 7.30 26.35
N ILE D 449 -45.77 7.29 27.63
CA ILE D 449 -44.79 7.38 28.70
C ILE D 449 -43.86 6.17 28.66
N ALA D 450 -44.43 4.98 28.49
CA ALA D 450 -43.60 3.78 28.42
C ALA D 450 -42.67 3.81 27.20
N LEU D 451 -43.22 4.23 26.06
CA LEU D 451 -42.43 4.26 24.83
C LEU D 451 -41.24 5.19 24.98
N ARG D 452 -41.44 6.35 25.61
CA ARG D 452 -40.34 7.28 25.80
C ARG D 452 -39.40 6.85 26.92
N ARG D 453 -39.93 6.17 27.94
CA ARG D 453 -39.08 5.69 29.02
C ARG D 453 -38.13 4.61 28.55
N GLU D 454 -38.51 3.83 27.55
CA GLU D 454 -37.57 2.85 27.00
C GLU D 454 -36.31 3.55 26.47
N GLU D 455 -36.50 4.58 25.64
CA GLU D 455 -35.37 5.32 25.10
C GLU D 455 -34.58 6.01 26.21
N ASP D 456 -35.30 6.60 27.18
CA ASP D 456 -34.62 7.24 28.29
C ASP D 456 -33.75 6.25 29.04
N ASP D 457 -34.26 5.04 29.28
CA ASP D 457 -33.48 4.03 29.98
C ASP D 457 -32.25 3.63 29.19
N ARG D 458 -32.38 3.44 27.87
CA ARG D 458 -31.22 3.10 27.08
C ARG D 458 -30.14 4.18 27.19
N VAL D 459 -30.53 5.44 27.02
CA VAL D 459 -29.55 6.52 27.08
C VAL D 459 -28.95 6.63 28.47
N ARG D 460 -29.77 6.45 29.51
CA ARG D 460 -29.29 6.53 30.88
C ARG D 460 -28.30 5.42 31.19
N MET D 461 -28.54 4.22 30.67
CA MET D 461 -27.70 3.07 31.00
C MET D 461 -26.48 2.93 30.12
N THR D 462 -26.40 3.62 28.98
CA THR D 462 -25.19 3.43 28.17
C THR D 462 -24.09 4.39 28.61
N PRO D 463 -22.86 3.90 28.86
CA PRO D 463 -21.78 4.79 29.28
C PRO D 463 -21.45 5.84 28.23
N HIS D 464 -20.82 6.92 28.69
CA HIS D 464 -20.57 8.09 27.86
C HIS D 464 -19.07 8.32 27.64
N PRO D 465 -18.65 8.65 26.42
CA PRO D 465 -17.23 9.01 26.22
C PRO D 465 -16.75 10.15 27.10
N VAL D 466 -17.59 11.14 27.35
CA VAL D 466 -17.21 12.19 28.30
C VAL D 466 -17.02 11.60 29.69
N GLU D 467 -17.84 10.61 30.05
CA GLU D 467 -17.62 9.93 31.32
C GLU D 467 -16.26 9.27 31.37
N PHE D 468 -15.81 8.67 30.26
CA PHE D 468 -14.45 8.14 30.25
C PHE D 468 -13.42 9.25 30.39
N GLU D 469 -13.59 10.33 29.63
CA GLU D 469 -12.65 11.45 29.70
C GLU D 469 -12.51 11.96 31.12
N LEU D 470 -13.59 11.92 31.89
CA LEU D 470 -13.59 12.50 33.23
C LEU D 470 -13.15 11.52 34.30
N TYR D 471 -13.49 10.24 34.16
CA TYR D 471 -13.37 9.29 35.25
C TYR D 471 -12.47 8.10 34.98
N TYR D 472 -11.82 8.00 33.82
CA TYR D 472 -11.03 6.82 33.55
C TYR D 472 -9.88 6.67 34.55
N SER D 473 -9.22 7.77 34.89
CA SER D 473 -8.08 7.76 35.79
C SER D 473 -8.47 7.89 37.26
N VAL D 474 -9.76 7.99 37.56
CA VAL D 474 -10.21 8.17 38.94
C VAL D 474 -11.04 6.97 39.36
N MET E 6 -34.87 53.22 -11.22
CA MET E 6 -35.59 51.93 -11.00
C MET E 6 -36.36 51.97 -9.69
N SER E 7 -37.62 51.55 -9.72
CA SER E 7 -38.47 51.62 -8.54
C SER E 7 -39.17 50.29 -8.28
N ALA E 8 -40.13 50.31 -7.34
CA ALA E 8 -40.84 49.09 -7.00
C ALA E 8 -41.63 48.56 -8.18
N GLU E 9 -42.24 49.45 -8.97
CA GLU E 9 -42.97 49.00 -10.15
C GLU E 9 -42.04 48.28 -11.12
N HIS E 10 -40.85 48.82 -11.33
CA HIS E 10 -39.89 48.15 -12.21
C HIS E 10 -39.43 46.82 -11.64
N VAL E 11 -39.27 46.72 -10.32
CA VAL E 11 -38.91 45.43 -9.73
C VAL E 11 -40.02 44.40 -9.96
N LEU E 12 -41.27 44.82 -9.74
CA LEU E 12 -42.39 43.92 -9.96
C LEU E 12 -42.49 43.51 -11.43
N THR E 13 -42.15 44.41 -12.35
CA THR E 13 -42.12 44.06 -13.76
C THR E 13 -41.01 43.06 -14.05
N MET E 14 -39.83 43.26 -13.47
CA MET E 14 -38.73 42.33 -13.66
C MET E 14 -39.10 40.94 -13.18
N LEU E 15 -39.86 40.86 -12.08
CA LEU E 15 -40.21 39.54 -11.54
C LEU E 15 -40.92 38.69 -12.60
N ASN E 16 -41.83 39.31 -13.36
CA ASN E 16 -42.49 38.59 -14.44
C ASN E 16 -41.59 38.46 -15.67
N GLU E 17 -40.76 39.48 -15.94
CA GLU E 17 -39.96 39.46 -17.16
C GLU E 17 -38.95 38.33 -17.14
N HIS E 18 -38.30 38.09 -16.01
CA HIS E 18 -37.28 37.05 -15.89
C HIS E 18 -37.81 35.77 -15.27
N GLU E 19 -39.12 35.68 -15.02
CA GLU E 19 -39.71 34.50 -14.39
C GLU E 19 -39.00 34.20 -13.06
N VAL E 20 -38.84 35.23 -12.25
CA VAL E 20 -38.08 35.12 -11.01
C VAL E 20 -38.84 34.24 -10.03
N LYS E 21 -38.13 33.28 -9.45
CA LYS E 21 -38.71 32.41 -8.43
C LYS E 21 -38.38 32.85 -7.01
N PHE E 22 -37.24 33.52 -6.80
CA PHE E 22 -36.83 33.94 -5.47
C PHE E 22 -36.28 35.35 -5.52
N VAL E 23 -36.31 36.02 -4.37
CA VAL E 23 -35.73 37.34 -4.19
C VAL E 23 -34.82 37.25 -2.96
N ASP E 24 -33.55 37.61 -3.15
CA ASP E 24 -32.55 37.46 -2.11
C ASP E 24 -32.22 38.85 -1.54
N LEU E 25 -32.67 39.11 -0.31
CA LEU E 25 -32.45 40.37 0.36
C LEU E 25 -31.07 40.35 1.00
N ARG E 26 -30.23 41.32 0.63
CA ARG E 26 -28.83 41.35 1.05
C ARG E 26 -28.52 42.61 1.82
N PHE E 27 -27.62 42.48 2.80
CA PHE E 27 -27.15 43.61 3.58
C PHE E 27 -25.76 43.30 4.09
N THR E 28 -25.10 44.31 4.62
CA THR E 28 -23.72 44.18 5.08
C THR E 28 -23.65 44.38 6.59
N ASP E 29 -22.91 43.50 7.26
CA ASP E 29 -22.71 43.61 8.70
C ASP E 29 -21.50 44.51 8.98
N THR E 30 -21.19 44.67 10.27
CA THR E 30 -20.11 45.58 10.65
C THR E 30 -18.78 45.14 10.07
N LYS E 31 -18.49 43.84 10.11
CA LYS E 31 -17.23 43.35 9.59
C LYS E 31 -17.11 43.53 8.08
N GLY E 32 -18.23 43.65 7.38
CA GLY E 32 -18.21 43.85 5.94
C GLY E 32 -18.61 42.65 5.12
N LYS E 33 -19.21 41.63 5.74
CA LYS E 33 -19.61 40.42 5.04
C LYS E 33 -21.08 40.51 4.65
N GLU E 34 -21.40 40.10 3.43
CA GLU E 34 -22.77 40.11 2.96
C GLU E 34 -23.58 39.02 3.63
N GLN E 35 -24.76 39.39 4.12
CA GLN E 35 -25.73 38.48 4.71
C GLN E 35 -26.98 38.54 3.85
N HIS E 36 -27.52 37.37 3.50
CA HIS E 36 -28.65 37.29 2.59
C HIS E 36 -29.73 36.40 3.16
N VAL E 37 -30.98 36.83 3.02
CA VAL E 37 -32.16 36.05 3.35
C VAL E 37 -33.05 35.98 2.12
N THR E 38 -33.50 34.79 1.77
CA THR E 38 -34.24 34.58 0.53
C THR E 38 -35.72 34.40 0.82
N ILE E 39 -36.56 35.02 0.00
CA ILE E 39 -38.01 34.88 0.10
C ILE E 39 -38.56 34.53 -1.28
N PRO E 40 -39.65 33.77 -1.37
CA PRO E 40 -40.22 33.48 -2.68
C PRO E 40 -40.73 34.75 -3.35
N ALA E 41 -40.71 34.74 -4.69
CA ALA E 41 -41.08 35.94 -5.44
C ALA E 41 -42.50 36.38 -5.11
N HIS E 42 -43.41 35.44 -4.86
CA HIS E 42 -44.79 35.79 -4.59
C HIS E 42 -44.96 36.51 -3.27
N GLN E 43 -43.94 36.55 -2.42
CA GLN E 43 -43.99 37.32 -1.19
C GLN E 43 -43.63 38.80 -1.41
N VAL E 44 -43.28 39.18 -2.63
CA VAL E 44 -42.89 40.55 -2.95
C VAL E 44 -44.07 41.25 -3.59
N ASN E 45 -44.55 42.31 -2.96
CA ASN E 45 -45.67 43.09 -3.46
C ASN E 45 -45.40 44.56 -3.14
N ALA E 46 -46.39 45.41 -3.37
CA ALA E 46 -46.23 46.82 -3.08
C ALA E 46 -46.00 47.06 -1.60
N GLU E 47 -46.77 46.37 -0.75
CA GLU E 47 -46.59 46.53 0.69
C GLU E 47 -45.21 46.10 1.15
N PHE E 48 -44.55 45.21 0.40
CA PHE E 48 -43.23 44.75 0.78
C PHE E 48 -42.22 45.89 0.75
N PHE E 49 -42.31 46.77 -0.25
CA PHE E 49 -41.36 47.86 -0.40
C PHE E 49 -41.66 49.03 0.54
N GLU E 50 -42.81 49.03 1.20
CA GLU E 50 -43.15 50.07 2.16
C GLU E 50 -42.97 49.60 3.60
N GLU E 51 -43.10 48.31 3.89
CA GLU E 51 -43.00 47.81 5.26
C GLU E 51 -41.78 46.94 5.51
N GLY E 52 -41.07 46.50 4.48
CA GLY E 52 -39.89 45.71 4.70
C GLY E 52 -40.21 44.32 5.23
N LYS E 53 -39.17 43.67 5.73
CA LYS E 53 -39.27 42.34 6.32
C LYS E 53 -38.60 42.33 7.68
N MET E 54 -39.33 41.89 8.70
CA MET E 54 -38.77 41.76 10.03
C MET E 54 -37.79 40.59 10.08
N PHE E 55 -36.67 40.80 10.76
CA PHE E 55 -35.70 39.73 10.96
C PHE E 55 -35.01 39.94 12.29
N ASP E 56 -34.46 38.85 12.84
CA ASP E 56 -33.79 38.88 14.13
C ASP E 56 -32.30 39.09 13.90
N GLY E 57 -31.80 40.28 14.21
CA GLY E 57 -30.40 40.60 14.05
C GLY E 57 -29.53 40.36 15.26
N SER E 58 -30.09 39.77 16.33
CA SER E 58 -29.30 39.57 17.54
C SER E 58 -28.11 38.66 17.29
N SER E 59 -28.22 37.74 16.35
CA SER E 59 -27.15 36.80 16.04
C SER E 59 -26.13 37.38 15.07
N ILE E 60 -26.36 38.58 14.54
CA ILE E 60 -25.35 39.23 13.73
C ILE E 60 -24.21 39.72 14.62
N GLY E 61 -23.04 39.90 14.01
CA GLY E 61 -21.82 40.11 14.75
C GLY E 61 -21.89 41.14 15.86
N GLY E 62 -22.04 42.41 15.50
CA GLY E 62 -21.99 43.48 16.48
C GLY E 62 -23.32 44.14 16.73
N TRP E 63 -24.42 43.44 16.47
CA TRP E 63 -25.76 44.00 16.58
C TRP E 63 -26.52 43.50 17.80
N LYS E 64 -25.85 42.79 18.71
CA LYS E 64 -26.54 42.27 19.88
C LYS E 64 -27.10 43.40 20.73
N GLY E 65 -28.34 43.24 21.16
CA GLY E 65 -29.00 44.25 21.98
C GLY E 65 -28.66 44.11 23.44
N ASP E 70 -34.75 42.42 16.42
CA ASP E 70 -36.04 42.83 15.90
C ASP E 70 -35.92 44.09 15.06
N MET E 71 -35.38 43.94 13.85
CA MET E 71 -35.15 45.05 12.94
C MET E 71 -35.79 44.75 11.59
N VAL E 72 -35.85 45.77 10.74
CA VAL E 72 -36.56 45.71 9.48
C VAL E 72 -35.55 45.69 8.33
N LEU E 73 -35.76 44.80 7.39
CA LEU E 73 -35.04 44.82 6.11
C LEU E 73 -35.86 45.65 5.12
N MET E 74 -35.33 46.81 4.74
CA MET E 74 -36.03 47.68 3.80
C MET E 74 -35.38 47.58 2.44
N PRO E 75 -36.03 46.97 1.45
CA PRO E 75 -35.40 46.83 0.13
C PRO E 75 -35.18 48.19 -0.53
N ASP E 76 -34.08 48.27 -1.28
CA ASP E 76 -33.77 49.42 -2.11
C ASP E 76 -33.93 48.97 -3.56
N ALA E 77 -35.09 49.29 -4.15
CA ALA E 77 -35.40 48.79 -5.49
C ALA E 77 -34.35 49.17 -6.52
N SER E 78 -33.69 50.30 -6.34
CA SER E 78 -32.69 50.74 -7.31
C SER E 78 -31.51 49.78 -7.40
N THR E 79 -31.37 48.89 -6.42
CA THR E 79 -30.29 47.91 -6.41
C THR E 79 -30.71 46.56 -6.97
N ALA E 80 -31.93 46.43 -7.48
CA ALA E 80 -32.39 45.14 -7.96
C ALA E 80 -31.50 44.64 -9.10
N VAL E 81 -31.09 43.38 -9.01
CA VAL E 81 -30.23 42.78 -10.03
C VAL E 81 -30.40 41.26 -9.95
N ILE E 82 -30.34 40.62 -11.11
CA ILE E 82 -30.55 39.18 -11.20
C ILE E 82 -29.27 38.45 -10.82
N ASP E 83 -29.39 37.46 -9.96
CA ASP E 83 -28.24 36.67 -9.54
C ASP E 83 -27.77 35.76 -10.67
N PRO E 84 -26.49 35.80 -11.04
CA PRO E 84 -26.01 34.95 -12.15
C PRO E 84 -25.50 33.57 -11.75
N PHE E 85 -25.62 33.18 -10.49
CA PHE E 85 -25.05 31.93 -10.01
C PHE E 85 -26.08 30.93 -9.50
N PHE E 86 -27.20 31.39 -8.94
CA PHE E 86 -28.17 30.48 -8.36
C PHE E 86 -28.87 29.69 -9.45
N ALA E 87 -29.14 28.41 -9.18
CA ALA E 87 -29.80 27.56 -10.15
C ALA E 87 -31.20 28.07 -10.48
N ASP E 88 -31.95 28.49 -9.47
CA ASP E 88 -33.28 29.05 -9.67
C ASP E 88 -33.18 30.54 -9.91
N SER E 89 -34.04 31.04 -10.79
CA SER E 89 -34.05 32.46 -11.12
C SER E 89 -34.26 33.28 -9.85
N THR E 90 -33.24 34.04 -9.46
CA THR E 90 -33.28 34.82 -8.23
C THR E 90 -32.96 36.27 -8.54
N LEU E 91 -33.59 37.18 -7.79
CA LEU E 91 -33.38 38.61 -7.92
C LEU E 91 -32.76 39.13 -6.63
N ILE E 92 -31.64 39.83 -6.76
CA ILE E 92 -30.93 40.36 -5.60
C ILE E 92 -31.39 41.79 -5.38
N ILE E 93 -31.87 42.08 -4.17
CA ILE E 93 -32.22 43.43 -3.75
C ILE E 93 -31.40 43.75 -2.52
N ARG E 94 -30.64 44.84 -2.57
CA ARG E 94 -29.91 45.30 -1.40
C ARG E 94 -30.84 46.05 -0.47
N CYS E 95 -30.67 45.83 0.83
CA CYS E 95 -31.58 46.34 1.83
C CYS E 95 -30.82 47.09 2.91
N ASP E 96 -31.46 48.12 3.45
CA ASP E 96 -30.99 48.81 4.64
C ASP E 96 -31.66 48.21 5.88
N ILE E 97 -31.03 48.41 7.02
CA ILE E 97 -31.54 47.94 8.30
C ILE E 97 -32.12 49.13 9.03
N LEU E 98 -33.42 49.08 9.30
CA LEU E 98 -34.13 50.18 9.93
C LEU E 98 -34.70 49.74 11.28
N GLU E 99 -34.80 50.68 12.20
CA GLU E 99 -35.44 50.41 13.47
C GLU E 99 -36.93 50.15 13.24
N PRO E 100 -37.51 49.15 13.92
CA PRO E 100 -38.89 48.78 13.60
C PRO E 100 -39.89 49.90 13.78
N GLY E 101 -39.73 50.74 14.81
CA GLY E 101 -40.71 51.76 15.11
C GLY E 101 -40.65 52.97 14.22
N THR E 102 -39.54 53.71 14.29
CA THR E 102 -39.39 54.94 13.55
C THR E 102 -39.01 54.73 12.09
N LEU E 103 -38.64 53.50 11.70
CA LEU E 103 -38.20 53.22 10.35
C LEU E 103 -37.01 54.10 9.95
N GLN E 104 -36.15 54.42 10.91
CA GLN E 104 -34.93 55.17 10.66
C GLN E 104 -33.74 54.21 10.62
N GLY E 105 -32.69 54.65 9.94
CA GLY E 105 -31.55 53.78 9.76
C GLY E 105 -30.94 53.35 11.08
N TYR E 106 -30.65 52.07 11.19
CA TYR E 106 -30.00 51.54 12.38
C TYR E 106 -28.62 52.16 12.54
N ASP E 107 -28.29 52.52 13.78
CA ASP E 107 -27.04 53.26 14.02
C ASP E 107 -25.82 52.43 13.65
N ARG E 108 -25.93 51.10 13.71
CA ARG E 108 -24.81 50.22 13.43
C ARG E 108 -24.87 49.59 12.04
N ASP E 109 -25.75 50.07 11.17
CA ASP E 109 -25.81 49.56 9.81
C ASP E 109 -24.80 50.30 8.94
N PRO E 110 -23.80 49.62 8.37
CA PRO E 110 -22.80 50.35 7.57
C PRO E 110 -23.38 51.11 6.40
N ARG E 111 -24.39 50.55 5.71
CA ARG E 111 -24.99 51.27 4.59
C ARG E 111 -25.69 52.53 5.08
N SER E 112 -26.38 52.45 6.22
CA SER E 112 -27.00 53.63 6.78
C SER E 112 -25.95 54.67 7.16
N ILE E 113 -24.82 54.23 7.70
CA ILE E 113 -23.76 55.16 8.06
C ILE E 113 -23.22 55.86 6.82
N ALA E 114 -23.02 55.12 5.74
CA ALA E 114 -22.55 55.73 4.50
C ALA E 114 -23.55 56.73 3.94
N LYS E 115 -24.84 56.37 3.96
CA LYS E 115 -25.86 57.29 3.50
C LYS E 115 -25.88 58.55 4.34
N ARG E 116 -25.75 58.42 5.65
CA ARG E 116 -25.70 59.59 6.52
C ARG E 116 -24.46 60.43 6.25
N ALA E 117 -23.34 59.80 5.93
CA ALA E 117 -22.15 60.56 5.56
C ALA E 117 -22.39 61.38 4.30
N GLU E 118 -23.02 60.77 3.30
CA GLU E 118 -23.35 61.52 2.09
C GLU E 118 -24.30 62.68 2.40
N ASP E 119 -25.31 62.43 3.23
CA ASP E 119 -26.25 63.50 3.59
C ASP E 119 -25.54 64.63 4.32
N TYR E 120 -24.60 64.29 5.21
CA TYR E 120 -23.83 65.31 5.91
C TYR E 120 -22.97 66.11 4.94
N LEU E 121 -22.36 65.43 3.98
CA LEU E 121 -21.59 66.14 2.95
C LEU E 121 -22.47 67.15 2.23
N ARG E 122 -23.69 66.73 1.87
CA ARG E 122 -24.60 67.65 1.20
C ARG E 122 -24.99 68.81 2.12
N SER E 123 -25.24 68.53 3.39
CA SER E 123 -25.71 69.56 4.31
C SER E 123 -24.64 70.62 4.57
N THR E 124 -23.38 70.20 4.73
CA THR E 124 -22.33 71.17 5.01
C THR E 124 -22.16 72.17 3.88
N GLY E 125 -22.64 71.85 2.68
CA GLY E 125 -22.52 72.75 1.56
C GLY E 125 -21.19 72.72 0.87
N ILE E 126 -20.26 71.87 1.31
CA ILE E 126 -18.94 71.81 0.69
C ILE E 126 -19.04 71.27 -0.72
N ALA E 127 -19.86 70.24 -0.92
CA ALA E 127 -20.01 69.62 -2.23
C ALA E 127 -21.36 68.90 -2.28
N ASP E 128 -21.74 68.52 -3.50
CA ASP E 128 -22.98 67.79 -3.72
C ASP E 128 -22.76 66.28 -3.78
N THR E 129 -21.68 65.84 -4.42
CA THR E 129 -21.39 64.42 -4.57
C THR E 129 -19.93 64.14 -4.28
N VAL E 130 -19.66 62.92 -3.83
CA VAL E 130 -18.32 62.42 -3.60
C VAL E 130 -18.11 61.19 -4.49
N LEU E 131 -17.01 61.18 -5.23
CA LEU E 131 -16.70 60.09 -6.15
C LEU E 131 -15.57 59.25 -5.56
N PHE E 132 -15.76 57.94 -5.57
CA PHE E 132 -14.81 56.98 -5.02
C PHE E 132 -14.46 55.99 -6.12
N GLY E 133 -13.18 55.88 -6.43
CA GLY E 133 -12.67 54.76 -7.19
C GLY E 133 -11.76 53.88 -6.35
N PRO E 134 -12.28 52.76 -5.88
CA PRO E 134 -11.42 51.75 -5.25
C PRO E 134 -10.87 50.74 -6.26
N GLU E 135 -9.70 50.22 -5.94
CA GLU E 135 -8.97 49.30 -6.81
C GLU E 135 -8.57 48.05 -6.02
N PRO E 136 -9.53 47.22 -5.62
CA PRO E 136 -9.18 46.02 -4.86
C PRO E 136 -8.44 44.99 -5.69
N GLU E 137 -7.62 44.22 -5.02
CA GLU E 137 -6.90 43.09 -5.59
C GLU E 137 -7.28 41.83 -4.81
N PHE E 138 -6.99 40.66 -5.37
CA PHE E 138 -7.36 39.42 -4.73
C PHE E 138 -6.38 38.32 -5.14
N PHE E 139 -6.42 37.22 -4.38
CA PHE E 139 -5.62 36.05 -4.66
C PHE E 139 -6.52 34.89 -5.04
N LEU E 140 -6.09 34.12 -6.04
CA LEU E 140 -6.77 32.91 -6.46
C LEU E 140 -5.88 31.72 -6.13
N PHE E 141 -6.43 30.75 -5.39
CA PHE E 141 -5.69 29.59 -4.94
C PHE E 141 -6.42 28.33 -5.37
N ASP E 142 -5.68 27.22 -5.45
CA ASP E 142 -6.31 25.94 -5.72
C ASP E 142 -6.71 25.22 -4.43
N ASP E 143 -5.96 25.42 -3.35
CA ASP E 143 -6.24 24.76 -2.09
C ASP E 143 -5.76 25.64 -0.95
N ILE E 144 -6.57 25.76 0.09
CA ILE E 144 -6.21 26.46 1.31
C ILE E 144 -6.59 25.58 2.48
N ARG E 145 -5.62 25.29 3.35
CA ARG E 145 -5.89 24.51 4.55
C ARG E 145 -5.32 25.24 5.75
N PHE E 146 -6.13 25.43 6.78
CA PHE E 146 -5.64 26.09 7.98
C PHE E 146 -6.38 25.55 9.19
N GLY E 147 -5.72 25.63 10.33
CA GLY E 147 -6.30 25.13 11.56
C GLY E 147 -5.45 25.52 12.75
N SER E 148 -6.06 25.42 13.92
CA SER E 148 -5.37 25.68 15.18
C SER E 148 -6.01 24.82 16.26
N SER E 149 -5.19 24.43 17.23
CA SER E 149 -5.66 23.66 18.37
C SER E 149 -4.64 23.81 19.49
N ILE E 150 -4.83 23.04 20.57
CA ILE E 150 -3.88 23.08 21.66
C ILE E 150 -2.53 22.54 21.22
N SER E 151 -2.52 21.58 20.31
CA SER E 151 -1.29 20.91 19.90
C SER E 151 -0.47 21.72 18.90
N GLY E 152 -1.04 22.76 18.31
CA GLY E 152 -0.31 23.53 17.32
C GLY E 152 -1.28 24.24 16.38
N SER E 153 -0.71 24.73 15.28
CA SER E 153 -1.49 25.49 14.30
C SER E 153 -0.76 25.47 12.97
N HIS E 154 -1.53 25.51 11.87
CA HIS E 154 -0.93 25.44 10.55
C HIS E 154 -1.76 26.21 9.54
N VAL E 155 -1.07 26.68 8.50
CA VAL E 155 -1.66 27.20 7.27
C VAL E 155 -0.82 26.71 6.11
N ALA E 156 -1.49 26.28 5.04
CA ALA E 156 -0.85 25.76 3.84
C ALA E 156 -1.65 26.24 2.64
N ILE E 157 -1.00 27.05 1.80
CA ILE E 157 -1.58 27.57 0.57
C ILE E 157 -0.98 26.79 -0.59
N ASP E 158 -1.83 26.36 -1.52
CA ASP E 158 -1.37 25.68 -2.73
C ASP E 158 -2.09 26.27 -3.94
N ASP E 159 -1.32 26.64 -4.95
CA ASP E 159 -1.86 27.06 -6.24
C ASP E 159 -0.94 26.56 -7.34
N ILE E 160 -1.55 26.25 -8.49
CA ILE E 160 -0.76 25.75 -9.61
C ILE E 160 0.23 26.80 -10.10
N GLU E 161 -0.12 28.09 -9.96
CA GLU E 161 0.79 29.16 -10.37
C GLU E 161 1.89 29.41 -9.34
N GLY E 162 1.77 28.87 -8.14
CA GLY E 162 2.78 29.10 -7.12
C GLY E 162 4.16 28.64 -7.53
N ALA E 163 5.15 29.51 -7.38
CA ALA E 163 6.50 29.17 -7.82
C ALA E 163 7.03 27.93 -7.13
N TRP E 164 6.62 27.71 -5.88
CA TRP E 164 7.08 26.55 -5.13
C TRP E 164 6.62 25.24 -5.75
N ASN E 165 5.66 25.28 -6.67
CA ASN E 165 5.22 24.09 -7.36
C ASN E 165 6.06 23.78 -8.59
N SER E 166 7.19 24.46 -8.77
CA SER E 166 8.07 24.14 -9.88
C SER E 166 8.63 22.73 -9.77
N SER E 167 8.64 22.15 -8.57
CA SER E 167 9.13 20.80 -8.35
C SER E 167 8.02 19.79 -8.11
N THR E 168 6.78 20.24 -7.95
CA THR E 168 5.69 19.33 -7.64
C THR E 168 5.43 18.37 -8.78
N GLN E 169 5.07 17.13 -8.44
CA GLN E 169 4.67 16.14 -9.42
C GLN E 169 3.16 16.16 -9.60
N TYR E 170 2.72 16.35 -10.83
CA TYR E 170 1.30 16.42 -11.16
C TYR E 170 0.92 15.25 -12.06
N GLU E 171 -0.30 14.77 -11.89
CA GLU E 171 -0.85 13.79 -12.81
C GLU E 171 -1.01 14.43 -14.19
N GLY E 172 -0.50 13.76 -15.22
CA GLY E 172 -0.46 14.32 -16.55
C GLY E 172 0.77 15.16 -16.82
N GLY E 173 1.65 15.32 -15.86
CA GLY E 173 2.89 16.06 -16.05
C GLY E 173 2.82 17.46 -15.48
N ASN E 174 3.99 17.99 -15.14
CA ASN E 174 4.12 19.35 -14.62
C ASN E 174 4.55 20.27 -15.75
N LYS E 175 3.72 21.25 -16.05
CA LYS E 175 4.06 22.29 -17.02
C LYS E 175 4.72 23.44 -16.27
N GLY E 176 5.94 23.78 -16.63
CA GLY E 176 6.79 24.61 -15.79
C GLY E 176 6.64 26.10 -15.98
N HIS E 177 5.56 26.54 -16.62
CA HIS E 177 5.34 27.97 -16.86
C HIS E 177 4.57 28.52 -15.67
N ARG E 178 5.29 29.12 -14.73
CA ARG E 178 4.69 29.72 -13.55
C ARG E 178 5.27 31.11 -13.34
N PRO E 179 4.51 32.03 -12.77
CA PRO E 179 5.09 33.31 -12.35
C PRO E 179 6.14 33.09 -11.27
N ALA E 180 7.21 33.87 -11.33
CA ALA E 180 8.19 33.87 -10.26
C ALA E 180 7.67 34.72 -9.11
N VAL E 181 8.35 34.63 -7.96
CA VAL E 181 7.99 35.46 -6.83
C VAL E 181 8.16 36.92 -7.22
N LYS E 182 7.10 37.71 -7.06
CA LYS E 182 7.10 39.12 -7.48
C LYS E 182 7.37 39.26 -8.97
N GLY E 183 6.83 38.32 -9.75
CA GLY E 183 7.03 38.35 -11.19
C GLY E 183 5.80 38.00 -11.99
N GLY E 184 4.62 38.29 -11.44
CA GLY E 184 3.38 37.99 -12.11
C GLY E 184 2.72 39.18 -12.76
N TYR E 185 3.47 40.26 -12.96
CA TYR E 185 2.95 41.53 -13.47
C TYR E 185 3.73 41.90 -14.72
N PHE E 186 3.24 41.50 -15.89
CA PHE E 186 2.09 40.63 -16.13
C PHE E 186 2.27 39.83 -17.43
N PRO E 187 3.02 38.74 -17.37
CA PRO E 187 3.34 37.99 -18.59
C PRO E 187 2.12 37.29 -19.15
N VAL E 188 2.21 36.99 -20.44
CA VAL E 188 1.10 36.37 -21.19
C VAL E 188 0.98 34.90 -20.82
N PRO E 189 -0.13 34.25 -21.13
CA PRO E 189 -0.25 32.82 -20.88
C PRO E 189 0.78 32.04 -21.69
N PRO E 190 1.10 30.81 -21.29
CA PRO E 190 0.52 30.03 -20.19
C PRO E 190 1.10 30.38 -18.83
N VAL E 191 2.00 31.35 -18.74
CA VAL E 191 2.48 31.79 -17.43
C VAL E 191 1.33 32.37 -16.62
N ASP E 192 0.51 33.20 -17.25
CA ASP E 192 -0.72 33.71 -16.65
C ASP E 192 -1.84 32.72 -16.95
N SER E 193 -2.34 32.05 -15.92
CA SER E 193 -3.33 30.99 -16.07
C SER E 193 -4.74 31.44 -15.71
N ALA E 194 -4.97 32.73 -15.50
CA ALA E 194 -6.25 33.22 -15.04
C ALA E 194 -6.90 34.18 -16.03
N GLN E 195 -6.49 34.14 -17.30
CA GLN E 195 -7.10 35.02 -18.29
C GLN E 195 -8.59 34.74 -18.43
N ASP E 196 -8.95 33.46 -18.59
CA ASP E 196 -10.36 33.12 -18.74
C ASP E 196 -11.15 33.41 -17.49
N ILE E 197 -10.58 33.14 -16.32
CA ILE E 197 -11.27 33.42 -15.07
C ILE E 197 -11.54 34.91 -14.93
N ARG E 198 -10.55 35.73 -15.24
CA ARG E 198 -10.73 37.17 -15.13
C ARG E 198 -11.75 37.68 -16.16
N SER E 199 -11.72 37.14 -17.37
CA SER E 199 -12.70 37.56 -18.38
C SER E 199 -14.11 37.19 -17.93
N GLU E 200 -14.29 36.00 -17.38
CA GLU E 200 -15.61 35.62 -16.87
C GLU E 200 -16.04 36.53 -15.73
N MET E 201 -15.11 36.86 -14.83
CA MET E 201 -15.43 37.79 -13.75
C MET E 201 -15.89 39.13 -14.31
N CYS E 202 -15.18 39.65 -15.31
CA CYS E 202 -15.55 40.93 -15.90
C CYS E 202 -16.93 40.87 -16.54
N LEU E 203 -17.21 39.79 -17.29
CA LEU E 203 -18.51 39.68 -17.95
C LEU E 203 -19.64 39.58 -16.92
N VAL E 204 -19.45 38.77 -15.88
CA VAL E 204 -20.49 38.65 -14.87
C VAL E 204 -20.68 39.98 -14.14
N MET E 205 -19.59 40.69 -13.87
CA MET E 205 -19.69 41.98 -13.20
C MET E 205 -20.49 42.96 -14.06
N GLU E 206 -20.22 42.98 -15.37
CA GLU E 206 -21.00 43.85 -16.25
C GLU E 206 -22.47 43.43 -16.28
N GLN E 207 -22.73 42.12 -16.20
CA GLN E 207 -24.11 41.67 -16.08
C GLN E 207 -24.76 42.22 -14.82
N MET E 208 -24.01 42.28 -13.72
CA MET E 208 -24.53 42.73 -12.45
C MET E 208 -24.47 44.23 -12.27
N GLY E 209 -24.18 44.99 -13.33
CA GLY E 209 -24.28 46.43 -13.29
C GLY E 209 -22.99 47.19 -13.08
N LEU E 210 -21.84 46.52 -13.07
CA LEU E 210 -20.57 47.20 -12.91
C LEU E 210 -19.97 47.55 -14.27
N VAL E 211 -19.20 48.62 -14.30
CA VAL E 211 -18.49 49.06 -15.50
C VAL E 211 -17.03 48.71 -15.30
N VAL E 212 -16.52 47.79 -16.09
CA VAL E 212 -15.16 47.31 -15.96
C VAL E 212 -14.25 48.11 -16.87
N GLU E 213 -13.05 48.40 -16.40
CA GLU E 213 -12.06 49.18 -17.13
C GLU E 213 -10.90 48.35 -17.64
N ALA E 214 -10.49 47.33 -16.88
CA ALA E 214 -9.36 46.49 -17.25
C ALA E 214 -9.29 45.33 -16.27
N HIS E 215 -8.48 44.34 -16.61
CA HIS E 215 -8.19 43.27 -15.67
C HIS E 215 -6.83 42.69 -15.99
N HIS E 216 -6.09 42.30 -14.96
CA HIS E 216 -4.76 41.76 -15.19
C HIS E 216 -4.27 40.96 -14.00
N HIS E 217 -3.20 40.20 -14.25
CA HIS E 217 -2.44 39.54 -13.22
C HIS E 217 -1.61 40.55 -12.44
N GLU E 218 -1.44 40.30 -11.15
CA GLU E 218 -0.73 41.21 -10.26
C GLU E 218 0.66 40.65 -9.95
N VAL E 219 1.38 41.39 -9.10
CA VAL E 219 2.80 41.13 -8.90
C VAL E 219 3.03 39.76 -8.29
N ALA E 220 2.22 39.38 -7.30
CA ALA E 220 2.49 38.16 -6.55
C ALA E 220 2.37 36.93 -7.45
N THR E 221 2.85 35.80 -6.96
CA THR E 221 3.00 34.60 -7.76
C THR E 221 1.79 33.69 -7.69
N ALA E 222 1.19 33.52 -6.52
CA ALA E 222 0.12 32.54 -6.32
C ALA E 222 -1.23 33.12 -6.77
N GLY E 223 -1.28 33.48 -8.05
CA GLY E 223 -2.53 33.88 -8.67
C GLY E 223 -3.13 35.17 -8.13
N GLN E 224 -2.32 36.19 -7.95
CA GLN E 224 -2.85 37.50 -7.59
C GLN E 224 -3.35 38.21 -8.84
N ASN E 225 -4.58 38.72 -8.77
CA ASN E 225 -5.25 39.32 -9.90
C ASN E 225 -6.03 40.54 -9.43
N GLU E 226 -6.27 41.47 -10.36
CA GLU E 226 -7.18 42.57 -10.09
C GLU E 226 -8.01 42.90 -11.32
N VAL E 227 -9.29 43.19 -11.08
CA VAL E 227 -10.21 43.69 -12.08
C VAL E 227 -10.57 45.11 -11.67
N ALA E 228 -10.26 46.08 -12.52
CA ALA E 228 -10.52 47.48 -12.24
C ALA E 228 -11.93 47.85 -12.69
N THR E 229 -12.63 48.58 -11.84
CA THR E 229 -13.99 49.03 -12.11
C THR E 229 -14.05 50.56 -12.06
N ARG E 230 -15.00 51.12 -12.79
CA ARG E 230 -15.15 52.56 -12.86
C ARG E 230 -15.59 53.12 -11.52
N PHE E 231 -15.15 54.33 -11.23
CA PHE E 231 -15.52 55.01 -10.00
C PHE E 231 -17.03 55.23 -9.94
N ASN E 232 -17.51 55.63 -8.76
CA ASN E 232 -18.93 55.93 -8.60
C ASN E 232 -19.11 56.66 -7.28
N THR E 233 -20.35 57.08 -7.01
CA THR E 233 -20.61 57.74 -5.75
C THR E 233 -20.36 56.79 -4.59
N MET E 234 -20.30 57.35 -3.38
CA MET E 234 -19.78 56.59 -2.24
C MET E 234 -20.60 55.34 -1.98
N THR E 235 -21.89 55.51 -1.65
CA THR E 235 -22.72 54.36 -1.32
C THR E 235 -22.88 53.42 -2.51
N LYS E 236 -23.07 53.99 -3.70
CA LYS E 236 -23.16 53.17 -4.89
C LYS E 236 -21.89 52.36 -5.09
N LYS E 237 -20.73 52.97 -4.89
CA LYS E 237 -19.49 52.24 -5.09
C LYS E 237 -19.24 51.22 -4.00
N ALA E 238 -19.75 51.45 -2.79
CA ALA E 238 -19.65 50.43 -1.76
C ALA E 238 -20.50 49.21 -2.13
N ASP E 239 -21.72 49.45 -2.61
CA ASP E 239 -22.53 48.33 -3.09
C ASP E 239 -21.83 47.63 -4.26
N GLU E 240 -21.19 48.40 -5.12
CA GLU E 240 -20.46 47.81 -6.24
C GLU E 240 -19.29 46.96 -5.75
N ILE E 241 -18.62 47.39 -4.68
CA ILE E 241 -17.53 46.59 -4.12
C ILE E 241 -18.07 45.30 -3.53
N GLN E 242 -19.22 45.35 -2.88
CA GLN E 242 -19.82 44.12 -2.37
C GLN E 242 -20.17 43.17 -3.51
N ILE E 243 -20.76 43.69 -4.58
CA ILE E 243 -21.06 42.86 -5.75
C ILE E 243 -19.77 42.32 -6.35
N TYR E 244 -18.71 43.12 -6.34
CA TYR E 244 -17.42 42.71 -6.88
C TYR E 244 -16.88 41.51 -6.11
N LYS E 245 -16.87 41.61 -4.79
CA LYS E 245 -16.36 40.50 -3.98
C LYS E 245 -17.22 39.27 -4.16
N TYR E 246 -18.55 39.43 -4.22
CA TYR E 246 -19.43 38.30 -4.45
C TYR E 246 -19.11 37.61 -5.77
N VAL E 247 -18.98 38.40 -6.84
CA VAL E 247 -18.73 37.83 -8.16
C VAL E 247 -17.39 37.12 -8.19
N VAL E 248 -16.36 37.74 -7.62
CA VAL E 248 -15.04 37.11 -7.63
C VAL E 248 -15.09 35.79 -6.90
N HIS E 249 -15.67 35.77 -5.70
CA HIS E 249 -15.73 34.53 -4.93
C HIS E 249 -16.47 33.45 -5.70
N ASN E 250 -17.64 33.79 -6.24
CA ASN E 250 -18.47 32.75 -6.86
C ASN E 250 -17.89 32.26 -8.17
N VAL E 251 -17.29 33.15 -8.97
CA VAL E 251 -16.66 32.72 -10.21
C VAL E 251 -15.46 31.83 -9.90
N ALA E 252 -14.65 32.21 -8.91
CA ALA E 252 -13.53 31.36 -8.53
C ALA E 252 -14.01 30.00 -8.06
N HIS E 253 -15.10 29.97 -7.29
CA HIS E 253 -15.66 28.70 -6.85
C HIS E 253 -16.13 27.86 -8.04
N ARG E 254 -16.75 28.51 -9.02
CA ARG E 254 -17.24 27.78 -10.19
C ARG E 254 -16.11 27.29 -11.09
N PHE E 255 -14.94 27.92 -11.02
CA PHE E 255 -13.78 27.48 -11.78
C PHE E 255 -12.89 26.51 -11.00
N GLY E 256 -13.31 26.11 -9.80
CA GLY E 256 -12.49 25.24 -8.99
C GLY E 256 -11.41 25.95 -8.20
N LYS E 257 -11.41 27.27 -8.19
CA LYS E 257 -10.43 28.06 -7.48
C LYS E 257 -10.98 28.51 -6.13
N THR E 258 -10.27 29.41 -5.48
CA THR E 258 -10.68 29.96 -4.20
C THR E 258 -10.13 31.37 -4.10
N ALA E 259 -11.01 32.35 -3.99
CA ALA E 259 -10.60 33.74 -3.95
C ALA E 259 -10.49 34.22 -2.51
N THR E 260 -9.51 35.07 -2.26
CA THR E 260 -9.35 35.70 -0.96
C THR E 260 -8.93 37.15 -1.14
N PHE E 261 -9.52 38.02 -0.32
CA PHE E 261 -9.20 39.44 -0.30
C PHE E 261 -8.36 39.79 0.93
N MET E 262 -7.65 38.82 1.50
CA MET E 262 -6.81 39.10 2.64
C MET E 262 -5.70 40.08 2.24
N PRO E 263 -5.34 41.02 3.12
CA PRO E 263 -4.24 41.93 2.77
C PRO E 263 -2.93 41.21 2.49
N LYS E 264 -2.62 40.14 3.22
CA LYS E 264 -1.30 39.51 3.18
C LYS E 264 -1.42 38.03 3.47
N PRO E 265 -1.71 37.22 2.45
CA PRO E 265 -1.76 35.77 2.67
C PRO E 265 -0.38 35.12 2.76
N MET E 266 0.58 35.64 2.01
CA MET E 266 1.90 35.02 1.91
C MET E 266 2.97 36.01 2.32
N PHE E 267 4.01 35.50 2.98
CA PHE E 267 5.17 36.30 3.33
C PHE E 267 6.20 36.21 2.21
N GLY E 268 6.90 37.32 1.96
CA GLY E 268 7.87 37.37 0.89
C GLY E 268 7.27 37.65 -0.46
N ASP E 269 5.96 37.81 -0.56
CA ASP E 269 5.30 38.16 -1.80
C ASP E 269 4.36 39.33 -1.56
N ASN E 270 4.06 40.06 -2.61
CA ASN E 270 3.27 41.28 -2.49
C ASN E 270 1.89 40.96 -1.93
N GLY E 271 1.39 41.86 -1.07
CA GLY E 271 0.06 41.74 -0.53
C GLY E 271 -0.98 42.39 -1.42
N SER E 272 -2.21 42.34 -0.97
CA SER E 272 -3.35 42.90 -1.70
C SER E 272 -3.78 44.20 -1.03
N GLY E 273 -3.94 45.25 -1.84
CA GLY E 273 -4.39 46.53 -1.33
C GLY E 273 -5.56 47.05 -2.14
N MET E 274 -6.22 48.06 -1.59
CA MET E 274 -7.37 48.71 -2.21
C MET E 274 -7.10 50.22 -2.19
N HIS E 275 -6.42 50.71 -3.23
CA HIS E 275 -6.22 52.14 -3.37
C HIS E 275 -7.56 52.82 -3.62
N CYS E 276 -7.82 53.90 -2.89
CA CYS E 276 -9.11 54.59 -2.95
C CYS E 276 -8.91 55.97 -3.55
N HIS E 277 -9.36 56.15 -4.78
CA HIS E 277 -9.38 57.45 -5.41
C HIS E 277 -10.60 58.23 -4.95
N MET E 278 -10.40 59.52 -4.70
CA MET E 278 -11.47 60.36 -4.18
C MET E 278 -11.51 61.69 -4.92
N SER E 279 -12.71 62.24 -5.06
CA SER E 279 -12.90 63.58 -5.59
C SER E 279 -14.26 64.08 -5.15
N LEU E 280 -14.40 65.40 -5.14
CA LEU E 280 -15.63 66.06 -4.73
C LEU E 280 -16.12 66.94 -5.88
N SER E 281 -17.43 66.91 -6.11
CA SER E 281 -18.06 67.68 -7.18
C SER E 281 -19.25 68.44 -6.63
N LYS E 282 -19.40 69.69 -7.07
CA LYS E 282 -20.54 70.52 -6.72
C LYS E 282 -21.04 71.20 -7.97
N ASN E 283 -22.32 70.97 -8.30
CA ASN E 283 -22.92 71.54 -9.49
C ASN E 283 -22.18 71.10 -10.76
N GLY E 284 -21.62 69.90 -10.73
CA GLY E 284 -20.99 69.32 -11.89
C GLY E 284 -19.55 69.73 -12.15
N VAL E 285 -18.95 70.53 -11.28
CA VAL E 285 -17.56 70.95 -11.42
C VAL E 285 -16.73 70.29 -10.33
N ASN E 286 -15.61 69.70 -10.71
CA ASN E 286 -14.72 69.06 -9.76
C ASN E 286 -14.11 70.12 -8.85
N LEU E 287 -14.30 69.95 -7.53
CA LEU E 287 -13.75 70.88 -6.56
C LEU E 287 -12.31 70.60 -6.21
N PHE E 288 -11.75 69.48 -6.65
CA PHE E 288 -10.36 69.13 -6.41
C PHE E 288 -9.43 69.64 -7.50
N ALA E 289 -9.95 70.35 -8.50
CA ALA E 289 -9.14 70.89 -9.58
C ALA E 289 -8.83 72.36 -9.29
N GLY E 290 -7.56 72.72 -9.42
CA GLY E 290 -7.16 74.08 -9.13
C GLY E 290 -5.76 74.36 -9.64
N ASP E 291 -5.21 75.48 -9.20
CA ASP E 291 -3.89 75.93 -9.63
C ASP E 291 -2.80 75.57 -8.63
N LYS E 292 -3.13 74.89 -7.53
CA LYS E 292 -2.13 74.55 -6.53
C LYS E 292 -1.36 73.32 -6.98
N TYR E 293 -0.60 72.73 -6.06
CA TYR E 293 0.31 71.64 -6.39
C TYR E 293 -0.41 70.55 -7.19
N ALA E 294 0.21 70.14 -8.29
CA ALA E 294 -0.29 69.06 -9.13
C ALA E 294 -1.72 69.33 -9.61
N GLY E 295 -2.05 70.60 -9.81
CA GLY E 295 -3.38 70.95 -10.27
C GLY E 295 -4.46 70.83 -9.22
N LEU E 296 -4.10 70.66 -7.95
CA LEU E 296 -5.08 70.56 -6.88
C LEU E 296 -5.58 71.94 -6.48
N SER E 297 -6.65 71.94 -5.71
CA SER E 297 -7.20 73.16 -5.14
C SER E 297 -6.92 73.21 -3.64
N GLU E 298 -7.26 74.35 -3.03
CA GLU E 298 -7.08 74.49 -1.59
C GLU E 298 -7.98 73.54 -0.84
N GLN E 299 -9.18 73.27 -1.35
CA GLN E 299 -10.05 72.27 -0.73
C GLN E 299 -9.44 70.88 -0.83
N ALA E 300 -8.80 70.57 -1.95
CA ALA E 300 -8.11 69.28 -2.07
C ALA E 300 -6.98 69.16 -1.06
N LEU E 301 -6.21 70.23 -0.89
CA LEU E 301 -5.13 70.20 0.09
C LEU E 301 -5.69 70.03 1.50
N TYR E 302 -6.79 70.72 1.81
CA TYR E 302 -7.40 70.57 3.13
C TYR E 302 -7.91 69.16 3.35
N TYR E 303 -8.49 68.56 2.31
CA TYR E 303 -8.92 67.16 2.39
C TYR E 303 -7.74 66.24 2.68
N ILE E 304 -6.62 66.45 1.98
CA ILE E 304 -5.43 65.65 2.22
C ILE E 304 -4.95 65.83 3.66
N GLY E 305 -4.96 67.08 4.13
CA GLY E 305 -4.53 67.34 5.49
C GLY E 305 -5.40 66.65 6.53
N GLY E 306 -6.71 66.67 6.32
CA GLY E 306 -7.59 65.95 7.23
C GLY E 306 -7.34 64.46 7.23
N VAL E 307 -7.16 63.89 6.03
CA VAL E 307 -6.91 62.45 5.94
C VAL E 307 -5.60 62.11 6.65
N ILE E 308 -4.59 62.96 6.50
CA ILE E 308 -3.31 62.73 7.17
C ILE E 308 -3.48 62.84 8.68
N LYS E 309 -4.22 63.85 9.15
CA LYS E 309 -4.37 64.04 10.58
C LYS E 309 -5.08 62.85 11.23
N HIS E 310 -6.16 62.37 10.59
CA HIS E 310 -6.95 61.27 11.13
C HIS E 310 -6.60 59.93 10.51
N ALA E 311 -5.38 59.80 9.97
CA ALA E 311 -5.02 58.57 9.27
C ALA E 311 -5.02 57.36 10.21
N LYS E 312 -4.52 57.52 11.42
CA LYS E 312 -4.48 56.40 12.35
C LYS E 312 -5.88 55.96 12.73
N ALA E 313 -6.78 56.91 12.99
CA ALA E 313 -8.16 56.55 13.28
C ALA E 313 -8.81 55.88 12.08
N ILE E 314 -8.52 56.37 10.87
CA ILE E 314 -9.06 55.75 9.67
C ILE E 314 -8.57 54.32 9.55
N ASN E 315 -7.32 54.07 9.93
CA ASN E 315 -6.77 52.72 9.79
C ASN E 315 -7.63 51.69 10.51
N ALA E 316 -8.28 52.06 11.59
CA ALA E 316 -9.12 51.10 12.30
C ALA E 316 -10.27 50.59 11.43
N LEU E 317 -10.64 51.34 10.40
CA LEU E 317 -11.74 50.96 9.52
C LEU E 317 -11.29 50.58 8.12
N ALA E 318 -10.21 51.17 7.63
CA ALA E 318 -9.67 50.85 6.31
C ALA E 318 -8.71 49.67 6.34
N ASN E 319 -8.12 49.37 7.49
CA ASN E 319 -7.22 48.23 7.67
C ASN E 319 -7.64 47.53 8.96
N PRO E 320 -8.82 46.92 8.97
CA PRO E 320 -9.41 46.44 10.23
C PRO E 320 -8.98 45.05 10.66
N THR E 321 -7.94 44.48 10.07
CA THR E 321 -7.49 43.14 10.36
C THR E 321 -6.02 43.16 10.77
N THR E 322 -5.65 42.25 11.66
CA THR E 322 -4.24 42.16 12.04
C THR E 322 -3.38 41.88 10.83
N ASN E 323 -3.85 41.00 9.95
CA ASN E 323 -3.13 40.69 8.73
C ASN E 323 -2.85 41.95 7.91
N SER E 324 -3.72 42.96 8.02
CA SER E 324 -3.50 44.19 7.26
C SER E 324 -2.14 44.79 7.57
N TYR E 325 -1.75 44.79 8.84
CA TYR E 325 -0.52 45.44 9.22
C TYR E 325 0.69 44.56 8.96
N LYS E 326 0.49 43.44 8.26
CA LYS E 326 1.59 42.69 7.68
C LYS E 326 1.89 43.10 6.24
N ARG E 327 1.06 43.95 5.64
CA ARG E 327 1.45 44.64 4.41
C ARG E 327 1.83 46.09 4.63
N LEU E 328 1.33 46.72 5.70
CA LEU E 328 1.69 48.09 6.03
C LEU E 328 2.97 48.13 6.86
N VAL E 329 4.02 47.50 6.34
CA VAL E 329 5.31 47.44 7.03
C VAL E 329 6.32 48.21 6.19
N PRO E 330 7.28 48.90 6.80
CA PRO E 330 8.30 49.59 5.99
C PRO E 330 9.04 48.62 5.09
N GLY E 331 9.32 49.05 3.87
CA GLY E 331 9.98 48.23 2.88
C GLY E 331 9.05 47.21 2.26
N ALA E 334 7.69 51.60 1.28
CA ALA E 334 6.35 51.07 1.57
C ALA E 334 5.34 52.22 1.62
N PRO E 335 4.06 51.90 1.42
CA PRO E 335 3.01 52.93 1.47
C PRO E 335 2.54 53.22 2.90
N VAL E 336 3.48 53.62 3.75
CA VAL E 336 3.21 53.85 5.16
C VAL E 336 3.45 55.30 5.58
N MET E 337 4.10 56.11 4.77
CA MET E 337 4.37 57.50 5.12
C MET E 337 3.13 58.34 4.81
N LEU E 338 2.70 59.13 5.79
CA LEU E 338 1.52 59.98 5.63
C LEU E 338 1.96 61.30 5.01
N ALA E 339 2.17 61.28 3.71
CA ALA E 339 2.53 62.46 2.95
C ALA E 339 1.93 62.33 1.55
N TYR E 340 1.86 63.46 0.85
CA TYR E 340 1.26 63.52 -0.47
C TYR E 340 2.29 63.97 -1.49
N SER E 341 2.37 63.24 -2.59
CA SER E 341 3.27 63.58 -3.68
C SER E 341 2.76 62.92 -4.95
N ALA E 342 3.10 63.52 -6.09
CA ALA E 342 2.65 63.04 -7.38
C ALA E 342 3.63 62.08 -8.05
N ARG E 343 4.83 61.91 -7.50
CA ARG E 343 5.86 61.11 -8.15
C ARG E 343 6.38 60.03 -7.21
N ASN E 344 6.39 60.32 -5.92
CA ASN E 344 7.08 59.46 -4.97
C ASN E 344 6.24 58.23 -4.65
N ARG E 345 6.88 57.07 -4.72
CA ARG E 345 6.22 55.81 -4.38
C ARG E 345 6.15 55.56 -2.88
N SER E 346 6.83 56.36 -2.07
CA SER E 346 6.81 56.18 -0.63
C SER E 346 5.67 56.94 0.05
N ALA E 347 4.93 57.76 -0.70
CA ALA E 347 3.85 58.55 -0.13
C ALA E 347 2.55 57.74 -0.17
N SER E 348 1.84 57.72 0.96
CA SER E 348 0.58 57.00 1.03
C SER E 348 -0.54 57.72 0.30
N ILE E 349 -0.38 59.01 0.01
CA ILE E 349 -1.34 59.79 -0.75
C ILE E 349 -0.67 60.23 -2.04
N ARG E 350 -1.27 59.90 -3.17
CA ARG E 350 -0.76 60.23 -4.48
C ARG E 350 -1.72 61.15 -5.21
N ILE E 351 -1.19 61.95 -6.12
CA ILE E 351 -2.00 62.79 -6.98
C ILE E 351 -1.83 62.29 -8.41
N PRO E 352 -2.74 61.46 -8.91
CA PRO E 352 -2.55 60.91 -10.26
C PRO E 352 -2.47 62.01 -11.31
N VAL E 353 -1.63 61.77 -12.31
CA VAL E 353 -1.46 62.72 -13.41
C VAL E 353 -2.56 62.47 -14.42
N VAL E 354 -3.53 63.38 -14.48
CA VAL E 354 -4.66 63.27 -15.39
C VAL E 354 -4.75 64.57 -16.20
N SER E 355 -4.88 64.43 -17.52
CA SER E 355 -4.92 65.60 -18.39
C SER E 355 -6.15 66.46 -18.11
N SER E 356 -7.31 65.81 -17.99
CA SER E 356 -8.55 66.56 -17.83
C SER E 356 -8.72 67.01 -16.38
N PRO E 357 -8.93 68.29 -16.12
CA PRO E 357 -9.17 68.72 -14.72
C PRO E 357 -10.37 68.03 -14.10
N LYS E 358 -11.38 67.68 -14.90
CA LYS E 358 -12.54 66.98 -14.37
C LYS E 358 -12.16 65.66 -13.72
N ALA E 359 -11.00 65.10 -14.05
CA ALA E 359 -10.55 63.84 -13.49
C ALA E 359 -9.59 64.02 -12.33
N ARG E 360 -9.38 65.25 -11.86
CA ARG E 360 -8.48 65.48 -10.75
C ARG E 360 -8.98 64.77 -9.49
N ARG E 361 -8.05 64.16 -8.76
CA ARG E 361 -8.42 63.31 -7.63
C ARG E 361 -7.20 63.06 -6.77
N ILE E 362 -7.46 62.53 -5.57
CA ILE E 362 -6.42 62.08 -4.65
C ILE E 362 -6.59 60.58 -4.44
N GLU E 363 -5.48 59.85 -4.46
CA GLU E 363 -5.46 58.41 -4.29
C GLU E 363 -4.84 58.08 -2.95
N VAL E 364 -5.64 57.56 -2.03
CA VAL E 364 -5.17 57.12 -0.72
C VAL E 364 -4.82 55.64 -0.83
N ARG E 365 -3.59 55.29 -0.45
CA ARG E 365 -3.02 54.00 -0.81
C ARG E 365 -3.07 52.96 0.30
N PHE E 366 -3.16 53.37 1.57
CA PHE E 366 -3.00 52.40 2.65
C PHE E 366 -4.17 51.43 2.80
N PRO E 367 -5.41 51.79 2.45
CA PRO E 367 -6.51 50.85 2.67
C PRO E 367 -6.29 49.50 2.02
N ASP E 368 -7.02 48.51 2.48
CA ASP E 368 -6.94 47.13 2.01
C ASP E 368 -8.32 46.60 1.69
N PRO E 369 -8.42 45.56 0.87
CA PRO E 369 -9.74 45.06 0.47
C PRO E 369 -10.50 44.35 1.58
N ALA E 370 -9.86 44.06 2.71
CA ALA E 370 -10.58 43.47 3.83
C ALA E 370 -11.46 44.48 4.56
N ALA E 371 -11.35 45.76 4.22
CA ALA E 371 -12.12 46.79 4.90
C ALA E 371 -13.60 46.71 4.53
N ASN E 372 -14.44 47.11 5.47
CA ASN E 372 -15.84 47.30 5.17
C ASN E 372 -15.95 48.50 4.24
N PRO E 373 -16.48 48.35 3.02
CA PRO E 373 -16.46 49.49 2.09
C PRO E 373 -17.19 50.70 2.62
N TYR E 374 -18.39 50.49 3.16
CA TYR E 374 -19.19 51.61 3.65
C TYR E 374 -18.44 52.37 4.74
N LEU E 375 -17.97 51.64 5.77
CA LEU E 375 -17.33 52.29 6.90
C LEU E 375 -16.03 52.97 6.48
N CYS E 376 -15.23 52.31 5.64
CA CYS E 376 -13.97 52.89 5.22
C CYS E 376 -14.19 54.17 4.41
N PHE E 377 -15.10 54.12 3.44
CA PHE E 377 -15.38 55.31 2.63
C PHE E 377 -15.94 56.43 3.48
N ALA E 378 -16.83 56.10 4.42
CA ALA E 378 -17.38 57.12 5.30
C ALA E 378 -16.29 57.75 6.16
N ALA E 379 -15.38 56.94 6.67
CA ALA E 379 -14.29 57.47 7.49
C ALA E 379 -13.41 58.40 6.69
N LEU E 380 -13.05 57.99 5.47
CA LEU E 380 -12.21 58.84 4.63
C LEU E 380 -12.91 60.15 4.31
N LEU E 381 -14.19 60.09 3.95
CA LEU E 381 -14.93 61.30 3.64
C LEU E 381 -15.04 62.21 4.85
N MET E 382 -15.31 61.64 6.03
CA MET E 382 -15.48 62.49 7.21
C MET E 382 -14.15 63.12 7.62
N ALA E 383 -13.04 62.40 7.47
CA ALA E 383 -11.74 62.99 7.74
C ALA E 383 -11.46 64.13 6.78
N GLY E 384 -11.76 63.94 5.49
CA GLY E 384 -11.57 65.01 4.53
C GLY E 384 -12.43 66.21 4.82
N LEU E 385 -13.67 65.98 5.25
CA LEU E 385 -14.57 67.10 5.55
C LEU E 385 -14.11 67.83 6.81
N ASP E 386 -13.61 67.10 7.81
CA ASP E 386 -13.02 67.77 8.97
C ASP E 386 -11.84 68.62 8.55
N GLY E 387 -10.99 68.09 7.66
CA GLY E 387 -9.88 68.88 7.17
C GLY E 387 -10.32 70.13 6.44
N ILE E 388 -11.37 70.02 5.64
CA ILE E 388 -11.89 71.20 4.93
C ILE E 388 -12.45 72.22 5.91
N LYS E 389 -13.28 71.77 6.85
CA LYS E 389 -13.92 72.69 7.77
C LYS E 389 -12.90 73.40 8.66
N ASN E 390 -11.92 72.66 9.17
CA ASN E 390 -10.92 73.26 10.05
C ASN E 390 -9.71 73.80 9.31
N LYS E 391 -9.70 73.73 7.99
CA LYS E 391 -8.62 74.28 7.16
C LYS E 391 -7.26 73.75 7.62
N ILE E 392 -7.14 72.43 7.59
CA ILE E 392 -5.91 71.75 7.98
C ILE E 392 -5.01 71.68 6.76
N HIS E 393 -3.92 72.41 6.79
CA HIS E 393 -2.98 72.41 5.67
C HIS E 393 -2.02 71.23 5.80
N PRO E 394 -1.87 70.39 4.77
CA PRO E 394 -1.03 69.21 4.89
C PRO E 394 0.46 69.48 4.78
N GLY E 395 0.88 70.74 4.72
CA GLY E 395 2.28 71.06 4.54
C GLY E 395 2.69 70.94 3.08
N GLU E 396 4.00 70.88 2.87
CA GLU E 396 4.55 70.76 1.54
C GLU E 396 4.54 69.32 1.07
N ALA E 397 4.54 69.14 -0.25
CA ALA E 397 4.54 67.79 -0.82
C ALA E 397 5.87 67.10 -0.51
N MET E 398 5.79 65.80 -0.24
CA MET E 398 6.99 65.02 0.09
C MET E 398 7.68 64.67 -1.21
N ASP E 399 8.26 65.69 -1.84
CA ASP E 399 9.03 65.51 -3.07
C ASP E 399 10.52 65.41 -2.78
N ALA E 410 13.31 62.83 8.37
CA ALA E 410 12.36 61.84 7.87
C ALA E 410 11.59 61.22 9.03
N LYS E 411 12.22 61.17 10.20
CA LYS E 411 11.57 60.61 11.38
C LYS E 411 10.38 61.45 11.83
N GLU E 412 10.28 62.69 11.37
CA GLU E 412 9.16 63.55 11.73
C GLU E 412 7.92 63.31 10.89
N ILE E 413 8.03 62.55 9.80
CA ILE E 413 6.89 62.29 8.92
C ILE E 413 5.96 61.30 9.63
N PRO E 414 4.69 61.62 9.82
CA PRO E 414 3.78 60.67 10.45
C PRO E 414 3.56 59.46 9.57
N GLN E 415 3.26 58.33 10.22
CA GLN E 415 3.05 57.06 9.53
C GLN E 415 1.73 56.47 9.96
N VAL E 416 1.23 55.54 9.14
CA VAL E 416 0.00 54.84 9.48
C VAL E 416 0.22 54.00 10.73
N ALA E 417 -0.89 53.60 11.36
CA ALA E 417 -0.81 52.79 12.55
C ALA E 417 -0.03 51.50 12.26
N GLY E 418 0.87 51.15 13.16
CA GLY E 418 1.65 49.95 13.02
C GLY E 418 1.00 48.69 13.50
N SER E 419 -0.18 48.78 14.13
CA SER E 419 -0.88 47.60 14.59
C SER E 419 -2.36 47.93 14.72
N LEU E 420 -3.17 46.86 14.74
CA LEU E 420 -4.60 47.03 14.91
C LEU E 420 -4.95 47.56 16.29
N GLU E 421 -4.18 47.20 17.31
CA GLU E 421 -4.39 47.78 18.63
C GLU E 421 -4.17 49.29 18.61
N GLU E 422 -3.10 49.73 17.95
CA GLU E 422 -2.84 51.16 17.83
C GLU E 422 -3.96 51.85 17.05
N ALA E 423 -4.40 51.24 15.96
CA ALA E 423 -5.47 51.83 15.17
C ALA E 423 -6.75 51.95 15.99
N LEU E 424 -7.09 50.91 16.75
CA LEU E 424 -8.30 50.95 17.55
C LEU E 424 -8.21 51.95 18.69
N ASN E 425 -7.03 52.07 19.31
CA ASN E 425 -6.86 53.08 20.35
C ASN E 425 -7.01 54.48 19.78
N GLU E 426 -6.43 54.73 18.60
CA GLU E 426 -6.57 56.03 17.98
C GLU E 426 -8.01 56.31 17.58
N LEU E 427 -8.73 55.31 17.10
CA LEU E 427 -10.15 55.49 16.82
C LEU E 427 -10.93 55.82 18.09
N ASP E 428 -10.59 55.14 19.20
CA ASP E 428 -11.26 55.43 20.46
C ASP E 428 -11.00 56.87 20.91
N LEU E 429 -9.77 57.35 20.72
CA LEU E 429 -9.41 58.69 21.17
C LEU E 429 -9.70 59.78 20.14
N ASP E 430 -10.16 59.44 18.94
CA ASP E 430 -10.33 60.39 17.84
C ASP E 430 -11.68 60.20 17.17
N ARG E 431 -12.75 60.18 17.96
CA ARG E 431 -14.08 59.89 17.43
C ARG E 431 -14.80 61.11 16.87
N GLU E 432 -14.36 62.33 17.19
CA GLU E 432 -15.18 63.50 16.91
C GLU E 432 -15.42 63.68 15.40
N PHE E 433 -14.38 63.51 14.60
CA PHE E 433 -14.53 63.70 13.15
C PHE E 433 -15.47 62.66 12.54
N LEU E 434 -15.72 61.56 13.23
CA LEU E 434 -16.71 60.58 12.79
C LEU E 434 -18.08 60.85 13.36
N LYS E 435 -18.16 61.43 14.56
CA LYS E 435 -19.43 61.77 15.17
C LYS E 435 -19.99 63.09 14.68
N ALA E 436 -19.26 63.83 13.86
CA ALA E 436 -19.78 65.06 13.29
C ALA E 436 -21.03 64.76 12.46
N GLY E 437 -22.10 65.49 12.73
CA GLY E 437 -23.32 65.31 11.97
C GLY E 437 -24.11 64.07 12.30
N GLY E 438 -23.74 63.34 13.35
CA GLY E 438 -24.44 62.13 13.72
C GLY E 438 -24.16 60.95 12.83
N VAL E 439 -23.13 61.01 11.99
CA VAL E 439 -22.84 59.92 11.07
C VAL E 439 -22.48 58.67 11.84
N PHE E 440 -21.44 58.74 12.67
CA PHE E 440 -21.09 57.66 13.59
C PHE E 440 -21.58 57.99 14.98
N THR E 441 -22.08 56.97 15.66
CA THR E 441 -22.57 57.11 17.03
C THR E 441 -21.60 56.41 17.97
N ASP E 442 -21.48 56.95 19.19
CA ASP E 442 -20.54 56.40 20.15
C ASP E 442 -20.77 54.91 20.35
N GLU E 443 -22.04 54.50 20.43
CA GLU E 443 -22.36 53.08 20.58
C GLU E 443 -21.82 52.27 19.40
N ALA E 444 -22.00 52.77 18.18
CA ALA E 444 -21.50 52.05 17.01
C ALA E 444 -19.99 51.93 17.04
N ILE E 445 -19.30 53.02 17.38
CA ILE E 445 -17.84 52.98 17.43
C ILE E 445 -17.37 51.99 18.48
N ASP E 446 -18.01 51.99 19.66
CA ASP E 446 -17.62 51.06 20.71
C ASP E 446 -17.86 49.61 20.28
N ALA E 447 -18.99 49.34 19.64
CA ALA E 447 -19.27 47.99 19.18
C ALA E 447 -18.23 47.53 18.17
N TYR E 448 -17.89 48.41 17.21
CA TYR E 448 -16.86 48.07 16.24
C TYR E 448 -15.53 47.79 16.92
N ILE E 449 -15.15 48.64 17.87
CA ILE E 449 -13.85 48.47 18.53
C ILE E 449 -13.81 47.15 19.28
N ALA E 450 -14.87 46.81 20.01
CA ALA E 450 -14.89 45.55 20.74
C ALA E 450 -14.85 44.37 19.77
N LEU E 451 -15.61 44.44 18.69
CA LEU E 451 -15.68 43.34 17.75
C LEU E 451 -14.32 43.07 17.12
N ARG E 452 -13.56 44.13 16.83
CA ARG E 452 -12.22 43.96 16.29
C ARG E 452 -11.21 43.54 17.37
N ARG E 453 -11.39 44.02 18.59
CA ARG E 453 -10.48 43.66 19.66
C ARG E 453 -10.56 42.18 19.99
N GLU E 454 -11.72 41.56 19.80
CA GLU E 454 -11.80 40.11 20.01
C GLU E 454 -10.84 39.38 19.08
N GLU E 455 -10.88 39.71 17.79
CA GLU E 455 -9.99 39.08 16.84
C GLU E 455 -8.54 39.40 17.15
N ASP E 456 -8.27 40.65 17.51
CA ASP E 456 -6.90 41.03 17.86
C ASP E 456 -6.40 40.21 19.04
N ASP E 457 -7.25 40.00 20.05
CA ASP E 457 -6.85 39.19 21.19
C ASP E 457 -6.57 37.75 20.79
N ARG E 458 -7.41 37.18 19.93
CA ARG E 458 -7.14 35.82 19.45
C ARG E 458 -5.75 35.74 18.82
N VAL E 459 -5.45 36.66 17.90
CA VAL E 459 -4.19 36.60 17.19
C VAL E 459 -3.02 36.90 18.12
N ARG E 460 -3.24 37.74 19.13
CA ARG E 460 -2.20 38.09 20.09
C ARG E 460 -1.88 36.95 21.04
N MET E 461 -2.88 36.17 21.42
CA MET E 461 -2.67 35.08 22.37
C MET E 461 -2.33 33.75 21.72
N THR E 462 -2.48 33.61 20.39
CA THR E 462 -2.11 32.30 19.84
C THR E 462 -0.63 32.28 19.46
N PRO E 463 0.14 31.28 19.90
CA PRO E 463 1.57 31.22 19.56
C PRO E 463 1.80 31.10 18.06
N HIS E 464 3.01 31.47 17.64
CA HIS E 464 3.37 31.56 16.24
C HIS E 464 4.40 30.50 15.85
N PRO E 465 4.24 29.82 14.71
CA PRO E 465 5.31 28.92 14.25
C PRO E 465 6.65 29.59 14.11
N VAL E 466 6.68 30.85 13.67
CA VAL E 466 7.92 31.60 13.65
C VAL E 466 8.47 31.76 15.07
N GLU E 467 7.58 31.92 16.05
CA GLU E 467 8.05 31.96 17.43
C GLU E 467 8.71 30.65 17.83
N PHE E 468 8.16 29.51 17.39
CA PHE E 468 8.87 28.27 17.68
C PHE E 468 10.22 28.23 16.98
N GLU E 469 10.25 28.61 15.70
CA GLU E 469 11.51 28.60 14.96
C GLU E 469 12.57 29.45 15.64
N LEU E 470 12.15 30.53 16.30
CA LEU E 470 13.09 31.47 16.90
C LEU E 470 13.46 31.09 18.33
N TYR E 471 12.53 30.55 19.11
CA TYR E 471 12.71 30.45 20.55
C TYR E 471 12.62 29.05 21.11
N TYR E 472 12.45 28.02 20.28
CA TYR E 472 12.27 26.69 20.85
C TYR E 472 13.50 26.26 21.63
N SER E 473 14.70 26.56 21.13
CA SER E 473 15.93 26.20 21.81
C SER E 473 16.41 27.25 22.79
N VAL E 474 15.68 28.35 22.95
CA VAL E 474 16.05 29.40 23.88
C VAL E 474 14.83 29.86 24.66
N MET F 6 -3.91 48.57 -42.21
CA MET F 6 -4.96 48.54 -41.16
C MET F 6 -4.81 49.73 -40.22
N SER F 7 -5.92 50.39 -39.91
CA SER F 7 -5.92 51.60 -39.11
C SER F 7 -6.92 51.46 -37.96
N ALA F 8 -7.12 52.56 -37.23
CA ALA F 8 -8.04 52.55 -36.11
C ALA F 8 -9.47 52.30 -36.58
N GLU F 9 -9.86 52.87 -37.72
CA GLU F 9 -11.19 52.60 -38.26
C GLU F 9 -11.36 51.12 -38.54
N HIS F 10 -10.34 50.48 -39.11
CA HIS F 10 -10.42 49.05 -39.38
C HIS F 10 -10.51 48.25 -38.09
N VAL F 11 -9.78 48.66 -37.05
CA VAL F 11 -9.87 47.95 -35.77
C VAL F 11 -11.28 48.07 -35.18
N LEU F 12 -11.85 49.28 -35.23
CA LEU F 12 -13.21 49.47 -34.74
C LEU F 12 -14.21 48.64 -35.54
N THR F 13 -14.01 48.52 -36.85
CA THR F 13 -14.87 47.67 -37.65
C THR F 13 -14.70 46.20 -37.25
N MET F 14 -13.47 45.77 -37.00
CA MET F 14 -13.22 44.40 -36.58
C MET F 14 -13.95 44.08 -35.28
N LEU F 15 -13.97 45.05 -34.36
CA LEU F 15 -14.63 44.81 -33.08
C LEU F 15 -16.08 44.38 -33.27
N ASN F 16 -16.79 45.03 -34.19
CA ASN F 16 -18.16 44.63 -34.49
C ASN F 16 -18.21 43.36 -35.34
N GLU F 17 -17.28 43.21 -36.26
CA GLU F 17 -17.32 42.09 -37.18
C GLU F 17 -17.16 40.76 -36.45
N HIS F 18 -16.25 40.69 -35.48
CA HIS F 18 -15.98 39.46 -34.76
C HIS F 18 -16.66 39.39 -33.41
N GLU F 19 -17.51 40.37 -33.08
CA GLU F 19 -18.18 40.43 -31.79
C GLU F 19 -17.16 40.30 -30.65
N VAL F 20 -16.20 41.21 -30.67
CA VAL F 20 -15.07 41.17 -29.76
C VAL F 20 -15.50 41.68 -28.40
N LYS F 21 -15.24 40.89 -27.35
CA LYS F 21 -15.54 41.29 -25.99
C LYS F 21 -14.38 41.96 -25.29
N PHE F 22 -13.14 41.59 -25.61
CA PHE F 22 -11.97 42.12 -24.95
C PHE F 22 -10.91 42.50 -25.96
N VAL F 23 -10.05 43.44 -25.57
CA VAL F 23 -8.88 43.83 -26.34
C VAL F 23 -7.66 43.66 -25.45
N ASP F 24 -6.68 42.92 -25.93
CA ASP F 24 -5.50 42.55 -25.17
C ASP F 24 -4.32 43.37 -25.68
N LEU F 25 -3.90 44.36 -24.89
CA LEU F 25 -2.78 45.22 -25.23
C LEU F 25 -1.49 44.52 -24.80
N ARG F 26 -0.60 44.28 -25.77
CA ARG F 26 0.61 43.52 -25.53
C ARG F 26 1.85 44.34 -25.82
N PHE F 27 2.92 44.03 -25.09
CA PHE F 27 4.20 44.68 -25.28
C PHE F 27 5.29 43.75 -24.76
N THR F 28 6.53 44.07 -25.09
CA THR F 28 7.67 43.25 -24.73
C THR F 28 8.58 44.02 -23.78
N ASP F 29 8.99 43.36 -22.70
CA ASP F 29 9.90 43.94 -21.74
C ASP F 29 11.35 43.74 -22.19
N THR F 30 12.29 44.17 -21.35
CA THR F 30 13.69 44.10 -21.72
C THR F 30 14.15 42.66 -21.93
N LYS F 31 13.70 41.74 -21.07
CA LYS F 31 14.13 40.35 -21.18
C LYS F 31 13.51 39.63 -22.38
N GLY F 32 12.55 40.24 -23.06
CA GLY F 32 11.93 39.64 -24.22
C GLY F 32 10.62 38.93 -23.95
N LYS F 33 10.14 38.94 -22.71
CA LYS F 33 8.88 38.31 -22.39
C LYS F 33 7.71 39.24 -22.70
N GLU F 34 6.63 38.65 -23.20
CA GLU F 34 5.46 39.41 -23.61
C GLU F 34 4.53 39.63 -22.42
N GLN F 35 4.24 40.89 -22.12
CA GLN F 35 3.31 41.29 -21.08
C GLN F 35 2.03 41.78 -21.74
N HIS F 36 0.90 41.58 -21.06
CA HIS F 36 -0.37 41.97 -21.62
C HIS F 36 -1.32 42.47 -20.55
N VAL F 37 -2.09 43.50 -20.89
CA VAL F 37 -3.17 44.01 -20.06
C VAL F 37 -4.44 44.02 -20.90
N THR F 38 -5.53 43.52 -20.34
CA THR F 38 -6.79 43.38 -21.07
C THR F 38 -7.77 44.49 -20.68
N ILE F 39 -8.49 45.00 -21.67
CA ILE F 39 -9.53 46.00 -21.44
C ILE F 39 -10.80 45.54 -22.13
N PRO F 40 -11.99 45.87 -21.62
CA PRO F 40 -13.21 45.52 -22.34
C PRO F 40 -13.30 46.24 -23.67
N ALA F 41 -13.95 45.60 -24.63
CA ALA F 41 -13.98 46.13 -25.99
C ALA F 41 -14.60 47.52 -26.04
N HIS F 42 -15.53 47.83 -25.14
CA HIS F 42 -16.19 49.12 -25.17
C HIS F 42 -15.31 50.25 -24.66
N GLN F 43 -14.12 49.95 -24.14
CA GLN F 43 -13.15 50.97 -23.78
C GLN F 43 -12.29 51.39 -24.97
N VAL F 44 -12.44 50.76 -26.13
CA VAL F 44 -11.66 51.08 -27.31
C VAL F 44 -12.49 52.02 -28.17
N ASN F 45 -11.99 53.25 -28.35
CA ASN F 45 -12.67 54.26 -29.14
C ASN F 45 -11.60 55.02 -29.92
N ALA F 46 -12.04 56.06 -30.64
CA ALA F 46 -11.09 56.86 -31.41
C ALA F 46 -10.05 57.51 -30.50
N GLU F 47 -10.49 58.05 -29.37
CA GLU F 47 -9.56 58.69 -28.44
C GLU F 47 -8.57 57.69 -27.85
N PHE F 48 -8.92 56.41 -27.81
CA PHE F 48 -8.02 55.41 -27.26
C PHE F 48 -6.77 55.26 -28.12
N PHE F 49 -6.90 55.38 -29.43
CA PHE F 49 -5.75 55.22 -30.32
C PHE F 49 -4.89 56.47 -30.41
N GLU F 50 -5.37 57.61 -29.90
CA GLU F 50 -4.59 58.83 -29.87
C GLU F 50 -3.98 59.13 -28.51
N GLU F 51 -4.60 58.66 -27.42
CA GLU F 51 -4.10 58.93 -26.08
C GLU F 51 -3.52 57.70 -25.38
N GLY F 52 -3.90 56.49 -25.77
CA GLY F 52 -3.33 55.32 -25.16
C GLY F 52 -3.90 55.05 -23.79
N LYS F 53 -3.27 54.10 -23.11
CA LYS F 53 -3.64 53.69 -21.76
C LYS F 53 -2.45 53.84 -20.83
N MET F 54 -2.65 54.55 -19.72
CA MET F 54 -1.60 54.72 -18.73
C MET F 54 -1.49 53.48 -17.84
N PHE F 55 -0.27 53.09 -17.52
CA PHE F 55 -0.03 51.92 -16.69
C PHE F 55 1.19 52.16 -15.84
N ASP F 56 1.32 51.39 -14.76
CA ASP F 56 2.46 51.47 -13.86
C ASP F 56 3.47 50.42 -14.28
N GLY F 57 4.55 50.85 -14.93
CA GLY F 57 5.61 49.97 -15.37
C GLY F 57 6.74 49.79 -14.39
N SER F 58 6.65 50.37 -13.19
CA SER F 58 7.74 50.28 -12.24
C SER F 58 7.99 48.84 -11.81
N SER F 59 6.98 47.98 -11.91
CA SER F 59 7.13 46.58 -11.56
C SER F 59 7.64 45.73 -12.71
N ILE F 60 7.82 46.30 -13.88
CA ILE F 60 8.48 45.58 -14.97
C ILE F 60 9.98 45.50 -14.68
N GLY F 61 10.62 44.50 -15.25
CA GLY F 61 11.97 44.14 -14.88
C GLY F 61 12.96 45.28 -14.79
N GLY F 62 13.30 45.87 -15.93
CA GLY F 62 14.33 46.89 -15.97
C GLY F 62 13.80 48.30 -16.14
N TRP F 63 12.54 48.51 -15.81
CA TRP F 63 11.88 49.80 -16.02
C TRP F 63 11.71 50.60 -14.74
N LYS F 64 12.29 50.14 -13.63
CA LYS F 64 12.16 50.87 -12.38
C LYS F 64 12.79 52.27 -12.50
N GLY F 65 12.06 53.27 -12.01
CA GLY F 65 12.54 54.64 -12.06
C GLY F 65 13.37 55.01 -10.85
N ASP F 70 5.03 55.74 -14.49
CA ASP F 70 3.83 56.14 -15.20
C ASP F 70 4.11 56.32 -16.69
N MET F 71 3.72 55.34 -17.49
CA MET F 71 3.95 55.35 -18.94
C MET F 71 2.66 55.04 -19.66
N VAL F 72 2.71 55.16 -20.98
CA VAL F 72 1.52 55.08 -21.83
C VAL F 72 1.65 53.89 -22.76
N LEU F 73 0.60 53.06 -22.82
CA LEU F 73 0.48 52.04 -23.85
C LEU F 73 -0.17 52.67 -25.07
N MET F 74 0.58 52.78 -26.16
CA MET F 74 0.05 53.35 -27.40
C MET F 74 -0.23 52.21 -28.37
N PRO F 75 -1.48 51.86 -28.64
CA PRO F 75 -1.75 50.75 -29.55
C PRO F 75 -1.27 51.03 -30.96
N ASP F 76 -0.78 49.99 -31.62
CA ASP F 76 -0.40 50.05 -33.03
C ASP F 76 -1.48 49.27 -33.78
N ALA F 77 -2.41 49.99 -34.40
CA ALA F 77 -3.57 49.35 -35.00
C ALA F 77 -3.18 48.33 -36.07
N SER F 78 -2.05 48.53 -36.75
CA SER F 78 -1.65 47.65 -37.82
C SER F 78 -1.35 46.24 -37.32
N THR F 79 -1.21 46.06 -36.01
CA THR F 79 -0.96 44.77 -35.41
C THR F 79 -2.20 44.08 -34.88
N ALA F 80 -3.38 44.65 -35.11
CA ALA F 80 -4.60 44.03 -34.59
C ALA F 80 -4.75 42.61 -35.11
N VAL F 81 -5.05 41.67 -34.21
CA VAL F 81 -5.24 40.28 -34.59
C VAL F 81 -6.05 39.60 -33.50
N ILE F 82 -6.87 38.63 -33.91
CA ILE F 82 -7.77 37.94 -32.99
C ILE F 82 -7.00 36.82 -32.28
N ASP F 83 -7.27 36.67 -30.99
CA ASP F 83 -6.60 35.63 -30.20
C ASP F 83 -7.27 34.28 -30.44
N PRO F 84 -6.52 33.25 -30.84
CA PRO F 84 -7.15 31.95 -31.09
C PRO F 84 -7.40 31.10 -29.85
N PHE F 85 -6.90 31.49 -28.68
CA PHE F 85 -6.93 30.63 -27.51
C PHE F 85 -7.87 31.08 -26.42
N PHE F 86 -8.12 32.38 -26.28
CA PHE F 86 -8.99 32.86 -25.22
C PHE F 86 -10.43 32.42 -25.46
N ALA F 87 -11.11 32.03 -24.39
CA ALA F 87 -12.49 31.58 -24.52
C ALA F 87 -13.39 32.68 -25.05
N ASP F 88 -13.24 33.90 -24.53
CA ASP F 88 -14.00 35.04 -25.01
C ASP F 88 -13.30 35.68 -26.20
N SER F 89 -14.10 36.21 -27.11
CA SER F 89 -13.55 36.84 -28.31
C SER F 89 -12.67 38.02 -27.92
N THR F 90 -11.36 37.89 -28.14
CA THR F 90 -10.40 38.90 -27.76
C THR F 90 -9.59 39.32 -28.98
N LEU F 91 -9.25 40.60 -29.03
CA LEU F 91 -8.43 41.17 -30.09
C LEU F 91 -7.10 41.60 -29.51
N ILE F 92 -6.01 41.19 -30.14
CA ILE F 92 -4.67 41.51 -29.69
C ILE F 92 -4.18 42.72 -30.48
N ILE F 93 -3.79 43.76 -29.77
CA ILE F 93 -3.14 44.93 -30.35
C ILE F 93 -1.79 45.09 -29.68
N ARG F 94 -0.73 45.06 -30.47
CA ARG F 94 0.59 45.34 -29.95
C ARG F 94 0.73 46.83 -29.68
N CYS F 95 1.51 47.17 -28.66
CA CYS F 95 1.61 48.53 -28.17
C CYS F 95 3.08 48.92 -28.00
N ASP F 96 3.31 50.23 -28.05
CA ASP F 96 4.61 50.82 -27.77
C ASP F 96 4.52 51.65 -26.50
N ILE F 97 5.54 51.56 -25.66
CA ILE F 97 5.57 52.30 -24.41
C ILE F 97 6.11 53.70 -24.68
N LEU F 98 5.31 54.71 -24.36
CA LEU F 98 5.66 56.10 -24.64
C LEU F 98 5.80 56.88 -23.33
N GLU F 99 6.68 57.87 -23.35
CA GLU F 99 6.79 58.78 -22.23
C GLU F 99 5.56 59.69 -22.18
N PRO F 100 4.86 59.76 -21.05
CA PRO F 100 3.58 60.49 -21.04
C PRO F 100 3.68 61.94 -21.44
N GLY F 101 4.77 62.62 -21.04
CA GLY F 101 4.85 64.05 -21.30
C GLY F 101 4.91 64.38 -22.78
N THR F 102 5.76 63.68 -23.52
CA THR F 102 6.01 64.00 -24.93
C THR F 102 5.49 62.94 -25.89
N LEU F 103 4.97 61.82 -25.39
CA LEU F 103 4.50 60.73 -26.24
C LEU F 103 5.58 60.26 -27.20
N GLN F 104 6.82 60.29 -26.72
CA GLN F 104 7.96 59.75 -27.46
C GLN F 104 8.31 58.36 -26.92
N GLY F 105 8.97 57.58 -27.77
CA GLY F 105 9.31 56.22 -27.41
C GLY F 105 10.15 56.13 -26.16
N TYR F 106 9.75 55.27 -25.23
CA TYR F 106 10.53 55.06 -24.02
C TYR F 106 11.90 54.51 -24.37
N ASP F 107 12.93 55.00 -23.68
CA ASP F 107 14.30 54.63 -24.04
C ASP F 107 14.54 53.13 -23.88
N ARG F 108 13.89 52.50 -22.90
CA ARG F 108 14.11 51.10 -22.60
C ARG F 108 13.07 50.18 -23.23
N ASP F 109 12.23 50.69 -24.11
CA ASP F 109 11.25 49.87 -24.80
C ASP F 109 11.91 49.17 -25.98
N PRO F 110 11.98 47.83 -26.01
CA PRO F 110 12.64 47.16 -27.14
C PRO F 110 12.02 47.48 -28.49
N ARG F 111 10.70 47.60 -28.55
CA ARG F 111 10.06 47.93 -29.83
C ARG F 111 10.45 49.33 -30.28
N SER F 112 10.52 50.27 -29.34
CA SER F 112 10.97 51.61 -29.69
C SER F 112 12.41 51.60 -30.17
N ILE F 113 13.26 50.79 -29.53
CA ILE F 113 14.65 50.71 -29.96
C ILE F 113 14.75 50.16 -31.37
N ALA F 114 13.96 49.12 -31.68
CA ALA F 114 13.98 48.55 -33.02
C ALA F 114 13.48 49.56 -34.06
N LYS F 115 12.40 50.29 -33.73
CA LYS F 115 11.90 51.31 -34.64
C LYS F 115 12.96 52.38 -34.87
N ARG F 116 13.65 52.80 -33.82
CA ARG F 116 14.69 53.81 -33.97
C ARG F 116 15.87 53.28 -34.79
N ALA F 117 16.18 51.99 -34.67
CA ALA F 117 17.23 51.41 -35.51
C ALA F 117 16.83 51.45 -36.97
N GLU F 118 15.57 51.12 -37.27
CA GLU F 118 15.11 51.22 -38.66
C GLU F 118 15.17 52.65 -39.16
N ASP F 119 14.78 53.61 -38.30
CA ASP F 119 14.84 55.01 -38.70
C ASP F 119 16.27 55.45 -38.96
N TYR F 120 17.22 54.98 -38.14
CA TYR F 120 18.62 55.27 -38.36
C TYR F 120 19.10 54.68 -39.68
N LEU F 121 18.69 53.45 -39.97
CA LEU F 121 19.05 52.84 -41.25
C LEU F 121 18.56 53.71 -42.41
N ARG F 122 17.33 54.20 -42.31
CA ARG F 122 16.78 55.05 -43.38
C ARG F 122 17.53 56.37 -43.47
N SER F 123 17.87 56.97 -42.33
CA SER F 123 18.51 58.28 -42.33
C SER F 123 19.92 58.20 -42.89
N THR F 124 20.66 57.14 -42.57
CA THR F 124 22.03 57.01 -43.05
C THR F 124 22.10 56.96 -44.57
N GLY F 125 21.02 56.58 -45.23
CA GLY F 125 21.02 56.48 -46.68
C GLY F 125 21.62 55.21 -47.21
N ILE F 126 22.11 54.33 -46.34
CA ILE F 126 22.70 53.07 -46.81
C ILE F 126 21.65 52.21 -47.49
N ALA F 127 20.47 52.12 -46.89
CA ALA F 127 19.39 51.33 -47.45
C ALA F 127 18.08 51.85 -46.91
N ASP F 128 16.98 51.38 -47.52
CA ASP F 128 15.63 51.79 -47.15
C ASP F 128 14.95 50.78 -46.22
N THR F 129 15.21 49.49 -46.41
CA THR F 129 14.60 48.46 -45.59
C THR F 129 15.64 47.39 -45.27
N VAL F 130 15.42 46.70 -44.16
CA VAL F 130 16.24 45.56 -43.76
C VAL F 130 15.32 44.38 -43.52
N LEU F 131 15.66 43.23 -44.11
CA LEU F 131 14.86 42.02 -44.02
C LEU F 131 15.54 41.03 -43.09
N PHE F 132 14.79 40.49 -42.14
CA PHE F 132 15.25 39.49 -41.20
C PHE F 132 14.43 38.22 -41.39
N GLY F 133 15.12 37.11 -41.64
CA GLY F 133 14.54 35.80 -41.47
C GLY F 133 15.19 35.06 -40.33
N PRO F 134 14.53 35.02 -39.18
CA PRO F 134 14.98 34.13 -38.10
C PRO F 134 14.40 32.73 -38.21
N GLU F 135 15.13 31.78 -37.65
CA GLU F 135 14.79 30.36 -37.72
C GLU F 135 14.84 29.74 -36.33
N PRO F 136 13.93 30.12 -35.46
CA PRO F 136 13.93 29.57 -34.10
C PRO F 136 13.56 28.10 -34.06
N GLU F 137 14.07 27.41 -33.04
CA GLU F 137 13.74 26.03 -32.74
C GLU F 137 13.25 25.97 -31.29
N PHE F 138 12.56 24.87 -30.95
CA PHE F 138 12.01 24.75 -29.61
C PHE F 138 11.93 23.28 -29.23
N PHE F 139 11.75 23.04 -27.93
CA PHE F 139 11.61 21.70 -27.39
C PHE F 139 10.21 21.51 -26.84
N LEU F 140 9.66 20.32 -27.08
CA LEU F 140 8.35 19.92 -26.58
C LEU F 140 8.56 18.81 -25.55
N PHE F 141 8.09 19.03 -24.33
CA PHE F 141 8.25 18.07 -23.24
C PHE F 141 6.89 17.70 -22.69
N ASP F 142 6.81 16.53 -22.05
CA ASP F 142 5.58 16.15 -21.37
C ASP F 142 5.56 16.66 -19.93
N ASP F 143 6.70 16.63 -19.25
CA ASP F 143 6.79 17.06 -17.86
C ASP F 143 8.14 17.72 -17.64
N ILE F 144 8.14 18.85 -16.94
CA ILE F 144 9.35 19.52 -16.53
C ILE F 144 9.23 19.81 -15.04
N ARG F 145 10.21 19.37 -14.27
CA ARG F 145 10.24 19.65 -12.84
C ARG F 145 11.61 20.21 -12.49
N PHE F 146 11.63 21.31 -11.75
CA PHE F 146 12.91 21.86 -11.31
C PHE F 146 12.72 22.62 -10.02
N GLY F 147 13.82 22.77 -9.30
CA GLY F 147 13.78 23.46 -8.03
C GLY F 147 15.17 23.64 -7.47
N SER F 148 15.26 24.54 -6.49
CA SER F 148 16.51 24.84 -5.80
C SER F 148 16.18 25.20 -4.37
N SER F 149 17.13 24.92 -3.47
CA SER F 149 16.96 25.22 -2.06
C SER F 149 18.33 25.14 -1.40
N ILE F 150 18.35 25.36 -0.08
CA ILE F 150 19.59 25.21 0.65
C ILE F 150 20.05 23.76 0.65
N SER F 151 19.10 22.81 0.65
CA SER F 151 19.43 21.40 0.72
C SER F 151 19.91 20.83 -0.62
N GLY F 152 19.72 21.54 -1.72
CA GLY F 152 20.17 21.03 -3.00
C GLY F 152 19.38 21.69 -4.13
N SER F 153 19.43 21.02 -5.28
CA SER F 153 18.78 21.50 -6.49
C SER F 153 18.47 20.32 -7.39
N HIS F 154 17.60 20.54 -8.37
CA HIS F 154 17.27 19.45 -9.29
C HIS F 154 16.54 19.99 -10.51
N VAL F 155 16.76 19.31 -11.63
CA VAL F 155 15.98 19.46 -12.85
C VAL F 155 15.75 18.07 -13.43
N ALA F 156 14.52 17.83 -13.90
CA ALA F 156 14.11 16.55 -14.44
C ALA F 156 13.19 16.82 -15.62
N ILE F 157 13.63 16.43 -16.81
CA ILE F 157 12.87 16.57 -18.06
C ILE F 157 12.33 15.20 -18.43
N ASP F 158 11.04 15.13 -18.77
CA ASP F 158 10.42 13.90 -19.21
C ASP F 158 9.58 14.15 -20.45
N ASP F 159 9.74 13.30 -21.46
CA ASP F 159 8.93 13.34 -22.66
C ASP F 159 8.74 11.92 -23.18
N ILE F 160 7.56 11.65 -23.72
CA ILE F 160 7.29 10.33 -24.29
C ILE F 160 8.28 10.02 -25.39
N GLU F 161 8.77 11.05 -26.09
CA GLU F 161 9.67 10.87 -27.21
C GLU F 161 11.13 10.73 -26.79
N GLY F 162 11.45 10.97 -25.53
CA GLY F 162 12.84 10.90 -25.11
C GLY F 162 13.37 9.48 -25.12
N ALA F 163 14.58 9.32 -25.63
CA ALA F 163 15.16 7.99 -25.80
C ALA F 163 15.29 7.27 -24.46
N TRP F 164 15.56 8.01 -23.40
CA TRP F 164 15.73 7.40 -22.08
C TRP F 164 14.45 6.73 -21.60
N ASN F 165 13.33 6.98 -22.25
CA ASN F 165 12.06 6.35 -21.88
C ASN F 165 11.87 4.99 -22.53
N SER F 166 12.87 4.49 -23.26
CA SER F 166 12.72 3.20 -23.92
C SER F 166 12.48 2.07 -22.92
N SER F 167 12.83 2.27 -21.65
CA SER F 167 12.63 1.28 -20.60
C SER F 167 11.47 1.64 -19.68
N THR F 168 10.82 2.78 -19.87
CA THR F 168 9.77 3.20 -18.96
C THR F 168 8.53 2.34 -19.14
N GLN F 169 7.85 2.07 -18.02
CA GLN F 169 6.60 1.32 -18.02
C GLN F 169 5.45 2.30 -18.05
N TYR F 170 4.68 2.28 -19.13
CA TYR F 170 3.54 3.16 -19.30
C TYR F 170 2.24 2.38 -19.14
N GLU F 171 1.21 3.07 -18.67
CA GLU F 171 -0.13 2.49 -18.66
C GLU F 171 -0.60 2.33 -20.10
N GLY F 172 -1.04 1.12 -20.44
CA GLY F 172 -1.36 0.80 -21.81
C GLY F 172 -0.21 0.25 -22.62
N GLY F 173 1.00 0.27 -22.08
CA GLY F 173 2.15 -0.33 -22.72
C GLY F 173 3.06 0.71 -23.33
N ASN F 174 4.35 0.36 -23.42
CA ASN F 174 5.34 1.17 -24.09
C ASN F 174 5.39 0.76 -25.55
N LYS F 175 5.26 1.74 -26.45
CA LYS F 175 5.14 1.49 -27.87
C LYS F 175 6.45 1.63 -28.62
N GLY F 176 7.55 1.88 -27.90
CA GLY F 176 8.81 2.06 -28.59
C GLY F 176 8.74 3.22 -29.55
N HIS F 177 9.46 3.08 -30.66
CA HIS F 177 9.43 4.06 -31.74
C HIS F 177 9.73 5.47 -31.21
N ARG F 178 10.96 5.62 -30.70
CA ARG F 178 11.43 6.91 -30.22
C ARG F 178 12.68 7.31 -30.99
N PRO F 179 12.88 8.59 -31.27
CA PRO F 179 14.13 9.02 -31.92
C PRO F 179 15.30 8.85 -30.97
N ALA F 180 16.39 8.28 -31.49
CA ALA F 180 17.60 8.16 -30.70
C ALA F 180 18.22 9.54 -30.50
N VAL F 181 19.16 9.61 -29.56
CA VAL F 181 19.86 10.86 -29.32
C VAL F 181 20.50 11.32 -30.63
N LYS F 182 20.23 12.57 -31.00
CA LYS F 182 20.72 13.12 -32.27
C LYS F 182 20.19 12.30 -33.45
N GLY F 183 18.93 11.87 -33.37
CA GLY F 183 18.36 11.06 -34.41
C GLY F 183 16.91 11.39 -34.71
N GLY F 184 16.50 12.63 -34.44
CA GLY F 184 15.13 13.04 -34.67
C GLY F 184 14.96 13.90 -35.91
N TYR F 185 15.95 13.86 -36.80
CA TYR F 185 15.98 14.69 -38.00
C TYR F 185 16.07 13.78 -39.22
N PHE F 186 14.94 13.37 -39.77
CA PHE F 186 13.57 13.60 -39.30
C PHE F 186 12.66 12.45 -39.73
N PRO F 187 12.65 11.36 -38.97
CA PRO F 187 11.88 10.18 -39.38
C PRO F 187 10.39 10.41 -39.34
N VAL F 188 9.67 9.57 -40.08
CA VAL F 188 8.22 9.63 -40.17
C VAL F 188 7.60 9.10 -38.88
N PRO F 189 6.35 9.43 -38.58
CA PRO F 189 5.68 8.84 -37.42
C PRO F 189 5.57 7.33 -37.58
N PRO F 190 5.37 6.60 -36.48
CA PRO F 190 5.15 7.07 -35.11
C PRO F 190 6.42 7.46 -34.38
N VAL F 191 7.58 7.41 -35.03
CA VAL F 191 8.80 7.89 -34.39
C VAL F 191 8.70 9.38 -34.13
N ASP F 192 8.22 10.14 -35.11
CA ASP F 192 7.94 11.56 -34.95
C ASP F 192 6.51 11.71 -34.46
N SER F 193 6.35 12.12 -33.21
CA SER F 193 5.05 12.16 -32.56
C SER F 193 4.44 13.56 -32.51
N ALA F 194 5.00 14.52 -33.25
CA ALA F 194 4.58 15.91 -33.16
C ALA F 194 4.11 16.44 -34.51
N GLN F 195 3.70 15.56 -35.42
CA GLN F 195 3.22 16.01 -36.72
C GLN F 195 1.94 16.84 -36.57
N ASP F 196 0.96 16.30 -35.84
CA ASP F 196 -0.31 17.01 -35.69
C ASP F 196 -0.13 18.31 -34.93
N ILE F 197 0.69 18.30 -33.87
CA ILE F 197 0.88 19.52 -33.09
C ILE F 197 1.60 20.58 -33.92
N ARG F 198 2.61 20.17 -34.69
CA ARG F 198 3.28 21.13 -35.56
C ARG F 198 2.34 21.69 -36.62
N SER F 199 1.49 20.84 -37.20
CA SER F 199 0.52 21.34 -38.17
C SER F 199 -0.45 22.32 -37.53
N GLU F 200 -0.90 22.03 -36.31
CA GLU F 200 -1.79 22.95 -35.61
C GLU F 200 -1.10 24.28 -35.35
N MET F 201 0.17 24.24 -34.94
CA MET F 201 0.92 25.47 -34.76
C MET F 201 0.99 26.26 -36.06
N CYS F 202 1.26 25.58 -37.17
CA CYS F 202 1.36 26.26 -38.46
C CYS F 202 0.04 26.93 -38.83
N LEU F 203 -1.08 26.20 -38.65
CA LEU F 203 -2.38 26.75 -38.99
C LEU F 203 -2.72 27.95 -38.11
N VAL F 204 -2.46 27.85 -36.81
CA VAL F 204 -2.75 28.98 -35.92
C VAL F 204 -1.87 30.17 -36.27
N MET F 205 -0.60 29.93 -36.58
CA MET F 205 0.28 31.02 -36.97
C MET F 205 -0.22 31.71 -38.22
N GLU F 206 -0.67 30.94 -39.21
CA GLU F 206 -1.23 31.56 -40.42
C GLU F 206 -2.51 32.32 -40.10
N GLN F 207 -3.31 31.84 -39.16
CA GLN F 207 -4.46 32.63 -38.72
C GLN F 207 -4.00 33.96 -38.12
N MET F 208 -2.87 33.96 -37.41
CA MET F 208 -2.40 35.13 -36.69
C MET F 208 -1.53 36.04 -37.55
N GLY F 209 -1.39 35.76 -38.84
CA GLY F 209 -0.72 36.65 -39.76
C GLY F 209 0.65 36.22 -40.23
N LEU F 210 1.18 35.11 -39.71
CA LEU F 210 2.49 34.65 -40.15
C LEU F 210 2.35 33.81 -41.42
N VAL F 211 3.38 33.88 -42.25
CA VAL F 211 3.48 33.05 -43.44
C VAL F 211 4.44 31.92 -43.13
N VAL F 212 3.94 30.70 -43.14
CA VAL F 212 4.75 29.54 -42.77
C VAL F 212 5.35 28.94 -44.03
N GLU F 213 6.63 28.58 -43.94
CA GLU F 213 7.35 27.96 -45.04
C GLU F 213 7.47 26.45 -44.86
N ALA F 214 7.68 25.99 -43.64
CA ALA F 214 7.83 24.56 -43.40
C ALA F 214 7.71 24.27 -41.92
N HIS F 215 7.65 22.99 -41.56
CA HIS F 215 7.77 22.57 -40.18
C HIS F 215 8.29 21.14 -40.13
N HIS F 216 9.16 20.85 -39.17
CA HIS F 216 9.71 19.51 -39.07
C HIS F 216 10.28 19.27 -37.68
N HIS F 217 10.61 17.99 -37.45
CA HIS F 217 11.29 17.56 -36.24
C HIS F 217 12.79 17.82 -36.36
N GLU F 218 13.41 18.20 -35.26
CA GLU F 218 14.82 18.58 -35.24
C GLU F 218 15.68 17.44 -34.70
N VAL F 219 16.97 17.72 -34.58
CA VAL F 219 17.96 16.67 -34.33
C VAL F 219 17.73 16.02 -32.95
N ALA F 220 17.47 16.84 -31.94
CA ALA F 220 17.41 16.32 -30.58
C ALA F 220 16.23 15.36 -30.41
N THR F 221 16.34 14.52 -29.37
CA THR F 221 15.41 13.42 -29.18
C THR F 221 14.14 13.83 -28.43
N ALA F 222 14.27 14.65 -27.39
CA ALA F 222 13.14 14.97 -26.52
C ALA F 222 12.26 16.04 -27.16
N GLY F 223 11.70 15.70 -28.32
CA GLY F 223 10.70 16.54 -28.96
C GLY F 223 11.19 17.91 -29.40
N GLN F 224 12.35 17.97 -30.05
CA GLN F 224 12.79 19.21 -30.66
C GLN F 224 12.11 19.38 -32.01
N ASN F 225 11.61 20.58 -32.26
CA ASN F 225 10.85 20.87 -33.46
C ASN F 225 11.14 22.30 -33.91
N GLU F 226 10.90 22.56 -35.19
CA GLU F 226 10.95 23.92 -35.69
C GLU F 226 9.86 24.13 -36.72
N VAL F 227 9.31 25.34 -36.72
CA VAL F 227 8.41 25.81 -37.77
C VAL F 227 9.09 27.00 -38.43
N ALA F 228 9.48 26.81 -39.69
CA ALA F 228 10.16 27.85 -40.44
C ALA F 228 9.15 28.76 -41.12
N THR F 229 9.31 30.06 -40.90
CA THR F 229 8.39 31.08 -41.36
C THR F 229 9.13 32.03 -42.30
N ARG F 230 8.35 32.79 -43.07
CA ARG F 230 8.94 33.68 -44.05
C ARG F 230 9.53 34.92 -43.39
N PHE F 231 10.56 35.47 -44.02
CA PHE F 231 11.25 36.64 -43.53
C PHE F 231 10.31 37.84 -43.52
N ASN F 232 10.78 38.96 -42.97
CA ASN F 232 10.00 40.20 -42.97
C ASN F 232 10.90 41.32 -42.48
N THR F 233 10.38 42.54 -42.55
CA THR F 233 11.13 43.69 -42.04
C THR F 233 11.45 43.48 -40.56
N MET F 234 12.37 44.29 -40.05
CA MET F 234 12.98 44.00 -38.75
C MET F 234 11.94 44.02 -37.65
N THR F 235 11.30 45.16 -37.41
CA THR F 235 10.34 45.26 -36.32
C THR F 235 9.13 44.37 -36.58
N LYS F 236 8.68 44.30 -37.82
CA LYS F 236 7.59 43.40 -38.16
C LYS F 236 7.95 41.97 -37.84
N LYS F 237 9.18 41.55 -38.16
CA LYS F 237 9.56 40.18 -37.89
C LYS F 237 9.80 39.94 -36.40
N ALA F 238 10.18 40.96 -35.65
CA ALA F 238 10.25 40.81 -34.20
C ALA F 238 8.86 40.57 -33.60
N ASP F 239 7.87 41.33 -34.07
CA ASP F 239 6.50 41.07 -33.65
C ASP F 239 6.07 39.67 -34.06
N GLU F 240 6.46 39.25 -35.27
CA GLU F 240 6.13 37.90 -35.74
C GLU F 240 6.77 36.85 -34.85
N ILE F 241 7.99 37.08 -34.39
CA ILE F 241 8.65 36.14 -33.49
C ILE F 241 7.94 36.07 -32.16
N GLN F 242 7.48 37.20 -31.65
CA GLN F 242 6.69 37.17 -30.42
C GLN F 242 5.42 36.36 -30.60
N ILE F 243 4.71 36.58 -31.72
CA ILE F 243 3.50 35.81 -31.99
C ILE F 243 3.84 34.34 -32.14
N TYR F 244 4.99 34.03 -32.74
CA TYR F 244 5.42 32.66 -32.94
C TYR F 244 5.62 31.96 -31.60
N LYS F 245 6.34 32.61 -30.69
CA LYS F 245 6.56 32.01 -29.38
C LYS F 245 5.25 31.85 -28.62
N TYR F 246 4.37 32.86 -28.71
CA TYR F 246 3.07 32.76 -28.04
C TYR F 246 2.28 31.57 -28.56
N VAL F 247 2.20 31.43 -29.88
CA VAL F 247 1.44 30.34 -30.48
C VAL F 247 2.03 29.00 -30.09
N VAL F 248 3.36 28.88 -30.13
CA VAL F 248 3.99 27.61 -29.79
C VAL F 248 3.66 27.24 -28.35
N HIS F 249 3.85 28.17 -27.42
CA HIS F 249 3.56 27.89 -26.02
C HIS F 249 2.12 27.46 -25.83
N ASN F 250 1.18 28.22 -26.41
CA ASN F 250 -0.23 27.96 -26.12
C ASN F 250 -0.71 26.67 -26.79
N VAL F 251 -0.25 26.39 -28.00
CA VAL F 251 -0.64 25.15 -28.66
C VAL F 251 -0.08 23.95 -27.90
N ALA F 252 1.19 24.05 -27.47
CA ALA F 252 1.76 22.97 -26.68
C ALA F 252 0.98 22.76 -25.39
N HIS F 253 0.57 23.86 -24.75
CA HIS F 253 -0.23 23.73 -23.54
C HIS F 253 -1.57 23.06 -23.83
N ARG F 254 -2.19 23.41 -24.96
CA ARG F 254 -3.48 22.84 -25.32
C ARG F 254 -3.38 21.37 -25.70
N PHE F 255 -2.21 20.91 -26.15
CA PHE F 255 -2.02 19.51 -26.47
C PHE F 255 -1.52 18.69 -25.30
N GLY F 256 -1.42 19.29 -24.11
CA GLY F 256 -0.89 18.61 -22.96
C GLY F 256 0.62 18.65 -22.87
N LYS F 257 1.29 19.36 -23.76
CA LYS F 257 2.74 19.44 -23.80
C LYS F 257 3.20 20.73 -23.12
N THR F 258 4.51 20.92 -23.11
CA THR F 258 5.13 22.12 -22.58
C THR F 258 6.26 22.51 -23.51
N ALA F 259 6.23 23.73 -24.02
CA ALA F 259 7.22 24.19 -24.98
C ALA F 259 8.23 25.09 -24.32
N THR F 260 9.49 24.95 -24.73
CA THR F 260 10.56 25.79 -24.23
C THR F 260 11.48 26.19 -25.36
N PHE F 261 11.90 27.46 -25.34
CA PHE F 261 12.86 28.01 -26.28
C PHE F 261 14.25 28.14 -25.65
N MET F 262 14.51 27.39 -24.60
CA MET F 262 15.81 27.46 -23.94
C MET F 262 16.90 27.01 -24.90
N PRO F 263 18.05 27.69 -24.94
CA PRO F 263 19.10 27.27 -25.89
C PRO F 263 19.57 25.85 -25.68
N LYS F 264 19.67 25.38 -24.44
CA LYS F 264 20.27 24.08 -24.15
C LYS F 264 19.63 23.50 -22.90
N PRO F 265 18.51 22.78 -23.04
CA PRO F 265 17.91 22.15 -21.86
C PRO F 265 18.52 20.81 -21.49
N MET F 266 19.14 20.11 -22.43
CA MET F 266 19.69 18.79 -22.19
C MET F 266 21.15 18.75 -22.62
N PHE F 267 21.98 18.08 -21.82
CA PHE F 267 23.37 17.86 -22.17
C PHE F 267 23.49 16.59 -22.99
N GLY F 268 24.38 16.60 -23.97
CA GLY F 268 24.56 15.47 -24.84
C GLY F 268 23.62 15.43 -26.02
N ASP F 269 22.71 16.39 -26.13
CA ASP F 269 21.80 16.48 -27.26
C ASP F 269 21.85 17.90 -27.83
N ASN F 270 21.48 18.01 -29.09
CA ASN F 270 21.60 19.28 -29.78
C ASN F 270 20.74 20.35 -29.11
N GLY F 271 21.26 21.58 -29.05
CA GLY F 271 20.54 22.69 -28.49
C GLY F 271 19.72 23.44 -29.53
N SER F 272 18.99 24.44 -29.07
CA SER F 272 18.10 25.22 -29.91
C SER F 272 18.78 26.53 -30.27
N GLY F 273 18.78 26.85 -31.57
CA GLY F 273 19.38 28.07 -32.07
C GLY F 273 18.40 28.83 -32.94
N MET F 274 18.75 30.09 -33.20
CA MET F 274 17.93 30.99 -34.01
C MET F 274 18.86 31.66 -35.04
N HIS F 275 19.02 31.01 -36.19
CA HIS F 275 19.81 31.59 -37.27
C HIS F 275 19.06 32.78 -37.86
N CYS F 276 19.76 33.89 -38.01
CA CYS F 276 19.16 35.15 -38.45
C CYS F 276 19.71 35.51 -39.83
N HIS F 277 18.88 35.33 -40.86
CA HIS F 277 19.22 35.79 -42.19
C HIS F 277 18.94 37.29 -42.30
N MET F 278 19.84 38.00 -42.97
CA MET F 278 19.74 39.45 -43.08
C MET F 278 19.97 39.90 -44.51
N SER F 279 19.29 40.97 -44.89
CA SER F 279 19.50 41.60 -46.18
C SER F 279 19.09 43.06 -46.07
N LEU F 280 19.66 43.88 -46.96
CA LEU F 280 19.33 45.29 -47.07
C LEU F 280 18.84 45.57 -48.47
N SER F 281 17.76 46.34 -48.58
CA SER F 281 17.17 46.69 -49.86
C SER F 281 17.00 48.19 -49.95
N LYS F 282 17.30 48.74 -51.13
CA LYS F 282 17.10 50.16 -51.41
C LYS F 282 16.40 50.28 -52.75
N ASN F 283 15.24 50.92 -52.76
CA ASN F 283 14.45 51.09 -53.98
C ASN F 283 14.14 49.75 -54.62
N GLY F 284 13.86 48.74 -53.78
CA GLY F 284 13.54 47.42 -54.28
C GLY F 284 14.72 46.64 -54.80
N VAL F 285 15.95 47.12 -54.60
CA VAL F 285 17.15 46.47 -55.08
C VAL F 285 17.90 45.91 -53.88
N ASN F 286 18.24 44.62 -53.95
CA ASN F 286 19.00 43.99 -52.88
C ASN F 286 20.44 44.48 -52.92
N LEU F 287 20.87 45.19 -51.87
CA LEU F 287 22.20 45.73 -51.82
C LEU F 287 23.26 44.69 -51.47
N PHE F 288 22.86 43.49 -51.10
CA PHE F 288 23.80 42.43 -50.76
C PHE F 288 24.22 41.60 -51.95
N ALA F 289 23.62 41.82 -53.12
CA ALA F 289 23.98 41.09 -54.33
C ALA F 289 25.09 41.82 -55.07
N GLY F 290 26.07 41.05 -55.54
CA GLY F 290 27.20 41.65 -56.23
C GLY F 290 28.08 40.58 -56.86
N ASP F 291 29.25 41.02 -57.32
CA ASP F 291 30.19 40.14 -58.00
C ASP F 291 31.28 39.60 -57.08
N LYS F 292 31.24 39.94 -55.79
CA LYS F 292 32.25 39.48 -54.84
C LYS F 292 31.94 38.05 -54.40
N TYR F 293 32.62 37.63 -53.34
CA TYR F 293 32.56 36.24 -52.89
C TYR F 293 31.13 35.77 -52.71
N ALA F 294 30.81 34.61 -53.28
CA ALA F 294 29.49 34.01 -53.14
C ALA F 294 28.40 34.96 -53.60
N GLY F 295 28.70 35.78 -54.60
CA GLY F 295 27.72 36.72 -55.11
C GLY F 295 27.44 37.89 -54.21
N LEU F 296 28.27 38.11 -53.20
CA LEU F 296 28.07 39.22 -52.29
C LEU F 296 28.60 40.52 -52.89
N SER F 297 28.27 41.62 -52.23
CA SER F 297 28.72 42.94 -52.61
C SER F 297 29.65 43.51 -51.54
N GLU F 298 30.26 44.65 -51.86
CA GLU F 298 31.13 45.31 -50.89
C GLU F 298 30.37 45.69 -49.62
N GLN F 299 29.13 46.14 -49.78
CA GLN F 299 28.31 46.46 -48.62
C GLN F 299 28.05 45.22 -47.78
N ALA F 300 27.79 44.07 -48.42
CA ALA F 300 27.59 42.84 -47.68
C ALA F 300 28.85 42.45 -46.91
N LEU F 301 30.01 42.55 -47.55
CA LEU F 301 31.24 42.22 -46.86
C LEU F 301 31.51 43.16 -45.69
N TYR F 302 31.23 44.46 -45.86
CA TYR F 302 31.40 45.40 -44.75
C TYR F 302 30.43 45.09 -43.61
N TYR F 303 29.21 44.69 -43.95
CA TYR F 303 28.24 44.28 -42.93
C TYR F 303 28.76 43.08 -42.16
N ILE F 304 29.29 42.08 -42.87
CA ILE F 304 29.86 40.91 -42.21
C ILE F 304 31.01 41.32 -41.31
N GLY F 305 31.85 42.23 -41.79
CA GLY F 305 32.98 42.69 -40.98
C GLY F 305 32.53 43.37 -39.71
N GLY F 306 31.50 44.21 -39.80
CA GLY F 306 30.97 44.84 -38.60
C GLY F 306 30.41 43.84 -37.61
N VAL F 307 29.65 42.86 -38.12
CA VAL F 307 29.09 41.84 -37.24
C VAL F 307 30.20 41.07 -36.56
N ILE F 308 31.26 40.74 -37.30
CA ILE F 308 32.40 40.02 -36.72
C ILE F 308 33.07 40.88 -35.66
N LYS F 309 33.27 42.16 -35.95
CA LYS F 309 33.99 43.03 -35.01
C LYS F 309 33.22 43.18 -33.71
N HIS F 310 31.91 43.38 -33.78
CA HIS F 310 31.09 43.58 -32.59
C HIS F 310 30.36 42.30 -32.17
N ALA F 311 30.91 41.13 -32.50
CA ALA F 311 30.22 39.88 -32.20
C ALA F 311 30.06 39.66 -30.71
N LYS F 312 31.10 39.92 -29.93
CA LYS F 312 31.00 39.69 -28.48
C LYS F 312 29.98 40.61 -27.84
N ALA F 313 29.95 41.88 -28.26
CA ALA F 313 28.92 42.79 -27.76
C ALA F 313 27.54 42.34 -28.19
N ILE F 314 27.40 41.87 -29.43
CA ILE F 314 26.10 41.38 -29.90
C ILE F 314 25.66 40.20 -29.05
N ASN F 315 26.60 39.36 -28.63
CA ASN F 315 26.24 38.18 -27.86
C ASN F 315 25.47 38.55 -26.59
N ALA F 316 25.73 39.72 -26.02
CA ALA F 316 25.01 40.12 -24.83
C ALA F 316 23.52 40.25 -25.07
N LEU F 317 23.11 40.42 -26.34
CA LEU F 317 21.71 40.60 -26.71
C LEU F 317 21.14 39.44 -27.48
N ALA F 318 21.97 38.73 -28.23
CA ALA F 318 21.55 37.57 -29.02
C ALA F 318 21.67 36.26 -28.25
N ASN F 319 22.52 36.21 -27.23
CA ASN F 319 22.68 35.04 -26.37
C ASN F 319 22.68 35.54 -24.92
N PRO F 320 21.55 36.07 -24.46
CA PRO F 320 21.52 36.78 -23.17
C PRO F 320 21.34 35.90 -21.95
N THR F 321 21.47 34.59 -22.08
CA THR F 321 21.29 33.66 -20.97
C THR F 321 22.55 32.84 -20.79
N THR F 322 22.85 32.50 -19.55
CA THR F 322 24.00 31.64 -19.30
C THR F 322 23.86 30.33 -20.03
N ASN F 323 22.64 29.78 -20.05
CA ASN F 323 22.40 28.53 -20.76
C ASN F 323 22.76 28.64 -22.23
N SER F 324 22.70 29.84 -22.81
CA SER F 324 23.05 30.00 -24.20
C SER F 324 24.48 29.56 -24.44
N TYR F 325 25.38 29.91 -23.54
CA TYR F 325 26.78 29.57 -23.73
C TYR F 325 27.08 28.13 -23.38
N LYS F 326 26.05 27.31 -23.16
CA LYS F 326 26.20 25.87 -23.11
C LYS F 326 25.91 25.22 -24.45
N ARG F 327 25.44 25.98 -25.44
CA ARG F 327 25.42 25.50 -26.81
C ARG F 327 26.51 26.14 -27.67
N LEU F 328 27.00 27.31 -27.27
CA LEU F 328 28.13 27.95 -27.95
C LEU F 328 29.45 27.42 -27.39
N VAL F 329 29.64 26.11 -27.58
CA VAL F 329 30.85 25.44 -27.12
C VAL F 329 31.49 24.73 -28.31
N PRO F 330 32.82 24.66 -28.39
CA PRO F 330 33.44 23.93 -29.49
C PRO F 330 32.98 22.48 -29.53
N GLY F 331 32.72 21.98 -30.72
CA GLY F 331 32.24 20.62 -30.89
C GLY F 331 30.74 20.53 -30.75
N ALA F 334 26.85 24.12 -32.27
CA ALA F 334 26.72 25.42 -32.93
C ALA F 334 28.10 25.96 -33.30
N PRO F 335 28.15 26.86 -34.28
CA PRO F 335 29.43 27.45 -34.68
C PRO F 335 29.82 28.63 -33.80
N VAL F 336 31.11 28.67 -33.45
CA VAL F 336 31.65 29.71 -32.59
C VAL F 336 32.73 30.55 -33.26
N MET F 337 33.21 30.14 -34.43
CA MET F 337 34.26 30.88 -35.11
C MET F 337 33.66 32.05 -35.87
N LEU F 338 34.23 33.24 -35.69
CA LEU F 338 33.71 34.45 -36.32
C LEU F 338 34.36 34.62 -37.69
N ALA F 339 33.79 33.93 -38.67
CA ALA F 339 34.24 34.04 -40.05
C ALA F 339 33.06 33.70 -40.96
N TYR F 340 33.18 34.09 -42.22
CA TYR F 340 32.14 33.87 -43.20
C TYR F 340 32.60 32.88 -44.26
N SER F 341 31.70 31.97 -44.61
CA SER F 341 31.97 30.99 -45.66
C SER F 341 30.65 30.48 -46.19
N ALA F 342 30.68 30.00 -47.43
CA ALA F 342 29.51 29.42 -48.07
C ALA F 342 29.44 27.92 -47.96
N ARG F 343 30.49 27.27 -47.46
CA ARG F 343 30.52 25.81 -47.39
C ARG F 343 31.02 25.26 -46.05
N ASN F 344 31.62 26.07 -45.19
CA ASN F 344 32.24 25.58 -43.97
C ASN F 344 31.23 25.61 -42.84
N ARG F 345 30.96 24.45 -42.25
CA ARG F 345 30.02 24.37 -41.12
C ARG F 345 30.59 24.96 -39.84
N SER F 346 31.88 25.25 -39.79
CA SER F 346 32.51 25.81 -38.60
C SER F 346 32.41 27.33 -38.55
N ALA F 347 31.85 27.96 -39.58
CA ALA F 347 31.74 29.40 -39.64
C ALA F 347 30.40 29.85 -39.09
N SER F 348 30.43 30.83 -38.19
CA SER F 348 29.21 31.36 -37.60
C SER F 348 28.44 32.27 -38.55
N ILE F 349 29.05 32.71 -39.64
CA ILE F 349 28.39 33.48 -40.68
C ILE F 349 28.42 32.66 -41.96
N ARG F 350 27.26 32.42 -42.54
CA ARG F 350 27.12 31.63 -43.74
C ARG F 350 26.48 32.45 -44.85
N ILE F 351 26.85 32.14 -46.09
CA ILE F 351 26.27 32.79 -47.25
C ILE F 351 25.46 31.74 -48.00
N PRO F 352 24.14 31.66 -47.80
CA PRO F 352 23.38 30.61 -48.46
C PRO F 352 23.47 30.68 -49.98
N VAL F 353 23.51 29.52 -50.61
CA VAL F 353 23.57 29.43 -52.06
C VAL F 353 22.15 29.58 -52.59
N VAL F 354 21.85 30.71 -53.19
CA VAL F 354 20.51 31.03 -53.67
C VAL F 354 20.60 31.42 -55.14
N SER F 355 19.73 30.86 -55.96
CA SER F 355 19.78 31.12 -57.40
C SER F 355 19.50 32.58 -57.71
N SER F 356 18.46 33.14 -57.10
CA SER F 356 18.00 34.48 -57.45
C SER F 356 18.83 35.52 -56.69
N PRO F 357 19.49 36.45 -57.37
CA PRO F 357 20.23 37.50 -56.64
C PRO F 357 19.36 38.30 -55.70
N LYS F 358 18.07 38.44 -56.03
CA LYS F 358 17.16 39.20 -55.17
C LYS F 358 17.06 38.59 -53.78
N ALA F 359 17.47 37.33 -53.62
CA ALA F 359 17.42 36.65 -52.33
C ALA F 359 18.81 36.44 -51.72
N ARG F 360 19.81 37.18 -52.19
CA ARG F 360 21.12 37.08 -51.57
C ARG F 360 21.09 37.64 -50.16
N ARG F 361 21.72 36.93 -49.23
CA ARG F 361 21.63 37.28 -47.82
C ARG F 361 22.81 36.67 -47.07
N ILE F 362 23.01 37.17 -45.84
CA ILE F 362 23.97 36.60 -44.91
C ILE F 362 23.18 35.99 -43.76
N GLU F 363 23.78 34.99 -43.11
CA GLU F 363 23.13 34.23 -42.04
C GLU F 363 24.08 34.14 -40.85
N VAL F 364 23.74 34.80 -39.77
CA VAL F 364 24.48 34.67 -38.51
C VAL F 364 23.87 33.54 -37.71
N ARG F 365 24.71 32.63 -37.23
CA ARG F 365 24.26 31.37 -36.65
C ARG F 365 24.31 31.32 -35.14
N PHE F 366 25.03 32.23 -34.49
CA PHE F 366 25.20 32.14 -33.04
C PHE F 366 23.94 32.51 -32.25
N PRO F 367 23.08 33.42 -32.72
CA PRO F 367 21.92 33.80 -31.90
C PRO F 367 21.04 32.60 -31.56
N ASP F 368 20.45 32.64 -30.37
CA ASP F 368 19.58 31.61 -29.86
C ASP F 368 18.20 32.18 -29.58
N PRO F 369 17.16 31.35 -29.52
CA PRO F 369 15.78 31.87 -29.46
C PRO F 369 15.41 32.48 -28.12
N ALA F 370 16.28 32.43 -27.11
CA ALA F 370 16.01 33.11 -25.85
C ALA F 370 16.29 34.60 -25.93
N ALA F 371 16.81 35.09 -27.05
CA ALA F 371 17.12 36.50 -27.19
C ALA F 371 15.85 37.32 -27.34
N ASN F 372 15.92 38.56 -26.88
CA ASN F 372 14.86 39.52 -27.19
C ASN F 372 14.92 39.82 -28.67
N PRO F 373 13.88 39.54 -29.46
CA PRO F 373 14.01 39.73 -30.90
C PRO F 373 14.35 41.16 -31.29
N TYR F 374 13.70 42.13 -30.65
CA TYR F 374 13.93 43.52 -31.03
C TYR F 374 15.37 43.92 -30.78
N LEU F 375 15.87 43.69 -29.56
CA LEU F 375 17.22 44.10 -29.22
C LEU F 375 18.25 43.34 -30.03
N CYS F 376 18.05 42.04 -30.23
CA CYS F 376 19.01 41.25 -31.00
C CYS F 376 19.09 41.75 -32.44
N PHE F 377 17.94 41.94 -33.09
CA PHE F 377 17.94 42.41 -34.47
C PHE F 377 18.52 43.81 -34.56
N ALA F 378 18.18 44.68 -33.61
CA ALA F 378 18.73 46.03 -33.62
C ALA F 378 20.25 46.01 -33.48
N ALA F 379 20.77 45.15 -32.59
CA ALA F 379 22.21 45.06 -32.41
C ALA F 379 22.88 44.57 -33.68
N LEU F 380 22.33 43.53 -34.32
CA LEU F 380 22.92 43.02 -35.54
C LEU F 380 22.92 44.10 -36.63
N LEU F 381 21.80 44.81 -36.78
CA LEU F 381 21.72 45.86 -37.80
C LEU F 381 22.70 46.98 -37.50
N MET F 382 22.81 47.39 -36.24
CA MET F 382 23.70 48.49 -35.91
C MET F 382 25.16 48.09 -36.13
N ALA F 383 25.52 46.86 -35.81
CA ALA F 383 26.87 46.40 -36.09
C ALA F 383 27.15 46.39 -37.59
N GLY F 384 26.20 45.90 -38.38
CA GLY F 384 26.38 45.93 -39.82
C GLY F 384 26.52 47.34 -40.36
N LEU F 385 25.71 48.26 -39.84
CA LEU F 385 25.80 49.65 -40.30
C LEU F 385 27.13 50.28 -39.91
N ASP F 386 27.63 49.97 -38.71
CA ASP F 386 28.95 50.46 -38.34
C ASP F 386 30.02 49.92 -39.26
N GLY F 387 29.92 48.63 -39.62
CA GLY F 387 30.86 48.06 -40.56
C GLY F 387 30.80 48.75 -41.91
N ILE F 388 29.59 49.03 -42.41
CA ILE F 388 29.46 49.69 -43.69
C ILE F 388 30.05 51.10 -43.63
N LYS F 389 29.76 51.84 -42.56
CA LYS F 389 30.23 53.21 -42.46
C LYS F 389 31.74 53.29 -42.33
N ASN F 390 32.34 52.38 -41.56
CA ASN F 390 33.78 52.41 -41.33
C ASN F 390 34.56 51.51 -42.29
N LYS F 391 33.90 50.92 -43.28
CA LYS F 391 34.57 50.13 -44.30
C LYS F 391 35.36 48.99 -43.67
N ILE F 392 34.77 48.32 -42.68
CA ILE F 392 35.43 47.22 -41.99
C ILE F 392 35.41 45.99 -42.88
N HIS F 393 36.55 45.69 -43.50
CA HIS F 393 36.66 44.51 -44.34
C HIS F 393 36.79 43.26 -43.45
N PRO F 394 36.05 42.19 -43.76
CA PRO F 394 36.09 40.99 -42.92
C PRO F 394 37.23 40.02 -43.23
N GLY F 395 38.12 40.36 -44.14
CA GLY F 395 39.15 39.42 -44.55
C GLY F 395 38.64 38.46 -45.61
N GLU F 396 39.28 37.30 -45.67
CA GLU F 396 38.91 36.26 -46.62
C GLU F 396 38.01 35.23 -45.97
N ALA F 397 37.28 34.50 -46.79
CA ALA F 397 36.38 33.48 -46.29
C ALA F 397 37.15 32.31 -45.68
N MET F 398 36.53 31.67 -44.70
CA MET F 398 37.09 30.47 -44.09
C MET F 398 36.78 29.24 -44.94
N ASP F 399 37.30 29.20 -46.16
CA ASP F 399 37.09 28.06 -47.04
C ASP F 399 38.18 27.01 -46.83
N ALA F 410 44.92 28.95 -36.31
CA ALA F 410 43.50 28.89 -36.01
C ALA F 410 43.17 29.72 -34.77
N LYS F 411 44.14 29.82 -33.85
CA LYS F 411 43.94 30.62 -32.65
C LYS F 411 43.76 32.10 -32.96
N GLU F 412 44.21 32.55 -34.13
CA GLU F 412 44.05 33.94 -34.52
C GLU F 412 42.63 34.26 -34.95
N ILE F 413 41.79 33.26 -35.16
CA ILE F 413 40.43 33.45 -35.66
C ILE F 413 39.54 33.84 -34.49
N PRO F 414 38.89 35.00 -34.51
CA PRO F 414 38.08 35.41 -33.36
C PRO F 414 36.88 34.51 -33.16
N GLN F 415 36.45 34.39 -31.91
CA GLN F 415 35.33 33.55 -31.53
C GLN F 415 34.32 34.36 -30.73
N VAL F 416 33.09 33.85 -30.69
CA VAL F 416 32.02 34.47 -29.92
C VAL F 416 32.37 34.39 -28.45
N ALA F 417 31.69 35.20 -27.63
CA ALA F 417 31.97 35.20 -26.20
C ALA F 417 31.73 33.83 -25.61
N GLY F 418 32.63 33.40 -24.72
CA GLY F 418 32.53 32.13 -24.07
C GLY F 418 31.68 32.12 -22.82
N SER F 419 31.20 33.28 -22.38
CA SER F 419 30.34 33.34 -21.21
C SER F 419 29.53 34.62 -21.24
N LEU F 420 28.44 34.62 -20.47
CA LEU F 420 27.61 35.81 -20.38
C LEU F 420 28.34 36.96 -19.71
N GLU F 421 29.23 36.67 -18.76
CA GLU F 421 30.04 37.73 -18.16
C GLU F 421 30.91 38.40 -19.22
N GLU F 422 31.57 37.60 -20.06
CA GLU F 422 32.37 38.17 -21.14
C GLU F 422 31.52 38.98 -22.09
N ALA F 423 30.35 38.46 -22.46
CA ALA F 423 29.47 39.18 -23.37
C ALA F 423 29.04 40.51 -22.78
N LEU F 424 28.68 40.53 -21.49
CA LEU F 424 28.23 41.76 -20.86
C LEU F 424 29.37 42.76 -20.72
N ASN F 425 30.57 42.28 -20.39
CA ASN F 425 31.71 43.19 -20.32
C ASN F 425 32.01 43.81 -21.69
N GLU F 426 31.94 43.00 -22.74
CA GLU F 426 32.18 43.53 -24.08
C GLU F 426 31.11 44.51 -24.49
N LEU F 427 29.85 44.25 -24.12
CA LEU F 427 28.79 45.20 -24.39
C LEU F 427 29.02 46.51 -23.63
N ASP F 428 29.48 46.42 -22.39
CA ASP F 428 29.78 47.61 -21.62
C ASP F 428 30.88 48.43 -22.27
N LEU F 429 31.92 47.77 -22.78
CA LEU F 429 33.06 48.45 -23.36
C LEU F 429 32.87 48.80 -24.83
N ASP F 430 31.80 48.34 -25.47
CA ASP F 430 31.60 48.50 -26.91
C ASP F 430 30.21 49.06 -27.20
N ARG F 431 29.86 50.16 -26.54
CA ARG F 431 28.52 50.72 -26.65
C ARG F 431 28.32 51.62 -27.86
N GLU F 432 29.39 52.15 -28.45
CA GLU F 432 29.25 53.25 -29.39
C GLU F 432 28.42 52.85 -30.61
N PHE F 433 28.67 51.66 -31.16
CA PHE F 433 27.93 51.23 -32.33
C PHE F 433 26.45 51.08 -32.06
N LEU F 434 26.08 50.77 -30.81
CA LEU F 434 24.67 50.75 -30.44
C LEU F 434 24.12 52.14 -30.19
N LYS F 435 24.95 53.05 -29.68
CA LYS F 435 24.52 54.40 -29.38
C LYS F 435 24.51 55.30 -30.61
N ALA F 436 24.99 54.83 -31.75
CA ALA F 436 24.95 55.63 -32.96
C ALA F 436 23.51 56.00 -33.29
N GLY F 437 23.28 57.28 -33.54
CA GLY F 437 21.95 57.75 -33.90
C GLY F 437 20.95 57.78 -32.78
N GLY F 438 21.39 57.61 -31.53
CA GLY F 438 20.48 57.62 -30.41
C GLY F 438 19.64 56.38 -30.26
N VAL F 439 19.96 55.30 -30.99
CA VAL F 439 19.14 54.10 -30.95
C VAL F 439 19.15 53.52 -29.55
N PHE F 440 20.32 53.15 -29.05
CA PHE F 440 20.49 52.70 -27.69
C PHE F 440 21.02 53.84 -26.83
N THR F 441 20.52 53.92 -25.60
CA THR F 441 20.97 54.92 -24.65
C THR F 441 21.82 54.25 -23.58
N ASP F 442 22.69 55.04 -22.97
CA ASP F 442 23.55 54.51 -21.91
C ASP F 442 22.73 53.95 -20.77
N GLU F 443 21.65 54.64 -20.41
CA GLU F 443 20.79 54.15 -19.34
C GLU F 443 20.17 52.81 -19.69
N ALA F 444 19.70 52.65 -20.94
CA ALA F 444 19.10 51.39 -21.35
C ALA F 444 20.12 50.27 -21.32
N ILE F 445 21.33 50.52 -21.84
CA ILE F 445 22.36 49.49 -21.85
C ILE F 445 22.73 49.11 -20.42
N ASP F 446 22.83 50.10 -19.53
CA ASP F 446 23.16 49.82 -18.14
C ASP F 446 22.08 48.97 -17.48
N ALA F 447 20.81 49.29 -17.71
CA ALA F 447 19.74 48.51 -17.11
C ALA F 447 19.75 47.08 -17.62
N TYR F 448 19.95 46.90 -18.93
CA TYR F 448 20.05 45.56 -19.48
C TYR F 448 21.20 44.79 -18.83
N ILE F 449 22.36 45.42 -18.72
CA ILE F 449 23.52 44.77 -18.13
C ILE F 449 23.24 44.40 -16.68
N ALA F 450 22.53 45.27 -15.96
CA ALA F 450 22.21 45.00 -14.56
C ALA F 450 21.32 43.77 -14.44
N LEU F 451 20.27 43.70 -15.25
CA LEU F 451 19.37 42.54 -15.19
C LEU F 451 20.13 41.25 -15.51
N ARG F 452 20.88 41.26 -16.61
CA ARG F 452 21.59 40.05 -17.01
C ARG F 452 22.66 39.68 -16.00
N ARG F 453 23.28 40.66 -15.34
CA ARG F 453 24.27 40.37 -14.32
C ARG F 453 23.63 39.78 -13.08
N GLU F 454 22.42 40.21 -12.72
CA GLU F 454 21.72 39.58 -11.62
C GLU F 454 21.47 38.11 -11.92
N GLU F 455 20.98 37.82 -13.13
CA GLU F 455 20.75 36.42 -13.49
C GLU F 455 22.05 35.62 -13.48
N ASP F 456 23.11 36.21 -14.04
CA ASP F 456 24.39 35.52 -14.09
C ASP F 456 24.93 35.23 -12.70
N ASP F 457 24.82 36.20 -11.78
CA ASP F 457 25.27 35.98 -10.42
C ASP F 457 24.49 34.87 -9.76
N ARG F 458 23.16 34.84 -9.96
CA ARG F 458 22.39 33.74 -9.39
C ARG F 458 22.88 32.39 -9.92
N VAL F 459 23.14 32.30 -11.22
CA VAL F 459 23.63 31.03 -11.75
C VAL F 459 25.03 30.71 -11.23
N ARG F 460 25.86 31.73 -11.04
CA ARG F 460 27.26 31.54 -10.69
C ARG F 460 27.45 31.16 -9.22
N MET F 461 26.56 31.61 -8.34
CA MET F 461 26.74 31.35 -6.92
C MET F 461 26.10 30.05 -6.43
N THR F 462 25.36 29.35 -7.29
CA THR F 462 24.64 28.17 -6.82
C THR F 462 25.44 26.89 -7.09
N PRO F 463 25.69 26.06 -6.09
CA PRO F 463 26.44 24.82 -6.32
C PRO F 463 25.75 23.92 -7.34
N HIS F 464 26.56 23.16 -8.07
CA HIS F 464 26.10 22.42 -9.24
C HIS F 464 26.25 20.90 -9.05
N PRO F 465 25.26 20.11 -9.47
CA PRO F 465 25.35 18.65 -9.26
C PRO F 465 26.59 18.00 -9.86
N VAL F 466 27.02 18.41 -11.06
CA VAL F 466 28.26 17.86 -11.59
C VAL F 466 29.43 18.26 -10.71
N GLU F 467 29.36 19.44 -10.10
CA GLU F 467 30.39 19.80 -9.13
C GLU F 467 30.40 18.83 -7.97
N PHE F 468 29.23 18.37 -7.51
CA PHE F 468 29.25 17.33 -6.49
C PHE F 468 29.86 16.04 -7.02
N GLU F 469 29.46 15.63 -8.23
CA GLU F 469 29.98 14.40 -8.81
C GLU F 469 31.49 14.42 -8.89
N LEU F 470 32.07 15.60 -9.10
CA LEU F 470 33.51 15.75 -9.30
C LEU F 470 34.27 15.95 -8.00
N TYR F 471 33.68 16.64 -7.02
CA TYR F 471 34.44 17.12 -5.87
C TYR F 471 33.93 16.67 -4.52
N TYR F 472 32.90 15.81 -4.44
CA TYR F 472 32.40 15.44 -3.13
C TYR F 472 33.46 14.68 -2.33
N SER F 473 34.20 13.79 -2.98
CA SER F 473 35.25 13.03 -2.32
C SER F 473 36.59 13.75 -2.30
N VAL F 474 36.68 14.94 -2.89
CA VAL F 474 37.92 15.68 -2.92
C VAL F 474 37.67 17.15 -2.61
N MET G 6 -26.41 -23.48 -54.55
CA MET G 6 -25.65 -22.19 -54.53
C MET G 6 -24.30 -22.38 -55.21
N SER G 7 -23.93 -21.43 -56.06
CA SER G 7 -22.75 -21.60 -56.90
C SER G 7 -21.87 -20.35 -56.93
N ALA G 8 -20.86 -20.36 -57.80
CA ALA G 8 -19.95 -19.22 -57.90
C ALA G 8 -20.68 -17.97 -58.34
N GLU G 9 -21.66 -18.10 -59.23
CA GLU G 9 -22.43 -16.93 -59.64
C GLU G 9 -23.15 -16.31 -58.45
N HIS G 10 -23.75 -17.13 -57.60
CA HIS G 10 -24.40 -16.59 -56.40
C HIS G 10 -23.40 -15.98 -55.44
N VAL G 11 -22.20 -16.55 -55.33
CA VAL G 11 -21.19 -15.94 -54.47
C VAL G 11 -20.79 -14.56 -54.99
N LEU G 12 -20.59 -14.46 -56.31
CA LEU G 12 -20.24 -13.18 -56.91
C LEU G 12 -21.39 -12.18 -56.77
N THR G 13 -22.63 -12.65 -56.77
CA THR G 13 -23.75 -11.75 -56.54
C THR G 13 -23.78 -11.28 -55.09
N MET G 14 -23.48 -12.18 -54.15
CA MET G 14 -23.41 -11.77 -52.75
C MET G 14 -22.34 -10.71 -52.54
N LEU G 15 -21.20 -10.86 -53.21
CA LEU G 15 -20.12 -9.91 -53.01
C LEU G 15 -20.57 -8.48 -53.26
N ASN G 16 -21.53 -8.28 -54.17
CA ASN G 16 -22.09 -6.95 -54.39
C ASN G 16 -23.30 -6.67 -53.52
N GLU G 17 -24.10 -7.70 -53.21
CA GLU G 17 -25.30 -7.48 -52.41
C GLU G 17 -24.94 -7.00 -51.02
N HIS G 18 -23.92 -7.58 -50.40
CA HIS G 18 -23.53 -7.21 -49.04
C HIS G 18 -22.33 -6.26 -49.01
N GLU G 19 -21.87 -5.77 -50.16
CA GLU G 19 -20.72 -4.89 -50.22
C GLU G 19 -19.53 -5.50 -49.49
N VAL G 20 -19.22 -6.74 -49.86
CA VAL G 20 -18.18 -7.50 -49.17
C VAL G 20 -16.82 -6.92 -49.50
N LYS G 21 -16.01 -6.69 -48.47
CA LYS G 21 -14.64 -6.21 -48.64
C LYS G 21 -13.62 -7.33 -48.63
N PHE G 22 -13.87 -8.41 -47.88
CA PHE G 22 -12.91 -9.49 -47.73
C PHE G 22 -13.63 -10.83 -47.85
N VAL G 23 -12.87 -11.86 -48.21
CA VAL G 23 -13.35 -13.23 -48.26
C VAL G 23 -12.38 -14.07 -47.46
N ASP G 24 -12.90 -14.83 -46.50
CA ASP G 24 -12.09 -15.62 -45.58
C ASP G 24 -12.20 -17.09 -45.97
N LEU G 25 -11.12 -17.63 -46.52
CA LEU G 25 -11.06 -19.02 -46.93
C LEU G 25 -10.69 -19.87 -45.73
N ARG G 26 -11.56 -20.80 -45.37
CA ARG G 26 -11.43 -21.58 -44.14
C ARG G 26 -11.30 -23.06 -44.45
N PHE G 27 -10.56 -23.76 -43.59
CA PHE G 27 -10.40 -25.20 -43.69
C PHE G 27 -10.04 -25.74 -42.31
N THR G 28 -10.06 -27.06 -42.18
CA THR G 28 -9.82 -27.72 -40.91
C THR G 28 -8.56 -28.57 -40.99
N ASP G 29 -7.71 -28.46 -39.98
CA ASP G 29 -6.50 -29.27 -39.89
C ASP G 29 -6.82 -30.61 -39.25
N THR G 30 -5.79 -31.45 -39.10
CA THR G 30 -6.00 -32.79 -38.56
C THR G 30 -6.54 -32.75 -37.14
N LYS G 31 -6.01 -31.85 -36.31
CA LYS G 31 -6.46 -31.75 -34.94
C LYS G 31 -7.88 -31.22 -34.81
N GLY G 32 -8.45 -30.67 -35.89
CA GLY G 32 -9.81 -30.19 -35.87
C GLY G 32 -9.95 -28.69 -35.70
N LYS G 33 -8.85 -27.95 -35.67
CA LYS G 33 -8.90 -26.51 -35.52
C LYS G 33 -9.09 -25.85 -36.88
N GLU G 34 -9.83 -24.75 -36.89
CA GLU G 34 -10.17 -24.05 -38.12
C GLU G 34 -9.09 -23.02 -38.45
N GLN G 35 -8.55 -23.11 -39.66
CA GLN G 35 -7.53 -22.21 -40.16
C GLN G 35 -8.14 -21.36 -41.27
N HIS G 36 -7.82 -20.06 -41.26
CA HIS G 36 -8.44 -19.14 -42.21
C HIS G 36 -7.37 -18.23 -42.80
N VAL G 37 -7.49 -17.97 -44.11
CA VAL G 37 -6.67 -16.99 -44.81
C VAL G 37 -7.59 -16.03 -45.55
N THR G 38 -7.34 -14.75 -45.42
CA THR G 38 -8.24 -13.73 -45.96
C THR G 38 -7.66 -13.12 -47.23
N ILE G 39 -8.52 -12.90 -48.21
CA ILE G 39 -8.14 -12.23 -49.44
C ILE G 39 -9.14 -11.11 -49.73
N PRO G 40 -8.73 -10.02 -50.35
CA PRO G 40 -9.70 -8.97 -50.69
C PRO G 40 -10.74 -9.46 -51.68
N ALA G 41 -11.94 -8.89 -51.58
CA ALA G 41 -13.05 -9.37 -52.39
C ALA G 41 -12.75 -9.26 -53.88
N HIS G 42 -11.96 -8.26 -54.28
CA HIS G 42 -11.66 -8.08 -55.69
C HIS G 42 -10.74 -9.16 -56.25
N GLN G 43 -10.18 -10.01 -55.40
CA GLN G 43 -9.41 -11.15 -55.86
C GLN G 43 -10.27 -12.37 -56.15
N VAL G 44 -11.58 -12.29 -55.95
CA VAL G 44 -12.50 -13.39 -56.17
C VAL G 44 -13.16 -13.18 -57.52
N ASN G 45 -12.92 -14.10 -58.44
CA ASN G 45 -13.50 -14.05 -59.79
C ASN G 45 -13.87 -15.46 -60.19
N ALA G 46 -14.30 -15.62 -61.45
CA ALA G 46 -14.67 -16.95 -61.93
C ALA G 46 -13.48 -17.89 -61.91
N GLU G 47 -12.30 -17.39 -62.27
CA GLU G 47 -11.11 -18.25 -62.27
C GLU G 47 -10.73 -18.67 -60.86
N PHE G 48 -11.13 -17.89 -59.85
CA PHE G 48 -10.81 -18.25 -58.48
C PHE G 48 -11.47 -19.56 -58.09
N PHE G 49 -12.72 -19.77 -58.51
CA PHE G 49 -13.44 -20.98 -58.12
C PHE G 49 -13.03 -22.20 -58.95
N GLU G 50 -12.26 -22.01 -60.01
CA GLU G 50 -11.77 -23.13 -60.81
C GLU G 50 -10.31 -23.47 -60.53
N GLU G 51 -9.51 -22.51 -60.07
CA GLU G 51 -8.09 -22.75 -59.82
C GLU G 51 -7.70 -22.68 -58.34
N GLY G 52 -8.54 -22.14 -57.48
CA GLY G 52 -8.20 -22.09 -56.07
C GLY G 52 -7.09 -21.11 -55.77
N LYS G 53 -6.56 -21.24 -54.56
CA LYS G 53 -5.45 -20.42 -54.08
C LYS G 53 -4.33 -21.32 -53.59
N MET G 54 -3.10 -21.04 -54.02
CA MET G 54 -1.95 -21.79 -53.57
C MET G 54 -1.49 -21.26 -52.21
N PHE G 55 -1.24 -22.18 -51.27
CA PHE G 55 -0.76 -21.81 -49.95
C PHE G 55 0.23 -22.88 -49.48
N ASP G 56 1.09 -22.48 -48.55
CA ASP G 56 2.11 -23.37 -48.00
C ASP G 56 1.55 -24.04 -46.75
N GLY G 57 1.25 -25.32 -46.85
CA GLY G 57 0.70 -26.08 -45.75
C GLY G 57 1.71 -26.79 -44.88
N SER G 58 3.01 -26.59 -45.13
CA SER G 58 4.03 -27.26 -44.32
C SER G 58 3.95 -26.83 -42.87
N SER G 59 3.51 -25.61 -42.60
CA SER G 59 3.41 -25.13 -41.23
C SER G 59 2.21 -25.68 -40.49
N ILE G 60 1.27 -26.33 -41.18
CA ILE G 60 0.14 -26.95 -40.52
C ILE G 60 0.62 -28.20 -39.78
N GLY G 61 -0.11 -28.56 -38.73
CA GLY G 61 0.35 -29.59 -37.81
C GLY G 61 0.84 -30.87 -38.44
N GLY G 62 -0.05 -31.64 -39.04
CA GLY G 62 0.28 -32.95 -39.57
C GLY G 62 0.49 -33.01 -41.07
N TRP G 63 0.64 -31.86 -41.74
CA TRP G 63 0.79 -31.82 -43.19
C TRP G 63 2.24 -31.62 -43.62
N LYS G 64 3.18 -31.67 -42.68
CA LYS G 64 4.58 -31.48 -42.99
C LYS G 64 5.06 -32.53 -43.98
N GLY G 65 5.43 -32.10 -45.19
CA GLY G 65 5.88 -33.02 -46.22
C GLY G 65 7.37 -33.29 -46.15
N ASP G 70 3.44 -27.33 -51.65
CA ASP G 70 2.38 -26.36 -51.85
C ASP G 70 1.07 -27.06 -52.20
N MET G 71 -0.04 -26.54 -51.68
CA MET G 71 -1.35 -27.12 -51.90
C MET G 71 -2.33 -26.03 -52.29
N VAL G 72 -3.48 -26.45 -52.82
CA VAL G 72 -4.50 -25.56 -53.36
C VAL G 72 -5.67 -25.50 -52.38
N LEU G 73 -6.12 -24.30 -52.08
CA LEU G 73 -7.39 -24.10 -51.38
C LEU G 73 -8.48 -23.94 -52.43
N MET G 74 -9.38 -24.92 -52.49
CA MET G 74 -10.46 -24.89 -53.47
C MET G 74 -11.75 -24.47 -52.78
N PRO G 75 -12.28 -23.27 -53.04
CA PRO G 75 -13.50 -22.85 -52.35
C PRO G 75 -14.70 -23.73 -52.72
N ASP G 76 -15.56 -23.91 -51.74
CA ASP G 76 -16.85 -24.59 -51.92
C ASP G 76 -17.92 -23.52 -51.83
N ALA G 77 -18.40 -23.05 -52.98
CA ALA G 77 -19.33 -21.93 -53.00
C ALA G 77 -20.58 -22.18 -52.19
N SER G 78 -21.00 -23.44 -52.09
CA SER G 78 -22.21 -23.77 -51.35
C SER G 78 -22.09 -23.46 -49.86
N THR G 79 -20.88 -23.20 -49.38
CA THR G 79 -20.64 -22.88 -47.99
C THR G 79 -20.48 -21.38 -47.75
N ALA G 80 -20.73 -20.55 -48.77
CA ALA G 80 -20.57 -19.11 -48.58
C ALA G 80 -21.51 -18.60 -47.50
N VAL G 81 -20.97 -17.78 -46.60
CA VAL G 81 -21.76 -17.21 -45.51
C VAL G 81 -21.04 -15.97 -44.99
N ILE G 82 -21.82 -14.96 -44.64
CA ILE G 82 -21.26 -13.69 -44.16
C ILE G 82 -20.82 -13.85 -42.71
N ASP G 83 -19.64 -13.32 -42.40
CA ASP G 83 -19.12 -13.36 -41.03
C ASP G 83 -19.83 -12.30 -40.18
N PRO G 84 -20.41 -12.68 -39.05
CA PRO G 84 -21.11 -11.70 -38.20
C PRO G 84 -20.24 -11.02 -37.15
N PHE G 85 -18.93 -11.23 -37.13
CA PHE G 85 -18.06 -10.70 -36.09
C PHE G 85 -17.03 -9.72 -36.61
N PHE G 86 -16.52 -9.90 -37.82
CA PHE G 86 -15.48 -9.03 -38.33
C PHE G 86 -16.03 -7.62 -38.56
N ALA G 87 -15.21 -6.61 -38.25
CA ALA G 87 -15.65 -5.24 -38.42
C ALA G 87 -15.91 -4.92 -39.88
N ASP G 88 -15.05 -5.38 -40.77
CA ASP G 88 -15.23 -5.18 -42.20
C ASP G 88 -16.06 -6.32 -42.78
N SER G 89 -16.94 -5.97 -43.72
CA SER G 89 -17.81 -6.95 -44.34
C SER G 89 -17.00 -8.08 -44.95
N THR G 90 -17.10 -9.28 -44.38
CA THR G 90 -16.32 -10.42 -44.83
C THR G 90 -17.26 -11.58 -45.14
N LEU G 91 -16.88 -12.36 -46.14
CA LEU G 91 -17.63 -13.54 -46.56
C LEU G 91 -16.79 -14.77 -46.30
N ILE G 92 -17.37 -15.76 -45.62
CA ILE G 92 -16.68 -16.98 -45.26
C ILE G 92 -17.01 -18.03 -46.32
N ILE G 93 -15.98 -18.59 -46.95
CA ILE G 93 -16.10 -19.71 -47.87
C ILE G 93 -15.24 -20.85 -47.33
N ARG G 94 -15.86 -21.99 -47.11
CA ARG G 94 -15.12 -23.18 -46.70
C ARG G 94 -14.45 -23.80 -47.91
N CYS G 95 -13.24 -24.32 -47.71
CA CYS G 95 -12.40 -24.79 -48.80
C CYS G 95 -11.86 -26.17 -48.50
N ASP G 96 -11.63 -26.93 -49.57
CA ASP G 96 -10.95 -28.21 -49.51
C ASP G 96 -9.51 -28.05 -49.96
N ILE G 97 -8.63 -28.87 -49.40
CA ILE G 97 -7.21 -28.85 -49.75
C ILE G 97 -6.98 -29.91 -50.82
N LEU G 98 -6.53 -29.49 -52.00
CA LEU G 98 -6.32 -30.38 -53.13
C LEU G 98 -4.86 -30.39 -53.50
N GLU G 99 -4.41 -31.52 -54.05
CA GLU G 99 -3.05 -31.61 -54.54
C GLU G 99 -2.87 -30.65 -55.72
N PRO G 100 -1.72 -29.97 -55.80
CA PRO G 100 -1.58 -28.91 -56.82
C PRO G 100 -1.75 -29.40 -58.25
N GLY G 101 -1.30 -30.61 -58.56
CA GLY G 101 -1.31 -31.08 -59.93
C GLY G 101 -2.61 -31.71 -60.37
N THR G 102 -3.03 -32.78 -59.68
CA THR G 102 -4.23 -33.50 -60.05
C THR G 102 -5.51 -32.84 -59.55
N LEU G 103 -5.42 -31.87 -58.66
CA LEU G 103 -6.59 -31.23 -58.07
C LEU G 103 -7.50 -32.27 -57.41
N GLN G 104 -6.90 -33.33 -56.88
CA GLN G 104 -7.62 -34.35 -56.13
C GLN G 104 -7.47 -34.09 -54.63
N GLY G 105 -8.41 -34.64 -53.87
CA GLY G 105 -8.42 -34.41 -52.43
C GLY G 105 -7.14 -34.83 -51.76
N TYR G 106 -6.58 -33.95 -50.93
CA TYR G 106 -5.38 -34.26 -50.18
C TYR G 106 -5.66 -35.39 -49.19
N ASP G 107 -4.72 -36.33 -49.09
CA ASP G 107 -4.95 -37.53 -48.30
C ASP G 107 -5.20 -37.20 -46.83
N ARG G 108 -4.60 -36.13 -46.32
CA ARG G 108 -4.69 -35.77 -44.92
C ARG G 108 -5.68 -34.64 -44.65
N ASP G 109 -6.49 -34.27 -45.62
CA ASP G 109 -7.51 -33.25 -45.40
C ASP G 109 -8.74 -33.88 -44.78
N PRO G 110 -9.14 -33.48 -43.56
CA PRO G 110 -10.32 -34.12 -42.95
C PRO G 110 -11.59 -33.98 -43.76
N ARG G 111 -11.80 -32.82 -44.39
CA ARG G 111 -13.01 -32.64 -45.19
C ARG G 111 -13.00 -33.58 -46.39
N SER G 112 -11.85 -33.74 -47.03
CA SER G 112 -11.74 -34.69 -48.13
C SER G 112 -11.99 -36.11 -47.65
N ILE G 113 -11.51 -36.44 -46.45
CA ILE G 113 -11.73 -37.78 -45.91
C ILE G 113 -13.22 -38.01 -45.69
N ALA G 114 -13.92 -37.02 -45.13
CA ALA G 114 -15.35 -37.18 -44.91
C ALA G 114 -16.11 -37.30 -46.23
N LYS G 115 -15.74 -36.49 -47.23
CA LYS G 115 -16.39 -36.58 -48.52
C LYS G 115 -16.16 -37.94 -49.16
N ARG G 116 -14.94 -38.47 -49.04
CA ARG G 116 -14.65 -39.80 -49.58
C ARG G 116 -15.42 -40.87 -48.82
N ALA G 117 -15.61 -40.69 -47.52
CA ALA G 117 -16.43 -41.64 -46.77
C ALA G 117 -17.87 -41.65 -47.27
N GLU G 118 -18.43 -40.48 -47.52
CA GLU G 118 -19.78 -40.41 -48.07
C GLU G 118 -19.84 -41.07 -49.45
N ASP G 119 -18.82 -40.81 -50.28
CA ASP G 119 -18.79 -41.41 -51.61
C ASP G 119 -18.70 -42.94 -51.51
N TYR G 120 -17.91 -43.44 -50.56
CA TYR G 120 -17.83 -44.88 -50.36
C TYR G 120 -19.15 -45.46 -49.91
N LEU G 121 -19.84 -44.75 -49.01
CA LEU G 121 -21.18 -45.18 -48.60
C LEU G 121 -22.09 -45.30 -49.80
N ARG G 122 -22.05 -44.32 -50.70
CA ARG G 122 -22.88 -44.37 -51.90
C ARG G 122 -22.48 -45.53 -52.81
N SER G 123 -21.17 -45.74 -52.97
CA SER G 123 -20.70 -46.79 -53.88
C SER G 123 -21.07 -48.18 -53.39
N THR G 124 -20.98 -48.42 -52.08
CA THR G 124 -21.30 -49.74 -51.56
C THR G 124 -22.74 -50.13 -51.80
N GLY G 125 -23.63 -49.16 -52.01
CA GLY G 125 -25.02 -49.44 -52.24
C GLY G 125 -25.83 -49.69 -50.98
N ILE G 126 -25.21 -49.64 -49.81
CA ILE G 126 -25.94 -49.88 -48.58
C ILE G 126 -26.99 -48.79 -48.36
N ALA G 127 -26.61 -47.54 -48.59
CA ALA G 127 -27.52 -46.42 -48.41
C ALA G 127 -27.04 -45.26 -49.27
N ASP G 128 -27.92 -44.27 -49.43
CA ASP G 128 -27.64 -43.09 -50.23
C ASP G 128 -27.13 -41.91 -49.41
N THR G 129 -27.67 -41.71 -48.21
CA THR G 129 -27.26 -40.61 -47.35
C THR G 129 -27.13 -41.10 -45.93
N VAL G 130 -26.28 -40.42 -45.16
CA VAL G 130 -26.09 -40.70 -43.74
C VAL G 130 -26.38 -39.41 -42.99
N LEU G 131 -27.23 -39.51 -41.96
CA LEU G 131 -27.64 -38.35 -41.18
C LEU G 131 -26.95 -38.40 -39.82
N PHE G 132 -26.31 -37.30 -39.45
CA PHE G 132 -25.61 -37.17 -38.19
C PHE G 132 -26.24 -36.04 -37.40
N GLY G 133 -26.56 -36.30 -36.14
CA GLY G 133 -26.86 -35.25 -35.20
C GLY G 133 -25.96 -35.33 -33.99
N PRO G 134 -25.00 -34.40 -33.89
CA PRO G 134 -24.21 -34.28 -32.67
C PRO G 134 -24.78 -33.27 -31.70
N GLU G 135 -24.46 -33.45 -30.43
CA GLU G 135 -24.98 -32.63 -29.34
C GLU G 135 -23.82 -32.14 -28.47
N PRO G 136 -22.97 -31.28 -29.01
CA PRO G 136 -21.83 -30.79 -28.22
C PRO G 136 -22.26 -29.90 -27.08
N GLU G 137 -21.47 -29.93 -26.02
CA GLU G 137 -21.62 -29.05 -24.86
C GLU G 137 -20.33 -28.26 -24.69
N PHE G 138 -20.41 -27.18 -23.93
CA PHE G 138 -19.26 -26.32 -23.74
C PHE G 138 -19.32 -25.65 -22.38
N PHE G 139 -18.19 -25.11 -21.95
CA PHE G 139 -18.08 -24.37 -20.71
C PHE G 139 -17.80 -22.91 -20.99
N LEU G 140 -18.45 -22.03 -20.25
CA LEU G 140 -18.22 -20.59 -20.30
C LEU G 140 -17.57 -20.16 -19.00
N PHE G 141 -16.42 -19.49 -19.10
CA PHE G 141 -15.66 -19.07 -17.93
C PHE G 141 -15.40 -17.58 -18.01
N ASP G 142 -15.18 -16.98 -16.84
CA ASP G 142 -14.78 -15.57 -16.81
C ASP G 142 -13.28 -15.40 -16.90
N ASP G 143 -12.50 -16.37 -16.41
CA ASP G 143 -11.06 -16.28 -16.40
C ASP G 143 -10.48 -17.68 -16.42
N ILE G 144 -9.41 -17.87 -17.19
CA ILE G 144 -8.68 -19.12 -17.24
C ILE G 144 -7.21 -18.78 -17.27
N ARG G 145 -6.44 -19.30 -16.32
CA ARG G 145 -5.00 -19.09 -16.28
C ARG G 145 -4.32 -20.43 -16.14
N PHE G 146 -3.35 -20.71 -16.99
CA PHE G 146 -2.61 -21.96 -16.88
C PHE G 146 -1.19 -21.76 -17.37
N GLY G 147 -0.31 -22.61 -16.87
CA GLY G 147 1.09 -22.54 -17.23
C GLY G 147 1.87 -23.72 -16.70
N SER G 148 3.04 -23.92 -17.27
CA SER G 148 3.97 -24.95 -16.82
C SER G 148 5.39 -24.45 -17.00
N SER G 149 6.28 -24.94 -16.16
CA SER G 149 7.71 -24.66 -16.26
C SER G 149 8.43 -25.62 -15.32
N ILE G 150 9.76 -25.51 -15.32
CA ILE G 150 10.57 -26.42 -14.51
C ILE G 150 10.20 -26.32 -13.05
N SER G 151 9.72 -25.16 -12.61
CA SER G 151 9.41 -24.94 -11.21
C SER G 151 8.02 -25.45 -10.82
N GLY G 152 7.21 -25.91 -11.76
CA GLY G 152 5.89 -26.41 -11.41
C GLY G 152 4.92 -26.19 -12.55
N SER G 153 3.64 -26.19 -12.19
CA SER G 153 2.57 -26.01 -13.18
C SER G 153 1.30 -25.62 -12.45
N HIS G 154 0.39 -24.97 -13.17
CA HIS G 154 -0.85 -24.54 -12.54
C HIS G 154 -1.95 -24.36 -13.56
N VAL G 155 -3.18 -24.55 -13.09
CA VAL G 155 -4.40 -24.19 -13.79
C VAL G 155 -5.38 -23.62 -12.79
N ALA G 156 -6.03 -22.52 -13.16
CA ALA G 156 -7.00 -21.84 -12.31
C ALA G 156 -8.16 -21.40 -13.19
N ILE G 157 -9.33 -21.95 -12.90
CA ILE G 157 -10.58 -21.60 -13.59
C ILE G 157 -11.38 -20.70 -12.67
N ASP G 158 -11.91 -19.60 -13.21
CA ASP G 158 -12.79 -18.71 -12.46
C ASP G 158 -14.01 -18.37 -13.30
N ASP G 159 -15.18 -18.44 -12.67
CA ASP G 159 -16.42 -18.02 -13.29
C ASP G 159 -17.35 -17.50 -12.20
N ILE G 160 -18.16 -16.52 -12.56
CA ILE G 160 -19.09 -15.97 -11.58
C ILE G 160 -20.11 -17.02 -11.15
N GLU G 161 -20.45 -17.95 -12.03
CA GLU G 161 -21.40 -19.00 -11.70
C GLU G 161 -20.78 -20.12 -10.85
N GLY G 162 -19.45 -20.18 -10.78
CA GLY G 162 -18.79 -21.23 -10.03
C GLY G 162 -19.18 -21.25 -8.56
N ALA G 163 -19.58 -22.41 -8.06
CA ALA G 163 -20.05 -22.50 -6.69
C ALA G 163 -19.00 -22.06 -5.69
N TRP G 164 -17.72 -22.27 -6.02
CA TRP G 164 -16.65 -21.89 -5.12
C TRP G 164 -16.57 -20.38 -4.92
N ASN G 165 -17.25 -19.60 -5.75
CA ASN G 165 -17.28 -18.16 -5.58
C ASN G 165 -18.34 -17.70 -4.59
N SER G 166 -19.03 -18.63 -3.92
CA SER G 166 -20.05 -18.23 -2.95
C SER G 166 -19.47 -17.40 -1.83
N SER G 167 -18.16 -17.49 -1.59
CA SER G 167 -17.49 -16.70 -0.57
C SER G 167 -16.68 -15.55 -1.14
N THR G 168 -16.58 -15.43 -2.46
CA THR G 168 -15.72 -14.41 -3.05
C THR G 168 -16.30 -13.02 -2.81
N GLN G 169 -15.42 -12.06 -2.58
CA GLN G 169 -15.80 -10.66 -2.44
C GLN G 169 -15.72 -10.00 -3.82
N TYR G 170 -16.83 -9.40 -4.24
CA TYR G 170 -16.92 -8.75 -5.54
C TYR G 170 -17.17 -7.25 -5.35
N GLU G 171 -16.63 -6.46 -6.27
CA GLU G 171 -16.97 -5.04 -6.30
C GLU G 171 -18.44 -4.89 -6.69
N GLY G 172 -19.19 -4.17 -5.87
CA GLY G 172 -20.63 -4.10 -6.01
C GLY G 172 -21.39 -5.17 -5.27
N GLY G 173 -20.69 -6.11 -4.65
CA GLY G 173 -21.31 -7.11 -3.82
C GLY G 173 -21.47 -8.45 -4.52
N ASN G 174 -21.46 -9.51 -3.73
CA ASN G 174 -21.73 -10.86 -4.21
C ASN G 174 -23.22 -11.11 -4.16
N LYS G 175 -23.78 -11.64 -5.24
CA LYS G 175 -25.23 -11.79 -5.38
C LYS G 175 -25.72 -13.20 -5.07
N GLY G 176 -24.83 -14.09 -4.65
CA GLY G 176 -25.25 -15.37 -4.09
C GLY G 176 -25.81 -16.42 -5.03
N HIS G 177 -26.73 -16.05 -5.90
CA HIS G 177 -27.45 -17.03 -6.71
C HIS G 177 -26.48 -17.67 -7.69
N ARG G 178 -26.09 -18.90 -7.40
CA ARG G 178 -25.18 -19.66 -8.25
C ARG G 178 -25.66 -21.09 -8.33
N PRO G 179 -25.38 -21.79 -9.43
CA PRO G 179 -25.72 -23.21 -9.50
C PRO G 179 -24.74 -24.04 -8.65
N ALA G 180 -25.28 -24.93 -7.84
CA ALA G 180 -24.44 -25.81 -7.04
C ALA G 180 -23.74 -26.81 -7.96
N VAL G 181 -22.77 -27.52 -7.39
CA VAL G 181 -22.06 -28.54 -8.16
C VAL G 181 -23.06 -29.60 -8.60
N LYS G 182 -23.07 -29.88 -9.90
CA LYS G 182 -24.02 -30.83 -10.49
C LYS G 182 -25.46 -30.38 -10.24
N GLY G 183 -25.70 -29.07 -10.30
CA GLY G 183 -27.02 -28.54 -10.05
C GLY G 183 -27.39 -27.41 -10.99
N GLY G 184 -26.79 -27.39 -12.17
CA GLY G 184 -27.06 -26.35 -13.15
C GLY G 184 -27.99 -26.78 -14.25
N TYR G 185 -28.71 -27.88 -14.05
CA TYR G 185 -29.61 -28.46 -15.05
C TYR G 185 -31.01 -28.51 -14.46
N PHE G 186 -31.81 -27.46 -14.68
CA PHE G 186 -31.46 -26.20 -15.33
C PHE G 186 -32.32 -25.07 -14.75
N PRO G 187 -31.86 -24.49 -13.64
CA PRO G 187 -32.68 -23.49 -12.94
C PRO G 187 -32.87 -22.22 -13.76
N VAL G 188 -33.87 -21.45 -13.37
CA VAL G 188 -34.24 -20.20 -14.03
C VAL G 188 -33.31 -19.11 -13.52
N PRO G 189 -33.06 -18.04 -14.29
CA PRO G 189 -32.23 -16.94 -13.78
C PRO G 189 -32.82 -16.36 -12.51
N PRO G 190 -32.00 -15.67 -11.70
CA PRO G 190 -30.60 -15.28 -11.93
C PRO G 190 -29.60 -16.39 -11.61
N VAL G 191 -30.06 -17.57 -11.21
CA VAL G 191 -29.13 -18.68 -11.00
C VAL G 191 -28.44 -19.03 -12.32
N ASP G 192 -29.21 -19.08 -13.40
CA ASP G 192 -28.66 -19.28 -14.74
C ASP G 192 -28.35 -17.91 -15.33
N SER G 193 -27.06 -17.62 -15.48
CA SER G 193 -26.61 -16.30 -15.91
C SER G 193 -26.23 -16.24 -17.38
N ALA G 194 -26.58 -17.26 -18.17
CA ALA G 194 -26.15 -17.36 -19.55
C ALA G 194 -27.33 -17.39 -20.53
N GLN G 195 -28.50 -16.92 -20.11
CA GLN G 195 -29.65 -16.94 -21.01
C GLN G 195 -29.43 -16.03 -22.20
N ASP G 196 -29.00 -14.79 -21.96
CA ASP G 196 -28.82 -13.85 -23.06
C ASP G 196 -27.71 -14.30 -24.00
N ILE G 197 -26.60 -14.78 -23.44
CA ILE G 197 -25.48 -15.22 -24.27
C ILE G 197 -25.88 -16.44 -25.10
N ARG G 198 -26.62 -17.39 -24.51
CA ARG G 198 -27.08 -18.53 -25.28
C ARG G 198 -28.04 -18.11 -26.38
N SER G 199 -28.95 -17.18 -26.08
CA SER G 199 -29.89 -16.73 -27.09
C SER G 199 -29.17 -16.03 -28.24
N GLU G 200 -28.16 -15.23 -27.93
CA GLU G 200 -27.43 -14.52 -28.98
C GLU G 200 -26.61 -15.51 -29.80
N MET G 201 -26.06 -16.55 -29.15
CA MET G 201 -25.41 -17.62 -29.89
C MET G 201 -26.38 -18.28 -30.86
N CYS G 202 -27.60 -18.55 -30.38
CA CYS G 202 -28.60 -19.18 -31.24
C CYS G 202 -28.93 -18.30 -32.43
N LEU G 203 -29.10 -17.00 -32.20
CA LEU G 203 -29.43 -16.10 -33.29
C LEU G 203 -28.29 -16.02 -34.30
N VAL G 204 -27.05 -15.93 -33.83
CA VAL G 204 -25.92 -15.87 -34.75
C VAL G 204 -25.79 -17.16 -35.54
N MET G 205 -26.04 -18.30 -34.89
CA MET G 205 -26.00 -19.58 -35.60
C MET G 205 -27.07 -19.62 -36.68
N GLU G 206 -28.28 -19.13 -36.37
CA GLU G 206 -29.32 -19.07 -37.38
C GLU G 206 -28.90 -18.19 -38.55
N GLN G 207 -28.25 -17.07 -38.25
CA GLN G 207 -27.74 -16.22 -39.32
C GLN G 207 -26.71 -16.96 -40.17
N MET G 208 -25.82 -17.71 -39.52
CA MET G 208 -24.76 -18.44 -40.21
C MET G 208 -25.27 -19.69 -40.92
N GLY G 209 -26.53 -20.07 -40.72
CA GLY G 209 -27.15 -21.12 -41.49
C GLY G 209 -27.47 -22.40 -40.73
N LEU G 210 -27.35 -22.40 -39.42
CA LEU G 210 -27.72 -23.57 -38.63
C LEU G 210 -29.17 -23.47 -38.21
N VAL G 211 -29.80 -24.63 -38.02
CA VAL G 211 -31.15 -24.71 -37.48
C VAL G 211 -31.04 -25.13 -36.03
N VAL G 212 -31.42 -24.22 -35.13
CA VAL G 212 -31.30 -24.46 -33.70
C VAL G 212 -32.59 -25.09 -33.21
N GLU G 213 -32.45 -26.17 -32.43
CA GLU G 213 -33.58 -26.85 -31.82
C GLU G 213 -33.84 -26.35 -30.40
N ALA G 214 -32.78 -26.09 -29.64
CA ALA G 214 -32.94 -25.64 -28.26
C ALA G 214 -31.62 -25.10 -27.74
N HIS G 215 -31.67 -24.52 -26.54
CA HIS G 215 -30.46 -24.19 -25.80
C HIS G 215 -30.78 -24.18 -24.32
N HIS G 216 -29.83 -24.62 -23.51
CA HIS G 216 -30.05 -24.63 -22.07
C HIS G 216 -28.74 -24.76 -21.31
N HIS G 217 -28.82 -24.50 -20.01
CA HIS G 217 -27.74 -24.74 -19.08
C HIS G 217 -27.56 -26.23 -18.86
N GLU G 218 -26.34 -26.64 -18.54
CA GLU G 218 -26.00 -28.04 -18.34
C GLU G 218 -25.71 -28.31 -16.87
N VAL G 219 -25.39 -29.57 -16.57
CA VAL G 219 -25.33 -30.04 -15.19
C VAL G 219 -24.27 -29.29 -14.40
N ALA G 220 -23.09 -29.10 -14.99
CA ALA G 220 -21.96 -28.57 -14.25
C ALA G 220 -22.26 -27.14 -13.78
N THR G 221 -21.42 -26.65 -12.87
CA THR G 221 -21.67 -25.40 -12.18
C THR G 221 -21.03 -24.20 -12.88
N ALA G 222 -19.81 -24.34 -13.39
CA ALA G 222 -19.05 -23.22 -13.94
C ALA G 222 -19.47 -22.93 -15.38
N GLY G 223 -20.75 -22.60 -15.54
CA GLY G 223 -21.25 -22.13 -16.82
C GLY G 223 -21.20 -23.15 -17.94
N GLN G 224 -21.63 -24.38 -17.68
CA GLN G 224 -21.76 -25.37 -18.73
C GLN G 224 -23.10 -25.17 -19.44
N ASN G 225 -23.04 -25.10 -20.76
CA ASN G 225 -24.19 -24.80 -21.60
C ASN G 225 -24.15 -25.67 -22.84
N GLU G 226 -25.32 -25.86 -23.45
CA GLU G 226 -25.39 -26.50 -24.75
C GLU G 226 -26.47 -25.86 -25.60
N VAL G 227 -26.18 -25.74 -26.89
CA VAL G 227 -27.14 -25.32 -27.90
C VAL G 227 -27.34 -26.52 -28.82
N ALA G 228 -28.54 -27.08 -28.82
CA ALA G 228 -28.87 -28.25 -29.63
C ALA G 228 -29.38 -27.80 -30.98
N THR G 229 -28.72 -28.26 -32.04
CA THR G 229 -29.01 -27.90 -33.42
C THR G 229 -29.54 -29.12 -34.16
N ARG G 230 -30.20 -28.86 -35.28
CA ARG G 230 -30.82 -29.94 -36.04
C ARG G 230 -29.77 -30.77 -36.76
N PHE G 231 -30.09 -32.03 -36.98
CA PHE G 231 -29.20 -32.97 -37.66
C PHE G 231 -28.99 -32.55 -39.11
N ASN G 232 -28.06 -33.23 -39.78
CA ASN G 232 -27.79 -32.95 -41.19
C ASN G 232 -26.89 -34.06 -41.72
N THR G 233 -26.62 -34.01 -43.03
CA THR G 233 -25.73 -34.98 -43.62
C THR G 233 -24.32 -34.82 -43.05
N MET G 234 -23.48 -35.82 -43.32
CA MET G 234 -22.23 -35.96 -42.58
C MET G 234 -21.32 -34.76 -42.76
N THR G 235 -20.86 -34.52 -44.00
CA THR G 235 -19.92 -33.42 -44.22
C THR G 235 -20.58 -32.08 -43.93
N LYS G 236 -21.85 -31.92 -44.30
CA LYS G 236 -22.57 -30.70 -43.99
C LYS G 236 -22.62 -30.49 -42.49
N LYS G 237 -22.88 -31.54 -41.72
CA LYS G 237 -22.97 -31.37 -40.27
C LYS G 237 -21.60 -31.14 -39.65
N ALA G 238 -20.53 -31.66 -40.26
CA ALA G 238 -19.20 -31.34 -39.77
C ALA G 238 -18.88 -29.86 -39.96
N ASP G 239 -19.21 -29.33 -41.14
CA ASP G 239 -19.07 -27.89 -41.35
C ASP G 239 -19.93 -27.12 -40.37
N GLU G 240 -21.14 -27.62 -40.08
CA GLU G 240 -22.02 -26.96 -39.14
C GLU G 240 -21.41 -26.96 -37.73
N ILE G 241 -20.73 -28.04 -37.36
CA ILE G 241 -20.07 -28.10 -36.07
C ILE G 241 -18.92 -27.10 -36.00
N GLN G 242 -18.16 -26.98 -37.09
CA GLN G 242 -17.11 -25.96 -37.12
C GLN G 242 -17.69 -24.57 -36.94
N ILE G 243 -18.79 -24.28 -37.65
CA ILE G 243 -19.46 -22.99 -37.48
C ILE G 243 -19.96 -22.83 -36.05
N TYR G 244 -20.48 -23.91 -35.46
CA TYR G 244 -21.00 -23.87 -34.10
C TYR G 244 -19.91 -23.47 -33.12
N LYS G 245 -18.75 -24.13 -33.22
CA LYS G 245 -17.65 -23.81 -32.32
C LYS G 245 -17.15 -22.38 -32.55
N TYR G 246 -17.05 -21.96 -33.81
CA TYR G 246 -16.62 -20.60 -34.09
C TYR G 246 -17.57 -19.59 -33.44
N VAL G 247 -18.88 -19.79 -33.62
CA VAL G 247 -19.86 -18.86 -33.09
C VAL G 247 -19.80 -18.84 -31.56
N VAL G 248 -19.71 -20.02 -30.94
CA VAL G 248 -19.66 -20.07 -29.48
C VAL G 248 -18.44 -19.32 -28.97
N HIS G 249 -17.27 -19.58 -29.56
CA HIS G 249 -16.05 -18.92 -29.11
C HIS G 249 -16.17 -17.40 -29.26
N ASN G 250 -16.63 -16.94 -30.42
CA ASN G 250 -16.63 -15.51 -30.67
C ASN G 250 -17.68 -14.78 -29.84
N VAL G 251 -18.85 -15.40 -29.65
CA VAL G 251 -19.87 -14.79 -28.80
C VAL G 251 -19.38 -14.72 -27.36
N ALA G 252 -18.76 -15.80 -26.86
CA ALA G 252 -18.22 -15.75 -25.50
C ALA G 252 -17.18 -14.65 -25.38
N HIS G 253 -16.33 -14.50 -26.40
CA HIS G 253 -15.34 -13.43 -26.36
C HIS G 253 -16.00 -12.06 -26.35
N ARG G 254 -17.06 -11.88 -27.15
CA ARG G 254 -17.72 -10.59 -27.22
C ARG G 254 -18.53 -10.27 -25.97
N PHE G 255 -18.89 -11.28 -25.18
CA PHE G 255 -19.58 -11.06 -23.91
C PHE G 255 -18.63 -10.99 -22.73
N GLY G 256 -17.32 -11.00 -22.97
CA GLY G 256 -16.36 -11.01 -21.88
C GLY G 256 -16.11 -12.37 -21.28
N LYS G 257 -16.59 -13.44 -21.91
CA LYS G 257 -16.44 -14.79 -21.42
C LYS G 257 -15.35 -15.51 -22.21
N THR G 258 -15.21 -16.80 -21.93
CA THR G 258 -14.26 -17.66 -22.61
C THR G 258 -14.89 -19.04 -22.74
N ALA G 259 -15.09 -19.48 -23.97
CA ALA G 259 -15.70 -20.78 -24.21
C ALA G 259 -14.62 -21.84 -24.38
N THR G 260 -14.92 -23.04 -23.89
CA THR G 260 -14.03 -24.17 -24.05
C THR G 260 -14.83 -25.43 -24.29
N PHE G 261 -14.35 -26.24 -25.23
CA PHE G 261 -14.94 -27.54 -25.55
C PHE G 261 -14.12 -28.69 -25.00
N MET G 262 -13.31 -28.43 -23.98
CA MET G 262 -12.55 -29.50 -23.36
C MET G 262 -13.51 -30.54 -22.80
N PRO G 263 -13.20 -31.84 -22.94
CA PRO G 263 -14.10 -32.85 -22.37
C PRO G 263 -14.26 -32.73 -20.86
N LYS G 264 -13.20 -32.36 -20.15
CA LYS G 264 -13.20 -32.38 -18.69
C LYS G 264 -12.29 -31.28 -18.16
N PRO G 265 -12.80 -30.06 -18.02
CA PRO G 265 -11.99 -28.98 -17.47
C PRO G 265 -11.90 -29.02 -15.94
N MET G 266 -12.90 -29.58 -15.28
CA MET G 266 -12.95 -29.60 -13.83
C MET G 266 -13.15 -31.03 -13.34
N PHE G 267 -12.57 -31.32 -12.18
CA PHE G 267 -12.78 -32.58 -11.50
C PHE G 267 -13.89 -32.44 -10.48
N GLY G 268 -14.67 -33.50 -10.32
CA GLY G 268 -15.81 -33.45 -9.42
C GLY G 268 -17.05 -32.83 -10.01
N ASP G 269 -17.01 -32.40 -11.27
CA ASP G 269 -18.17 -31.86 -11.95
C ASP G 269 -18.29 -32.51 -13.31
N ASN G 270 -19.51 -32.49 -13.85
CA ASN G 270 -19.78 -33.20 -15.09
C ASN G 270 -18.93 -32.64 -16.22
N GLY G 271 -18.47 -33.54 -17.10
CA GLY G 271 -17.70 -33.15 -18.25
C GLY G 271 -18.57 -32.84 -19.45
N SER G 272 -17.92 -32.48 -20.55
CA SER G 272 -18.59 -32.12 -21.78
C SER G 272 -18.47 -33.26 -22.77
N GLY G 273 -19.61 -33.68 -23.32
CA GLY G 273 -19.64 -34.75 -24.31
C GLY G 273 -20.38 -34.31 -25.55
N MET G 274 -20.22 -35.11 -26.60
CA MET G 274 -20.86 -34.87 -27.90
C MET G 274 -21.50 -36.18 -28.34
N HIS G 275 -22.75 -36.40 -27.93
CA HIS G 275 -23.50 -37.57 -28.37
C HIS G 275 -23.81 -37.44 -29.86
N CYS G 276 -23.52 -38.49 -30.62
CA CYS G 276 -23.68 -38.48 -32.08
C CYS G 276 -24.82 -39.40 -32.46
N HIS G 277 -25.93 -38.81 -32.89
CA HIS G 277 -27.04 -39.57 -33.45
C HIS G 277 -26.76 -39.89 -34.91
N MET G 278 -27.06 -41.11 -35.32
CA MET G 278 -26.75 -41.58 -36.65
C MET G 278 -27.95 -42.28 -37.26
N SER G 279 -28.09 -42.16 -38.58
CA SER G 279 -29.13 -42.85 -39.32
C SER G 279 -28.70 -42.94 -40.77
N LEU G 280 -29.28 -43.91 -41.48
CA LEU G 280 -28.99 -44.14 -42.89
C LEU G 280 -30.30 -44.14 -43.66
N SER G 281 -30.29 -43.51 -44.84
CA SER G 281 -31.47 -43.41 -45.68
C SER G 281 -31.12 -43.77 -47.11
N LYS G 282 -32.04 -44.45 -47.79
CA LYS G 282 -31.90 -44.78 -49.20
C LYS G 282 -33.24 -44.51 -49.87
N ASN G 283 -33.24 -43.67 -50.90
CA ASN G 283 -34.47 -43.30 -51.60
C ASN G 283 -35.51 -42.73 -50.64
N GLY G 284 -35.04 -41.95 -49.67
CA GLY G 284 -35.93 -41.31 -48.72
C GLY G 284 -36.50 -42.22 -47.67
N VAL G 285 -35.99 -43.44 -47.55
CA VAL G 285 -36.49 -44.42 -46.58
C VAL G 285 -35.42 -44.63 -45.54
N ASN G 286 -35.80 -44.51 -44.27
CA ASN G 286 -34.86 -44.74 -43.17
C ASN G 286 -34.56 -46.23 -43.07
N LEU G 287 -33.28 -46.59 -43.21
CA LEU G 287 -32.87 -47.97 -43.17
C LEU G 287 -32.70 -48.51 -41.76
N PHE G 288 -32.73 -47.64 -40.75
CA PHE G 288 -32.60 -48.06 -39.36
C PHE G 288 -33.94 -48.36 -38.72
N ALA G 289 -35.03 -48.30 -39.48
CA ALA G 289 -36.36 -48.58 -38.95
C ALA G 289 -36.77 -49.99 -39.35
N GLY G 290 -37.26 -50.74 -38.37
CA GLY G 290 -37.64 -52.12 -38.62
C GLY G 290 -38.41 -52.69 -37.46
N ASP G 291 -38.57 -54.01 -37.47
CA ASP G 291 -39.33 -54.72 -36.46
C ASP G 291 -38.46 -55.34 -35.37
N LYS G 292 -37.15 -55.11 -35.40
CA LYS G 292 -36.25 -55.68 -34.40
C LYS G 292 -36.29 -54.83 -33.14
N TYR G 293 -35.34 -55.07 -32.23
CA TYR G 293 -35.34 -54.43 -30.93
C TYR G 293 -35.48 -52.92 -31.05
N ALA G 294 -36.40 -52.36 -30.26
CA ALA G 294 -36.61 -50.92 -30.21
C ALA G 294 -36.94 -50.35 -31.57
N GLY G 295 -37.60 -51.14 -32.42
CA GLY G 295 -37.95 -50.68 -33.74
C GLY G 295 -36.79 -50.59 -34.71
N LEU G 296 -35.64 -51.14 -34.36
CA LEU G 296 -34.49 -51.12 -35.22
C LEU G 296 -34.60 -52.19 -36.30
N SER G 297 -33.71 -52.11 -37.28
CA SER G 297 -33.63 -53.05 -38.37
C SER G 297 -32.35 -53.87 -38.26
N GLU G 298 -32.26 -54.89 -39.10
CA GLU G 298 -31.06 -55.72 -39.13
C GLU G 298 -29.84 -54.90 -39.50
N GLN G 299 -30.01 -53.96 -40.45
CA GLN G 299 -28.91 -53.07 -40.79
C GLN G 299 -28.50 -52.22 -39.60
N ALA G 300 -29.47 -51.73 -38.83
CA ALA G 300 -29.15 -50.94 -37.64
C ALA G 300 -28.37 -51.76 -36.63
N LEU G 301 -28.79 -53.01 -36.41
CA LEU G 301 -28.08 -53.87 -35.48
C LEU G 301 -26.66 -54.15 -35.96
N TYR G 302 -26.48 -54.37 -37.26
CA TYR G 302 -25.14 -54.60 -37.78
C TYR G 302 -24.27 -53.35 -37.64
N TYR G 303 -24.86 -52.17 -37.86
CA TYR G 303 -24.13 -50.92 -37.64
C TYR G 303 -23.69 -50.80 -36.19
N ILE G 304 -24.58 -51.12 -35.25
CA ILE G 304 -24.24 -51.09 -33.84
C ILE G 304 -23.11 -52.07 -33.56
N GLY G 305 -23.18 -53.25 -34.15
CA GLY G 305 -22.14 -54.24 -33.91
C GLY G 305 -20.79 -53.81 -34.42
N GLY G 306 -20.75 -53.18 -35.60
CA GLY G 306 -19.50 -52.66 -36.10
C GLY G 306 -18.94 -51.56 -35.22
N VAL G 307 -19.81 -50.65 -34.77
CA VAL G 307 -19.34 -49.57 -33.89
C VAL G 307 -18.79 -50.16 -32.59
N ILE G 308 -19.43 -51.20 -32.07
CA ILE G 308 -18.94 -51.84 -30.85
C ILE G 308 -17.60 -52.51 -31.10
N LYS G 309 -17.48 -53.21 -32.24
CA LYS G 309 -16.24 -53.93 -32.52
C LYS G 309 -15.07 -52.99 -32.67
N HIS G 310 -15.25 -51.88 -33.39
CA HIS G 310 -14.18 -50.93 -33.64
C HIS G 310 -14.22 -49.73 -32.71
N ALA G 311 -14.83 -49.88 -31.53
CA ALA G 311 -15.02 -48.74 -30.65
C ALA G 311 -13.68 -48.18 -30.17
N LYS G 312 -12.73 -49.04 -29.82
CA LYS G 312 -11.44 -48.54 -29.34
C LYS G 312 -10.69 -47.81 -30.44
N ALA G 313 -10.73 -48.32 -31.67
CA ALA G 313 -10.12 -47.61 -32.78
C ALA G 313 -10.80 -46.27 -33.02
N ILE G 314 -12.13 -46.24 -32.91
CA ILE G 314 -12.87 -44.99 -33.07
C ILE G 314 -12.44 -43.99 -32.01
N ASN G 315 -12.20 -44.48 -30.79
CA ASN G 315 -11.85 -43.57 -29.70
C ASN G 315 -10.65 -42.70 -30.05
N ALA G 316 -9.73 -43.21 -30.86
CA ALA G 316 -8.57 -42.41 -31.22
C ALA G 316 -8.97 -41.15 -31.99
N LEU G 317 -10.14 -41.15 -32.62
CA LEU G 317 -10.61 -40.01 -33.40
C LEU G 317 -11.77 -39.27 -32.76
N ALA G 318 -12.60 -39.97 -31.98
CA ALA G 318 -13.74 -39.37 -31.30
C ALA G 318 -13.41 -38.85 -29.91
N ASN G 319 -12.35 -39.36 -29.29
CA ASN G 319 -11.86 -38.90 -28.00
C ASN G 319 -10.35 -38.74 -28.12
N PRO G 320 -9.89 -37.76 -28.92
CA PRO G 320 -8.48 -37.69 -29.28
C PRO G 320 -7.58 -36.94 -28.30
N THR G 321 -8.04 -36.68 -27.09
CA THR G 321 -7.28 -35.93 -26.11
C THR G 321 -7.18 -36.75 -24.83
N THR G 322 -6.06 -36.58 -24.13
CA THR G 322 -5.90 -37.23 -22.84
C THR G 322 -6.99 -36.79 -21.87
N ASN G 323 -7.49 -35.56 -22.04
CA ASN G 323 -8.53 -35.05 -21.15
C ASN G 323 -9.84 -35.81 -21.34
N SER G 324 -10.06 -36.38 -22.53
CA SER G 324 -11.31 -37.10 -22.79
C SER G 324 -11.47 -38.29 -21.86
N TYR G 325 -10.37 -38.93 -21.51
CA TYR G 325 -10.41 -40.12 -20.67
C TYR G 325 -10.45 -39.76 -19.20
N LYS G 326 -10.48 -38.45 -18.89
CA LYS G 326 -10.88 -38.00 -17.57
C LYS G 326 -12.39 -38.08 -17.37
N ARG G 327 -13.17 -37.89 -18.44
CA ARG G 327 -14.62 -38.08 -18.35
C ARG G 327 -15.05 -39.48 -18.75
N LEU G 328 -14.31 -40.15 -19.62
CA LEU G 328 -14.59 -41.55 -19.93
C LEU G 328 -14.01 -42.45 -18.84
N VAL G 329 -14.56 -42.30 -17.64
CA VAL G 329 -14.19 -43.11 -16.49
C VAL G 329 -15.44 -43.72 -15.89
N PRO G 330 -15.37 -44.92 -15.30
CA PRO G 330 -16.56 -45.48 -14.63
C PRO G 330 -17.06 -44.55 -13.53
N GLY G 331 -18.38 -44.47 -13.41
CA GLY G 331 -19.01 -43.64 -12.40
C GLY G 331 -19.02 -42.18 -12.79
N ALA G 334 -21.54 -40.08 -18.70
CA ALA G 334 -20.34 -40.63 -19.34
C ALA G 334 -20.37 -42.15 -19.31
N PRO G 335 -20.99 -42.77 -20.32
CA PRO G 335 -21.02 -44.23 -20.37
C PRO G 335 -19.79 -44.81 -21.05
N VAL G 336 -19.33 -45.93 -20.51
CA VAL G 336 -18.13 -46.59 -21.01
C VAL G 336 -18.40 -48.01 -21.49
N MET G 337 -19.55 -48.60 -21.18
CA MET G 337 -19.86 -49.96 -21.61
C MET G 337 -20.25 -49.95 -23.08
N LEU G 338 -19.70 -50.88 -23.85
CA LEU G 338 -20.00 -50.99 -25.27
C LEU G 338 -21.18 -51.96 -25.43
N ALA G 339 -22.37 -51.44 -25.19
CA ALA G 339 -23.59 -52.19 -25.36
C ALA G 339 -24.69 -51.23 -25.80
N TYR G 340 -25.78 -51.79 -26.31
CA TYR G 340 -26.89 -51.01 -26.81
C TYR G 340 -28.14 -51.33 -26.03
N SER G 341 -28.85 -50.28 -25.61
CA SER G 341 -30.09 -50.43 -24.87
C SER G 341 -30.91 -49.16 -25.02
N ALA G 342 -32.23 -49.31 -25.07
CA ALA G 342 -33.14 -48.18 -25.18
C ALA G 342 -33.48 -47.56 -23.84
N ARG G 343 -33.15 -48.21 -22.74
CA ARG G 343 -33.49 -47.71 -21.41
C ARG G 343 -32.28 -47.61 -20.49
N ASN G 344 -31.35 -48.54 -20.58
CA ASN G 344 -30.20 -48.55 -19.68
C ASN G 344 -29.32 -47.34 -19.95
N ARG G 345 -28.97 -46.62 -18.89
CA ARG G 345 -28.14 -45.43 -19.00
C ARG G 345 -26.66 -45.72 -18.81
N SER G 346 -26.30 -46.98 -18.61
CA SER G 346 -24.90 -47.39 -18.56
C SER G 346 -24.38 -47.82 -19.92
N ALA G 347 -25.21 -47.76 -20.96
CA ALA G 347 -24.82 -48.21 -22.29
C ALA G 347 -24.32 -47.03 -23.11
N SER G 348 -23.18 -47.21 -23.75
CA SER G 348 -22.62 -46.15 -24.59
C SER G 348 -23.49 -45.90 -25.82
N ILE G 349 -24.13 -46.94 -26.34
CA ILE G 349 -25.04 -46.82 -27.47
C ILE G 349 -26.47 -46.90 -26.94
N ARG G 350 -27.28 -45.92 -27.30
CA ARG G 350 -28.68 -45.89 -26.90
C ARG G 350 -29.56 -45.75 -28.14
N ILE G 351 -30.80 -46.21 -28.02
CA ILE G 351 -31.76 -46.13 -29.10
C ILE G 351 -32.89 -45.21 -28.65
N PRO G 352 -32.90 -43.94 -29.06
CA PRO G 352 -33.92 -43.02 -28.55
C PRO G 352 -35.33 -43.48 -28.89
N VAL G 353 -36.24 -43.25 -27.97
CA VAL G 353 -37.65 -43.55 -28.19
C VAL G 353 -38.26 -42.44 -29.03
N VAL G 354 -38.65 -42.77 -30.26
CA VAL G 354 -39.11 -41.79 -31.23
C VAL G 354 -40.46 -42.24 -31.78
N SER G 355 -41.36 -41.28 -31.99
CA SER G 355 -42.70 -41.61 -32.46
C SER G 355 -42.67 -42.18 -33.87
N SER G 356 -41.99 -41.49 -34.80
CA SER G 356 -42.11 -41.87 -36.21
C SER G 356 -40.91 -42.70 -36.67
N PRO G 357 -41.14 -43.78 -37.42
CA PRO G 357 -40.01 -44.58 -37.88
C PRO G 357 -39.01 -43.78 -38.70
N LYS G 358 -39.47 -42.75 -39.40
CA LYS G 358 -38.57 -41.93 -40.22
C LYS G 358 -37.47 -41.30 -39.38
N ALA G 359 -37.66 -41.19 -38.07
CA ALA G 359 -36.67 -40.60 -37.18
C ALA G 359 -35.96 -41.64 -36.33
N ARG G 360 -36.02 -42.91 -36.71
CA ARG G 360 -35.29 -43.94 -35.98
C ARG G 360 -33.79 -43.74 -36.16
N ARG G 361 -33.04 -43.89 -35.07
CA ARG G 361 -31.62 -43.60 -35.09
C ARG G 361 -30.95 -44.26 -33.90
N ILE G 362 -29.62 -44.31 -33.95
CA ILE G 362 -28.79 -44.79 -32.86
C ILE G 362 -27.92 -43.65 -32.36
N GLU G 363 -27.83 -43.51 -31.04
CA GLU G 363 -27.05 -42.46 -30.40
C GLU G 363 -25.81 -43.07 -29.77
N VAL G 364 -24.65 -42.65 -30.23
CA VAL G 364 -23.36 -43.09 -29.69
C VAL G 364 -22.87 -41.99 -28.76
N ARG G 365 -22.62 -42.34 -27.50
CA ARG G 365 -22.49 -41.36 -26.44
C ARG G 365 -21.06 -41.10 -25.99
N PHE G 366 -20.09 -41.94 -26.33
CA PHE G 366 -18.75 -41.74 -25.82
C PHE G 366 -18.03 -40.55 -26.47
N PRO G 367 -18.31 -40.18 -27.72
CA PRO G 367 -17.56 -39.07 -28.32
C PRO G 367 -17.70 -37.77 -27.54
N ASP G 368 -16.65 -36.97 -27.57
CA ASP G 368 -16.58 -35.68 -26.89
C ASP G 368 -16.30 -34.58 -27.90
N PRO G 369 -16.64 -33.33 -27.57
CA PRO G 369 -16.57 -32.25 -28.57
C PRO G 369 -15.16 -31.85 -28.97
N ALA G 370 -14.13 -32.35 -28.30
CA ALA G 370 -12.78 -32.07 -28.74
C ALA G 370 -12.40 -32.83 -30.01
N ALA G 371 -13.25 -33.74 -30.46
CA ALA G 371 -12.94 -34.54 -31.64
C ALA G 371 -13.00 -33.69 -32.91
N ASN G 372 -12.20 -34.08 -33.89
CA ASN G 372 -12.32 -33.51 -35.21
C ASN G 372 -13.63 -34.00 -35.81
N PRO G 373 -14.57 -33.12 -36.18
CA PRO G 373 -15.88 -33.62 -36.63
C PRO G 373 -15.78 -34.51 -37.84
N TYR G 374 -15.01 -34.10 -38.85
CA TYR G 374 -14.91 -34.89 -40.07
C TYR G 374 -14.37 -36.28 -39.79
N LEU G 375 -13.23 -36.34 -39.09
CA LEU G 375 -12.60 -37.63 -38.84
C LEU G 375 -13.45 -38.52 -37.95
N CYS G 376 -14.06 -37.95 -36.91
CA CYS G 376 -14.88 -38.74 -36.01
C CYS G 376 -16.10 -39.32 -36.74
N PHE G 377 -16.80 -38.48 -37.51
CA PHE G 377 -17.98 -38.95 -38.22
C PHE G 377 -17.59 -39.99 -39.26
N ALA G 378 -16.48 -39.76 -39.97
CA ALA G 378 -16.04 -40.74 -40.95
C ALA G 378 -15.69 -42.07 -40.29
N ALA G 379 -15.03 -42.03 -39.13
CA ALA G 379 -14.68 -43.26 -38.45
C ALA G 379 -15.94 -44.01 -38.02
N LEU G 380 -16.92 -43.29 -37.45
CA LEU G 380 -18.15 -43.96 -37.04
C LEU G 380 -18.86 -44.58 -38.23
N LEU G 381 -18.95 -43.83 -39.33
CA LEU G 381 -19.62 -44.35 -40.52
C LEU G 381 -18.89 -45.57 -41.08
N MET G 382 -17.57 -45.52 -41.13
CA MET G 382 -16.81 -46.63 -41.69
C MET G 382 -16.94 -47.87 -40.81
N ALA G 383 -16.92 -47.69 -39.48
CA ALA G 383 -17.14 -48.83 -38.60
C ALA G 383 -18.52 -49.43 -38.79
N GLY G 384 -19.54 -48.57 -38.92
CA GLY G 384 -20.88 -49.08 -39.16
C GLY G 384 -20.99 -49.82 -40.48
N LEU G 385 -20.33 -49.30 -41.53
CA LEU G 385 -20.38 -49.96 -42.82
C LEU G 385 -19.64 -51.30 -42.80
N ASP G 386 -18.51 -51.36 -42.07
CA ASP G 386 -17.84 -52.64 -41.89
C ASP G 386 -18.74 -53.62 -41.16
N GLY G 387 -19.46 -53.15 -40.14
CA GLY G 387 -20.40 -54.01 -39.46
C GLY G 387 -21.49 -54.53 -40.38
N ILE G 388 -22.03 -53.65 -41.23
CA ILE G 388 -23.08 -54.06 -42.15
C ILE G 388 -22.55 -55.08 -43.16
N LYS G 389 -21.37 -54.81 -43.71
CA LYS G 389 -20.83 -55.68 -44.75
C LYS G 389 -20.48 -57.05 -44.20
N ASN G 390 -19.87 -57.11 -43.02
CA ASN G 390 -19.47 -58.37 -42.43
C ASN G 390 -20.56 -58.99 -41.55
N LYS G 391 -21.72 -58.34 -41.45
CA LYS G 391 -22.86 -58.86 -40.68
C LYS G 391 -22.44 -59.19 -39.25
N ILE G 392 -21.94 -58.18 -38.55
CA ILE G 392 -21.50 -58.30 -37.17
C ILE G 392 -22.71 -58.08 -36.27
N HIS G 393 -23.22 -59.15 -35.69
CA HIS G 393 -24.37 -59.04 -34.81
C HIS G 393 -23.91 -58.56 -33.43
N PRO G 394 -24.50 -57.49 -32.88
CA PRO G 394 -23.99 -56.95 -31.62
C PRO G 394 -24.40 -57.73 -30.38
N GLY G 395 -25.15 -58.80 -30.53
CA GLY G 395 -25.66 -59.54 -29.38
C GLY G 395 -26.99 -58.99 -28.91
N GLU G 396 -27.31 -59.31 -27.66
CA GLU G 396 -28.55 -58.88 -27.06
C GLU G 396 -28.39 -57.52 -26.38
N ALA G 397 -29.49 -56.80 -26.28
CA ALA G 397 -29.48 -55.50 -25.66
C ALA G 397 -29.16 -55.61 -24.17
N MET G 398 -28.43 -54.62 -23.66
CA MET G 398 -28.07 -54.57 -22.24
C MET G 398 -29.19 -53.90 -21.46
N ASP G 399 -30.30 -54.63 -21.33
CA ASP G 399 -31.46 -54.15 -20.60
C ASP G 399 -31.44 -54.54 -19.13
N LYS G 400 -30.46 -55.31 -18.70
CA LYS G 400 -30.38 -55.74 -17.31
C LYS G 400 -30.10 -54.55 -16.39
N ALA G 410 -19.73 -58.96 -14.78
CA ALA G 410 -20.05 -58.20 -15.99
C ALA G 410 -18.79 -57.74 -16.69
N LYS G 411 -17.66 -58.41 -16.40
CA LYS G 411 -16.39 -58.09 -17.02
C LYS G 411 -16.32 -58.53 -18.48
N GLU G 412 -17.29 -59.32 -18.94
CA GLU G 412 -17.30 -59.75 -20.34
C GLU G 412 -17.74 -58.63 -21.28
N ILE G 413 -18.37 -57.58 -20.78
CA ILE G 413 -18.85 -56.49 -21.61
C ILE G 413 -17.67 -55.63 -22.03
N PRO G 414 -17.41 -55.44 -23.32
CA PRO G 414 -16.30 -54.58 -23.73
C PRO G 414 -16.54 -53.13 -23.35
N GLN G 415 -15.45 -52.41 -23.16
CA GLN G 415 -15.50 -51.02 -22.75
C GLN G 415 -14.64 -50.17 -23.68
N VAL G 416 -14.93 -48.86 -23.70
CA VAL G 416 -14.14 -47.95 -24.49
C VAL G 416 -12.70 -47.91 -23.97
N ALA G 417 -11.81 -47.40 -24.80
CA ALA G 417 -10.40 -47.32 -24.43
C ALA G 417 -10.25 -46.49 -23.16
N GLY G 418 -9.42 -46.98 -22.25
CA GLY G 418 -9.16 -46.29 -21.01
C GLY G 418 -8.10 -45.22 -21.06
N SER G 419 -7.42 -45.07 -22.19
CA SER G 419 -6.40 -44.05 -22.33
C SER G 419 -6.20 -43.75 -23.80
N LEU G 420 -5.64 -42.56 -24.07
CA LEU G 420 -5.36 -42.18 -25.44
C LEU G 420 -4.28 -43.06 -26.05
N GLU G 421 -3.33 -43.52 -25.24
CA GLU G 421 -2.32 -44.45 -25.76
C GLU G 421 -2.98 -45.75 -26.21
N GLU G 422 -3.91 -46.28 -25.40
CA GLU G 422 -4.62 -47.49 -25.80
C GLU G 422 -5.42 -47.26 -27.06
N ALA G 423 -6.11 -46.11 -27.15
CA ALA G 423 -6.88 -45.81 -28.34
C ALA G 423 -6.00 -45.74 -29.57
N LEU G 424 -4.83 -45.10 -29.45
CA LEU G 424 -3.94 -44.96 -30.59
C LEU G 424 -3.36 -46.31 -31.00
N ASN G 425 -3.01 -47.16 -30.03
CA ASN G 425 -2.53 -48.50 -30.36
C ASN G 425 -3.61 -49.29 -31.09
N GLU G 426 -4.85 -49.21 -30.62
CA GLU G 426 -5.93 -49.94 -31.27
C GLU G 426 -6.18 -49.41 -32.67
N LEU G 427 -6.08 -48.09 -32.86
CA LEU G 427 -6.18 -47.53 -34.21
C LEU G 427 -5.07 -48.03 -35.10
N ASP G 428 -3.85 -48.11 -34.56
CA ASP G 428 -2.73 -48.63 -35.35
C ASP G 428 -2.97 -50.07 -35.76
N LEU G 429 -3.52 -50.88 -34.87
CA LEU G 429 -3.74 -52.30 -35.16
C LEU G 429 -5.06 -52.59 -35.86
N ASP G 430 -5.92 -51.60 -36.06
CA ASP G 430 -7.28 -51.79 -36.58
C ASP G 430 -7.59 -50.78 -37.68
N ARG G 431 -6.71 -50.67 -38.66
CA ARG G 431 -6.84 -49.66 -39.70
C ARG G 431 -7.70 -50.08 -40.88
N GLU G 432 -8.01 -51.38 -41.03
CA GLU G 432 -8.63 -51.85 -42.27
C GLU G 432 -9.99 -51.22 -42.50
N PHE G 433 -10.82 -51.16 -41.46
CA PHE G 433 -12.16 -50.62 -41.63
C PHE G 433 -12.13 -49.14 -42.00
N LEU G 434 -11.03 -48.45 -41.72
CA LEU G 434 -10.86 -47.07 -42.16
C LEU G 434 -10.24 -46.97 -43.54
N LYS G 435 -9.42 -47.94 -43.92
CA LYS G 435 -8.80 -47.97 -45.23
C LYS G 435 -9.70 -48.56 -46.30
N ALA G 436 -10.87 -49.06 -45.93
CA ALA G 436 -11.80 -49.61 -46.92
C ALA G 436 -12.20 -48.51 -47.89
N GLY G 437 -12.05 -48.78 -49.19
CA GLY G 437 -12.43 -47.84 -50.21
C GLY G 437 -11.51 -46.64 -50.36
N GLY G 438 -10.36 -46.65 -49.71
CA GLY G 438 -9.43 -45.54 -49.79
C GLY G 438 -9.79 -44.33 -48.96
N VAL G 439 -10.77 -44.45 -48.05
CA VAL G 439 -11.19 -43.30 -47.27
C VAL G 439 -10.04 -42.78 -46.43
N PHE G 440 -9.36 -43.67 -45.71
CA PHE G 440 -8.17 -43.34 -44.95
C PHE G 440 -6.96 -44.01 -45.57
N THR G 441 -5.86 -43.29 -45.62
CA THR G 441 -4.60 -43.82 -46.11
C THR G 441 -3.67 -44.11 -44.93
N ASP G 442 -2.80 -45.09 -45.12
CA ASP G 442 -1.85 -45.44 -44.06
C ASP G 442 -1.03 -44.23 -43.65
N GLU G 443 -0.64 -43.40 -44.62
CA GLU G 443 0.12 -42.20 -44.30
C GLU G 443 -0.68 -41.25 -43.42
N ALA G 444 -1.96 -41.06 -43.75
CA ALA G 444 -2.80 -40.17 -42.93
C ALA G 444 -2.95 -40.71 -41.52
N ILE G 445 -3.20 -42.01 -41.39
CA ILE G 445 -3.37 -42.61 -40.06
C ILE G 445 -2.09 -42.47 -39.25
N ASP G 446 -0.94 -42.74 -39.88
CA ASP G 446 0.34 -42.60 -39.18
C ASP G 446 0.59 -41.17 -38.74
N ALA G 447 0.31 -40.20 -39.61
CA ALA G 447 0.51 -38.80 -39.24
C ALA G 447 -0.38 -38.42 -38.07
N TYR G 448 -1.65 -38.84 -38.11
CA TYR G 448 -2.55 -38.55 -37.00
C TYR G 448 -2.05 -39.18 -35.70
N ILE G 449 -1.61 -40.44 -35.77
CA ILE G 449 -1.16 -41.13 -34.57
C ILE G 449 0.06 -40.43 -33.98
N ALA G 450 1.01 -40.04 -34.82
CA ALA G 450 2.19 -39.34 -34.32
C ALA G 450 1.81 -37.99 -33.71
N LEU G 451 0.92 -37.26 -34.39
CA LEU G 451 0.53 -35.95 -33.89
C LEU G 451 -0.12 -36.04 -32.52
N ARG G 452 -0.95 -37.06 -32.31
CA ARG G 452 -1.57 -37.23 -31.00
C ARG G 452 -0.60 -37.80 -29.97
N ARG G 453 0.33 -38.65 -30.40
CA ARG G 453 1.30 -39.22 -29.47
C ARG G 453 2.23 -38.15 -28.92
N GLU G 454 2.51 -37.10 -29.68
CA GLU G 454 3.30 -36.00 -29.13
C GLU G 454 2.64 -35.40 -27.90
N GLU G 455 1.35 -35.07 -28.01
CA GLU G 455 0.61 -34.52 -26.89
C GLU G 455 0.53 -35.51 -25.74
N ASP G 456 0.28 -36.78 -26.07
CA ASP G 456 0.20 -37.81 -25.03
C ASP G 456 1.52 -37.89 -24.27
N ASP G 457 2.65 -37.84 -24.98
CA ASP G 457 3.94 -37.90 -24.33
C ASP G 457 4.17 -36.69 -23.43
N ARG G 458 3.81 -35.51 -23.90
CA ARG G 458 3.98 -34.33 -23.04
C ARG G 458 3.18 -34.48 -21.74
N VAL G 459 1.92 -34.90 -21.84
CA VAL G 459 1.09 -35.04 -20.65
C VAL G 459 1.64 -36.15 -19.75
N ARG G 460 2.13 -37.24 -20.36
CA ARG G 460 2.67 -38.34 -19.58
C ARG G 460 3.92 -37.93 -18.81
N MET G 461 4.77 -37.12 -19.44
CA MET G 461 6.05 -36.76 -18.84
C MET G 461 5.98 -35.55 -17.92
N THR G 462 4.89 -34.77 -17.94
CA THR G 462 4.88 -33.63 -17.02
C THR G 462 4.29 -34.04 -15.66
N PRO G 463 4.99 -33.79 -14.53
CA PRO G 463 4.44 -34.13 -13.23
C PRO G 463 3.06 -33.54 -12.95
N HIS G 464 2.45 -33.96 -11.85
CA HIS G 464 1.07 -33.61 -11.55
C HIS G 464 0.95 -33.10 -10.12
N PRO G 465 0.25 -31.99 -9.89
CA PRO G 465 0.03 -31.53 -8.51
C PRO G 465 -0.61 -32.58 -7.61
N VAL G 466 -1.55 -33.37 -8.13
CA VAL G 466 -2.11 -34.45 -7.32
C VAL G 466 -1.00 -35.44 -6.96
N GLU G 467 -0.05 -35.65 -7.87
CA GLU G 467 1.07 -36.52 -7.56
C GLU G 467 1.91 -35.94 -6.44
N PHE G 468 2.10 -34.61 -6.39
CA PHE G 468 2.77 -34.05 -5.22
C PHE G 468 1.96 -34.27 -3.95
N GLU G 469 0.65 -34.02 -4.01
CA GLU G 469 -0.20 -34.19 -2.84
C GLU G 469 -0.09 -35.61 -2.30
N LEU G 470 0.10 -36.58 -3.19
CA LEU G 470 0.10 -37.98 -2.78
C LEU G 470 1.49 -38.45 -2.34
N TYR G 471 2.55 -38.03 -3.04
CA TYR G 471 3.85 -38.66 -2.91
C TYR G 471 4.95 -37.74 -2.41
N TYR G 472 4.65 -36.48 -2.07
CA TYR G 472 5.73 -35.59 -1.66
C TYR G 472 6.42 -36.09 -0.40
N SER G 473 5.64 -36.54 0.59
CA SER G 473 6.20 -37.00 1.85
C SER G 473 6.62 -38.46 1.82
N VAL G 474 6.39 -39.17 0.72
CA VAL G 474 6.76 -40.57 0.61
C VAL G 474 7.89 -40.71 -0.42
N MET H 6 -1.32 -38.18 52.10
CA MET H 6 -0.95 -36.75 52.28
C MET H 6 -2.04 -36.04 53.07
N SER H 7 -1.65 -35.22 54.05
CA SER H 7 -2.61 -34.55 54.91
C SER H 7 -2.29 -33.07 55.07
N ALA H 8 -2.98 -32.40 56.00
CA ALA H 8 -2.77 -30.99 56.23
C ALA H 8 -1.34 -30.71 56.70
N GLU H 9 -0.81 -31.57 57.57
CA GLU H 9 0.57 -31.39 58.02
C GLU H 9 1.54 -31.47 56.85
N HIS H 10 1.32 -32.41 55.94
CA HIS H 10 2.19 -32.49 54.77
C HIS H 10 2.03 -31.28 53.85
N VAL H 11 0.82 -30.74 53.73
CA VAL H 11 0.66 -29.53 52.92
C VAL H 11 1.41 -28.37 53.56
N LEU H 12 1.30 -28.21 54.87
CA LEU H 12 2.02 -27.14 55.55
C LEU H 12 3.52 -27.33 55.45
N THR H 13 3.99 -28.58 55.40
CA THR H 13 5.40 -28.83 55.19
C THR H 13 5.81 -28.44 53.77
N MET H 14 4.99 -28.81 52.78
CA MET H 14 5.27 -28.45 51.39
C MET H 14 5.39 -26.95 51.23
N LEU H 15 4.56 -26.20 51.96
CA LEU H 15 4.59 -24.75 51.81
C LEU H 15 5.98 -24.19 52.11
N ASN H 16 6.64 -24.69 53.16
CA ASN H 16 8.01 -24.28 53.43
C ASN H 16 9.02 -24.94 52.50
N GLU H 17 8.77 -26.19 52.12
CA GLU H 17 9.74 -26.92 51.31
C GLU H 17 9.92 -26.27 49.95
N HIS H 18 8.83 -25.85 49.31
CA HIS H 18 8.88 -25.25 47.99
C HIS H 18 8.82 -23.74 48.01
N GLU H 19 8.86 -23.11 49.19
CA GLU H 19 8.78 -21.66 49.32
C GLU H 19 7.52 -21.13 48.61
N VAL H 20 6.41 -21.80 48.88
CA VAL H 20 5.16 -21.49 48.19
C VAL H 20 4.70 -20.10 48.60
N LYS H 21 4.36 -19.27 47.61
CA LYS H 21 3.81 -17.95 47.85
C LYS H 21 2.28 -17.92 47.80
N PHE H 22 1.66 -18.80 47.04
CA PHE H 22 0.23 -18.78 46.85
C PHE H 22 -0.33 -20.20 46.86
N VAL H 23 -1.61 -20.30 47.18
CA VAL H 23 -2.34 -21.57 47.14
C VAL H 23 -3.60 -21.34 46.33
N ASP H 24 -3.79 -22.14 45.28
CA ASP H 24 -4.88 -21.95 44.33
C ASP H 24 -5.93 -23.04 44.59
N LEU H 25 -7.06 -22.65 45.15
CA LEU H 25 -8.15 -23.56 45.43
C LEU H 25 -8.97 -23.77 44.17
N ARG H 26 -9.13 -25.02 43.76
CA ARG H 26 -9.76 -25.37 42.49
C ARG H 26 -10.97 -26.26 42.72
N PHE H 27 -11.99 -26.06 41.89
CA PHE H 27 -13.19 -26.87 41.94
C PHE H 27 -13.82 -26.88 40.55
N THR H 28 -14.78 -27.77 40.34
CA THR H 28 -15.39 -27.95 39.03
C THR H 28 -16.87 -27.58 39.10
N ASP H 29 -17.32 -26.81 38.11
CA ASP H 29 -18.71 -26.43 38.00
C ASP H 29 -19.50 -27.51 37.28
N THR H 30 -20.81 -27.26 37.08
CA THR H 30 -21.65 -28.26 36.45
C THR H 30 -21.20 -28.57 35.03
N LYS H 31 -20.85 -27.54 34.26
CA LYS H 31 -20.43 -27.76 32.88
C LYS H 31 -19.11 -28.52 32.79
N GLY H 32 -18.30 -28.51 33.84
CA GLY H 32 -17.04 -29.22 33.85
C GLY H 32 -15.80 -28.36 33.75
N LYS H 33 -15.92 -27.06 33.94
CA LYS H 33 -14.79 -26.15 33.82
C LYS H 33 -14.20 -25.87 35.20
N GLU H 34 -12.87 -25.89 35.27
CA GLU H 34 -12.20 -25.61 36.53
C GLU H 34 -12.31 -24.14 36.89
N GLN H 35 -12.70 -23.87 38.14
CA GLN H 35 -12.77 -22.53 38.70
C GLN H 35 -11.76 -22.47 39.84
N HIS H 36 -10.93 -21.43 39.86
CA HIS H 36 -9.86 -21.33 40.83
C HIS H 36 -9.89 -19.98 41.52
N VAL H 37 -9.66 -19.99 42.84
CA VAL H 37 -9.49 -18.78 43.63
C VAL H 37 -8.18 -18.90 44.39
N THR H 38 -7.35 -17.87 44.33
CA THR H 38 -6.01 -17.91 44.90
C THR H 38 -5.97 -17.15 46.22
N ILE H 39 -5.25 -17.70 47.20
CA ILE H 39 -5.03 -17.04 48.48
C ILE H 39 -3.54 -17.08 48.80
N PRO H 40 -2.99 -16.08 49.48
CA PRO H 40 -1.57 -16.15 49.85
C PRO H 40 -1.29 -17.30 50.78
N ALA H 41 -0.05 -17.80 50.72
CA ALA H 41 0.31 -18.99 51.49
C ALA H 41 0.10 -18.77 52.98
N HIS H 42 0.37 -17.56 53.47
CA HIS H 42 0.25 -17.29 54.90
C HIS H 42 -1.19 -17.35 55.38
N GLN H 43 -2.17 -17.40 54.48
CA GLN H 43 -3.56 -17.59 54.85
C GLN H 43 -3.92 -19.05 55.07
N VAL H 44 -3.00 -19.98 54.82
CA VAL H 44 -3.26 -21.40 54.94
C VAL H 44 -2.68 -21.88 56.27
N ASN H 45 -3.55 -22.38 57.14
CA ASN H 45 -3.14 -22.85 58.45
C ASN H 45 -4.00 -24.06 58.80
N ALA H 46 -3.89 -24.53 60.04
CA ALA H 46 -4.66 -25.69 60.46
C ALA H 46 -6.15 -25.41 60.40
N GLU H 47 -6.56 -24.22 60.85
CA GLU H 47 -7.98 -23.87 60.83
C GLU H 47 -8.51 -23.81 59.40
N PHE H 48 -7.63 -23.57 58.43
CA PHE H 48 -8.07 -23.48 57.04
C PHE H 48 -8.61 -24.82 56.55
N PHE H 49 -7.97 -25.92 56.94
CA PHE H 49 -8.37 -27.24 56.50
C PHE H 49 -9.57 -27.79 57.25
N GLU H 50 -9.99 -27.13 58.33
CA GLU H 50 -11.17 -27.54 59.08
C GLU H 50 -12.38 -26.65 58.80
N GLU H 51 -12.18 -25.38 58.44
CA GLU H 51 -13.29 -24.48 58.19
C GLU H 51 -13.46 -24.05 56.75
N GLY H 52 -12.46 -24.29 55.89
CA GLY H 52 -12.62 -23.93 54.49
C GLY H 52 -12.59 -22.42 54.29
N LYS H 53 -13.01 -22.02 53.09
CA LYS H 53 -13.07 -20.61 52.71
C LYS H 53 -14.45 -20.32 52.14
N MET H 54 -15.11 -19.30 52.70
CA MET H 54 -16.41 -18.88 52.17
C MET H 54 -16.22 -18.20 50.81
N PHE H 55 -17.12 -18.51 49.88
CA PHE H 55 -17.11 -17.84 48.60
C PHE H 55 -18.55 -17.75 48.09
N ASP H 56 -18.78 -16.78 47.21
CA ASP H 56 -20.11 -16.54 46.65
C ASP H 56 -20.24 -17.30 45.34
N GLY H 57 -21.02 -18.37 45.35
CA GLY H 57 -21.24 -19.18 44.18
C GLY H 57 -22.41 -18.80 43.32
N SER H 58 -23.11 -17.70 43.64
CA SER H 58 -24.30 -17.33 42.88
C SER H 58 -23.97 -17.05 41.42
N SER H 59 -22.76 -16.58 41.14
CA SER H 59 -22.34 -16.28 39.77
C SER H 59 -21.82 -17.50 39.03
N ILE H 60 -21.72 -18.65 39.68
CA ILE H 60 -21.37 -19.87 38.98
C ILE H 60 -22.57 -20.34 38.15
N GLY H 61 -22.29 -21.10 37.10
CA GLY H 61 -23.27 -21.41 36.09
C GLY H 61 -24.64 -21.85 36.60
N GLY H 62 -24.70 -23.03 37.21
CA GLY H 62 -25.97 -23.60 37.60
C GLY H 62 -26.21 -23.62 39.10
N TRP H 63 -25.51 -22.75 39.83
CA TRP H 63 -25.57 -22.74 41.29
C TRP H 63 -26.38 -21.57 41.84
N LYS H 64 -27.09 -20.84 40.98
CA LYS H 64 -27.88 -19.70 41.45
C LYS H 64 -28.94 -20.17 42.43
N GLY H 65 -29.06 -19.45 43.55
CA GLY H 65 -30.02 -19.80 44.57
C GLY H 65 -31.42 -19.27 44.27
N ASP H 70 -23.22 -18.41 48.97
CA ASP H 70 -22.65 -18.48 50.31
C ASP H 70 -22.32 -19.93 50.66
N MET H 71 -21.26 -20.45 50.05
CA MET H 71 -20.83 -21.83 50.23
C MET H 71 -19.38 -21.87 50.66
N VAL H 72 -18.93 -23.05 51.07
CA VAL H 72 -17.62 -23.26 51.65
C VAL H 72 -16.75 -24.02 50.66
N LEU H 73 -15.52 -23.53 50.46
CA LEU H 73 -14.50 -24.28 49.76
C LEU H 73 -13.70 -25.09 50.78
N MET H 74 -13.82 -26.41 50.72
CA MET H 74 -13.12 -27.28 51.66
C MET H 74 -11.94 -27.94 50.97
N PRO H 75 -10.70 -27.57 51.30
CA PRO H 75 -9.57 -28.19 50.61
C PRO H 75 -9.47 -29.69 50.89
N ASP H 76 -9.03 -30.43 49.88
CA ASP H 76 -8.73 -31.84 50.00
C ASP H 76 -7.20 -31.96 49.90
N ALA H 77 -6.55 -32.05 51.06
CA ALA H 77 -5.10 -32.00 51.10
C ALA H 77 -4.45 -33.09 50.24
N SER H 78 -5.13 -34.24 50.07
CA SER H 78 -4.55 -35.32 49.29
C SER H 78 -4.36 -34.94 47.83
N THR H 79 -4.99 -33.86 47.40
CA THR H 79 -4.86 -33.38 46.02
C THR H 79 -3.79 -32.32 45.86
N ALA H 80 -3.06 -31.99 46.91
CA ALA H 80 -2.09 -30.90 46.82
C ALA H 80 -1.03 -31.19 45.76
N VAL H 81 -0.74 -30.20 44.93
CA VAL H 81 0.24 -30.35 43.86
C VAL H 81 0.71 -28.95 43.46
N ILE H 82 1.98 -28.85 43.09
CA ILE H 82 2.59 -27.57 42.74
C ILE H 82 2.23 -27.23 41.30
N ASP H 83 1.80 -26.00 41.08
CA ASP H 83 1.47 -25.54 39.73
C ASP H 83 2.75 -25.36 38.92
N PRO H 84 2.88 -25.99 37.75
CA PRO H 84 4.11 -25.86 36.95
C PRO H 84 4.13 -24.69 35.98
N PHE H 85 3.10 -23.84 35.97
CA PHE H 85 2.98 -22.78 34.99
C PHE H 85 3.03 -21.39 35.57
N PHE H 86 2.55 -21.19 36.79
CA PHE H 86 2.49 -19.84 37.35
C PHE H 86 3.89 -19.33 37.65
N ALA H 87 4.11 -18.03 37.41
CA ALA H 87 5.42 -17.45 37.65
C ALA H 87 5.80 -17.52 39.13
N ASP H 88 4.85 -17.24 40.02
CA ASP H 88 5.08 -17.32 41.45
C ASP H 88 4.77 -18.72 41.94
N SER H 89 5.58 -19.21 42.87
CA SER H 89 5.41 -20.56 43.40
C SER H 89 4.02 -20.73 43.98
N THR H 90 3.20 -21.55 43.34
CA THR H 90 1.81 -21.74 43.72
C THR H 90 1.55 -23.21 43.96
N LEU H 91 0.66 -23.49 44.92
CA LEU H 91 0.26 -24.85 45.26
C LEU H 91 -1.22 -25.01 44.94
N ILE H 92 -1.54 -26.05 44.17
CA ILE H 92 -2.91 -26.32 43.77
C ILE H 92 -3.52 -27.31 44.75
N ILE H 93 -4.64 -26.93 45.36
CA ILE H 93 -5.43 -27.82 46.20
C ILE H 93 -6.83 -27.89 45.63
N ARG H 94 -7.31 -29.11 45.38
CA ARG H 94 -8.67 -29.30 44.90
C ARG H 94 -9.62 -29.28 46.09
N CYS H 95 -10.78 -28.65 45.90
CA CYS H 95 -11.71 -28.40 46.98
C CYS H 95 -13.10 -28.89 46.61
N ASP H 96 -13.83 -29.36 47.61
CA ASP H 96 -15.25 -29.65 47.49
C ASP H 96 -16.06 -28.44 47.94
N ILE H 97 -17.30 -28.37 47.46
CA ILE H 97 -18.21 -27.30 47.81
C ILE H 97 -19.20 -27.85 48.82
N LEU H 98 -19.18 -27.29 50.03
CA LEU H 98 -20.01 -27.75 51.13
C LEU H 98 -20.99 -26.67 51.53
N GLU H 99 -22.16 -27.10 52.01
CA GLU H 99 -23.12 -26.16 52.55
C GLU H 99 -22.57 -25.50 53.81
N PRO H 100 -22.73 -24.19 53.99
CA PRO H 100 -22.04 -23.52 55.10
C PRO H 100 -22.40 -24.07 56.47
N GLY H 101 -23.65 -24.45 56.69
CA GLY H 101 -24.08 -24.87 58.00
C GLY H 101 -23.67 -26.29 58.36
N THR H 102 -24.21 -27.27 57.63
CA THR H 102 -23.97 -28.67 57.94
C THR H 102 -22.62 -29.17 57.44
N LEU H 103 -21.92 -28.39 56.61
CA LEU H 103 -20.66 -28.81 56.03
C LEU H 103 -20.80 -30.12 55.27
N GLN H 104 -21.95 -30.33 54.65
CA GLN H 104 -22.20 -31.47 53.78
C GLN H 104 -22.06 -31.06 52.32
N GLY H 105 -21.79 -32.04 51.48
CA GLY H 105 -21.53 -31.75 50.08
C GLY H 105 -22.73 -31.07 49.43
N TYR H 106 -22.44 -30.02 48.67
CA TYR H 106 -23.49 -29.33 47.92
C TYR H 106 -24.09 -30.30 46.89
N ASP H 107 -25.41 -30.26 46.78
CA ASP H 107 -26.10 -31.23 45.93
C ASP H 107 -25.71 -31.08 44.47
N ARG H 108 -25.28 -29.89 44.06
CA ARG H 108 -24.93 -29.61 42.67
C ARG H 108 -23.43 -29.59 42.43
N ASP H 109 -22.63 -30.01 43.39
CA ASP H 109 -21.18 -30.08 43.20
C ASP H 109 -20.82 -31.39 42.51
N PRO H 110 -20.25 -31.35 41.31
CA PRO H 110 -19.92 -32.62 40.62
C PRO H 110 -19.00 -33.53 41.42
N ARG H 111 -18.00 -32.97 42.10
CA ARG H 111 -17.10 -33.80 42.89
C ARG H 111 -17.85 -34.47 44.03
N SER H 112 -18.75 -33.73 44.68
CA SER H 112 -19.56 -34.33 45.73
C SER H 112 -20.45 -35.43 45.17
N ILE H 113 -21.01 -35.22 43.98
CA ILE H 113 -21.86 -36.23 43.36
C ILE H 113 -21.05 -37.50 43.08
N ALA H 114 -19.83 -37.34 42.58
CA ALA H 114 -18.98 -38.50 42.32
C ALA H 114 -18.62 -39.22 43.61
N LYS H 115 -18.29 -38.47 44.66
CA LYS H 115 -17.98 -39.09 45.94
C LYS H 115 -19.18 -39.87 46.47
N ARG H 116 -20.38 -39.29 46.34
CA ARG H 116 -21.58 -39.99 46.79
C ARG H 116 -21.85 -41.22 45.95
N ALA H 117 -21.54 -41.18 44.66
CA ALA H 117 -21.68 -42.37 43.82
C ALA H 117 -20.76 -43.48 44.30
N GLU H 118 -19.51 -43.14 44.61
CA GLU H 118 -18.59 -44.15 45.15
C GLU H 118 -19.10 -44.69 46.48
N ASP H 119 -19.61 -43.81 47.34
CA ASP H 119 -20.12 -44.27 48.63
C ASP H 119 -21.32 -45.19 48.46
N TYR H 120 -22.20 -44.88 47.50
CA TYR H 120 -23.32 -45.76 47.21
C TYR H 120 -22.84 -47.10 46.70
N LEU H 121 -21.83 -47.10 45.83
CA LEU H 121 -21.26 -48.36 45.37
C LEU H 121 -20.77 -49.19 46.54
N ARG H 122 -20.08 -48.56 47.49
CA ARG H 122 -19.61 -49.29 48.66
C ARG H 122 -20.79 -49.81 49.49
N SER H 123 -21.82 -48.99 49.67
CA SER H 123 -22.93 -49.36 50.54
C SER H 123 -23.72 -50.53 49.99
N THR H 124 -23.96 -50.55 48.67
CA THR H 124 -24.75 -51.63 48.09
C THR H 124 -24.08 -52.98 48.28
N GLY H 125 -22.78 -53.02 48.54
CA GLY H 125 -22.07 -54.27 48.72
C GLY H 125 -21.67 -54.95 47.44
N ILE H 126 -21.92 -54.34 46.28
CA ILE H 126 -21.56 -54.97 45.01
C ILE H 126 -20.03 -55.00 44.85
N ALA H 127 -19.37 -53.90 45.19
CA ALA H 127 -17.93 -53.82 45.04
C ALA H 127 -17.39 -52.76 45.99
N ASP H 128 -16.07 -52.76 46.17
CA ASP H 128 -15.41 -51.79 47.02
C ASP H 128 -14.89 -50.60 46.23
N THR H 129 -14.34 -50.84 45.05
CA THR H 129 -13.74 -49.80 44.22
C THR H 129 -14.20 -49.95 42.79
N VAL H 130 -14.25 -48.82 42.09
CA VAL H 130 -14.54 -48.75 40.66
C VAL H 130 -13.35 -48.11 39.97
N LEU H 131 -12.86 -48.77 38.92
CA LEU H 131 -11.70 -48.30 38.18
C LEU H 131 -12.15 -47.73 36.84
N PHE H 132 -11.64 -46.56 36.49
CA PHE H 132 -12.00 -45.84 35.28
C PHE H 132 -10.71 -45.53 34.52
N GLY H 133 -10.64 -46.00 33.28
CA GLY H 133 -9.65 -45.51 32.34
C GLY H 133 -10.30 -44.73 31.21
N PRO H 134 -10.26 -43.41 31.28
CA PRO H 134 -10.64 -42.59 30.13
C PRO H 134 -9.47 -42.30 29.21
N GLU H 135 -9.81 -42.13 27.92
CA GLU H 135 -8.81 -41.91 26.87
C GLU H 135 -9.20 -40.69 26.06
N PRO H 136 -9.13 -39.51 26.66
CA PRO H 136 -9.48 -38.29 25.92
C PRO H 136 -8.49 -37.98 24.81
N GLU H 137 -8.99 -37.34 23.77
CA GLU H 137 -8.19 -36.81 22.67
C GLU H 137 -8.43 -35.31 22.59
N PHE H 138 -7.57 -34.62 21.84
CA PHE H 138 -7.70 -33.18 21.72
C PHE H 138 -7.13 -32.72 20.38
N PHE H 139 -7.44 -31.49 20.02
CA PHE H 139 -6.94 -30.87 18.82
C PHE H 139 -6.02 -29.72 19.19
N LEU H 140 -4.93 -29.57 18.45
CA LEU H 140 -3.99 -28.47 18.59
C LEU H 140 -4.06 -27.60 17.33
N PHE H 141 -4.29 -26.30 17.52
CA PHE H 141 -4.43 -25.37 16.41
C PHE H 141 -3.48 -24.21 16.60
N ASP H 142 -3.14 -23.55 15.50
CA ASP H 142 -2.36 -22.33 15.58
C ASP H 142 -3.23 -21.09 15.72
N ASP H 143 -4.41 -21.10 15.11
CA ASP H 143 -5.31 -19.96 15.16
C ASP H 143 -6.74 -20.45 15.09
N ILE H 144 -7.60 -19.87 15.92
CA ILE H 144 -9.03 -20.12 15.89
C ILE H 144 -9.73 -18.79 15.96
N ARG H 145 -10.64 -18.54 15.01
CA ARG H 145 -11.44 -17.33 15.02
C ARG H 145 -12.89 -17.70 14.85
N PHE H 146 -13.76 -17.20 15.71
CA PHE H 146 -15.18 -17.47 15.57
C PHE H 146 -15.97 -16.29 16.11
N GLY H 147 -17.17 -16.12 15.57
CA GLY H 147 -18.02 -15.01 15.97
C GLY H 147 -19.39 -15.15 15.39
N SER H 148 -20.33 -14.40 15.96
CA SER H 148 -21.70 -14.37 15.48
C SER H 148 -22.29 -13.01 15.76
N SER H 149 -23.23 -12.60 14.92
CA SER H 149 -23.92 -11.33 15.07
C SER H 149 -25.22 -11.40 14.27
N ILE H 150 -25.90 -10.27 14.16
CA ILE H 150 -27.10 -10.22 13.33
C ILE H 150 -26.75 -10.40 11.86
N SER H 151 -25.58 -9.93 11.45
CA SER H 151 -25.19 -9.94 10.05
C SER H 151 -24.68 -11.28 9.57
N GLY H 152 -24.38 -12.21 10.48
CA GLY H 152 -23.88 -13.51 10.07
C GLY H 152 -23.10 -14.16 11.20
N SER H 153 -22.36 -15.19 10.82
CA SER H 153 -21.58 -15.96 11.79
C SER H 153 -20.47 -16.68 11.05
N HIS H 154 -19.33 -16.86 11.73
CA HIS H 154 -18.19 -17.50 11.10
C HIS H 154 -17.37 -18.29 12.11
N VAL H 155 -16.71 -19.32 11.61
CA VAL H 155 -15.65 -20.04 12.29
C VAL H 155 -14.57 -20.35 11.27
N ALA H 156 -13.32 -20.15 11.68
CA ALA H 156 -12.14 -20.37 10.84
C ALA H 156 -11.04 -20.98 11.69
N ILE H 157 -10.66 -22.22 11.37
CA ILE H 157 -9.60 -22.95 12.05
C ILE H 157 -8.37 -22.93 11.15
N ASP H 158 -7.21 -22.63 11.72
CA ASP H 158 -5.96 -22.66 10.99
C ASP H 158 -4.91 -23.39 11.82
N ASP H 159 -4.23 -24.35 11.21
CA ASP H 159 -3.09 -25.02 11.83
C ASP H 159 -2.07 -25.31 10.75
N ILE H 160 -0.80 -25.30 11.14
CA ILE H 160 0.27 -25.55 10.18
C ILE H 160 0.19 -26.98 9.66
N GLU H 161 -0.33 -27.92 10.46
CA GLU H 161 -0.48 -29.30 10.02
C GLU H 161 -1.70 -29.51 9.14
N GLY H 162 -2.61 -28.54 9.07
CA GLY H 162 -3.80 -28.70 8.26
C GLY H 162 -3.49 -28.93 6.80
N ALA H 163 -4.10 -29.97 6.21
CA ALA H 163 -3.83 -30.30 4.82
C ALA H 163 -4.15 -29.14 3.90
N TRP H 164 -5.15 -28.33 4.25
CA TRP H 164 -5.52 -27.20 3.41
C TRP H 164 -4.42 -26.16 3.32
N ASN H 165 -3.42 -26.22 4.19
CA ASN H 165 -2.28 -25.32 4.11
C ASN H 165 -1.20 -25.82 3.16
N SER H 166 -1.50 -26.84 2.36
CA SER H 166 -0.53 -27.29 1.36
C SER H 166 -0.26 -26.22 0.32
N SER H 167 -1.17 -25.26 0.15
CA SER H 167 -1.02 -24.17 -0.80
C SER H 167 -0.69 -22.84 -0.15
N THR H 168 -0.73 -22.75 1.17
CA THR H 168 -0.52 -21.48 1.84
C THR H 168 0.92 -21.00 1.65
N GLN H 169 1.08 -19.68 1.55
CA GLN H 169 2.40 -19.07 1.49
C GLN H 169 2.82 -18.65 2.89
N TYR H 170 3.98 -19.12 3.32
CA TYR H 170 4.51 -18.83 4.63
C TYR H 170 5.80 -18.03 4.50
N GLU H 171 6.03 -17.14 5.45
CA GLU H 171 7.33 -16.46 5.54
C GLU H 171 8.39 -17.49 5.89
N GLY H 172 9.48 -17.48 5.13
CA GLY H 172 10.50 -18.50 5.27
C GLY H 172 10.26 -19.74 4.45
N GLY H 173 9.15 -19.82 3.74
CA GLY H 173 8.86 -20.95 2.88
C GLY H 173 7.88 -21.92 3.50
N ASN H 174 7.15 -22.63 2.65
CA ASN H 174 6.19 -23.64 3.07
C ASN H 174 6.85 -25.02 2.98
N LYS H 175 6.97 -25.69 4.11
CA LYS H 175 7.46 -27.07 4.14
C LYS H 175 6.25 -27.99 4.02
N GLY H 176 6.26 -28.82 3.00
CA GLY H 176 5.04 -29.49 2.58
C GLY H 176 4.73 -30.80 3.27
N HIS H 177 5.37 -31.07 4.40
CA HIS H 177 5.14 -32.30 5.14
C HIS H 177 4.00 -32.08 6.11
N ARG H 178 2.79 -32.47 5.70
CA ARG H 178 1.59 -32.32 6.51
C ARG H 178 0.82 -33.63 6.51
N PRO H 179 0.11 -33.94 7.58
CA PRO H 179 -0.82 -35.08 7.54
C PRO H 179 -1.92 -34.85 6.52
N ALA H 180 -2.31 -35.90 5.84
CA ALA H 180 -3.48 -35.85 4.98
C ALA H 180 -4.74 -35.98 5.83
N VAL H 181 -5.88 -35.70 5.21
CA VAL H 181 -7.15 -35.84 5.91
C VAL H 181 -7.32 -37.30 6.29
N LYS H 182 -7.53 -37.56 7.58
CA LYS H 182 -7.63 -38.92 8.11
C LYS H 182 -6.34 -39.70 7.87
N GLY H 183 -5.20 -39.02 7.97
CA GLY H 183 -3.93 -39.66 7.74
C GLY H 183 -2.85 -39.24 8.72
N GLY H 184 -3.26 -38.86 9.92
CA GLY H 184 -2.32 -38.44 10.95
C GLY H 184 -2.02 -39.49 11.99
N TYR H 185 -2.33 -40.75 11.68
CA TYR H 185 -2.19 -41.87 12.62
C TYR H 185 -1.30 -42.93 12.00
N PHE H 186 0.00 -42.87 12.25
CA PHE H 186 0.72 -41.81 12.97
C PHE H 186 2.15 -41.68 12.45
N PRO H 187 2.33 -40.99 11.33
CA PRO H 187 3.66 -40.92 10.72
C PRO H 187 4.64 -40.11 11.56
N VAL H 188 5.92 -40.37 11.31
CA VAL H 188 7.01 -39.75 12.07
C VAL H 188 7.19 -38.30 11.62
N PRO H 189 7.90 -37.48 12.39
CA PRO H 189 8.18 -36.11 11.96
C PRO H 189 9.00 -36.11 10.67
N PRO H 190 9.00 -35.01 9.92
CA PRO H 190 8.37 -33.72 10.22
C PRO H 190 6.88 -33.68 9.87
N VAL H 191 6.30 -34.79 9.42
CA VAL H 191 4.86 -34.82 9.19
C VAL H 191 4.13 -34.63 10.51
N ASP H 192 4.59 -35.30 11.56
CA ASP H 192 4.08 -35.09 12.92
C ASP H 192 4.90 -33.97 13.56
N SER H 193 4.25 -32.84 13.82
CA SER H 193 4.93 -31.66 14.32
C SER H 193 4.66 -31.40 15.80
N ALA H 194 4.08 -32.38 16.51
CA ALA H 194 3.70 -32.20 17.91
C ALA H 194 4.43 -33.16 18.84
N GLN H 195 5.55 -33.74 18.39
CA GLN H 195 6.28 -34.66 19.24
C GLN H 195 6.79 -33.97 20.50
N ASP H 196 7.44 -32.82 20.34
CA ASP H 196 7.97 -32.11 21.50
C ASP H 196 6.84 -31.61 22.40
N ILE H 197 5.75 -31.14 21.81
CA ILE H 197 4.63 -30.66 22.60
C ILE H 197 4.04 -31.78 23.43
N ARG H 198 3.85 -32.95 22.82
CA ARG H 198 3.29 -34.09 23.55
C ARG H 198 4.25 -34.57 24.63
N SER H 199 5.56 -34.58 24.34
CA SER H 199 6.52 -34.99 25.36
C SER H 199 6.51 -34.04 26.55
N GLU H 200 6.44 -32.74 26.28
CA GLU H 200 6.34 -31.77 27.36
C GLU H 200 5.06 -31.96 28.16
N MET H 201 3.94 -32.22 27.47
CA MET H 201 2.69 -32.49 28.17
C MET H 201 2.84 -33.70 29.08
N CYS H 202 3.46 -34.77 28.59
CA CYS H 202 3.62 -35.97 29.40
C CYS H 202 4.49 -35.71 30.62
N LEU H 203 5.60 -34.98 30.43
CA LEU H 203 6.48 -34.70 31.55
C LEU H 203 5.79 -33.84 32.60
N VAL H 204 5.05 -32.81 32.16
CA VAL H 204 4.34 -31.96 33.11
C VAL H 204 3.26 -32.75 33.83
N MET H 205 2.55 -33.62 33.09
CA MET H 205 1.52 -34.44 33.72
C MET H 205 2.12 -35.34 34.79
N GLU H 206 3.27 -35.95 34.49
CA GLU H 206 3.94 -36.76 35.50
C GLU H 206 4.38 -35.91 36.69
N GLN H 207 4.79 -34.67 36.45
CA GLN H 207 5.08 -33.77 37.56
C GLN H 207 3.84 -33.55 38.42
N MET H 208 2.68 -33.41 37.79
CA MET H 208 1.44 -33.11 38.50
C MET H 208 0.73 -34.36 39.02
N GLY H 209 1.39 -35.51 39.00
CA GLY H 209 0.88 -36.70 39.65
C GLY H 209 0.19 -37.71 38.76
N LEU H 210 0.22 -37.54 37.45
CA LEU H 210 -0.40 -38.51 36.55
C LEU H 210 0.64 -39.53 36.11
N VAL H 211 0.16 -40.73 35.82
CA VAL H 211 0.99 -41.81 35.26
C VAL H 211 0.65 -41.91 33.78
N VAL H 212 1.61 -41.61 32.94
CA VAL H 212 1.41 -41.61 31.50
C VAL H 212 1.82 -42.96 30.94
N GLU H 213 1.08 -43.42 29.94
CA GLU H 213 1.32 -44.70 29.28
C GLU H 213 1.86 -44.56 27.87
N ALA H 214 1.40 -43.56 27.13
CA ALA H 214 1.83 -43.34 25.76
C ALA H 214 1.31 -42.00 25.30
N HIS H 215 1.82 -41.52 24.17
CA HIS H 215 1.27 -40.34 23.53
C HIS H 215 1.52 -40.44 22.03
N HIS H 216 0.55 -39.99 21.24
CA HIS H 216 0.71 -40.08 19.80
C HIS H 216 -0.22 -39.12 19.08
N HIS H 217 0.04 -38.98 17.79
CA HIS H 217 -0.82 -38.25 16.87
C HIS H 217 -2.03 -39.11 16.51
N GLU H 218 -3.16 -38.45 16.29
CA GLU H 218 -4.42 -39.11 16.03
C GLU H 218 -4.79 -38.98 14.56
N VAL H 219 -5.95 -39.54 14.20
CA VAL H 219 -6.30 -39.72 12.80
C VAL H 219 -6.43 -38.38 12.09
N ALA H 220 -7.05 -37.39 12.74
CA ALA H 220 -7.36 -36.15 12.06
C ALA H 220 -6.08 -35.40 11.70
N THR H 221 -6.24 -34.41 10.81
CA THR H 221 -5.10 -33.75 10.18
C THR H 221 -4.63 -32.51 10.96
N ALA H 222 -5.56 -31.72 11.48
CA ALA H 222 -5.20 -30.44 12.10
C ALA H 222 -4.74 -30.64 13.54
N GLY H 223 -3.68 -31.42 13.69
CA GLY H 223 -3.04 -31.59 14.98
C GLY H 223 -3.88 -32.26 16.04
N GLN H 224 -4.56 -33.35 15.69
CA GLN H 224 -5.24 -34.16 16.68
C GLN H 224 -4.24 -35.08 17.36
N ASN H 225 -4.25 -35.07 18.69
CA ASN H 225 -3.28 -35.79 19.49
C ASN H 225 -3.99 -36.41 20.69
N GLU H 226 -3.40 -37.47 21.23
CA GLU H 226 -3.86 -38.02 22.50
C GLU H 226 -2.69 -38.49 23.34
N VAL H 227 -2.78 -38.20 24.64
CA VAL H 227 -1.87 -38.69 25.65
C VAL H 227 -2.67 -39.61 26.55
N ALA H 228 -2.25 -40.88 26.61
CA ALA H 228 -2.95 -41.88 27.41
C ALA H 228 -2.38 -41.89 28.83
N THR H 229 -3.27 -41.95 29.81
CA THR H 229 -2.91 -41.98 31.22
C THR H 229 -3.45 -43.24 31.85
N ARG H 230 -2.81 -43.67 32.93
CA ARG H 230 -3.21 -44.89 33.61
C ARG H 230 -4.55 -44.72 34.29
N PHE H 231 -5.30 -45.81 34.34
CA PHE H 231 -6.61 -45.81 34.98
C PHE H 231 -6.46 -45.47 36.46
N ASN H 232 -7.60 -45.20 37.10
CA ASN H 232 -7.59 -44.89 38.53
C ASN H 232 -9.02 -44.96 39.05
N THR H 233 -9.18 -44.81 40.35
CA THR H 233 -10.51 -44.80 40.91
C THR H 233 -11.30 -43.61 40.38
N MET H 234 -12.62 -43.65 40.58
CA MET H 234 -13.52 -42.75 39.87
C MET H 234 -13.20 -41.29 40.16
N THR H 235 -13.32 -40.87 41.42
CA THR H 235 -13.08 -39.47 41.75
C THR H 235 -11.63 -39.07 41.49
N LYS H 236 -10.70 -39.96 41.82
CA LYS H 236 -9.30 -39.68 41.54
C LYS H 236 -9.08 -39.48 40.04
N LYS H 237 -9.69 -40.33 39.21
CA LYS H 237 -9.47 -40.20 37.78
C LYS H 237 -10.19 -38.99 37.21
N ALA H 238 -11.28 -38.56 37.83
CA ALA H 238 -11.91 -37.31 37.40
C ALA H 238 -11.01 -36.13 37.71
N ASP H 239 -10.42 -36.09 38.90
CA ASP H 239 -9.43 -35.06 39.20
C ASP H 239 -8.27 -35.14 38.23
N GLU H 240 -7.85 -36.35 37.88
CA GLU H 240 -6.76 -36.53 36.93
C GLU H 240 -7.13 -36.00 35.56
N ILE H 241 -8.38 -36.18 35.14
CA ILE H 241 -8.82 -35.65 33.85
C ILE H 241 -8.83 -34.12 33.88
N GLN H 242 -9.24 -33.55 35.01
CA GLN H 242 -9.18 -32.09 35.12
C GLN H 242 -7.75 -31.59 35.01
N ILE H 243 -6.83 -32.26 35.71
CA ILE H 243 -5.41 -31.89 35.62
C ILE H 243 -4.91 -32.09 34.19
N TYR H 244 -5.38 -33.14 33.52
CA TYR H 244 -4.98 -33.42 32.16
C TYR H 244 -5.38 -32.29 31.23
N LYS H 245 -6.64 -31.85 31.33
CA LYS H 245 -7.11 -30.76 30.48
C LYS H 245 -6.35 -29.48 30.79
N TYR H 246 -6.12 -29.20 32.07
CA TYR H 246 -5.36 -28.02 32.45
C TYR H 246 -3.97 -28.04 31.85
N VAL H 247 -3.27 -29.17 31.97
CA VAL H 247 -1.91 -29.28 31.47
C VAL H 247 -1.89 -29.12 29.96
N VAL H 248 -2.81 -29.78 29.27
CA VAL H 248 -2.83 -29.70 27.80
C VAL H 248 -3.04 -28.25 27.38
N HIS H 249 -4.04 -27.58 27.96
CA HIS H 249 -4.31 -26.21 27.57
C HIS H 249 -3.10 -25.31 27.82
N ASN H 250 -2.49 -25.43 29.00
CA ASN H 250 -1.42 -24.50 29.35
C ASN H 250 -0.16 -24.78 28.54
N VAL H 251 0.18 -26.05 28.31
CA VAL H 251 1.34 -26.37 27.50
C VAL H 251 1.14 -25.88 26.07
N ALA H 252 -0.05 -26.12 25.50
CA ALA H 252 -0.33 -25.62 24.15
C ALA H 252 -0.22 -24.11 24.10
N HIS H 253 -0.72 -23.41 25.11
CA HIS H 253 -0.58 -21.96 25.16
C HIS H 253 0.88 -21.55 25.21
N ARG H 254 1.69 -22.24 26.01
CA ARG H 254 3.10 -21.90 26.14
C ARG H 254 3.90 -22.22 24.88
N PHE H 255 3.41 -23.13 24.03
CA PHE H 255 4.06 -23.42 22.76
C PHE H 255 3.49 -22.59 21.62
N GLY H 256 2.60 -21.65 21.90
CA GLY H 256 1.97 -20.88 20.85
C GLY H 256 0.82 -21.57 20.16
N LYS H 257 0.39 -22.71 20.66
CA LYS H 257 -0.72 -23.45 20.10
C LYS H 257 -2.00 -23.14 20.86
N THR H 258 -3.05 -23.91 20.58
CA THR H 258 -4.35 -23.75 21.22
C THR H 258 -5.01 -25.11 21.23
N ALA H 259 -5.28 -25.62 22.42
CA ALA H 259 -5.88 -26.94 22.56
C ALA H 259 -7.38 -26.82 22.71
N THR H 260 -8.09 -27.80 22.14
CA THR H 260 -9.53 -27.87 22.29
C THR H 260 -9.95 -29.32 22.45
N PHE H 261 -10.89 -29.54 23.37
CA PHE H 261 -11.48 -30.86 23.61
C PHE H 261 -12.88 -30.97 23.02
N MET H 262 -13.18 -30.16 22.00
CA MET H 262 -14.48 -30.24 21.36
C MET H 262 -14.64 -31.61 20.71
N PRO H 263 -15.84 -32.20 20.75
CA PRO H 263 -16.02 -33.50 20.08
C PRO H 263 -15.77 -33.44 18.58
N LYS H 264 -16.14 -32.35 17.91
CA LYS H 264 -16.11 -32.28 16.46
C LYS H 264 -15.84 -30.85 16.01
N PRO H 265 -14.58 -30.45 15.97
CA PRO H 265 -14.25 -29.09 15.49
C PRO H 265 -14.35 -28.96 13.98
N MET H 266 -14.04 -30.02 13.24
CA MET H 266 -14.00 -29.97 11.79
C MET H 266 -14.92 -31.03 11.21
N PHE H 267 -15.55 -30.69 10.08
CA PHE H 267 -16.35 -31.64 9.33
C PHE H 267 -15.47 -32.33 8.28
N GLY H 268 -15.75 -33.60 8.04
CA GLY H 268 -14.96 -34.38 7.12
C GLY H 268 -13.68 -34.97 7.70
N ASP H 269 -13.41 -34.70 8.97
CA ASP H 269 -12.26 -35.27 9.66
C ASP H 269 -12.73 -35.87 10.97
N ASN H 270 -11.94 -36.82 11.48
CA ASN H 270 -12.33 -37.55 12.68
C ASN H 270 -12.49 -36.61 13.86
N GLY H 271 -13.50 -36.88 14.69
CA GLY H 271 -13.72 -36.12 15.90
C GLY H 271 -12.92 -36.66 17.06
N SER H 272 -13.11 -36.03 18.21
CA SER H 272 -12.41 -36.38 19.45
C SER H 272 -13.39 -37.07 20.39
N GLY H 273 -12.97 -38.22 20.94
CA GLY H 273 -13.79 -38.96 21.86
C GLY H 273 -12.99 -39.32 23.11
N MET H 274 -13.72 -39.78 24.12
CA MET H 274 -13.15 -40.21 25.39
C MET H 274 -13.70 -41.59 25.73
N HIS H 275 -13.06 -42.62 25.22
CA HIS H 275 -13.44 -43.98 25.58
C HIS H 275 -13.21 -44.21 27.06
N CYS H 276 -14.20 -44.77 27.75
CA CYS H 276 -14.17 -44.94 29.19
C CYS H 276 -14.11 -46.43 29.51
N HIS H 277 -12.95 -46.90 29.93
CA HIS H 277 -12.81 -48.26 30.43
C HIS H 277 -13.28 -48.34 31.87
N MET H 278 -13.99 -49.42 32.20
CA MET H 278 -14.56 -49.58 33.53
C MET H 278 -14.34 -51.00 34.02
N SER H 279 -14.17 -51.12 35.34
CA SER H 279 -14.09 -52.41 36.00
C SER H 279 -14.44 -52.21 37.46
N LEU H 280 -14.85 -53.29 38.11
CA LEU H 280 -15.20 -53.28 39.52
C LEU H 280 -14.35 -54.29 40.26
N SER H 281 -13.88 -53.91 41.45
CA SER H 281 -13.04 -54.76 42.28
C SER H 281 -13.58 -54.79 43.70
N LYS H 282 -13.57 -55.98 44.30
CA LYS H 282 -13.97 -56.17 45.68
C LYS H 282 -12.95 -57.06 46.35
N ASN H 283 -12.34 -56.58 47.43
CA ASN H 283 -11.31 -57.31 48.16
C ASN H 283 -10.13 -57.67 47.25
N GLY H 284 -9.86 -56.81 46.26
CA GLY H 284 -8.70 -56.97 45.41
C GLY H 284 -8.88 -57.91 44.24
N VAL H 285 -10.06 -58.47 44.03
CA VAL H 285 -10.32 -59.36 42.91
C VAL H 285 -11.27 -58.66 41.94
N ASN H 286 -10.91 -58.68 40.66
CA ASN H 286 -11.75 -58.08 39.63
C ASN H 286 -13.07 -58.84 39.52
N LEU H 287 -14.17 -58.13 39.66
CA LEU H 287 -15.49 -58.75 39.58
C LEU H 287 -16.00 -58.86 38.14
N PHE H 288 -15.32 -58.24 37.18
CA PHE H 288 -15.71 -58.34 35.78
C PHE H 288 -15.05 -59.51 35.08
N ALA H 289 -14.26 -60.31 35.79
CA ALA H 289 -13.58 -61.46 35.21
C ALA H 289 -14.36 -62.73 35.50
N GLY H 290 -14.60 -63.52 34.45
CA GLY H 290 -15.39 -64.72 34.62
C GLY H 290 -15.30 -65.59 33.38
N ASP H 291 -16.16 -66.60 33.35
CA ASP H 291 -16.16 -67.59 32.27
C ASP H 291 -17.17 -67.29 31.17
N LYS H 292 -17.88 -66.17 31.25
CA LYS H 292 -18.87 -65.81 30.25
C LYS H 292 -18.17 -65.19 29.05
N TYR H 293 -18.96 -64.57 28.17
CA TYR H 293 -18.45 -64.07 26.90
C TYR H 293 -17.21 -63.20 27.10
N ALA H 294 -16.18 -63.48 26.32
CA ALA H 294 -14.94 -62.70 26.34
C ALA H 294 -14.32 -62.65 27.73
N GLY H 295 -14.52 -63.71 28.52
CA GLY H 295 -13.98 -63.74 29.85
C GLY H 295 -14.71 -62.89 30.86
N LEU H 296 -15.88 -62.37 30.51
CA LEU H 296 -16.65 -61.54 31.42
C LEU H 296 -17.39 -62.40 32.44
N SER H 297 -17.90 -61.73 33.47
CA SER H 297 -18.73 -62.38 34.47
C SER H 297 -20.18 -61.94 34.29
N GLU H 298 -21.07 -62.59 35.06
CA GLU H 298 -22.47 -62.24 35.01
C GLU H 298 -22.70 -60.82 35.50
N GLN H 299 -21.93 -60.38 36.50
CA GLN H 299 -22.02 -58.99 36.94
C GLN H 299 -21.57 -58.04 35.84
N ALA H 300 -20.53 -58.42 35.07
CA ALA H 300 -20.12 -57.59 33.95
C ALA H 300 -21.22 -57.50 32.91
N LEU H 301 -21.88 -58.62 32.60
CA LEU H 301 -22.97 -58.57 31.64
C LEU H 301 -24.12 -57.70 32.15
N TYR H 302 -24.43 -57.79 33.44
CA TYR H 302 -25.49 -56.95 34.00
C TYR H 302 -25.11 -55.47 33.94
N TYR H 303 -23.85 -55.16 34.20
CA TYR H 303 -23.38 -53.79 34.07
C TYR H 303 -23.54 -53.28 32.64
N ILE H 304 -23.16 -54.11 31.67
CA ILE H 304 -23.33 -53.74 30.27
C ILE H 304 -24.81 -53.51 29.96
N GLY H 305 -25.67 -54.39 30.48
CA GLY H 305 -27.10 -54.23 30.22
C GLY H 305 -27.66 -52.95 30.81
N GLY H 306 -27.24 -52.60 32.02
CA GLY H 306 -27.67 -51.34 32.59
C GLY H 306 -27.20 -50.14 31.79
N VAL H 307 -25.93 -50.17 31.36
CA VAL H 307 -25.40 -49.07 30.56
C VAL H 307 -26.18 -48.95 29.25
N ILE H 308 -26.51 -50.09 28.63
CA ILE H 308 -27.27 -50.07 27.39
C ILE H 308 -28.67 -49.52 27.64
N LYS H 309 -29.32 -49.95 28.72
CA LYS H 309 -30.68 -49.50 28.98
C LYS H 309 -30.73 -48.00 29.22
N HIS H 310 -29.79 -47.47 30.00
CA HIS H 310 -29.77 -46.05 30.33
C HIS H 310 -28.80 -45.26 29.47
N ALA H 311 -28.49 -45.75 28.28
CA ALA H 311 -27.50 -45.08 27.43
C ALA H 311 -27.96 -43.69 27.01
N LYS H 312 -29.23 -43.54 26.64
CA LYS H 312 -29.72 -42.24 26.21
C LYS H 312 -29.67 -41.23 27.34
N ALA H 313 -30.06 -41.64 28.55
CA ALA H 313 -29.96 -40.75 29.71
C ALA H 313 -28.50 -40.42 30.00
N ILE H 314 -27.61 -41.40 29.86
CA ILE H 314 -26.19 -41.13 30.08
C ILE H 314 -25.69 -40.11 29.08
N ASN H 315 -26.17 -40.17 27.84
CA ASN H 315 -25.69 -39.26 26.81
C ASN H 315 -25.85 -37.81 27.22
N ALA H 316 -26.86 -37.48 28.02
CA ALA H 316 -27.02 -36.11 28.46
C ALA H 316 -25.84 -35.62 29.30
N LEU H 317 -25.07 -36.54 29.89
CA LEU H 317 -23.93 -36.19 30.73
C LEU H 317 -22.59 -36.55 30.11
N ALA H 318 -22.54 -37.62 29.32
CA ALA H 318 -21.31 -38.03 28.64
C ALA H 318 -21.11 -37.32 27.31
N ASN H 319 -22.18 -36.82 26.71
CA ASN H 319 -22.13 -36.07 25.46
C ASN H 319 -23.00 -34.83 25.63
N PRO H 320 -22.58 -33.90 26.50
CA PRO H 320 -23.47 -32.81 26.91
C PRO H 320 -23.47 -31.60 25.98
N THR H 321 -22.94 -31.71 24.78
CA THR H 321 -22.85 -30.59 23.85
C THR H 321 -23.49 -30.97 22.53
N THR H 322 -24.08 -29.97 21.86
CA THR H 322 -24.65 -30.22 20.55
C THR H 322 -23.57 -30.73 19.61
N ASN H 323 -22.38 -30.15 19.69
CA ASN H 323 -21.28 -30.60 18.85
C ASN H 323 -20.99 -32.09 19.04
N SER H 324 -21.29 -32.63 20.22
CA SER H 324 -21.05 -34.04 20.45
C SER H 324 -21.79 -34.90 19.44
N TYR H 325 -23.03 -34.53 19.13
CA TYR H 325 -23.84 -35.35 18.25
C TYR H 325 -23.50 -35.09 16.79
N LYS H 326 -22.43 -34.36 16.52
CA LYS H 326 -21.84 -34.30 15.20
C LYS H 326 -20.70 -35.31 15.03
N ARG H 327 -20.28 -35.99 16.10
CA ARG H 327 -19.45 -37.17 15.97
C ARG H 327 -20.22 -38.46 16.19
N LEU H 328 -21.34 -38.42 16.89
CA LEU H 328 -22.17 -39.59 17.09
C LEU H 328 -23.18 -39.75 15.95
N VAL H 329 -22.67 -39.77 14.73
CA VAL H 329 -23.52 -39.92 13.54
C VAL H 329 -23.17 -41.24 12.88
N PRO H 330 -24.14 -41.93 12.27
CA PRO H 330 -23.81 -43.18 11.57
C PRO H 330 -22.77 -42.95 10.49
N GLY H 331 -21.86 -43.91 10.36
CA GLY H 331 -20.79 -43.81 9.40
C GLY H 331 -19.69 -42.86 9.83
N ALA H 334 -20.05 -46.50 12.71
CA ALA H 334 -19.88 -45.48 13.74
C ALA H 334 -20.15 -46.08 15.12
N PRO H 335 -19.64 -45.42 16.17
CA PRO H 335 -19.84 -45.94 17.54
C PRO H 335 -21.17 -45.48 18.13
N VAL H 336 -22.27 -45.83 17.45
CA VAL H 336 -23.59 -45.40 17.85
C VAL H 336 -24.51 -46.55 18.21
N MET H 337 -24.15 -47.79 17.89
CA MET H 337 -24.99 -48.94 18.20
C MET H 337 -24.78 -49.36 19.64
N LEU H 338 -25.87 -49.52 20.39
CA LEU H 338 -25.80 -49.93 21.78
C LEU H 338 -25.78 -51.45 21.84
N ALA H 339 -24.59 -52.00 21.60
CA ALA H 339 -24.37 -53.44 21.70
C ALA H 339 -22.94 -53.65 22.18
N TYR H 340 -22.66 -54.86 22.65
CA TYR H 340 -21.35 -55.21 23.17
C TYR H 340 -20.75 -56.34 22.35
N SER H 341 -19.50 -56.17 21.96
CA SER H 341 -18.78 -57.19 21.22
C SER H 341 -17.28 -56.96 21.40
N ALA H 342 -16.52 -58.04 21.30
CA ALA H 342 -15.07 -57.96 21.44
C ALA H 342 -14.36 -57.73 20.12
N ARG H 343 -15.08 -57.77 18.99
CA ARG H 343 -14.44 -57.66 17.69
C ARG H 343 -15.08 -56.57 16.84
N ASN H 344 -16.39 -56.37 16.96
CA ASN H 344 -17.09 -55.43 16.10
C ASN H 344 -16.65 -54.00 16.40
N ARG H 345 -16.30 -53.26 15.35
CA ARG H 345 -16.02 -51.83 15.47
C ARG H 345 -17.28 -50.99 15.48
N SER H 346 -18.44 -51.60 15.19
CA SER H 346 -19.70 -50.87 15.20
C SER H 346 -20.39 -50.87 16.57
N ALA H 347 -19.86 -51.61 17.54
CA ALA H 347 -20.45 -51.70 18.86
C ALA H 347 -19.90 -50.59 19.74
N SER H 348 -20.80 -49.89 20.45
CA SER H 348 -20.38 -48.82 21.35
C SER H 348 -19.74 -49.35 22.63
N ILE H 349 -19.93 -50.62 22.94
CA ILE H 349 -19.32 -51.26 24.11
C ILE H 349 -18.40 -52.36 23.61
N ARG H 350 -17.14 -52.28 23.99
CA ARG H 350 -16.13 -53.25 23.59
C ARG H 350 -15.58 -53.98 24.80
N ILE H 351 -15.12 -55.20 24.58
CA ILE H 351 -14.46 -55.98 25.63
C ILE H 351 -13.00 -56.15 25.21
N PRO H 352 -12.08 -55.31 25.69
CA PRO H 352 -10.69 -55.41 25.24
C PRO H 352 -10.10 -56.78 25.55
N VAL H 353 -9.26 -57.26 24.63
CA VAL H 353 -8.59 -58.54 24.79
C VAL H 353 -7.37 -58.33 25.67
N VAL H 354 -7.44 -58.79 26.92
CA VAL H 354 -6.37 -58.66 27.88
C VAL H 354 -6.04 -60.04 28.43
N SER H 355 -4.76 -60.39 28.45
CA SER H 355 -4.36 -61.71 28.90
C SER H 355 -4.68 -61.92 30.38
N SER H 356 -4.37 -60.93 31.21
CA SER H 356 -4.53 -61.09 32.65
C SER H 356 -5.99 -60.86 33.04
N PRO H 357 -6.62 -61.81 33.74
CA PRO H 357 -8.01 -61.57 34.18
C PRO H 357 -8.15 -60.33 35.04
N LYS H 358 -7.12 -59.98 35.81
CA LYS H 358 -7.17 -58.78 36.64
C LYS H 358 -7.41 -57.53 35.82
N ALA H 359 -7.11 -57.57 34.52
CA ALA H 359 -7.29 -56.43 33.64
C ALA H 359 -8.60 -56.46 32.88
N ARG H 360 -9.48 -57.41 33.19
CA ARG H 360 -10.75 -57.50 32.47
C ARG H 360 -11.59 -56.24 32.72
N ARG H 361 -12.19 -55.73 31.66
CA ARG H 361 -12.87 -54.45 31.73
C ARG H 361 -13.80 -54.31 30.53
N ILE H 362 -14.69 -53.32 30.61
CA ILE H 362 -15.58 -52.95 29.52
C ILE H 362 -15.25 -51.53 29.10
N GLU H 363 -15.19 -51.29 27.79
CA GLU H 363 -14.86 -49.99 27.21
C GLU H 363 -16.12 -49.41 26.59
N VAL H 364 -16.62 -48.32 27.17
CA VAL H 364 -17.77 -47.61 26.62
C VAL H 364 -17.23 -46.50 25.72
N ARG H 365 -17.67 -46.50 24.46
CA ARG H 365 -17.01 -45.71 23.43
C ARG H 365 -17.69 -44.39 23.11
N PHE H 366 -18.97 -44.22 23.42
CA PHE H 366 -19.68 -43.04 22.96
C PHE H 366 -19.28 -41.74 23.66
N PRO H 367 -18.84 -41.75 24.92
CA PRO H 367 -18.53 -40.47 25.59
C PRO H 367 -17.53 -39.64 24.80
N ASP H 368 -17.47 -38.35 25.15
CA ASP H 368 -16.60 -37.37 24.52
C ASP H 368 -15.87 -36.58 25.59
N PRO H 369 -14.74 -35.97 25.26
CA PRO H 369 -13.96 -35.25 26.28
C PRO H 369 -14.59 -33.95 26.74
N ALA H 370 -15.65 -33.46 26.07
CA ALA H 370 -16.37 -32.29 26.55
C ALA H 370 -17.22 -32.59 27.77
N ALA H 371 -17.36 -33.85 28.15
CA ALA H 371 -18.20 -34.22 29.28
C ALA H 371 -17.56 -33.78 30.60
N ASN H 372 -18.41 -33.48 31.56
CA ASN H 372 -17.95 -33.28 32.93
C ASN H 372 -17.47 -34.62 33.45
N PRO H 373 -16.20 -34.76 33.86
CA PRO H 373 -15.72 -36.10 34.24
C PRO H 373 -16.49 -36.69 35.40
N TYR H 374 -16.70 -35.91 36.46
CA TYR H 374 -17.39 -36.43 37.63
C TYR H 374 -18.78 -36.92 37.27
N LEU H 375 -19.57 -36.07 36.60
CA LEU H 375 -20.94 -36.42 36.28
C LEU H 375 -21.01 -37.59 35.32
N CYS H 376 -20.15 -37.62 34.30
CA CYS H 376 -20.17 -38.71 33.33
C CYS H 376 -19.85 -40.03 34.01
N PHE H 377 -18.78 -40.06 34.82
CA PHE H 377 -18.39 -41.28 35.50
C PHE H 377 -19.48 -41.74 36.47
N ALA H 378 -20.07 -40.79 37.20
CA ALA H 378 -21.13 -41.14 38.12
C ALA H 378 -22.34 -41.72 37.39
N ALA H 379 -22.71 -41.14 36.26
CA ALA H 379 -23.83 -41.65 35.48
C ALA H 379 -23.55 -43.06 35.00
N LEU H 380 -22.35 -43.30 34.46
CA LEU H 380 -22.01 -44.64 33.98
C LEU H 380 -22.05 -45.64 35.13
N LEU H 381 -21.46 -45.29 36.27
CA LEU H 381 -21.45 -46.20 37.41
C LEU H 381 -22.85 -46.49 37.91
N MET H 382 -23.71 -45.46 37.97
CA MET H 382 -25.05 -45.67 38.50
C MET H 382 -25.89 -46.50 37.54
N ALA H 383 -25.72 -46.31 36.23
CA ALA H 383 -26.40 -47.17 35.28
C ALA H 383 -25.94 -48.61 35.41
N GLY H 384 -24.63 -48.82 35.56
CA GLY H 384 -24.14 -50.17 35.75
C GLY H 384 -24.66 -50.81 37.02
N LEU H 385 -24.72 -50.04 38.10
CA LEU H 385 -25.22 -50.58 39.37
C LEU H 385 -26.71 -50.89 39.28
N ASP H 386 -27.48 -50.07 38.58
CA ASP H 386 -28.88 -50.39 38.34
C ASP H 386 -29.00 -51.68 37.55
N GLY H 387 -28.16 -51.85 36.53
CA GLY H 387 -28.16 -53.10 35.79
C GLY H 387 -27.85 -54.30 36.66
N ILE H 388 -26.87 -54.15 37.55
CA ILE H 388 -26.51 -55.25 38.44
C ILE H 388 -27.65 -55.57 39.39
N LYS H 389 -28.24 -54.54 40.00
CA LYS H 389 -29.29 -54.77 40.99
C LYS H 389 -30.52 -55.39 40.36
N ASN H 390 -30.93 -54.91 39.19
CA ASN H 390 -32.13 -55.42 38.53
C ASN H 390 -31.85 -56.58 37.59
N LYS H 391 -30.60 -57.03 37.50
CA LYS H 391 -30.24 -58.19 36.68
C LYS H 391 -30.72 -58.02 35.25
N ILE H 392 -30.26 -56.94 34.62
CA ILE H 392 -30.61 -56.62 33.25
C ILE H 392 -29.61 -57.33 32.33
N HIS H 393 -30.11 -58.31 31.58
CA HIS H 393 -29.24 -59.05 30.67
C HIS H 393 -29.12 -58.30 29.35
N PRO H 394 -27.91 -58.02 28.86
CA PRO H 394 -27.77 -57.24 27.63
C PRO H 394 -28.03 -58.03 26.35
N GLY H 395 -28.47 -59.28 26.45
CA GLY H 395 -28.64 -60.09 25.27
C GLY H 395 -27.32 -60.68 24.79
N GLU H 396 -27.32 -61.10 23.54
CA GLU H 396 -26.15 -61.70 22.93
C GLU H 396 -25.22 -60.63 22.37
N ALA H 397 -23.94 -60.98 22.28
CA ALA H 397 -22.95 -60.05 21.74
C ALA H 397 -23.21 -59.81 20.25
N MET H 398 -22.95 -58.58 19.81
CA MET H 398 -23.14 -58.20 18.41
C MET H 398 -21.90 -58.61 17.63
N ASP H 399 -21.83 -59.90 17.31
CA ASP H 399 -20.73 -60.45 16.54
C ASP H 399 -21.17 -60.72 15.10
N ALA H 410 -31.40 -55.36 12.09
CA ALA H 410 -30.43 -54.38 12.57
C ALA H 410 -31.15 -53.14 13.09
N LYS H 411 -32.33 -52.85 12.53
CA LYS H 411 -33.10 -51.70 12.97
C LYS H 411 -33.60 -51.85 14.40
N GLU H 412 -33.57 -53.05 14.95
CA GLU H 412 -34.01 -53.28 16.33
C GLU H 412 -32.92 -52.97 17.34
N ILE H 413 -31.68 -52.76 16.92
CA ILE H 413 -30.58 -52.46 17.83
C ILE H 413 -30.74 -51.04 18.34
N PRO H 414 -30.78 -50.82 19.65
CA PRO H 414 -30.87 -49.45 20.15
C PRO H 414 -29.61 -48.66 19.85
N GLN H 415 -29.78 -47.34 19.73
CA GLN H 415 -28.68 -46.44 19.41
C GLN H 415 -28.64 -45.31 20.42
N VAL H 416 -27.48 -44.66 20.49
CA VAL H 416 -27.33 -43.52 21.38
C VAL H 416 -28.24 -42.38 20.90
N ALA H 417 -28.46 -41.43 21.79
CA ALA H 417 -29.33 -40.30 21.46
C ALA H 417 -28.78 -39.55 20.25
N GLY H 418 -29.67 -39.22 19.32
CA GLY H 418 -29.30 -38.51 18.12
C GLY H 418 -29.19 -37.02 18.26
N SER H 419 -29.57 -36.47 19.41
CA SER H 419 -29.47 -35.03 19.62
C SER H 419 -29.41 -34.75 21.12
N LEU H 420 -28.92 -33.56 21.46
CA LEU H 420 -28.86 -33.16 22.85
C LEU H 420 -30.26 -32.98 23.44
N GLU H 421 -31.21 -32.53 22.63
CA GLU H 421 -32.59 -32.45 23.10
C GLU H 421 -33.12 -33.83 23.47
N GLU H 422 -32.86 -34.83 22.63
CA GLU H 422 -33.29 -36.19 22.94
C GLU H 422 -32.61 -36.70 24.20
N ALA H 423 -31.30 -36.44 24.33
CA ALA H 423 -30.59 -36.89 25.52
C ALA H 423 -31.16 -36.24 26.77
N LEU H 424 -31.46 -34.96 26.72
CA LEU H 424 -31.97 -34.26 27.89
C LEU H 424 -33.39 -34.71 28.23
N ASN H 425 -34.22 -34.96 27.22
CA ASN H 425 -35.55 -35.49 27.48
C ASN H 425 -35.47 -36.87 28.13
N GLU H 426 -34.57 -37.72 27.64
CA GLU H 426 -34.41 -39.04 28.23
C GLU H 426 -33.89 -38.95 29.66
N LEU H 427 -32.97 -38.01 29.93
CA LEU H 427 -32.53 -37.81 31.30
C LEU H 427 -33.67 -37.34 32.19
N ASP H 428 -34.52 -36.46 31.67
CA ASP H 428 -35.68 -36.00 32.44
C ASP H 428 -36.61 -37.15 32.77
N LEU H 429 -36.81 -38.06 31.82
CA LEU H 429 -37.74 -39.16 32.02
C LEU H 429 -37.10 -40.40 32.66
N ASP H 430 -35.79 -40.39 32.89
CA ASP H 430 -35.06 -41.58 33.35
C ASP H 430 -34.13 -41.23 34.51
N ARG H 431 -34.66 -40.56 35.53
CA ARG H 431 -33.82 -40.06 36.62
C ARG H 431 -33.59 -41.07 37.73
N GLU H 432 -34.39 -42.15 37.80
CA GLU H 432 -34.37 -42.99 39.00
C GLU H 432 -33.01 -43.63 39.23
N PHE H 433 -32.38 -44.15 38.17
CA PHE H 433 -31.10 -44.80 38.35
C PHE H 433 -30.02 -43.83 38.79
N LEU H 434 -30.23 -42.53 38.62
CA LEU H 434 -29.31 -41.52 39.13
C LEU H 434 -29.69 -41.07 40.53
N LYS H 435 -30.97 -41.09 40.87
CA LYS H 435 -31.43 -40.71 42.19
C LYS H 435 -31.32 -41.85 43.21
N ALA H 436 -30.94 -43.04 42.77
CA ALA H 436 -30.75 -44.13 43.72
C ALA H 436 -29.66 -43.77 44.72
N GLY H 437 -29.97 -43.90 46.00
CA GLY H 437 -28.99 -43.65 47.03
C GLY H 437 -28.69 -42.18 47.31
N GLY H 438 -29.47 -41.27 46.74
CA GLY H 438 -29.24 -39.86 46.97
C GLY H 438 -28.04 -39.29 46.25
N VAL H 439 -27.50 -40.00 45.26
CA VAL H 439 -26.34 -39.51 44.53
C VAL H 439 -26.71 -38.24 43.78
N PHE H 440 -27.66 -38.34 42.86
CA PHE H 440 -28.20 -37.19 42.15
C PHE H 440 -29.52 -36.77 42.81
N THR H 441 -29.75 -35.46 42.86
CA THR H 441 -30.97 -34.90 43.40
C THR H 441 -31.77 -34.27 42.26
N ASP H 442 -33.09 -34.33 42.39
CA ASP H 442 -33.97 -33.80 41.35
C ASP H 442 -33.62 -32.36 41.01
N GLU H 443 -33.31 -31.56 42.03
CA GLU H 443 -32.92 -30.17 41.80
C GLU H 443 -31.65 -30.10 40.95
N ALA H 444 -30.66 -30.93 41.25
CA ALA H 444 -29.43 -30.94 40.47
C ALA H 444 -29.68 -31.33 39.03
N ILE H 445 -30.50 -32.37 38.83
CA ILE H 445 -30.80 -32.81 37.48
C ILE H 445 -31.53 -31.72 36.70
N ASP H 446 -32.49 -31.06 37.34
CA ASP H 446 -33.22 -29.98 36.66
C ASP H 446 -32.29 -28.82 36.31
N ALA H 447 -31.40 -28.45 37.24
CA ALA H 447 -30.47 -27.37 36.96
C ALA H 447 -29.57 -27.72 35.79
N TYR H 448 -29.05 -28.95 35.76
CA TYR H 448 -28.22 -29.37 34.64
C TYR H 448 -28.99 -29.32 33.33
N ILE H 449 -30.23 -29.81 33.35
CA ILE H 449 -31.01 -29.87 32.12
C ILE H 449 -31.27 -28.47 31.59
N ALA H 450 -31.64 -27.53 32.46
CA ALA H 450 -31.88 -26.16 32.01
C ALA H 450 -30.60 -25.52 31.50
N LEU H 451 -29.48 -25.73 32.21
CA LEU H 451 -28.23 -25.12 31.81
C LEU H 451 -27.81 -25.61 30.42
N ARG H 452 -28.05 -26.88 30.12
CA ARG H 452 -27.74 -27.38 28.79
C ARG H 452 -28.77 -26.96 27.75
N ARG H 453 -30.04 -26.85 28.14
CA ARG H 453 -31.07 -26.44 27.20
C ARG H 453 -30.85 -25.01 26.73
N GLU H 454 -30.26 -24.15 27.55
CA GLU H 454 -29.94 -22.80 27.08
C GLU H 454 -29.01 -22.85 25.88
N GLU H 455 -27.92 -23.62 25.99
CA GLU H 455 -26.98 -23.75 24.89
C GLU H 455 -27.63 -24.40 23.67
N ASP H 456 -28.43 -25.44 23.92
CA ASP H 456 -29.14 -26.08 22.81
C ASP H 456 -30.03 -25.09 22.08
N ASP H 457 -30.72 -24.23 22.83
CA ASP H 457 -31.58 -23.23 22.21
C ASP H 457 -30.77 -22.25 21.38
N ARG H 458 -29.62 -21.81 21.89
CA ARG H 458 -28.77 -20.91 21.11
C ARG H 458 -28.41 -21.56 19.77
N VAL H 459 -27.94 -22.80 19.81
CA VAL H 459 -27.51 -23.45 18.58
C VAL H 459 -28.69 -23.73 17.66
N ARG H 460 -29.86 -23.98 18.24
CA ARG H 460 -31.05 -24.28 17.44
C ARG H 460 -31.60 -23.04 16.76
N MET H 461 -31.49 -21.87 17.39
CA MET H 461 -32.03 -20.64 16.85
C MET H 461 -31.03 -19.86 16.01
N THR H 462 -29.73 -20.20 16.03
CA THR H 462 -28.84 -19.42 15.16
C THR H 462 -28.76 -20.05 13.77
N PRO H 463 -28.97 -19.28 12.69
CA PRO H 463 -28.90 -19.84 11.34
C PRO H 463 -27.52 -20.39 11.00
N HIS H 464 -27.49 -21.27 9.99
CA HIS H 464 -26.29 -22.02 9.64
C HIS H 464 -25.75 -21.61 8.26
N PRO H 465 -24.44 -21.44 8.11
CA PRO H 465 -23.89 -21.22 6.77
C PRO H 465 -24.23 -22.31 5.78
N VAL H 466 -24.27 -23.56 6.23
CA VAL H 466 -24.73 -24.64 5.35
C VAL H 466 -26.19 -24.41 4.97
N GLU H 467 -26.99 -23.87 5.89
CA GLU H 467 -28.36 -23.54 5.53
C GLU H 467 -28.41 -22.49 4.44
N PHE H 468 -27.53 -21.48 4.50
CA PHE H 468 -27.48 -20.54 3.37
C PHE H 468 -27.07 -21.24 2.09
N GLU H 469 -26.02 -22.08 2.15
CA GLU H 469 -25.56 -22.76 0.95
C GLU H 469 -26.67 -23.59 0.33
N LEU H 470 -27.58 -24.11 1.14
CA LEU H 470 -28.61 -25.01 0.65
C LEU H 470 -29.88 -24.28 0.22
N TYR H 471 -30.26 -23.22 0.93
CA TYR H 471 -31.59 -22.64 0.79
C TYR H 471 -31.60 -21.18 0.36
N TYR H 472 -30.45 -20.55 0.09
CA TYR H 472 -30.48 -19.13 -0.24
C TYR H 472 -31.29 -18.89 -1.51
N SER H 473 -31.14 -19.74 -2.51
CA SER H 473 -31.84 -19.59 -3.78
C SER H 473 -33.20 -20.28 -3.79
N VAL H 474 -33.61 -20.90 -2.68
CA VAL H 474 -34.90 -21.57 -2.61
C VAL H 474 -35.57 -21.25 -1.29
N MET I 6 23.21 -56.60 20.61
CA MET I 6 22.46 -55.75 21.57
C MET I 6 21.14 -56.43 21.93
N SER I 7 20.80 -56.45 23.22
CA SER I 7 19.60 -57.13 23.67
C SER I 7 18.79 -56.27 24.62
N ALA I 8 17.78 -56.87 25.26
CA ALA I 8 16.92 -56.13 26.17
C ALA I 8 17.71 -55.60 27.35
N GLU I 9 18.65 -56.38 27.87
CA GLU I 9 19.47 -55.91 28.97
C GLU I 9 20.27 -54.68 28.57
N HIS I 10 20.83 -54.69 27.36
CA HIS I 10 21.57 -53.52 26.89
C HIS I 10 20.65 -52.32 26.68
N VAL I 11 19.41 -52.54 26.22
CA VAL I 11 18.49 -51.41 26.10
C VAL I 11 18.18 -50.82 27.47
N LEU I 12 17.91 -51.68 28.46
CA LEU I 12 17.63 -51.19 29.81
C LEU I 12 18.84 -50.48 30.39
N THR I 13 20.05 -50.90 30.03
CA THR I 13 21.24 -50.18 30.46
C THR I 13 21.34 -48.82 29.78
N MET I 14 21.06 -48.77 28.48
CA MET I 14 21.08 -47.50 27.76
C MET I 14 20.12 -46.50 28.38
N LEU I 15 18.96 -46.99 28.83
CA LEU I 15 17.97 -46.08 29.40
C LEU I 15 18.55 -45.28 30.56
N ASN I 16 19.32 -45.94 31.44
CA ASN I 16 19.98 -45.21 32.52
C ASN I 16 21.21 -44.46 32.04
N GLU I 17 21.94 -45.01 31.07
CA GLU I 17 23.18 -44.38 30.63
C GLU I 17 22.93 -43.02 30.00
N HIS I 18 21.88 -42.91 29.18
CA HIS I 18 21.57 -41.67 28.49
C HIS I 18 20.45 -40.87 29.16
N GLU I 19 19.99 -41.30 30.33
CA GLU I 19 18.89 -40.63 31.04
C GLU I 19 17.68 -40.49 30.13
N VAL I 20 17.34 -41.59 29.47
CA VAL I 20 16.27 -41.57 28.48
C VAL I 20 14.94 -41.31 29.17
N LYS I 21 14.18 -40.36 28.64
CA LYS I 21 12.84 -40.07 29.13
C LYS I 21 11.74 -40.78 28.36
N PHE I 22 11.96 -41.07 27.08
CA PHE I 22 10.93 -41.64 26.22
C PHE I 22 11.54 -42.70 25.32
N VAL I 23 10.69 -43.61 24.86
CA VAL I 23 11.07 -44.64 23.91
C VAL I 23 10.05 -44.60 22.78
N ASP I 24 10.53 -44.43 21.55
CA ASP I 24 9.68 -44.24 20.39
C ASP I 24 9.69 -45.52 19.57
N LEU I 25 8.57 -46.24 19.59
CA LEU I 25 8.43 -47.48 18.84
C LEU I 25 8.06 -47.16 17.40
N ARG I 26 8.85 -47.65 16.45
CA ARG I 26 8.71 -47.30 15.04
C ARG I 26 8.47 -48.55 14.20
N PHE I 27 7.65 -48.39 13.17
CA PHE I 27 7.36 -49.45 12.24
C PHE I 27 7.00 -48.83 10.89
N THR I 28 6.96 -49.66 9.86
CA THR I 28 6.71 -49.20 8.50
C THR I 28 5.40 -49.76 7.98
N ASP I 29 4.59 -48.90 7.37
CA ASP I 29 3.33 -49.32 6.77
C ASP I 29 3.58 -49.82 5.34
N THR I 30 2.49 -50.20 4.66
CA THR I 30 2.63 -50.75 3.32
C THR I 30 3.24 -49.73 2.36
N LYS I 31 2.81 -48.48 2.43
CA LYS I 31 3.32 -47.46 1.53
C LYS I 31 4.80 -47.18 1.77
N GLY I 32 5.31 -47.46 2.96
CA GLY I 32 6.71 -47.25 3.27
C GLY I 32 6.99 -46.08 4.20
N LYS I 33 5.97 -45.55 4.88
CA LYS I 33 6.14 -44.41 5.77
C LYS I 33 6.29 -44.89 7.20
N GLU I 34 7.24 -44.29 7.91
CA GLU I 34 7.47 -44.66 9.31
C GLU I 34 6.32 -44.13 10.18
N GLN I 35 5.80 -45.01 11.03
CA GLN I 35 4.78 -44.69 12.01
C GLN I 35 5.39 -44.92 13.39
N HIS I 36 5.25 -43.95 14.29
CA HIS I 36 5.89 -44.01 15.59
C HIS I 36 4.88 -43.75 16.70
N VAL I 37 4.98 -44.52 17.77
CA VAL I 37 4.21 -44.31 18.99
C VAL I 37 5.19 -44.23 20.15
N THR I 38 5.05 -43.21 20.99
CA THR I 38 6.00 -42.95 22.06
C THR I 38 5.43 -43.39 23.40
N ILE I 39 6.28 -44.00 24.22
CA ILE I 39 5.90 -44.39 25.58
C ILE I 39 6.97 -43.88 26.55
N PRO I 40 6.62 -43.52 27.78
CA PRO I 40 7.66 -43.09 28.73
C PRO I 40 8.62 -44.22 29.05
N ALA I 41 9.85 -43.84 29.39
CA ALA I 41 10.90 -44.83 29.60
C ALA I 41 10.52 -45.82 30.71
N HIS I 42 9.84 -45.34 31.75
CA HIS I 42 9.48 -46.22 32.86
C HIS I 42 8.48 -47.29 32.47
N GLN I 43 7.88 -47.19 31.29
CA GLN I 43 7.00 -48.24 30.80
C GLN I 43 7.76 -49.37 30.12
N VAL I 44 9.07 -49.25 29.98
CA VAL I 44 9.89 -50.24 29.29
C VAL I 44 10.57 -51.10 30.34
N ASN I 45 10.26 -52.40 30.34
CA ASN I 45 10.81 -53.34 31.30
C ASN I 45 11.04 -54.66 30.57
N ALA I 46 11.39 -55.70 31.35
CA ALA I 46 11.64 -57.00 30.73
C ALA I 46 10.37 -57.55 30.08
N GLU I 47 9.22 -57.41 30.74
CA GLU I 47 7.98 -57.90 30.17
C GLU I 47 7.63 -57.17 28.88
N PHE I 48 8.13 -55.95 28.70
CA PHE I 48 7.84 -55.19 27.50
C PHE I 48 8.42 -55.86 26.27
N PHE I 49 9.62 -56.42 26.38
CA PHE I 49 10.29 -57.04 25.26
C PHE I 49 9.79 -58.44 24.97
N GLU I 50 8.97 -59.02 25.86
CA GLU I 50 8.37 -60.33 25.63
C GLU I 50 6.92 -60.26 25.21
N GLU I 51 6.19 -59.21 25.62
CA GLU I 51 4.77 -59.10 25.29
C GLU I 51 4.44 -57.98 24.33
N GLY I 52 5.34 -57.04 24.08
CA GLY I 52 5.06 -55.98 23.15
C GLY I 52 4.02 -55.00 23.69
N LYS I 53 3.51 -54.19 22.78
CA LYS I 53 2.50 -53.19 23.09
C LYS I 53 1.34 -53.33 22.11
N MET I 54 0.13 -53.48 22.64
CA MET I 54 -1.06 -53.53 21.80
C MET I 54 -1.34 -52.16 21.19
N PHE I 55 -1.71 -52.14 19.92
CA PHE I 55 -2.12 -50.90 19.26
C PHE I 55 -3.17 -51.23 18.22
N ASP I 56 -3.97 -50.22 17.89
CA ASP I 56 -5.05 -50.38 16.92
C ASP I 56 -4.54 -49.98 15.55
N GLY I 57 -4.35 -50.96 14.68
CA GLY I 57 -3.86 -50.73 13.33
C GLY I 57 -4.93 -50.54 12.28
N SER I 58 -6.20 -50.49 12.67
CA SER I 58 -7.27 -50.36 11.68
C SER I 58 -7.15 -49.07 10.89
N SER I 59 -6.61 -48.02 11.49
CA SER I 59 -6.47 -46.73 10.83
C SER I 59 -5.20 -46.64 10.00
N ILE I 60 -4.35 -47.66 10.01
CA ILE I 60 -3.21 -47.69 9.10
C ILE I 60 -3.69 -47.99 7.69
N GLY I 61 -2.89 -47.56 6.71
CA GLY I 61 -3.33 -47.54 5.32
C GLY I 61 -4.01 -48.81 4.83
N GLY I 62 -3.25 -49.90 4.72
CA GLY I 62 -3.78 -51.11 4.11
C GLY I 62 -4.00 -52.23 5.09
N TRP I 63 -4.16 -51.90 6.37
CA TRP I 63 -4.28 -52.90 7.43
C TRP I 63 -5.71 -53.02 7.96
N LYS I 64 -6.68 -52.40 7.30
CA LYS I 64 -8.06 -52.49 7.76
C LYS I 64 -8.54 -53.93 7.75
N GLY I 65 -9.18 -54.35 8.84
CA GLY I 65 -9.68 -55.71 8.95
C GLY I 65 -11.02 -55.90 8.27
N ASP I 70 -6.07 -54.50 16.24
CA ASP I 70 -5.68 -55.17 17.48
C ASP I 70 -4.43 -56.04 17.26
N MET I 71 -3.29 -55.38 17.09
CA MET I 71 -2.03 -56.06 16.82
C MET I 71 -0.99 -55.64 17.84
N VAL I 72 0.14 -56.34 17.83
CA VAL I 72 1.19 -56.19 18.84
C VAL I 72 2.39 -55.51 18.20
N LEU I 73 2.92 -54.50 18.88
CA LEU I 73 4.22 -53.94 18.54
C LEU I 73 5.29 -54.68 19.33
N MET I 74 6.15 -55.41 18.63
CA MET I 74 7.20 -56.18 19.28
C MET I 74 8.54 -55.49 19.07
N PRO I 75 9.15 -54.89 20.09
CA PRO I 75 10.42 -54.21 19.87
C PRO I 75 11.52 -55.17 19.46
N ASP I 76 12.41 -54.68 18.59
CA ASP I 76 13.62 -55.39 18.20
C ASP I 76 14.78 -54.63 18.84
N ALA I 77 15.25 -55.13 19.98
CA ALA I 77 16.25 -54.40 20.76
C ALA I 77 17.51 -54.11 19.95
N SER I 78 17.84 -54.96 18.98
CA SER I 78 19.05 -54.75 18.20
C SER I 78 18.99 -53.47 17.38
N THR I 79 17.81 -52.88 17.23
CA THR I 79 17.64 -51.65 16.50
C THR I 79 17.66 -50.41 17.39
N ALA I 80 17.90 -50.57 18.69
CA ALA I 80 17.82 -49.44 19.59
C ALA I 80 18.83 -48.37 19.21
N VAL I 81 18.38 -47.12 19.19
CA VAL I 81 19.23 -45.99 18.82
C VAL I 81 18.61 -44.72 19.38
N ILE I 82 19.46 -43.79 19.80
CA ILE I 82 19.00 -42.55 20.42
C ILE I 82 18.59 -41.56 19.33
N ASP I 83 17.43 -40.95 19.50
CA ASP I 83 16.94 -39.96 18.55
C ASP I 83 17.77 -38.68 18.66
N PRO I 84 18.35 -38.18 17.58
CA PRO I 84 19.17 -36.97 17.66
C PRO I 84 18.42 -35.66 17.49
N PHE I 85 17.10 -35.70 17.35
CA PHE I 85 16.32 -34.52 17.03
C PHE I 85 15.33 -34.11 18.12
N PHE I 86 14.79 -35.05 18.87
CA PHE I 86 13.78 -34.72 19.86
C PHE I 86 14.40 -33.94 21.02
N ALA I 87 13.65 -32.96 21.53
CA ALA I 87 14.16 -32.15 22.63
C ALA I 87 14.39 -32.99 23.88
N ASP I 88 13.48 -33.91 24.18
CA ASP I 88 13.63 -34.80 25.32
C ASP I 88 14.37 -36.06 24.90
N SER I 89 15.25 -36.55 25.78
CA SER I 89 16.05 -37.72 25.47
C SER I 89 15.14 -38.90 25.13
N THR I 90 15.17 -39.33 23.88
CA THR I 90 14.29 -40.38 23.38
C THR I 90 15.14 -41.49 22.75
N LEU I 91 14.65 -42.71 22.89
CA LEU I 91 15.30 -43.89 22.34
C LEU I 91 14.39 -44.51 21.29
N ILE I 92 14.93 -44.71 20.10
CA ILE I 92 14.16 -45.28 18.98
C ILE I 92 14.39 -46.78 18.96
N ILE I 93 13.29 -47.54 19.02
CA ILE I 93 13.32 -48.98 18.85
C ILE I 93 12.40 -49.34 17.70
N ARG I 94 12.94 -50.07 16.71
CA ARG I 94 12.13 -50.55 15.60
C ARG I 94 11.37 -51.80 16.01
N CYS I 95 10.13 -51.90 15.58
CA CYS I 95 9.23 -52.96 16.02
C CYS I 95 8.61 -53.66 14.83
N ASP I 96 8.37 -54.96 15.00
CA ASP I 96 7.58 -55.74 14.06
C ASP I 96 6.13 -55.77 14.54
N ILE I 97 5.23 -56.02 13.59
CA ILE I 97 3.80 -56.13 13.88
C ILE I 97 3.44 -57.60 13.89
N LEU I 98 3.00 -58.09 15.04
CA LEU I 98 2.67 -59.51 15.22
C LEU I 98 1.20 -59.66 15.52
N GLU I 99 0.65 -60.81 15.10
CA GLU I 99 -0.73 -61.12 15.44
C GLU I 99 -0.85 -61.34 16.94
N PRO I 100 -1.90 -60.82 17.59
CA PRO I 100 -1.94 -60.85 19.06
C PRO I 100 -1.87 -62.24 19.64
N GLY I 101 -2.51 -63.22 19.01
CA GLY I 101 -2.59 -64.55 19.58
C GLY I 101 -1.33 -65.38 19.41
N THR I 102 -0.97 -65.69 18.16
CA THR I 102 0.16 -66.54 17.87
C THR I 102 1.49 -65.81 17.95
N LEU I 103 1.49 -64.49 18.03
CA LEU I 103 2.72 -63.70 18.05
C LEU I 103 3.57 -63.97 16.83
N GLN I 104 2.93 -64.25 15.69
CA GLN I 104 3.60 -64.42 14.42
C GLN I 104 3.49 -63.15 13.60
N GLY I 105 4.42 -62.97 12.67
CA GLY I 105 4.46 -61.76 11.89
C GLY I 105 3.17 -61.54 11.12
N TYR I 106 2.67 -60.31 11.17
CA TYR I 106 1.50 -59.94 10.40
C TYR I 106 1.80 -60.09 8.91
N ASP I 107 0.83 -60.65 8.18
CA ASP I 107 1.07 -60.94 6.77
C ASP I 107 1.32 -59.70 5.96
N ARG I 108 0.80 -58.55 6.40
CA ARG I 108 0.92 -57.29 5.68
C ARG I 108 1.99 -56.37 6.26
N ASP I 109 2.80 -56.85 7.19
CA ASP I 109 3.89 -56.04 7.73
C ASP I 109 5.10 -56.12 6.81
N PRO I 110 5.55 -55.01 6.22
CA PRO I 110 6.70 -55.09 5.31
C PRO I 110 7.95 -55.66 5.96
N ARG I 111 8.23 -55.31 7.21
CA ARG I 111 9.42 -55.85 7.86
C ARG I 111 9.30 -57.35 8.04
N SER I 112 8.10 -57.84 8.40
CA SER I 112 7.90 -59.27 8.50
C SER I 112 8.07 -59.94 7.14
N ILE I 113 7.58 -59.30 6.08
CA ILE I 113 7.73 -59.87 4.74
C ILE I 113 9.20 -59.98 4.38
N ALA I 114 9.99 -58.94 4.68
CA ALA I 114 11.42 -58.99 4.39
C ALA I 114 12.12 -60.07 5.20
N LYS I 115 11.77 -60.21 6.48
CA LYS I 115 12.36 -61.24 7.30
C LYS I 115 12.02 -62.63 6.75
N ARG I 116 10.78 -62.82 6.31
CA ARG I 116 10.39 -64.10 5.73
C ARG I 116 11.11 -64.35 4.41
N ALA I 117 11.37 -63.30 3.63
CA ALA I 117 12.15 -63.46 2.41
C ALA I 117 13.56 -63.94 2.72
N GLU I 118 14.20 -63.34 3.72
CA GLU I 118 15.52 -63.79 4.14
C GLU I 118 15.48 -65.24 4.61
N ASP I 119 14.45 -65.59 5.40
CA ASP I 119 14.34 -66.96 5.89
C ASP I 119 14.15 -67.94 4.74
N TYR I 120 13.36 -67.58 3.74
CA TYR I 120 13.20 -68.43 2.57
C TYR I 120 14.51 -68.58 1.81
N LEU I 121 15.27 -67.50 1.69
CA LEU I 121 16.59 -67.59 1.06
C LEU I 121 17.45 -68.59 1.80
N ARG I 122 17.45 -68.54 3.13
CA ARG I 122 18.24 -69.50 3.90
C ARG I 122 17.72 -70.92 3.70
N SER I 123 16.41 -71.09 3.68
CA SER I 123 15.83 -72.43 3.61
C SER I 123 16.13 -73.10 2.27
N THR I 124 16.03 -72.35 1.17
CA THR I 124 16.27 -72.95 -0.14
C THR I 124 17.69 -73.49 -0.28
N GLY I 125 18.61 -73.04 0.55
CA GLY I 125 19.98 -73.49 0.48
C GLY I 125 20.83 -72.81 -0.58
N ILE I 126 20.28 -71.82 -1.29
CA ILE I 126 21.04 -71.13 -2.32
C ILE I 126 22.15 -70.29 -1.70
N ALA I 127 21.83 -69.58 -0.62
CA ALA I 127 22.81 -68.72 0.04
C ALA I 127 22.38 -68.50 1.48
N ASP I 128 23.31 -67.98 2.27
CA ASP I 128 23.05 -67.67 3.67
C ASP I 128 22.62 -66.23 3.88
N THR I 129 23.25 -65.30 3.17
CA THR I 129 22.99 -63.88 3.33
C THR I 129 22.83 -63.22 1.97
N VAL I 130 22.05 -62.15 1.94
CA VAL I 130 21.87 -61.31 0.76
C VAL I 130 22.28 -59.90 1.14
N LEU I 131 23.15 -59.30 0.32
CA LEU I 131 23.69 -57.98 0.56
C LEU I 131 23.04 -56.99 -0.41
N PHE I 132 22.59 -55.86 0.13
CA PHE I 132 21.90 -54.83 -0.63
C PHE I 132 22.63 -53.51 -0.41
N GLY I 133 23.08 -52.90 -1.50
CA GLY I 133 23.47 -51.51 -1.48
C GLY I 133 22.53 -50.64 -2.29
N PRO I 134 21.62 -49.93 -1.61
CA PRO I 134 20.83 -48.91 -2.30
C PRO I 134 21.50 -47.55 -2.26
N GLU I 135 21.22 -46.77 -3.30
CA GLU I 135 21.82 -45.45 -3.49
C GLU I 135 20.73 -44.41 -3.72
N PRO I 136 19.91 -44.13 -2.72
CA PRO I 136 18.85 -43.14 -2.89
C PRO I 136 19.39 -41.74 -3.07
N GLU I 137 18.63 -40.93 -3.80
CA GLU I 137 18.89 -39.51 -3.98
C GLU I 137 17.67 -38.74 -3.48
N PHE I 138 17.83 -37.43 -3.30
CA PHE I 138 16.74 -36.63 -2.80
C PHE I 138 16.89 -35.20 -3.30
N PHE I 139 15.81 -34.43 -3.17
CA PHE I 139 15.80 -33.02 -3.53
C PHE I 139 15.61 -32.19 -2.26
N LEU I 140 16.33 -31.07 -2.21
CA LEU I 140 16.21 -30.09 -1.13
C LEU I 140 15.61 -28.81 -1.71
N PHE I 141 14.53 -28.33 -1.10
CA PHE I 141 13.84 -27.15 -1.58
C PHE I 141 13.68 -26.17 -0.44
N ASP I 142 13.52 -24.90 -0.78
CA ASP I 142 13.21 -23.89 0.22
C ASP I 142 11.71 -23.73 0.45
N ASP I 143 10.91 -23.91 -0.60
CA ASP I 143 9.47 -23.77 -0.50
C ASP I 143 8.80 -24.71 -1.50
N ILE I 144 7.74 -25.36 -1.05
CA ILE I 144 6.91 -26.20 -1.89
C ILE I 144 5.46 -25.85 -1.60
N ARG I 145 4.70 -25.53 -2.64
CA ARG I 145 3.27 -25.26 -2.49
C ARG I 145 2.51 -26.09 -3.52
N PHE I 146 1.50 -26.81 -3.08
CA PHE I 146 0.70 -27.57 -4.02
C PHE I 146 -0.72 -27.69 -3.48
N GLY I 147 -1.65 -27.83 -4.40
CA GLY I 147 -3.06 -27.90 -4.03
C GLY I 147 -3.91 -28.27 -5.22
N SER I 148 -5.13 -28.71 -4.92
CA SER I 148 -6.10 -29.06 -5.95
C SER I 148 -7.49 -28.78 -5.42
N SER I 149 -8.41 -28.46 -6.33
CA SER I 149 -9.79 -28.22 -5.99
C SER I 149 -10.62 -28.36 -7.26
N ILE I 150 -11.90 -28.00 -7.18
CA ILE I 150 -12.74 -28.02 -8.37
C ILE I 150 -12.29 -26.95 -9.36
N SER I 151 -11.77 -25.83 -8.87
CA SER I 151 -11.42 -24.70 -9.72
C SER I 151 -10.07 -24.87 -10.42
N GLY I 152 -9.27 -25.83 -10.03
CA GLY I 152 -7.98 -26.03 -10.65
C GLY I 152 -7.03 -26.76 -9.72
N SER I 153 -5.75 -26.71 -10.10
CA SER I 153 -4.70 -27.39 -9.34
C SER I 153 -3.37 -26.74 -9.64
N HIS I 154 -2.48 -26.73 -8.66
CA HIS I 154 -1.18 -26.09 -8.85
C HIS I 154 -0.11 -26.79 -8.03
N VAL I 155 1.11 -26.71 -8.55
CA VAL I 155 2.34 -27.03 -7.84
C VAL I 155 3.38 -25.97 -8.19
N ALA I 156 4.12 -25.51 -7.17
CA ALA I 156 5.14 -24.49 -7.31
C ALA I 156 6.29 -24.85 -6.39
N ILE I 157 7.45 -25.12 -7.00
CA ILE I 157 8.69 -25.45 -6.29
C ILE I 157 9.58 -24.23 -6.34
N ASP I 158 10.17 -23.87 -5.20
CA ASP I 158 11.13 -22.78 -5.13
C ASP I 158 12.34 -23.21 -4.31
N ASP I 159 13.52 -23.01 -4.86
CA ASP I 159 14.76 -23.21 -4.13
C ASP I 159 15.76 -22.14 -4.55
N ILE I 160 16.63 -21.76 -3.62
CA ILE I 160 17.62 -20.73 -3.91
C ILE I 160 18.59 -21.21 -4.98
N GLU I 161 18.84 -22.51 -5.06
CA GLU I 161 19.72 -23.05 -6.09
C GLU I 161 19.05 -23.19 -7.45
N GLY I 162 17.73 -23.06 -7.53
CA GLY I 162 17.04 -23.18 -8.79
C GLY I 162 17.51 -22.18 -9.82
N ALA I 163 17.82 -22.66 -11.03
CA ALA I 163 18.32 -21.78 -12.07
C ALA I 163 17.32 -20.67 -12.38
N TRP I 164 16.03 -20.97 -12.26
CA TRP I 164 15.00 -19.98 -12.56
C TRP I 164 15.06 -18.79 -11.61
N ASN I 165 15.77 -18.91 -10.49
CA ASN I 165 15.96 -17.79 -9.57
C ASN I 165 17.12 -16.90 -9.97
N SER I 166 17.67 -17.07 -11.16
CA SER I 166 18.72 -16.16 -11.61
C SER I 166 18.21 -14.74 -11.77
N SER I 167 16.90 -14.55 -11.92
CA SER I 167 16.29 -13.24 -12.06
C SER I 167 15.54 -12.78 -10.81
N THR I 168 15.40 -13.63 -9.81
CA THR I 168 14.62 -13.28 -8.63
C THR I 168 15.30 -12.18 -7.84
N GLN I 169 14.50 -11.30 -7.25
CA GLN I 169 15.00 -10.27 -6.35
C GLN I 169 14.94 -10.77 -4.92
N TYR I 170 16.07 -10.75 -4.24
CA TYR I 170 16.17 -11.19 -2.86
C TYR I 170 16.54 -10.03 -1.96
N GLU I 171 16.03 -10.06 -0.73
CA GLU I 171 16.46 -9.11 0.28
C GLU I 171 17.92 -9.38 0.62
N GLY I 172 18.72 -8.32 0.61
CA GLY I 172 20.15 -8.46 0.75
C GLY I 172 20.90 -8.72 -0.53
N GLY I 173 20.20 -8.84 -1.65
CA GLY I 173 20.84 -9.03 -2.94
C GLY I 173 20.79 -10.48 -3.40
N ASN I 174 20.82 -10.65 -4.72
CA ASN I 174 20.83 -11.96 -5.35
C ASN I 174 22.27 -12.32 -5.70
N LYS I 175 22.77 -13.40 -5.11
CA LYS I 175 24.08 -13.94 -5.46
C LYS I 175 23.89 -14.97 -6.56
N GLY I 176 24.53 -14.74 -7.70
CA GLY I 176 24.16 -15.42 -8.93
C GLY I 176 24.81 -16.76 -9.16
N HIS I 177 25.41 -17.35 -8.12
CA HIS I 177 26.08 -18.63 -8.25
C HIS I 177 25.05 -19.74 -8.00
N ARG I 178 24.49 -20.28 -9.07
CA ARG I 178 23.50 -21.33 -9.02
C ARG I 178 23.88 -22.43 -9.99
N PRO I 179 23.53 -23.68 -9.69
CA PRO I 179 23.68 -24.74 -10.70
C PRO I 179 22.79 -24.47 -11.90
N ALA I 180 23.29 -24.79 -13.08
CA ALA I 180 22.46 -24.76 -14.27
C ALA I 180 21.62 -26.03 -14.34
N VAL I 181 20.64 -26.03 -15.24
CA VAL I 181 19.82 -27.21 -15.42
C VAL I 181 20.70 -28.35 -15.87
N LYS I 182 20.66 -29.47 -15.13
CA LYS I 182 21.51 -30.62 -15.41
C LYS I 182 22.99 -30.25 -15.30
N GLY I 183 23.31 -29.37 -14.35
CA GLY I 183 24.68 -28.93 -14.17
C GLY I 183 25.10 -28.82 -12.72
N GLY I 184 24.49 -29.63 -11.86
CA GLY I 184 24.79 -29.62 -10.45
C GLY I 184 25.69 -30.75 -10.01
N TYR I 185 26.39 -31.38 -10.95
CA TYR I 185 27.21 -32.56 -10.69
C TYR I 185 28.62 -32.29 -11.18
N PHE I 186 29.50 -31.77 -10.31
CA PHE I 186 29.22 -31.32 -8.95
C PHE I 186 30.18 -30.19 -8.56
N PRO I 187 29.88 -28.96 -8.99
CA PRO I 187 30.80 -27.85 -8.74
C PRO I 187 30.88 -27.48 -7.27
N VAL I 188 31.98 -26.82 -6.92
CA VAL I 188 32.27 -26.45 -5.54
C VAL I 188 31.41 -25.27 -5.12
N PRO I 189 31.30 -24.97 -3.83
CA PRO I 189 30.56 -23.79 -3.39
C PRO I 189 31.20 -22.53 -3.93
N PRO I 190 30.47 -21.42 -3.99
CA PRO I 190 29.10 -21.23 -3.51
C PRO I 190 28.03 -21.71 -4.49
N VAL I 191 28.42 -22.30 -5.63
CA VAL I 191 27.44 -22.89 -6.52
C VAL I 191 26.71 -24.03 -5.82
N ASP I 192 27.46 -24.87 -5.11
CA ASP I 192 26.89 -25.92 -4.28
C ASP I 192 26.64 -25.33 -2.89
N SER I 193 25.38 -25.20 -2.52
CA SER I 193 24.99 -24.55 -1.27
C SER I 193 24.55 -25.54 -0.20
N ALA I 194 24.79 -26.84 -0.40
CA ALA I 194 24.33 -27.86 0.52
C ALA I 194 25.47 -28.66 1.14
N GLN I 195 26.69 -28.12 1.11
CA GLN I 195 27.82 -28.84 1.69
C GLN I 195 27.63 -29.04 3.19
N ASP I 196 27.29 -27.98 3.92
CA ASP I 196 27.10 -28.10 5.36
C ASP I 196 25.92 -29.00 5.68
N ILE I 197 24.84 -28.88 4.91
CA ILE I 197 23.65 -29.70 5.15
C ILE I 197 23.99 -31.18 4.97
N ARG I 198 24.71 -31.50 3.89
CA ARG I 198 25.07 -32.89 3.64
C ARG I 198 26.04 -33.41 4.71
N SER I 199 26.99 -32.58 5.14
CA SER I 199 27.90 -33.00 6.18
C SER I 199 27.16 -33.28 7.48
N GLU I 200 26.21 -32.42 7.85
CA GLU I 200 25.40 -32.67 9.04
C GLU I 200 24.59 -33.94 8.89
N MET I 201 24.02 -34.18 7.70
CA MET I 201 23.29 -35.42 7.48
C MET I 201 24.19 -36.62 7.68
N CYS I 202 25.41 -36.57 7.14
CA CYS I 202 26.33 -37.69 7.28
C CYS I 202 26.70 -37.93 8.75
N LEU I 203 26.99 -36.86 9.47
CA LEU I 203 27.36 -37.01 10.88
C LEU I 203 26.20 -37.60 11.70
N VAL I 204 24.98 -37.10 11.46
CA VAL I 204 23.82 -37.62 12.19
C VAL I 204 23.58 -39.08 11.82
N MET I 205 23.72 -39.41 10.54
CA MET I 205 23.54 -40.80 10.11
C MET I 205 24.54 -41.70 10.81
N GLU I 206 25.81 -41.28 10.89
CA GLU I 206 26.81 -42.07 11.60
C GLU I 206 26.45 -42.18 13.08
N GLN I 207 25.89 -41.13 13.66
CA GLN I 207 25.39 -41.23 15.03
C GLN I 207 24.32 -42.30 15.16
N MET I 208 23.43 -42.39 14.17
CA MET I 208 22.31 -43.32 14.21
C MET I 208 22.65 -44.70 13.68
N GLY I 209 23.94 -44.99 13.47
CA GLY I 209 24.37 -46.34 13.16
C GLY I 209 24.64 -46.64 11.71
N LEU I 210 24.61 -45.66 10.83
CA LEU I 210 24.90 -45.89 9.42
C LEU I 210 26.38 -45.64 9.15
N VAL I 211 26.89 -46.34 8.14
CA VAL I 211 28.26 -46.15 7.67
C VAL I 211 28.17 -45.38 6.36
N VAL I 212 28.69 -44.17 6.36
CA VAL I 212 28.62 -43.30 5.19
C VAL I 212 29.89 -43.47 4.37
N GLU I 213 29.73 -43.42 3.05
CA GLU I 213 30.85 -43.57 2.11
C GLU I 213 31.19 -42.27 1.41
N ALA I 214 30.20 -41.45 1.08
CA ALA I 214 30.44 -40.19 0.38
C ALA I 214 29.14 -39.41 0.38
N HIS I 215 29.22 -38.13 0.02
CA HIS I 215 28.03 -37.32 -0.20
C HIS I 215 28.36 -36.25 -1.22
N HIS I 216 27.40 -35.95 -2.10
CA HIS I 216 27.66 -34.96 -3.12
C HIS I 216 26.35 -34.42 -3.69
N HIS I 217 26.50 -33.33 -4.45
CA HIS I 217 25.44 -32.75 -5.23
C HIS I 217 25.19 -33.58 -6.48
N GLU I 218 23.94 -33.62 -6.92
CA GLU I 218 23.52 -34.44 -8.05
C GLU I 218 23.24 -33.56 -9.26
N VAL I 219 22.84 -34.21 -10.35
CA VAL I 219 22.78 -33.54 -11.65
C VAL I 219 21.78 -32.39 -11.63
N ALA I 220 20.62 -32.59 -11.02
CA ALA I 220 19.55 -31.62 -11.11
C ALA I 220 19.96 -30.32 -10.40
N THR I 221 19.19 -29.26 -10.69
CA THR I 221 19.57 -27.91 -10.29
C THR I 221 19.00 -27.52 -8.93
N ALA I 222 17.75 -27.88 -8.64
CA ALA I 222 17.06 -27.42 -7.43
C ALA I 222 17.46 -28.27 -6.22
N GLY I 223 18.76 -28.28 -5.94
CA GLY I 223 19.26 -28.91 -4.74
C GLY I 223 19.09 -30.42 -4.68
N GLN I 224 19.39 -31.11 -5.77
CA GLN I 224 19.43 -32.56 -5.73
C GLN I 224 20.75 -33.03 -5.14
N ASN I 225 20.66 -33.93 -4.16
CA ASN I 225 21.82 -34.38 -3.42
C ASN I 225 21.69 -35.87 -3.15
N GLU I 226 22.83 -36.52 -2.95
CA GLU I 226 22.82 -37.90 -2.49
C GLU I 226 23.93 -38.15 -1.49
N VAL I 227 23.60 -38.90 -0.44
CA VAL I 227 24.54 -39.40 0.55
C VAL I 227 24.58 -40.91 0.39
N ALA I 228 25.76 -41.44 0.07
CA ALA I 228 25.93 -42.88 -0.13
C ALA I 228 26.26 -43.55 1.19
N THR I 229 25.62 -44.69 1.44
CA THR I 229 25.83 -45.46 2.65
C THR I 229 26.30 -46.86 2.28
N ARG I 230 26.99 -47.49 3.22
CA ARG I 230 27.55 -48.81 2.97
C ARG I 230 26.43 -49.85 2.87
N PHE I 231 26.67 -50.86 2.03
CA PHE I 231 25.71 -51.93 1.86
C PHE I 231 25.50 -52.67 3.18
N ASN I 232 24.47 -53.53 3.21
CA ASN I 232 24.19 -54.30 4.41
C ASN I 232 23.19 -55.40 4.04
N THR I 233 22.91 -56.26 5.00
CA THR I 233 21.93 -57.31 4.75
C THR I 233 20.56 -56.69 4.49
N MET I 234 19.64 -57.50 3.98
CA MET I 234 18.41 -56.96 3.40
C MET I 234 17.59 -56.19 4.43
N THR I 235 17.15 -56.87 5.49
CA THR I 235 16.31 -56.21 6.49
C THR I 235 17.08 -55.10 7.19
N LYS I 236 18.35 -55.34 7.50
CA LYS I 236 19.16 -54.30 8.12
C LYS I 236 19.25 -53.08 7.22
N LYS I 237 19.46 -53.30 5.92
CA LYS I 237 19.60 -52.16 5.03
C LYS I 237 18.26 -51.46 4.79
N ALA I 238 17.15 -52.19 4.89
CA ALA I 238 15.84 -51.53 4.83
C ALA I 238 15.63 -50.62 6.03
N ASP I 239 15.97 -51.11 7.23
CA ASP I 239 15.92 -50.26 8.41
C ASP I 239 16.86 -49.06 8.24
N GLU I 240 18.02 -49.30 7.64
CA GLU I 240 18.97 -48.22 7.42
C GLU I 240 18.41 -47.18 6.45
N ILE I 241 17.67 -47.62 5.43
CA ILE I 241 17.05 -46.69 4.50
C ILE I 241 15.97 -45.88 5.20
N GLN I 242 15.21 -46.51 6.09
CA GLN I 242 14.22 -45.76 6.85
C GLN I 242 14.90 -44.70 7.72
N ILE I 243 15.98 -45.08 8.40
CA ILE I 243 16.73 -44.11 9.20
C ILE I 243 17.31 -43.02 8.30
N TYR I 244 17.74 -43.39 7.10
CA TYR I 244 18.30 -42.43 6.16
C TYR I 244 17.26 -41.38 5.79
N LYS I 245 16.06 -41.82 5.43
CA LYS I 245 15.01 -40.89 5.06
C LYS I 245 14.62 -40.01 6.25
N TYR I 246 14.52 -40.60 7.43
CA TYR I 246 14.20 -39.83 8.63
C TYR I 246 15.24 -38.75 8.86
N VAL I 247 16.53 -39.11 8.80
CA VAL I 247 17.60 -38.15 9.06
C VAL I 247 17.59 -37.04 8.03
N VAL I 248 17.43 -37.40 6.75
CA VAL I 248 17.42 -36.38 5.71
C VAL I 248 16.28 -35.40 5.94
N HIS I 249 15.07 -35.92 6.17
CA HIS I 249 13.93 -35.04 6.36
C HIS I 249 14.15 -34.12 7.54
N ASN I 250 14.60 -34.66 8.67
CA ASN I 250 14.69 -33.86 9.89
C ASN I 250 15.82 -32.84 9.80
N VAL I 251 16.96 -33.22 9.22
CA VAL I 251 18.05 -32.26 9.06
C VAL I 251 17.65 -31.14 8.12
N ALA I 252 16.99 -31.48 7.01
CA ALA I 252 16.52 -30.44 6.09
C ALA I 252 15.54 -29.51 6.79
N HIS I 253 14.64 -30.07 7.60
CA HIS I 253 13.72 -29.23 8.36
C HIS I 253 14.46 -28.31 9.31
N ARG I 254 15.48 -28.84 10.00
CA ARG I 254 16.23 -28.02 10.95
C ARG I 254 17.09 -26.96 10.27
N PHE I 255 17.42 -27.14 9.00
CA PHE I 255 18.15 -26.12 8.25
C PHE I 255 17.23 -25.17 7.49
N GLY I 256 15.92 -25.29 7.68
CA GLY I 256 14.99 -24.47 6.94
C GLY I 256 14.69 -24.96 5.55
N LYS I 257 15.15 -26.15 5.18
CA LYS I 257 14.92 -26.72 3.87
C LYS I 257 13.76 -27.70 3.94
N THR I 258 13.57 -28.44 2.85
CA THR I 258 12.51 -29.43 2.75
C THR I 258 12.98 -30.52 1.82
N ALA I 259 13.10 -31.74 2.34
CA ALA I 259 13.59 -32.85 1.55
C ALA I 259 12.44 -33.64 0.96
N THR I 260 12.65 -34.15 -0.25
CA THR I 260 11.67 -35.00 -0.90
C THR I 260 12.39 -36.11 -1.65
N PHE I 261 11.83 -37.32 -1.54
CA PHE I 261 12.32 -38.50 -2.24
C PHE I 261 11.44 -38.86 -3.44
N MET I 262 10.71 -37.88 -3.97
CA MET I 262 9.88 -38.14 -5.14
C MET I 262 10.76 -38.53 -6.32
N PRO I 263 10.33 -39.49 -7.15
CA PRO I 263 11.14 -39.84 -8.32
C PRO I 263 11.36 -38.68 -9.28
N LYS I 264 10.36 -37.81 -9.46
CA LYS I 264 10.42 -36.78 -10.50
C LYS I 264 9.62 -35.56 -10.04
N PRO I 265 10.24 -34.68 -9.26
CA PRO I 265 9.53 -33.46 -8.85
C PRO I 265 9.44 -32.41 -9.95
N MET I 266 10.45 -32.35 -10.82
CA MET I 266 10.52 -31.33 -11.85
C MET I 266 10.64 -31.98 -13.23
N PHE I 267 10.02 -31.34 -14.22
CA PHE I 267 10.17 -31.76 -15.60
C PHE I 267 11.31 -31.00 -16.24
N GLY I 268 12.03 -31.67 -17.13
CA GLY I 268 13.19 -31.09 -17.77
C GLY I 268 14.46 -31.18 -16.97
N ASP I 269 14.41 -31.75 -15.76
CA ASP I 269 15.59 -31.96 -14.95
C ASP I 269 15.62 -33.40 -14.47
N ASN I 270 16.81 -33.86 -14.13
CA ASN I 270 16.99 -35.27 -13.78
C ASN I 270 16.15 -35.61 -12.56
N GLY I 271 15.59 -36.83 -12.57
CA GLY I 271 14.84 -37.34 -11.44
C GLY I 271 15.72 -38.01 -10.42
N SER I 272 15.07 -38.53 -9.38
CA SER I 272 15.76 -39.21 -8.29
C SER I 272 15.50 -40.71 -8.38
N GLY I 273 16.58 -41.49 -8.29
CA GLY I 273 16.48 -42.93 -8.35
C GLY I 273 17.23 -43.57 -7.19
N MET I 274 16.99 -44.87 -7.01
CA MET I 274 17.62 -45.67 -5.97
C MET I 274 18.18 -46.92 -6.62
N HIS I 275 19.41 -46.83 -7.15
CA HIS I 275 20.06 -48.02 -7.69
C HIS I 275 20.31 -49.01 -6.57
N CYS I 276 19.97 -50.28 -6.82
CA CYS I 276 20.04 -51.33 -5.82
C CYS I 276 21.10 -52.33 -6.22
N HIS I 277 22.24 -52.30 -5.53
CA HIS I 277 23.27 -53.31 -5.71
C HIS I 277 22.91 -54.56 -4.92
N MET I 278 23.16 -55.72 -5.51
CA MET I 278 22.80 -56.98 -4.89
C MET I 278 23.93 -57.98 -5.05
N SER I 279 24.07 -58.85 -4.04
CA SER I 279 24.99 -59.97 -4.11
C SER I 279 24.52 -61.01 -3.10
N LEU I 280 24.96 -62.25 -3.32
CA LEU I 280 24.64 -63.36 -2.45
C LEU I 280 25.92 -63.99 -1.92
N SER I 281 25.92 -64.34 -0.64
CA SER I 281 27.06 -64.95 0.00
C SER I 281 26.63 -66.19 0.77
N LYS I 282 27.44 -67.24 0.69
CA LYS I 282 27.23 -68.48 1.43
C LYS I 282 28.55 -68.91 2.03
N ASN I 283 28.57 -69.07 3.35
CA ASN I 283 29.79 -69.44 4.07
C ASN I 283 30.92 -68.44 3.84
N GLY I 284 30.56 -67.17 3.63
CA GLY I 284 31.53 -66.12 3.50
C GLY I 284 32.14 -65.94 2.13
N VAL I 285 31.69 -66.69 1.12
CA VAL I 285 32.20 -66.56 -0.24
C VAL I 285 31.08 -65.98 -1.12
N ASN I 286 31.41 -64.96 -1.89
CA ASN I 286 30.46 -64.36 -2.80
C ASN I 286 30.07 -65.36 -3.88
N LEU I 287 28.77 -65.62 -4.01
CA LEU I 287 28.27 -66.55 -5.01
C LEU I 287 28.07 -65.91 -6.38
N PHE I 288 28.16 -64.58 -6.47
CA PHE I 288 28.03 -63.88 -7.74
C PHE I 288 29.36 -63.72 -8.46
N ALA I 289 30.44 -64.25 -7.90
CA ALA I 289 31.77 -64.15 -8.50
C ALA I 289 32.08 -65.44 -9.26
N GLY I 290 32.52 -65.29 -10.50
CA GLY I 290 32.80 -66.45 -11.32
C GLY I 290 33.54 -66.06 -12.59
N ASP I 291 33.64 -67.02 -13.49
CA ASP I 291 34.39 -66.85 -14.74
C ASP I 291 33.51 -66.44 -15.92
N LYS I 292 32.22 -66.23 -15.70
CA LYS I 292 31.32 -65.85 -16.78
C LYS I 292 31.44 -64.35 -17.04
N TYR I 293 30.50 -63.81 -17.81
CA TYR I 293 30.57 -62.43 -18.27
C TYR I 293 30.82 -61.48 -17.11
N ALA I 294 31.80 -60.59 -17.29
CA ALA I 294 32.13 -59.57 -16.30
C ALA I 294 32.45 -60.17 -14.94
N GLY I 295 33.02 -61.38 -14.93
CA GLY I 295 33.36 -62.02 -13.69
C GLY I 295 32.19 -62.59 -12.94
N LEU I 296 31.02 -62.65 -13.55
CA LEU I 296 29.84 -63.18 -12.88
C LEU I 296 29.86 -64.70 -12.88
N SER I 297 28.98 -65.29 -12.08
CA SER I 297 28.79 -66.73 -12.04
C SER I 297 27.47 -67.10 -12.71
N GLU I 298 27.26 -68.40 -12.87
CA GLU I 298 26.01 -68.87 -13.46
C GLU I 298 24.82 -68.54 -12.56
N GLN I 299 25.01 -68.59 -11.25
CA GLN I 299 23.95 -68.16 -10.33
C GLN I 299 23.66 -66.67 -10.50
N ALA I 300 24.70 -65.86 -10.71
CA ALA I 300 24.47 -64.44 -10.98
C ALA I 300 23.67 -64.23 -12.25
N LEU I 301 24.00 -64.97 -13.31
CA LEU I 301 23.25 -64.85 -14.55
C LEU I 301 21.81 -65.27 -14.35
N TYR I 302 21.57 -66.35 -13.60
CA TYR I 302 20.20 -66.79 -13.33
C TYR I 302 19.44 -65.74 -12.52
N TYR I 303 20.10 -65.12 -11.56
CA TYR I 303 19.48 -64.05 -10.79
C TYR I 303 19.08 -62.89 -11.70
N ILE I 304 19.98 -62.50 -12.61
CA ILE I 304 19.67 -61.44 -13.57
C ILE I 304 18.48 -61.84 -14.43
N GLY I 305 18.45 -63.10 -14.87
CA GLY I 305 17.35 -63.57 -15.70
C GLY I 305 16.02 -63.51 -14.98
N GLY I 306 16.01 -63.93 -13.71
CA GLY I 306 14.79 -63.84 -12.93
C GLY I 306 14.32 -62.41 -12.74
N VAL I 307 15.26 -61.51 -12.45
CA VAL I 307 14.90 -60.09 -12.28
C VAL I 307 14.34 -59.54 -13.58
N ILE I 308 14.93 -59.92 -14.71
CA ILE I 308 14.44 -59.44 -16.00
C ILE I 308 13.05 -60.00 -16.29
N LYS I 309 12.84 -61.29 -16.00
CA LYS I 309 11.55 -61.90 -16.28
C LYS I 309 10.44 -61.25 -15.46
N HIS I 310 10.70 -61.02 -14.17
CA HIS I 310 9.68 -60.46 -13.27
C HIS I 310 9.87 -58.95 -13.07
N ALA I 311 10.49 -58.26 -14.02
CA ALA I 311 10.77 -56.85 -13.84
C ALA I 311 9.49 -56.03 -13.76
N LYS I 312 8.50 -56.34 -14.61
CA LYS I 312 7.26 -55.57 -14.58
C LYS I 312 6.53 -55.75 -13.26
N ALA I 313 6.48 -56.99 -12.75
CA ALA I 313 5.87 -57.22 -11.45
C ALA I 313 6.64 -56.50 -10.35
N ILE I 314 7.98 -56.51 -10.44
CA ILE I 314 8.79 -55.80 -9.46
C ILE I 314 8.48 -54.32 -9.48
N ASN I 315 8.24 -53.76 -10.67
CA ASN I 315 7.99 -52.33 -10.77
C ASN I 315 6.84 -51.88 -9.89
N ALA I 316 5.85 -52.74 -9.67
CA ALA I 316 4.75 -52.37 -8.79
C ALA I 316 5.20 -52.07 -7.38
N LEU I 317 6.36 -52.59 -6.97
CA LEU I 317 6.88 -52.40 -5.62
C LEU I 317 8.12 -51.51 -5.57
N ALA I 318 8.95 -51.55 -6.60
CA ALA I 318 10.14 -50.71 -6.68
C ALA I 318 9.85 -49.33 -7.25
N ASN I 319 8.77 -49.18 -8.00
CA ASN I 319 8.34 -47.90 -8.56
C ASN I 319 6.85 -47.76 -8.31
N PRO I 320 6.44 -47.63 -7.05
CA PRO I 320 5.03 -47.74 -6.70
C PRO I 320 4.22 -46.47 -6.83
N THR I 321 4.73 -45.44 -7.51
CA THR I 321 4.07 -44.17 -7.64
C THR I 321 3.94 -43.80 -9.11
N THR I 322 2.85 -43.11 -9.44
CA THR I 322 2.69 -42.64 -10.81
C THR I 322 3.87 -41.75 -11.20
N ASN I 323 4.30 -40.90 -10.29
CA ASN I 323 5.44 -40.03 -10.55
C ASN I 323 6.67 -40.83 -10.95
N SER I 324 6.78 -42.07 -10.47
CA SER I 324 7.94 -42.89 -10.81
C SER I 324 8.06 -43.05 -12.31
N TYR I 325 6.95 -43.25 -13.00
CA TYR I 325 6.99 -43.51 -14.43
C TYR I 325 7.13 -42.22 -15.23
N LYS I 326 7.39 -41.11 -14.55
CA LYS I 326 7.83 -39.89 -15.20
C LYS I 326 9.35 -39.77 -15.21
N ARG I 327 10.08 -40.65 -14.52
CA ARG I 327 11.51 -40.80 -14.74
C ARG I 327 11.87 -42.04 -15.53
N LEU I 328 11.00 -43.05 -15.55
CA LEU I 328 11.22 -44.25 -16.36
C LEU I 328 10.67 -44.07 -17.77
N VAL I 329 11.11 -43.00 -18.43
CA VAL I 329 10.68 -42.70 -19.80
C VAL I 329 11.89 -42.82 -20.72
N PRO I 330 11.71 -43.27 -21.96
CA PRO I 330 12.86 -43.33 -22.87
C PRO I 330 13.49 -41.96 -23.05
N GLY I 331 14.82 -41.94 -23.12
CA GLY I 331 15.56 -40.70 -23.26
C GLY I 331 15.64 -39.93 -21.96
N ALA I 334 17.81 -44.04 -21.64
CA ALA I 334 17.15 -44.09 -20.34
C ALA I 334 17.31 -45.49 -19.72
N PRO I 335 17.17 -45.57 -18.39
CA PRO I 335 17.31 -46.88 -17.72
C PRO I 335 16.02 -47.69 -17.74
N VAL I 336 15.52 -47.96 -18.94
CA VAL I 336 14.25 -48.66 -19.11
C VAL I 336 14.40 -49.98 -19.83
N MET I 337 15.55 -50.26 -20.44
CA MET I 337 15.74 -51.53 -21.16
C MET I 337 16.11 -52.61 -20.17
N LEU I 338 15.41 -53.75 -20.24
CA LEU I 338 15.67 -54.88 -19.36
C LEU I 338 16.76 -55.75 -19.99
N ALA I 339 18.00 -55.30 -19.82
CA ALA I 339 19.16 -56.04 -20.28
C ALA I 339 20.30 -55.77 -19.31
N TYR I 340 21.32 -56.62 -19.36
CA TYR I 340 22.48 -56.50 -18.48
C TYR I 340 23.72 -56.27 -19.30
N SER I 341 24.53 -55.30 -18.88
CA SER I 341 25.79 -54.99 -19.53
C SER I 341 26.67 -54.25 -18.55
N ALA I 342 27.99 -54.41 -18.72
CA ALA I 342 28.95 -53.74 -17.86
C ALA I 342 29.36 -52.36 -18.38
N ARG I 343 28.93 -51.99 -19.58
CA ARG I 343 29.38 -50.74 -20.19
C ARG I 343 28.20 -49.88 -20.64
N ASN I 344 27.13 -50.50 -21.11
CA ASN I 344 26.01 -49.76 -21.67
C ASN I 344 25.30 -48.95 -20.59
N ARG I 345 25.09 -47.67 -20.86
CA ARG I 345 24.28 -46.83 -19.98
C ARG I 345 22.79 -47.01 -20.24
N SER I 346 22.40 -47.72 -21.30
CA SER I 346 21.00 -47.95 -21.59
C SER I 346 20.45 -49.20 -20.93
N ALA I 347 21.29 -49.99 -20.28
CA ALA I 347 20.86 -51.23 -19.63
C ALA I 347 20.42 -50.94 -18.21
N SER I 348 19.27 -51.48 -17.82
CA SER I 348 18.76 -51.28 -16.47
C SER I 348 19.52 -52.11 -15.45
N ILE I 349 20.27 -53.12 -15.88
CA ILE I 349 21.08 -53.95 -15.00
C ILE I 349 22.53 -53.77 -15.40
N ARG I 350 23.36 -53.36 -14.45
CA ARG I 350 24.77 -53.11 -14.68
C ARG I 350 25.61 -54.06 -13.84
N ILE I 351 26.81 -54.36 -14.32
CA ILE I 351 27.77 -55.15 -13.56
C ILE I 351 28.95 -54.24 -13.22
N PRO I 352 29.00 -53.65 -12.02
CA PRO I 352 30.07 -52.71 -11.72
C PRO I 352 31.43 -53.37 -11.81
N VAL I 353 32.42 -52.60 -12.28
CA VAL I 353 33.79 -53.08 -12.40
C VAL I 353 34.45 -52.94 -11.04
N VAL I 354 34.66 -54.07 -10.37
CA VAL I 354 35.29 -54.12 -9.06
C VAL I 354 36.45 -55.08 -9.12
N SER I 355 37.61 -54.65 -8.61
CA SER I 355 38.81 -55.48 -8.67
C SER I 355 38.64 -56.75 -7.83
N SER I 356 38.13 -56.61 -6.62
CA SER I 356 38.05 -57.74 -5.71
C SER I 356 36.83 -58.61 -6.04
N PRO I 357 37.01 -59.91 -6.28
CA PRO I 357 35.84 -60.76 -6.54
C PRO I 357 34.82 -60.73 -5.41
N LYS I 358 35.27 -60.54 -4.17
CA LYS I 358 34.36 -60.47 -3.04
C LYS I 358 33.35 -59.34 -3.20
N ALA I 359 33.65 -58.35 -4.03
CA ALA I 359 32.76 -57.22 -4.25
C ALA I 359 31.89 -57.37 -5.49
N ARG I 360 31.92 -58.55 -6.13
CA ARG I 360 31.12 -58.74 -7.33
C ARG I 360 29.64 -58.63 -7.00
N ARG I 361 28.90 -57.94 -7.86
CA ARG I 361 27.52 -57.61 -7.57
C ARG I 361 26.81 -57.19 -8.86
N ILE I 362 25.49 -57.15 -8.80
CA ILE I 362 24.65 -56.65 -9.88
C ILE I 362 23.90 -55.42 -9.38
N GLU I 363 23.85 -54.38 -10.21
CA GLU I 363 23.20 -53.13 -9.89
C GLU I 363 21.93 -53.01 -10.73
N VAL I 364 20.78 -53.05 -10.06
CA VAL I 364 19.49 -52.85 -10.71
C VAL I 364 19.14 -51.37 -10.62
N ARG I 365 18.89 -50.75 -11.76
CA ARG I 365 18.86 -49.29 -11.84
C ARG I 365 17.46 -48.69 -11.81
N PHE I 366 16.42 -49.45 -12.16
CA PHE I 366 15.11 -48.83 -12.32
C PHE I 366 14.44 -48.39 -11.02
N PRO I 367 14.69 -49.02 -9.87
CA PRO I 367 13.97 -48.62 -8.65
C PRO I 367 14.15 -47.13 -8.34
N ASP I 368 13.26 -46.63 -7.49
CA ASP I 368 13.22 -45.24 -7.07
C ASP I 368 13.12 -45.15 -5.55
N PRO I 369 13.52 -44.02 -4.96
CA PRO I 369 13.51 -43.93 -3.49
C PRO I 369 12.12 -43.85 -2.88
N ALA I 370 11.08 -43.66 -3.69
CA ALA I 370 9.72 -43.69 -3.17
C ALA I 370 9.26 -45.09 -2.81
N ALA I 371 10.02 -46.12 -3.18
CA ALA I 371 9.63 -47.49 -2.93
C ALA I 371 9.72 -47.82 -1.45
N ASN I 372 8.84 -48.72 -1.02
CA ASN I 372 8.96 -49.29 0.31
C ASN I 372 10.22 -50.15 0.34
N PRO I 373 11.19 -49.86 1.21
CA PRO I 373 12.45 -50.62 1.12
C PRO I 373 12.27 -52.11 1.33
N TYR I 374 11.52 -52.50 2.36
CA TYR I 374 11.33 -53.92 2.65
C TYR I 374 10.70 -54.63 1.47
N LEU I 375 9.59 -54.10 0.96
CA LEU I 375 8.88 -54.77 -0.12
C LEU I 375 9.70 -54.80 -1.40
N CYS I 376 10.37 -53.69 -1.74
CA CYS I 376 11.19 -53.66 -2.95
C CYS I 376 12.32 -54.69 -2.87
N PHE I 377 13.04 -54.72 -1.76
CA PHE I 377 14.14 -55.65 -1.62
C PHE I 377 13.64 -57.08 -1.64
N ALA I 378 12.52 -57.35 -0.98
CA ALA I 378 11.96 -58.70 -0.98
C ALA I 378 11.56 -59.12 -2.38
N ALA I 379 10.94 -58.22 -3.15
CA ALA I 379 10.55 -58.55 -4.51
C ALA I 379 11.76 -58.86 -5.37
N LEU I 380 12.80 -58.03 -5.27
CA LEU I 380 14.01 -58.28 -6.05
C LEU I 380 14.64 -59.62 -5.67
N LEU I 381 14.74 -59.89 -4.39
CA LEU I 381 15.33 -61.16 -3.94
C LEU I 381 14.52 -62.34 -4.40
N MET I 382 13.18 -62.25 -4.32
CA MET I 382 12.35 -63.38 -4.70
C MET I 382 12.40 -63.61 -6.21
N ALA I 383 12.44 -62.54 -7.00
CA ALA I 383 12.62 -62.71 -8.44
C ALA I 383 13.94 -63.37 -8.76
N GLY I 384 15.02 -62.93 -8.09
CA GLY I 384 16.31 -63.56 -8.31
C GLY I 384 16.32 -65.03 -7.92
N LEU I 385 15.69 -65.36 -6.80
CA LEU I 385 15.64 -66.75 -6.37
C LEU I 385 14.81 -67.60 -7.31
N ASP I 386 13.72 -67.06 -7.84
CA ASP I 386 12.97 -67.78 -8.86
C ASP I 386 13.83 -68.01 -10.09
N GLY I 387 14.60 -67.01 -10.49
CA GLY I 387 15.51 -67.20 -11.61
C GLY I 387 16.53 -68.28 -11.35
N ILE I 388 17.07 -68.32 -10.13
CA ILE I 388 18.07 -69.33 -9.78
C ILE I 388 17.43 -70.73 -9.80
N LYS I 389 16.26 -70.86 -9.18
CA LYS I 389 15.62 -72.17 -9.08
C LYS I 389 15.22 -72.70 -10.45
N ASN I 390 14.64 -71.85 -11.30
CA ASN I 390 14.18 -72.28 -12.61
C ASN I 390 15.25 -72.15 -13.68
N LYS I 391 16.46 -71.72 -13.34
CA LYS I 391 17.58 -71.62 -14.28
C LYS I 391 17.18 -70.81 -15.51
N ILE I 392 16.78 -69.56 -15.26
CA ILE I 392 16.38 -68.64 -16.30
C ILE I 392 17.63 -67.93 -16.80
N HIS I 393 18.01 -68.20 -18.04
CA HIS I 393 19.19 -67.56 -18.61
C HIS I 393 18.82 -66.21 -19.20
N PRO I 394 19.50 -65.13 -18.82
CA PRO I 394 19.12 -63.81 -19.32
C PRO I 394 19.55 -63.51 -20.74
N GLY I 395 20.12 -64.48 -21.44
CA GLY I 395 20.63 -64.22 -22.77
C GLY I 395 22.00 -63.56 -22.73
N GLU I 396 22.36 -62.95 -23.85
CA GLU I 396 23.65 -62.29 -23.98
C GLU I 396 23.59 -60.87 -23.45
N ALA I 397 24.73 -60.36 -23.03
CA ALA I 397 24.82 -59.00 -22.53
C ALA I 397 24.54 -58.00 -23.64
N MET I 398 23.88 -56.89 -23.29
CA MET I 398 23.55 -55.83 -24.24
C MET I 398 24.76 -54.92 -24.39
N ASP I 399 25.73 -55.39 -25.17
CA ASP I 399 26.94 -54.62 -25.43
C ASP I 399 26.90 -54.03 -26.84
N ALA I 410 16.02 -54.14 -31.77
CA ALA I 410 15.99 -53.45 -30.48
C ALA I 410 14.59 -53.47 -29.90
N LYS I 411 13.59 -53.53 -30.78
CA LYS I 411 12.20 -53.57 -30.32
C LYS I 411 11.88 -54.85 -29.59
N GLU I 412 12.72 -55.88 -29.71
CA GLU I 412 12.49 -57.14 -29.00
C GLU I 412 12.99 -57.12 -27.57
N ILE I 413 13.74 -56.09 -27.18
CA ILE I 413 14.28 -56.00 -25.82
C ILE I 413 13.14 -55.63 -24.87
N PRO I 414 12.88 -56.41 -23.83
CA PRO I 414 11.82 -56.03 -22.88
C PRO I 414 12.18 -54.77 -22.12
N GLN I 415 11.14 -54.05 -21.70
CA GLN I 415 11.30 -52.80 -20.98
C GLN I 415 10.49 -52.83 -19.70
N VAL I 416 10.85 -51.96 -18.77
CA VAL I 416 10.10 -51.84 -17.53
C VAL I 416 8.68 -51.35 -17.83
N ALA I 417 7.80 -51.53 -16.85
CA ALA I 417 6.42 -51.11 -17.02
C ALA I 417 6.34 -49.62 -17.31
N GLY I 418 5.52 -49.26 -18.28
CA GLY I 418 5.35 -47.88 -18.67
C GLY I 418 4.37 -47.10 -17.85
N SER I 419 3.65 -47.75 -16.93
CA SER I 419 2.71 -47.05 -16.07
C SER I 419 2.48 -47.88 -14.82
N LEU I 420 1.97 -47.21 -13.79
CA LEU I 420 1.66 -47.89 -12.54
C LEU I 420 0.51 -48.88 -12.73
N GLU I 421 -0.44 -48.57 -13.60
CA GLU I 421 -1.50 -49.53 -13.91
C GLU I 421 -0.93 -50.80 -14.52
N GLU I 422 0.00 -50.65 -15.46
CA GLU I 422 0.64 -51.82 -16.06
C GLU I 422 1.42 -52.60 -15.01
N ALA I 423 2.15 -51.91 -14.16
CA ALA I 423 2.92 -52.58 -13.12
C ALA I 423 2.00 -53.37 -12.18
N LEU I 424 0.88 -52.77 -11.79
CA LEU I 424 -0.04 -53.43 -10.87
C LEU I 424 -0.74 -54.61 -11.53
N ASN I 425 -1.10 -54.48 -12.81
CA ASN I 425 -1.69 -55.61 -13.52
C ASN I 425 -0.70 -56.76 -13.61
N GLU I 426 0.57 -56.45 -13.91
CA GLU I 426 1.58 -57.50 -13.99
C GLU I 426 1.81 -58.15 -12.63
N LEU I 427 1.79 -57.35 -11.56
CA LEU I 427 1.89 -57.94 -10.22
C LEU I 427 0.71 -58.85 -9.93
N ASP I 428 -0.49 -58.44 -10.34
CA ASP I 428 -1.68 -59.27 -10.14
C ASP I 428 -1.54 -60.60 -10.89
N LEU I 429 -1.00 -60.56 -12.10
CA LEU I 429 -0.88 -61.76 -12.92
C LEU I 429 0.40 -62.56 -12.67
N ASP I 430 1.31 -62.06 -11.85
CA ASP I 430 2.64 -62.66 -11.67
C ASP I 430 3.00 -62.77 -10.20
N ARG I 431 2.10 -63.34 -9.40
CA ARG I 431 2.28 -63.40 -7.96
C ARG I 431 3.11 -64.58 -7.48
N GLU I 432 3.28 -65.61 -8.30
CA GLU I 432 3.83 -66.87 -7.79
C GLU I 432 5.23 -66.71 -7.22
N PHE I 433 6.10 -65.97 -7.92
CA PHE I 433 7.46 -65.81 -7.45
C PHE I 433 7.52 -65.04 -6.14
N LEU I 434 6.47 -64.31 -5.80
CA LEU I 434 6.39 -63.65 -4.50
C LEU I 434 5.72 -64.52 -3.45
N LYS I 435 4.81 -65.40 -3.85
CA LYS I 435 4.15 -66.31 -2.93
C LYS I 435 4.97 -67.55 -2.63
N ALA I 436 6.11 -67.73 -3.30
CA ALA I 436 6.96 -68.87 -3.00
C ALA I 436 7.43 -68.80 -1.55
N GLY I 437 7.24 -69.89 -0.81
CA GLY I 437 7.70 -69.96 0.56
C GLY I 437 6.87 -69.19 1.56
N GLY I 438 5.70 -68.69 1.16
CA GLY I 438 4.86 -67.95 2.08
C GLY I 438 5.35 -66.56 2.41
N VAL I 439 6.29 -66.02 1.62
CA VAL I 439 6.80 -64.68 1.88
C VAL I 439 5.68 -63.66 1.72
N PHE I 440 5.12 -63.58 0.52
CA PHE I 440 3.96 -62.74 0.25
C PHE I 440 2.70 -63.60 0.26
N THR I 441 1.63 -63.03 0.77
CA THR I 441 0.33 -63.69 0.81
C THR I 441 -0.62 -62.98 -0.15
N ASP I 442 -1.53 -63.76 -0.75
CA ASP I 442 -2.46 -63.21 -1.71
C ASP I 442 -3.21 -62.02 -1.13
N GLU I 443 -3.61 -62.09 0.14
CA GLU I 443 -4.29 -60.98 0.78
C GLU I 443 -3.40 -59.74 0.82
N ALA I 444 -2.13 -59.91 1.17
CA ALA I 444 -1.21 -58.78 1.20
C ALA I 444 -1.04 -58.16 -0.17
N ILE I 445 -0.88 -59.00 -1.20
CA ILE I 445 -0.71 -58.48 -2.55
C ILE I 445 -1.95 -57.72 -2.99
N ASP I 446 -3.14 -58.26 -2.71
CA ASP I 446 -4.37 -57.58 -3.07
C ASP I 446 -4.51 -56.25 -2.35
N ALA I 447 -4.20 -56.22 -1.06
CA ALA I 447 -4.28 -54.97 -0.31
C ALA I 447 -3.34 -53.93 -0.88
N TYR I 448 -2.10 -54.33 -1.19
CA TYR I 448 -1.15 -53.41 -1.79
C TYR I 448 -1.67 -52.88 -3.13
N ILE I 449 -2.21 -53.78 -3.96
CA ILE I 449 -2.66 -53.37 -5.29
C ILE I 449 -3.81 -52.38 -5.17
N ALA I 450 -4.77 -52.63 -4.29
CA ALA I 450 -5.88 -51.70 -4.13
C ALA I 450 -5.39 -50.36 -3.57
N LEU I 451 -4.50 -50.40 -2.60
CA LEU I 451 -4.00 -49.17 -1.99
C LEU I 451 -3.30 -48.30 -3.01
N ARG I 452 -2.55 -48.92 -3.94
CA ARG I 452 -1.91 -48.15 -5.00
C ARG I 452 -2.88 -47.73 -6.09
N ARG I 453 -3.89 -48.56 -6.38
CA ARG I 453 -4.86 -48.21 -7.40
C ARG I 453 -5.69 -47.00 -7.01
N GLU I 454 -5.92 -46.79 -5.72
CA GLU I 454 -6.61 -45.57 -5.30
C GLU I 454 -5.85 -44.33 -5.74
N GLU I 455 -4.55 -44.29 -5.46
CA GLU I 455 -3.72 -43.15 -5.86
C GLU I 455 -3.67 -43.02 -7.37
N ASP I 456 -3.52 -44.15 -8.07
CA ASP I 456 -3.51 -44.11 -9.53
C ASP I 456 -4.81 -43.52 -10.07
N ASP I 457 -5.95 -43.90 -9.47
CA ASP I 457 -7.22 -43.35 -9.91
C ASP I 457 -7.29 -41.85 -9.67
N ARG I 458 -6.81 -41.39 -8.51
CA ARG I 458 -6.80 -39.94 -8.28
C ARG I 458 -6.03 -39.22 -9.37
N VAL I 459 -4.81 -39.70 -9.67
CA VAL I 459 -3.99 -39.00 -10.65
C VAL I 459 -4.58 -39.13 -12.05
N ARG I 460 -5.27 -40.25 -12.33
CA ARG I 460 -5.87 -40.46 -13.64
C ARG I 460 -7.09 -39.60 -13.86
N MET I 461 -7.86 -39.33 -12.81
CA MET I 461 -9.08 -38.55 -12.93
C MET I 461 -8.89 -37.06 -12.70
N THR I 462 -7.72 -36.62 -12.19
CA THR I 462 -7.59 -35.16 -12.03
C THR I 462 -7.02 -34.54 -13.31
N PRO I 463 -7.66 -33.49 -13.85
CA PRO I 463 -7.14 -32.86 -15.07
C PRO I 463 -5.76 -32.25 -14.88
N HIS I 464 -5.08 -32.04 -16.01
CA HIS I 464 -3.68 -31.62 -16.01
C HIS I 464 -3.51 -30.22 -16.58
N PRO I 465 -2.69 -29.36 -15.96
CA PRO I 465 -2.39 -28.06 -16.56
C PRO I 465 -1.81 -28.16 -17.97
N VAL I 466 -0.98 -29.18 -18.23
CA VAL I 466 -0.51 -29.41 -19.58
C VAL I 466 -1.68 -29.75 -20.49
N GLU I 467 -2.67 -30.48 -19.97
CA GLU I 467 -3.87 -30.73 -20.77
C GLU I 467 -4.59 -29.44 -21.12
N PHE I 468 -4.67 -28.49 -20.19
CA PHE I 468 -5.24 -27.20 -20.57
C PHE I 468 -4.38 -26.51 -21.63
N GLU I 469 -3.06 -26.49 -21.44
CA GLU I 469 -2.19 -25.84 -22.40
C GLU I 469 -2.36 -26.43 -23.79
N LEU I 470 -2.66 -27.71 -23.90
CA LEU I 470 -2.73 -28.40 -25.21
C LEU I 470 -4.14 -28.41 -25.78
N TYR I 471 -5.21 -28.41 -24.97
CA TYR I 471 -6.54 -28.65 -25.48
C TYR I 471 -7.55 -27.56 -25.15
N TYR I 472 -7.16 -26.47 -24.49
CA TYR I 472 -8.17 -25.48 -24.12
C TYR I 472 -8.85 -24.90 -25.35
N SER I 473 -8.08 -24.62 -26.39
CA SER I 473 -8.62 -24.04 -27.61
C SER I 473 -9.11 -25.09 -28.61
N VAL I 474 -9.02 -26.37 -28.28
CA VAL I 474 -9.46 -27.43 -29.17
C VAL I 474 -10.24 -28.47 -28.39
N MET J 6 -57.27 -18.59 -23.21
CA MET J 6 -56.12 -18.54 -24.15
C MET J 6 -55.74 -19.95 -24.57
N SER J 7 -55.51 -20.15 -25.87
CA SER J 7 -55.22 -21.48 -26.39
C SER J 7 -54.01 -21.47 -27.31
N ALA J 8 -53.78 -22.59 -28.01
CA ALA J 8 -52.64 -22.69 -28.90
C ALA J 8 -52.72 -21.68 -30.03
N GLU J 9 -53.92 -21.46 -30.57
CA GLU J 9 -54.07 -20.47 -31.62
C GLU J 9 -53.69 -19.09 -31.13
N HIS J 10 -54.10 -18.74 -29.90
CA HIS J 10 -53.72 -17.45 -29.35
C HIS J 10 -52.21 -17.36 -29.10
N VAL J 11 -51.57 -18.45 -28.69
CA VAL J 11 -50.12 -18.42 -28.53
C VAL J 11 -49.44 -18.19 -29.87
N LEU J 12 -49.88 -18.89 -30.90
CA LEU J 12 -49.30 -18.71 -32.23
C LEU J 12 -49.54 -17.29 -32.75
N THR J 13 -50.67 -16.69 -32.37
CA THR J 13 -50.90 -15.29 -32.73
C THR J 13 -49.96 -14.37 -31.98
N MET J 14 -49.76 -14.61 -30.68
CA MET J 14 -48.85 -13.81 -29.90
C MET J 14 -47.45 -13.85 -30.48
N LEU J 15 -47.03 -15.00 -31.00
CA LEU J 15 -45.68 -15.12 -31.53
C LEU J 15 -45.44 -14.09 -32.63
N ASN J 16 -46.41 -13.90 -33.52
CA ASN J 16 -46.28 -12.86 -34.54
C ASN J 16 -46.54 -11.47 -33.99
N GLU J 17 -47.46 -11.34 -33.03
CA GLU J 17 -47.81 -10.02 -32.52
C GLU J 17 -46.63 -9.35 -31.83
N HIS J 18 -45.88 -10.10 -31.04
CA HIS J 18 -44.76 -9.56 -30.28
C HIS J 18 -43.42 -9.85 -30.93
N GLU J 19 -43.40 -10.41 -32.14
CA GLU J 19 -42.16 -10.74 -32.83
C GLU J 19 -41.28 -11.62 -31.96
N VAL J 20 -41.89 -12.64 -31.35
CA VAL J 20 -41.20 -13.49 -30.40
C VAL J 20 -40.11 -14.27 -31.11
N LYS J 21 -38.90 -14.26 -30.55
CA LYS J 21 -37.80 -15.04 -31.07
C LYS J 21 -37.62 -16.38 -30.35
N PHE J 22 -38.02 -16.47 -29.08
CA PHE J 22 -37.80 -17.67 -28.30
C PHE J 22 -39.01 -17.97 -27.44
N VAL J 23 -39.16 -19.23 -27.06
CA VAL J 23 -40.20 -19.68 -26.15
C VAL J 23 -39.52 -20.47 -25.05
N ASP J 24 -39.74 -20.07 -23.80
CA ASP J 24 -39.06 -20.66 -22.66
C ASP J 24 -40.05 -21.53 -21.90
N LEU J 25 -39.87 -22.85 -21.99
CA LEU J 25 -40.72 -23.81 -21.33
C LEU J 25 -40.27 -23.96 -19.88
N ARG J 26 -41.18 -23.74 -18.94
CA ARG J 26 -40.86 -23.70 -17.51
C ARG J 26 -41.66 -24.74 -16.75
N PHE J 27 -41.02 -25.31 -15.74
CA PHE J 27 -41.66 -26.29 -14.87
C PHE J 27 -40.99 -26.23 -13.51
N THR J 28 -41.61 -26.87 -12.52
CA THR J 28 -41.14 -26.82 -11.14
C THR J 28 -40.71 -28.20 -10.69
N ASP J 29 -39.55 -28.29 -10.06
CA ASP J 29 -39.05 -29.53 -9.51
C ASP J 29 -39.62 -29.77 -8.12
N THR J 30 -39.21 -30.86 -7.48
CA THR J 30 -39.74 -31.21 -6.17
C THR J 30 -39.41 -30.14 -5.14
N LYS J 31 -38.18 -29.63 -5.15
CA LYS J 31 -37.78 -28.63 -4.18
C LYS J 31 -38.52 -27.31 -4.36
N GLY J 32 -39.05 -27.05 -5.55
CA GLY J 32 -39.79 -25.84 -5.82
C GLY J 32 -39.08 -24.82 -6.67
N LYS J 33 -38.00 -25.19 -7.34
CA LYS J 33 -37.23 -24.26 -8.16
C LYS J 33 -37.65 -24.37 -9.62
N GLU J 34 -37.81 -23.23 -10.27
CA GLU J 34 -38.19 -23.22 -11.67
C GLU J 34 -37.03 -23.69 -12.55
N GLN J 35 -37.32 -24.61 -13.46
CA GLN J 35 -36.38 -25.10 -14.45
C GLN J 35 -36.93 -24.72 -15.82
N HIS J 36 -36.08 -24.14 -16.66
CA HIS J 36 -36.52 -23.62 -17.95
C HIS J 36 -35.63 -24.14 -19.07
N VAL J 37 -36.25 -24.52 -20.17
CA VAL J 37 -35.55 -24.88 -21.40
C VAL J 37 -36.11 -24.04 -22.54
N THR J 38 -35.23 -23.43 -23.32
CA THR J 38 -35.63 -22.48 -24.35
C THR J 38 -35.55 -23.12 -25.73
N ILE J 39 -36.55 -22.83 -26.56
CA ILE J 39 -36.57 -23.30 -27.95
C ILE J 39 -36.86 -22.11 -28.86
N PRO J 40 -36.32 -22.06 -30.07
CA PRO J 40 -36.66 -20.95 -30.97
C PRO J 40 -38.13 -20.95 -31.33
N ALA J 41 -38.65 -19.75 -31.62
CA ALA J 41 -40.08 -19.60 -31.85
C ALA J 41 -40.55 -20.47 -33.02
N HIS J 42 -39.72 -20.61 -34.05
CA HIS J 42 -40.11 -21.38 -35.22
C HIS J 42 -40.27 -22.87 -34.91
N GLN J 43 -39.82 -23.33 -33.75
CA GLN J 43 -40.05 -24.70 -33.33
C GLN J 43 -41.42 -24.91 -32.70
N VAL J 44 -42.20 -23.85 -32.52
CA VAL J 44 -43.50 -23.93 -31.87
C VAL J 44 -44.57 -23.93 -32.95
N ASN J 45 -45.34 -25.01 -33.03
CA ASN J 45 -46.38 -25.17 -34.02
C ASN J 45 -47.55 -25.89 -33.37
N ALA J 46 -48.54 -26.28 -34.18
CA ALA J 46 -49.69 -26.98 -33.65
C ALA J 46 -49.29 -28.33 -33.05
N GLU J 47 -48.41 -29.06 -33.74
CA GLU J 47 -47.97 -30.35 -33.23
C GLU J 47 -47.23 -30.21 -31.91
N PHE J 48 -46.65 -29.04 -31.66
CA PHE J 48 -45.91 -28.83 -30.42
C PHE J 48 -46.83 -28.90 -29.21
N PHE J 49 -48.04 -28.36 -29.32
CA PHE J 49 -48.98 -28.33 -28.21
C PHE J 49 -49.70 -29.65 -28.02
N GLU J 50 -49.58 -30.59 -28.96
CA GLU J 50 -50.18 -31.90 -28.82
C GLU J 50 -49.17 -32.98 -28.44
N GLU J 51 -47.90 -32.82 -28.81
CA GLU J 51 -46.88 -33.83 -28.52
C GLU J 51 -45.84 -33.40 -27.49
N GLY J 52 -45.74 -32.12 -27.18
CA GLY J 52 -44.77 -31.69 -26.19
C GLY J 52 -43.35 -31.78 -26.70
N LYS J 53 -42.42 -31.69 -25.75
CA LYS J 53 -40.99 -31.79 -26.03
C LYS J 53 -40.36 -32.81 -25.10
N MET J 54 -39.65 -33.78 -25.67
CA MET J 54 -38.94 -34.75 -24.86
C MET J 54 -37.74 -34.09 -24.20
N PHE J 55 -37.52 -34.44 -22.93
CA PHE J 55 -36.34 -33.96 -22.22
C PHE J 55 -35.92 -35.03 -21.22
N ASP J 56 -34.64 -34.99 -20.85
CA ASP J 56 -34.07 -35.96 -19.93
C ASP J 56 -34.14 -35.39 -18.51
N GLY J 57 -35.02 -35.95 -17.70
CA GLY J 57 -35.20 -35.50 -16.34
C GLY J 57 -34.38 -36.23 -15.31
N SER J 58 -33.49 -37.14 -15.72
CA SER J 58 -32.73 -37.91 -14.75
C SER J 58 -31.85 -37.03 -13.88
N SER J 59 -31.40 -35.90 -14.42
CA SER J 59 -30.54 -34.98 -13.69
C SER J 59 -31.33 -34.01 -12.81
N ILE J 60 -32.66 -34.04 -12.85
CA ILE J 60 -33.45 -33.25 -11.93
C ILE J 60 -33.39 -33.89 -10.55
N GLY J 61 -33.63 -33.08 -9.52
CA GLY J 61 -33.36 -33.46 -8.16
C GLY J 61 -33.87 -34.83 -7.74
N GLY J 62 -35.18 -34.98 -7.67
CA GLY J 62 -35.78 -36.20 -7.15
C GLY J 62 -36.44 -37.07 -8.20
N TRP J 63 -36.06 -36.89 -9.47
CA TRP J 63 -36.70 -37.58 -10.57
C TRP J 63 -35.85 -38.71 -11.14
N LYS J 64 -34.75 -39.06 -10.48
CA LYS J 64 -33.90 -40.13 -10.99
C LYS J 64 -34.67 -41.44 -11.07
N GLY J 65 -34.54 -42.13 -12.19
CA GLY J 65 -35.23 -43.40 -12.40
C GLY J 65 -34.50 -44.56 -11.76
N ASP J 70 -36.52 -39.46 -19.50
CA ASP J 70 -37.24 -39.54 -20.77
C ASP J 70 -38.71 -39.20 -20.56
N MET J 71 -38.99 -37.91 -20.33
CA MET J 71 -40.33 -37.42 -20.06
C MET J 71 -40.67 -36.31 -21.04
N VAL J 72 -41.95 -35.92 -21.04
CA VAL J 72 -42.49 -34.97 -22.00
C VAL J 72 -42.79 -33.66 -21.30
N LEU J 73 -42.37 -32.56 -21.91
CA LEU J 73 -42.80 -31.23 -21.49
C LEU J 73 -44.05 -30.87 -22.30
N MET J 74 -45.18 -30.75 -21.62
CA MET J 74 -46.43 -30.42 -22.29
C MET J 74 -46.81 -28.97 -21.99
N PRO J 75 -46.73 -28.07 -22.97
CA PRO J 75 -47.06 -26.67 -22.68
C PRO J 75 -48.52 -26.50 -22.29
N ASP J 76 -48.76 -25.56 -21.38
CA ASP J 76 -50.10 -25.14 -21.00
C ASP J 76 -50.28 -23.73 -21.56
N ALA J 77 -50.93 -23.65 -22.71
CA ALA J 77 -51.03 -22.37 -23.42
C ALA J 77 -51.66 -21.28 -22.56
N SER J 78 -52.54 -21.64 -21.64
CA SER J 78 -53.20 -20.64 -20.81
C SER J 78 -52.22 -19.88 -19.93
N THR J 79 -51.00 -20.40 -19.78
CA THR J 79 -49.98 -19.76 -18.97
C THR J 79 -49.04 -18.88 -19.79
N ALA J 80 -49.28 -18.74 -21.09
CA ALA J 80 -48.36 -18.00 -21.93
C ALA J 80 -48.23 -16.55 -21.47
N VAL J 81 -46.99 -16.07 -21.39
CA VAL J 81 -46.71 -14.71 -20.94
C VAL J 81 -45.33 -14.31 -21.44
N ILE J 82 -45.18 -13.04 -21.78
CA ILE J 82 -43.94 -12.53 -22.34
C ILE J 82 -42.95 -12.26 -21.21
N ASP J 83 -41.72 -12.72 -21.38
CA ASP J 83 -40.67 -12.48 -20.39
C ASP J 83 -40.26 -11.02 -20.40
N PRO J 84 -40.30 -10.31 -19.28
CA PRO J 84 -39.92 -8.90 -19.27
C PRO J 84 -38.45 -8.61 -19.05
N PHE J 85 -37.61 -9.63 -18.94
CA PHE J 85 -36.20 -9.47 -18.58
C PHE J 85 -35.23 -9.88 -19.66
N PHE J 86 -35.56 -10.87 -20.49
CA PHE J 86 -34.62 -11.35 -21.49
C PHE J 86 -34.42 -10.31 -22.58
N ALA J 87 -33.18 -10.20 -23.05
CA ALA J 87 -32.86 -9.22 -24.09
C ALA J 87 -33.63 -9.53 -25.38
N ASP J 88 -33.70 -10.80 -25.75
CA ASP J 88 -34.44 -11.21 -26.94
C ASP J 88 -35.89 -11.50 -26.57
N SER J 89 -36.81 -11.12 -27.46
CA SER J 89 -38.23 -11.29 -27.19
C SER J 89 -38.53 -12.77 -26.94
N THR J 90 -38.91 -13.10 -25.71
CA THR J 90 -39.13 -14.48 -25.29
C THR J 90 -40.53 -14.61 -24.72
N LEU J 91 -41.13 -15.77 -24.94
CA LEU J 91 -42.46 -16.09 -24.43
C LEU J 91 -42.35 -17.24 -23.44
N ILE J 92 -42.90 -17.04 -22.24
CA ILE J 92 -42.84 -18.04 -21.19
C ILE J 92 -44.12 -18.87 -21.25
N ILE J 93 -43.96 -20.18 -21.38
CA ILE J 93 -45.08 -21.12 -21.28
C ILE J 93 -44.77 -22.12 -20.18
N ARG J 94 -45.68 -22.24 -19.22
CA ARG J 94 -45.54 -23.23 -18.16
C ARG J 94 -45.97 -24.60 -18.67
N CYS J 95 -45.24 -25.63 -18.27
CA CYS J 95 -45.43 -26.96 -18.79
C CYS J 95 -45.58 -27.97 -17.67
N ASP J 96 -46.41 -28.98 -17.91
CA ASP J 96 -46.48 -30.15 -17.05
C ASP J 96 -45.55 -31.24 -17.55
N ILE J 97 -45.16 -32.13 -16.65
CA ILE J 97 -44.30 -33.26 -16.98
C ILE J 97 -45.16 -34.50 -17.08
N LEU J 98 -45.22 -35.08 -18.27
CA LEU J 98 -46.06 -36.24 -18.55
C LEU J 98 -45.19 -37.44 -18.88
N GLU J 99 -45.71 -38.63 -18.54
CA GLU J 99 -45.02 -39.85 -18.94
C GLU J 99 -45.07 -40.00 -20.46
N PRO J 100 -43.97 -40.42 -21.09
CA PRO J 100 -43.93 -40.38 -22.56
C PRO J 100 -45.01 -41.22 -23.23
N GLY J 101 -45.34 -42.37 -22.66
CA GLY J 101 -46.27 -43.27 -23.31
C GLY J 101 -47.73 -42.87 -23.15
N THR J 102 -48.23 -42.89 -21.91
CA THR J 102 -49.63 -42.60 -21.65
C THR J 102 -49.95 -41.12 -21.65
N LEU J 103 -48.95 -40.25 -21.66
CA LEU J 103 -49.17 -38.81 -21.60
C LEU J 103 -49.97 -38.42 -20.37
N GLN J 104 -49.78 -39.15 -19.28
CA GLN J 104 -50.39 -38.83 -17.99
C GLN J 104 -49.37 -38.12 -17.10
N GLY J 105 -49.89 -37.35 -16.14
CA GLY J 105 -49.02 -36.57 -15.29
C GLY J 105 -48.02 -37.44 -14.55
N TYR J 106 -46.76 -37.01 -14.54
CA TYR J 106 -45.73 -37.69 -13.78
C TYR J 106 -46.07 -37.65 -12.29
N ASP J 107 -45.89 -38.78 -11.62
CA ASP J 107 -46.30 -38.88 -10.23
C ASP J 107 -45.53 -37.92 -9.34
N ARG J 108 -44.33 -37.52 -9.73
CA ARG J 108 -43.48 -36.65 -8.94
C ARG J 108 -43.48 -35.20 -9.43
N ASP J 109 -44.35 -34.86 -10.36
CA ASP J 109 -44.44 -33.48 -10.84
C ASP J 109 -45.32 -32.67 -9.90
N PRO J 110 -44.80 -31.64 -9.23
CA PRO J 110 -45.65 -30.88 -8.29
C PRO J 110 -46.88 -30.28 -8.94
N ARG J 111 -46.76 -29.76 -10.16
CA ARG J 111 -47.94 -29.19 -10.82
C ARG J 111 -48.99 -30.26 -11.08
N SER J 112 -48.56 -31.45 -11.50
CA SER J 112 -49.49 -32.55 -11.67
C SER J 112 -50.14 -32.93 -10.36
N ILE J 113 -49.37 -32.94 -9.27
CA ILE J 113 -49.93 -33.28 -7.97
C ILE J 113 -50.99 -32.26 -7.57
N ALA J 114 -50.72 -30.98 -7.80
CA ALA J 114 -51.70 -29.95 -7.47
C ALA J 114 -52.96 -30.09 -8.32
N LYS J 115 -52.79 -30.36 -9.61
CA LYS J 115 -53.95 -30.56 -10.48
C LYS J 115 -54.78 -31.75 -10.01
N ARG J 116 -54.11 -32.84 -9.62
CA ARG J 116 -54.83 -34.00 -9.12
C ARG J 116 -55.53 -33.69 -7.80
N ALA J 117 -54.93 -32.86 -6.95
CA ALA J 117 -55.59 -32.45 -5.72
C ALA J 117 -56.88 -31.69 -6.03
N GLU J 118 -56.82 -30.76 -6.98
CA GLU J 118 -58.03 -30.04 -7.38
C GLU J 118 -59.07 -31.00 -7.94
N ASP J 119 -58.64 -31.95 -8.77
CA ASP J 119 -59.58 -32.90 -9.35
C ASP J 119 -60.23 -33.76 -8.26
N TYR J 120 -59.45 -34.16 -7.26
CA TYR J 120 -60.01 -34.91 -6.14
C TYR J 120 -61.02 -34.07 -5.36
N LEU J 121 -60.70 -32.79 -5.15
CA LEU J 121 -61.65 -31.91 -4.50
C LEU J 121 -62.96 -31.87 -5.26
N ARG J 122 -62.89 -31.75 -6.59
CA ARG J 122 -64.11 -31.75 -7.40
C ARG J 122 -64.84 -33.08 -7.29
N SER J 123 -64.11 -34.19 -7.32
CA SER J 123 -64.74 -35.51 -7.33
C SER J 123 -65.47 -35.80 -6.03
N THR J 124 -64.87 -35.43 -4.89
CA THR J 124 -65.51 -35.73 -3.61
C THR J 124 -66.85 -35.03 -3.46
N GLY J 125 -67.10 -33.98 -4.24
CA GLY J 125 -68.35 -33.26 -4.15
C GLY J 125 -68.41 -32.24 -3.04
N ILE J 126 -67.33 -32.04 -2.30
CA ILE J 126 -67.34 -31.07 -1.21
C ILE J 126 -67.42 -29.66 -1.75
N ALA J 127 -66.65 -29.37 -2.79
CA ALA J 127 -66.63 -28.02 -3.37
C ALA J 127 -66.15 -28.12 -4.81
N ASP J 128 -66.35 -27.03 -5.54
CA ASP J 128 -65.92 -26.95 -6.94
C ASP J 128 -64.55 -26.31 -7.08
N THR J 129 -64.27 -25.27 -6.29
CA THR J 129 -63.02 -24.53 -6.39
C THR J 129 -62.47 -24.29 -4.99
N VAL J 130 -61.14 -24.18 -4.93
CA VAL J 130 -60.43 -23.83 -3.71
C VAL J 130 -59.63 -22.55 -3.99
N LEU J 131 -59.78 -21.57 -3.11
CA LEU J 131 -59.12 -20.27 -3.26
C LEU J 131 -57.98 -20.18 -2.27
N PHE J 132 -56.81 -19.74 -2.75
CA PHE J 132 -55.61 -19.61 -1.96
C PHE J 132 -55.09 -18.19 -2.08
N GLY J 133 -54.95 -17.52 -0.94
CA GLY J 133 -54.17 -16.31 -0.87
C GLY J 133 -52.92 -16.50 -0.04
N PRO J 134 -51.77 -16.67 -0.70
CA PRO J 134 -50.50 -16.63 0.02
C PRO J 134 -49.91 -15.23 0.08
N GLU J 135 -49.16 -14.98 1.15
CA GLU J 135 -48.57 -13.67 1.42
C GLU J 135 -47.09 -13.83 1.69
N PRO J 136 -46.31 -14.21 0.69
CA PRO J 136 -44.87 -14.37 0.88
C PRO J 136 -44.17 -13.04 1.16
N GLU J 137 -43.08 -13.13 1.92
CA GLU J 137 -42.19 -12.01 2.18
C GLU J 137 -40.79 -12.39 1.69
N PHE J 138 -39.92 -11.41 1.59
CA PHE J 138 -38.57 -11.67 1.10
C PHE J 138 -37.61 -10.64 1.68
N PHE J 139 -36.32 -10.95 1.57
CA PHE J 139 -35.27 -10.05 2.01
C PHE J 139 -34.48 -9.56 0.79
N LEU J 140 -34.11 -8.29 0.81
CA LEU J 140 -33.27 -7.68 -0.20
C LEU J 140 -31.93 -7.31 0.43
N PHE J 141 -30.85 -7.78 -0.18
CA PHE J 141 -29.51 -7.55 0.34
C PHE J 141 -28.64 -6.96 -0.74
N ASP J 142 -27.58 -6.26 -0.33
CA ASP J 142 -26.60 -5.78 -1.29
C ASP J 142 -25.48 -6.79 -1.54
N ASP J 143 -25.12 -7.57 -0.52
CA ASP J 143 -24.06 -8.56 -0.65
C ASP J 143 -24.34 -9.73 0.26
N ILE J 144 -24.13 -10.94 -0.25
CA ILE J 144 -24.23 -12.15 0.53
C ILE J 144 -23.02 -13.00 0.22
N ARG J 145 -22.29 -13.42 1.25
CA ARG J 145 -21.15 -14.31 1.08
C ARG J 145 -21.30 -15.48 2.04
N PHE J 146 -21.16 -16.70 1.53
CA PHE J 146 -21.23 -17.85 2.40
C PHE J 146 -20.37 -18.96 1.83
N GLY J 147 -19.88 -19.81 2.72
CA GLY J 147 -19.01 -20.89 2.31
C GLY J 147 -18.75 -21.85 3.45
N SER J 148 -18.26 -23.02 3.10
CA SER J 148 -17.91 -24.04 4.07
C SER J 148 -16.78 -24.88 3.53
N SER J 149 -15.96 -25.41 4.43
CA SER J 149 -14.85 -26.26 4.07
C SER J 149 -14.44 -27.06 5.31
N ILE J 150 -13.33 -27.78 5.21
CA ILE J 150 -12.82 -28.49 6.37
C ILE J 150 -12.35 -27.51 7.43
N SER J 151 -11.83 -26.35 7.02
CA SER J 151 -11.23 -25.40 7.94
C SER J 151 -12.26 -24.54 8.67
N GLY J 152 -13.51 -24.54 8.24
CA GLY J 152 -14.52 -23.74 8.89
C GLY J 152 -15.67 -23.45 7.94
N SER J 153 -16.49 -22.48 8.35
CA SER J 153 -17.66 -22.09 7.59
C SER J 153 -18.06 -20.68 7.96
N HIS J 154 -18.61 -19.94 7.00
CA HIS J 154 -18.99 -18.56 7.26
C HIS J 154 -20.21 -18.17 6.44
N VAL J 155 -20.97 -17.22 7.00
CA VAL J 155 -22.00 -16.47 6.29
C VAL J 155 -21.90 -15.02 6.73
N ALA J 156 -22.01 -14.11 5.77
CA ALA J 156 -21.91 -12.67 5.98
C ALA J 156 -22.93 -11.99 5.08
N ILE J 157 -23.91 -11.34 5.70
CA ILE J 157 -24.96 -10.59 5.01
C ILE J 157 -24.63 -9.10 5.15
N ASP J 158 -24.72 -8.36 4.05
CA ASP J 158 -24.53 -6.92 4.06
C ASP J 158 -25.62 -6.25 3.25
N ASP J 159 -26.26 -5.26 3.84
CA ASP J 159 -27.22 -4.42 3.14
C ASP J 159 -27.09 -2.99 3.64
N ILE J 160 -27.35 -2.03 2.75
CA ILE J 160 -27.24 -0.63 3.13
C ILE J 160 -28.25 -0.27 4.20
N GLU J 161 -29.40 -0.95 4.22
CA GLU J 161 -30.42 -0.70 5.23
C GLU J 161 -30.12 -1.37 6.56
N GLY J 162 -29.14 -2.28 6.61
CA GLY J 162 -28.82 -2.96 7.85
C GLY J 162 -28.39 -2.01 8.94
N ALA J 163 -29.00 -2.15 10.13
CA ALA J 163 -28.69 -1.25 11.23
C ALA J 163 -27.21 -1.29 11.59
N TRP J 164 -26.57 -2.45 11.41
CA TRP J 164 -25.16 -2.58 11.74
C TRP J 164 -24.27 -1.71 10.86
N ASN J 165 -24.80 -1.19 9.76
CA ASN J 165 -24.07 -0.27 8.90
C ASN J 165 -24.16 1.17 9.37
N SER J 166 -24.69 1.40 10.58
CA SER J 166 -24.71 2.76 11.11
C SER J 166 -23.31 3.31 11.33
N SER J 167 -22.31 2.43 11.45
CA SER J 167 -20.93 2.84 11.65
C SER J 167 -20.06 2.65 10.41
N THR J 168 -20.58 2.03 9.36
CA THR J 168 -19.77 1.75 8.18
C THR J 168 -19.38 3.03 7.48
N GLN J 169 -18.17 3.04 6.92
CA GLN J 169 -17.70 4.14 6.09
C GLN J 169 -18.00 3.84 4.63
N TYR J 170 -18.71 4.76 3.98
CA TYR J 170 -19.08 4.61 2.58
C TYR J 170 -18.42 5.70 1.75
N GLU J 171 -18.08 5.36 0.51
CA GLU J 171 -17.62 6.37 -0.42
C GLU J 171 -18.78 7.32 -0.74
N GLY J 172 -18.52 8.61 -0.65
CA GLY J 172 -19.56 9.60 -0.76
C GLY J 172 -20.28 9.92 0.52
N GLY J 173 -19.94 9.25 1.61
CA GLY J 173 -20.52 9.54 2.91
C GLY J 173 -21.59 8.53 3.29
N ASN J 174 -21.78 8.36 4.59
CA ASN J 174 -22.79 7.47 5.14
C ASN J 174 -24.02 8.29 5.51
N LYS J 175 -25.14 7.99 4.89
CA LYS J 175 -26.42 8.60 5.23
C LYS J 175 -27.09 7.72 6.27
N GLY J 176 -27.37 8.29 7.44
CA GLY J 176 -27.67 7.50 8.61
C GLY J 176 -29.11 7.09 8.78
N HIS J 177 -29.92 7.21 7.73
CA HIS J 177 -31.34 6.86 7.80
C HIS J 177 -31.48 5.39 7.46
N ARG J 178 -31.54 4.55 8.49
CA ARG J 178 -31.68 3.10 8.35
C ARG J 178 -32.79 2.61 9.27
N PRO J 179 -33.49 1.55 8.89
CA PRO J 179 -34.40 0.92 9.85
C PRO J 179 -33.65 0.34 11.03
N ALA J 180 -34.25 0.45 12.21
CA ALA J 180 -33.71 -0.22 13.38
C ALA J 180 -34.11 -1.70 13.35
N VAL J 181 -33.49 -2.48 14.22
CA VAL J 181 -33.84 -3.89 14.31
C VAL J 181 -35.29 -4.00 14.73
N LYS J 182 -36.08 -4.72 13.92
CA LYS J 182 -37.52 -4.84 14.15
C LYS J 182 -38.21 -3.48 14.11
N GLY J 183 -37.74 -2.61 13.22
CA GLY J 183 -38.30 -1.29 13.10
C GLY J 183 -38.46 -0.82 11.67
N GLY J 184 -38.64 -1.76 10.74
CA GLY J 184 -38.80 -1.44 9.34
C GLY J 184 -40.24 -1.49 8.87
N TYR J 185 -41.19 -1.43 9.79
CA TYR J 185 -42.61 -1.57 9.48
C TYR J 185 -43.35 -0.35 10.03
N PHE J 186 -43.51 0.69 9.21
CA PHE J 186 -42.97 0.86 7.87
C PHE J 186 -42.73 2.34 7.57
N PRO J 187 -41.63 2.89 8.06
CA PRO J 187 -41.39 4.33 7.90
C PRO J 187 -41.13 4.72 6.45
N VAL J 188 -41.35 5.99 6.17
CA VAL J 188 -41.23 6.54 4.82
C VAL J 188 -39.75 6.69 4.45
N PRO J 189 -39.43 6.88 3.17
CA PRO J 189 -38.05 7.12 2.79
C PRO J 189 -37.53 8.40 3.41
N PRO J 190 -36.21 8.58 3.52
CA PRO J 190 -35.15 7.69 3.01
C PRO J 190 -34.84 6.53 3.94
N VAL J 191 -35.57 6.37 5.03
CA VAL J 191 -35.38 5.19 5.87
C VAL J 191 -35.75 3.93 5.09
N ASP J 192 -36.85 3.98 4.36
CA ASP J 192 -37.24 2.91 3.45
C ASP J 192 -36.61 3.19 2.09
N SER J 193 -35.66 2.35 1.69
CA SER J 193 -34.89 2.55 0.48
C SER J 193 -35.33 1.64 -0.66
N ALA J 194 -36.45 0.95 -0.53
CA ALA J 194 -36.89 -0.02 -1.52
C ALA J 194 -38.23 0.35 -2.14
N GLN J 195 -38.63 1.62 -2.06
CA GLN J 195 -39.90 2.05 -2.65
C GLN J 195 -39.89 1.83 -4.16
N ASP J 196 -38.85 2.33 -4.83
CA ASP J 196 -38.78 2.19 -6.28
C ASP J 196 -38.67 0.72 -6.68
N ILE J 197 -37.89 -0.06 -5.94
CA ILE J 197 -37.72 -1.47 -6.26
C ILE J 197 -39.06 -2.19 -6.15
N ARG J 198 -39.80 -1.93 -5.08
CA ARG J 198 -41.10 -2.58 -4.90
C ARG J 198 -42.09 -2.13 -5.95
N SER J 199 -42.08 -0.84 -6.32
CA SER J 199 -42.98 -0.38 -7.36
C SER J 199 -42.67 -1.05 -8.70
N GLU J 200 -41.39 -1.18 -9.03
CA GLU J 200 -41.02 -1.88 -10.26
C GLU J 200 -41.43 -3.34 -10.20
N MET J 201 -41.27 -3.99 -9.05
CA MET J 201 -41.72 -5.36 -8.91
C MET J 201 -43.22 -5.47 -9.16
N CYS J 202 -44.00 -4.55 -8.59
CA CYS J 202 -45.44 -4.59 -8.77
C CYS J 202 -45.82 -4.38 -10.22
N LEU J 203 -45.19 -3.42 -10.89
CA LEU J 203 -45.51 -3.16 -12.30
C LEU J 203 -45.17 -4.37 -13.17
N VAL J 204 -44.00 -4.97 -12.94
CA VAL J 204 -43.61 -6.14 -13.72
C VAL J 204 -44.55 -7.30 -13.45
N MET J 205 -44.94 -7.49 -12.18
CA MET J 205 -45.87 -8.55 -11.84
C MET J 205 -47.20 -8.37 -12.56
N GLU J 206 -47.70 -7.13 -12.58
CA GLU J 206 -48.93 -6.86 -13.31
C GLU J 206 -48.75 -7.11 -14.80
N GLN J 207 -47.57 -6.82 -15.35
CA GLN J 207 -47.29 -7.17 -16.73
C GLN J 207 -47.38 -8.68 -16.94
N MET J 208 -46.89 -9.46 -15.98
CA MET J 208 -46.84 -10.91 -16.10
C MET J 208 -48.13 -11.58 -15.64
N GLY J 209 -49.20 -10.83 -15.41
CA GLY J 209 -50.50 -11.40 -15.18
C GLY J 209 -50.95 -11.48 -13.73
N LEU J 210 -50.20 -10.91 -12.79
CA LEU J 210 -50.61 -10.91 -11.40
C LEU J 210 -51.40 -9.66 -11.07
N VAL J 211 -52.30 -9.78 -10.10
CA VAL J 211 -53.05 -8.66 -9.58
C VAL J 211 -52.46 -8.30 -8.24
N VAL J 212 -51.89 -7.11 -8.14
CA VAL J 212 -51.22 -6.66 -6.94
C VAL J 212 -52.22 -5.87 -6.09
N GLU J 213 -52.10 -6.02 -4.78
CA GLU J 213 -52.96 -5.34 -3.82
C GLU J 213 -52.24 -4.26 -3.04
N ALA J 214 -50.97 -4.49 -2.68
CA ALA J 214 -50.20 -3.53 -1.90
C ALA J 214 -48.76 -3.99 -1.90
N HIS J 215 -47.86 -3.10 -1.47
CA HIS J 215 -46.48 -3.48 -1.23
C HIS J 215 -45.91 -2.59 -0.15
N HIS J 216 -45.07 -3.16 0.71
CA HIS J 216 -44.51 -2.38 1.81
C HIS J 216 -43.26 -3.04 2.37
N HIS J 217 -42.57 -2.26 3.20
CA HIS J 217 -41.45 -2.72 3.98
C HIS J 217 -41.95 -3.52 5.18
N GLU J 218 -41.16 -4.52 5.57
CA GLU J 218 -41.53 -5.43 6.64
C GLU J 218 -40.71 -5.12 7.90
N VAL J 219 -40.97 -5.93 8.94
CA VAL J 219 -40.46 -5.60 10.27
C VAL J 219 -38.93 -5.60 10.29
N ALA J 220 -38.31 -6.57 9.64
CA ALA J 220 -36.86 -6.72 9.76
C ALA J 220 -36.14 -5.53 9.13
N THR J 221 -34.85 -5.43 9.46
CA THR J 221 -34.07 -4.24 9.14
C THR J 221 -33.37 -4.34 7.79
N ALA J 222 -32.82 -5.50 7.45
CA ALA J 222 -31.99 -5.64 6.25
C ALA J 222 -32.86 -5.84 5.01
N GLY J 223 -33.71 -4.85 4.76
CA GLY J 223 -34.49 -4.81 3.54
C GLY J 223 -35.49 -5.93 3.39
N GLN J 224 -36.24 -6.22 4.45
CA GLN J 224 -37.36 -7.15 4.33
C GLN J 224 -38.57 -6.42 3.76
N ASN J 225 -39.16 -7.02 2.73
CA ASN J 225 -40.24 -6.40 1.98
C ASN J 225 -41.27 -7.46 1.64
N GLU J 226 -42.52 -7.03 1.42
CA GLU J 226 -43.53 -7.92 0.89
C GLU J 226 -44.43 -7.18 -0.10
N VAL J 227 -44.75 -7.88 -1.19
CA VAL J 227 -45.71 -7.43 -2.18
C VAL J 227 -46.89 -8.40 -2.12
N ALA J 228 -48.06 -7.88 -1.79
CA ALA J 228 -49.26 -8.70 -1.66
C ALA J 228 -49.95 -8.82 -3.02
N THR J 229 -50.38 -10.03 -3.35
CA THR J 229 -51.06 -10.33 -4.59
C THR J 229 -52.44 -10.91 -4.30
N ARG J 230 -53.35 -10.75 -5.24
CA ARG J 230 -54.72 -11.22 -5.05
C ARG J 230 -54.76 -12.74 -5.04
N PHE J 231 -55.70 -13.27 -4.26
CA PHE J 231 -55.88 -14.71 -4.17
C PHE J 231 -56.26 -15.28 -5.54
N ASN J 232 -56.22 -16.61 -5.64
CA ASN J 232 -56.60 -17.27 -6.88
C ASN J 232 -56.77 -18.74 -6.61
N THR J 233 -57.21 -19.49 -7.62
CA THR J 233 -57.35 -20.92 -7.46
C THR J 233 -55.99 -21.55 -7.20
N MET J 234 -56.01 -22.81 -6.75
CA MET J 234 -54.81 -23.42 -6.19
C MET J 234 -53.67 -23.47 -7.19
N THR J 235 -53.85 -24.19 -8.30
CA THR J 235 -52.78 -24.32 -9.28
C THR J 235 -52.43 -22.98 -9.90
N LYS J 236 -53.45 -22.16 -10.19
CA LYS J 236 -53.18 -20.84 -10.73
C LYS J 236 -52.35 -20.01 -9.76
N LYS J 237 -52.68 -20.07 -8.46
CA LYS J 237 -51.94 -19.27 -7.51
C LYS J 237 -50.54 -19.84 -7.27
N ALA J 238 -50.34 -21.14 -7.44
CA ALA J 238 -48.99 -21.69 -7.37
C ALA J 238 -48.14 -21.19 -8.53
N ASP J 239 -48.71 -21.19 -9.73
CA ASP J 239 -48.01 -20.59 -10.87
C ASP J 239 -47.73 -19.12 -10.61
N GLU J 240 -48.69 -18.43 -9.99
CA GLU J 240 -48.51 -17.02 -9.68
C GLU J 240 -47.38 -16.82 -8.68
N ILE J 241 -47.26 -17.72 -7.70
CA ILE J 241 -46.17 -17.63 -6.74
C ILE J 241 -44.82 -17.86 -7.42
N GLN J 242 -44.78 -18.81 -8.36
CA GLN J 242 -43.54 -19.01 -9.11
C GLN J 242 -43.17 -17.76 -9.89
N ILE J 243 -44.15 -17.15 -10.57
CA ILE J 243 -43.90 -15.90 -11.29
C ILE J 243 -43.48 -14.80 -10.33
N TYR J 244 -44.07 -14.78 -9.13
CA TYR J 244 -43.73 -13.79 -8.13
C TYR J 244 -42.27 -13.91 -7.72
N LYS J 245 -41.82 -15.12 -7.41
CA LYS J 245 -40.44 -15.32 -7.03
C LYS J 245 -39.49 -14.97 -8.17
N TYR J 246 -39.85 -15.37 -9.40
CA TYR J 246 -39.03 -15.03 -10.56
C TYR J 246 -38.89 -13.52 -10.70
N VAL J 247 -40.01 -12.80 -10.62
CA VAL J 247 -39.99 -11.35 -10.80
C VAL J 247 -39.17 -10.69 -9.70
N VAL J 248 -39.37 -11.11 -8.45
CA VAL J 248 -38.63 -10.50 -7.35
C VAL J 248 -37.14 -10.71 -7.55
N HIS J 249 -36.72 -11.94 -7.85
CA HIS J 249 -35.30 -12.21 -8.03
C HIS J 249 -34.73 -11.37 -9.15
N ASN J 250 -35.41 -11.33 -10.30
CA ASN J 250 -34.82 -10.67 -11.46
C ASN J 250 -34.81 -9.15 -11.29
N VAL J 251 -35.86 -8.58 -10.69
CA VAL J 251 -35.86 -7.14 -10.45
C VAL J 251 -34.77 -6.76 -9.46
N ALA J 252 -34.62 -7.54 -8.39
CA ALA J 252 -33.56 -7.27 -7.43
C ALA J 252 -32.19 -7.34 -8.09
N HIS J 253 -32.00 -8.34 -8.97
CA HIS J 253 -30.75 -8.45 -9.69
C HIS J 253 -30.51 -7.23 -10.57
N ARG J 254 -31.56 -6.77 -11.26
CA ARG J 254 -31.42 -5.62 -12.14
C ARG J 254 -31.20 -4.31 -11.39
N PHE J 255 -31.59 -4.26 -10.12
CA PHE J 255 -31.33 -3.08 -9.29
C PHE J 255 -30.03 -3.19 -8.51
N GLY J 256 -29.25 -4.24 -8.74
CA GLY J 256 -28.03 -4.45 -7.98
C GLY J 256 -28.24 -5.06 -6.62
N LYS J 257 -29.46 -5.51 -6.31
CA LYS J 257 -29.76 -6.15 -5.04
C LYS J 257 -29.73 -7.66 -5.19
N THR J 258 -30.20 -8.36 -4.16
CA THR J 258 -30.24 -9.81 -4.14
C THR J 258 -31.40 -10.22 -3.26
N ALA J 259 -32.37 -10.90 -3.84
CA ALA J 259 -33.56 -11.31 -3.10
C ALA J 259 -33.40 -12.73 -2.59
N THR J 260 -33.96 -12.97 -1.40
CA THR J 260 -33.97 -14.30 -0.83
C THR J 260 -35.30 -14.54 -0.13
N PHE J 261 -35.84 -15.75 -0.32
CA PHE J 261 -37.05 -16.18 0.33
C PHE J 261 -36.77 -17.14 1.48
N MET J 262 -35.58 -17.09 2.04
CA MET J 262 -35.25 -17.95 3.17
C MET J 262 -36.16 -17.61 4.35
N PRO J 263 -36.61 -18.61 5.11
CA PRO J 263 -37.44 -18.29 6.28
C PRO J 263 -36.73 -17.43 7.32
N LYS J 264 -35.43 -17.61 7.52
CA LYS J 264 -34.71 -16.96 8.61
C LYS J 264 -33.27 -16.73 8.21
N PRO J 265 -32.99 -15.65 7.49
CA PRO J 265 -31.59 -15.35 7.13
C PRO J 265 -30.79 -14.79 8.29
N MET J 266 -31.42 -14.05 9.18
CA MET J 266 -30.72 -13.38 10.28
C MET J 266 -31.32 -13.80 11.61
N PHE J 267 -30.46 -13.90 12.62
CA PHE J 267 -30.90 -14.15 13.99
C PHE J 267 -31.11 -12.81 14.70
N GLY J 268 -32.11 -12.77 15.56
CA GLY J 268 -32.45 -11.55 16.27
C GLY J 268 -33.33 -10.61 15.49
N ASP J 269 -33.70 -10.95 14.26
CA ASP J 269 -34.61 -10.15 13.45
C ASP J 269 -35.70 -11.05 12.91
N ASN J 270 -36.83 -10.44 12.57
CA ASN J 270 -38.00 -11.21 12.14
C ASN J 270 -37.66 -12.01 10.88
N GLY J 271 -38.21 -13.22 10.81
CA GLY J 271 -38.07 -14.05 9.64
C GLY J 271 -39.13 -13.77 8.60
N SER J 272 -39.08 -14.54 7.52
CA SER J 272 -40.01 -14.41 6.41
C SER J 272 -40.97 -15.59 6.41
N GLY J 273 -42.26 -15.29 6.31
CA GLY J 273 -43.28 -16.32 6.28
C GLY J 273 -44.23 -16.11 5.11
N MET J 274 -45.04 -17.14 4.86
CA MET J 274 -46.03 -17.12 3.79
C MET J 274 -47.37 -17.57 4.38
N HIS J 275 -48.11 -16.62 4.94
CA HIS J 275 -49.45 -16.92 5.43
C HIS J 275 -50.34 -17.34 4.27
N CYS J 276 -51.06 -18.43 4.43
CA CYS J 276 -51.88 -19.01 3.37
C CYS J 276 -53.34 -18.90 3.75
N HIS J 277 -54.05 -17.99 3.10
CA HIS J 277 -55.49 -17.87 3.24
C HIS J 277 -56.18 -18.92 2.37
N MET J 278 -57.23 -19.54 2.90
CA MET J 278 -57.92 -20.60 2.20
C MET J 278 -59.43 -20.42 2.34
N SER J 279 -60.14 -20.82 1.29
CA SER J 279 -61.60 -20.86 1.31
C SER J 279 -62.04 -21.85 0.24
N LEU J 280 -63.27 -22.34 0.40
CA LEU J 280 -63.87 -23.27 -0.54
C LEU J 280 -65.18 -22.69 -1.06
N SER J 281 -65.41 -22.84 -2.37
CA SER J 281 -66.61 -22.35 -3.02
C SER J 281 -67.23 -23.45 -3.86
N LYS J 282 -68.56 -23.53 -3.82
CA LYS J 282 -69.33 -24.47 -4.63
C LYS J 282 -70.50 -23.72 -5.22
N ASN J 283 -70.61 -23.73 -6.55
CA ASN J 283 -71.68 -23.02 -7.25
C ASN J 283 -71.67 -21.53 -6.94
N GLY J 284 -70.49 -20.98 -6.66
CA GLY J 284 -70.34 -19.56 -6.45
C GLY J 284 -70.63 -19.06 -5.05
N VAL J 285 -70.94 -19.94 -4.11
CA VAL J 285 -71.20 -19.56 -2.73
C VAL J 285 -70.06 -20.07 -1.85
N ASN J 286 -69.52 -19.19 -1.01
CA ASN J 286 -68.46 -19.56 -0.10
C ASN J 286 -68.98 -20.58 0.91
N LEU J 287 -68.33 -21.73 1.00
CA LEU J 287 -68.72 -22.78 1.93
C LEU J 287 -68.13 -22.59 3.32
N PHE J 288 -67.21 -21.66 3.50
CA PHE J 288 -66.63 -21.36 4.79
C PHE J 288 -67.40 -20.30 5.56
N ALA J 289 -68.50 -19.80 5.01
CA ALA J 289 -69.31 -18.78 5.65
C ALA J 289 -70.51 -19.43 6.34
N GLY J 290 -70.72 -19.07 7.60
CA GLY J 290 -71.80 -19.66 8.35
C GLY J 290 -72.02 -18.93 9.65
N ASP J 291 -72.83 -19.53 10.51
CA ASP J 291 -73.22 -18.92 11.78
C ASP J 291 -72.37 -19.38 12.96
N LYS J 292 -71.36 -20.21 12.72
CA LYS J 292 -70.50 -20.69 13.80
C LYS J 292 -69.46 -19.64 14.15
N TYR J 293 -68.46 -20.04 14.91
CA TYR J 293 -67.49 -19.09 15.45
C TYR J 293 -66.89 -18.22 14.36
N ALA J 294 -66.88 -16.91 14.61
CA ALA J 294 -66.30 -15.93 13.70
C ALA J 294 -66.93 -16.01 12.31
N GLY J 295 -68.21 -16.37 12.25
CA GLY J 295 -68.90 -16.46 10.99
C GLY J 295 -68.53 -17.68 10.17
N LEU J 296 -67.82 -18.64 10.74
CA LEU J 296 -67.43 -19.84 10.02
C LEU J 296 -68.59 -20.81 9.93
N SER J 297 -68.43 -21.82 9.07
CA SER J 297 -69.38 -22.90 8.94
C SER J 297 -68.80 -24.18 9.56
N GLU J 298 -69.65 -25.20 9.66
CA GLU J 298 -69.19 -26.48 10.18
C GLU J 298 -68.14 -27.10 9.26
N GLN J 299 -68.27 -26.92 7.95
CA GLN J 299 -67.23 -27.38 7.04
C GLN J 299 -65.92 -26.63 7.28
N ALA J 300 -65.99 -25.33 7.57
CA ALA J 300 -64.79 -24.59 7.90
C ALA J 300 -64.13 -25.12 9.16
N LEU J 301 -64.94 -25.42 10.19
CA LEU J 301 -64.37 -25.97 11.42
C LEU J 301 -63.74 -27.33 11.16
N TYR J 302 -64.38 -28.17 10.33
CA TYR J 302 -63.80 -29.47 10.01
C TYR J 302 -62.49 -29.32 9.24
N TYR J 303 -62.43 -28.35 8.33
CA TYR J 303 -61.20 -28.06 7.61
C TYR J 303 -60.09 -27.66 8.58
N ILE J 304 -60.41 -26.79 9.52
CA ILE J 304 -59.43 -26.38 10.53
C ILE J 304 -58.98 -27.58 11.34
N GLY J 305 -59.91 -28.45 11.71
CA GLY J 305 -59.56 -29.63 12.48
C GLY J 305 -58.62 -30.57 11.72
N GLY J 306 -58.89 -30.77 10.43
CA GLY J 306 -58.00 -31.59 9.63
C GLY J 306 -56.61 -30.98 9.52
N VAL J 307 -56.55 -29.67 9.29
CA VAL J 307 -55.24 -29.01 9.20
C VAL J 307 -54.49 -29.14 10.51
N ILE J 308 -55.19 -29.00 11.64
CA ILE J 308 -54.55 -29.14 12.94
C ILE J 308 -54.06 -30.56 13.14
N LYS J 309 -54.88 -31.55 12.79
CA LYS J 309 -54.49 -32.95 13.00
C LYS J 309 -53.26 -33.30 12.18
N HIS J 310 -53.22 -32.88 10.92
CA HIS J 310 -52.11 -33.21 10.03
C HIS J 310 -51.10 -32.08 9.91
N ALA J 311 -51.01 -31.22 10.93
CA ALA J 311 -50.12 -30.07 10.84
C ALA J 311 -48.66 -30.49 10.77
N LYS J 312 -48.27 -31.47 11.56
CA LYS J 312 -46.87 -31.90 11.54
C LYS J 312 -46.49 -32.50 10.20
N ALA J 313 -47.37 -33.32 9.63
CA ALA J 313 -47.11 -33.86 8.29
C ALA J 313 -47.05 -32.74 7.26
N ILE J 314 -47.94 -31.75 7.39
CA ILE J 314 -47.93 -30.62 6.46
C ILE J 314 -46.60 -29.88 6.56
N ASN J 315 -46.05 -29.76 7.77
CA ASN J 315 -44.82 -29.01 7.96
C ASN J 315 -43.69 -29.53 7.07
N ALA J 316 -43.70 -30.83 6.77
CA ALA J 316 -42.66 -31.37 5.89
C ALA J 316 -42.70 -30.75 4.50
N LEU J 317 -43.85 -30.19 4.09
CA LEU J 317 -44.01 -29.60 2.77
C LEU J 317 -44.15 -28.08 2.80
N ALA J 318 -44.75 -27.55 3.86
CA ALA J 318 -44.92 -26.10 4.01
C ALA J 318 -43.70 -25.45 4.65
N ASN J 319 -42.89 -26.20 5.38
CA ASN J 319 -41.66 -25.71 5.99
C ASN J 319 -40.57 -26.72 5.72
N PRO J 320 -40.17 -26.88 4.45
CA PRO J 320 -39.31 -28.00 4.05
C PRO J 320 -37.82 -27.78 4.24
N THR J 321 -37.41 -26.75 4.99
CA THR J 321 -36.01 -26.42 5.18
C THR J 321 -35.69 -26.37 6.66
N THR J 322 -34.47 -26.74 7.01
CA THR J 322 -34.05 -26.63 8.40
C THR J 322 -34.16 -25.19 8.86
N ASN J 323 -33.78 -24.25 8.01
CA ASN J 323 -33.89 -22.83 8.36
C ASN J 323 -35.30 -22.46 8.73
N SER J 324 -36.30 -23.17 8.19
CA SER J 324 -37.69 -22.85 8.52
C SER J 324 -37.93 -22.95 10.01
N TYR J 325 -37.35 -23.97 10.65
CA TYR J 325 -37.62 -24.18 12.06
C TYR J 325 -36.77 -23.28 12.93
N LYS J 326 -36.08 -22.31 12.33
CA LYS J 326 -35.47 -21.21 13.06
C LYS J 326 -36.38 -19.98 13.11
N ARG J 327 -37.50 -19.99 12.39
CA ARG J 327 -38.56 -19.02 12.65
C ARG J 327 -39.75 -19.62 13.38
N LEU J 328 -39.94 -20.93 13.32
CA LEU J 328 -41.00 -21.59 14.06
C LEU J 328 -40.54 -21.97 15.47
N VAL J 329 -40.05 -20.98 16.20
CA VAL J 329 -39.58 -21.18 17.57
C VAL J 329 -40.48 -20.40 18.51
N PRO J 330 -40.73 -20.90 19.72
CA PRO J 330 -41.56 -20.13 20.66
C PRO J 330 -40.95 -18.77 20.93
N GLY J 331 -41.81 -17.76 21.03
CA GLY J 331 -41.37 -16.40 21.26
C GLY J 331 -40.82 -15.75 20.01
N ALA J 334 -45.32 -16.80 19.52
CA ALA J 334 -44.90 -17.26 18.20
C ALA J 334 -46.03 -18.01 17.51
N PRO J 335 -45.98 -18.11 16.17
CA PRO J 335 -47.03 -18.82 15.43
C PRO J 335 -46.79 -20.32 15.37
N VAL J 336 -46.69 -20.94 16.54
CA VAL J 336 -46.39 -22.36 16.65
C VAL J 336 -47.50 -23.16 17.29
N MET J 337 -48.48 -22.53 17.92
CA MET J 337 -49.57 -23.25 18.57
C MET J 337 -50.62 -23.63 17.53
N LEU J 338 -51.01 -24.90 17.52
CA LEU J 338 -52.01 -25.40 16.57
C LEU J 338 -53.39 -25.19 17.18
N ALA J 339 -53.87 -23.95 17.07
CA ALA J 339 -55.20 -23.59 17.52
C ALA J 339 -55.73 -22.50 16.60
N TYR J 340 -57.04 -22.30 16.64
CA TYR J 340 -57.69 -21.31 15.78
C TYR J 340 -58.36 -20.25 16.65
N SER J 341 -58.14 -18.99 16.31
CA SER J 341 -58.78 -17.88 17.01
C SER J 341 -58.76 -16.67 16.09
N ALA J 342 -59.74 -15.79 16.29
CA ALA J 342 -59.86 -14.58 15.49
C ALA J 342 -59.11 -13.40 16.10
N ARG J 343 -58.58 -13.54 17.32
CA ARG J 343 -57.95 -12.43 18.00
C ARG J 343 -56.54 -12.76 18.47
N ASN J 344 -56.31 -14.02 18.88
CA ASN J 344 -55.02 -14.40 19.44
C ASN J 344 -53.94 -14.34 18.39
N ARG J 345 -52.83 -13.67 18.72
CA ARG J 345 -51.65 -13.68 17.88
C ARG J 345 -50.79 -14.93 18.08
N SER J 346 -51.11 -15.74 19.09
CA SER J 346 -50.36 -16.97 19.33
C SER J 346 -50.93 -18.17 18.59
N ALA J 347 -52.07 -18.02 17.91
CA ALA J 347 -52.68 -19.12 17.19
C ALA J 347 -52.15 -19.17 15.78
N SER J 348 -51.78 -20.37 15.33
CA SER J 348 -51.27 -20.56 13.98
C SER J 348 -52.37 -20.47 12.93
N ILE J 349 -53.62 -20.59 13.32
CA ILE J 349 -54.77 -20.48 12.42
C ILE J 349 -55.59 -19.28 12.86
N ARG J 350 -55.81 -18.34 11.97
CA ARG J 350 -56.56 -17.13 12.24
C ARG J 350 -57.80 -17.07 11.37
N ILE J 351 -58.83 -16.39 11.86
CA ILE J 351 -60.04 -16.15 11.10
C ILE J 351 -60.12 -14.65 10.83
N PRO J 352 -59.68 -14.17 9.68
CA PRO J 352 -59.67 -12.71 9.44
C PRO J 352 -61.08 -12.13 9.54
N VAL J 353 -61.15 -10.91 10.08
CA VAL J 353 -62.42 -10.21 10.22
C VAL J 353 -62.73 -9.53 8.88
N VAL J 354 -63.69 -10.09 8.15
CA VAL J 354 -64.10 -9.57 6.85
C VAL J 354 -65.60 -9.32 6.88
N SER J 355 -66.02 -8.14 6.43
CA SER J 355 -67.43 -7.79 6.49
C SER J 355 -68.26 -8.69 5.57
N SER J 356 -67.78 -8.93 4.36
CA SER J 356 -68.56 -9.69 3.38
C SER J 356 -68.42 -11.17 3.63
N PRO J 357 -69.53 -11.91 3.79
CA PRO J 357 -69.40 -13.38 3.97
C PRO J 357 -68.68 -14.05 2.83
N LYS J 358 -68.80 -13.52 1.61
CA LYS J 358 -68.11 -14.10 0.46
C LYS J 358 -66.60 -14.12 0.66
N ALA J 359 -66.07 -13.29 1.55
CA ALA J 359 -64.64 -13.22 1.81
C ALA J 359 -64.22 -14.05 3.02
N ARG J 360 -65.14 -14.84 3.60
CA ARG J 360 -64.79 -15.64 4.76
C ARG J 360 -63.72 -16.67 4.39
N ARG J 361 -62.74 -16.81 5.27
CA ARG J 361 -61.57 -17.62 4.97
C ARG J 361 -60.83 -17.94 6.26
N ILE J 362 -59.92 -18.92 6.16
CA ILE J 362 -59.02 -19.27 7.25
C ILE J 362 -57.60 -19.00 6.81
N GLU J 363 -56.80 -18.40 7.69
CA GLU J 363 -55.41 -18.05 7.42
C GLU J 363 -54.51 -18.98 8.23
N VAL J 364 -53.76 -19.83 7.53
CA VAL J 364 -52.78 -20.71 8.16
C VAL J 364 -51.44 -19.99 8.14
N ARG J 365 -50.84 -19.83 9.31
CA ARG J 365 -49.72 -18.91 9.47
C ARG J 365 -48.34 -19.56 9.44
N PHE J 366 -48.24 -20.86 9.71
CA PHE J 366 -46.92 -21.46 9.88
C PHE J 366 -46.11 -21.59 8.59
N PRO J 367 -46.72 -21.75 7.41
CA PRO J 367 -45.92 -21.95 6.19
C PRO J 367 -44.90 -20.83 5.98
N ASP J 368 -43.92 -21.12 5.12
CA ASP J 368 -42.85 -20.21 4.79
C ASP J 368 -42.68 -20.15 3.28
N PRO J 369 -42.07 -19.08 2.76
CA PRO J 369 -41.96 -18.93 1.30
C PRO J 369 -40.97 -19.89 0.66
N ALA J 370 -40.16 -20.60 1.44
CA ALA J 370 -39.27 -21.60 0.89
C ALA J 370 -40.02 -22.86 0.45
N ALA J 371 -41.29 -22.97 0.78
CA ALA J 371 -42.06 -24.16 0.43
C ALA J 371 -42.33 -24.23 -1.07
N ASN J 372 -42.41 -25.45 -1.56
CA ASN J 372 -42.90 -25.66 -2.92
C ASN J 372 -44.37 -25.27 -2.96
N PRO J 373 -44.77 -24.30 -3.78
CA PRO J 373 -46.17 -23.86 -3.71
C PRO J 373 -47.17 -24.97 -4.01
N TYR J 374 -46.94 -25.72 -5.08
CA TYR J 374 -47.87 -26.78 -5.45
C TYR J 374 -48.03 -27.78 -4.32
N LEU J 375 -46.91 -28.30 -3.82
CA LEU J 375 -46.96 -29.34 -2.80
C LEU J 375 -47.57 -28.82 -1.50
N CYS J 376 -47.19 -27.61 -1.09
CA CYS J 376 -47.73 -27.04 0.14
C CYS J 376 -49.25 -26.86 0.04
N PHE J 377 -49.71 -26.27 -1.05
CA PHE J 377 -51.15 -26.05 -1.21
C PHE J 377 -51.89 -27.37 -1.28
N ALA J 378 -51.33 -28.35 -2.00
CA ALA J 378 -51.98 -29.66 -2.08
C ALA J 378 -52.06 -30.31 -0.71
N ALA J 379 -51.00 -30.23 0.08
CA ALA J 379 -51.02 -30.81 1.41
C ALA J 379 -52.08 -30.15 2.29
N LEU J 380 -52.14 -28.82 2.26
CA LEU J 380 -53.14 -28.13 3.06
C LEU J 380 -54.54 -28.51 2.63
N LEU J 381 -54.79 -28.54 1.32
CA LEU J 381 -56.12 -28.90 0.82
C LEU J 381 -56.48 -30.32 1.20
N MET J 382 -55.54 -31.25 1.09
CA MET J 382 -55.84 -32.64 1.38
C MET J 382 -56.09 -32.85 2.87
N ALA J 383 -55.34 -32.15 3.72
CA ALA J 383 -55.61 -32.23 5.16
C ALA J 383 -56.99 -31.67 5.47
N GLY J 384 -57.35 -30.55 4.86
CA GLY J 384 -58.68 -29.99 5.07
C GLY J 384 -59.78 -30.93 4.60
N LEU J 385 -59.58 -31.56 3.45
CA LEU J 385 -60.59 -32.48 2.93
C LEU J 385 -60.71 -33.72 3.81
N ASP J 386 -59.60 -34.21 4.34
CA ASP J 386 -59.66 -35.31 5.30
C ASP J 386 -60.44 -34.90 6.54
N GLY J 387 -60.20 -33.67 7.02
CA GLY J 387 -60.97 -33.17 8.15
C GLY J 387 -62.46 -33.11 7.85
N ILE J 388 -62.80 -32.65 6.65
CA ILE J 388 -64.22 -32.56 6.27
C ILE J 388 -64.84 -33.94 6.19
N LYS J 389 -64.15 -34.88 5.53
CA LYS J 389 -64.72 -36.21 5.35
C LYS J 389 -64.88 -36.94 6.66
N ASN J 390 -63.89 -36.86 7.55
CA ASN J 390 -63.94 -37.56 8.82
C ASN J 390 -64.58 -36.74 9.93
N LYS J 391 -65.03 -35.52 9.64
CA LYS J 391 -65.73 -34.68 10.61
C LYS J 391 -64.89 -34.51 11.88
N ILE J 392 -63.68 -33.98 11.68
CA ILE J 392 -62.75 -33.74 12.77
C ILE J 392 -63.04 -32.35 13.34
N HIS J 393 -63.53 -32.32 14.56
CA HIS J 393 -63.85 -31.04 15.20
C HIS J 393 -62.59 -30.47 15.86
N PRO J 394 -62.22 -29.22 15.57
CA PRO J 394 -60.99 -28.67 16.13
C PRO J 394 -61.09 -28.22 17.57
N GLY J 395 -62.21 -28.47 18.24
CA GLY J 395 -62.38 -28.00 19.59
C GLY J 395 -62.79 -26.54 19.62
N GLU J 396 -62.61 -25.93 20.78
CA GLU J 396 -62.96 -24.54 20.98
C GLU J 396 -61.83 -23.62 20.53
N ALA J 397 -62.19 -22.40 20.18
CA ALA J 397 -61.21 -21.41 19.75
C ALA J 397 -60.31 -21.03 20.91
N MET J 398 -59.04 -20.77 20.60
CA MET J 398 -58.04 -20.39 21.60
C MET J 398 -58.16 -18.88 21.84
N ASP J 399 -59.17 -18.51 22.61
CA ASP J 399 -59.39 -17.10 22.96
C ASP J 399 -58.95 -16.82 24.38
N ALA J 410 -52.01 -25.36 29.01
CA ALA J 410 -51.42 -24.85 27.77
C ALA J 410 -50.49 -25.89 27.15
N LYS J 411 -49.90 -26.73 28.00
CA LYS J 411 -49.01 -27.77 27.51
C LYS J 411 -49.74 -28.81 26.68
N GLU J 412 -51.08 -28.87 26.76
CA GLU J 412 -51.86 -29.82 26.00
C GLU J 412 -52.12 -29.35 24.58
N ILE J 413 -51.85 -28.09 24.26
CA ILE J 413 -52.09 -27.55 22.92
C ILE J 413 -51.04 -28.12 21.97
N PRO J 414 -51.43 -28.76 20.87
CA PRO J 414 -50.43 -29.26 19.92
C PRO J 414 -49.70 -28.11 19.24
N GLN J 415 -48.46 -28.39 18.84
CA GLN J 415 -47.61 -27.41 18.20
C GLN J 415 -47.06 -27.97 16.90
N VAL J 416 -46.61 -27.06 16.03
CA VAL J 416 -46.00 -27.49 14.78
C VAL J 416 -44.72 -28.25 15.07
N ALA J 417 -44.25 -28.98 14.06
CA ALA J 417 -43.03 -29.75 14.20
C ALA J 417 -41.86 -28.84 14.58
N GLY J 418 -41.07 -29.28 15.55
CA GLY J 418 -39.94 -28.52 16.02
C GLY J 418 -38.67 -28.70 15.20
N SER J 419 -38.68 -29.62 14.24
CA SER J 419 -37.50 -29.82 13.40
C SER J 419 -37.94 -30.47 12.09
N LEU J 420 -37.08 -30.35 11.09
CA LEU J 420 -37.35 -30.96 9.79
C LEU J 420 -37.34 -32.48 9.90
N GLU J 421 -36.50 -33.05 10.76
CA GLU J 421 -36.54 -34.49 10.99
C GLU J 421 -37.89 -34.93 11.54
N GLU J 422 -38.41 -34.18 12.52
CA GLU J 422 -39.73 -34.50 13.07
C GLU J 422 -40.80 -34.38 11.99
N ALA J 423 -40.74 -33.31 11.19
CA ALA J 423 -41.73 -33.13 10.14
C ALA J 423 -41.69 -34.28 9.14
N LEU J 424 -40.49 -34.71 8.76
CA LEU J 424 -40.36 -35.78 7.77
C LEU J 424 -40.80 -37.11 8.35
N ASN J 425 -40.50 -37.38 9.62
CA ASN J 425 -40.98 -38.60 10.25
C ASN J 425 -42.50 -38.61 10.31
N GLU J 426 -43.11 -37.48 10.65
CA GLU J 426 -44.56 -37.41 10.70
C GLU J 426 -45.16 -37.58 9.32
N LEU J 427 -44.53 -37.02 8.29
CA LEU J 427 -45.00 -37.25 6.92
C LEU J 427 -44.90 -38.73 6.55
N ASP J 428 -43.81 -39.38 6.95
CA ASP J 428 -43.66 -40.80 6.67
C ASP J 428 -44.76 -41.61 7.35
N LEU J 429 -45.12 -41.25 8.57
CA LEU J 429 -46.11 -42.01 9.32
C LEU J 429 -47.55 -41.55 9.07
N ASP J 430 -47.76 -40.49 8.29
CA ASP J 430 -49.08 -39.87 8.12
C ASP J 430 -49.37 -39.59 6.65
N ARG J 431 -49.19 -40.61 5.80
CA ARG J 431 -49.30 -40.42 4.37
C ARG J 431 -50.73 -40.54 3.84
N GLU J 432 -51.64 -41.13 4.61
CA GLU J 432 -52.94 -41.53 4.04
C GLU J 432 -53.72 -40.32 3.52
N PHE J 433 -53.76 -39.24 4.28
CA PHE J 433 -54.52 -38.07 3.86
C PHE J 433 -53.95 -37.45 2.59
N LEU J 434 -52.69 -37.74 2.26
CA LEU J 434 -52.12 -37.30 1.00
C LEU J 434 -52.31 -38.31 -0.11
N LYS J 435 -52.38 -39.59 0.23
CA LYS J 435 -52.60 -40.63 -0.77
C LYS J 435 -54.07 -40.82 -1.11
N ALA J 436 -54.98 -40.12 -0.42
CA ALA J 436 -56.38 -40.21 -0.77
C ALA J 436 -56.60 -39.73 -2.20
N GLY J 437 -57.28 -40.55 -3.00
CA GLY J 437 -57.59 -40.16 -4.36
C GLY J 437 -56.45 -40.23 -5.33
N GLY J 438 -55.31 -40.80 -4.95
CA GLY J 438 -54.18 -40.89 -5.84
C GLY J 438 -53.44 -39.59 -6.08
N VAL J 439 -53.68 -38.59 -5.25
CA VAL J 439 -53.00 -37.30 -5.41
C VAL J 439 -51.50 -37.48 -5.22
N PHE J 440 -51.10 -37.91 -4.03
CA PHE J 440 -49.72 -38.25 -3.74
C PHE J 440 -49.53 -39.76 -3.84
N THR J 441 -48.37 -40.17 -4.34
CA THR J 441 -48.02 -41.58 -4.45
C THR J 441 -46.89 -41.88 -3.48
N ASP J 442 -46.89 -43.11 -2.96
CA ASP J 442 -45.88 -43.50 -1.99
C ASP J 442 -44.47 -43.25 -2.51
N GLU J 443 -44.24 -43.53 -3.80
CA GLU J 443 -42.94 -43.27 -4.39
C GLU J 443 -42.60 -41.79 -4.34
N ALA J 444 -43.56 -40.92 -4.66
CA ALA J 444 -43.30 -39.49 -4.61
C ALA J 444 -42.98 -39.03 -3.20
N ILE J 445 -43.74 -39.52 -2.21
CA ILE J 445 -43.50 -39.13 -0.83
C ILE J 445 -42.12 -39.59 -0.38
N ASP J 446 -41.74 -40.81 -0.73
CA ASP J 446 -40.42 -41.32 -0.35
C ASP J 446 -39.31 -40.51 -1.00
N ALA J 447 -39.47 -40.17 -2.29
CA ALA J 447 -38.46 -39.38 -2.97
C ALA J 447 -38.31 -38.02 -2.30
N TYR J 448 -39.43 -37.37 -1.99
CA TYR J 448 -39.38 -36.08 -1.31
C TYR J 448 -38.68 -36.20 0.04
N ILE J 449 -39.02 -37.25 0.79
CA ILE J 449 -38.45 -37.40 2.13
C ILE J 449 -36.93 -37.60 2.05
N ALA J 450 -36.48 -38.43 1.13
CA ALA J 450 -35.04 -38.64 0.98
C ALA J 450 -34.34 -37.37 0.53
N LEU J 451 -34.94 -36.66 -0.43
CA LEU J 451 -34.32 -35.45 -0.96
C LEU J 451 -34.16 -34.41 0.13
N ARG J 452 -35.13 -34.32 1.04
CA ARG J 452 -35.01 -33.38 2.15
C ARG J 452 -34.07 -33.90 3.24
N ARG J 453 -34.04 -35.22 3.45
CA ARG J 453 -33.18 -35.78 4.48
C ARG J 453 -31.71 -35.57 4.14
N GLU J 454 -31.37 -35.55 2.85
CA GLU J 454 -29.98 -35.24 2.48
C GLU J 454 -29.56 -33.88 3.02
N GLU J 455 -30.38 -32.85 2.77
CA GLU J 455 -30.08 -31.51 3.25
C GLU J 455 -30.05 -31.47 4.77
N ASP J 456 -31.01 -32.14 5.41
CA ASP J 456 -31.03 -32.19 6.86
C ASP J 456 -29.75 -32.81 7.40
N ASP J 457 -29.26 -33.88 6.76
CA ASP J 457 -28.03 -34.51 7.19
C ASP J 457 -26.85 -33.56 7.04
N ARG J 458 -26.78 -32.83 5.92
CA ARG J 458 -25.70 -31.86 5.76
C ARG J 458 -25.69 -30.87 6.92
N VAL J 459 -26.85 -30.28 7.22
CA VAL J 459 -26.89 -29.26 8.26
C VAL J 459 -26.64 -29.88 9.64
N ARG J 460 -27.03 -31.13 9.83
CA ARG J 460 -26.84 -31.79 11.11
C ARG J 460 -25.38 -32.17 11.35
N MET J 461 -24.65 -32.51 10.30
CA MET J 461 -23.26 -32.92 10.43
C MET J 461 -22.27 -31.78 10.29
N THR J 462 -22.69 -30.59 9.83
CA THR J 462 -21.67 -29.53 9.77
C THR J 462 -21.61 -28.76 11.08
N PRO J 463 -20.42 -28.58 11.67
CA PRO J 463 -20.32 -27.85 12.94
C PRO J 463 -20.76 -26.39 12.82
N HIS J 464 -21.09 -25.80 13.97
CA HIS J 464 -21.69 -24.48 14.02
C HIS J 464 -20.75 -23.46 14.68
N PRO J 465 -20.64 -22.26 14.13
CA PRO J 465 -19.87 -21.20 14.82
C PRO J 465 -20.37 -20.92 16.23
N VAL J 466 -21.68 -20.97 16.45
CA VAL J 466 -22.21 -20.85 17.81
C VAL J 466 -21.71 -22.00 18.66
N GLU J 467 -21.58 -23.21 18.08
CA GLU J 467 -21.01 -24.31 18.83
C GLU J 467 -19.58 -24.02 19.23
N PHE J 468 -18.79 -23.41 18.36
CA PHE J 468 -17.45 -23.00 18.81
C PHE J 468 -17.52 -21.97 19.92
N GLU J 469 -18.37 -20.96 19.76
CA GLU J 469 -18.49 -19.92 20.79
C GLU J 469 -18.84 -20.52 22.14
N LEU J 470 -19.61 -21.61 22.13
CA LEU J 470 -20.10 -22.19 23.38
C LEU J 470 -19.15 -23.22 23.97
N TYR J 471 -18.50 -24.02 23.12
CA TYR J 471 -17.81 -25.22 23.59
C TYR J 471 -16.32 -25.25 23.28
N TYR J 472 -15.74 -24.20 22.69
CA TYR J 472 -14.32 -24.29 22.35
C TYR J 472 -13.46 -24.49 23.59
N SER J 473 -13.78 -23.79 24.68
CA SER J 473 -13.02 -23.88 25.91
C SER J 473 -13.51 -24.99 26.83
N VAL J 474 -14.53 -25.74 26.43
CA VAL J 474 -15.05 -26.82 27.25
C VAL J 474 -15.30 -28.05 26.39
N MET K 6 38.14 26.54 44.82
CA MET K 6 38.77 25.75 43.73
C MET K 6 39.58 26.68 42.83
N SER K 7 40.80 26.26 42.47
CA SER K 7 41.68 27.10 41.68
C SER K 7 42.31 26.33 40.52
N ALA K 8 43.29 26.95 39.86
CA ALA K 8 43.93 26.31 38.73
C ALA K 8 44.65 25.03 39.15
N GLU K 9 45.29 25.05 40.32
CA GLU K 9 45.96 23.84 40.80
C GLU K 9 44.96 22.71 40.99
N HIS K 10 43.79 23.02 41.55
CA HIS K 10 42.76 21.99 41.72
C HIS K 10 42.23 21.51 40.38
N VAL K 11 42.12 22.38 39.38
CA VAL K 11 41.68 21.93 38.06
C VAL K 11 42.72 20.98 37.47
N LEU K 12 43.99 21.34 37.56
CA LEU K 12 45.05 20.48 37.05
C LEU K 12 45.09 19.15 37.79
N THR K 13 44.75 19.15 39.08
CA THR K 13 44.64 17.90 39.81
C THR K 13 43.47 17.06 39.33
N MET K 14 42.32 17.71 39.10
CA MET K 14 41.15 17.01 38.60
C MET K 14 41.44 16.34 37.27
N LEU K 15 42.24 17.00 36.42
CA LEU K 15 42.53 16.43 35.11
C LEU K 15 43.15 15.05 35.24
N ASN K 16 44.08 14.87 36.17
CA ASN K 16 44.65 13.55 36.40
C ASN K 16 43.71 12.65 37.20
N GLU K 17 42.95 13.21 38.14
CA GLU K 17 42.09 12.40 38.98
C GLU K 17 41.01 11.68 38.18
N HIS K 18 40.40 12.39 37.22
CA HIS K 18 39.32 11.83 36.43
C HIS K 18 39.77 11.37 35.05
N GLU K 19 41.08 11.37 34.78
CA GLU K 19 41.60 10.98 33.48
C GLU K 19 40.93 11.78 32.36
N VAL K 20 40.84 13.09 32.57
CA VAL K 20 40.12 13.95 31.64
C VAL K 20 40.85 13.98 30.30
N LYS K 21 40.10 13.78 29.23
CA LYS K 21 40.64 13.87 27.87
C LYS K 21 40.40 15.23 27.24
N PHE K 22 39.34 15.93 27.62
CA PHE K 22 38.98 17.19 26.97
C PHE K 22 38.51 18.18 28.03
N VAL K 23 38.61 19.46 27.70
CA VAL K 23 38.12 20.55 28.52
C VAL K 23 37.25 21.43 27.64
N ASP K 24 36.01 21.64 28.04
CA ASP K 24 35.02 22.35 27.24
C ASP K 24 34.80 23.73 27.85
N LEU K 25 35.30 24.75 27.17
CA LEU K 25 35.16 26.13 27.62
C LEU K 25 33.80 26.66 27.20
N ARG K 26 33.02 27.14 28.16
CA ARG K 26 31.65 27.54 27.95
C ARG K 26 31.44 29.00 28.31
N PHE K 27 30.57 29.67 27.54
CA PHE K 27 30.22 31.06 27.80
C PHE K 27 28.82 31.30 27.26
N THR K 28 28.24 32.44 27.63
CA THR K 28 26.87 32.75 27.27
C THR K 28 26.85 33.98 26.36
N ASP K 29 26.07 33.90 25.28
CA ASP K 29 25.91 35.01 24.36
C ASP K 29 24.80 35.94 24.86
N THR K 30 24.52 36.98 24.09
CA THR K 30 23.52 37.96 24.51
C THR K 30 22.14 37.32 24.65
N LYS K 31 21.75 36.47 23.69
CA LYS K 31 20.44 35.84 23.76
C LYS K 31 20.31 34.90 24.94
N GLY K 32 21.41 34.39 25.48
CA GLY K 32 21.38 33.50 26.62
C GLY K 32 21.69 32.05 26.32
N LYS K 33 22.23 31.74 25.15
CA LYS K 33 22.54 30.38 24.76
C LYS K 33 23.99 30.06 25.05
N GLU K 34 24.25 28.89 25.61
CA GLU K 34 25.61 28.46 25.91
C GLU K 34 26.35 28.14 24.62
N GLN K 35 27.56 28.68 24.49
CA GLN K 35 28.47 28.41 23.40
C GLN K 35 29.70 27.74 23.99
N HIS K 36 30.13 26.64 23.40
CA HIS K 36 31.23 25.85 23.95
C HIS K 36 32.27 25.56 22.88
N VAL K 37 33.53 25.66 23.26
CA VAL K 37 34.67 25.27 22.43
C VAL K 37 35.52 24.29 23.23
N THR K 38 35.87 23.17 22.62
CA THR K 38 36.59 22.10 23.31
C THR K 38 38.06 22.10 22.93
N ILE K 39 38.91 21.86 23.93
CA ILE K 39 40.35 21.74 23.71
C ILE K 39 40.84 20.47 24.40
N PRO K 40 41.84 19.78 23.88
CA PRO K 40 42.35 18.59 24.57
C PRO K 40 42.95 18.97 25.92
N ALA K 41 42.91 18.00 26.84
CA ALA K 41 43.34 18.26 28.21
C ALA K 41 44.78 18.72 28.26
N HIS K 42 45.64 18.17 27.40
CA HIS K 42 47.05 18.52 27.42
C HIS K 42 47.30 19.95 27.01
N GLN K 43 46.30 20.65 26.47
CA GLN K 43 46.42 22.06 26.16
C GLN K 43 46.16 22.95 27.37
N VAL K 44 45.77 22.37 28.51
CA VAL K 44 45.44 23.14 29.71
C VAL K 44 46.63 23.08 30.65
N ASN K 45 47.21 24.24 30.94
CA ASN K 45 48.37 24.34 31.81
C ASN K 45 48.23 25.62 32.63
N ALA K 46 49.28 25.97 33.36
CA ALA K 46 49.25 27.17 34.18
C ALA K 46 49.08 28.42 33.32
N GLU K 47 49.80 28.49 32.20
CA GLU K 47 49.69 29.64 31.32
C GLU K 47 48.28 29.78 30.74
N PHE K 48 47.56 28.67 30.66
CA PHE K 48 46.20 28.72 30.11
C PHE K 48 45.29 29.55 30.98
N PHE K 49 45.41 29.45 32.30
CA PHE K 49 44.56 30.17 33.23
C PHE K 49 44.96 31.63 33.40
N GLU K 50 46.12 32.02 32.89
CA GLU K 50 46.55 33.41 32.94
C GLU K 50 46.38 34.14 31.62
N GLU K 51 46.44 33.43 30.48
CA GLU K 51 46.33 34.07 29.18
C GLU K 51 45.05 33.74 28.43
N GLY K 52 44.30 32.72 28.83
CA GLY K 52 43.07 32.41 28.15
C GLY K 52 43.32 31.81 26.77
N LYS K 53 42.25 31.78 25.99
CA LYS K 53 42.27 31.26 24.63
C LYS K 53 41.64 32.28 23.69
N MET K 54 42.37 32.66 22.65
CA MET K 54 41.82 33.56 21.64
C MET K 54 40.76 32.85 20.82
N PHE K 55 39.67 33.55 20.53
CA PHE K 55 38.65 33.02 19.66
C PHE K 55 38.01 34.17 18.89
N ASP K 56 37.43 33.85 17.74
CA ASP K 56 36.80 34.84 16.88
C ASP K 56 35.32 34.92 17.22
N GLY K 57 34.91 36.01 17.86
CA GLY K 57 33.53 36.22 18.25
C GLY K 57 32.68 36.96 17.25
N SER K 58 33.21 37.27 16.08
CA SER K 58 32.44 38.06 15.11
C SER K 58 31.19 37.33 14.68
N SER K 59 31.20 35.99 14.67
CA SER K 59 30.06 35.20 14.26
C SER K 59 29.07 34.97 15.39
N ILE K 60 29.37 35.43 16.61
CA ILE K 60 28.38 35.38 17.68
C ILE K 60 27.31 36.43 17.43
N GLY K 61 26.13 36.20 18.01
CA GLY K 61 24.95 36.97 17.66
C GLY K 61 25.13 38.48 17.64
N GLY K 62 25.36 39.09 18.79
CA GLY K 62 25.40 40.53 18.88
C GLY K 62 26.78 41.10 19.13
N TRP K 63 27.82 40.33 18.79
CA TRP K 63 29.20 40.72 19.08
C TRP K 63 29.95 41.17 17.83
N LYS K 64 29.27 41.37 16.71
CA LYS K 64 29.93 41.80 15.49
C LYS K 64 30.59 43.15 15.70
N GLY K 65 31.84 43.27 15.27
CA GLY K 65 32.58 44.51 15.41
C GLY K 65 32.27 45.51 14.33
N ASP K 70 38.04 38.85 17.82
CA ASP K 70 39.36 38.68 18.41
C ASP K 70 39.33 38.95 19.91
N MET K 71 38.73 38.04 20.66
CA MET K 71 38.55 38.18 22.10
C MET K 71 39.15 36.95 22.80
N VAL K 72 39.24 37.06 24.12
CA VAL K 72 39.91 36.06 24.95
C VAL K 72 38.87 35.31 25.76
N LEU K 73 38.97 33.98 25.76
CA LEU K 73 38.23 33.15 26.70
C LEU K 73 39.08 32.94 27.95
N MET K 74 38.61 33.48 29.06
CA MET K 74 39.34 33.38 30.33
C MET K 74 38.65 32.38 31.24
N PRO K 75 39.22 31.20 31.47
CA PRO K 75 38.55 30.22 32.32
C PRO K 75 38.39 30.72 33.75
N ASP K 76 37.28 30.35 34.37
CA ASP K 76 37.01 30.58 35.78
C ASP K 76 37.09 29.22 36.45
N ALA K 77 38.25 28.93 37.05
CA ALA K 77 38.48 27.59 37.59
C ALA K 77 37.44 27.19 38.63
N SER K 78 36.86 28.15 39.34
CA SER K 78 35.88 27.83 40.37
C SER K 78 34.63 27.19 39.79
N THR K 79 34.45 27.28 38.48
CA THR K 79 33.30 26.69 37.81
C THR K 79 33.59 25.31 37.24
N ALA K 80 34.78 24.76 37.48
CA ALA K 80 35.14 23.48 36.87
C ALA K 80 34.20 22.38 37.32
N VAL K 81 33.73 21.58 36.37
CA VAL K 81 32.81 20.50 36.65
C VAL K 81 32.89 19.49 35.50
N ILE K 82 32.73 18.21 35.84
CA ILE K 82 32.85 17.15 34.86
C ILE K 82 31.53 17.01 34.10
N ASP K 83 31.63 16.92 32.78
CA ASP K 83 30.44 16.75 31.95
C ASP K 83 29.89 15.34 32.13
N PRO K 84 28.62 15.17 32.48
CA PRO K 84 28.05 13.83 32.67
C PRO K 84 27.48 13.18 31.43
N PHE K 85 27.58 13.81 30.26
CA PHE K 85 26.94 13.33 29.05
C PHE K 85 27.90 12.93 27.95
N PHE K 86 29.05 13.58 27.85
CA PHE K 86 29.97 13.29 26.75
C PHE K 86 30.59 11.91 26.92
N ALA K 87 30.76 11.21 25.80
CA ALA K 87 31.33 9.87 25.84
C ALA K 87 32.75 9.90 26.38
N ASP K 88 33.55 10.87 25.95
CA ASP K 88 34.92 11.02 26.42
C ASP K 88 34.94 11.90 27.66
N SER K 89 35.79 11.55 28.62
CA SER K 89 35.87 12.29 29.87
C SER K 89 36.19 13.75 29.60
N THR K 90 35.23 14.64 29.86
CA THR K 90 35.36 16.05 29.56
C THR K 90 35.14 16.86 30.83
N LEU K 91 35.84 17.98 30.93
CA LEU K 91 35.72 18.90 32.05
C LEU K 91 35.18 20.23 31.55
N ILE K 92 34.11 20.69 32.18
CA ILE K 92 33.47 21.95 31.79
C ILE K 92 34.03 23.07 32.65
N ILE K 93 34.57 24.10 32.00
CA ILE K 93 35.01 25.31 32.67
C ILE K 93 34.26 26.49 32.05
N ARG K 94 33.60 27.27 32.88
CA ARG K 94 32.93 28.47 32.41
C ARG K 94 33.94 29.60 32.27
N CYS K 95 33.78 30.39 31.21
CA CYS K 95 34.76 31.41 30.87
C CYS K 95 34.09 32.76 30.67
N ASP K 96 34.81 33.82 31.02
CA ASP K 96 34.42 35.16 30.69
C ASP K 96 35.09 35.59 29.39
N ILE K 97 34.49 36.58 28.72
CA ILE K 97 35.01 37.12 27.48
C ILE K 97 35.69 38.45 27.80
N LEU K 98 37.00 38.52 27.58
CA LEU K 98 37.80 39.68 27.90
C LEU K 98 38.36 40.30 26.63
N GLU K 99 38.54 41.61 26.66
CA GLU K 99 39.20 42.29 25.55
C GLU K 99 40.66 41.84 25.48
N PRO K 100 41.19 41.58 24.27
CA PRO K 100 42.52 40.98 24.19
C PRO K 100 43.62 41.81 24.83
N GLY K 101 43.55 43.13 24.72
CA GLY K 101 44.62 43.97 25.22
C GLY K 101 44.60 44.18 26.72
N THR K 102 43.55 44.83 27.22
CA THR K 102 43.47 45.17 28.63
C THR K 102 43.03 44.01 29.50
N LEU K 103 42.56 42.92 28.91
CA LEU K 103 42.05 41.77 29.66
C LEU K 103 40.93 42.18 30.60
N GLN K 104 40.14 43.16 30.19
CA GLN K 104 38.95 43.58 30.93
C GLN K 104 37.71 42.97 30.29
N GLY K 105 36.65 42.86 31.10
CA GLY K 105 35.45 42.21 30.63
C GLY K 105 34.87 42.91 29.41
N TYR K 106 34.50 42.11 28.41
CA TYR K 106 33.84 42.65 27.24
C TYR K 106 32.52 43.29 27.63
N ASP K 107 32.24 44.46 27.05
CA ASP K 107 31.06 45.22 27.45
C ASP K 107 29.78 44.47 27.15
N ARG K 108 29.79 43.58 26.17
CA ARG K 108 28.60 42.85 25.76
C ARG K 108 28.57 41.41 26.28
N ASP K 109 29.47 41.05 27.18
CA ASP K 109 29.45 39.72 27.78
C ASP K 109 28.47 39.69 28.94
N PRO K 110 27.41 38.87 28.88
CA PRO K 110 26.44 38.87 29.99
C PRO K 110 27.05 38.52 31.34
N ARG K 111 27.98 37.58 31.38
CA ARG K 111 28.61 37.23 32.65
C ARG K 111 29.41 38.41 33.20
N SER K 112 30.12 39.12 32.32
CA SER K 112 30.83 40.30 32.76
C SER K 112 29.86 41.37 33.27
N ILE K 113 28.72 41.53 32.60
CA ILE K 113 27.73 42.51 33.04
C ILE K 113 27.22 42.15 34.42
N ALA K 114 26.93 40.87 34.65
CA ALA K 114 26.46 40.44 35.96
C ALA K 114 27.52 40.66 37.04
N LYS K 115 28.78 40.35 36.73
CA LYS K 115 29.86 40.57 37.69
C LYS K 115 29.98 42.06 38.02
N ARG K 116 29.88 42.92 37.00
CA ARG K 116 29.93 44.35 37.24
C ARG K 116 28.74 44.83 38.06
N ALA K 117 27.57 44.23 37.86
CA ALA K 117 26.41 44.58 38.68
C ALA K 117 26.66 44.24 40.13
N GLU K 118 27.22 43.05 40.40
CA GLU K 118 27.57 42.69 41.78
C GLU K 118 28.59 43.66 42.36
N ASP K 119 29.60 44.02 41.56
CA ASP K 119 30.64 44.93 42.04
C ASP K 119 30.04 46.30 42.36
N TYR K 120 29.11 46.78 41.52
CA TYR K 120 28.43 48.04 41.79
C TYR K 120 27.62 47.95 43.07
N LEU K 121 26.93 46.83 43.27
CA LEU K 121 26.20 46.63 44.52
C LEU K 121 27.13 46.76 45.72
N ARG K 122 28.30 46.12 45.64
CA ARG K 122 29.27 46.23 46.73
C ARG K 122 29.75 47.66 46.91
N SER K 123 30.02 48.35 45.80
CA SER K 123 30.60 49.70 45.88
C SER K 123 29.63 50.70 46.50
N THR K 124 28.34 50.61 46.13
CA THR K 124 27.38 51.57 46.66
C THR K 124 27.25 51.48 48.17
N GLY K 125 27.65 50.37 48.77
CA GLY K 125 27.56 50.20 50.20
C GLY K 125 26.20 49.77 50.70
N ILE K 126 25.25 49.52 49.80
CA ILE K 126 23.91 49.11 50.23
C ILE K 126 23.95 47.71 50.82
N ALA K 127 24.67 46.80 50.19
CA ALA K 127 24.74 45.42 50.65
C ALA K 127 26.01 44.79 50.12
N ASP K 128 26.36 43.64 50.68
CA ASP K 128 27.54 42.89 50.26
C ASP K 128 27.20 41.82 49.23
N THR K 129 26.07 41.13 49.41
CA THR K 129 25.68 40.05 48.54
C THR K 129 24.21 40.18 48.17
N VAL K 130 23.87 39.66 47.00
CA VAL K 130 22.49 39.58 46.53
C VAL K 130 22.18 38.11 46.26
N LEU K 131 21.06 37.65 46.81
CA LEU K 131 20.64 36.26 46.69
C LEU K 131 19.48 36.16 45.71
N PHE K 132 19.57 35.22 44.79
CA PHE K 132 18.57 35.01 43.75
C PHE K 132 18.11 33.56 43.81
N GLY K 133 16.80 33.37 43.99
CA GLY K 133 16.19 32.09 43.73
C GLY K 133 15.25 32.14 42.54
N PRO K 134 15.71 31.65 41.39
CA PRO K 134 14.81 31.46 40.25
C PRO K 134 14.17 30.09 40.26
N GLU K 135 12.96 30.03 39.70
CA GLU K 135 12.15 28.81 39.68
C GLU K 135 11.69 28.54 38.26
N PRO K 136 12.60 28.21 37.35
CA PRO K 136 12.21 27.94 35.97
C PRO K 136 11.39 26.67 35.85
N GLU K 137 10.52 26.67 34.84
CA GLU K 137 9.74 25.51 34.44
C GLU K 137 10.05 25.18 33.00
N PHE K 138 9.66 23.99 32.56
CA PHE K 138 9.95 23.57 31.20
C PHE K 138 8.89 22.59 30.73
N PHE K 139 8.87 22.37 29.43
CA PHE K 139 7.97 21.40 28.80
C PHE K 139 8.78 20.26 28.22
N LEU K 140 8.26 19.04 28.36
CA LEU K 140 8.84 17.84 27.78
C LEU K 140 7.89 17.32 26.71
N PHE K 141 8.41 17.12 25.51
CA PHE K 141 7.61 16.67 24.37
C PHE K 141 8.25 15.44 23.76
N ASP K 142 7.44 14.65 23.06
CA ASP K 142 7.98 13.53 22.30
C ASP K 142 8.34 13.93 20.88
N ASP K 143 7.62 14.86 20.29
CA ASP K 143 7.88 15.30 18.92
C ASP K 143 7.48 16.75 18.78
N ILE K 144 8.32 17.52 18.10
CA ILE K 144 8.04 18.90 17.76
C ILE K 144 8.39 19.09 16.30
N ARG K 145 7.45 19.61 15.51
CA ARG K 145 7.71 19.92 14.11
C ARG K 145 7.24 21.34 13.84
N PHE K 146 8.10 22.14 13.22
CA PHE K 146 7.70 23.49 12.88
C PHE K 146 8.45 23.93 11.63
N GLY K 147 7.83 24.83 10.89
CA GLY K 147 8.42 25.31 9.66
C GLY K 147 7.64 26.48 9.11
N SER K 148 8.28 27.19 8.18
CA SER K 148 7.66 28.32 7.52
C SER K 148 8.25 28.45 6.12
N SER K 149 7.44 28.97 5.21
CA SER K 149 7.87 29.19 3.83
C SER K 149 6.91 30.21 3.21
N ILE K 150 7.05 30.42 1.90
CA ILE K 150 6.13 31.30 1.21
C ILE K 150 4.73 30.70 1.19
N SER K 151 4.63 29.37 1.13
CA SER K 151 3.34 28.71 0.99
C SER K 151 2.56 28.60 2.29
N GLY K 152 3.19 28.86 3.43
CA GLY K 152 2.50 28.76 4.70
C GLY K 152 3.48 28.54 5.83
N SER K 153 2.93 28.14 6.97
CA SER K 153 3.71 27.91 8.17
C SER K 153 2.96 26.98 9.10
N HIS K 154 3.70 26.17 9.85
CA HIS K 154 3.06 25.21 10.74
C HIS K 154 3.90 24.97 11.99
N VAL K 155 3.20 24.63 13.06
CA VAL K 155 3.79 24.05 14.28
C VAL K 155 2.87 22.94 14.76
N ALA K 156 3.47 21.83 15.17
CA ALA K 156 2.76 20.65 15.64
C ALA K 156 3.55 20.06 16.80
N ILE K 157 2.93 20.07 17.99
CA ILE K 157 3.50 19.52 19.20
C ILE K 157 2.81 18.18 19.48
N ASP K 158 3.60 17.16 19.80
CA ASP K 158 3.06 15.86 20.17
C ASP K 158 3.77 15.34 21.40
N ASP K 159 3.01 14.93 22.41
CA ASP K 159 3.54 14.26 23.58
C ASP K 159 2.56 13.19 24.02
N ILE K 160 3.12 12.12 24.60
CA ILE K 160 2.26 11.02 25.04
C ILE K 160 1.34 11.46 26.16
N GLU K 161 1.76 12.44 26.97
CA GLU K 161 0.93 12.96 28.04
C GLU K 161 -0.13 13.94 27.55
N GLY K 162 -0.04 14.41 26.32
CA GLY K 162 -1.00 15.36 25.80
C GLY K 162 -2.42 14.83 25.83
N ALA K 163 -3.35 15.60 26.37
CA ALA K 163 -4.73 15.15 26.48
C ALA K 163 -5.31 14.82 25.11
N TRP K 164 -4.87 15.53 24.07
CA TRP K 164 -5.39 15.28 22.73
C TRP K 164 -5.03 13.90 22.21
N ASN K 165 -4.09 13.21 22.85
CA ASN K 165 -3.75 11.85 22.50
C ASN K 165 -4.66 10.83 23.16
N SER K 166 -5.76 11.26 23.78
CA SER K 166 -6.70 10.31 24.34
C SER K 166 -7.35 9.45 23.27
N SER K 167 -7.35 9.90 22.01
CA SER K 167 -7.92 9.17 20.89
C SER K 167 -6.88 8.55 19.97
N THR K 168 -5.60 8.86 20.17
CA THR K 168 -4.56 8.38 19.27
C THR K 168 -4.42 6.87 19.36
N GLN K 169 -4.12 6.24 18.23
CA GLN K 169 -3.82 4.82 18.19
C GLN K 169 -2.32 4.62 18.30
N TYR K 170 -1.90 3.82 19.27
CA TYR K 170 -0.49 3.54 19.50
C TYR K 170 -0.22 2.06 19.28
N GLU K 171 0.98 1.76 18.78
CA GLU K 171 1.42 0.38 18.70
C GLU K 171 1.60 -0.16 20.12
N GLY K 172 1.02 -1.33 20.39
CA GLY K 172 0.98 -1.87 21.72
C GLY K 172 -0.18 -1.40 22.56
N GLY K 173 -1.02 -0.52 22.03
CA GLY K 173 -2.21 -0.07 22.73
C GLY K 173 -2.02 1.30 23.35
N ASN K 174 -3.13 2.01 23.51
CA ASN K 174 -3.15 3.32 24.12
C ASN K 174 -3.55 3.17 25.58
N LYS K 175 -2.66 3.57 26.49
CA LYS K 175 -2.96 3.61 27.91
C LYS K 175 -3.50 5.00 28.23
N GLY K 176 -4.72 5.05 28.75
CA GLY K 176 -5.48 6.28 28.78
C GLY K 176 -5.23 7.19 29.97
N HIS K 177 -4.15 6.95 30.71
CA HIS K 177 -3.84 7.77 31.88
C HIS K 177 -3.01 8.95 31.44
N ARG K 178 -3.66 10.09 31.22
CA ARG K 178 -3.01 11.32 30.79
C ARG K 178 -3.49 12.47 31.66
N PRO K 179 -2.66 13.47 31.89
CA PRO K 179 -3.15 14.70 32.52
C PRO K 179 -4.19 15.38 31.65
N ALA K 180 -5.20 15.95 32.30
CA ALA K 180 -6.14 16.79 31.59
C ALA K 180 -5.55 18.18 31.40
N VAL K 181 -6.20 18.98 30.55
CA VAL K 181 -5.74 20.34 30.34
C VAL K 181 -5.82 21.10 31.66
N LYS K 182 -4.70 21.67 32.08
CA LYS K 182 -4.60 22.35 33.37
C LYS K 182 -4.89 21.40 34.53
N GLY K 183 -4.45 20.15 34.39
CA GLY K 183 -4.69 19.16 35.42
C GLY K 183 -3.50 18.26 35.67
N GLY K 184 -2.30 18.78 35.45
CA GLY K 184 -1.09 18.01 35.67
C GLY K 184 -0.36 18.36 36.95
N TYR K 185 -1.06 18.99 37.89
CA TYR K 185 -0.48 19.48 39.13
C TYR K 185 -1.26 18.89 40.31
N PHE K 186 -0.83 17.75 40.82
CA PHE K 186 0.25 16.90 40.32
C PHE K 186 -0.03 15.43 40.67
N PRO K 187 -0.86 14.76 39.87
CA PRO K 187 -1.25 13.39 40.20
C PRO K 187 -0.09 12.41 40.05
N VAL K 188 -0.22 11.28 40.72
CA VAL K 188 0.82 10.25 40.77
C VAL K 188 0.83 9.48 39.46
N PRO K 189 1.90 8.73 39.17
CA PRO K 189 1.91 7.90 37.98
C PRO K 189 0.81 6.86 38.02
N PRO K 190 0.42 6.31 36.87
CA PRO K 190 0.99 6.50 35.53
C PRO K 190 0.48 7.76 34.84
N VAL K 191 -0.36 8.57 35.49
CA VAL K 191 -0.76 9.84 34.90
C VAL K 191 0.45 10.74 34.73
N ASP K 192 1.31 10.80 35.74
CA ASP K 192 2.59 11.50 35.65
C ASP K 192 3.62 10.51 35.12
N SER K 193 4.11 10.77 33.90
CA SER K 193 5.03 9.86 33.22
C SER K 193 6.47 10.35 33.22
N ALA K 194 6.78 11.39 34.01
CA ALA K 194 8.11 11.99 34.01
C ALA K 194 8.80 11.88 35.36
N GLN K 195 8.36 10.96 36.22
CA GLN K 195 8.99 10.81 37.52
C GLN K 195 10.45 10.40 37.37
N ASP K 196 10.72 9.37 36.58
CA ASP K 196 12.09 8.91 36.39
C ASP K 196 12.94 9.97 35.71
N ILE K 197 12.38 10.66 34.72
CA ILE K 197 13.13 11.70 34.02
C ILE K 197 13.51 12.81 34.98
N ARG K 198 12.57 13.25 35.80
CA ARG K 198 12.86 14.32 36.76
C ARG K 198 13.87 13.86 37.81
N SER K 199 13.76 12.62 38.27
CA SER K 199 14.73 12.12 39.24
C SER K 199 16.13 12.07 38.65
N GLU K 200 16.24 11.63 37.40
CA GLU K 200 17.55 11.63 36.73
C GLU K 200 18.07 13.05 36.58
N MET K 201 17.20 13.99 36.21
CA MET K 201 17.62 15.39 36.11
C MET K 201 18.16 15.89 37.44
N CYS K 202 17.46 15.58 38.53
CA CYS K 202 17.90 16.04 39.85
C CYS K 202 19.25 15.43 40.23
N LEU K 203 19.42 14.12 39.98
CA LEU K 203 20.68 13.48 40.32
C LEU K 203 21.84 14.06 39.50
N VAL K 204 21.62 14.27 38.20
CA VAL K 204 22.67 14.84 37.37
C VAL K 204 22.98 16.27 37.80
N MET K 205 21.94 17.04 38.14
CA MET K 205 22.17 18.41 38.60
C MET K 205 23.00 18.42 39.87
N GLU K 206 22.69 17.52 40.81
CA GLU K 206 23.50 17.42 42.01
C GLU K 206 24.93 17.01 41.69
N GLN K 207 25.11 16.15 40.69
CA GLN K 207 26.46 15.83 40.24
C GLN K 207 27.18 17.07 39.74
N MET K 208 26.47 17.95 39.03
CA MET K 208 27.06 19.12 38.42
C MET K 208 27.11 20.32 39.37
N GLY K 209 26.83 20.13 40.65
CA GLY K 209 27.04 21.14 41.65
C GLY K 209 25.82 21.92 42.09
N LEU K 210 24.63 21.54 41.66
CA LEU K 210 23.41 22.21 42.08
C LEU K 210 22.84 21.53 43.31
N VAL K 211 22.14 22.31 44.13
CA VAL K 211 21.42 21.80 45.28
C VAL K 211 19.94 21.81 44.92
N VAL K 212 19.36 20.63 44.85
CA VAL K 212 17.97 20.48 44.47
C VAL K 212 17.10 20.45 45.71
N GLU K 213 15.92 21.06 45.61
CA GLU K 213 14.96 21.13 46.70
C GLU K 213 13.73 20.27 46.48
N ALA K 214 13.25 20.15 45.24
CA ALA K 214 12.07 19.37 44.92
C ALA K 214 11.96 19.27 43.41
N HIS K 215 11.10 18.38 42.94
CA HIS K 215 10.76 18.33 41.53
C HIS K 215 9.35 17.79 41.40
N HIS K 216 8.60 18.33 40.43
CA HIS K 216 7.22 17.87 40.27
C HIS K 216 6.70 18.23 38.89
N HIS K 217 5.55 17.64 38.59
CA HIS K 217 4.77 17.97 37.39
C HIS K 217 4.04 19.27 37.59
N GLU K 218 3.87 20.01 36.50
CA GLU K 218 3.26 21.34 36.54
C GLU K 218 1.85 21.28 35.96
N VAL K 219 1.21 22.45 35.93
CA VAL K 219 -0.23 22.51 35.64
C VAL K 219 -0.52 22.00 34.24
N ALA K 220 0.30 22.38 33.25
CA ALA K 220 -0.02 22.06 31.87
C ALA K 220 0.01 20.56 31.63
N THR K 221 -0.56 20.15 30.50
CA THR K 221 -0.81 18.75 30.21
C THR K 221 0.34 18.07 29.47
N ALA K 222 0.95 18.75 28.50
CA ALA K 222 1.95 18.13 27.64
C ALA K 222 3.32 18.11 28.32
N GLY K 223 3.37 17.46 29.47
CA GLY K 223 4.63 17.23 30.15
C GLY K 223 5.33 18.47 30.65
N GLN K 224 4.60 19.38 31.27
CA GLN K 224 5.21 20.51 31.94
C GLN K 224 5.73 20.08 33.31
N ASN K 225 6.98 20.39 33.59
CA ASN K 225 7.65 19.96 34.80
C ASN K 225 8.53 21.08 35.32
N GLU K 226 8.80 21.04 36.62
CA GLU K 226 9.79 21.94 37.20
C GLU K 226 10.60 21.24 38.26
N VAL K 227 11.91 21.53 38.26
CA VAL K 227 12.84 21.09 39.28
C VAL K 227 13.32 22.35 39.98
N ALA K 228 13.07 22.43 41.29
CA ALA K 228 13.45 23.59 42.08
C ALA K 228 14.85 23.41 42.62
N THR K 229 15.65 24.47 42.54
CA THR K 229 17.02 24.48 43.01
C THR K 229 17.20 25.56 44.06
N ARG K 230 18.18 25.36 44.93
CA ARG K 230 18.41 26.30 46.02
C ARG K 230 18.92 27.63 45.48
N PHE K 231 18.56 28.70 46.17
CA PHE K 231 19.00 30.04 45.79
C PHE K 231 20.53 30.13 45.87
N ASN K 232 21.06 31.21 45.32
CA ASN K 232 22.51 31.43 45.36
C ASN K 232 22.78 32.86 44.96
N THR K 233 24.05 33.27 45.05
CA THR K 233 24.41 34.61 44.64
C THR K 233 24.14 34.78 43.15
N MET K 234 24.16 36.04 42.71
CA MET K 234 23.62 36.38 41.39
C MET K 234 24.36 35.65 40.27
N THR K 235 25.66 35.90 40.14
CA THR K 235 26.41 35.28 39.05
C THR K 235 26.47 33.77 39.21
N LYS K 236 26.64 33.31 40.45
CA LYS K 236 26.64 31.87 40.69
C LYS K 236 25.32 31.25 40.28
N LYS K 237 24.20 31.91 40.61
CA LYS K 237 22.91 31.33 40.27
C LYS K 237 22.63 31.44 38.78
N ALA K 238 23.20 32.43 38.09
CA ALA K 238 23.08 32.47 36.63
C ALA K 238 23.81 31.30 36.00
N ASP K 239 25.03 31.03 36.47
CA ASP K 239 25.75 29.85 36.00
C ASP K 239 24.96 28.58 36.32
N GLU K 240 24.33 28.56 37.49
CA GLU K 240 23.53 27.41 37.88
C GLU K 240 22.32 27.24 36.96
N ILE K 241 21.71 28.34 36.54
CA ILE K 241 20.59 28.27 35.60
C ILE K 241 21.06 27.74 34.26
N GLN K 242 22.24 28.18 33.80
CA GLN K 242 22.78 27.64 32.56
C GLN K 242 23.01 26.14 32.67
N ILE K 243 23.60 25.70 33.77
CA ILE K 243 23.79 24.26 33.98
C ILE K 243 22.46 23.54 34.06
N TYR K 244 21.46 24.18 34.66
CA TYR K 244 20.12 23.61 34.77
C TYR K 244 19.53 23.36 33.39
N LYS K 245 19.57 24.37 32.53
CA LYS K 245 19.04 24.22 31.18
C LYS K 245 19.80 23.16 30.40
N TYR K 246 21.13 23.16 30.53
CA TYR K 246 21.93 22.15 29.86
C TYR K 246 21.53 20.74 30.30
N VAL K 247 21.42 20.54 31.61
CA VAL K 247 21.09 19.22 32.14
C VAL K 247 19.70 18.79 31.68
N VAL K 248 18.72 19.69 31.75
CA VAL K 248 17.37 19.35 31.35
C VAL K 248 17.35 18.94 29.89
N HIS K 249 17.97 19.74 29.02
CA HIS K 249 17.97 19.43 27.60
C HIS K 249 18.61 18.07 27.34
N ASN K 250 19.78 17.83 27.94
CA ASN K 250 20.51 16.62 27.61
C ASN K 250 19.84 15.38 28.19
N VAL K 251 19.29 15.47 29.40
CA VAL K 251 18.58 14.33 29.96
C VAL K 251 17.34 14.01 29.14
N ALA K 252 16.59 15.05 28.75
CA ALA K 252 15.41 14.82 27.92
C ALA K 252 15.81 14.18 26.59
N HIS K 253 16.92 14.62 26.00
CA HIS K 253 17.39 14.00 24.76
C HIS K 253 17.76 12.54 24.98
N ARG K 254 18.42 12.24 26.10
CA ARG K 254 18.82 10.86 26.38
C ARG K 254 17.64 9.96 26.71
N PHE K 255 16.52 10.52 27.14
CA PHE K 255 15.31 9.75 27.38
C PHE K 255 14.38 9.70 26.17
N GLY K 256 14.81 10.26 25.03
CA GLY K 256 13.96 10.31 23.87
C GLY K 256 12.95 11.44 23.88
N LYS K 257 13.03 12.35 24.84
CA LYS K 257 12.13 13.48 24.94
C LYS K 257 12.78 14.71 24.32
N THR K 258 12.16 15.86 24.53
CA THR K 258 12.65 17.14 24.00
C THR K 258 12.18 18.22 24.95
N ALA K 259 13.12 18.91 25.57
CA ALA K 259 12.80 19.94 26.54
C ALA K 259 12.77 21.31 25.87
N THR K 260 11.86 22.16 26.33
CA THR K 260 11.80 23.52 25.87
C THR K 260 11.47 24.45 27.03
N PHE K 261 12.15 25.60 27.05
CA PHE K 261 11.93 26.64 28.04
C PHE K 261 11.14 27.81 27.45
N MET K 262 10.38 27.57 26.40
CA MET K 262 9.58 28.63 25.81
C MET K 262 8.53 29.11 26.82
N PRO K 263 8.25 30.41 26.89
CA PRO K 263 7.21 30.86 27.82
C PRO K 263 5.84 30.27 27.55
N LYS K 264 5.48 30.08 26.28
CA LYS K 264 4.12 29.69 25.91
C LYS K 264 4.15 28.85 24.65
N PRO K 265 4.39 27.53 24.78
CA PRO K 265 4.37 26.67 23.60
C PRO K 265 2.96 26.37 23.10
N MET K 266 2.00 26.28 24.02
CA MET K 266 0.64 25.90 23.68
C MET K 266 -0.34 26.96 24.12
N PHE K 267 -1.39 27.16 23.33
CA PHE K 267 -2.49 28.03 23.70
C PHE K 267 -3.55 27.23 24.42
N GLY K 268 -4.19 27.87 25.40
CA GLY K 268 -5.19 27.20 26.21
C GLY K 268 -4.64 26.39 27.36
N ASP K 269 -3.31 26.34 27.51
CA ASP K 269 -2.69 25.66 28.62
C ASP K 269 -1.67 26.59 29.27
N ASN K 270 -1.37 26.32 30.52
CA ASN K 270 -0.50 27.21 31.28
C ASN K 270 0.88 27.31 30.63
N GLY K 271 1.46 28.50 30.67
CA GLY K 271 2.79 28.72 30.17
C GLY K 271 3.85 28.44 31.22
N SER K 272 5.10 28.67 30.83
CA SER K 272 6.25 28.44 31.69
C SER K 272 6.83 29.78 32.12
N GLY K 273 7.05 29.93 33.43
CA GLY K 273 7.62 31.15 33.98
C GLY K 273 8.79 30.84 34.89
N MET K 274 9.52 31.90 35.22
CA MET K 274 10.69 31.81 36.10
C MET K 274 10.54 32.88 37.19
N HIS K 275 9.83 32.53 38.26
CA HIS K 275 9.72 33.44 39.40
C HIS K 275 11.10 33.64 40.02
N CYS K 276 11.45 34.89 40.27
CA CYS K 276 12.78 35.27 40.76
C CYS K 276 12.65 35.81 42.18
N HIS K 277 13.08 35.01 43.15
CA HIS K 277 13.16 35.47 44.53
C HIS K 277 14.45 36.26 44.72
N MET K 278 14.35 37.35 45.48
CA MET K 278 15.49 38.22 45.68
C MET K 278 15.58 38.63 47.15
N SER K 279 16.82 38.83 47.61
CA SER K 279 17.07 39.36 48.93
C SER K 279 18.48 39.95 48.93
N LEU K 280 18.72 40.85 49.88
CA LEU K 280 20.02 41.48 50.04
C LEU K 280 20.54 41.24 51.44
N SER K 281 21.84 40.95 51.54
CA SER K 281 22.48 40.67 52.82
C SER K 281 23.74 41.51 52.94
N LYS K 282 23.98 42.05 54.13
CA LYS K 282 25.18 42.80 54.45
C LYS K 282 25.70 42.33 55.80
N ASN K 283 26.94 41.86 55.84
CA ASN K 283 27.54 41.35 57.07
C ASN K 283 26.74 40.19 57.64
N GLY K 284 26.08 39.42 56.77
CA GLY K 284 25.38 38.23 57.19
C GLY K 284 23.98 38.43 57.70
N VAL K 285 23.46 39.67 57.69
CA VAL K 285 22.10 39.94 58.13
C VAL K 285 21.26 40.34 56.92
N ASN K 286 20.09 39.73 56.80
CA ASN K 286 19.18 40.04 55.71
C ASN K 286 18.68 41.47 55.85
N LEU K 287 18.88 42.27 54.81
CA LEU K 287 18.45 43.67 54.81
C LEU K 287 16.99 43.83 54.40
N PHE K 288 16.34 42.79 53.90
CA PHE K 288 14.94 42.84 53.53
C PHE K 288 14.02 42.48 54.68
N ALA K 289 14.56 42.21 55.87
CA ALA K 289 13.77 41.85 57.04
C ALA K 289 13.56 43.07 57.92
N GLY K 290 12.33 43.32 58.30
CA GLY K 290 12.02 44.49 59.10
C GLY K 290 10.61 44.42 59.64
N ASP K 291 10.17 45.56 60.19
CA ASP K 291 8.87 45.65 60.83
C ASP K 291 7.79 46.22 59.93
N LYS K 292 8.10 46.48 58.66
CA LYS K 292 7.12 47.03 57.73
C LYS K 292 6.24 45.90 57.19
N TYR K 293 5.49 46.19 56.14
CA TYR K 293 4.50 45.26 55.62
C TYR K 293 5.10 43.88 55.37
N ALA K 294 4.42 42.85 55.86
CA ALA K 294 4.82 41.47 55.67
C ALA K 294 6.24 41.22 56.17
N GLY K 295 6.65 41.94 57.20
CA GLY K 295 7.98 41.77 57.75
C GLY K 295 9.09 42.37 56.91
N LEU K 296 8.75 43.18 55.91
CA LEU K 296 9.75 43.80 55.07
C LEU K 296 10.37 45.00 55.76
N SER K 297 11.48 45.48 55.19
CA SER K 297 12.13 46.68 55.65
C SER K 297 11.90 47.81 54.65
N GLU K 298 12.32 49.02 55.05
CA GLU K 298 12.19 50.16 54.16
C GLU K 298 13.04 49.99 52.91
N GLN K 299 14.21 49.38 53.05
CA GLN K 299 15.02 49.07 51.87
C GLN K 299 14.31 48.08 50.96
N ALA K 300 13.62 47.10 51.54
CA ALA K 300 12.84 46.16 50.72
C ALA K 300 11.73 46.89 49.96
N LEU K 301 11.04 47.81 50.63
CA LEU K 301 9.99 48.57 49.95
C LEU K 301 10.57 49.42 48.84
N TYR K 302 11.74 50.04 49.08
CA TYR K 302 12.37 50.84 48.03
C TYR K 302 12.79 49.97 46.85
N TYR K 303 13.29 48.76 47.12
CA TYR K 303 13.64 47.83 46.07
C TYR K 303 12.41 47.47 45.24
N ILE K 304 11.29 47.20 45.91
CA ILE K 304 10.05 46.89 45.20
C ILE K 304 9.63 48.09 44.35
N GLY K 305 9.76 49.30 44.90
CA GLY K 305 9.38 50.48 44.15
C GLY K 305 10.23 50.68 42.91
N GLY K 306 11.54 50.45 43.02
CA GLY K 306 12.39 50.54 41.85
C GLY K 306 12.03 49.51 40.80
N VAL K 307 11.78 48.26 41.23
CA VAL K 307 11.41 47.23 40.28
C VAL K 307 10.11 47.59 39.58
N ILE K 308 9.14 48.14 40.33
CA ILE K 308 7.87 48.53 39.74
C ILE K 308 8.08 49.67 38.75
N LYS K 309 8.89 50.67 39.11
CA LYS K 309 9.10 51.80 38.23
C LYS K 309 9.76 51.38 36.92
N HIS K 310 10.77 50.52 36.99
CA HIS K 310 11.50 50.09 35.81
C HIS K 310 11.04 48.73 35.30
N ALA K 311 9.80 48.35 35.60
CA ALA K 311 9.33 47.02 35.21
C ALA K 311 9.27 46.85 33.70
N LYS K 312 8.81 47.88 32.99
CA LYS K 312 8.71 47.77 31.54
C LYS K 312 10.08 47.64 30.90
N ALA K 313 11.05 48.42 31.37
CA ALA K 313 12.41 48.28 30.88
C ALA K 313 12.98 46.91 31.21
N ILE K 314 12.69 46.40 32.41
CA ILE K 314 13.15 45.07 32.79
C ILE K 314 12.57 44.02 31.85
N ASN K 315 11.31 44.20 31.45
CA ASN K 315 10.66 43.21 30.61
C ASN K 315 11.46 42.94 29.34
N ALA K 316 12.18 43.94 28.83
CA ALA K 316 12.98 43.71 27.63
C ALA K 316 14.05 42.66 27.85
N LEU K 317 14.45 42.42 29.09
CA LEU K 317 15.50 41.46 29.42
C LEU K 317 14.98 40.21 30.13
N ALA K 318 13.94 40.35 30.94
CA ALA K 318 13.33 39.23 31.64
C ALA K 318 12.29 38.50 30.80
N ASN K 319 11.73 39.16 29.80
CA ASN K 319 10.77 38.56 28.88
C ASN K 319 11.18 38.95 27.46
N PRO K 320 12.32 38.46 26.98
CA PRO K 320 12.91 38.97 25.75
C PRO K 320 12.40 38.35 24.47
N THR K 321 11.28 37.62 24.51
CA THR K 321 10.74 36.93 23.36
C THR K 321 9.29 37.35 23.14
N THR K 322 8.88 37.38 21.88
CA THR K 322 7.49 37.68 21.59
C THR K 322 6.59 36.66 22.27
N ASN K 323 6.99 35.39 22.24
CA ASN K 323 6.20 34.35 22.90
C ASN K 323 5.99 34.66 24.37
N SER K 324 6.91 35.39 25.00
CA SER K 324 6.76 35.72 26.40
C SER K 324 5.45 36.46 26.65
N TYR K 325 5.11 37.38 25.76
CA TYR K 325 3.92 38.19 25.97
C TYR K 325 2.66 37.46 25.57
N LYS K 326 2.76 36.17 25.28
CA LYS K 326 1.60 35.29 25.17
C LYS K 326 1.30 34.57 26.48
N ARG K 327 2.18 34.68 27.49
CA ARG K 327 1.80 34.31 28.85
C ARG K 327 1.54 35.50 29.74
N LEU K 328 2.08 36.67 29.42
CA LEU K 328 1.81 37.89 30.17
C LEU K 328 0.57 38.59 29.66
N VAL K 329 -0.55 37.85 29.62
CA VAL K 329 -1.82 38.40 29.15
C VAL K 329 -2.79 38.39 30.32
N PRO K 330 -3.69 39.37 30.43
CA PRO K 330 -4.68 39.34 31.52
C PRO K 330 -5.50 38.07 31.49
N GLY K 331 -5.78 37.54 32.67
CA GLY K 331 -6.53 36.31 32.80
C GLY K 331 -5.69 35.09 32.47
N ALA K 334 -4.07 37.33 36.21
CA ALA K 334 -2.78 37.07 35.59
C ALA K 334 -1.67 37.85 36.32
N PRO K 335 -0.42 37.39 36.18
CA PRO K 335 0.70 38.08 36.85
C PRO K 335 1.22 39.26 36.05
N VAL K 336 0.33 40.21 35.77
CA VAL K 336 0.67 41.37 34.95
C VAL K 336 0.55 42.68 35.70
N MET K 337 -0.07 42.71 36.88
CA MET K 337 -0.22 43.94 37.62
C MET K 337 1.05 44.23 38.41
N LEU K 338 1.58 45.45 38.28
CA LEU K 338 2.79 45.85 38.98
C LEU K 338 2.41 46.37 40.36
N ALA K 339 2.18 45.44 41.27
CA ALA K 339 1.88 45.75 42.66
C ALA K 339 2.46 44.64 43.51
N TYR K 340 2.59 44.92 44.81
CA TYR K 340 3.16 43.96 45.75
C TYR K 340 2.12 43.62 46.81
N SER K 341 1.97 42.33 47.07
CA SER K 341 1.06 41.86 48.11
C SER K 341 1.50 40.46 48.54
N ALA K 342 1.19 40.12 49.78
CA ALA K 342 1.53 38.81 50.32
C ALA K 342 0.44 37.78 50.10
N ARG K 343 -0.73 38.18 49.61
CA ARG K 343 -1.85 37.27 49.49
C ARG K 343 -2.43 37.27 48.07
N ASN K 344 -2.42 38.42 47.40
CA ASN K 344 -3.05 38.53 46.09
C ASN K 344 -2.30 37.70 45.05
N ARG K 345 -3.04 36.88 44.31
CA ARG K 345 -2.47 36.17 43.18
C ARG K 345 -2.38 37.03 41.93
N SER K 346 -2.98 38.22 41.94
CA SER K 346 -2.92 39.12 40.79
C SER K 346 -1.72 40.05 40.83
N ALA K 347 -0.95 40.05 41.91
CA ALA K 347 0.20 40.93 42.03
C ALA K 347 1.44 40.25 41.46
N SER K 348 2.18 40.99 40.64
CA SER K 348 3.40 40.45 40.04
C SER K 348 4.54 40.33 41.04
N ILE K 349 4.45 41.03 42.17
CA ILE K 349 5.45 40.97 43.23
C ILE K 349 4.78 40.40 44.48
N ARG K 350 5.33 39.31 44.99
CA ARG K 350 4.80 38.63 46.17
C ARG K 350 5.82 38.68 47.30
N ILE K 351 5.31 38.62 48.53
CA ILE K 351 6.16 38.53 49.70
C ILE K 351 5.90 37.18 50.34
N PRO K 352 6.73 36.16 50.07
CA PRO K 352 6.45 34.83 50.62
C PRO K 352 6.41 34.84 52.13
N VAL K 353 5.52 34.02 52.69
CA VAL K 353 5.39 33.90 54.13
C VAL K 353 6.44 32.92 54.62
N VAL K 354 7.48 33.44 55.27
CA VAL K 354 8.58 32.63 55.80
C VAL K 354 8.73 32.95 57.27
N SER K 355 8.83 31.90 58.10
CA SER K 355 8.92 32.10 59.53
C SER K 355 10.22 32.81 59.92
N SER K 356 11.33 32.38 59.35
CA SER K 356 12.63 32.91 59.73
C SER K 356 12.88 34.25 59.04
N PRO K 357 13.18 35.32 59.78
CA PRO K 357 13.49 36.60 59.11
C PRO K 357 14.65 36.50 58.14
N LYS K 358 15.61 35.60 58.41
CA LYS K 358 16.74 35.43 57.50
C LYS K 358 16.29 35.02 56.11
N ALA K 359 15.09 34.47 55.98
CA ALA K 359 14.57 34.02 54.70
C ALA K 359 13.66 35.06 54.04
N ARG K 360 13.56 36.27 54.60
CA ARG K 360 12.70 37.28 54.03
C ARG K 360 13.18 37.65 52.63
N ARG K 361 12.24 37.79 51.69
CA ARG K 361 12.58 37.97 50.30
C ARG K 361 11.38 38.49 49.55
N ILE K 362 11.63 38.97 48.33
CA ILE K 362 10.58 39.40 47.41
C ILE K 362 10.63 38.51 46.18
N GLU K 363 9.47 38.07 45.71
CA GLU K 363 9.35 37.19 44.55
C GLU K 363 8.76 37.99 43.40
N VAL K 364 9.56 38.19 42.36
CA VAL K 364 9.10 38.87 41.15
C VAL K 364 8.63 37.79 40.18
N ARG K 365 7.38 37.89 39.72
CA ARG K 365 6.72 36.79 39.06
C ARG K 365 6.72 36.86 37.54
N PHE K 366 6.90 38.04 36.95
CA PHE K 366 6.70 38.17 35.52
C PHE K 366 7.79 37.51 34.66
N PRO K 367 9.04 37.41 35.11
CA PRO K 367 10.08 36.84 34.25
C PRO K 367 9.72 35.47 33.73
N ASP K 368 10.43 35.05 32.69
CA ASP K 368 10.23 33.77 32.02
C ASP K 368 11.57 33.08 31.83
N PRO K 369 11.57 31.75 31.66
CA PRO K 369 12.85 31.04 31.55
C PRO K 369 13.59 31.27 30.24
N ALA K 370 12.96 31.90 29.26
CA ALA K 370 13.66 32.26 28.03
C ALA K 370 14.63 33.41 28.22
N ALA K 371 14.59 34.08 29.37
CA ALA K 371 15.45 35.23 29.61
C ALA K 371 16.90 34.80 29.78
N ASN K 372 17.80 35.69 29.36
CA ASN K 372 19.21 35.51 29.67
C ASN K 372 19.38 35.67 31.18
N PRO K 373 19.88 34.66 31.89
CA PRO K 373 19.93 34.77 33.35
C PRO K 373 20.75 35.95 33.83
N TYR K 374 21.96 36.11 33.29
CA TYR K 374 22.83 37.19 33.73
C TYR K 374 22.16 38.54 33.54
N LEU K 375 21.66 38.80 32.32
CA LEU K 375 21.08 40.10 32.02
C LEU K 375 19.83 40.35 32.83
N CYS K 376 18.96 39.34 32.96
CA CYS K 376 17.73 39.52 33.73
C CYS K 376 18.04 39.83 35.18
N PHE K 377 18.93 39.06 35.80
CA PHE K 377 19.26 39.30 37.20
C PHE K 377 19.91 40.67 37.38
N ALA K 378 20.80 41.04 36.46
CA ALA K 378 21.45 42.35 36.55
C ALA K 378 20.42 43.47 36.44
N ALA K 379 19.47 43.34 35.53
CA ALA K 379 18.44 44.37 35.37
C ALA K 379 17.60 44.49 36.64
N LEU K 380 17.18 43.35 37.20
CA LEU K 380 16.39 43.40 38.42
C LEU K 380 17.17 44.04 39.56
N LEU K 381 18.44 43.65 39.72
CA LEU K 381 19.26 44.21 40.79
C LEU K 381 19.46 45.71 40.59
N MET K 382 19.71 46.14 39.36
CA MET K 382 19.97 47.55 39.12
C MET K 382 18.71 48.39 39.33
N ALA K 383 17.55 47.86 38.94
CA ALA K 383 16.30 48.56 39.21
C ALA K 383 16.07 48.67 40.72
N GLY K 384 16.33 47.60 41.46
CA GLY K 384 16.18 47.66 42.90
C GLY K 384 17.12 48.65 43.54
N LEU K 385 18.37 48.70 43.07
CA LEU K 385 19.34 49.62 43.63
C LEU K 385 18.98 51.06 43.30
N ASP K 386 18.45 51.31 42.11
CA ASP K 386 17.95 52.64 41.79
C ASP K 386 16.81 53.02 42.72
N GLY K 387 15.91 52.08 42.98
CA GLY K 387 14.83 52.34 43.93
C GLY K 387 15.36 52.67 45.32
N ILE K 388 16.38 51.94 45.76
CA ILE K 388 16.95 52.20 47.08
C ILE K 388 17.61 53.56 47.12
N LYS K 389 18.41 53.88 46.10
CA LYS K 389 19.14 55.15 46.11
C LYS K 389 18.20 56.35 46.04
N ASN K 390 17.17 56.27 45.19
CA ASN K 390 16.25 57.38 45.02
C ASN K 390 15.05 57.31 45.96
N LYS K 391 15.00 56.32 46.84
CA LYS K 391 13.94 56.19 47.85
C LYS K 391 12.56 56.24 47.18
N ILE K 392 12.35 55.32 46.27
CA ILE K 392 11.09 55.20 45.54
C ILE K 392 10.15 54.33 46.37
N HIS K 393 9.09 54.93 46.89
CA HIS K 393 8.12 54.20 47.68
C HIS K 393 7.09 53.53 46.78
N PRO K 394 6.88 52.22 46.90
CA PRO K 394 5.95 51.53 45.99
C PRO K 394 4.48 51.75 46.31
N GLY K 395 4.16 52.60 47.28
CA GLY K 395 2.78 52.77 47.68
C GLY K 395 2.33 51.66 48.62
N GLU K 396 1.01 51.52 48.72
CA GLU K 396 0.42 50.52 49.59
C GLU K 396 0.32 49.17 48.87
N ALA K 397 0.30 48.11 49.68
CA ALA K 397 0.17 46.77 49.12
C ALA K 397 -1.19 46.58 48.48
N MET K 398 -1.23 45.80 47.40
CA MET K 398 -2.47 45.53 46.67
C MET K 398 -3.17 44.36 47.36
N ASP K 399 -3.82 44.68 48.47
CA ASP K 399 -4.57 43.68 49.23
C ASP K 399 -6.07 43.84 48.98
N ALA K 410 -8.71 50.59 39.49
CA ALA K 410 -7.84 49.48 39.10
C ALA K 410 -7.08 49.82 37.82
N LYS K 411 -7.69 50.66 36.98
CA LYS K 411 -7.04 51.07 35.74
C LYS K 411 -5.78 51.90 35.98
N GLU K 412 -5.61 52.42 37.20
CA GLU K 412 -4.43 53.21 37.53
C GLU K 412 -3.22 52.35 37.90
N ILE K 413 -3.42 51.06 38.11
CA ILE K 413 -2.32 50.16 38.49
C ILE K 413 -1.44 49.92 37.26
N PRO K 414 -0.14 50.20 37.33
CA PRO K 414 0.72 49.92 36.18
C PRO K 414 0.83 48.43 35.91
N GLN K 415 1.07 48.09 34.65
CA GLN K 415 1.17 46.71 34.21
C GLN K 415 2.46 46.51 33.43
N VAL K 416 2.88 45.25 33.34
CA VAL K 416 4.07 44.92 32.56
C VAL K 416 3.82 45.25 31.09
N ALA K 417 4.92 45.32 30.34
CA ALA K 417 4.82 45.64 28.92
C ALA K 417 3.95 44.60 28.21
N GLY K 418 3.06 45.08 27.36
CA GLY K 418 2.17 44.22 26.61
C GLY K 418 2.75 43.64 25.34
N SER K 419 3.95 44.06 24.95
CA SER K 419 4.59 43.52 23.77
C SER K 419 6.09 43.72 23.86
N LEU K 420 6.82 42.93 23.07
CA LEU K 420 8.27 43.07 23.04
C LEU K 420 8.69 44.39 22.46
N GLU K 421 7.93 44.93 21.50
CA GLU K 421 8.22 46.27 20.99
C GLU K 421 8.11 47.31 22.09
N GLU K 422 7.05 47.23 22.89
CA GLU K 422 6.89 48.16 24.01
C GLU K 422 8.04 48.01 25.01
N ALA K 423 8.40 46.76 25.32
CA ALA K 423 9.49 46.54 26.27
C ALA K 423 10.79 47.13 25.74
N LEU K 424 11.07 46.94 24.45
CA LEU K 424 12.32 47.44 23.89
C LEU K 424 12.33 48.96 23.81
N ASN K 425 11.18 49.56 23.48
CA ASN K 425 11.11 51.02 23.49
C ASN K 425 11.33 51.58 24.89
N GLU K 426 10.75 50.94 25.89
CA GLU K 426 10.94 51.39 27.27
C GLU K 426 12.38 51.22 27.70
N LEU K 427 13.03 50.12 27.29
CA LEU K 427 14.44 49.96 27.58
C LEU K 427 15.27 51.04 26.91
N ASP K 428 14.93 51.39 25.66
CA ASP K 428 15.65 52.45 24.96
C ASP K 428 15.50 53.78 25.69
N LEU K 429 14.30 54.06 26.22
CA LEU K 429 14.05 55.34 26.89
C LEU K 429 14.39 55.34 28.37
N ASP K 430 14.78 54.20 28.95
CA ASP K 430 14.98 54.06 30.39
C ASP K 430 16.28 53.34 30.70
N ARG K 431 17.38 53.82 30.11
CA ARG K 431 18.67 53.16 30.23
C ARG K 431 19.46 53.55 31.48
N GLU K 432 19.11 54.66 32.12
CA GLU K 432 20.00 55.21 33.15
C GLU K 432 20.22 54.26 34.31
N PHE K 433 19.15 53.63 34.79
CA PHE K 433 19.29 52.71 35.92
C PHE K 433 20.14 51.50 35.58
N LEU K 434 20.32 51.20 34.29
CA LEU K 434 21.22 50.14 33.88
C LEU K 434 22.63 50.65 33.63
N LYS K 435 22.77 51.91 33.21
CA LYS K 435 24.08 52.49 32.98
C LYS K 435 24.72 53.01 34.25
N ALA K 436 24.02 52.99 35.38
CA ALA K 436 24.62 53.41 36.63
C ALA K 436 25.82 52.53 36.96
N GLY K 437 26.95 53.15 37.24
CA GLY K 437 28.14 52.41 37.62
C GLY K 437 28.86 51.71 36.49
N GLY K 438 28.49 51.95 35.25
CA GLY K 438 29.14 51.31 34.13
C GLY K 438 28.78 49.86 33.94
N VAL K 439 27.71 49.38 34.58
CA VAL K 439 27.30 47.99 34.44
C VAL K 439 26.91 47.70 33.00
N PHE K 440 25.89 48.39 32.51
CA PHE K 440 25.48 48.33 31.11
C PHE K 440 26.05 49.52 30.36
N THR K 441 26.45 49.29 29.11
CA THR K 441 26.97 50.34 28.25
C THR K 441 25.96 50.58 27.13
N ASP K 442 25.90 51.84 26.68
CA ASP K 442 24.96 52.21 25.63
C ASP K 442 25.10 51.31 24.41
N GLU K 443 26.34 50.98 24.04
CA GLU K 443 26.56 50.09 22.92
C GLU K 443 25.94 48.72 23.16
N ALA K 444 26.13 48.17 24.37
CA ALA K 444 25.55 46.88 24.69
C ALA K 444 24.03 46.92 24.62
N ILE K 445 23.43 47.97 25.17
CA ILE K 445 21.97 48.09 25.16
C ILE K 445 21.46 48.18 23.73
N ASP K 446 22.13 48.98 22.89
CA ASP K 446 21.72 49.11 21.50
C ASP K 446 21.84 47.78 20.77
N ALA K 447 22.94 47.06 20.98
CA ALA K 447 23.11 45.78 20.32
C ALA K 447 22.01 44.81 20.73
N TYR K 448 21.70 44.76 22.03
CA TYR K 448 20.63 43.89 22.49
C TYR K 448 19.29 44.27 21.87
N ILE K 449 19.01 45.57 21.81
CA ILE K 449 17.73 46.02 21.27
C ILE K 449 17.60 45.65 19.81
N ALA K 450 18.65 45.86 19.02
CA ALA K 450 18.59 45.49 17.61
C ALA K 450 18.45 43.99 17.43
N LEU K 451 19.20 43.22 18.22
CA LEU K 451 19.17 41.77 18.09
C LEU K 451 17.78 41.23 18.38
N ARG K 452 17.09 41.83 19.35
CA ARG K 452 15.72 41.41 19.64
C ARG K 452 14.71 41.97 18.62
N ARG K 453 14.97 43.16 18.10
CA ARG K 453 14.05 43.73 17.12
C ARG K 453 14.03 42.94 15.84
N GLU K 454 15.15 42.29 15.48
CA GLU K 454 15.13 41.43 14.30
C GLU K 454 14.10 40.32 14.46
N GLU K 455 14.13 39.62 15.60
CA GLU K 455 13.17 38.55 15.85
C GLU K 455 11.75 39.09 15.90
N ASP K 456 11.57 40.24 16.56
CA ASP K 456 10.24 40.85 16.62
C ASP K 456 9.73 41.15 15.22
N ASP K 457 10.59 41.65 14.34
CA ASP K 457 10.18 41.94 12.97
C ASP K 457 9.79 40.66 12.24
N ARG K 458 10.55 39.59 12.41
CA ARG K 458 10.18 38.33 11.78
C ARG K 458 8.77 37.91 12.20
N VAL K 459 8.51 37.92 13.51
CA VAL K 459 7.20 37.47 13.99
C VAL K 459 6.10 38.43 13.57
N ARG K 460 6.42 39.72 13.46
CA ARG K 460 5.42 40.72 13.07
C ARG K 460 5.07 40.63 11.60
N MET K 461 6.02 40.27 10.74
CA MET K 461 5.78 40.21 9.32
C MET K 461 5.35 38.83 8.82
N THR K 462 5.44 37.78 9.65
CA THR K 462 4.96 36.50 9.12
C THR K 462 3.47 36.32 9.41
N PRO K 463 2.65 35.99 8.41
CA PRO K 463 1.21 35.81 8.65
C PRO K 463 0.91 34.66 9.60
N HIS K 464 -0.29 34.71 10.17
CA HIS K 464 -0.69 33.81 11.24
C HIS K 464 -1.81 32.86 10.79
N PRO K 465 -1.72 31.57 11.13
CA PRO K 465 -2.87 30.67 10.85
C PRO K 465 -4.16 31.14 11.48
N VAL K 466 -4.12 31.71 12.67
CA VAL K 466 -5.31 32.31 13.25
C VAL K 466 -5.81 33.46 12.39
N GLU K 467 -4.88 34.21 11.80
CA GLU K 467 -5.30 35.26 10.88
C GLU K 467 -6.03 34.69 9.69
N PHE K 468 -5.58 33.55 9.15
CA PHE K 468 -6.36 32.93 8.09
C PHE K 468 -7.73 32.49 8.59
N GLU K 469 -7.78 31.85 9.76
CA GLU K 469 -9.05 31.39 10.31
C GLU K 469 -10.03 32.53 10.46
N LEU K 470 -9.52 33.73 10.74
CA LEU K 470 -10.39 34.87 11.03
C LEU K 470 -10.75 35.66 9.78
N TYR K 471 -9.82 35.81 8.84
CA TYR K 471 -9.95 36.78 7.76
C TYR K 471 -9.95 36.19 6.37
N TYR K 472 -9.86 34.86 6.20
CA TYR K 472 -9.78 34.33 4.85
C TYR K 472 -11.00 34.67 4.03
N SER K 473 -12.19 34.60 4.65
CA SER K 473 -13.43 34.90 3.95
C SER K 473 -13.81 36.37 4.02
N VAL K 474 -13.00 37.21 4.66
CA VAL K 474 -13.31 38.64 4.76
C VAL K 474 -12.04 39.44 4.49
N MET L 6 0.20 10.51 -63.73
CA MET L 6 -0.06 11.66 -62.82
C MET L 6 1.10 12.64 -62.90
N SER L 7 0.79 13.93 -62.99
CA SER L 7 1.83 14.95 -63.14
C SER L 7 1.61 16.12 -62.19
N ALA L 8 2.39 17.19 -62.39
CA ALA L 8 2.27 18.35 -61.52
C ALA L 8 0.89 18.98 -61.61
N GLU L 9 0.32 19.04 -62.81
CA GLU L 9 -1.02 19.59 -62.97
C GLU L 9 -2.02 18.77 -62.17
N HIS L 10 -1.91 17.45 -62.21
CA HIS L 10 -2.81 16.61 -61.43
C HIS L 10 -2.60 16.80 -59.93
N VAL L 11 -1.35 17.00 -59.48
CA VAL L 11 -1.14 17.26 -58.06
C VAL L 11 -1.78 18.56 -57.65
N LEU L 12 -1.62 19.61 -58.47
CA LEU L 12 -2.23 20.90 -58.15
C LEU L 12 -3.75 20.79 -58.17
N THR L 13 -4.31 19.93 -59.02
CA THR L 13 -5.74 19.69 -59.00
C THR L 13 -6.16 18.97 -57.73
N MET L 14 -5.39 17.96 -57.32
CA MET L 14 -5.70 17.25 -56.09
C MET L 14 -5.71 18.18 -54.89
N LEU L 15 -4.81 19.17 -54.88
CA LEU L 15 -4.74 20.08 -53.75
C LEU L 15 -6.08 20.76 -53.52
N ASN L 16 -6.74 21.21 -54.58
CA ASN L 16 -8.06 21.80 -54.44
C ASN L 16 -9.15 20.75 -54.24
N GLU L 17 -9.00 19.58 -54.87
CA GLU L 17 -10.04 18.56 -54.80
C GLU L 17 -10.22 18.06 -53.37
N HIS L 18 -9.12 17.83 -52.66
CA HIS L 18 -9.17 17.29 -51.30
C HIS L 18 -8.99 18.36 -50.24
N GLU L 19 -8.96 19.64 -50.62
CA GLU L 19 -8.77 20.74 -49.68
C GLU L 19 -7.50 20.51 -48.85
N VAL L 20 -6.42 20.16 -49.54
CA VAL L 20 -5.18 19.80 -48.88
C VAL L 20 -4.60 21.03 -48.18
N LYS L 21 -4.24 20.86 -46.91
CA LYS L 21 -3.58 21.91 -46.15
C LYS L 21 -2.07 21.80 -46.14
N PHE L 22 -1.53 20.59 -46.26
CA PHE L 22 -0.10 20.37 -46.15
C PHE L 22 0.34 19.35 -47.20
N VAL L 23 1.63 19.41 -47.53
CA VAL L 23 2.26 18.46 -48.43
C VAL L 23 3.51 17.95 -47.73
N ASP L 24 3.61 16.63 -47.58
CA ASP L 24 4.69 16.00 -46.82
C ASP L 24 5.65 15.36 -47.81
N LEU L 25 6.84 15.95 -47.95
CA LEU L 25 7.86 15.44 -48.84
C LEU L 25 8.63 14.34 -48.14
N ARG L 26 8.69 13.16 -48.74
CA ARG L 26 9.26 11.97 -48.12
C ARG L 26 10.40 11.41 -48.95
N PHE L 27 11.41 10.90 -48.25
CA PHE L 27 12.56 10.28 -48.90
C PHE L 27 13.13 9.23 -47.96
N THR L 28 14.02 8.40 -48.48
CA THR L 28 14.59 7.29 -47.72
C THR L 28 16.08 7.50 -47.53
N ASP L 29 16.56 7.29 -46.31
CA ASP L 29 17.98 7.39 -46.02
C ASP L 29 18.66 6.05 -46.30
N THR L 30 19.97 5.99 -46.03
CA THR L 30 20.73 4.79 -46.33
C THR L 30 20.21 3.60 -45.54
N LYS L 31 19.92 3.79 -44.26
CA LYS L 31 19.44 2.69 -43.43
C LYS L 31 18.08 2.18 -43.88
N GLY L 32 17.29 3.00 -44.57
CA GLY L 32 15.99 2.60 -45.05
C GLY L 32 14.81 3.20 -44.33
N LYS L 33 15.02 4.24 -43.54
CA LYS L 33 13.96 4.87 -42.77
C LYS L 33 13.43 6.09 -43.51
N GLU L 34 12.11 6.23 -43.54
CA GLU L 34 11.49 7.36 -44.20
C GLU L 34 11.73 8.64 -43.41
N GLN L 35 12.16 9.69 -44.09
CA GLN L 35 12.34 11.02 -43.53
C GLN L 35 11.38 11.94 -44.26
N HIS L 36 10.63 12.74 -43.51
CA HIS L 36 9.59 13.59 -44.09
C HIS L 36 9.73 15.02 -43.59
N VAL L 37 9.55 15.96 -44.52
CA VAL L 37 9.49 17.39 -44.20
C VAL L 37 8.19 17.93 -44.78
N THR L 38 7.44 18.67 -43.98
CA THR L 38 6.12 19.15 -44.37
C THR L 38 6.16 20.62 -44.74
N ILE L 39 5.44 20.98 -45.80
CA ILE L 39 5.31 22.37 -46.22
C ILE L 39 3.83 22.68 -46.42
N PRO L 40 3.37 23.91 -46.17
CA PRO L 40 1.96 24.22 -46.42
C PRO L 40 1.63 24.11 -47.90
N ALA L 41 0.36 23.80 -48.17
CA ALA L 41 -0.06 23.55 -49.55
C ALA L 41 0.20 24.75 -50.44
N HIS L 42 0.03 25.96 -49.91
CA HIS L 42 0.21 27.16 -50.72
C HIS L 42 1.67 27.36 -51.15
N GLN L 43 2.61 26.61 -50.58
CA GLN L 43 4.00 26.65 -51.02
C GLN L 43 4.25 25.76 -52.23
N VAL L 44 3.25 25.00 -52.68
CA VAL L 44 3.42 24.07 -53.79
C VAL L 44 2.85 24.73 -55.03
N ASN L 45 3.70 24.96 -56.03
CA ASN L 45 3.30 25.59 -57.28
C ASN L 45 4.08 24.93 -58.41
N ALA L 46 3.96 25.50 -59.62
CA ALA L 46 4.68 24.93 -60.76
C ALA L 46 6.17 25.00 -60.56
N GLU L 47 6.69 26.11 -60.04
CA GLU L 47 8.12 26.24 -59.82
C GLU L 47 8.61 25.22 -58.80
N PHE L 48 7.73 24.75 -57.91
CA PHE L 48 8.13 23.79 -56.90
C PHE L 48 8.55 22.48 -57.53
N PHE L 49 7.85 22.03 -58.56
CA PHE L 49 8.15 20.77 -59.21
C PHE L 49 9.33 20.84 -60.16
N GLU L 50 9.82 22.03 -60.46
CA GLU L 50 10.99 22.21 -61.31
C GLU L 50 12.25 22.53 -60.52
N GLU L 51 12.13 23.17 -59.36
CA GLU L 51 13.30 23.55 -58.57
C GLU L 51 13.45 22.80 -57.26
N GLY L 52 12.43 22.09 -56.80
CA GLY L 52 12.55 21.35 -55.57
C GLY L 52 12.62 22.25 -54.35
N LYS L 53 13.04 21.64 -53.24
CA LYS L 53 13.20 22.34 -51.97
C LYS L 53 14.58 22.04 -51.41
N MET L 54 15.32 23.09 -51.09
CA MET L 54 16.62 22.92 -50.46
C MET L 54 16.45 22.44 -49.02
N PHE L 55 17.30 21.50 -48.61
CA PHE L 55 17.30 21.05 -47.24
C PHE L 55 18.73 20.65 -46.86
N ASP L 56 19.01 20.68 -45.56
CA ASP L 56 20.33 20.36 -45.04
C ASP L 56 20.36 18.88 -44.67
N GLY L 57 21.07 18.09 -45.46
CA GLY L 57 21.19 16.66 -45.24
C GLY L 57 22.37 16.24 -44.39
N SER L 58 23.14 17.18 -43.86
CA SER L 58 24.33 16.81 -43.10
C SER L 58 23.98 15.98 -41.87
N SER L 59 22.80 16.19 -41.30
CA SER L 59 22.38 15.47 -40.12
C SER L 59 21.73 14.13 -40.45
N ILE L 60 21.58 13.79 -41.73
CA ILE L 60 21.12 12.46 -42.10
C ILE L 60 22.26 11.47 -41.88
N GLY L 61 21.90 10.20 -41.70
CA GLY L 61 22.83 9.19 -41.24
C GLY L 61 24.17 9.15 -41.95
N GLY L 62 24.16 8.76 -43.22
CA GLY L 62 25.40 8.56 -43.94
C GLY L 62 25.68 9.59 -45.01
N TRP L 63 25.07 10.78 -44.87
CA TRP L 63 25.17 11.82 -45.88
C TRP L 63 26.07 12.96 -45.46
N LYS L 64 26.81 12.82 -44.36
CA LYS L 64 27.69 13.89 -43.91
C LYS L 64 28.75 14.19 -44.96
N GLY L 65 28.94 15.47 -45.24
CA GLY L 65 29.92 15.90 -46.23
C GLY L 65 31.33 15.95 -45.68
N ASP L 70 23.36 20.49 -48.09
CA ASP L 70 22.84 21.43 -49.07
C ASP L 70 22.40 20.70 -50.34
N MET L 71 21.29 19.97 -50.25
CA MET L 71 20.78 19.17 -51.35
C MET L 71 19.34 19.55 -51.63
N VAL L 72 18.81 19.05 -52.74
CA VAL L 72 17.50 19.42 -53.25
C VAL L 72 16.55 18.24 -53.08
N LEU L 73 15.36 18.53 -52.56
CA LEU L 73 14.26 17.58 -52.57
C LEU L 73 13.45 17.81 -53.84
N MET L 74 13.45 16.83 -54.74
CA MET L 74 12.74 16.94 -56.00
C MET L 74 11.49 16.07 -55.96
N PRO L 75 10.29 16.64 -55.88
CA PRO L 75 9.09 15.81 -55.82
C PRO L 75 8.90 14.98 -57.06
N ASP L 76 8.38 13.77 -56.87
CA ASP L 76 7.97 12.89 -57.96
C ASP L 76 6.45 12.85 -57.93
N ALA L 77 5.82 13.65 -58.79
CA ALA L 77 4.37 13.82 -58.73
C ALA L 77 3.64 12.50 -58.88
N SER L 78 4.22 11.53 -59.61
CA SER L 78 3.55 10.26 -59.83
C SER L 78 3.34 9.50 -58.52
N THR L 79 4.02 9.89 -57.46
CA THR L 79 3.91 9.25 -56.16
C THR L 79 2.90 9.95 -55.24
N ALA L 80 2.23 10.98 -55.73
CA ALA L 80 1.34 11.75 -54.86
C ALA L 80 0.23 10.86 -54.30
N VAL L 81 -0.02 10.99 -53.00
CA VAL L 81 -1.03 10.19 -52.32
C VAL L 81 -1.42 10.90 -51.03
N ILE L 82 -2.68 10.80 -50.67
CA ILE L 82 -3.20 11.49 -49.49
C ILE L 82 -2.87 10.67 -48.25
N ASP L 83 -2.37 11.34 -47.22
CA ASP L 83 -2.04 10.67 -45.96
C ASP L 83 -3.33 10.29 -45.23
N PRO L 84 -3.53 9.03 -44.85
CA PRO L 84 -4.77 8.64 -44.17
C PRO L 84 -4.74 8.78 -42.66
N PHE L 85 -3.65 9.29 -42.08
CA PHE L 85 -3.48 9.31 -40.63
C PHE L 85 -3.41 10.69 -40.04
N PHE L 86 -2.89 11.68 -40.76
CA PHE L 86 -2.71 13.01 -40.20
C PHE L 86 -4.08 13.68 -40.00
N ALA L 87 -4.20 14.42 -38.90
CA ALA L 87 -5.46 15.11 -38.61
C ALA L 87 -5.79 16.13 -39.68
N ASP L 88 -4.80 16.89 -40.13
CA ASP L 88 -5.00 17.87 -41.19
C ASP L 88 -4.77 17.23 -42.54
N SER L 89 -5.60 17.62 -43.52
CA SER L 89 -5.50 17.04 -44.85
C SER L 89 -4.11 17.24 -45.42
N THR L 90 -3.37 16.14 -45.59
CA THR L 90 -1.98 16.19 -46.04
C THR L 90 -1.82 15.32 -47.26
N LEU L 91 -0.92 15.74 -48.15
CA LEU L 91 -0.62 15.01 -49.38
C LEU L 91 0.84 14.56 -49.31
N ILE L 92 1.06 13.27 -49.52
CA ILE L 92 2.40 12.70 -49.48
C ILE L 92 2.96 12.67 -50.89
N ILE L 93 4.12 13.28 -51.08
CA ILE L 93 4.87 13.21 -52.33
C ILE L 93 6.24 12.65 -52.03
N ARG L 94 6.62 11.59 -52.73
CA ARG L 94 7.95 11.03 -52.59
C ARG L 94 8.94 11.83 -53.42
N CYS L 95 10.14 12.04 -52.88
CA CYS L 95 11.12 12.92 -53.50
C CYS L 95 12.46 12.22 -53.62
N ASP L 96 13.18 12.56 -54.68
CA ASP L 96 14.56 12.16 -54.84
C ASP L 96 15.47 13.28 -54.32
N ILE L 97 16.69 12.88 -53.97
CA ILE L 97 17.70 13.82 -53.47
C ILE L 97 18.67 14.09 -54.61
N LEU L 98 18.73 15.34 -55.05
CA LEU L 98 19.55 15.74 -56.17
C LEU L 98 20.63 16.72 -55.72
N GLU L 99 21.76 16.69 -56.39
CA GLU L 99 22.82 17.66 -56.13
C GLU L 99 22.34 19.05 -56.53
N PRO L 100 22.61 20.08 -55.71
CA PRO L 100 22.00 21.38 -56.00
C PRO L 100 22.35 21.96 -57.36
N GLY L 101 23.58 21.75 -57.82
CA GLY L 101 24.02 22.37 -59.06
C GLY L 101 23.52 21.68 -60.30
N THR L 102 23.97 20.44 -60.51
CA THR L 102 23.64 19.69 -61.71
C THR L 102 22.24 19.09 -61.68
N LEU L 103 21.58 19.08 -60.53
CA LEU L 103 20.26 18.47 -60.38
C LEU L 103 20.30 16.99 -60.79
N GLN L 104 21.42 16.33 -60.54
CA GLN L 104 21.56 14.91 -60.76
C GLN L 104 21.40 14.16 -59.44
N GLY L 105 21.02 12.88 -59.54
CA GLY L 105 20.75 12.11 -58.35
C GLY L 105 21.98 12.03 -57.45
N TYR L 106 21.75 12.24 -56.15
CA TYR L 106 22.81 12.10 -55.17
C TYR L 106 23.32 10.67 -55.15
N ASP L 107 24.63 10.51 -55.10
CA ASP L 107 25.23 9.18 -55.21
C ASP L 107 24.81 8.27 -54.06
N ARG L 108 24.45 8.84 -52.92
CA ARG L 108 24.08 8.06 -51.74
C ARG L 108 22.57 8.01 -51.51
N ASP L 109 21.78 8.47 -52.47
CA ASP L 109 20.33 8.39 -52.33
C ASP L 109 19.85 7.01 -52.78
N PRO L 110 19.25 6.21 -51.89
CA PRO L 110 18.82 4.86 -52.32
C PRO L 110 17.85 4.86 -53.48
N ARG L 111 16.92 5.81 -53.52
CA ARG L 111 15.98 5.86 -54.65
C ARG L 111 16.72 6.16 -55.95
N SER L 112 17.68 7.07 -55.90
CA SER L 112 18.48 7.34 -57.08
C SER L 112 19.27 6.11 -57.50
N ILE L 113 19.81 5.37 -56.54
CA ILE L 113 20.57 4.16 -56.86
C ILE L 113 19.66 3.14 -57.55
N ALA L 114 18.44 2.97 -57.03
CA ALA L 114 17.50 2.05 -57.66
C ALA L 114 17.13 2.49 -59.06
N LYS L 115 16.89 3.79 -59.25
CA LYS L 115 16.57 4.29 -60.58
C LYS L 115 17.73 4.05 -61.55
N ARG L 116 18.96 4.27 -61.08
CA ARG L 116 20.12 4.02 -61.93
C ARG L 116 20.27 2.54 -62.23
N ALA L 117 19.93 1.67 -61.28
CA ALA L 117 19.96 0.24 -61.56
C ALA L 117 18.97 -0.13 -62.66
N GLU L 118 17.76 0.41 -62.59
CA GLU L 118 16.79 0.17 -63.66
C GLU L 118 17.30 0.69 -64.99
N ASP L 119 17.90 1.88 -64.99
CA ASP L 119 18.41 2.46 -66.23
C ASP L 119 19.53 1.60 -66.81
N TYR L 120 20.40 1.08 -65.94
CA TYR L 120 21.45 0.18 -66.40
C TYR L 120 20.87 -1.10 -66.99
N LEU L 121 19.83 -1.64 -66.35
CA LEU L 121 19.16 -2.80 -66.90
C LEU L 121 18.65 -2.51 -68.31
N ARG L 122 18.03 -1.35 -68.49
CA ARG L 122 17.55 -0.99 -69.82
C ARG L 122 18.70 -0.84 -70.81
N SER L 123 19.80 -0.21 -70.37
CA SER L 123 20.90 0.08 -71.28
C SER L 123 21.59 -1.19 -71.76
N THR L 124 21.79 -2.15 -70.86
CA THR L 124 22.48 -3.39 -71.25
C THR L 124 21.73 -4.15 -72.33
N GLY L 125 20.43 -3.89 -72.50
CA GLY L 125 19.64 -4.58 -73.49
C GLY L 125 19.15 -5.95 -73.08
N ILE L 126 19.41 -6.37 -71.84
CA ILE L 126 18.96 -7.68 -71.39
C ILE L 126 17.45 -7.71 -71.25
N ALA L 127 16.87 -6.65 -70.68
CA ALA L 127 15.43 -6.61 -70.48
C ALA L 127 15.01 -5.15 -70.35
N ASP L 128 13.70 -4.94 -70.45
CA ASP L 128 13.13 -3.59 -70.33
C ASP L 128 12.67 -3.30 -68.90
N THR L 129 12.07 -4.28 -68.24
CA THR L 129 11.53 -4.09 -66.90
C THR L 129 11.94 -5.25 -66.01
N VAL L 130 12.04 -4.97 -64.72
CA VAL L 130 12.29 -5.97 -63.69
C VAL L 130 11.14 -5.94 -62.71
N LEU L 131 10.56 -7.09 -62.43
CA LEU L 131 9.42 -7.22 -61.53
C LEU L 131 9.88 -7.81 -60.21
N PHE L 132 9.44 -7.20 -59.11
CA PHE L 132 9.80 -7.60 -57.77
C PHE L 132 8.53 -7.83 -56.97
N GLY L 133 8.38 -9.05 -56.44
CA GLY L 133 7.41 -9.31 -55.40
C GLY L 133 8.08 -9.61 -54.07
N PRO L 134 8.13 -8.64 -53.18
CA PRO L 134 8.54 -8.91 -51.80
C PRO L 134 7.37 -9.30 -50.91
N GLU L 135 7.67 -10.11 -49.90
CA GLU L 135 6.67 -10.65 -48.98
C GLU L 135 7.12 -10.40 -47.55
N PRO L 136 7.15 -9.14 -47.12
CA PRO L 136 7.57 -8.85 -45.75
C PRO L 136 6.57 -9.36 -44.72
N GLU L 137 7.09 -9.69 -43.55
CA GLU L 137 6.30 -10.05 -42.38
C GLU L 137 6.63 -9.08 -41.26
N PHE L 138 5.81 -9.07 -40.22
CA PHE L 138 6.03 -8.16 -39.11
C PHE L 138 5.46 -8.76 -37.83
N PHE L 139 5.86 -8.18 -36.71
CA PHE L 139 5.36 -8.57 -35.39
C PHE L 139 4.53 -7.43 -34.81
N LEU L 140 3.43 -7.79 -34.16
CA LEU L 140 2.58 -6.85 -33.44
C LEU L 140 2.68 -7.15 -31.95
N PHE L 141 3.00 -6.13 -31.16
CA PHE L 141 3.19 -6.29 -29.73
C PHE L 141 2.32 -5.27 -29.00
N ASP L 142 2.01 -5.58 -27.75
CA ASP L 142 1.30 -4.61 -26.90
C ASP L 142 2.27 -3.72 -26.14
N ASP L 143 3.43 -4.24 -25.75
CA ASP L 143 4.41 -3.47 -25.01
C ASP L 143 5.80 -3.97 -25.36
N ILE L 144 6.72 -3.03 -25.55
CA ILE L 144 8.13 -3.33 -25.75
C ILE L 144 8.93 -2.40 -24.86
N ARG L 145 9.82 -2.96 -24.05
CA ARG L 145 10.70 -2.18 -23.20
C ARG L 145 12.13 -2.67 -23.41
N PHE L 146 13.05 -1.75 -23.68
CA PHE L 146 14.44 -2.15 -23.82
C PHE L 146 15.33 -0.99 -23.39
N GLY L 147 16.52 -1.34 -22.92
CA GLY L 147 17.45 -0.35 -22.43
C GLY L 147 18.79 -0.97 -22.16
N SER L 148 19.80 -0.09 -22.05
CA SER L 148 21.16 -0.52 -21.74
C SER L 148 21.85 0.60 -20.98
N SER L 149 22.79 0.21 -20.13
CA SER L 149 23.58 1.16 -19.36
C SER L 149 24.84 0.44 -18.89
N ILE L 150 25.61 1.10 -18.02
CA ILE L 150 26.79 0.46 -17.45
C ILE L 150 26.37 -0.68 -16.53
N SER L 151 25.22 -0.57 -15.87
CA SER L 151 24.81 -1.55 -14.88
C SER L 151 24.18 -2.79 -15.51
N GLY L 152 23.86 -2.77 -16.78
CA GLY L 152 23.24 -3.93 -17.41
C GLY L 152 22.45 -3.52 -18.64
N SER L 153 21.63 -4.46 -19.10
CA SER L 153 20.82 -4.25 -20.30
C SER L 153 19.63 -5.19 -20.26
N HIS L 154 18.51 -4.75 -20.83
CA HIS L 154 17.31 -5.57 -20.81
C HIS L 154 16.46 -5.34 -22.05
N VAL L 155 15.73 -6.37 -22.43
CA VAL L 155 14.63 -6.32 -23.38
C VAL L 155 13.50 -7.18 -22.84
N ALA L 156 12.27 -6.66 -22.96
CA ALA L 156 11.07 -7.33 -22.49
C ALA L 156 9.96 -7.06 -23.49
N ILE L 157 9.48 -8.13 -24.13
CA ILE L 157 8.39 -8.08 -25.09
C ILE L 157 7.14 -8.63 -24.41
N ASP L 158 6.02 -7.92 -24.56
CA ASP L 158 4.74 -8.38 -24.04
C ASP L 158 3.67 -8.21 -25.11
N ASP L 159 2.91 -9.27 -25.36
CA ASP L 159 1.74 -9.22 -26.22
C ASP L 159 0.66 -10.12 -25.64
N ILE L 160 -0.60 -9.74 -25.87
CA ILE L 160 -1.70 -10.54 -25.35
C ILE L 160 -1.73 -11.90 -26.01
N GLU L 161 -1.27 -12.02 -27.25
CA GLU L 161 -1.22 -13.30 -27.94
C GLU L 161 -0.05 -14.16 -27.51
N GLY L 162 0.93 -13.61 -26.79
CA GLY L 162 2.08 -14.38 -26.37
C GLY L 162 1.70 -15.57 -25.51
N ALA L 163 2.23 -16.75 -25.86
CA ALA L 163 1.89 -17.95 -25.11
C ALA L 163 2.27 -17.82 -23.64
N TRP L 164 3.33 -17.08 -23.35
CA TRP L 164 3.76 -16.92 -21.96
C TRP L 164 2.74 -16.18 -21.12
N ASN L 165 1.76 -15.53 -21.74
CA ASN L 165 0.68 -14.88 -21.02
C ASN L 165 -0.45 -15.83 -20.67
N SER L 166 -0.25 -17.14 -20.85
CA SER L 166 -1.28 -18.09 -20.44
C SER L 166 -1.50 -18.07 -18.94
N SER L 167 -0.53 -17.59 -18.16
CA SER L 167 -0.64 -17.51 -16.72
C SER L 167 -0.84 -16.08 -16.20
N THR L 168 -0.77 -15.08 -17.07
CA THR L 168 -0.87 -13.70 -16.63
C THR L 168 -2.27 -13.40 -16.11
N GLN L 169 -2.34 -12.55 -15.09
CA GLN L 169 -3.61 -12.06 -14.57
C GLN L 169 -3.96 -10.75 -15.24
N TYR L 170 -5.14 -10.68 -15.84
CA TYR L 170 -5.61 -9.51 -16.53
C TYR L 170 -6.84 -8.95 -15.83
N GLU L 171 -6.99 -7.63 -15.86
CA GLU L 171 -8.22 -7.01 -15.39
C GLU L 171 -9.35 -7.40 -16.34
N GLY L 172 -10.46 -7.86 -15.76
CA GLY L 172 -11.54 -8.40 -16.55
C GLY L 172 -11.40 -9.87 -16.88
N GLY L 173 -10.33 -10.50 -16.48
CA GLY L 173 -10.14 -11.93 -16.68
C GLY L 173 -9.21 -12.22 -17.84
N ASN L 174 -8.57 -13.38 -17.78
CA ASN L 174 -7.67 -13.85 -18.82
C ASN L 174 -8.43 -14.83 -19.72
N LYS L 175 -8.56 -14.49 -20.99
CA LYS L 175 -9.15 -15.38 -21.98
C LYS L 175 -8.02 -16.20 -22.60
N GLY L 176 -8.11 -17.52 -22.48
CA GLY L 176 -6.96 -18.37 -22.69
C GLY L 176 -6.72 -18.81 -24.12
N HIS L 177 -7.35 -18.14 -25.08
CA HIS L 177 -7.19 -18.49 -26.49
C HIS L 177 -6.00 -17.72 -27.04
N ARG L 178 -4.84 -18.36 -27.07
CA ARG L 178 -3.60 -17.77 -27.57
C ARG L 178 -2.94 -18.74 -28.53
N PRO L 179 -2.21 -18.24 -29.53
CA PRO L 179 -1.38 -19.13 -30.33
C PRO L 179 -0.29 -19.77 -29.48
N ALA L 180 0.01 -21.02 -29.78
CA ALA L 180 1.15 -21.67 -29.18
C ALA L 180 2.43 -21.26 -29.91
N VAL L 181 3.57 -21.58 -29.30
CA VAL L 181 4.83 -21.27 -29.94
C VAL L 181 4.91 -22.03 -31.26
N LYS L 182 5.14 -21.29 -32.34
CA LYS L 182 5.16 -21.86 -33.68
C LYS L 182 3.81 -22.49 -34.04
N GLY L 183 2.73 -21.87 -33.58
CA GLY L 183 1.40 -22.40 -33.83
C GLY L 183 0.40 -21.32 -34.19
N GLY L 184 0.86 -20.23 -34.78
CA GLY L 184 -0.01 -19.14 -35.16
C GLY L 184 -0.35 -19.11 -36.63
N TYR L 185 -0.15 -20.22 -37.32
CA TYR L 185 -0.33 -20.32 -38.77
C TYR L 185 -1.32 -21.45 -39.07
N PHE L 186 -2.61 -21.13 -39.16
CA PHE L 186 -3.23 -19.83 -38.89
C PHE L 186 -4.67 -20.02 -38.40
N PRO L 187 -4.83 -20.32 -37.10
CA PRO L 187 -6.16 -20.61 -36.59
C PRO L 187 -7.07 -19.38 -36.57
N VAL L 188 -8.36 -19.63 -36.54
CA VAL L 188 -9.38 -18.59 -36.58
C VAL L 188 -9.47 -17.88 -35.24
N PRO L 189 -10.09 -16.71 -35.17
CA PRO L 189 -10.30 -16.06 -33.88
C PRO L 189 -11.14 -16.91 -32.96
N PRO L 190 -11.08 -16.67 -31.65
CA PRO L 190 -10.35 -15.62 -30.95
C PRO L 190 -8.88 -15.94 -30.73
N VAL L 191 -8.40 -17.08 -31.22
CA VAL L 191 -6.96 -17.36 -31.13
C VAL L 191 -6.18 -16.33 -31.94
N ASP L 192 -6.66 -16.02 -33.13
CA ASP L 192 -6.11 -14.95 -33.95
C ASP L 192 -6.82 -13.65 -33.58
N SER L 193 -6.08 -12.73 -32.96
CA SER L 193 -6.65 -11.49 -32.45
C SER L 193 -6.33 -10.28 -33.32
N ALA L 194 -5.80 -10.49 -34.52
CA ALA L 194 -5.37 -9.39 -35.39
C ALA L 194 -6.14 -9.35 -36.71
N GLN L 195 -7.30 -9.99 -36.77
CA GLN L 195 -8.08 -9.98 -38.00
C GLN L 195 -8.49 -8.56 -38.37
N ASP L 196 -9.07 -7.83 -37.42
CA ASP L 196 -9.51 -6.47 -37.70
C ASP L 196 -8.33 -5.57 -38.02
N ILE L 197 -7.22 -5.73 -37.29
CA ILE L 197 -6.04 -4.90 -37.54
C ILE L 197 -5.52 -5.14 -38.95
N ARG L 198 -5.43 -6.40 -39.35
CA ARG L 198 -4.94 -6.71 -40.69
C ARG L 198 -5.90 -6.20 -41.77
N SER L 199 -7.20 -6.33 -41.53
CA SER L 199 -8.17 -5.82 -42.51
C SER L 199 -8.05 -4.31 -42.66
N GLU L 200 -7.88 -3.60 -41.55
CA GLU L 200 -7.69 -2.15 -41.61
C GLU L 200 -6.40 -1.81 -42.35
N MET L 201 -5.34 -2.56 -42.09
CA MET L 201 -4.09 -2.34 -42.81
C MET L 201 -4.29 -2.52 -44.30
N CYS L 202 -5.00 -3.57 -44.70
CA CYS L 202 -5.22 -3.82 -46.12
C CYS L 202 -6.04 -2.70 -46.76
N LEU L 203 -7.10 -2.26 -46.08
CA LEU L 203 -7.93 -1.19 -46.63
C LEU L 203 -7.14 0.10 -46.77
N VAL L 204 -6.35 0.45 -45.75
CA VAL L 204 -5.56 1.67 -45.83
C VAL L 204 -4.50 1.55 -46.93
N MET L 205 -3.88 0.38 -47.07
CA MET L 205 -2.90 0.18 -48.12
C MET L 205 -3.53 0.36 -49.49
N GLU L 206 -4.73 -0.19 -49.69
CA GLU L 206 -5.43 0.01 -50.95
C GLU L 206 -5.76 1.48 -51.16
N GLN L 207 -6.10 2.20 -50.08
CA GLN L 207 -6.29 3.64 -50.21
C GLN L 207 -5.00 4.32 -50.69
N MET L 208 -3.86 3.88 -50.19
CA MET L 208 -2.58 4.51 -50.51
C MET L 208 -1.96 3.97 -51.79
N GLY L 209 -2.69 3.19 -52.57
CA GLY L 209 -2.25 2.80 -53.89
C GLY L 209 -1.66 1.41 -54.02
N LEU L 210 -1.71 0.60 -52.98
CA LEU L 210 -1.20 -0.76 -53.07
C LEU L 210 -2.31 -1.73 -53.45
N VAL L 211 -1.93 -2.80 -54.12
CA VAL L 211 -2.84 -3.88 -54.46
C VAL L 211 -2.56 -5.04 -53.53
N VAL L 212 -3.53 -5.36 -52.68
CA VAL L 212 -3.37 -6.41 -51.69
C VAL L 212 -3.88 -7.72 -52.26
N GLU L 213 -3.21 -8.81 -51.90
CA GLU L 213 -3.56 -10.14 -52.35
C GLU L 213 -4.13 -11.02 -51.24
N ALA L 214 -3.62 -10.89 -50.03
CA ALA L 214 -4.08 -11.69 -48.90
C ALA L 214 -3.47 -11.11 -47.63
N HIS L 215 -3.99 -11.55 -46.49
CA HIS L 215 -3.37 -11.22 -45.21
C HIS L 215 -3.67 -12.34 -44.23
N HIS L 216 -2.70 -12.65 -43.38
CA HIS L 216 -2.90 -13.75 -42.44
C HIS L 216 -1.92 -13.66 -41.28
N HIS L 217 -2.21 -14.46 -40.26
CA HIS L 217 -1.33 -14.68 -39.13
C HIS L 217 -0.19 -15.61 -39.52
N GLU L 218 0.97 -15.38 -38.92
CA GLU L 218 2.18 -16.13 -39.26
C GLU L 218 2.52 -17.11 -38.14
N VAL L 219 3.62 -17.84 -38.34
CA VAL L 219 3.92 -18.99 -37.49
C VAL L 219 4.12 -18.57 -36.04
N ALA L 220 4.83 -17.47 -35.82
CA ALA L 220 5.21 -17.09 -34.46
C ALA L 220 3.97 -16.76 -33.63
N THR L 221 4.17 -16.71 -32.31
CA THR L 221 3.07 -16.61 -31.36
C THR L 221 2.71 -15.18 -31.01
N ALA L 222 3.70 -14.31 -30.83
CA ALA L 222 3.46 -12.95 -30.34
C ALA L 222 3.03 -12.02 -31.48
N GLY L 223 1.92 -12.39 -32.11
CA GLY L 223 1.31 -11.54 -33.11
C GLY L 223 2.13 -11.31 -34.36
N GLN L 224 2.71 -12.36 -34.91
CA GLN L 224 3.37 -12.26 -36.21
C GLN L 224 2.32 -12.35 -37.31
N ASN L 225 2.38 -11.40 -38.24
CA ASN L 225 1.38 -11.27 -39.28
C ASN L 225 2.07 -10.88 -40.57
N GLU L 226 1.43 -11.20 -41.71
CA GLU L 226 1.89 -10.71 -42.98
C GLU L 226 0.72 -10.34 -43.87
N VAL L 227 0.86 -9.23 -44.58
CA VAL L 227 -0.06 -8.78 -45.60
C VAL L 227 0.69 -8.84 -46.93
N ALA L 228 0.20 -9.65 -47.86
CA ALA L 228 0.84 -9.82 -49.15
C ALA L 228 0.32 -8.78 -50.14
N THR L 229 1.23 -8.19 -50.89
CA THR L 229 0.91 -7.17 -51.88
C THR L 229 1.39 -7.63 -53.25
N ARG L 230 0.74 -7.10 -54.28
CA ARG L 230 1.06 -7.52 -55.64
C ARG L 230 2.44 -7.00 -56.04
N PHE L 231 3.11 -7.78 -56.88
CA PHE L 231 4.43 -7.41 -57.37
C PHE L 231 4.36 -6.11 -58.16
N ASN L 232 5.53 -5.54 -58.45
CA ASN L 232 5.57 -4.31 -59.23
C ASN L 232 7.02 -4.09 -59.68
N THR L 233 7.22 -3.06 -60.49
CA THR L 233 8.57 -2.75 -60.92
C THR L 233 9.43 -2.36 -59.71
N MET L 234 10.74 -2.32 -59.93
CA MET L 234 11.68 -2.28 -58.81
C MET L 234 11.47 -1.03 -57.97
N THR L 235 11.66 0.15 -58.55
CA THR L 235 11.54 1.38 -57.77
C THR L 235 10.11 1.56 -57.27
N LYS L 236 9.13 1.25 -58.10
CA LYS L 236 7.74 1.35 -57.66
C LYS L 236 7.49 0.44 -56.47
N LYS L 237 8.02 -0.79 -56.51
CA LYS L 237 7.77 -1.71 -55.41
C LYS L 237 8.56 -1.32 -54.17
N ALA L 238 9.69 -0.66 -54.32
CA ALA L 238 10.40 -0.13 -53.16
C ALA L 238 9.59 0.97 -52.49
N ASP L 239 9.04 1.89 -53.28
CA ASP L 239 8.14 2.89 -52.73
C ASP L 239 6.94 2.22 -52.07
N GLU L 240 6.43 1.16 -52.68
CA GLU L 240 5.30 0.44 -52.11
C GLU L 240 5.67 -0.20 -50.78
N ILE L 241 6.89 -0.72 -50.65
CA ILE L 241 7.34 -1.29 -49.39
C ILE L 241 7.45 -0.21 -48.33
N GLN L 242 7.94 0.97 -48.71
CA GLN L 242 7.98 2.07 -47.74
C GLN L 242 6.58 2.44 -47.27
N ILE L 243 5.64 2.54 -48.21
CA ILE L 243 4.25 2.82 -47.83
C ILE L 243 3.70 1.70 -46.97
N TYR L 244 4.07 0.46 -47.27
CA TYR L 244 3.62 -0.69 -46.49
C TYR L 244 4.07 -0.58 -45.05
N LYS L 245 5.37 -0.30 -44.85
CA LYS L 245 5.87 -0.18 -43.48
C LYS L 245 5.22 0.99 -42.76
N TYR L 246 5.06 2.12 -43.46
CA TYR L 246 4.39 3.26 -42.86
C TYR L 246 2.99 2.91 -42.40
N VAL L 247 2.21 2.27 -43.28
CA VAL L 247 0.82 1.93 -42.96
C VAL L 247 0.77 0.96 -41.80
N VAL L 248 1.63 -0.06 -41.81
CA VAL L 248 1.61 -1.05 -40.73
C VAL L 248 1.91 -0.36 -39.40
N HIS L 249 2.96 0.45 -39.36
CA HIS L 249 3.33 1.12 -38.12
C HIS L 249 2.19 1.99 -37.61
N ASN L 250 1.61 2.80 -38.50
CA ASN L 250 0.62 3.77 -38.05
C ASN L 250 -0.68 3.10 -37.65
N VAL L 251 -1.11 2.07 -38.38
CA VAL L 251 -2.32 1.35 -38.00
C VAL L 251 -2.13 0.64 -36.67
N ALA L 252 -0.97 0.01 -36.47
CA ALA L 252 -0.71 -0.64 -35.19
C ALA L 252 -0.71 0.38 -34.06
N HIS L 253 -0.13 1.56 -34.29
CA HIS L 253 -0.15 2.60 -33.28
C HIS L 253 -1.59 3.04 -32.98
N ARG L 254 -2.41 3.18 -34.01
CA ARG L 254 -3.80 3.61 -33.81
C ARG L 254 -4.65 2.54 -33.13
N PHE L 255 -4.25 1.28 -33.21
CA PHE L 255 -4.95 0.21 -32.50
C PHE L 255 -4.37 -0.07 -31.13
N GLY L 256 -3.40 0.73 -30.68
CA GLY L 256 -2.75 0.47 -29.42
C GLY L 256 -1.67 -0.58 -29.46
N LYS L 257 -1.31 -1.05 -30.64
CA LYS L 257 -0.28 -2.06 -30.81
C LYS L 257 1.05 -1.39 -31.16
N THR L 258 2.03 -2.19 -31.54
CA THR L 258 3.35 -1.71 -31.91
C THR L 258 3.93 -2.70 -32.92
N ALA L 259 4.18 -2.23 -34.12
CA ALA L 259 4.69 -3.08 -35.19
C ALA L 259 6.20 -3.01 -35.25
N THR L 260 6.82 -4.14 -35.57
CA THR L 260 8.26 -4.19 -35.77
C THR L 260 8.57 -5.11 -36.93
N PHE L 261 9.53 -4.68 -37.76
CA PHE L 261 10.02 -5.46 -38.89
C PHE L 261 11.40 -6.06 -38.59
N MET L 262 11.73 -6.24 -37.32
CA MET L 262 12.99 -6.85 -36.96
C MET L 262 13.04 -8.28 -37.49
N PRO L 263 14.19 -8.75 -37.99
CA PRO L 263 14.26 -10.14 -38.44
C PRO L 263 13.98 -11.16 -37.35
N LYS L 264 14.40 -10.89 -36.12
CA LYS L 264 14.33 -11.90 -35.04
C LYS L 264 14.16 -11.19 -33.70
N PRO L 265 12.92 -10.85 -33.34
CA PRO L 265 12.68 -10.23 -32.04
C PRO L 265 12.75 -11.23 -30.88
N MET L 266 12.34 -12.47 -31.12
CA MET L 266 12.26 -13.47 -30.07
C MET L 266 13.09 -14.68 -30.45
N PHE L 267 13.70 -15.30 -29.44
CA PHE L 267 14.41 -16.56 -29.61
C PHE L 267 13.45 -17.72 -29.33
N GLY L 268 13.62 -18.80 -30.09
CA GLY L 268 12.75 -19.94 -29.97
C GLY L 268 11.47 -19.84 -30.76
N ASP L 269 11.25 -18.73 -31.46
CA ASP L 269 10.08 -18.56 -32.31
C ASP L 269 10.54 -18.07 -33.67
N ASN L 270 9.70 -18.31 -34.67
CA ASN L 270 10.08 -17.99 -36.05
C ASN L 270 10.35 -16.50 -36.20
N GLY L 271 11.35 -16.17 -37.02
CA GLY L 271 11.66 -14.80 -37.32
C GLY L 271 10.85 -14.28 -38.50
N SER L 272 11.13 -13.03 -38.86
CA SER L 272 10.45 -12.35 -39.95
C SER L 272 11.39 -12.22 -41.14
N GLY L 273 10.91 -12.61 -42.32
CA GLY L 273 11.69 -12.52 -43.52
C GLY L 273 10.92 -11.82 -44.63
N MET L 274 11.64 -11.47 -45.69
CA MET L 274 11.07 -10.81 -46.86
C MET L 274 11.54 -11.58 -48.10
N HIS L 275 10.80 -12.62 -48.46
CA HIS L 275 11.10 -13.33 -49.69
C HIS L 275 10.90 -12.41 -50.89
N CYS L 276 11.86 -12.39 -51.79
CA CYS L 276 11.86 -11.47 -52.93
C CYS L 276 11.71 -12.28 -54.21
N HIS L 277 10.53 -12.22 -54.81
CA HIS L 277 10.30 -12.82 -56.13
C HIS L 277 10.81 -11.87 -57.21
N MET L 278 11.45 -12.43 -58.22
CA MET L 278 12.05 -11.64 -59.28
C MET L 278 11.74 -12.26 -60.64
N SER L 279 11.59 -11.39 -61.64
CA SER L 279 11.45 -11.81 -63.02
C SER L 279 11.85 -10.65 -63.91
N LEU L 280 12.20 -10.97 -65.15
CA LEU L 280 12.59 -9.98 -66.14
C LEU L 280 11.69 -10.10 -67.36
N SER L 281 11.29 -8.95 -67.90
CA SER L 281 10.42 -8.89 -69.06
C SER L 281 11.00 -7.94 -70.09
N LYS L 282 10.91 -8.33 -71.36
CA LYS L 282 11.34 -7.51 -72.48
C LYS L 282 10.28 -7.57 -73.55
N ASN L 283 9.74 -6.42 -73.94
CA ASN L 283 8.68 -6.34 -74.94
C ASN L 283 7.45 -7.15 -74.52
N GLY L 284 7.21 -7.24 -73.22
CA GLY L 284 6.03 -7.87 -72.70
C GLY L 284 6.09 -9.38 -72.55
N VAL L 285 7.23 -10.01 -72.84
CA VAL L 285 7.39 -11.45 -72.70
C VAL L 285 8.36 -11.72 -71.55
N ASN L 286 7.97 -12.62 -70.66
CA ASN L 286 8.81 -12.99 -69.54
C ASN L 286 10.07 -13.70 -70.05
N LEU L 287 11.23 -13.18 -69.67
CA LEU L 287 12.50 -13.77 -70.09
C LEU L 287 12.95 -14.90 -69.19
N PHE L 288 12.30 -15.12 -68.05
CA PHE L 288 12.63 -16.21 -67.16
C PHE L 288 11.86 -17.48 -67.47
N ALA L 289 11.04 -17.48 -68.53
CA ALA L 289 10.26 -18.63 -68.92
C ALA L 289 10.96 -19.38 -70.05
N GLY L 290 11.12 -20.68 -69.89
CA GLY L 290 11.81 -21.46 -70.89
C GLY L 290 11.63 -22.94 -70.64
N ASP L 291 12.42 -23.74 -71.36
CA ASP L 291 12.32 -25.19 -71.32
C ASP L 291 13.32 -25.83 -70.36
N LYS L 292 14.10 -25.04 -69.65
CA LYS L 292 15.09 -25.58 -68.72
C LYS L 292 14.41 -25.96 -67.40
N TYR L 293 15.21 -26.21 -66.38
CA TYR L 293 14.69 -26.74 -65.11
C TYR L 293 13.53 -25.90 -64.60
N ALA L 294 12.45 -26.58 -64.22
CA ALA L 294 11.28 -25.94 -63.64
C ALA L 294 10.71 -24.86 -64.56
N GLY L 295 10.85 -25.05 -65.87
CA GLY L 295 10.35 -24.08 -66.82
C GLY L 295 11.16 -22.82 -66.93
N LEU L 296 12.37 -22.80 -66.35
CA LEU L 296 13.21 -21.62 -66.42
C LEU L 296 13.92 -21.54 -67.77
N SER L 297 14.51 -20.39 -68.03
CA SER L 297 15.32 -20.16 -69.21
C SER L 297 16.79 -20.10 -68.83
N GLU L 298 17.65 -20.07 -69.85
CA GLU L 298 19.08 -19.95 -69.60
C GLU L 298 19.41 -18.63 -68.95
N GLN L 299 18.71 -17.55 -69.31
CA GLN L 299 18.91 -16.28 -68.63
C GLN L 299 18.49 -16.37 -67.17
N ALA L 300 17.42 -17.11 -66.87
CA ALA L 300 17.03 -17.31 -65.47
C ALA L 300 18.11 -18.07 -64.71
N LEU L 301 18.68 -19.11 -65.31
CA LEU L 301 19.74 -19.84 -64.65
C LEU L 301 20.96 -18.96 -64.42
N TYR L 302 21.30 -18.12 -65.39
CA TYR L 302 22.42 -17.21 -65.22
C TYR L 302 22.16 -16.20 -64.11
N TYR L 303 20.92 -15.71 -64.03
CA TYR L 303 20.55 -14.80 -62.95
C TYR L 303 20.71 -15.48 -61.59
N ILE L 304 20.25 -16.74 -61.49
CA ILE L 304 20.40 -17.49 -60.24
C ILE L 304 21.88 -17.65 -59.91
N GLY L 305 22.69 -17.95 -60.92
CA GLY L 305 24.12 -18.13 -60.69
C GLY L 305 24.78 -16.85 -60.20
N GLY L 306 24.42 -15.71 -60.78
CA GLY L 306 24.96 -14.46 -60.30
C GLY L 306 24.56 -14.16 -58.87
N VAL L 307 23.27 -14.40 -58.54
CA VAL L 307 22.81 -14.17 -57.18
C VAL L 307 23.55 -15.08 -56.21
N ILE L 308 23.78 -16.33 -56.59
CA ILE L 308 24.50 -17.26 -55.73
C ILE L 308 25.95 -16.81 -55.55
N LYS L 309 26.60 -16.38 -56.64
CA LYS L 309 28.00 -15.97 -56.55
C LYS L 309 28.16 -14.75 -55.65
N HIS L 310 27.28 -13.76 -55.78
CA HIS L 310 27.38 -12.53 -55.00
C HIS L 310 26.44 -12.53 -53.80
N ALA L 311 26.06 -13.71 -53.30
CA ALA L 311 25.10 -13.77 -52.21
C ALA L 311 25.64 -13.14 -50.94
N LYS L 312 26.91 -13.39 -50.61
CA LYS L 312 27.47 -12.83 -49.39
C LYS L 312 27.53 -11.30 -49.47
N ALA L 313 27.93 -10.76 -50.62
CA ALA L 313 27.92 -9.31 -50.79
C ALA L 313 26.51 -8.76 -50.70
N ILE L 314 25.53 -9.47 -51.28
CA ILE L 314 24.15 -9.04 -51.20
C ILE L 314 23.68 -9.00 -49.75
N ASN L 315 24.13 -9.97 -48.95
CA ASN L 315 23.69 -10.04 -47.56
C ASN L 315 23.95 -8.74 -46.81
N ALA L 316 25.01 -8.02 -47.18
CA ALA L 316 25.29 -6.75 -46.51
C ALA L 316 24.16 -5.73 -46.71
N LEU L 317 23.36 -5.90 -47.75
CA LEU L 317 22.27 -4.98 -48.06
C LEU L 317 20.89 -5.57 -47.83
N ALA L 318 20.73 -6.87 -48.05
CA ALA L 318 19.47 -7.56 -47.83
C ALA L 318 19.28 -8.00 -46.40
N ASN L 319 20.37 -8.17 -45.64
CA ASN L 319 20.33 -8.53 -44.23
C ASN L 319 21.28 -7.60 -43.50
N PRO L 320 20.96 -6.31 -43.42
CA PRO L 320 21.94 -5.32 -42.96
C PRO L 320 22.00 -5.13 -41.44
N THR L 321 21.43 -6.04 -40.66
CA THR L 321 21.39 -5.91 -39.22
C THR L 321 21.97 -7.16 -38.59
N THR L 322 22.60 -6.98 -37.43
CA THR L 322 23.12 -8.14 -36.70
C THR L 322 21.98 -9.09 -36.37
N ASN L 323 20.83 -8.54 -35.97
CA ASN L 323 19.67 -9.38 -35.67
C ASN L 323 19.30 -10.26 -36.86
N SER L 324 19.58 -9.81 -38.08
CA SER L 324 19.25 -10.61 -39.25
C SER L 324 19.90 -11.99 -39.17
N TYR L 325 21.15 -12.04 -38.73
CA TYR L 325 21.87 -13.30 -38.72
C TYR L 325 21.51 -14.14 -37.51
N LYS L 326 20.48 -13.74 -36.76
CA LYS L 326 19.86 -14.60 -35.78
C LYS L 326 18.65 -15.33 -36.34
N ARG L 327 18.22 -15.02 -37.57
CA ARG L 327 17.30 -15.89 -38.30
C ARG L 327 17.97 -16.67 -39.40
N LEU L 328 19.12 -16.22 -39.90
CA LEU L 328 19.87 -16.96 -40.89
C LEU L 328 20.83 -17.95 -40.24
N VAL L 329 20.30 -18.81 -39.39
CA VAL L 329 21.08 -19.81 -38.68
C VAL L 329 20.63 -21.19 -39.15
N PRO L 330 21.53 -22.17 -39.26
CA PRO L 330 21.10 -23.51 -39.65
C PRO L 330 20.04 -24.06 -38.69
N GLY L 331 19.06 -24.75 -39.26
CA GLY L 331 17.97 -25.30 -38.47
C GLY L 331 16.96 -24.24 -38.07
N ALA L 334 17.13 -24.75 -42.69
CA ALA L 334 17.08 -23.29 -42.68
C ALA L 334 17.34 -22.74 -44.08
N PRO L 335 16.90 -21.50 -44.34
CA PRO L 335 17.11 -20.89 -45.67
C PRO L 335 18.49 -20.24 -45.80
N VAL L 336 19.53 -21.05 -45.60
CA VAL L 336 20.90 -20.56 -45.62
C VAL L 336 21.74 -21.17 -46.72
N MET L 337 21.28 -22.24 -47.36
CA MET L 337 22.05 -22.87 -48.43
C MET L 337 21.84 -22.13 -49.74
N LEU L 338 22.95 -21.79 -50.40
CA LEU L 338 22.88 -21.07 -51.67
C LEU L 338 22.76 -22.08 -52.80
N ALA L 339 21.53 -22.55 -52.99
CA ALA L 339 21.21 -23.46 -54.07
C ALA L 339 19.78 -23.17 -54.51
N TYR L 340 19.44 -23.66 -55.70
CA TYR L 340 18.11 -23.43 -56.28
C TYR L 340 17.42 -24.77 -56.48
N SER L 341 16.16 -24.84 -56.06
CA SER L 341 15.35 -26.03 -56.24
C SER L 341 13.88 -25.63 -56.16
N ALA L 342 13.04 -26.39 -56.83
CA ALA L 342 11.61 -26.15 -56.83
C ALA L 342 10.88 -26.87 -55.72
N ARG L 343 11.56 -27.75 -54.98
CA ARG L 343 10.89 -28.57 -53.98
C ARG L 343 11.57 -28.46 -52.62
N ASN L 344 12.91 -28.32 -52.61
CA ASN L 344 13.65 -28.33 -51.35
C ASN L 344 13.31 -27.09 -50.53
N ARG L 345 12.99 -27.30 -49.26
CA ARG L 345 12.81 -26.21 -48.33
C ARG L 345 14.14 -25.70 -47.76
N SER L 346 15.25 -26.41 -48.03
CA SER L 346 16.55 -25.98 -47.55
C SER L 346 17.27 -25.06 -48.53
N ALA L 347 16.72 -24.84 -49.72
CA ALA L 347 17.34 -24.01 -50.72
C ALA L 347 16.89 -22.55 -50.53
N SER L 348 17.87 -21.64 -50.56
CA SER L 348 17.56 -20.22 -50.41
C SER L 348 16.91 -19.63 -51.66
N ILE L 349 17.02 -20.31 -52.79
CA ILE L 349 16.41 -19.87 -54.04
C ILE L 349 15.39 -20.93 -54.46
N ARG L 350 14.15 -20.51 -54.64
CA ARG L 350 13.06 -21.40 -55.00
C ARG L 350 12.50 -21.00 -56.36
N ILE L 351 11.94 -21.98 -57.07
CA ILE L 351 11.26 -21.72 -58.32
C ILE L 351 9.77 -22.04 -58.11
N PRO L 352 8.94 -21.05 -57.83
CA PRO L 352 7.53 -21.35 -57.55
C PRO L 352 6.86 -22.05 -58.71
N VAL L 353 5.95 -22.96 -58.39
CA VAL L 353 5.20 -23.70 -59.39
C VAL L 353 4.01 -22.83 -59.82
N VAL L 354 4.10 -22.27 -61.02
CA VAL L 354 3.07 -21.41 -61.57
C VAL L 354 2.66 -21.96 -62.93
N SER L 355 1.35 -22.09 -63.15
CA SER L 355 0.87 -22.66 -64.40
C SER L 355 1.22 -21.78 -65.59
N SER L 356 1.01 -20.48 -65.46
CA SER L 356 1.20 -19.57 -66.58
C SER L 356 2.68 -19.24 -66.74
N PRO L 357 3.27 -19.44 -67.93
CA PRO L 357 4.68 -19.06 -68.10
C PRO L 357 4.93 -17.59 -67.82
N LYS L 358 3.95 -16.72 -68.08
CA LYS L 358 4.11 -15.30 -67.81
C LYS L 358 4.41 -15.03 -66.34
N ALA L 359 4.08 -15.97 -65.46
CA ALA L 359 4.31 -15.81 -64.03
C ALA L 359 5.60 -16.47 -63.57
N ARG L 360 6.42 -16.97 -64.49
CA ARG L 360 7.65 -17.63 -64.09
C ARG L 360 8.58 -16.64 -63.39
N ARG L 361 9.20 -17.09 -62.30
CA ARG L 361 9.96 -16.20 -61.45
C ARG L 361 10.87 -17.02 -60.55
N ILE L 362 11.82 -16.33 -59.93
CA ILE L 362 12.70 -16.92 -58.91
C ILE L 362 12.47 -16.20 -57.60
N GLU L 363 12.38 -16.97 -56.51
CA GLU L 363 12.13 -16.45 -55.18
C GLU L 363 13.41 -16.59 -54.37
N VAL L 364 14.01 -15.45 -54.00
CA VAL L 364 15.19 -15.42 -53.15
C VAL L 364 14.70 -15.26 -51.71
N ARG L 365 15.10 -16.19 -50.84
CA ARG L 365 14.47 -16.33 -49.53
C ARG L 365 15.23 -15.68 -48.39
N PHE L 366 16.53 -15.43 -48.54
CA PHE L 366 17.31 -14.99 -47.38
C PHE L 366 17.03 -13.56 -46.92
N PRO L 367 16.63 -12.63 -47.80
CA PRO L 367 16.43 -11.24 -47.35
C PRO L 367 15.46 -11.14 -46.17
N ASP L 368 15.51 -10.00 -45.50
CA ASP L 368 14.69 -9.71 -44.34
C ASP L 368 14.06 -8.33 -44.50
N PRO L 369 12.96 -8.07 -43.79
CA PRO L 369 12.26 -6.79 -43.96
C PRO L 369 13.01 -5.59 -43.38
N ALA L 370 14.06 -5.81 -42.60
CA ALA L 370 14.88 -4.71 -42.12
C ALA L 370 15.74 -4.09 -43.21
N ALA L 371 15.81 -4.72 -44.38
CA ALA L 371 16.65 -4.23 -45.45
C ALA L 371 16.09 -2.95 -46.06
N ASN L 372 16.99 -2.09 -46.52
CA ASN L 372 16.57 -0.95 -47.33
C ASN L 372 16.01 -1.48 -48.64
N PRO L 373 14.75 -1.20 -48.98
CA PRO L 373 14.19 -1.83 -50.19
C PRO L 373 14.95 -1.47 -51.45
N TYR L 374 15.24 -0.18 -51.64
CA TYR L 374 15.94 0.25 -52.86
C TYR L 374 17.27 -0.45 -52.99
N LEU L 375 18.09 -0.40 -51.94
CA LEU L 375 19.43 -0.95 -52.02
C LEU L 375 19.39 -2.47 -52.18
N CYS L 376 18.50 -3.15 -51.45
CA CYS L 376 18.41 -4.60 -51.56
C CYS L 376 18.01 -5.02 -52.97
N PHE L 377 16.97 -4.37 -53.52
CA PHE L 377 16.52 -4.73 -54.87
C PHE L 377 17.59 -4.42 -55.89
N ALA L 378 18.28 -3.28 -55.74
CA ALA L 378 19.35 -2.94 -56.68
C ALA L 378 20.47 -3.95 -56.62
N ALA L 379 20.85 -4.38 -55.41
CA ALA L 379 21.91 -5.37 -55.29
C ALA L 379 21.52 -6.69 -55.95
N LEU L 380 20.29 -7.15 -55.70
CA LEU L 380 19.85 -8.39 -56.32
C LEU L 380 19.84 -8.29 -57.83
N LEU L 381 19.31 -7.17 -58.35
CA LEU L 381 19.27 -6.99 -59.80
C LEU L 381 20.66 -6.94 -60.40
N MET L 382 21.59 -6.24 -59.73
CA MET L 382 22.93 -6.10 -60.29
C MET L 382 23.68 -7.44 -60.25
N ALA L 383 23.49 -8.22 -59.18
CA ALA L 383 24.07 -9.55 -59.14
C ALA L 383 23.52 -10.42 -60.26
N GLY L 384 22.21 -10.37 -60.47
CA GLY L 384 21.62 -11.15 -61.56
C GLY L 384 22.13 -10.72 -62.92
N LEU L 385 22.28 -9.40 -63.13
CA LEU L 385 22.77 -8.92 -64.41
C LEU L 385 24.23 -9.30 -64.63
N ASP L 386 25.04 -9.29 -63.55
CA ASP L 386 26.41 -9.78 -63.67
C ASP L 386 26.41 -11.25 -64.05
N GLY L 387 25.54 -12.04 -63.43
CA GLY L 387 25.42 -13.44 -63.80
C GLY L 387 25.04 -13.63 -65.26
N ILE L 388 24.11 -12.81 -65.75
CA ILE L 388 23.70 -12.92 -67.15
C ILE L 388 24.84 -12.54 -68.07
N LYS L 389 25.52 -11.43 -67.78
CA LYS L 389 26.57 -10.96 -68.67
C LYS L 389 27.75 -11.93 -68.71
N ASN L 390 28.15 -12.46 -67.55
CA ASN L 390 29.29 -13.37 -67.49
C ASN L 390 28.90 -14.83 -67.65
N LYS L 391 27.62 -15.13 -67.88
CA LYS L 391 27.15 -16.48 -68.13
C LYS L 391 27.61 -17.43 -67.01
N ILE L 392 27.21 -17.10 -65.79
CA ILE L 392 27.54 -17.88 -64.61
C ILE L 392 26.47 -18.96 -64.45
N HIS L 393 26.86 -20.21 -64.64
CA HIS L 393 25.92 -21.30 -64.50
C HIS L 393 25.83 -21.73 -63.04
N PRO L 394 24.62 -21.79 -62.46
CA PRO L 394 24.50 -22.12 -61.04
C PRO L 394 24.67 -23.60 -60.72
N GLY L 395 25.01 -24.43 -61.69
CA GLY L 395 25.09 -25.86 -61.45
C GLY L 395 23.72 -26.51 -61.49
N GLU L 396 23.65 -27.70 -60.92
CA GLU L 396 22.42 -28.47 -60.89
C GLU L 396 21.56 -28.06 -59.70
N ALA L 397 20.26 -28.27 -59.85
CA ALA L 397 19.32 -27.95 -58.78
C ALA L 397 19.56 -28.85 -57.58
N MET L 398 19.36 -28.30 -56.38
CA MET L 398 19.55 -29.04 -55.14
C MET L 398 18.25 -29.80 -54.84
N ASP L 399 18.08 -30.92 -55.54
CA ASP L 399 16.92 -31.78 -55.35
C ASP L 399 17.30 -33.03 -54.56
N ALA L 410 27.80 -32.16 -48.95
CA ALA L 410 26.93 -31.07 -48.55
C ALA L 410 27.74 -29.89 -48.04
N LYS L 411 28.92 -30.17 -47.49
CA LYS L 411 29.79 -29.11 -47.00
C LYS L 411 30.32 -28.22 -48.12
N GLU L 412 30.21 -28.67 -49.37
CA GLU L 412 30.67 -27.87 -50.50
C GLU L 412 29.64 -26.85 -50.96
N ILE L 413 28.41 -26.93 -50.46
CA ILE L 413 27.35 -25.99 -50.86
C ILE L 413 27.62 -24.65 -50.21
N PRO L 414 27.73 -23.56 -50.96
CA PRO L 414 27.93 -22.25 -50.34
C PRO L 414 26.72 -21.82 -49.53
N GLN L 415 26.97 -21.01 -48.51
CA GLN L 415 25.94 -20.53 -47.61
C GLN L 415 26.01 -19.02 -47.50
N VAL L 416 24.89 -18.43 -47.06
CA VAL L 416 24.86 -17.00 -46.85
C VAL L 416 25.84 -16.61 -45.74
N ALA L 417 26.15 -15.32 -45.68
CA ALA L 417 27.08 -14.83 -44.67
C ALA L 417 26.55 -15.14 -43.28
N GLY L 418 27.45 -15.63 -42.42
CA GLY L 418 27.09 -15.98 -41.06
C GLY L 418 27.10 -14.83 -40.09
N SER L 419 27.54 -13.65 -40.50
CA SER L 419 27.55 -12.49 -39.63
C SER L 419 27.56 -11.22 -40.48
N LEU L 420 27.16 -10.12 -39.84
CA LEU L 420 27.17 -8.84 -40.53
C LEU L 420 28.58 -8.39 -40.86
N GLU L 421 29.56 -8.73 -40.00
CA GLU L 421 30.95 -8.43 -40.33
C GLU L 421 31.39 -9.16 -41.58
N GLU L 422 31.03 -10.45 -41.70
CA GLU L 422 31.37 -11.21 -42.90
C GLU L 422 30.69 -10.60 -44.12
N ALA L 423 29.41 -10.24 -43.99
CA ALA L 423 28.70 -9.65 -45.11
C ALA L 423 29.36 -8.35 -45.55
N LEU L 424 29.74 -7.51 -44.60
CA LEU L 424 30.34 -6.22 -44.95
C LEU L 424 31.73 -6.40 -45.55
N ASN L 425 32.51 -7.35 -45.04
CA ASN L 425 33.81 -7.64 -45.65
C ASN L 425 33.65 -8.12 -47.08
N GLU L 426 32.67 -8.99 -47.32
CA GLU L 426 32.44 -9.49 -48.67
C GLU L 426 31.97 -8.36 -49.59
N LEU L 427 31.13 -7.46 -49.07
CA LEU L 427 30.73 -6.30 -49.87
C LEU L 427 31.94 -5.42 -50.20
N ASP L 428 32.84 -5.24 -49.23
CA ASP L 428 34.04 -4.44 -49.49
C ASP L 428 34.89 -5.08 -50.57
N LEU L 429 35.00 -6.41 -50.55
CA LEU L 429 35.85 -7.10 -51.51
C LEU L 429 35.16 -7.46 -52.82
N ASP L 430 33.86 -7.19 -52.94
CA ASP L 430 33.06 -7.64 -54.09
C ASP L 430 32.18 -6.51 -54.61
N ARG L 431 32.79 -5.35 -54.86
CA ARG L 431 32.03 -4.17 -55.25
C ARG L 431 31.75 -4.06 -56.74
N GLU L 432 32.47 -4.81 -57.58
CA GLU L 432 32.43 -4.54 -59.01
C GLU L 432 31.04 -4.73 -59.59
N PHE L 433 30.34 -5.79 -59.20
CA PHE L 433 29.02 -6.04 -59.75
C PHE L 433 28.02 -4.97 -59.34
N LEU L 434 28.32 -4.20 -58.29
CA LEU L 434 27.50 -3.06 -57.91
C LEU L 434 27.94 -1.78 -58.58
N LYS L 435 29.23 -1.65 -58.86
CA LYS L 435 29.75 -0.46 -59.54
C LYS L 435 29.59 -0.52 -61.05
N ALA L 436 29.13 -1.64 -61.59
CA ALA L 436 28.88 -1.71 -63.02
C ALA L 436 27.84 -0.67 -63.42
N GLY L 437 28.17 0.14 -64.43
CA GLY L 437 27.25 1.12 -64.94
C GLY L 437 27.07 2.35 -64.09
N GLY L 438 27.89 2.54 -63.05
CA GLY L 438 27.77 3.69 -62.19
C GLY L 438 26.59 3.67 -61.25
N VAL L 439 25.97 2.49 -61.06
CA VAL L 439 24.83 2.40 -60.15
C VAL L 439 25.26 2.72 -58.73
N PHE L 440 26.19 1.93 -58.19
CA PHE L 440 26.79 2.19 -56.89
C PHE L 440 28.14 2.85 -57.09
N THR L 441 28.47 3.78 -56.20
CA THR L 441 29.75 4.47 -56.21
C THR L 441 30.55 4.04 -55.00
N ASP L 442 31.87 4.00 -55.17
CA ASP L 442 32.76 3.56 -54.09
C ASP L 442 32.50 4.36 -52.81
N GLU L 443 32.27 5.66 -52.94
CA GLU L 443 31.98 6.48 -51.77
C GLU L 443 30.70 6.02 -51.09
N ALA L 444 29.65 5.73 -51.88
CA ALA L 444 28.41 5.25 -51.29
C ALA L 444 28.59 3.93 -50.57
N ILE L 445 29.33 3.00 -51.19
CA ILE L 445 29.56 1.70 -50.58
C ILE L 445 30.33 1.86 -49.27
N ASP L 446 31.36 2.71 -49.27
CA ASP L 446 32.14 2.93 -48.07
C ASP L 446 31.29 3.55 -46.97
N ALA L 447 30.46 4.53 -47.31
CA ALA L 447 29.59 5.16 -46.32
C ALA L 447 28.64 4.13 -45.71
N TYR L 448 28.03 3.30 -46.56
CA TYR L 448 27.14 2.26 -46.06
C TYR L 448 27.87 1.31 -45.13
N ILE L 449 29.08 0.89 -45.52
CA ILE L 449 29.82 -0.08 -44.73
C ILE L 449 30.17 0.50 -43.37
N ALA L 450 30.62 1.75 -43.33
CA ALA L 450 30.95 2.37 -42.04
C ALA L 450 29.70 2.54 -41.18
N LEU L 451 28.60 2.97 -41.80
CA LEU L 451 27.38 3.20 -41.04
C LEU L 451 26.88 1.91 -40.41
N ARG L 452 27.03 0.78 -41.11
CA ARG L 452 26.63 -0.50 -40.54
C ARG L 452 27.67 -1.02 -39.54
N ARG L 453 28.95 -0.74 -39.76
CA ARG L 453 29.97 -1.21 -38.84
C ARG L 453 29.85 -0.54 -37.49
N GLU L 454 29.35 0.69 -37.43
CA GLU L 454 29.12 1.31 -36.13
C GLU L 454 28.14 0.49 -35.30
N GLU L 455 27.01 0.11 -35.90
CA GLU L 455 26.02 -0.70 -35.19
C GLU L 455 26.59 -2.06 -34.82
N ASP L 456 27.33 -2.67 -35.75
CA ASP L 456 27.95 -3.96 -35.46
C ASP L 456 28.89 -3.85 -34.28
N ASP L 457 29.67 -2.77 -34.21
CA ASP L 457 30.57 -2.58 -33.08
C ASP L 457 29.81 -2.43 -31.78
N ARG L 458 28.71 -1.67 -31.79
CA ARG L 458 27.90 -1.55 -30.57
C ARG L 458 27.46 -2.92 -30.08
N VAL L 459 26.90 -3.73 -30.99
CA VAL L 459 26.39 -5.04 -30.57
C VAL L 459 27.52 -5.97 -30.17
N ARG L 460 28.69 -5.82 -30.79
CA ARG L 460 29.83 -6.68 -30.47
C ARG L 460 30.45 -6.33 -29.13
N MET L 461 30.44 -5.07 -28.74
CA MET L 461 31.05 -4.64 -27.50
C MET L 461 30.09 -4.61 -26.31
N THR L 462 28.77 -4.75 -26.54
CA THR L 462 27.91 -4.76 -25.35
C THR L 462 27.74 -6.19 -24.82
N PRO L 463 27.97 -6.43 -23.52
CA PRO L 463 27.82 -7.79 -22.99
C PRO L 463 26.40 -8.31 -23.10
N HIS L 464 26.28 -9.63 -23.01
CA HIS L 464 25.02 -10.33 -23.26
C HIS L 464 24.48 -11.00 -22.00
N PRO L 465 23.17 -10.89 -21.73
CA PRO L 465 22.60 -11.65 -20.61
C PRO L 465 22.83 -13.15 -20.71
N VAL L 466 22.80 -13.71 -21.91
CA VAL L 466 23.16 -15.11 -22.08
C VAL L 466 24.61 -15.33 -21.70
N GLU L 467 25.48 -14.35 -21.99
CA GLU L 467 26.86 -14.47 -21.54
C GLU L 467 26.95 -14.52 -20.02
N PHE L 468 26.14 -13.72 -19.31
CA PHE L 468 26.13 -13.87 -17.86
C PHE L 468 25.63 -15.24 -17.45
N GLU L 469 24.53 -15.70 -18.05
CA GLU L 469 23.99 -17.01 -17.70
C GLU L 469 25.01 -18.11 -17.89
N LEU L 470 25.91 -17.96 -18.85
CA LEU L 470 26.86 -19.00 -19.19
C LEU L 470 28.16 -18.89 -18.40
N TYR L 471 28.64 -17.68 -18.15
CA TYR L 471 30.00 -17.46 -17.67
C TYR L 471 30.10 -16.75 -16.33
N TYR L 472 28.99 -16.43 -15.67
CA TYR L 472 29.12 -15.68 -14.42
C TYR L 472 29.90 -16.47 -13.38
N SER L 473 29.66 -17.77 -13.30
CA SER L 473 30.33 -18.62 -12.32
C SER L 473 31.64 -19.20 -12.84
N VAL L 474 32.03 -18.87 -14.07
CA VAL L 474 33.28 -19.38 -14.63
C VAL L 474 34.01 -18.26 -15.35
MN MN M . 46.06 -5.33 -12.42
MN MN N . 37.07 28.17 11.40
MN MN O . -16.30 -9.24 44.14
MN MN P . -34.51 30.27 13.36
MN MN Q . -2.89 46.92 -8.70
MN MN R . 16.82 23.95 -37.74
MN MN S . -26.65 -32.36 -22.72
MN MN T . -7.33 -42.87 20.38
MN MN U . 23.88 -40.88 -7.97
MN MN V . -46.60 -9.38 6.21
MN MN W . 5.92 26.28 39.69
MN MN X . 4.94 -15.84 -45.07
#